data_9P9J
#
_entry.id   9P9J
#
loop_
_entity.id
_entity.type
_entity.pdbx_description
1 polymer '28S rRNA'
2 polymer '5S rRNA'
3 polymer '5.8S rRNA'
4 polymer '60S ribosomal protein L8'
5 polymer 'Large ribosomal subunit protein uL3'
6 polymer '60S ribosomal protein L4'
7 polymer 'Large ribosomal subunit protein uL18'
8 polymer 'Large ribosomal subunit protein eL6'
9 polymer '60S ribosomal protein L7'
10 polymer '60S ribosomal protein L7a'
11 polymer '60S ribosomal protein L9'
12 polymer 'Ribosomal protein uL16-like'
13 polymer '60S ribosomal protein L11'
14 polymer 'Large ribosomal subunit protein eL13'
15 polymer '60S ribosomal protein L14'
16 polymer '60S ribosomal protein L15'
17 polymer '60S ribosomal protein L13a'
18 polymer '60S ribosomal protein L17'
19 polymer '60S ribosomal protein L18'
20 polymer '60S ribosomal protein L19'
21 polymer '60S ribosomal protein L18a'
22 polymer '60S ribosomal protein L21'
23 polymer 'Heparin-binding protein HBp15'
24 polymer '60S ribosomal protein L23'
25 polymer '60S ribosomal protein L23a'
26 polymer '60S ribosomal protein L26'
27 polymer '60S ribosomal protein L27'
28 polymer '60S ribosomal protein L27a'
29 polymer 'Large ribosomal subunit protein eL29'
30 polymer '60S ribosomal protein L30'
31 polymer '60S ribosomal protein L31'
32 polymer '60S ribosomal protein L32'
33 polymer '60S ribosomal protein L35a'
34 polymer '60S ribosomal protein L34'
35 polymer '60S ribosomal protein L35'
36 polymer '60S ribosomal protein L36'
37 polymer '60S ribosomal protein L37'
38 polymer '60S ribosomal protein L38'
39 polymer '60S ribosomal protein L39'
40 polymer 'Large ribosomal subunit protein eL40'
41 polymer '60S ribosomal protein L36a'
42 polymer '60S ribosomal protein L37a'
43 polymer '60S ribosomal protein L28'
44 polymer 'Proliferation-associated protein 2G4'
45 non-polymer 'MAGNESIUM ION'
46 non-polymer SPERMINE
47 non-polymer SPERMIDINE
48 non-polymer 'ZINC ION'
#
loop_
_entity_poly.entity_id
_entity_poly.type
_entity_poly.pdbx_seq_one_letter_code
_entity_poly.pdbx_strand_id
1 'polyribonucleotide'
;CGCGACCUCAGAUCAGACGUGGCGACCCGCUGAAUUUAAGCAUAUUAGUCAGCGGAGGAGAAGAAACUAACCAGGAUUCC
CUCAGUAACGGCGAGUGAACAGGGAAGAGCCCAGCGCCGAAUCCCCGCCCCGCGGCGGGGCGCGGGACAUGUGGCGUACG
GAAGACCCGCUCCCCGGCGCCGCUCGUGGGGGGCCCAAGUCCUUCUGAUCGAGGCCCAGCCCGUGGACGGUGUGAGGCCG
GUAGCGGCCCCCGGCGCGCCGGGCCCGGGUCUUCCCGGAGUCGGGUUGCUUGGGAAUGCAGCCCAAAGCGGGUGGUAAAC
UCCAUCUAAGGCUAAAUACCGGCACGAGACCGAUAGUCAACAAGUACCGUAAGGGAAAGUUGAAAAGAACUUUGAAG
(A2M)G(A2M)GAGUUCAAGAGGGCGUGAAACCGUUAAGAGGUAAACGGGUGGGGUCCGCGCAGUCCGCCCGGAGGAUUC
AACCCGGCGGCGGGUCCGGCCGUGUCGGCGGCCCGGCGGAUCUUUCCCGCGCGGGGGACCGUCCCCCGACCGGCGACCGG
CCGCCGCCGGGCGCAUUUCCACCGCGGCGGUGCGCCGCGACCGGCUCCGGGACGGCUGGGAAGGCCCGGCGGGGAAGGUG
GCUCGGGGGCCCCCGAGUGUUACAGCCCCCCCGGCAGCAGCACUCGCCGAAUCCCGGGGCCGAGGGAGCGAGACCCGUCG
CCGCGCUCUCCCCCCUCGGGGGGGCCGGGCCACCCCUCCCACGGCGCGACCGCUCGGGGCGGACUGUCCCCAGUGCGCCC
CGGGCGGGUCGCGCCGUCGGGCCCGGGGGAGGUUCUCUCGGGGCCACGCGCGCGUCCCCCGAAGAGGGGGACGGCGGAGC
GAGCGCACGGGGUCGGCGGCGACGUCGGCUACCCACCCGACCC(OMG)UCUUG(1MA)(A2M)AC(A2M)CGGACCAAGG
AGU(OMC)UAACACGUGCGCGAGUCGGGGGCUCGCACGAAAGCCGCCGUGGCGCAAUGAAGGUGAAGGCCGGCGCGCUCG
CCGGCCGAGGUGGGAUCCCGAGGCCUCUCCAGUCCGCCGAGGGCGCACCACCGGCCCGUCUCGCCCGCCGCGCCGGGGAG
GUGGAGCACGAGCGCACGUGUUAGGACCC(OMG)A(A2M)AGAUGGUGA(A2M)C(PSU)AUGCCUGGGCAGGGCGAAGC
CAGAGGAAACUCUGGUGGAGGUCCG(PSU)AGCGGUCCUGACGUGCAAAUCGGUCGUCCGACCUGGGUAUAG(OMG)GGC
GAAAGACUAAUCGAACCAUCUAGUAGCUGGUUCCCUCCGAAGUUUCCC(PSU)CAGGA(PSU)AGCUGGCGCUCUCGCAG
ACCCGACGCACCCCCGCCACGCAGUUUUAUCCGGUAAAGCGAA(PSU)GAUUAGAGGUCUUGGGGCCGAAACGAUCUCAA
CCUA(PSU)(PSU)CUCAAACUU(PSU)AAAUGGGUAAGAAGCCCGGCUCGCUGGCGUGGAGCCGGGCGUGGAAUGCGAG
UGCCUAGUGGGCCAC(PSU)U(PSU)UGGUAAGC(A2M)GAACUGGCGCUGCGGGAUGAACCGAACGCCGGGUUAAGGCG
CCCGAUGCCGACGCUCAUCAGACCCCAGAAAAGGUGUUGGUUGAUAUAGACAGCAGGACGGUGGCCAUGGAAGUCGGAAU
CCGCUAAGGAGUGUGUAACAACUCACCUGCCGAAUCAACUAGCCCUGAAAAUGGAUGGCGCUGGAGCGUCGGGCCCAUAC
CCGGCCGUCGCCGGCAGUCGAGAGUGGACGGGAGCGGCGGCCGGAGCCCCGCGGACGCUACGCCGCGACGAGUAGGAGGG
CCGCUGCGGUGAGCCUUGAAGCCUAGGGCGCGGGCCCGGGUGGAGCCGCCGCAGGUGCAGAU(OMC)UUGGUGGUAGU
(A2M)(OMG)(OMC)AAAUAUUCAAACGAGAACUUUGAAGGCCGAAGUGG(A2M)GAAGGGUUCCAUGUGAACAG(OMC)
A(OMG)UUGAACAUGGGUCAGUCGGUCCUGAGAGAUGGGCGAGCGCCGUUCCGAAGGGACGGGCGAUGGCCUCCGUUGCC
CUCGGCCGAUCGAAAGGGAGUCGGGUUCAGAUCCCCGAAUCCGGAGUGGCGGAGAUGGGCGCCGCGAGGCGUCCAGUGCG
GUAACGCGACCGAUCCCGGAGAAGCCGGCGGGAGCCCCGGGGAGAGUUCUCUU(PSU)UCUUUGUGAAGGGCAGGGCGCC
CUGGAAUGGGUUCGCCCCGAGAGAGGGGCCCGUGCCUUGGAAAGCGUCGCGGUUCCGGCGGCGUCCGGUGAGCUCUCGCU
GGCCCUUGAAAAUCCGGGGGAGAGGGUGUAAAUCUCGCGCCGGGCCGUACCC(A2M)UAUCCGCAGCAGGUCU(OMC)CA
AGGUGAAC(A2M)GCCUCUGG(OMC)AUGUUGGAACAA(OMU)G(PSU)AGGUAAGGGAAGUCGGCAAGC(OMC)GGAUC
CGUAACUUC(OMG)GGAUAAGGAUUGGCUCUAAGGGCUGGGUCGGUCGCGGCCGGCGCCUAGCAGCCGACUUAGAACUGG
UGCGGACCAGG(OMG)GAAUCCGAC(PSU)G(PSU)UUAAUUAAAACAAAGCAUCGCGAAGGCCCGCGGCGGGUGUUGAC
GCGAUGUGAUU(PSU)CUGCC(OMC)AGUGCUCUGAAUGUCA(A2M)AGUGAAGAAAUUCAAUGAAGCGCGG(OMG)UAA
ACGGCGGGAGUAACUAUGACUCUCUUAAGGUAGC(5MC)AA(A2M)UGCCUC(OMG)UCAUCUAAUUAGUGA(OMC)GCG
CAUGAA(UY1)GGA(PSU)GA(A2M)CGAG(A2M)UUCCCACUGU(OMC)CC(PSU)ACCUAC(PSU)A(PSU)CCAGCG
AAACCAC(A2M)G(OMC)CAAGGGAACGGGCU(PSU)GG(OMC)GGAAUCAGCGG(OMG)GAAAGAAGACCCUGUUGAGC
(PSU)UGAC(OMU)CUAGUCUGGCACGGUGAAGAGACAUGAGAACUCUGAUCGUUUUUUCACUGACCCGGUGAGGCGGGG
GGGCGAGCCCCGAGGGGCUCUCGCUUCUGGCGCCAAGCGCCCGGCCGCGCGCCGGCCGGGCGCGACCCGCUCCGGGGACA
GUGCCAGGUGGGGAGUUUGACUG(OMG)GGCGGUACACCUGUCAAACGGUA(6MZ)CGCAGG(OMU)(OMG)UCCUAAGG
CGAGCUCAGGGAGGACAGAAACCUCCCGUGGAGCAGAAGGGCAAAAGCUCGCUUGA(PSU)CU(PSU)GA(PSU)UUUCA
G(OMU)ACGAA(PSU)ACAGACCGUGAAAGCGGGGCCUCACGAUCCUUCUGACCUU(PSU)UGGGUUU(PSU)AAGCAGG
A(OMG)GUGUCAGAAAAGUUACCACAG(OMG)GAUAACUGGC(PSU)UGUGGCGGCCAAGCGUUCAUAGCGACG(PSU)C
GCUUUUUGA(PSU)CCUU(5MC)GAUGUCGG(OMC)(PSU)CUUCCUAUCAUUG(PSU)GAAGCAGAAUUCACCAAGCGU
(PSU)(OMG)GAU(OMU)(OMG)(PSU)UCACCCACUAAUAGGGAACG(PSU)G(A2M)GCUGGG(UR3)U(PSU)AGA
(OMC)CGUCGUGAGACAGGU(PSU)AGUUUUACCCUACUGAUG(A2M)UGUG(PSU)UG(PSU)UGCCAUGGUA(A2M)U
CCUGCUCAGUACGAGAGGAACCGCAG(OMG)U(OMU)CA(OMG)ACAU(PSU)UGGUGUA(PSU)(OMG)UGCUUGGCUG
AGGAGCCAAUGGGGCGAAGCUACCA(PSU)CUGUGGGAUUAUGAC(PSU)GAACGCCUCUAAGUCAGAAUCCCGCCCAGG
CGGAACGAUACGGCAGCGCCGCGGAGCCUCGGUUGGCCUCGGAUAGCCGGUCCCCCGCCGGGGUCCGGUGCGGAGUGCCC
UUCGUCCUGGGAAACGGGGCGCGGCCGGAGAGGCGGCCGCCCCCUCGCCCGUCACGCACCGCACGUUCGUGGGGAACCUG
GCGCUAAACCA(PSU)(PSU)CGUAGACGACCUGCUUCUGGGUCGGGG(PSU)UUCGUACG(PSU)AGCAGAGCAGCUCC
CUCGCUGCGAUCUAUUGAAAGUCAGCCCUCGACACAAGGGUUUGU
;
L5
2 'polyribonucleotide'
;GUCUACGGCCAUACCACCCUGAACGCGCCCGAUCUCGUCUGAUCUCGGAAGCUAAGCAGGGUCGGGCCUGGUUAGUACUU
GGAUGGGAGACCGCCUGGGAAUACCGGGUGCUGUAGGCUU
;
L7
3 'polyribonucleotide'
;CGACUCUUAGCGGUGGAUCACUCGGCUCGUGCGUCGAUGAAGAACGCAGCUAGC(PSU)GCGAGAAUUAAUG(PSU)GAA
UU(OMG)CAGGACACAUUGAUCAUCGACACUUCGAACGCACUUGCGGCCCCGGGUUCCUCCCGGGGCUACGCCUGUCUGA
GCGUCGCU
;
L8
4 'polypeptide(L)'
;GRVIRGQRKGAGSVFRAHVKHRKGAARLRAVDFAERHGYIKGIVKDIIHDPGRGAPLAKVVFRDPYRFKKRTELFIAAEG
IHTGQFVYCGKKAQLNIGNVLPVGTMPEGTIVCCLEEKPGDRGKLARASGNYATVISHNPETKKTRVKLPSGSKKVISSA
NRAVVGVVAGGGRIDKPILKAGRAYHKYKAKRNCWPRVRGVAMNPVEHPFGGGNHQHIGKPSTIRRDAPAGRKVGLIAAR
RTGRLRGT
;
LA
5 'polypeptide(L)'
;SHRKFSAPRHGSLGFLPRKRSSRHRGKVKSFPKDDPSKPVHLTAFLGYKAGMTHIVREVDRPGSKVNKKEVVEAVTIVET
PPMVVVGIVGYVETPRGLRTFKTVFAEHISDECKRRFYKNWHKSKKKAFTKYCKKWQDEDGKKQLEKDFSSMKKYCQVIR
VIAHTQMRLLPLRQKKAHLMEIQVNGGTVAEKLDWARERLEQQVPVNQVFGQDEMIDVIGVTKGKGYKGVTSRWHTKKLP
RKTHRGLRKVACIGAWHPARVAFSVARAGQKGYHHRTEINKKIYKIGQGYLIKDGKLIKNNASTDYDLSDKSINPLGGFV
HYGEVTNDFVMLKGCVVGTKKRVLTLRKSLLVQTKRRALEKIDLKFIDTTSKFGHGRFQTMEEKKAFMGPLKKDRIAKEE
GA
;
LB
6 'polypeptide(L)'
;MACARPLISVYSEKGESSGKNVTLPAVFKAPIRPDIVNFVHTNLRKNNRQPYAVSELAGHQTSAESWGTGRAVARIPRVR
GGGTHRSGQGAFGNMCRGGRMFAPTKTWRRWHRRVNTTQKRYAICSALAASALPALVMSKGHRIEEVPELPLVVEDKVEG
YKKTKEAVLLLKKLKAWNDIKKVYASQRMRAGKGKMRNRRRIQRRGPCIIYNEDNGIIKAFRNIPGITLLNVSKLNILKL
APGGHVGRFCIWTESAFRKLDELYGTWRKAASLKSNYNLPMHKMINTDLSRILKSPEIQRALRAPRKKIHRRVLKKNPLK
NLRIMLKLNPYAKTMRRNTILRQARNHKLRVDKAAAAAAALQAKSDEK
;
LC
7 'polypeptide(L)'
;GFVKVVKNKAYFKRYQVKFRRRREGKTDYYARKRLVIQDKNKYNTPKYRMIVRVTNRDIICQIAYARIEGDMIVCAAYAH
ELPKYGVKVGLTNYAAAYCTGLLLARRLLNRFGMDKIYEGQVEVTGDEYNVESIDGQPGAFTCYLDAGLARTTTGNKVFG
ALKGAVDGGLSIPHSTKRFPGYDSESKEFNAEVHRKHIMGQNVADYMRYLMEEDEDAYKKQFSQYIKNSVTPDMMEEMYK
KAHAAIRENPVYEKKPKKEVKKKRWNRPKMSLAQKKDRVAQKKASFLRAQERA
;
LD
8 'polypeptide(L)'
;KGKPHCSRNPVLVRGIGRYSRSAMYSRKAMYKRKYSAAKSKVEKKKKEKVLATVTKPVGGDKNGGTRVVKLRKMPRYYPT
EDVPRKLLSHGKKPFSQHVRKLRASITPGTILIILTGRHRGKRVVFLKQLASGLLLVTGPLVLNRVPLRRTHQKFVIATS
TKIDISNVKIPKHLTDAYFKKKKLRKPRHQEGEIFDTEKEKYEITEQRKIDQKAVDSQILPKIKAIPQLQGYLRSVFALT
NGIYPHKLVF
;
LE
9 'polypeptide(L)'
;NFAELKIKRLRKKFAQKMLRKARRKLIYEKAKHYHKEYRQMYRTEIRMARMARKAGNFYVPAEPKLAFVIRIRGINGVSP
KVRKVLQLLRLRQIFNGTFVKLNKASINMLRIVEPYIAWGYPNLKSVNELIYKRGYGKINKKRIALTDNALIARSLGKYG
IICMEDLIHEIYTVGKRFKEANNFLWPFKLSSPRGGMKKKTTHFVEGGDAGNREDQINRLIRRMN
;
LF
10 'polypeptide(L)'
;KVVNPLFEKRPKNFGIGQDIQPKRDLTRFVKWPRYIRLQRQRAILYKRLKVPPAINQFTQALDRQTATQLLKLAHKYRPE
TKQEKKQRLLARAEKKAAGKGDVPTKRPPVLRAGVNTVTTLVENKKAQLVVIAHDVDPIELVVFLPALCRKMGVPYCIIK
GKARLGRLVHRKTCTTVAFTQVNSEDKGALAKLVEAIRTNYNDRYDEIRRHWGGNVLGPKSVARIAKLEKAKAKELATKL
G
;
LG
11 'polypeptide(L)'
;MKTILSNQTVDIPENVDITLKGRTVIVKGPRGTLRRDFNHINVELSLLGKKKKRLRVDKWWGNRKELATVRTICSHVQNM
IKGVTLGFRYKMRSVYAHFPINVVIQENGSLVEIRNFLGEKYIRRVRMRPGVACSVSQAQKDELILEGNDIELVSNSAAL
IQQATTVKNKDIRKFLDGIYVSEKGTVQQA
;
LH
12 'polypeptide(L)'
;GRRPARCYRYCKNKPYPKSRFCRGVPDAKIRIFDLGRKKAKVDEFPLGGHMVSDEYEQLSSEALEAARICANKYMVKSCG
RDGFHMRVRLHPFHVIRINKMLSCAGADRLQTGMRGAFGKPQGTVARVHIGQVIMSIRTKLQNEEHVIEALRRAKFKFPG
RQKIHISKKWGFTKFNADEFEDMVAKKCLIPDGCGVKYVPSHGPLDKWRVLHS
;
LI
13 'polypeptide(L)'
;QDQGEKENPMRELRIRKLCLNICVGESGDRLTRAAKVLEQLTGQTPVFSKARYTVRSFGIRRNEKIAVHCTVRGAKAEEI
LEKGLKVREYELRKNNFSDTGNFGFGIQEHIDLGIKYDPSIGIYGLDFYVVLGRPGFSIADKKRRTGCIGAKHRISKEEA
MRWFQQKYDGIILPGK
;
LJ
14 'polypeptide(L)'
;APSRNGMVLKPHFHKDWQRRVATWFNQPARKIRRRKARQAKARRIAPRPASGPIRPIVRCPTVRYHTKVRAGRGFSLEEL
RVAGIHKKVARTIGISVDPRRRNKSTESLQANVQRLKEYRSKLILFPRKPSAPKKGDSSAEELKLATQLTGPVMPVRNVY
KKEKARVITEEEKNFKAFASLRMARANARLFGIRAKRAKEAAEQDVEKKK
;
LL
15 'polypeptide(L)'
;VFRRFVEVGRVAYVSFGPHAGKLVAIVDVIDQNRALVDGPCTQVRRQAMPFKCMQLTDFILKFPHSAHQKYVRQAWQKAD
INTKWAATRWAKKIEARERKAKMTDFDRFKVMKAKKMRNRIIKNEVKKLQKAALLKASP
;
LM
16 'polypeptide(L)'
;GAYKYIQELWRKKQSDVMRFLLRVRCWQYRQLSALHRAPRPTRPDKARRLGYKAKQGYVIYRIRVRRGGRKRPVPKGATY
GKPVHHGVNQLKFARSLQSVAEERAGRHCGALRVLNSYWVGEDSTYKFFEVILIDPFHKAIRRNPDTQWITKPVHKHREM
RGLTSAGRKSRGLGKGHKFHHTIGGSRRAAWRRRNTLQLHRYR
;
LN
17 'polypeptide(L)'
;EVQVLVLDGRGHLLGRLAAIVAKQVLLGRKVVVVRCEGINISGNFYRNKLKYLAFLRKRMNTNPSRGPYHFRAPSRIFWR
TVRGMLPHKTKRGQAALDRLKVFDGIPPPYDKKKRMVVPAALKVVRLKPTRKFAYLGRLAHEVGWKYQAVTATLEEKRKE
KAKIHYRKKKQLMRLRKQAEKNVEKKIDKYTEVLKTHGLLV
;
LO
18 'polypeptide(L)'
;VRYSLDPENPTKSCKSRGSNLRVHFKNTRETAQAIKGMHIRKATKYLKDVTLQKQCVPFRRYNGGVGRCAQAKQWGWTQG
RWPKKSAEFLLHMLKNAESNAELKGLDVDSLVIEHIQVNKAPKMRRRTYRAHGRINPYMSSPCHIEMILTEKE
;
LP
19 'polypeptide(L)'
;GVDIRHNKDRKVRRKEPKSQDIYLRLLVKLYRFLARRTNSTFNQVVLKRLFMSRTNRPPLSLSRMIRKMKLPGRENKTAV
VVGTITDDVRVQEVPKLKVCALRVTSRARSRILRAGGKILTFDQLALDSPKGCGTVLLSGPRKGREVYRHFGKAPGTPHS
HTKPYVRSKGRKFERARGRRASRGYKN
;
LQ
20 'polypeptide(L)'
;SMLRLQKRLASSVLRCGKKKVWLDPNETNEIANANSRQQIRKLIKDGLIIRKPVTVHSRARCRKNTLARRKGRHMGIGKR
KGTANARMPEKVTWMRRMRILRRLLRRYRESKKIDRHMYHSLYLKVKGNVFKNKRILMEHIHKLKADKARKKLLADQAEA
RRSKTKEARKRREERLQAKKEEIIKTL
;
LR
21 'polypeptide(L)'
;KASGTLREYKVVGRCLPTPKCHTPPLYRMRIFAPNHVVAKSRFWYFVSQLKKMKKSSGEIVYCGQVFEKSPLRVKNFGIW
LRYDSRSGTHNMYREYRDLTTAGAVTQCYRDMGARHRARAHSIQIMKVEEIAASKCRRPAVKQFHDSKIKFPLPHRVLRR
QHKPRFTTKRPNTFF
;
LS
22 'polypeptide(L)'
;TNTKGKRRGTRYMFSRPFRKHGVVPLATYMRIYKKGDIVDIKGMGTVQKGMPHKCYHGKTGRVYNVTQHAVGIVVNKQVK
GKILAKRINVRIEHIKHSKSRDSFLKRVKENDQKKKEAKEKGTWVQLKRQPAPPREAHFVRTNGKEPELLEPIPYEFMA
;
LT
23 'polypeptide(L)'
;QVLKFTLDCTHPVEDGIMDAANFEQFLQERIKVNGKAGNLGGGVVTIERSKSKITVTSEVPFSKRYLKYLTKKYLKKNNL
RDWLRVVANSKESYELRYFQI
;
LU
24 'polypeptide(L)'
;SGAKFRISLGLPVGAVINCADNTGAKNLYIISVKGIKGRLNRLPAAGVGDMVMATVKKGKPELRKKVHPAVVIRQRKSYR
RKDGVFLYFEDNAGVIVNNKGEMKGSAITGPVAKECADLWPRIASNAGSIA
;
LV
25 'polypeptide(L)'
;KKKIRTSPTFRRPKTLRLRRQPKYPRKSAPRRNKLDHYAIIKFPLTTESAMKKIEDNNTLVFIVDVKANKHQIKQAVKKL
YDIDVAKVNTLIRPDGEKKAYVRLAPDYDALDVANKIGII
;
LX
26 'polypeptide(L)'
;MKFNPFVTSDRSKNRKRHFNAPSHIRRKIMSSPLSKELRQKYNVRSMPIRKDDEVQVVRGHYKGQQIGKVVQVYRKKYVI
YIERVQREKANGTTVHVGIHPSKVVITRLKLDKDRKKILERKAKSRQVGKEKGK
;
LY
27 'polypeptide(L)'
;GKFMKPGKVVLVLAGRYSGRKAVIVKNIDDGTSDRPYSHALVAGIDRYPRKVTAAMGKKKIAKRSKIKSFVKVYNYNHLM
PTRYSVDIPLDKTVVNKDVFRDPALKRKARREAKVKFEERYKTGKNKWFFQKLRF
;
LZ
28 'polypeptide(L)'
;PSRLRKTRKLRGHVSHGHGRIGKHRKHPGGRGNAGGLHHHRINFDKYHPGYFGKVGMKHYHLKRNQSFCPTVNLDKLWTL
VSEQTRVNAAKNKTGAAPIIDVVRSGYYKVLGKGKLPKQPVIVKAKFFSRRAEEKIKSVGGACVLVA
;
La
29 'polypeptide(L)'
;AKSKNHTTHNQSRKWHRNGIKKPRSQRYESLKGVDPKFLRNMRFAKKHNKKGLKKMQANNAKAMSARAEAIKALVKPKEV
KPKIPKGVSRKLDRLAYIAHPKLGKRARARIAKGLRLCRPK
;
Lb
30 'polypeptide(L)'
;KSLESINSRLQLVMKSGKYVLGYKQTLKMIRQGKAKLVILANNCPALRKSEIEYYAMLAKTGVHHYSGNNIELGTACGKY
YRVCTLAIIDPGDSDIIR
;
Lc
31 'polypeptide(L)'
;NEVVTREYTINIHKRIHGVGFKKRAPRALKEIRKFAMKEMGTPDVRIDTRLNKAVWAKGIRNVPYRIRVRLSRKRNEDED
SPNKLYTLVTYVPVTTFKNLQTVNVDE
;
Ld
32 'polypeptide(L)'
;AALRPLVKPKIVKKRTKKFIRHQSDRYVKIKRNWRKPRGIDNRVRRRFKGQILMPNIGYGSNKKTKHMLPSGFRKFLVHN
VKELEVLLMCNKSYCAEIAHNVSSKNRKAIVERAAQLAIRVTNPNARL
;
Le
33 'polypeptide(L)'
;SGRLWSKAIFAGYKRGLRNQREHTALLKIEGVYARDETEFYLGKRCAYVYKAKNNTVTPGGKPNKTRVIWGKVTRAHGNS
GMVRAKFRSNLPAKAIGHRIRVMLYPSRI
;
Lf
34 'polypeptide(L)'
;VQRLTYRRRLSYNTASNKTRLSRTPGNRIVYLYTKKVGKAPKSACGVCPGRLRGVRAVRPKVLMRLSKTKKHVSRAYGGS
MCAKCVRDRIKRAFLIEEQKIVVKVLKAQAQSQK
;
Lg
35 'polypeptide(L)'
;AKIKARDLRGKKKEELLKQLDDLKVELSQLRVAKVTGGAASKLSKIRVVRKSIARVLTVINQTQKENLRKFYKGKKYKPL
DLRPKKTRAMRRRLNKHEENLKTKKQQRKERLYPLRKYAVKA
;
Lh
36 'polypeptide(L)'
;ALRYPMAVGLNKGHKVTKNVSKPRHSRRRGRLTKHTKFVRDMIREVCGFAPYERRAMELLKVSKDKRALKFIKKRVGTHI
RAKRKREELSNVLAAMRKAAAK
;
Li
37 'polypeptide(L)'
;TKGTSSFGKRRNKTHTLCRRCGSKAYHLQKSTCGKCGYPAKRKRKYNWSAKAKRRNTTGTGRMRHLKIVYRRFRHGFREG
TTPKPK
;
Lj
38 'polypeptide(L)' PRKIEEIKDFLLTARRKDAKSVKIKKNKDNVKFKVRCSRYLYTLVITDKEKAEKLKQSLPPGLAVKELK Lk
39 'polypeptide(L)' SSHKTFRIKRFLAKKQKQNRPIPQWIRMKTGNKIRYNSKRRHWRRTKLGL Ll
40 'polypeptide(L)' IIEPSLRQLAQKYNCDKMICRKCYARLHPRAVNCRKKKCGHTNNLRPKKKVK Lm
41 'polypeptide(L)'
;VNVPKTRRTFCKKCGKHQPHKVTQYKKGKDSLYAQGKRRYDRKQSGYGGQTKPIFRKKAKTTKKIVLRLECVEPNCRSKR
MLAIKRCKHFELGGDKKRKGQVIQF
;
Lo
42 'polypeptide(L)'
;AKRTKKVGIVGKYGTRYGASLRKMVKKIEISQHAKYTCSFCGKTKMKRRAVGIWHCGSCMKTVAGGAWTYNTTSAVTVKS
AIRRLKELKDQ
;
Lp
43 'polypeptide(L)'
;SAHLQWMVVRNCSSFLIKRNKQTYSTEPNNLKARNSFRYNGLIHRKTVGVEPAADGKGVVVVIKRRSGQRKPATSYVRTT
INKNARATLSSIRHMIRKNKYRPDLRMAAIRRASAILRSQKPVMV
;
Lr
44 'polypeptide(L)'
;QQEQTIAEDLVVTKYKMGGDIANRVLRSLVEASSSGVSVLSLCEKGDAMIMEETGKIFKKEKEMKKGIAFPTSISVNNCV
CHFSPLKSDQDYILKEGDLVKIDLGVHVDGFIANVAHTFVVDVAQGTQVTGRKADVIKAAHLCAEAALRLVKPGNQNTQV
TEAWNKVAHSFNCTPIEGMLSHQLKQHVIDGEKTIIQNPTDQQKKDHEKAEFEVHEVYAVDVLVSSGEGKAKDAGQRTTI
YKRDPSKQYGLKMKTSRAFFSEVERRFDAMPFTLRAFEDEKKARMGVVECAKHELLQPFNVLYEKEGEFVAQFKFTVLLM
PNGPMRITSGPFEPDLYKSEMEVQDAELKALLQSSA
;
CA
#
# COMPACT_ATOMS: atom_id res chain seq x y z
N GLY D 1 -11.31 20.83 -28.94
CA GLY D 1 -10.73 19.56 -29.34
C GLY D 1 -11.75 18.61 -29.93
N ARG D 2 -12.92 19.12 -30.26
CA ARG D 2 -14.01 18.34 -30.81
C ARG D 2 -14.44 18.93 -32.14
N VAL D 3 -14.76 18.06 -33.10
CA VAL D 3 -15.23 18.52 -34.40
C VAL D 3 -16.53 19.28 -34.24
N ILE D 4 -16.55 20.52 -34.71
CA ILE D 4 -17.66 21.43 -34.48
C ILE D 4 -18.80 21.13 -35.42
N ARG D 5 -19.99 21.61 -35.08
CA ARG D 5 -21.11 21.52 -36.02
C ARG D 5 -20.85 22.43 -37.21
N GLY D 6 -21.22 21.95 -38.39
CA GLY D 6 -20.87 22.66 -39.60
C GLY D 6 -19.71 21.95 -40.26
N GLN D 7 -18.74 21.54 -39.45
CA GLN D 7 -17.75 20.58 -39.89
C GLN D 7 -18.37 19.20 -40.05
N ARG D 8 -19.31 18.86 -39.17
CA ARG D 8 -20.00 17.57 -39.24
C ARG D 8 -21.00 17.50 -40.37
N LYS D 9 -21.37 18.64 -40.97
CA LYS D 9 -22.38 18.65 -42.01
C LYS D 9 -21.87 18.09 -43.32
N GLY D 10 -20.56 18.09 -43.54
CA GLY D 10 -20.02 17.54 -44.77
C GLY D 10 -19.98 16.03 -44.81
N ALA D 11 -19.98 15.38 -43.64
CA ALA D 11 -20.00 13.93 -43.61
C ALA D 11 -21.33 13.36 -44.11
N GLY D 12 -22.38 14.18 -44.11
CA GLY D 12 -23.62 13.84 -44.72
C GLY D 12 -24.65 13.19 -43.80
N SER D 13 -24.22 12.26 -42.96
CA SER D 13 -25.07 11.24 -42.33
C SER D 13 -26.44 11.72 -41.86
N VAL D 14 -26.45 12.70 -40.97
CA VAL D 14 -27.70 13.23 -40.43
C VAL D 14 -28.12 14.49 -41.19
N PHE D 15 -27.22 15.10 -41.95
CA PHE D 15 -27.47 16.36 -42.62
C PHE D 15 -27.73 16.20 -44.11
N ARG D 16 -28.03 14.99 -44.57
CA ARG D 16 -28.47 14.82 -45.95
C ARG D 16 -29.87 15.39 -46.13
N ALA D 17 -30.19 15.74 -47.37
CA ALA D 17 -31.48 16.32 -47.68
C ALA D 17 -32.59 15.28 -47.55
N HIS D 18 -33.77 15.74 -47.12
CA HIS D 18 -34.95 14.89 -47.00
C HIS D 18 -35.64 14.86 -48.35
N VAL D 19 -35.32 13.84 -49.15
CA VAL D 19 -35.77 13.77 -50.53
C VAL D 19 -36.75 12.61 -50.73
N LYS D 20 -37.38 12.14 -49.67
CA LYS D 20 -38.25 10.97 -49.79
C LYS D 20 -39.49 11.28 -50.62
N HIS D 21 -40.09 12.43 -50.40
CA HIS D 21 -41.35 12.76 -51.05
C HIS D 21 -41.20 13.82 -52.12
N ARG D 22 -39.97 14.15 -52.50
CA ARG D 22 -39.76 15.09 -53.58
C ARG D 22 -40.15 14.45 -54.91
N LYS D 23 -40.70 15.27 -55.79
CA LYS D 23 -41.38 14.80 -56.98
C LYS D 23 -40.45 14.57 -58.16
N GLY D 24 -39.17 14.82 -58.01
CA GLY D 24 -38.21 14.72 -59.10
C GLY D 24 -37.44 16.01 -59.29
N ALA D 25 -36.36 15.88 -60.06
CA ALA D 25 -35.56 17.04 -60.38
C ALA D 25 -36.27 17.91 -61.40
N ALA D 26 -36.51 19.17 -61.04
CA ALA D 26 -37.20 20.10 -61.92
C ALA D 26 -36.23 20.62 -62.95
N ARG D 27 -36.51 20.38 -64.23
CA ARG D 27 -35.56 20.64 -65.29
C ARG D 27 -36.31 21.00 -66.56
N LEU D 28 -35.63 21.74 -67.43
CA LEU D 28 -36.12 21.89 -68.79
C LEU D 28 -35.88 20.59 -69.55
N ARG D 29 -36.52 20.45 -70.70
CA ARG D 29 -36.26 19.27 -71.51
C ARG D 29 -34.92 19.41 -72.22
N ALA D 30 -34.26 18.27 -72.40
CA ALA D 30 -32.94 18.28 -73.03
C ALA D 30 -33.03 18.80 -74.45
N VAL D 31 -32.04 19.59 -74.85
CA VAL D 31 -32.07 20.23 -76.16
C VAL D 31 -31.90 19.17 -77.24
N ASP D 32 -32.65 19.31 -78.32
CA ASP D 32 -32.63 18.36 -79.40
C ASP D 32 -32.86 19.11 -80.70
N PHE D 33 -33.20 18.38 -81.76
CA PHE D 33 -33.39 19.00 -83.06
C PHE D 33 -34.54 19.99 -83.05
N ALA D 34 -35.63 19.66 -82.37
CA ALA D 34 -36.79 20.53 -82.35
C ALA D 34 -36.51 21.82 -81.58
N GLU D 35 -35.83 21.73 -80.44
CA GLU D 35 -35.46 22.92 -79.69
C GLU D 35 -34.54 23.81 -80.52
N ARG D 36 -33.60 23.19 -81.22
CA ARG D 36 -32.52 23.90 -81.88
C ARG D 36 -32.96 24.60 -83.15
N HIS D 37 -34.01 24.11 -83.81
CA HIS D 37 -34.39 24.62 -85.11
C HIS D 37 -35.82 25.13 -85.22
N GLY D 38 -36.74 24.60 -84.42
CA GLY D 38 -38.12 25.05 -84.48
C GLY D 38 -38.72 25.18 -83.10
N TYR D 39 -39.90 24.60 -82.91
CA TYR D 39 -40.50 24.52 -81.59
C TYR D 39 -41.24 23.19 -81.48
N ILE D 40 -41.44 22.76 -80.24
CA ILE D 40 -42.25 21.58 -79.94
C ILE D 40 -43.30 21.99 -78.93
N LYS D 41 -44.52 21.50 -79.12
CA LYS D 41 -45.65 21.87 -78.29
C LYS D 41 -45.85 20.83 -77.19
N GLY D 42 -46.03 21.31 -75.96
CA GLY D 42 -46.40 20.46 -74.86
C GLY D 42 -47.62 21.02 -74.17
N ILE D 43 -48.25 20.16 -73.36
CA ILE D 43 -49.46 20.54 -72.64
C ILE D 43 -49.20 20.40 -71.15
N VAL D 44 -49.62 21.40 -70.38
CA VAL D 44 -49.46 21.41 -68.93
C VAL D 44 -50.53 20.48 -68.36
N LYS D 45 -50.11 19.32 -67.85
CA LYS D 45 -51.06 18.35 -67.35
C LYS D 45 -51.36 18.53 -65.87
N ASP D 46 -50.40 19.04 -65.11
CA ASP D 46 -50.62 19.21 -63.68
C ASP D 46 -49.68 20.28 -63.13
N ILE D 47 -50.09 20.87 -62.02
CA ILE D 47 -49.26 21.76 -61.23
C ILE D 47 -49.28 21.25 -59.81
N ILE D 48 -48.10 20.88 -59.29
CA ILE D 48 -48.01 20.13 -58.04
C ILE D 48 -47.07 20.85 -57.09
N HIS D 49 -47.18 20.49 -55.81
CA HIS D 49 -46.37 21.04 -54.75
C HIS D 49 -45.21 20.10 -54.50
N ASP D 50 -43.99 20.60 -54.63
CA ASP D 50 -42.82 19.79 -54.36
C ASP D 50 -42.34 20.05 -52.94
N PRO D 51 -42.30 19.04 -52.08
CA PRO D 51 -41.85 19.27 -50.71
C PRO D 51 -40.42 19.80 -50.66
N GLY D 52 -40.20 20.76 -49.77
CA GLY D 52 -38.90 21.34 -49.59
C GLY D 52 -38.64 22.59 -50.39
N ARG D 53 -39.46 22.88 -51.39
CA ARG D 53 -39.31 24.08 -52.19
C ARG D 53 -40.63 24.84 -52.22
N GLY D 54 -40.54 26.16 -52.37
CA GLY D 54 -41.72 26.99 -52.36
C GLY D 54 -42.33 27.17 -53.73
N ALA D 55 -41.56 26.91 -54.77
CA ALA D 55 -42.05 27.07 -56.12
C ALA D 55 -42.87 25.84 -56.52
N PRO D 56 -44.07 26.04 -57.08
CA PRO D 56 -44.80 24.90 -57.62
C PRO D 56 -44.10 24.34 -58.85
N LEU D 57 -44.29 23.05 -59.07
CA LEU D 57 -43.74 22.38 -60.26
C LEU D 57 -44.86 22.11 -61.24
N ALA D 58 -44.53 22.20 -62.53
CA ALA D 58 -45.48 21.99 -63.60
C ALA D 58 -45.14 20.69 -64.31
N LYS D 59 -46.14 19.83 -64.47
CA LYS D 59 -45.98 18.57 -65.19
C LYS D 59 -46.44 18.78 -66.62
N VAL D 60 -45.51 18.75 -67.56
CA VAL D 60 -45.78 19.05 -68.96
C VAL D 60 -45.46 17.82 -69.80
N VAL D 61 -46.37 17.47 -70.70
CA VAL D 61 -46.25 16.28 -71.52
C VAL D 61 -45.97 16.69 -72.95
N PHE D 62 -44.89 16.17 -73.51
CA PHE D 62 -44.50 16.40 -74.89
C PHE D 62 -44.65 15.13 -75.70
N ARG D 63 -44.57 15.28 -77.01
CA ARG D 63 -44.55 14.15 -77.93
C ARG D 63 -43.12 13.83 -78.29
N ASP D 64 -42.77 12.55 -78.27
CA ASP D 64 -41.43 12.17 -78.68
C ASP D 64 -41.32 12.30 -80.20
N PRO D 65 -40.33 13.04 -80.72
CA PRO D 65 -40.27 13.26 -82.16
C PRO D 65 -39.78 12.06 -82.96
N TYR D 66 -39.19 11.06 -82.32
CA TYR D 66 -38.56 9.95 -83.04
C TYR D 66 -39.26 8.62 -82.85
N ARG D 67 -40.01 8.44 -81.77
CA ARG D 67 -40.75 7.21 -81.55
C ARG D 67 -42.11 7.55 -80.96
N PHE D 68 -43.04 6.62 -81.12
CA PHE D 68 -44.41 6.83 -80.67
C PHE D 68 -44.49 6.72 -79.16
N LYS D 69 -44.35 7.84 -78.46
CA LYS D 69 -44.31 7.82 -77.00
C LYS D 69 -44.58 9.23 -76.50
N LYS D 70 -45.06 9.31 -75.27
CA LYS D 70 -45.27 10.58 -74.58
C LYS D 70 -44.12 10.81 -73.60
N ARG D 71 -43.57 12.01 -73.61
CA ARG D 71 -42.50 12.39 -72.70
C ARG D 71 -43.05 13.37 -71.69
N THR D 72 -42.84 13.08 -70.41
CA THR D 72 -43.34 13.91 -69.33
C THR D 72 -42.19 14.66 -68.68
N GLU D 73 -42.32 15.98 -68.62
CA GLU D 73 -41.31 16.85 -68.03
C GLU D 73 -41.83 17.45 -66.75
N LEU D 74 -40.91 18.01 -65.98
CA LEU D 74 -41.19 18.52 -64.63
C LEU D 74 -40.70 19.96 -64.53
N PHE D 75 -41.17 20.80 -65.45
CA PHE D 75 -40.77 22.19 -65.49
C PHE D 75 -41.06 22.90 -64.18
N ILE D 76 -40.29 23.92 -63.90
CA ILE D 76 -40.60 24.84 -62.81
C ILE D 76 -41.69 25.79 -63.29
N ALA D 77 -42.76 25.89 -62.51
CA ALA D 77 -43.94 26.63 -62.96
C ALA D 77 -43.68 28.13 -62.92
N ALA D 78 -43.80 28.78 -64.08
CA ALA D 78 -43.88 30.23 -64.12
C ALA D 78 -45.27 30.68 -63.70
N GLU D 79 -45.34 31.81 -63.01
CA GLU D 79 -46.62 32.26 -62.49
C GLU D 79 -47.52 32.71 -63.62
N GLY D 80 -48.76 32.20 -63.61
CA GLY D 80 -49.72 32.49 -64.64
C GLY D 80 -50.09 31.29 -65.50
N ILE D 81 -49.24 30.26 -65.55
CA ILE D 81 -49.57 29.08 -66.33
C ILE D 81 -50.62 28.27 -65.60
N HIS D 82 -51.40 27.52 -66.37
CA HIS D 82 -52.50 26.74 -65.82
C HIS D 82 -52.53 25.39 -66.54
N THR D 83 -53.27 24.45 -65.95
CA THR D 83 -53.40 23.14 -66.56
C THR D 83 -54.22 23.24 -67.83
N GLY D 84 -53.86 22.42 -68.82
CA GLY D 84 -54.51 22.48 -70.11
C GLY D 84 -54.01 23.57 -71.01
N GLN D 85 -52.95 24.26 -70.62
CA GLN D 85 -52.33 25.28 -71.45
C GLN D 85 -51.23 24.66 -72.29
N PHE D 86 -51.12 25.12 -73.53
CA PHE D 86 -50.06 24.67 -74.42
C PHE D 86 -48.83 25.55 -74.22
N VAL D 87 -47.70 24.93 -73.95
CA VAL D 87 -46.43 25.61 -73.86
C VAL D 87 -45.55 25.14 -75.00
N TYR D 88 -44.71 26.04 -75.50
CA TYR D 88 -43.94 25.79 -76.71
C TYR D 88 -42.47 26.01 -76.41
N CYS D 89 -41.64 25.05 -76.79
CA CYS D 89 -40.22 25.07 -76.46
C CYS D 89 -39.41 24.98 -77.72
N GLY D 90 -38.48 25.90 -77.90
CA GLY D 90 -37.60 25.86 -79.04
C GLY D 90 -37.20 27.25 -79.49
N LYS D 91 -36.45 27.29 -80.59
CA LYS D 91 -35.94 28.55 -81.10
C LYS D 91 -37.06 29.42 -81.66
N LYS D 92 -38.02 28.81 -82.35
CA LYS D 92 -39.08 29.54 -83.01
C LYS D 92 -40.29 29.78 -82.12
N ALA D 93 -40.22 29.44 -80.85
CA ALA D 93 -41.33 29.71 -79.94
C ALA D 93 -41.51 31.21 -79.73
N GLN D 94 -42.72 31.59 -79.35
CA GLN D 94 -43.08 32.99 -79.18
C GLN D 94 -42.93 33.42 -77.72
N LEU D 95 -42.89 34.73 -77.51
CA LEU D 95 -42.78 35.30 -76.16
C LEU D 95 -44.10 35.17 -75.44
N ASN D 96 -44.27 34.09 -74.70
CA ASN D 96 -45.44 33.94 -73.86
C ASN D 96 -45.00 33.32 -72.54
N ILE D 97 -45.76 33.61 -71.49
CA ILE D 97 -45.42 33.09 -70.17
C ILE D 97 -45.49 31.57 -70.20
N GLY D 98 -44.34 30.94 -69.94
CA GLY D 98 -44.24 29.49 -69.94
C GLY D 98 -43.47 28.91 -71.10
N ASN D 99 -43.30 29.65 -72.18
CA ASN D 99 -42.52 29.14 -73.31
C ASN D 99 -41.04 29.11 -72.96
N VAL D 100 -40.33 28.19 -73.59
CA VAL D 100 -38.88 28.04 -73.41
C VAL D 100 -38.22 28.32 -74.74
N LEU D 101 -37.45 29.40 -74.79
CA LEU D 101 -36.76 29.79 -76.01
C LEU D 101 -35.42 30.40 -75.64
N PRO D 102 -34.44 30.38 -76.54
CA PRO D 102 -33.10 30.85 -76.19
C PRO D 102 -33.09 32.34 -75.91
N VAL D 103 -32.17 32.74 -75.03
CA VAL D 103 -32.11 34.14 -74.62
C VAL D 103 -31.67 35.03 -75.77
N GLY D 104 -30.82 34.53 -76.66
CA GLY D 104 -30.36 35.33 -77.78
C GLY D 104 -31.46 35.75 -78.73
N THR D 105 -32.56 35.03 -78.76
CA THR D 105 -33.71 35.38 -79.57
C THR D 105 -34.70 36.26 -78.84
N MET D 106 -34.41 36.63 -77.66
CA MET D 106 -35.35 37.40 -76.87
C MET D 106 -34.98 38.88 -76.88
N PRO D 107 -35.96 39.77 -76.70
CA PRO D 107 -35.68 41.21 -76.72
C PRO D 107 -34.79 41.68 -75.59
N GLU D 108 -34.53 42.98 -75.55
CA GLU D 108 -33.50 43.54 -74.70
C GLU D 108 -33.99 43.84 -73.29
N GLY D 109 -35.24 43.57 -72.96
CA GLY D 109 -35.74 43.87 -71.64
C GLY D 109 -36.61 42.77 -71.06
N THR D 110 -36.73 41.67 -71.79
CA THR D 110 -37.54 40.54 -71.34
C THR D 110 -36.94 39.93 -70.07
N ILE D 111 -37.80 39.38 -69.25
CA ILE D 111 -37.33 38.71 -68.05
C ILE D 111 -37.73 37.25 -68.13
N VAL D 112 -36.94 36.40 -67.47
CA VAL D 112 -36.98 34.96 -67.70
C VAL D 112 -37.03 34.26 -66.35
N CYS D 113 -37.36 32.96 -66.40
CA CYS D 113 -37.66 32.20 -65.21
C CYS D 113 -36.60 31.16 -64.88
N CYS D 114 -36.32 30.22 -65.76
CA CYS D 114 -35.43 29.11 -65.43
C CYS D 114 -34.27 29.12 -66.43
N LEU D 115 -33.26 29.92 -66.14
CA LEU D 115 -32.18 30.19 -67.06
C LEU D 115 -31.10 29.11 -66.96
N GLU D 116 -30.53 28.78 -68.11
CA GLU D 116 -29.40 27.85 -68.15
C GLU D 116 -28.11 28.58 -67.86
N GLU D 117 -27.28 27.99 -67.00
CA GLU D 117 -25.96 28.56 -66.74
C GLU D 117 -25.02 28.32 -67.92
N LYS D 118 -25.12 27.17 -68.55
CA LYS D 118 -24.30 26.79 -69.70
C LYS D 118 -25.22 26.41 -70.85
N PRO D 119 -24.75 26.56 -72.08
CA PRO D 119 -25.63 26.26 -73.22
C PRO D 119 -25.83 24.77 -73.41
N GLY D 120 -26.81 24.20 -72.73
CA GLY D 120 -27.15 22.82 -72.97
C GLY D 120 -27.59 22.06 -71.74
N ASP D 121 -27.17 22.49 -70.56
CA ASP D 121 -27.72 21.90 -69.35
C ASP D 121 -29.16 22.37 -69.18
N ARG D 122 -29.84 21.88 -68.17
CA ARG D 122 -31.19 22.33 -67.95
C ARG D 122 -31.14 23.64 -67.16
N GLY D 123 -32.29 24.13 -66.70
CA GLY D 123 -32.31 25.40 -66.01
C GLY D 123 -31.51 25.35 -64.72
N LYS D 124 -30.80 26.44 -64.45
CA LYS D 124 -29.99 26.55 -63.23
C LYS D 124 -30.18 27.84 -62.46
N LEU D 125 -30.64 28.91 -63.09
CA LEU D 125 -30.67 30.22 -62.45
C LEU D 125 -32.12 30.69 -62.30
N ALA D 126 -32.35 31.50 -61.26
CA ALA D 126 -33.65 32.10 -60.98
C ALA D 126 -34.74 31.05 -60.76
N ARG D 127 -34.39 29.97 -60.07
CA ARG D 127 -35.32 28.87 -59.88
C ARG D 127 -36.18 29.01 -58.63
N ALA D 128 -35.70 29.70 -57.60
CA ALA D 128 -36.45 29.80 -56.35
C ALA D 128 -37.65 30.72 -56.52
N SER D 129 -38.68 30.47 -55.73
CA SER D 129 -40.00 31.07 -55.93
C SER D 129 -39.95 32.59 -55.90
N GLY D 130 -40.66 33.20 -56.85
CA GLY D 130 -40.70 34.64 -56.99
C GLY D 130 -39.56 35.25 -57.75
N ASN D 131 -38.51 34.49 -58.05
CA ASN D 131 -37.29 35.06 -58.62
C ASN D 131 -37.34 35.03 -60.14
N TYR D 132 -36.51 35.88 -60.73
CA TYR D 132 -36.43 35.98 -62.18
C TYR D 132 -35.10 36.64 -62.54
N ALA D 133 -34.72 36.49 -63.79
CA ALA D 133 -33.57 37.18 -64.35
C ALA D 133 -34.03 38.02 -65.54
N THR D 134 -33.29 39.10 -65.79
CA THR D 134 -33.60 40.03 -66.87
C THR D 134 -32.52 39.95 -67.93
N VAL D 135 -32.94 39.95 -69.20
CA VAL D 135 -32.00 40.02 -70.31
C VAL D 135 -31.64 41.48 -70.52
N ILE D 136 -30.35 41.78 -70.53
CA ILE D 136 -29.88 43.16 -70.61
C ILE D 136 -29.50 43.53 -72.03
N SER D 137 -28.50 42.85 -72.58
CA SER D 137 -27.94 43.22 -73.87
C SER D 137 -27.48 41.98 -74.61
N HIS D 138 -27.30 42.15 -75.92
CA HIS D 138 -26.82 41.09 -76.79
C HIS D 138 -25.61 41.59 -77.56
N ASN D 139 -24.83 40.65 -78.08
CA ASN D 139 -24.01 40.95 -79.24
C ASN D 139 -23.99 39.73 -80.13
N PRO D 140 -24.52 39.83 -81.36
CA PRO D 140 -24.52 38.67 -82.26
C PRO D 140 -23.13 38.10 -82.52
N GLU D 141 -22.12 38.96 -82.61
CA GLU D 141 -20.74 38.48 -82.61
C GLU D 141 -20.40 37.97 -81.22
N THR D 142 -19.65 36.86 -81.19
CA THR D 142 -19.27 36.12 -79.99
C THR D 142 -20.46 35.43 -79.33
N LYS D 143 -21.67 35.68 -79.82
CA LYS D 143 -22.89 35.00 -79.40
C LYS D 143 -23.07 35.01 -77.89
N LYS D 144 -22.94 36.18 -77.30
CA LYS D 144 -23.04 36.35 -75.86
C LYS D 144 -24.22 37.23 -75.51
N THR D 145 -24.78 36.98 -74.33
CA THR D 145 -25.92 37.74 -73.83
C THR D 145 -25.67 38.06 -72.36
N ARG D 146 -25.93 39.30 -71.97
CA ARG D 146 -25.73 39.76 -70.61
C ARG D 146 -27.05 39.75 -69.87
N VAL D 147 -27.07 39.12 -68.69
CA VAL D 147 -28.29 38.99 -67.90
C VAL D 147 -28.05 39.52 -66.50
N LYS D 148 -29.13 39.90 -65.84
CA LYS D 148 -29.09 40.35 -64.46
C LYS D 148 -29.76 39.30 -63.58
N LEU D 149 -29.00 38.70 -62.71
CA LEU D 149 -29.42 37.63 -61.84
C LEU D 149 -30.20 38.17 -60.65
N PRO D 150 -30.95 37.31 -59.95
CA PRO D 150 -31.68 37.76 -58.75
C PRO D 150 -30.81 38.44 -57.71
N SER D 151 -29.54 38.07 -57.59
CA SER D 151 -28.66 38.73 -56.64
C SER D 151 -28.28 40.14 -57.08
N GLY D 152 -28.62 40.52 -58.31
CA GLY D 152 -28.23 41.80 -58.84
C GLY D 152 -26.93 41.79 -59.60
N SER D 153 -26.19 40.69 -59.58
CA SER D 153 -24.95 40.61 -60.32
C SER D 153 -25.26 40.46 -61.81
N LYS D 154 -24.29 40.86 -62.64
CA LYS D 154 -24.42 40.83 -64.08
C LYS D 154 -23.62 39.65 -64.60
N LYS D 155 -24.20 38.86 -65.48
CA LYS D 155 -23.54 37.67 -66.00
C LYS D 155 -23.62 37.63 -67.51
N VAL D 156 -22.54 37.18 -68.13
CA VAL D 156 -22.48 37.02 -69.57
C VAL D 156 -22.60 35.53 -69.89
N ILE D 157 -23.58 35.17 -70.71
CA ILE D 157 -23.85 33.78 -71.04
C ILE D 157 -23.98 33.68 -72.56
N SER D 158 -23.95 32.44 -73.05
CA SER D 158 -24.16 32.21 -74.47
C SER D 158 -25.57 32.58 -74.87
N SER D 159 -25.73 32.98 -76.13
CA SER D 159 -27.05 33.31 -76.65
C SER D 159 -27.91 32.07 -76.86
N ALA D 160 -27.34 30.87 -76.74
CA ALA D 160 -28.08 29.63 -76.92
C ALA D 160 -28.69 29.10 -75.63
N ASN D 161 -28.43 29.74 -74.49
CA ASN D 161 -29.03 29.31 -73.24
C ASN D 161 -30.53 29.52 -73.29
N ARG D 162 -31.28 28.50 -72.91
CA ARG D 162 -32.73 28.55 -72.90
C ARG D 162 -33.23 29.03 -71.54
N ALA D 163 -34.45 29.56 -71.54
CA ALA D 163 -35.07 30.01 -70.31
C ALA D 163 -36.58 30.09 -70.51
N VAL D 164 -37.30 30.05 -69.41
CA VAL D 164 -38.75 30.16 -69.41
C VAL D 164 -39.12 31.63 -69.28
N VAL D 165 -40.08 32.09 -70.07
CA VAL D 165 -40.52 33.48 -70.01
C VAL D 165 -41.44 33.66 -68.81
N GLY D 166 -41.16 34.67 -68.00
CA GLY D 166 -42.00 35.01 -66.87
C GLY D 166 -41.25 34.91 -65.55
N VAL D 167 -41.99 35.13 -64.48
CA VAL D 167 -41.46 34.94 -63.13
C VAL D 167 -41.92 33.59 -62.64
N VAL D 168 -41.12 32.97 -61.80
CA VAL D 168 -41.51 31.71 -61.19
C VAL D 168 -42.61 31.93 -60.16
N ALA D 169 -43.59 31.02 -60.14
CA ALA D 169 -44.70 31.09 -59.20
C ALA D 169 -44.21 30.82 -57.78
N GLY D 170 -45.09 31.08 -56.83
CA GLY D 170 -44.75 30.99 -55.43
C GLY D 170 -44.62 32.32 -54.75
N GLY D 171 -44.67 33.42 -55.50
CA GLY D 171 -44.91 34.75 -54.99
C GLY D 171 -44.10 35.19 -53.80
N GLY D 172 -44.65 36.11 -53.01
CA GLY D 172 -43.95 36.63 -51.85
C GLY D 172 -44.07 35.73 -50.63
N ARG D 173 -43.43 34.57 -50.69
CA ARG D 173 -43.56 33.60 -49.62
C ARG D 173 -42.90 34.08 -48.34
N ILE D 174 -41.85 34.89 -48.46
CA ILE D 174 -41.11 35.37 -47.28
C ILE D 174 -41.78 36.54 -46.59
N ASP D 175 -42.92 37.01 -47.10
CA ASP D 175 -43.60 38.13 -46.46
C ASP D 175 -44.27 37.70 -45.17
N LYS D 176 -44.85 36.52 -45.15
CA LYS D 176 -45.60 36.07 -43.99
C LYS D 176 -44.64 35.73 -42.85
N PRO D 177 -44.79 36.33 -41.68
CA PRO D 177 -44.02 35.88 -40.52
C PRO D 177 -44.36 34.45 -40.16
N ILE D 178 -43.35 33.69 -39.78
CA ILE D 178 -43.56 32.29 -39.43
C ILE D 178 -44.32 32.17 -38.12
N LEU D 179 -44.05 33.07 -37.17
CA LEU D 179 -44.79 33.29 -35.93
C LEU D 179 -44.61 32.20 -34.90
N LYS D 180 -44.04 31.07 -35.27
CA LYS D 180 -44.08 29.92 -34.37
C LYS D 180 -42.84 29.08 -34.59
N ALA D 181 -42.29 28.56 -33.49
CA ALA D 181 -41.23 27.58 -33.60
C ALA D 181 -41.74 26.30 -34.24
N GLY D 182 -43.03 26.01 -34.07
CA GLY D 182 -43.59 24.82 -34.68
C GLY D 182 -43.65 24.91 -36.20
N ARG D 183 -44.01 26.08 -36.72
CA ARG D 183 -44.08 26.23 -38.16
C ARG D 183 -42.70 26.18 -38.80
N ALA D 184 -41.70 26.69 -38.09
CA ALA D 184 -40.32 26.58 -38.58
C ALA D 184 -39.83 25.14 -38.50
N TYR D 185 -40.30 24.39 -37.50
CA TYR D 185 -39.96 22.98 -37.41
C TYR D 185 -40.51 22.20 -38.60
N HIS D 186 -41.75 22.48 -38.98
CA HIS D 186 -42.36 21.77 -40.10
C HIS D 186 -41.76 22.22 -41.42
N LYS D 187 -41.26 23.44 -41.49
CA LYS D 187 -40.64 23.93 -42.71
C LYS D 187 -39.34 23.18 -43.01
N TYR D 188 -38.50 23.01 -42.00
CA TYR D 188 -37.20 22.39 -42.20
C TYR D 188 -37.24 20.89 -42.06
N LYS D 189 -38.33 20.33 -41.53
CA LYS D 189 -38.47 18.88 -41.52
C LYS D 189 -38.63 18.34 -42.94
N ALA D 190 -39.11 19.18 -43.86
CA ALA D 190 -39.20 18.82 -45.26
C ALA D 190 -37.95 19.13 -46.05
N LYS D 191 -36.94 19.76 -45.44
CA LYS D 191 -35.75 20.16 -46.17
C LYS D 191 -34.50 19.40 -45.74
N ARG D 192 -34.09 19.51 -44.48
CA ARG D 192 -32.87 18.91 -43.97
C ARG D 192 -32.77 19.24 -42.49
N ASN D 193 -31.83 18.60 -41.81
CA ASN D 193 -31.64 18.78 -40.37
C ASN D 193 -30.74 19.97 -40.13
N CYS D 194 -31.33 21.16 -40.07
CA CYS D 194 -30.54 22.36 -39.82
C CYS D 194 -31.20 23.36 -38.88
N TRP D 195 -32.44 23.14 -38.45
CA TRP D 195 -33.19 24.28 -37.95
C TRP D 195 -32.86 24.75 -36.54
N PRO D 196 -33.01 23.93 -35.48
CA PRO D 196 -32.78 24.50 -34.16
C PRO D 196 -31.30 24.81 -34.00
N ARG D 197 -30.96 26.09 -34.08
CA ARG D 197 -29.59 26.54 -34.21
C ARG D 197 -29.08 27.06 -32.87
N VAL D 198 -28.13 26.36 -32.29
CA VAL D 198 -27.54 26.76 -31.02
C VAL D 198 -26.45 27.77 -31.31
N ARG D 199 -26.48 28.89 -30.60
CA ARG D 199 -25.45 29.90 -30.74
C ARG D 199 -24.10 29.35 -30.27
N GLY D 200 -23.03 29.72 -30.98
CA GLY D 200 -21.71 29.26 -30.61
C GLY D 200 -21.25 29.79 -29.28
N VAL D 201 -21.66 31.00 -28.91
CA VAL D 201 -21.32 31.56 -27.62
C VAL D 201 -21.97 30.80 -26.48
N ALA D 202 -23.03 30.06 -26.77
CA ALA D 202 -23.73 29.25 -25.78
C ALA D 202 -23.12 27.87 -25.61
N MET D 203 -22.04 27.57 -26.34
CA MET D 203 -21.40 26.27 -26.29
C MET D 203 -20.17 26.33 -25.39
N ASN D 204 -19.51 25.20 -25.25
CA ASN D 204 -18.25 25.08 -24.54
C ASN D 204 -17.10 25.27 -25.52
N PRO D 205 -15.90 25.61 -25.03
CA PRO D 205 -14.78 25.84 -25.95
C PRO D 205 -14.40 24.63 -26.78
N VAL D 206 -14.72 23.42 -26.32
CA VAL D 206 -14.27 22.23 -27.02
C VAL D 206 -14.97 22.06 -28.36
N GLU D 207 -16.22 22.48 -28.48
CA GLU D 207 -16.95 22.29 -29.74
C GLU D 207 -17.21 23.59 -30.49
N HIS D 208 -16.63 24.72 -30.06
CA HIS D 208 -16.79 25.91 -30.88
C HIS D 208 -15.68 26.91 -30.60
N PRO D 209 -15.23 27.67 -31.60
CA PRO D 209 -14.30 28.77 -31.33
C PRO D 209 -14.87 29.84 -30.41
N PHE D 210 -16.17 30.07 -30.45
CA PHE D 210 -16.77 31.13 -29.67
C PHE D 210 -17.23 30.67 -28.29
N GLY D 211 -17.12 29.38 -28.00
CA GLY D 211 -17.65 28.87 -26.75
C GLY D 211 -16.78 29.19 -25.56
N GLY D 212 -17.39 29.12 -24.39
CA GLY D 212 -16.67 29.32 -23.14
C GLY D 212 -16.76 30.73 -22.61
N GLY D 213 -16.19 30.90 -21.44
CA GLY D 213 -16.16 32.16 -20.74
C GLY D 213 -17.27 32.26 -19.71
N ASN D 214 -17.02 33.09 -18.69
CA ASN D 214 -18.02 33.28 -17.64
C ASN D 214 -19.14 34.21 -18.06
N HIS D 215 -18.97 34.96 -19.14
CA HIS D 215 -20.05 35.66 -19.81
C HIS D 215 -20.13 35.15 -21.23
N GLN D 216 -21.31 35.26 -21.83
CA GLN D 216 -21.49 34.84 -23.22
C GLN D 216 -20.99 35.95 -24.13
N HIS D 217 -19.68 35.99 -24.32
CA HIS D 217 -19.04 36.94 -25.21
C HIS D 217 -18.18 36.18 -26.19
N ILE D 218 -17.96 36.77 -27.36
CA ILE D 218 -17.18 36.10 -28.39
C ILE D 218 -15.71 36.04 -28.00
N GLY D 219 -15.18 37.16 -27.51
CA GLY D 219 -13.82 37.21 -27.02
C GLY D 219 -12.76 37.43 -28.08
N LYS D 220 -13.11 37.30 -29.35
CA LYS D 220 -12.21 37.50 -30.48
C LYS D 220 -13.04 38.14 -31.58
N PRO D 221 -12.40 38.80 -32.54
CA PRO D 221 -13.17 39.37 -33.65
C PRO D 221 -13.95 38.30 -34.40
N SER D 222 -15.23 38.58 -34.63
CA SER D 222 -16.08 37.59 -35.27
C SER D 222 -15.87 37.52 -36.77
N THR D 223 -15.26 38.54 -37.36
CA THR D 223 -14.87 38.46 -38.76
C THR D 223 -13.62 37.58 -38.88
N ILE D 224 -13.65 36.64 -39.81
CA ILE D 224 -12.61 35.64 -39.94
C ILE D 224 -12.13 35.63 -41.37
N ARG D 225 -10.84 35.34 -41.55
CA ARG D 225 -10.22 35.40 -42.87
C ARG D 225 -10.74 34.28 -43.76
N ARG D 226 -10.54 34.46 -45.07
CA ARG D 226 -11.06 33.51 -46.04
C ARG D 226 -10.36 32.16 -45.94
N ASP D 227 -9.05 32.17 -45.76
CA ASP D 227 -8.27 30.93 -45.76
C ASP D 227 -8.14 30.30 -44.39
N ALA D 228 -8.99 30.66 -43.44
CA ALA D 228 -8.97 30.03 -42.14
C ALA D 228 -9.31 28.55 -42.28
N PRO D 229 -8.71 27.68 -41.49
CA PRO D 229 -9.02 26.25 -41.59
C PRO D 229 -10.45 25.95 -41.16
N ALA D 230 -11.00 24.86 -41.71
CA ALA D 230 -12.30 24.40 -41.26
C ALA D 230 -12.24 24.02 -39.79
N GLY D 231 -13.29 24.37 -39.06
CA GLY D 231 -13.28 24.32 -37.63
C GLY D 231 -12.93 25.63 -36.97
N ARG D 232 -12.48 26.60 -37.75
CA ARG D 232 -12.17 27.94 -37.25
C ARG D 232 -13.00 29.03 -37.91
N LYS D 233 -13.26 28.94 -39.22
CA LYS D 233 -13.99 30.02 -39.88
C LYS D 233 -15.47 29.91 -39.52
N VAL D 234 -15.79 30.51 -38.39
CA VAL D 234 -17.16 30.67 -37.93
C VAL D 234 -17.37 32.16 -37.70
N GLY D 235 -18.62 32.58 -37.79
CA GLY D 235 -18.90 33.99 -37.71
C GLY D 235 -19.01 34.60 -39.08
N LEU D 236 -18.52 35.82 -39.26
CA LEU D 236 -18.59 36.52 -40.53
C LEU D 236 -17.36 36.19 -41.35
N ILE D 237 -17.56 35.47 -42.45
CA ILE D 237 -16.47 34.87 -43.20
C ILE D 237 -16.06 35.83 -44.31
N ALA D 238 -14.81 36.30 -44.25
CA ALA D 238 -14.23 37.16 -45.28
C ALA D 238 -15.09 38.40 -45.53
N ALA D 239 -15.59 38.97 -44.44
CA ALA D 239 -16.52 40.09 -44.55
C ALA D 239 -15.82 41.35 -45.01
N ARG D 240 -16.35 41.97 -46.07
CA ARG D 240 -15.76 43.20 -46.56
C ARG D 240 -16.08 44.38 -45.66
N ARG D 241 -17.21 44.34 -44.99
CA ARG D 241 -17.59 45.36 -44.01
C ARG D 241 -18.61 44.73 -43.08
N THR D 242 -18.85 45.37 -41.95
CA THR D 242 -19.88 44.96 -41.02
C THR D 242 -20.66 46.20 -40.59
N GLY D 243 -21.71 45.98 -39.82
CA GLY D 243 -22.44 47.11 -39.27
C GLY D 243 -23.90 47.11 -39.60
N ARG D 244 -24.41 48.24 -40.08
CA ARG D 244 -25.84 48.39 -40.32
C ARG D 244 -26.18 48.66 -41.77
N LEU D 245 -25.18 48.88 -42.64
CA LEU D 245 -25.40 49.14 -44.07
C LEU D 245 -26.27 50.38 -44.27
N ARG D 246 -25.73 51.50 -43.82
CA ARG D 246 -26.41 52.78 -43.90
C ARG D 246 -25.94 53.49 -45.17
N GLY D 247 -26.80 53.55 -46.18
CA GLY D 247 -26.47 54.22 -47.42
C GLY D 247 -26.76 53.38 -48.66
N THR D 248 -26.85 52.07 -48.49
CA THR D 248 -27.12 51.17 -49.60
C THR D 248 -27.64 49.83 -49.11
N SER E 1 -19.70 26.35 24.52
CA SER E 1 -20.23 27.68 24.75
C SER E 1 -21.55 27.59 25.51
N HIS E 2 -21.91 28.69 26.17
CA HIS E 2 -23.12 28.73 26.96
C HIS E 2 -24.34 28.61 26.08
N ARG E 3 -25.42 28.05 26.64
CA ARG E 3 -26.67 28.01 25.90
C ARG E 3 -27.19 29.44 25.75
N LYS E 4 -27.81 29.70 24.60
CA LYS E 4 -28.03 31.07 24.17
C LYS E 4 -29.04 31.78 25.06
N PHE E 5 -30.09 31.07 25.49
CA PHE E 5 -31.09 31.61 26.39
C PHE E 5 -31.27 30.69 27.57
N SER E 6 -31.46 31.28 28.74
CA SER E 6 -31.65 30.52 29.96
C SER E 6 -33.03 29.89 29.98
N ALA E 7 -33.13 28.69 30.53
CA ALA E 7 -34.39 28.02 30.71
C ALA E 7 -34.27 27.12 31.92
N PRO E 8 -35.30 27.01 32.75
CA PRO E 8 -35.24 26.12 33.90
C PRO E 8 -35.22 24.65 33.47
N ARG E 9 -34.69 23.82 34.35
CA ARG E 9 -34.52 22.41 34.07
C ARG E 9 -35.86 21.69 34.02
N HIS E 10 -35.97 20.68 33.15
CA HIS E 10 -37.19 19.88 33.06
C HIS E 10 -37.16 18.77 34.10
N GLY E 11 -38.14 18.77 34.99
CA GLY E 11 -38.26 17.73 35.99
C GLY E 11 -37.34 17.95 37.17
N SER E 12 -37.59 17.18 38.22
CA SER E 12 -36.86 17.29 39.47
C SER E 12 -35.89 16.14 39.62
N LEU E 13 -34.70 16.44 40.13
CA LEU E 13 -33.71 15.42 40.43
C LEU E 13 -33.89 14.84 41.81
N GLY E 14 -34.91 15.28 42.55
CA GLY E 14 -35.19 14.74 43.86
C GLY E 14 -35.96 13.44 43.85
N PHE E 15 -36.41 13.00 42.69
CA PHE E 15 -37.13 11.75 42.52
C PHE E 15 -36.44 10.89 41.48
N LEU E 16 -35.11 10.90 41.46
CA LEU E 16 -34.38 10.36 40.31
C LEU E 16 -34.56 8.88 40.03
N PRO E 17 -34.54 7.97 40.97
CA PRO E 17 -34.79 6.57 40.58
C PRO E 17 -36.23 6.44 40.11
N ARG E 18 -36.48 6.92 38.89
CA ARG E 18 -37.82 6.99 38.32
C ARG E 18 -38.21 5.60 37.85
N LYS E 19 -38.37 4.73 38.84
CA LYS E 19 -38.52 3.30 38.65
C LYS E 19 -39.84 2.85 39.28
N ARG E 20 -40.24 1.64 38.93
CA ARG E 20 -41.39 1.04 39.58
C ARG E 20 -41.10 0.87 41.06
N SER E 21 -42.04 1.28 41.90
CA SER E 21 -41.86 1.16 43.34
C SER E 21 -41.70 -0.30 43.72
N SER E 22 -40.78 -0.56 44.65
CA SER E 22 -40.56 -1.93 45.12
C SER E 22 -41.68 -2.41 46.03
N ARG E 23 -42.59 -1.52 46.42
CA ARG E 23 -43.70 -1.87 47.27
C ARG E 23 -45.00 -1.39 46.63
N HIS E 24 -46.10 -2.06 46.99
CA HIS E 24 -47.42 -1.68 46.55
C HIS E 24 -48.19 -0.90 47.59
N ARG E 25 -47.85 -1.07 48.87
CA ARG E 25 -48.61 -0.44 49.94
C ARG E 25 -48.29 1.04 50.08
N GLY E 26 -47.01 1.38 50.15
CA GLY E 26 -46.62 2.74 50.43
C GLY E 26 -46.27 2.89 51.89
N LYS E 27 -44.98 2.96 52.21
CA LYS E 27 -44.55 2.95 53.59
C LYS E 27 -44.36 4.37 54.11
N VAL E 28 -44.44 4.50 55.43
CA VAL E 28 -44.50 5.82 56.05
C VAL E 28 -43.17 6.56 55.93
N LYS E 29 -42.08 5.89 56.31
CA LYS E 29 -40.70 6.37 56.19
C LYS E 29 -40.36 7.49 57.18
N SER E 30 -41.36 8.05 57.85
CA SER E 30 -41.12 9.05 58.89
C SER E 30 -42.39 9.18 59.71
N PHE E 31 -42.34 8.75 60.94
CA PHE E 31 -43.47 8.96 61.83
C PHE E 31 -43.30 10.27 62.58
N PRO E 32 -44.41 10.87 63.02
CA PRO E 32 -44.30 12.12 63.79
C PRO E 32 -43.46 11.93 65.04
N LYS E 33 -42.66 12.94 65.33
CA LYS E 33 -41.76 12.88 66.48
C LYS E 33 -42.57 12.72 67.77
N ASP E 34 -42.12 11.80 68.62
CA ASP E 34 -42.87 11.42 69.79
C ASP E 34 -42.52 12.34 70.95
N ASP E 35 -43.54 12.82 71.66
CA ASP E 35 -43.35 13.59 72.88
C ASP E 35 -44.20 12.98 73.98
N PRO E 36 -43.62 12.65 75.13
CA PRO E 36 -44.39 11.95 76.17
C PRO E 36 -45.50 12.78 76.79
N SER E 37 -45.49 14.11 76.62
CA SER E 37 -46.52 14.94 77.25
C SER E 37 -47.90 14.68 76.65
N LYS E 38 -47.95 14.32 75.37
CA LYS E 38 -49.21 14.04 74.72
C LYS E 38 -49.82 12.74 75.25
N PRO E 39 -51.12 12.56 75.09
CA PRO E 39 -51.73 11.26 75.39
C PRO E 39 -51.36 10.23 74.33
N VAL E 40 -51.52 8.96 74.70
CA VAL E 40 -51.14 7.86 73.82
C VAL E 40 -52.10 7.82 72.63
N HIS E 41 -51.55 7.77 71.43
CA HIS E 41 -52.36 7.81 70.22
C HIS E 41 -51.64 7.13 69.08
N LEU E 42 -52.40 6.75 68.06
CA LEU E 42 -51.83 6.17 66.85
C LEU E 42 -51.57 7.27 65.83
N THR E 43 -50.60 7.04 64.96
CA THR E 43 -50.11 8.08 64.06
C THR E 43 -50.42 7.82 62.60
N ALA E 44 -51.04 6.69 62.26
CA ALA E 44 -51.26 6.38 60.85
C ALA E 44 -52.46 5.46 60.72
N PHE E 45 -52.86 5.23 59.48
CA PHE E 45 -54.03 4.42 59.16
C PHE E 45 -53.93 3.98 57.70
N LEU E 46 -54.71 2.96 57.35
CA LEU E 46 -54.77 2.45 55.99
C LEU E 46 -56.17 2.64 55.42
N GLY E 47 -56.26 3.18 54.20
CA GLY E 47 -57.52 3.35 53.52
C GLY E 47 -57.40 2.95 52.06
N TYR E 48 -58.54 3.02 51.38
CA TYR E 48 -58.62 2.60 49.98
C TYR E 48 -59.29 3.68 49.17
N LYS E 49 -58.67 4.07 48.07
CA LYS E 49 -59.17 5.16 47.23
C LYS E 49 -60.45 4.72 46.53
N ALA E 50 -61.58 5.20 47.03
CA ALA E 50 -62.87 4.83 46.45
C ALA E 50 -63.17 5.64 45.19
N GLY E 51 -63.02 6.95 45.26
CA GLY E 51 -63.32 7.78 44.12
C GLY E 51 -63.33 9.24 44.51
N MET E 52 -63.71 10.08 43.55
CA MET E 52 -63.73 11.51 43.74
C MET E 52 -65.14 12.05 43.53
N THR E 53 -65.42 13.18 44.15
CA THR E 53 -66.61 13.96 43.89
C THR E 53 -66.30 15.41 44.25
N HIS E 54 -67.33 16.24 44.32
CA HIS E 54 -67.14 17.62 44.71
C HIS E 54 -68.25 18.03 45.67
N ILE E 55 -67.96 19.08 46.44
CA ILE E 55 -68.83 19.55 47.50
C ILE E 55 -69.07 21.04 47.34
N VAL E 56 -70.04 21.54 48.07
CA VAL E 56 -70.29 22.97 48.17
C VAL E 56 -70.21 23.36 49.64
N ARG E 57 -69.42 24.39 49.94
CA ARG E 57 -69.26 24.85 51.31
C ARG E 57 -69.07 26.35 51.30
N GLU E 58 -69.26 26.96 52.46
CA GLU E 58 -69.01 28.39 52.64
C GLU E 58 -67.65 28.59 53.28
N VAL E 59 -66.91 29.57 52.77
CA VAL E 59 -65.53 29.82 53.19
C VAL E 59 -65.53 30.89 54.26
N ASP E 60 -64.67 30.71 55.27
CA ASP E 60 -64.58 31.64 56.38
C ASP E 60 -63.17 32.21 56.44
N ARG E 61 -62.69 32.70 55.30
CA ARG E 61 -61.35 33.27 55.15
C ARG E 61 -61.44 34.79 55.07
N PRO E 62 -61.24 35.51 56.17
CA PRO E 62 -61.36 36.98 56.12
C PRO E 62 -60.29 37.59 55.24
N GLY E 63 -60.65 38.71 54.61
CA GLY E 63 -59.77 39.40 53.71
C GLY E 63 -59.66 38.78 52.33
N SER E 64 -60.41 37.74 52.03
CA SER E 64 -60.37 37.05 50.76
C SER E 64 -61.56 37.46 49.90
N LYS E 65 -61.42 37.24 48.59
CA LYS E 65 -62.53 37.48 47.69
C LYS E 65 -63.67 36.52 47.95
N VAL E 66 -63.36 35.31 48.40
CA VAL E 66 -64.36 34.28 48.62
C VAL E 66 -64.76 34.19 50.09
N ASN E 67 -64.56 35.26 50.85
CA ASN E 67 -64.99 35.27 52.24
C ASN E 67 -66.51 35.27 52.30
N LYS E 68 -67.07 34.36 53.10
CA LYS E 68 -68.51 34.18 53.28
C LYS E 68 -69.22 33.83 51.97
N LYS E 69 -68.49 33.24 51.04
CA LYS E 69 -69.02 32.88 49.73
C LYS E 69 -69.01 31.37 49.56
N GLU E 70 -69.80 30.90 48.61
CA GLU E 70 -69.89 29.49 48.29
C GLU E 70 -68.81 29.11 47.29
N VAL E 71 -68.16 27.98 47.52
CA VAL E 71 -67.19 27.44 46.58
C VAL E 71 -67.53 25.98 46.31
N VAL E 72 -67.05 25.50 45.17
CA VAL E 72 -67.16 24.09 44.79
C VAL E 72 -65.76 23.51 44.79
N GLU E 73 -65.54 22.48 45.59
CA GLU E 73 -64.21 21.92 45.77
C GLU E 73 -64.24 20.41 45.58
N ALA E 74 -63.31 19.92 44.76
CA ALA E 74 -63.18 18.50 44.54
C ALA E 74 -62.66 17.81 45.80
N VAL E 75 -63.20 16.62 46.07
CA VAL E 75 -62.79 15.84 47.22
C VAL E 75 -62.53 14.41 46.78
N THR E 76 -61.75 13.70 47.58
CA THR E 76 -61.46 12.29 47.37
C THR E 76 -62.03 11.49 48.52
N ILE E 77 -62.72 10.40 48.21
CA ILE E 77 -63.30 9.52 49.21
C ILE E 77 -62.37 8.34 49.43
N VAL E 78 -61.97 8.12 50.67
CA VAL E 78 -61.08 7.04 51.05
C VAL E 78 -61.81 6.17 52.05
N GLU E 79 -62.21 4.98 51.61
CA GLU E 79 -62.91 4.06 52.50
C GLU E 79 -61.95 3.50 53.54
N THR E 80 -62.32 3.61 54.80
CA THR E 80 -61.43 3.26 55.93
C THR E 80 -62.19 2.42 56.94
N PRO E 81 -62.32 1.11 56.69
CA PRO E 81 -62.84 0.22 57.72
C PRO E 81 -61.86 0.11 58.87
N PRO E 82 -62.33 -0.23 60.07
CA PRO E 82 -61.44 -0.22 61.24
C PRO E 82 -60.29 -1.22 61.10
N MET E 83 -59.12 -0.79 61.55
CA MET E 83 -57.94 -1.64 61.59
C MET E 83 -58.04 -2.60 62.77
N VAL E 84 -57.39 -3.76 62.63
CA VAL E 84 -57.35 -4.76 63.68
C VAL E 84 -55.91 -4.92 64.12
N VAL E 85 -55.67 -4.77 65.42
CA VAL E 85 -54.32 -4.84 65.98
C VAL E 85 -54.02 -6.30 66.31
N VAL E 86 -52.93 -6.82 65.74
CA VAL E 86 -52.55 -8.21 65.93
C VAL E 86 -51.16 -8.38 66.52
N GLY E 87 -50.39 -7.31 66.69
CA GLY E 87 -49.05 -7.47 67.20
C GLY E 87 -48.47 -6.16 67.70
N ILE E 88 -47.33 -6.29 68.38
CA ILE E 88 -46.58 -5.15 68.90
C ILE E 88 -45.10 -5.37 68.59
N VAL E 89 -44.44 -4.35 68.06
CA VAL E 89 -43.00 -4.39 67.80
C VAL E 89 -42.34 -3.34 68.68
N GLY E 90 -41.22 -3.71 69.29
CA GLY E 90 -40.39 -2.78 70.03
C GLY E 90 -39.09 -2.53 69.29
N TYR E 91 -38.66 -1.26 69.29
CA TYR E 91 -37.41 -0.86 68.67
C TYR E 91 -36.50 -0.26 69.72
N VAL E 92 -35.20 -0.48 69.57
CA VAL E 92 -34.20 0.07 70.46
C VAL E 92 -33.26 0.96 69.64
N GLU E 93 -32.85 2.07 70.22
CA GLU E 93 -31.97 3.01 69.54
C GLU E 93 -30.53 2.56 69.67
N THR E 94 -29.83 2.46 68.55
CA THR E 94 -28.46 2.00 68.48
C THR E 94 -27.65 3.04 67.72
N PRO E 95 -26.32 3.06 67.88
CA PRO E 95 -25.51 3.96 67.06
C PRO E 95 -25.46 3.57 65.59
N ARG E 96 -26.18 2.50 65.22
CA ARG E 96 -26.35 2.14 63.83
C ARG E 96 -27.77 2.38 63.33
N GLY E 97 -28.63 2.95 64.17
CA GLY E 97 -30.01 3.23 63.83
C GLY E 97 -30.94 2.43 64.70
N LEU E 98 -32.23 2.57 64.44
CA LEU E 98 -33.23 1.76 65.14
C LEU E 98 -33.12 0.32 64.66
N ARG E 99 -33.20 -0.62 65.60
CA ARG E 99 -33.25 -2.03 65.24
C ARG E 99 -34.39 -2.70 65.98
N THR E 100 -35.00 -3.67 65.30
CA THR E 100 -36.13 -4.38 65.87
C THR E 100 -35.67 -5.21 67.06
N PHE E 101 -36.26 -4.97 68.22
CA PHE E 101 -35.84 -5.64 69.43
C PHE E 101 -36.63 -6.93 69.66
N LYS E 102 -37.95 -6.83 69.78
CA LYS E 102 -38.79 -7.98 70.02
C LYS E 102 -40.16 -7.72 69.41
N THR E 103 -40.75 -8.76 68.84
CA THR E 103 -42.10 -8.71 68.29
C THR E 103 -42.96 -9.71 69.01
N VAL E 104 -44.14 -9.28 69.45
CA VAL E 104 -45.10 -10.15 70.11
C VAL E 104 -46.39 -10.09 69.30
N PHE E 105 -46.92 -11.24 68.95
CA PHE E 105 -48.15 -11.33 68.18
C PHE E 105 -49.29 -11.83 69.06
N ALA E 106 -50.48 -11.34 68.77
CA ALA E 106 -51.65 -11.71 69.54
C ALA E 106 -52.09 -13.13 69.21
N GLU E 107 -52.88 -13.70 70.11
CA GLU E 107 -53.61 -14.91 69.79
C GLU E 107 -54.73 -14.57 68.81
N HIS E 108 -55.25 -15.60 68.15
CA HIS E 108 -56.40 -15.46 67.26
C HIS E 108 -56.15 -14.40 66.19
N ILE E 109 -55.15 -14.66 65.35
CA ILE E 109 -54.91 -13.81 64.20
C ILE E 109 -55.98 -14.09 63.15
N SER E 110 -56.56 -13.04 62.59
CA SER E 110 -57.68 -13.17 61.68
C SER E 110 -57.27 -13.94 60.43
N ASP E 111 -58.27 -14.57 59.81
CA ASP E 111 -58.03 -15.42 58.66
C ASP E 111 -57.55 -14.60 57.46
N GLU E 112 -58.14 -13.42 57.25
CA GLU E 112 -57.67 -12.55 56.17
C GLU E 112 -56.27 -12.01 56.45
N CYS E 113 -55.93 -11.79 57.72
CA CYS E 113 -54.58 -11.38 58.06
C CYS E 113 -53.57 -12.48 57.75
N LYS E 114 -53.92 -13.72 58.06
CA LYS E 114 -53.01 -14.83 57.82
C LYS E 114 -52.78 -15.07 56.32
N ARG E 115 -53.67 -14.56 55.47
CA ARG E 115 -53.47 -14.71 54.04
C ARG E 115 -52.25 -13.94 53.56
N ARG E 116 -51.87 -12.89 54.30
CA ARG E 116 -50.72 -12.07 53.91
C ARG E 116 -49.42 -12.87 53.96
N PHE E 117 -49.38 -13.92 54.77
CA PHE E 117 -48.16 -14.70 54.96
C PHE E 117 -47.95 -15.76 53.91
N TYR E 118 -48.86 -15.88 52.94
CA TYR E 118 -48.82 -16.97 51.97
C TYR E 118 -48.86 -16.41 50.56
N LYS E 119 -47.97 -16.92 49.70
CA LYS E 119 -48.03 -16.58 48.29
C LYS E 119 -49.14 -17.35 47.58
N ASN E 120 -49.40 -18.58 48.00
CA ASN E 120 -50.49 -19.39 47.45
C ASN E 120 -51.33 -19.88 48.62
N TRP E 121 -52.35 -19.09 48.95
CA TRP E 121 -53.26 -19.45 50.04
C TRP E 121 -54.07 -20.69 49.71
N HIS E 122 -54.39 -20.88 48.43
CA HIS E 122 -55.28 -21.97 48.04
C HIS E 122 -54.66 -23.33 48.32
N LYS E 123 -53.37 -23.48 48.05
CA LYS E 123 -52.67 -24.74 48.29
C LYS E 123 -52.09 -24.87 49.68
N SER E 124 -52.11 -23.79 50.47
CA SER E 124 -51.47 -23.80 51.77
C SER E 124 -52.23 -24.71 52.74
N LYS E 125 -51.51 -25.14 53.77
CA LYS E 125 -52.11 -25.88 54.87
C LYS E 125 -52.60 -24.96 55.98
N LYS E 126 -52.44 -23.66 55.81
CA LYS E 126 -52.92 -22.66 56.77
C LYS E 126 -52.28 -22.84 58.14
N LYS E 127 -50.98 -23.11 58.14
CA LYS E 127 -50.27 -23.47 59.36
C LYS E 127 -49.62 -22.29 60.07
N ALA E 128 -49.68 -21.09 59.50
CA ALA E 128 -48.95 -19.95 60.05
C ALA E 128 -49.50 -19.57 61.42
N PHE E 129 -48.57 -19.27 62.35
CA PHE E 129 -48.85 -18.87 63.72
C PHE E 129 -49.65 -19.91 64.50
N THR E 130 -49.69 -21.16 64.03
CA THR E 130 -50.43 -22.18 64.75
C THR E 130 -49.67 -22.66 65.99
N LYS E 131 -48.36 -22.80 65.88
CA LYS E 131 -47.58 -23.18 67.06
C LYS E 131 -47.30 -21.98 67.95
N TYR E 132 -47.28 -20.78 67.38
CA TYR E 132 -47.04 -19.58 68.19
C TYR E 132 -48.22 -19.30 69.11
N CYS E 133 -49.44 -19.48 68.61
CA CYS E 133 -50.62 -19.17 69.42
C CYS E 133 -50.78 -20.14 70.58
N LYS E 134 -50.09 -21.27 70.56
CA LYS E 134 -50.17 -22.21 71.67
C LYS E 134 -49.46 -21.69 72.90
N LYS E 135 -48.52 -20.76 72.75
CA LYS E 135 -47.78 -20.24 73.89
C LYS E 135 -48.53 -19.16 74.64
N TRP E 136 -49.70 -18.76 74.16
CA TRP E 136 -50.57 -17.85 74.91
C TRP E 136 -51.42 -18.58 75.93
N GLN E 137 -51.33 -19.91 75.99
CA GLN E 137 -52.15 -20.72 76.87
C GLN E 137 -51.37 -21.38 77.99
N ASP E 138 -50.28 -22.08 77.67
CA ASP E 138 -49.51 -22.74 78.72
C ASP E 138 -48.78 -21.72 79.58
N GLU E 139 -48.50 -22.11 80.81
CA GLU E 139 -47.82 -21.21 81.74
C GLU E 139 -46.39 -20.94 81.31
N ASP E 140 -45.73 -21.93 80.70
CA ASP E 140 -44.36 -21.74 80.25
C ASP E 140 -44.29 -20.68 79.16
N GLY E 141 -45.19 -20.76 78.19
CA GLY E 141 -45.24 -19.75 77.15
C GLY E 141 -45.68 -18.40 77.67
N LYS E 142 -46.65 -18.39 78.59
CA LYS E 142 -47.15 -17.13 79.13
C LYS E 142 -46.06 -16.40 79.93
N LYS E 143 -45.23 -17.14 80.67
CA LYS E 143 -44.09 -16.51 81.33
C LYS E 143 -43.14 -15.90 80.32
N GLN E 144 -42.88 -16.60 79.22
CA GLN E 144 -41.98 -16.06 78.20
C GLN E 144 -42.56 -14.81 77.56
N LEU E 145 -43.88 -14.76 77.37
CA LEU E 145 -44.50 -13.58 76.81
C LEU E 145 -44.37 -12.38 77.75
N GLU E 146 -44.50 -12.61 79.05
CA GLU E 146 -44.39 -11.52 80.01
C GLU E 146 -42.97 -10.97 80.05
N LYS E 147 -41.97 -11.85 79.91
CA LYS E 147 -40.59 -11.39 79.83
C LYS E 147 -40.37 -10.56 78.57
N ASP E 148 -41.01 -10.94 77.47
CA ASP E 148 -40.91 -10.17 76.24
C ASP E 148 -41.51 -8.78 76.41
N PHE E 149 -42.62 -8.69 77.14
CA PHE E 149 -43.22 -7.39 77.41
C PHE E 149 -42.38 -6.58 78.38
N SER E 150 -41.84 -7.22 79.41
CA SER E 150 -40.98 -6.52 80.35
C SER E 150 -39.70 -6.04 79.69
N SER E 151 -39.12 -6.87 78.81
CA SER E 151 -37.92 -6.48 78.10
C SER E 151 -38.20 -5.30 77.17
N MET E 152 -39.36 -5.30 76.51
CA MET E 152 -39.75 -4.16 75.69
C MET E 152 -39.92 -2.92 76.56
N LYS E 153 -40.43 -3.09 77.77
CA LYS E 153 -40.69 -1.95 78.65
C LYS E 153 -39.40 -1.28 79.11
N LYS E 154 -38.35 -2.06 79.34
CA LYS E 154 -37.13 -1.53 79.93
C LYS E 154 -36.02 -1.26 78.92
N TYR E 155 -36.18 -1.68 77.67
CA TYR E 155 -35.12 -1.52 76.70
C TYR E 155 -35.52 -0.76 75.45
N CYS E 156 -36.79 -0.83 75.06
CA CYS E 156 -37.21 -0.22 73.81
C CYS E 156 -37.50 1.26 73.97
N GLN E 157 -37.25 2.01 72.90
CA GLN E 157 -37.49 3.45 72.88
C GLN E 157 -38.78 3.82 72.17
N VAL E 158 -39.04 3.26 71.00
CA VAL E 158 -40.29 3.44 70.29
C VAL E 158 -40.93 2.07 70.10
N ILE E 159 -42.25 2.00 70.24
CA ILE E 159 -42.96 0.78 69.95
C ILE E 159 -43.95 1.05 68.84
N ARG E 160 -44.28 0.00 68.09
CA ARG E 160 -45.25 0.07 67.01
C ARG E 160 -46.19 -1.11 67.14
N VAL E 161 -47.39 -0.95 66.61
CA VAL E 161 -48.39 -2.02 66.59
C VAL E 161 -48.53 -2.51 65.16
N ILE E 162 -48.68 -3.81 64.99
CA ILE E 162 -49.01 -4.35 63.68
C ILE E 162 -50.53 -4.36 63.57
N ALA E 163 -51.04 -3.65 62.57
CA ALA E 163 -52.48 -3.60 62.32
C ALA E 163 -52.74 -4.00 60.89
N HIS E 164 -53.88 -4.64 60.65
CA HIS E 164 -54.27 -5.03 59.31
C HIS E 164 -55.66 -4.53 58.99
N THR E 165 -55.94 -4.37 57.71
CA THR E 165 -57.25 -3.99 57.24
C THR E 165 -58.18 -5.20 57.19
N GLN E 166 -59.41 -4.95 56.78
CA GLN E 166 -60.45 -5.97 56.76
C GLN E 166 -61.00 -6.06 55.33
N MET E 167 -60.49 -7.03 54.57
CA MET E 167 -60.93 -7.24 53.19
C MET E 167 -62.38 -7.66 53.09
N ARG E 168 -62.89 -8.38 54.08
CA ARG E 168 -64.26 -8.89 53.97
C ARG E 168 -65.30 -7.79 53.95
N LEU E 169 -64.93 -6.58 54.35
CA LEU E 169 -65.84 -5.44 54.39
C LEU E 169 -65.71 -4.55 53.16
N LEU E 170 -64.86 -4.89 52.21
CA LEU E 170 -64.67 -4.08 51.03
C LEU E 170 -65.21 -4.78 49.80
N PRO E 171 -65.63 -4.04 48.77
CA PRO E 171 -66.20 -4.68 47.59
C PRO E 171 -65.15 -5.20 46.63
N LEU E 172 -63.91 -5.27 47.08
CA LEU E 172 -62.81 -5.65 46.22
C LEU E 172 -62.72 -7.17 46.09
N ARG E 173 -61.99 -7.60 45.05
CA ARG E 173 -61.71 -9.01 44.88
C ARG E 173 -60.65 -9.52 45.85
N GLN E 174 -59.73 -8.66 46.25
CA GLN E 174 -58.64 -9.10 47.10
C GLN E 174 -59.16 -9.46 48.49
N LYS E 175 -58.78 -10.64 48.97
CA LYS E 175 -59.09 -11.09 50.32
C LYS E 175 -57.88 -11.04 51.24
N LYS E 176 -56.71 -10.73 50.70
CA LYS E 176 -55.49 -10.67 51.47
C LYS E 176 -55.38 -9.30 52.14
N ALA E 177 -55.37 -9.30 53.47
CA ALA E 177 -55.35 -8.05 54.22
C ALA E 177 -53.98 -7.40 54.12
N HIS E 178 -53.97 -6.08 54.35
CA HIS E 178 -52.74 -5.30 54.32
C HIS E 178 -52.24 -5.08 55.74
N LEU E 179 -51.06 -5.62 56.05
CA LEU E 179 -50.44 -5.42 57.35
C LEU E 179 -49.64 -4.14 57.35
N MET E 180 -49.46 -3.56 58.54
CA MET E 180 -48.77 -2.29 58.65
C MET E 180 -48.34 -2.07 60.09
N GLU E 181 -47.12 -1.57 60.27
CA GLU E 181 -46.64 -1.10 61.56
C GLU E 181 -47.04 0.36 61.73
N ILE E 182 -47.83 0.65 62.75
CA ILE E 182 -48.24 2.01 63.07
C ILE E 182 -47.62 2.41 64.39
N GLN E 183 -46.82 3.46 64.37
CA GLN E 183 -46.11 3.90 65.57
C GLN E 183 -47.07 4.46 66.60
N VAL E 184 -46.83 4.11 67.86
CA VAL E 184 -47.59 4.60 68.99
C VAL E 184 -46.81 5.75 69.60
N ASN E 185 -47.43 6.92 69.68
CA ASN E 185 -46.78 8.12 70.18
C ASN E 185 -47.50 8.62 71.43
N GLY E 186 -46.81 9.49 72.16
CA GLY E 186 -47.45 10.23 73.23
C GLY E 186 -47.48 9.56 74.60
N GLY E 187 -46.33 9.25 75.15
CA GLY E 187 -46.28 8.75 76.50
C GLY E 187 -44.99 8.01 76.75
N THR E 188 -44.86 7.53 77.99
CA THR E 188 -43.72 6.68 78.31
C THR E 188 -43.85 5.34 77.61
N VAL E 189 -42.72 4.63 77.52
CA VAL E 189 -42.73 3.32 76.85
C VAL E 189 -43.62 2.35 77.61
N ALA E 190 -43.62 2.44 78.94
CA ALA E 190 -44.51 1.60 79.74
C ALA E 190 -45.97 1.89 79.44
N GLU E 191 -46.31 3.18 79.31
CA GLU E 191 -47.70 3.54 79.07
C GLU E 191 -48.17 3.09 77.68
N LYS E 192 -47.33 3.27 76.67
CA LYS E 192 -47.75 2.90 75.32
C LYS E 192 -47.77 1.39 75.13
N LEU E 193 -47.01 0.64 75.94
CA LEU E 193 -47.11 -0.81 75.90
C LEU E 193 -48.39 -1.30 76.56
N ASP E 194 -48.76 -0.70 77.69
CA ASP E 194 -50.02 -1.06 78.32
C ASP E 194 -51.19 -0.70 77.43
N TRP E 195 -51.12 0.47 76.77
CA TRP E 195 -52.16 0.89 75.86
C TRP E 195 -52.27 -0.05 74.67
N ALA E 196 -51.13 -0.44 74.11
CA ALA E 196 -51.14 -1.31 72.94
C ALA E 196 -51.57 -2.72 73.31
N ARG E 197 -51.21 -3.18 74.51
CA ARG E 197 -51.54 -4.54 74.91
C ARG E 197 -53.04 -4.70 75.13
N GLU E 198 -53.73 -3.63 75.52
CA GLU E 198 -55.18 -3.70 75.62
C GLU E 198 -55.84 -3.73 74.25
N ARG E 199 -55.20 -3.16 73.25
CA ARG E 199 -55.77 -3.09 71.91
C ARG E 199 -55.50 -4.34 71.10
N LEU E 200 -54.78 -5.31 71.65
CA LEU E 200 -54.53 -6.55 70.92
C LEU E 200 -55.85 -7.26 70.66
N GLU E 201 -55.99 -7.77 69.43
CA GLU E 201 -57.18 -8.43 68.90
C GLU E 201 -58.36 -7.49 68.75
N GLN E 202 -58.17 -6.18 68.92
CA GLN E 202 -59.27 -5.23 68.92
C GLN E 202 -59.29 -4.44 67.62
N GLN E 203 -60.38 -3.70 67.43
CA GLN E 203 -60.60 -2.89 66.24
C GLN E 203 -60.42 -1.44 66.57
N VAL E 204 -59.65 -0.73 65.75
CA VAL E 204 -59.39 0.69 65.92
C VAL E 204 -60.06 1.43 64.77
N PRO E 205 -61.17 2.12 64.99
CA PRO E 205 -61.80 2.90 63.93
C PRO E 205 -60.99 4.14 63.58
N VAL E 206 -61.28 4.67 62.38
CA VAL E 206 -60.49 5.80 61.88
C VAL E 206 -60.74 7.08 62.67
N ASN E 207 -61.92 7.23 63.28
CA ASN E 207 -62.19 8.45 64.04
C ASN E 207 -61.39 8.51 65.34
N GLN E 208 -60.82 7.39 65.78
CA GLN E 208 -59.93 7.40 66.93
C GLN E 208 -58.51 7.80 66.55
N VAL E 209 -58.16 7.75 65.28
CA VAL E 209 -56.82 8.13 64.83
C VAL E 209 -56.80 9.55 64.30
N PHE E 210 -57.74 9.91 63.43
CA PHE E 210 -57.79 11.22 62.82
C PHE E 210 -59.06 11.94 63.27
N GLY E 211 -59.07 13.26 63.07
CA GLY E 211 -60.19 14.08 63.45
C GLY E 211 -60.68 14.93 62.29
N GLN E 212 -61.80 15.60 62.53
CA GLN E 212 -62.36 16.52 61.56
C GLN E 212 -61.39 17.66 61.28
N ASP E 213 -61.47 18.19 60.06
CA ASP E 213 -60.79 19.40 59.57
C ASP E 213 -59.37 19.55 60.11
N GLU E 214 -58.63 18.45 60.05
CA GLU E 214 -57.20 18.44 60.30
C GLU E 214 -56.48 18.01 59.03
N MET E 215 -55.22 18.41 58.91
CA MET E 215 -54.48 18.18 57.68
C MET E 215 -53.49 17.05 57.87
N ILE E 216 -53.59 16.04 57.03
CA ILE E 216 -52.79 14.83 57.16
C ILE E 216 -51.94 14.66 55.91
N ASP E 217 -51.06 13.66 55.92
CA ASP E 217 -50.24 13.32 54.77
C ASP E 217 -50.71 12.01 54.18
N VAL E 218 -50.76 11.94 52.86
CA VAL E 218 -51.19 10.75 52.15
C VAL E 218 -49.99 10.12 51.48
N ILE E 219 -49.76 8.85 51.74
CA ILE E 219 -48.63 8.11 51.22
C ILE E 219 -49.16 6.95 50.39
N GLY E 220 -48.65 6.82 49.17
CA GLY E 220 -49.11 5.76 48.30
C GLY E 220 -48.32 5.72 47.03
N VAL E 221 -48.74 4.82 46.14
CA VAL E 221 -48.08 4.59 44.87
C VAL E 221 -48.98 5.13 43.76
N THR E 222 -48.40 5.87 42.82
CA THR E 222 -49.17 6.55 41.79
C THR E 222 -49.61 5.55 40.73
N LYS E 223 -50.45 6.03 39.81
CA LYS E 223 -50.94 5.19 38.72
C LYS E 223 -49.81 4.86 37.76
N GLY E 224 -49.72 3.60 37.36
CA GLY E 224 -48.69 3.19 36.43
C GLY E 224 -49.04 3.59 35.01
N LYS E 225 -48.04 4.08 34.28
CA LYS E 225 -48.23 4.49 32.91
C LYS E 225 -47.40 3.68 31.93
N GLY E 226 -46.66 2.68 32.41
CA GLY E 226 -45.86 1.87 31.54
C GLY E 226 -44.60 2.58 31.09
N TYR E 227 -44.02 2.06 30.02
CA TYR E 227 -42.78 2.59 29.47
C TYR E 227 -43.13 3.85 28.69
N LYS E 228 -42.46 4.96 29.00
CA LYS E 228 -42.80 6.24 28.38
C LYS E 228 -41.55 6.91 27.85
N GLY E 229 -41.75 7.75 26.84
CA GLY E 229 -40.67 8.52 26.27
C GLY E 229 -40.44 9.83 27.00
N VAL E 230 -39.43 10.56 26.53
CA VAL E 230 -38.99 11.76 27.25
C VAL E 230 -40.06 12.84 27.24
N THR E 231 -40.89 12.91 26.20
CA THR E 231 -41.87 13.97 26.10
C THR E 231 -42.98 13.78 27.13
N SER E 232 -43.35 12.55 27.41
CA SER E 232 -44.37 12.30 28.42
C SER E 232 -43.78 12.12 29.81
N ARG E 233 -42.58 11.56 29.91
CA ARG E 233 -41.96 11.27 31.19
C ARG E 233 -41.37 12.52 31.83
N TRP E 234 -40.65 13.33 31.05
CA TRP E 234 -39.99 14.52 31.58
C TRP E 234 -40.56 15.81 31.04
N HIS E 235 -41.54 15.74 30.15
CA HIS E 235 -42.24 16.90 29.61
C HIS E 235 -41.28 17.87 28.93
N THR E 236 -40.35 17.32 28.15
CA THR E 236 -39.45 18.12 27.37
C THR E 236 -40.16 18.66 26.12
N LYS E 237 -39.53 19.64 25.48
CA LYS E 237 -40.10 20.25 24.29
C LYS E 237 -40.08 19.29 23.12
N LYS E 238 -41.19 19.23 22.39
CA LYS E 238 -41.23 18.44 21.17
C LYS E 238 -40.39 19.10 20.08
N LEU E 239 -39.66 18.29 19.34
CA LEU E 239 -38.84 18.78 18.24
C LEU E 239 -39.73 19.16 17.06
N PRO E 240 -39.21 19.97 16.14
CA PRO E 240 -40.03 20.42 15.00
C PRO E 240 -40.45 19.26 14.11
N ARG E 241 -41.46 19.56 13.27
CA ARG E 241 -42.05 18.53 12.42
C ARG E 241 -41.05 17.99 11.40
N LYS E 242 -40.08 18.80 11.01
CA LYS E 242 -39.10 18.44 9.99
C LYS E 242 -38.01 17.49 10.50
N THR E 243 -38.05 17.07 11.76
CA THR E 243 -36.99 16.24 12.30
C THR E 243 -36.99 14.85 11.68
N HIS E 244 -35.81 14.35 11.32
CA HIS E 244 -35.71 13.15 10.51
C HIS E 244 -36.04 11.89 11.31
N ARG E 245 -35.25 11.60 12.34
CA ARG E 245 -35.36 10.30 12.99
C ARG E 245 -36.33 10.31 14.17
N GLY E 246 -37.15 11.35 14.30
CA GLY E 246 -38.10 11.40 15.39
C GLY E 246 -38.08 12.70 16.15
N LEU E 247 -39.24 13.17 16.57
CA LEU E 247 -39.35 14.47 17.23
C LEU E 247 -39.72 14.38 18.71
N ARG E 248 -40.17 13.23 19.18
CA ARG E 248 -40.46 13.07 20.61
C ARG E 248 -39.22 12.62 21.37
N LYS E 249 -38.13 13.37 21.19
CA LYS E 249 -36.85 13.01 21.75
C LYS E 249 -36.18 14.24 22.32
N VAL E 250 -35.10 14.01 23.06
CA VAL E 250 -34.20 15.07 23.48
C VAL E 250 -33.07 15.16 22.47
N ALA E 251 -32.85 16.34 21.92
CA ALA E 251 -31.94 16.48 20.79
C ALA E 251 -30.48 16.23 21.20
N CYS E 252 -30.03 16.88 22.27
CA CYS E 252 -28.68 16.69 22.77
C CYS E 252 -28.73 16.07 24.16
N ILE E 253 -28.09 14.91 24.32
CA ILE E 253 -28.05 14.22 25.60
C ILE E 253 -26.71 14.42 26.30
N GLY E 254 -25.95 15.42 25.90
CA GLY E 254 -24.72 15.75 26.58
C GLY E 254 -23.71 16.32 25.62
N ALA E 255 -22.72 17.02 26.18
CA ALA E 255 -21.64 17.57 25.39
C ALA E 255 -20.64 16.48 25.05
N TRP E 256 -19.62 16.85 24.26
CA TRP E 256 -18.55 15.92 23.96
C TRP E 256 -17.84 15.49 25.23
N HIS E 257 -17.54 16.44 26.12
CA HIS E 257 -17.02 16.09 27.42
C HIS E 257 -17.97 16.57 28.50
N PRO E 258 -18.18 15.79 29.57
CA PRO E 258 -17.42 14.64 30.09
C PRO E 258 -17.50 13.27 29.41
N ALA E 259 -17.79 13.14 28.11
CA ALA E 259 -17.67 11.88 27.37
C ALA E 259 -18.54 10.77 27.94
N ARG E 260 -19.60 11.14 28.64
CA ARG E 260 -20.55 10.20 29.19
C ARG E 260 -21.91 10.88 29.20
N VAL E 261 -22.95 10.08 29.36
CA VAL E 261 -24.30 10.61 29.53
C VAL E 261 -24.52 10.81 31.02
N ALA E 262 -24.84 12.05 31.41
CA ALA E 262 -25.03 12.35 32.81
C ALA E 262 -26.35 11.78 33.31
N PHE E 263 -26.41 11.57 34.63
CA PHE E 263 -27.64 11.10 35.27
C PHE E 263 -28.76 12.13 35.24
N SER E 264 -28.45 13.38 34.90
CA SER E 264 -29.42 14.46 34.93
C SER E 264 -30.07 14.73 33.58
N VAL E 265 -29.80 13.90 32.58
CA VAL E 265 -30.36 14.06 31.26
C VAL E 265 -31.63 13.22 31.16
N ALA E 266 -32.70 13.81 30.63
CA ALA E 266 -33.98 13.14 30.54
C ALA E 266 -33.93 11.99 29.55
N ARG E 267 -34.34 10.81 30.00
CA ARG E 267 -34.31 9.61 29.15
C ARG E 267 -35.55 8.78 29.39
N ALA E 268 -35.91 7.99 28.37
CA ALA E 268 -37.14 7.23 28.40
C ALA E 268 -37.07 6.07 29.38
N GLY E 269 -38.23 5.60 29.80
CA GLY E 269 -38.30 4.47 30.70
C GLY E 269 -39.66 4.41 31.39
N GLN E 270 -39.65 3.83 32.57
CA GLN E 270 -40.87 3.70 33.35
C GLN E 270 -41.42 5.06 33.74
N LYS E 271 -42.73 5.21 33.62
CA LYS E 271 -43.45 6.36 34.14
C LYS E 271 -44.62 5.87 34.97
N GLY E 272 -44.83 6.51 36.11
CA GLY E 272 -45.88 6.11 37.01
C GLY E 272 -45.47 4.94 37.88
N TYR E 273 -46.39 4.55 38.77
CA TYR E 273 -46.15 3.54 39.78
C TYR E 273 -44.92 3.89 40.63
N HIS E 274 -44.89 5.14 41.08
CA HIS E 274 -43.83 5.65 41.92
C HIS E 274 -44.38 5.87 43.33
N HIS E 275 -43.54 5.67 44.33
CA HIS E 275 -43.94 5.95 45.69
C HIS E 275 -43.88 7.46 45.94
N ARG E 276 -44.98 8.02 46.42
CA ARG E 276 -45.05 9.45 46.65
C ARG E 276 -45.66 9.73 48.01
N THR E 277 -45.32 10.89 48.57
CA THR E 277 -45.85 11.36 49.84
C THR E 277 -46.33 12.79 49.66
N GLU E 278 -47.64 13.00 49.74
CA GLU E 278 -48.22 14.34 49.66
C GLU E 278 -48.66 14.78 51.05
N ILE E 279 -48.25 15.97 51.45
CA ILE E 279 -48.56 16.48 52.77
C ILE E 279 -49.67 17.51 52.64
N ASN E 280 -50.25 17.87 53.78
CA ASN E 280 -51.24 18.95 53.88
C ASN E 280 -52.51 18.64 53.10
N LYS E 281 -53.13 17.52 53.41
CA LYS E 281 -54.42 17.15 52.86
C LYS E 281 -55.46 17.24 53.96
N LYS E 282 -56.38 18.20 53.83
CA LYS E 282 -57.34 18.47 54.88
C LYS E 282 -58.47 17.44 54.86
N ILE E 283 -58.94 17.08 56.04
CA ILE E 283 -60.04 16.13 56.19
C ILE E 283 -61.34 16.92 56.21
N TYR E 284 -62.10 16.88 55.12
CA TYR E 284 -63.37 17.60 55.13
C TYR E 284 -64.44 16.88 55.91
N LYS E 285 -64.42 15.55 55.92
CA LYS E 285 -65.46 14.78 56.59
C LYS E 285 -64.91 13.41 56.92
N ILE E 286 -65.34 12.86 58.05
CA ILE E 286 -65.12 11.47 58.40
C ILE E 286 -66.50 10.82 58.40
N GLY E 287 -66.79 10.04 57.38
CA GLY E 287 -68.10 9.44 57.26
C GLY E 287 -68.32 8.35 58.29
N GLN E 288 -69.59 8.08 58.57
CA GLN E 288 -69.95 7.27 59.71
C GLN E 288 -70.23 5.82 59.35
N GLY E 289 -70.47 5.52 58.08
CA GLY E 289 -70.67 4.14 57.67
C GLY E 289 -72.09 3.66 57.89
N TYR E 290 -72.38 2.48 57.34
CA TYR E 290 -73.73 1.94 57.39
C TYR E 290 -74.01 1.28 58.72
N LEU E 291 -75.19 1.55 59.27
CA LEU E 291 -75.64 0.95 60.51
C LEU E 291 -76.96 0.25 60.30
N ILE E 292 -77.31 -0.63 61.25
CA ILE E 292 -78.60 -1.29 61.30
C ILE E 292 -79.05 -1.25 62.74
N LYS E 293 -79.94 -0.32 63.07
CA LYS E 293 -80.58 -0.37 64.38
C LYS E 293 -81.97 -0.99 64.28
N ASP E 294 -82.81 -0.48 63.40
CA ASP E 294 -84.01 -1.14 62.94
C ASP E 294 -84.00 -1.29 61.42
N GLY E 295 -83.58 -0.25 60.71
CA GLY E 295 -83.34 -0.33 59.29
C GLY E 295 -81.96 0.21 58.97
N LYS E 296 -81.56 0.03 57.72
CA LYS E 296 -80.23 0.44 57.30
C LYS E 296 -80.16 1.96 57.20
N LEU E 297 -79.14 2.55 57.83
CA LEU E 297 -78.95 3.98 57.84
C LEU E 297 -77.86 4.37 56.85
N ILE E 298 -78.20 5.26 55.94
CA ILE E 298 -77.26 5.69 54.91
C ILE E 298 -77.16 7.21 54.89
N LYS E 299 -78.08 7.88 55.61
CA LYS E 299 -78.10 9.33 55.61
C LYS E 299 -76.83 9.93 56.18
N ASN E 300 -76.18 9.23 57.11
CA ASN E 300 -75.01 9.76 57.81
C ASN E 300 -73.77 9.82 56.93
N ASN E 301 -73.90 9.59 55.62
CA ASN E 301 -72.76 9.60 54.72
C ASN E 301 -72.73 10.81 53.81
N ALA E 302 -73.88 11.28 53.33
CA ALA E 302 -73.90 12.42 52.42
C ALA E 302 -74.83 13.54 52.83
N SER E 303 -75.74 13.33 53.78
CA SER E 303 -76.58 14.42 54.24
C SER E 303 -75.75 15.40 55.06
N THR E 304 -76.00 16.68 54.85
CA THR E 304 -75.33 17.75 55.58
C THR E 304 -76.32 18.42 56.52
N ASP E 305 -75.87 19.48 57.18
CA ASP E 305 -76.76 20.28 58.01
C ASP E 305 -77.72 21.12 57.20
N TYR E 306 -77.48 21.26 55.89
CA TYR E 306 -78.30 22.08 55.02
C TYR E 306 -79.00 21.27 53.93
N ASP E 307 -78.63 20.00 53.75
CA ASP E 307 -79.25 19.17 52.73
C ASP E 307 -80.42 18.38 53.29
N LEU E 308 -80.17 17.59 54.34
CA LEU E 308 -81.19 16.75 54.97
C LEU E 308 -81.83 15.79 53.96
N SER E 309 -81.00 15.23 53.10
CA SER E 309 -81.43 14.24 52.11
C SER E 309 -80.89 12.88 52.50
N ASP E 310 -81.76 11.88 52.55
CA ASP E 310 -81.38 10.52 52.95
C ASP E 310 -80.62 9.87 51.82
N LYS E 311 -79.35 10.22 51.70
CA LYS E 311 -78.49 9.65 50.67
C LYS E 311 -77.11 9.39 51.24
N SER E 312 -76.44 8.38 50.68
CA SER E 312 -75.10 8.00 51.09
C SER E 312 -74.08 8.64 50.16
N ILE E 313 -72.81 8.46 50.51
CA ILE E 313 -71.72 9.02 49.73
C ILE E 313 -71.62 8.37 48.35
N ASN E 314 -72.24 7.21 48.17
CA ASN E 314 -72.14 6.50 46.90
C ASN E 314 -72.85 7.28 45.80
N PRO E 315 -72.22 7.46 44.64
CA PRO E 315 -72.89 8.12 43.53
C PRO E 315 -74.03 7.25 42.99
N LEU E 316 -74.82 7.85 42.13
CA LEU E 316 -75.89 7.11 41.49
C LEU E 316 -75.28 6.09 40.55
N GLY E 317 -75.60 4.81 40.74
CA GLY E 317 -74.97 3.76 39.99
C GLY E 317 -73.63 3.28 40.53
N GLY E 318 -73.22 3.76 41.70
CA GLY E 318 -72.02 3.29 42.36
C GLY E 318 -70.77 4.03 41.93
N PHE E 319 -69.73 3.90 42.75
CA PHE E 319 -68.43 4.44 42.40
C PHE E 319 -67.87 3.67 41.19
N VAL E 320 -67.41 4.40 40.19
CA VAL E 320 -66.96 3.76 38.96
C VAL E 320 -65.63 3.07 39.21
N HIS E 321 -65.55 1.80 38.81
CA HIS E 321 -64.37 0.96 38.94
C HIS E 321 -63.99 0.69 40.40
N TYR E 322 -64.88 0.98 41.35
CA TYR E 322 -64.56 0.64 42.73
C TYR E 322 -65.56 -0.31 43.36
N GLY E 323 -66.82 0.07 43.35
CA GLY E 323 -67.84 -0.66 44.07
C GLY E 323 -68.66 0.28 44.92
N GLU E 324 -69.25 -0.27 45.98
CA GLU E 324 -70.08 0.50 46.90
C GLU E 324 -69.34 0.70 48.22
N VAL E 325 -69.43 1.91 48.75
CA VAL E 325 -68.76 2.25 50.00
C VAL E 325 -69.76 2.11 51.14
N THR E 326 -69.51 1.19 52.05
CA THR E 326 -70.41 0.91 53.16
C THR E 326 -69.78 1.11 54.53
N ASN E 327 -68.47 1.28 54.60
CA ASN E 327 -67.78 1.44 55.87
C ASN E 327 -67.53 2.92 56.14
N ASP E 328 -66.75 3.19 57.18
CA ASP E 328 -66.29 4.54 57.44
C ASP E 328 -65.44 5.04 56.27
N PHE E 329 -65.51 6.34 56.01
CA PHE E 329 -64.68 6.93 54.98
C PHE E 329 -64.16 8.26 55.44
N VAL E 330 -63.06 8.69 54.82
CA VAL E 330 -62.46 9.99 55.05
C VAL E 330 -62.61 10.79 53.76
N MET E 331 -63.20 11.97 53.87
CA MET E 331 -63.34 12.86 52.72
C MET E 331 -62.16 13.83 52.72
N LEU E 332 -61.15 13.54 51.93
CA LEU E 332 -60.00 14.41 51.80
C LEU E 332 -60.24 15.46 50.73
N LYS E 333 -59.62 16.62 50.90
CA LYS E 333 -59.73 17.71 49.95
C LYS E 333 -58.72 17.52 48.82
N GLY E 334 -59.20 17.55 47.58
CA GLY E 334 -58.33 17.49 46.43
C GLY E 334 -58.10 16.08 45.92
N CYS E 335 -57.02 15.94 45.17
CA CYS E 335 -56.65 14.67 44.55
C CYS E 335 -55.64 13.93 45.41
N VAL E 336 -55.55 12.63 45.17
CA VAL E 336 -54.71 11.72 45.92
C VAL E 336 -54.08 10.74 44.94
N VAL E 337 -52.79 10.42 45.15
CA VAL E 337 -52.09 9.51 44.26
C VAL E 337 -52.79 8.15 44.20
N GLY E 338 -52.59 7.44 43.09
CA GLY E 338 -53.05 6.08 42.96
C GLY E 338 -54.27 5.96 42.07
N THR E 339 -54.55 4.71 41.70
CA THR E 339 -55.75 4.39 40.94
C THR E 339 -56.93 4.29 41.90
N LYS E 340 -58.08 3.85 41.38
CA LYS E 340 -59.16 3.46 42.26
C LYS E 340 -58.78 2.20 43.01
N LYS E 341 -59.41 1.99 44.16
CA LYS E 341 -59.16 0.86 45.07
C LYS E 341 -57.69 0.60 45.30
N ARG E 342 -56.88 1.66 45.27
CA ARG E 342 -55.47 1.60 45.61
C ARG E 342 -55.31 1.90 47.09
N VAL E 343 -54.59 1.04 47.78
CA VAL E 343 -54.40 1.18 49.23
C VAL E 343 -53.58 2.43 49.49
N LEU E 344 -54.02 3.25 50.42
CA LEU E 344 -53.35 4.50 50.75
C LEU E 344 -53.02 4.51 52.23
N THR E 345 -51.88 5.12 52.54
CA THR E 345 -51.46 5.32 53.92
C THR E 345 -51.74 6.76 54.31
N LEU E 346 -52.51 6.94 55.37
CA LEU E 346 -52.78 8.25 55.93
C LEU E 346 -51.92 8.43 57.17
N ARG E 347 -51.15 9.51 57.21
CA ARG E 347 -50.21 9.75 58.28
C ARG E 347 -50.48 11.11 58.91
N LYS E 348 -50.31 11.19 60.23
CA LYS E 348 -50.36 12.47 60.91
C LYS E 348 -49.28 13.40 60.39
N SER E 349 -49.59 14.69 60.37
CA SER E 349 -48.65 15.67 59.84
C SER E 349 -47.41 15.78 60.71
N LEU E 350 -46.24 15.79 60.05
CA LEU E 350 -44.98 16.00 60.75
C LEU E 350 -44.75 17.44 61.14
N LEU E 351 -45.54 18.37 60.61
CA LEU E 351 -45.37 19.79 60.86
C LEU E 351 -46.36 20.27 61.91
N VAL E 352 -46.18 21.51 62.33
CA VAL E 352 -47.10 22.19 63.24
C VAL E 352 -48.01 23.06 62.38
N GLN E 353 -49.31 22.81 62.46
CA GLN E 353 -50.29 23.49 61.62
C GLN E 353 -50.74 24.77 62.31
N THR E 354 -50.24 25.91 61.83
CA THR E 354 -50.57 27.21 62.40
C THR E 354 -51.13 28.20 61.41
N LYS E 355 -51.00 27.95 60.10
CA LYS E 355 -51.54 28.87 59.12
C LYS E 355 -53.06 28.81 59.11
N ARG E 356 -53.67 29.83 58.52
CA ARG E 356 -55.12 29.92 58.49
C ARG E 356 -55.75 28.98 57.49
N ARG E 357 -54.98 28.49 56.50
CA ARG E 357 -55.46 27.38 55.67
C ARG E 357 -55.73 26.15 56.51
N ALA E 358 -54.79 25.81 57.40
CA ALA E 358 -55.05 24.81 58.43
C ALA E 358 -55.94 25.44 59.49
N LEU E 359 -56.29 24.64 60.49
CA LEU E 359 -57.07 25.06 61.66
C LEU E 359 -58.33 25.84 61.27
N GLU E 360 -58.84 25.60 60.07
CA GLU E 360 -60.05 26.25 59.58
C GLU E 360 -61.21 25.26 59.66
N LYS E 361 -62.31 25.69 60.26
CA LYS E 361 -63.46 24.83 60.42
C LYS E 361 -64.14 24.61 59.08
N ILE E 362 -64.41 23.35 58.74
CA ILE E 362 -65.03 22.99 57.48
C ILE E 362 -66.48 22.60 57.75
N ASP E 363 -67.41 23.29 57.10
CA ASP E 363 -68.84 23.04 57.27
C ASP E 363 -69.44 22.85 55.89
N LEU E 364 -69.76 21.60 55.57
CA LEU E 364 -70.29 21.29 54.24
C LEU E 364 -71.73 21.74 54.11
N LYS E 365 -72.09 22.24 52.93
CA LYS E 365 -73.47 22.54 52.60
C LYS E 365 -74.10 21.55 51.64
N PHE E 366 -73.30 20.93 50.79
CA PHE E 366 -73.81 20.03 49.76
C PHE E 366 -72.73 19.06 49.36
N ILE E 367 -73.13 17.81 49.11
CA ILE E 367 -72.22 16.77 48.63
C ILE E 367 -72.83 16.21 47.35
N ASP E 368 -72.08 16.27 46.26
CA ASP E 368 -72.58 15.80 44.98
C ASP E 368 -72.60 14.28 44.93
N THR E 369 -73.73 13.72 44.52
CA THR E 369 -73.85 12.27 44.36
C THR E 369 -74.45 11.92 43.01
N THR E 370 -74.25 12.76 42.00
CA THR E 370 -74.67 12.40 40.67
C THR E 370 -73.83 11.24 40.15
N SER E 371 -74.35 10.58 39.12
CA SER E 371 -73.62 9.47 38.54
C SER E 371 -72.32 9.95 37.90
N LYS E 372 -71.22 9.30 38.26
CA LYS E 372 -69.94 9.58 37.66
C LYS E 372 -69.66 8.70 36.46
N PHE E 373 -70.56 7.78 36.15
CA PHE E 373 -70.46 6.90 34.98
C PHE E 373 -71.13 7.54 33.77
N GLY E 374 -70.77 8.79 33.48
CA GLY E 374 -71.40 9.59 32.46
C GLY E 374 -71.73 10.96 33.01
N HIS E 375 -72.48 11.73 32.23
CA HIS E 375 -72.90 13.06 32.66
C HIS E 375 -74.17 12.92 33.49
N GLY E 376 -73.99 12.44 34.72
CA GLY E 376 -75.13 12.27 35.60
C GLY E 376 -75.76 13.61 35.93
N ARG E 377 -77.08 13.61 36.08
CA ARG E 377 -77.81 14.84 36.35
C ARG E 377 -78.83 14.68 37.47
N PHE E 378 -78.78 13.61 38.23
CA PHE E 378 -79.71 13.36 39.32
C PHE E 378 -78.94 12.96 40.57
N GLN E 379 -79.31 13.55 41.71
CA GLN E 379 -78.61 13.25 42.95
C GLN E 379 -78.99 11.89 43.51
N THR E 380 -80.28 11.55 43.47
CA THR E 380 -80.78 10.32 44.08
C THR E 380 -81.70 9.59 43.11
N MET E 381 -82.00 8.34 43.44
CA MET E 381 -82.97 7.57 42.68
C MET E 381 -84.35 8.20 42.75
N GLU E 382 -84.75 8.63 43.95
CA GLU E 382 -86.10 9.15 44.15
C GLU E 382 -86.30 10.46 43.39
N GLU E 383 -85.26 11.30 43.33
CA GLU E 383 -85.35 12.52 42.55
C GLU E 383 -85.51 12.22 41.07
N LYS E 384 -84.80 11.19 40.59
CA LYS E 384 -84.89 10.83 39.18
C LYS E 384 -86.27 10.27 38.84
N LYS E 385 -86.82 9.42 39.71
CA LYS E 385 -88.14 8.85 39.44
C LYS E 385 -89.23 9.91 39.55
N ALA E 386 -89.05 10.90 40.42
CA ALA E 386 -90.03 11.97 40.53
C ALA E 386 -90.00 12.85 39.29
N PHE E 387 -88.81 13.10 38.74
CA PHE E 387 -88.70 13.97 37.58
C PHE E 387 -89.28 13.31 36.33
N MET E 388 -88.90 12.06 36.07
CA MET E 388 -89.28 11.43 34.81
C MET E 388 -90.64 10.75 34.86
N GLY E 389 -91.19 10.52 36.03
CA GLY E 389 -92.46 9.83 36.14
C GLY E 389 -92.32 8.37 35.80
N PRO E 390 -93.44 7.67 35.68
CA PRO E 390 -93.38 6.25 35.32
C PRO E 390 -92.88 6.06 33.91
N LEU E 391 -92.17 4.96 33.70
CA LEU E 391 -91.60 4.60 32.42
C LEU E 391 -92.28 3.32 31.91
N LYS E 392 -91.90 2.91 30.70
CA LYS E 392 -92.54 1.76 30.08
C LYS E 392 -92.26 0.48 30.87
N LYS E 393 -91.02 0.31 31.35
CA LYS E 393 -90.70 -0.88 32.12
C LYS E 393 -91.44 -0.89 33.47
N ASP E 394 -91.71 0.30 34.02
CA ASP E 394 -92.50 0.37 35.24
C ASP E 394 -93.94 -0.02 34.97
N ARG E 395 -94.46 0.35 33.79
CA ARG E 395 -95.84 -0.01 33.46
C ARG E 395 -95.98 -1.52 33.28
N ILE E 396 -95.07 -2.14 32.52
CA ILE E 396 -95.16 -3.58 32.29
C ILE E 396 -94.86 -4.35 33.58
N ALA E 397 -94.07 -3.80 34.48
CA ALA E 397 -93.89 -4.43 35.78
C ALA E 397 -95.14 -4.28 36.64
N LYS E 398 -95.72 -3.07 36.68
CA LYS E 398 -96.93 -2.86 37.46
C LYS E 398 -98.11 -3.62 36.87
N GLU E 399 -98.09 -3.88 35.56
CA GLU E 399 -99.10 -4.75 34.97
C GLU E 399 -98.97 -6.16 35.51
N GLU E 400 -97.75 -6.66 35.68
CA GLU E 400 -97.55 -7.95 36.31
C GLU E 400 -97.71 -7.88 37.81
N GLY E 401 -97.46 -6.72 38.41
CA GLY E 401 -97.60 -6.53 39.84
C GLY E 401 -99.00 -6.28 40.33
N ALA E 402 -99.97 -6.21 39.41
CA ALA E 402 -101.38 -5.98 39.72
C ALA E 402 -101.59 -4.70 40.52
N MET F 1 61.14 -41.37 -1.09
CA MET F 1 59.84 -41.88 -1.49
C MET F 1 59.42 -41.37 -2.87
N ALA F 2 59.50 -40.05 -3.04
CA ALA F 2 59.09 -39.45 -4.31
C ALA F 2 60.00 -39.90 -5.44
N CYS F 3 61.30 -40.01 -5.18
CA CYS F 3 62.22 -40.54 -6.18
C CYS F 3 62.32 -42.06 -6.13
N ALA F 4 61.60 -42.71 -5.22
CA ALA F 4 61.63 -44.16 -5.08
C ALA F 4 60.46 -44.77 -5.83
N ARG F 5 60.73 -45.66 -6.75
CA ARG F 5 59.68 -46.36 -7.50
C ARG F 5 59.87 -47.86 -7.36
N PRO F 6 59.06 -48.54 -6.56
CA PRO F 6 59.22 -49.99 -6.40
C PRO F 6 58.76 -50.77 -7.62
N LEU F 7 58.84 -52.09 -7.53
CA LEU F 7 58.34 -52.97 -8.58
C LEU F 7 57.06 -53.64 -8.11
N ILE F 8 56.02 -53.55 -8.93
CA ILE F 8 54.73 -54.16 -8.63
C ILE F 8 54.59 -55.41 -9.47
N SER F 9 54.35 -56.54 -8.81
CA SER F 9 54.13 -57.78 -9.51
C SER F 9 52.81 -57.74 -10.27
N VAL F 10 52.82 -58.30 -11.47
CA VAL F 10 51.60 -58.46 -12.26
C VAL F 10 50.99 -59.80 -11.90
N TYR F 11 49.75 -59.78 -11.44
CA TYR F 11 49.07 -60.99 -10.99
C TYR F 11 48.34 -61.64 -12.16
N SER F 12 48.37 -62.97 -12.17
CA SER F 12 47.70 -63.72 -13.23
C SER F 12 46.19 -63.67 -13.05
N GLU F 13 45.48 -64.33 -13.96
CA GLU F 13 44.03 -64.44 -13.80
C GLU F 13 43.64 -65.38 -12.67
N LYS F 14 44.59 -66.17 -12.17
CA LYS F 14 44.34 -67.08 -11.06
C LYS F 14 44.57 -66.42 -9.71
N GLY F 15 45.01 -65.17 -9.69
CA GLY F 15 45.13 -64.40 -8.47
C GLY F 15 46.53 -64.32 -7.89
N GLU F 16 47.43 -65.20 -8.29
CA GLU F 16 48.79 -65.19 -7.77
C GLU F 16 49.74 -64.50 -8.75
N SER F 17 50.93 -64.20 -8.26
CA SER F 17 51.92 -63.48 -9.04
C SER F 17 52.38 -64.30 -10.23
N SER F 18 52.50 -63.63 -11.37
CA SER F 18 52.92 -64.26 -12.61
C SER F 18 54.42 -64.22 -12.82
N GLY F 19 55.17 -63.62 -11.90
CA GLY F 19 56.60 -63.45 -12.06
C GLY F 19 57.01 -62.20 -12.81
N LYS F 20 56.08 -61.53 -13.48
CA LYS F 20 56.36 -60.29 -14.17
C LYS F 20 56.23 -59.12 -13.20
N ASN F 21 57.09 -58.12 -13.38
CA ASN F 21 57.09 -56.95 -12.53
C ASN F 21 57.11 -55.69 -13.38
N VAL F 22 56.44 -54.65 -12.91
CA VAL F 22 56.44 -53.35 -13.56
C VAL F 22 56.89 -52.32 -12.52
N THR F 23 57.84 -51.47 -12.92
CA THR F 23 58.22 -50.36 -12.06
C THR F 23 57.05 -49.42 -11.88
N LEU F 24 56.88 -48.92 -10.66
CA LEU F 24 55.75 -48.04 -10.38
C LEU F 24 55.84 -46.79 -11.24
N PRO F 25 54.81 -46.48 -12.02
CA PRO F 25 54.84 -45.26 -12.82
C PRO F 25 54.94 -44.03 -11.94
N ALA F 26 55.65 -43.02 -12.45
CA ALA F 26 55.94 -41.84 -11.66
C ALA F 26 54.69 -41.06 -11.29
N VAL F 27 53.58 -41.28 -12.00
CA VAL F 27 52.35 -40.58 -11.71
C VAL F 27 51.79 -40.97 -10.35
N PHE F 28 52.15 -42.13 -9.82
CA PHE F 28 51.66 -42.54 -8.52
C PHE F 28 52.40 -41.85 -7.38
N LYS F 29 53.48 -41.12 -7.69
CA LYS F 29 54.19 -40.31 -6.71
C LYS F 29 53.87 -38.83 -6.86
N ALA F 30 52.86 -38.49 -7.65
CA ALA F 30 52.45 -37.11 -7.83
C ALA F 30 51.86 -36.56 -6.54
N PRO F 31 51.83 -35.23 -6.39
CA PRO F 31 51.23 -34.67 -5.18
C PRO F 31 49.74 -34.99 -5.09
N ILE F 32 49.34 -35.48 -3.93
CA ILE F 32 47.94 -35.76 -3.66
C ILE F 32 47.30 -34.49 -3.15
N ARG F 33 46.38 -33.94 -3.93
CA ARG F 33 45.87 -32.59 -3.71
C ARG F 33 44.34 -32.60 -3.72
N PRO F 34 43.73 -33.01 -2.61
CA PRO F 34 42.27 -33.13 -2.58
C PRO F 34 41.53 -31.83 -2.84
N ASP F 35 42.11 -30.68 -2.50
CA ASP F 35 41.44 -29.42 -2.77
C ASP F 35 41.33 -29.16 -4.27
N ILE F 36 42.37 -29.52 -5.02
CA ILE F 36 42.30 -29.39 -6.47
C ILE F 36 41.36 -30.43 -7.06
N VAL F 37 41.39 -31.65 -6.52
CA VAL F 37 40.47 -32.69 -7.00
C VAL F 37 39.03 -32.28 -6.75
N ASN F 38 38.75 -31.73 -5.56
CA ASN F 38 37.41 -31.25 -5.27
C ASN F 38 37.01 -30.12 -6.21
N PHE F 39 37.92 -29.18 -6.47
CA PHE F 39 37.59 -28.06 -7.33
C PHE F 39 37.30 -28.52 -8.75
N VAL F 40 38.13 -29.42 -9.27
CA VAL F 40 37.94 -29.90 -10.63
C VAL F 40 36.68 -30.76 -10.73
N HIS F 41 36.44 -31.60 -9.72
CA HIS F 41 35.24 -32.41 -9.70
C HIS F 41 33.98 -31.55 -9.59
N THR F 42 34.03 -30.49 -8.79
CA THR F 42 32.87 -29.63 -8.63
C THR F 42 32.48 -28.97 -9.93
N ASN F 43 33.46 -28.50 -10.69
CA ASN F 43 33.18 -27.74 -11.89
C ASN F 43 32.93 -28.61 -13.11
N LEU F 44 33.43 -29.84 -13.13
CA LEU F 44 33.15 -30.72 -14.25
C LEU F 44 31.84 -31.48 -14.10
N ARG F 45 31.36 -31.67 -12.87
CA ARG F 45 30.04 -32.26 -12.69
C ARG F 45 28.92 -31.36 -13.15
N LYS F 46 29.18 -30.08 -13.36
CA LYS F 46 28.17 -29.18 -13.89
C LYS F 46 28.04 -29.28 -15.40
N ASN F 47 29.01 -29.88 -16.07
CA ASN F 47 29.04 -29.84 -17.53
C ASN F 47 28.11 -30.84 -18.18
N ASN F 48 27.73 -31.89 -17.49
CA ASN F 48 26.75 -32.84 -18.02
C ASN F 48 25.33 -32.44 -17.68
N ARG F 49 25.13 -31.31 -17.01
CA ARG F 49 23.81 -30.89 -16.60
C ARG F 49 22.98 -30.48 -17.80
N GLN F 50 21.68 -30.61 -17.64
CA GLN F 50 20.71 -30.33 -18.66
C GLN F 50 19.81 -29.19 -18.20
N PRO F 51 19.57 -28.17 -19.02
CA PRO F 51 18.92 -26.97 -18.52
C PRO F 51 17.48 -27.18 -18.11
N TYR F 52 17.05 -26.39 -17.13
CA TYR F 52 15.65 -26.32 -16.73
C TYR F 52 15.25 -24.86 -16.61
N ALA F 53 13.97 -24.60 -16.89
CA ALA F 53 13.40 -23.27 -16.75
C ALA F 53 11.90 -23.41 -16.67
N VAL F 54 11.25 -22.37 -16.17
CA VAL F 54 9.79 -22.31 -16.23
C VAL F 54 9.41 -21.72 -17.57
N SER F 55 8.15 -21.85 -17.94
CA SER F 55 7.67 -21.20 -19.15
C SER F 55 7.74 -19.69 -18.98
N GLU F 56 8.15 -19.00 -20.04
CA GLU F 56 8.21 -17.54 -19.98
C GLU F 56 6.83 -16.92 -20.03
N LEU F 57 5.81 -17.68 -20.39
CA LEU F 57 4.44 -17.20 -20.39
C LEU F 57 3.71 -17.47 -19.09
N ALA F 58 4.34 -18.18 -18.15
CA ALA F 58 3.64 -18.66 -16.97
C ALA F 58 3.24 -17.50 -16.09
N GLY F 59 1.95 -17.42 -15.78
CA GLY F 59 1.42 -16.39 -14.91
C GLY F 59 1.19 -15.05 -15.57
N HIS F 60 1.43 -14.91 -16.87
CA HIS F 60 1.37 -13.64 -17.55
C HIS F 60 0.51 -13.70 -18.80
N GLN F 61 -0.58 -14.46 -18.73
CA GLN F 61 -1.51 -14.59 -19.85
C GLN F 61 -2.93 -14.43 -19.32
N THR F 62 -3.12 -13.34 -18.60
CA THR F 62 -4.31 -13.11 -17.79
C THR F 62 -5.04 -11.82 -18.19
N SER F 63 -4.28 -10.83 -18.67
CA SER F 63 -4.81 -9.49 -19.00
C SER F 63 -5.40 -8.78 -17.79
N ALA F 64 -4.96 -9.15 -16.59
CA ALA F 64 -5.46 -8.54 -15.37
C ALA F 64 -4.92 -7.13 -15.21
N GLU F 65 -5.64 -6.32 -14.44
CA GLU F 65 -5.20 -4.98 -14.13
C GLU F 65 -5.62 -4.61 -12.72
N SER F 66 -4.98 -3.59 -12.18
CA SER F 66 -5.27 -3.15 -10.82
C SER F 66 -6.61 -2.44 -10.76
N TRP F 67 -7.30 -2.61 -9.64
CA TRP F 67 -8.61 -2.00 -9.45
C TRP F 67 -8.54 -0.53 -9.07
N GLY F 68 -7.37 -0.04 -8.70
CA GLY F 68 -7.26 1.32 -8.24
C GLY F 68 -7.00 1.37 -6.76
N THR F 69 -7.43 2.43 -6.09
CA THR F 69 -7.14 2.58 -4.67
C THR F 69 -8.36 2.83 -3.79
N GLY F 70 -9.50 3.18 -4.36
CA GLY F 70 -10.64 3.49 -3.52
C GLY F 70 -11.69 2.41 -3.45
N ARG F 71 -11.27 1.14 -3.41
CA ARG F 71 -12.20 0.03 -3.40
C ARG F 71 -11.92 -0.97 -2.30
N ALA F 72 -11.18 -0.56 -1.27
CA ALA F 72 -10.95 -1.30 -0.04
C ALA F 72 -10.25 -2.63 -0.27
N VAL F 73 -9.48 -2.75 -1.36
CA VAL F 73 -8.72 -3.96 -1.65
C VAL F 73 -7.30 -3.57 -2.00
N ALA F 74 -6.40 -4.54 -1.86
CA ALA F 74 -5.00 -4.32 -2.18
C ALA F 74 -4.85 -4.02 -3.67
N ARG F 75 -3.84 -3.22 -3.99
CA ARG F 75 -3.66 -2.67 -5.34
C ARG F 75 -3.02 -3.65 -6.31
N ILE F 76 -3.00 -4.94 -6.00
CA ILE F 76 -2.52 -5.99 -6.90
C ILE F 76 -3.43 -6.03 -8.12
N PRO F 77 -2.93 -6.38 -9.31
CA PRO F 77 -3.83 -6.58 -10.45
C PRO F 77 -4.82 -7.70 -10.21
N ARG F 78 -6.02 -7.52 -10.73
CA ARG F 78 -7.12 -8.46 -10.54
C ARG F 78 -7.63 -8.92 -11.90
N VAL F 79 -8.00 -10.20 -11.99
CA VAL F 79 -8.55 -10.74 -13.22
C VAL F 79 -9.87 -10.06 -13.53
N ARG F 80 -10.07 -9.69 -14.78
CA ARG F 80 -11.22 -8.92 -15.20
C ARG F 80 -12.42 -9.83 -15.45
N GLY F 81 -13.56 -9.21 -15.72
CA GLY F 81 -14.76 -9.94 -16.04
C GLY F 81 -15.49 -10.45 -14.81
N GLY F 82 -16.41 -11.37 -15.07
CA GLY F 82 -17.19 -11.96 -14.01
C GLY F 82 -17.65 -13.33 -14.39
N GLY F 83 -18.50 -13.90 -13.55
CA GLY F 83 -19.12 -15.17 -13.83
C GLY F 83 -18.26 -16.40 -13.61
N THR F 84 -17.06 -16.24 -13.08
CA THR F 84 -16.21 -17.37 -12.77
C THR F 84 -15.47 -17.06 -11.48
N HIS F 85 -14.91 -18.11 -10.87
CA HIS F 85 -14.16 -17.94 -9.63
C HIS F 85 -12.95 -17.05 -9.83
N ARG F 86 -12.33 -17.12 -11.00
CA ARG F 86 -11.09 -16.40 -11.27
C ARG F 86 -11.28 -14.89 -11.25
N SER F 87 -12.51 -14.41 -11.47
CA SER F 87 -12.73 -12.98 -11.60
C SER F 87 -12.46 -12.24 -10.30
N GLY F 88 -11.70 -11.16 -10.40
CA GLY F 88 -11.36 -10.36 -9.24
C GLY F 88 -10.27 -10.93 -8.38
N GLN F 89 -9.60 -11.97 -8.82
CA GLN F 89 -8.51 -12.57 -8.07
C GLN F 89 -7.18 -11.96 -8.49
N GLY F 90 -6.23 -11.93 -7.55
CA GLY F 90 -4.95 -11.31 -7.83
C GLY F 90 -4.17 -12.07 -8.89
N ALA F 91 -3.33 -11.33 -9.61
CA ALA F 91 -2.58 -11.91 -10.72
C ALA F 91 -1.21 -11.26 -10.82
N PHE F 92 -0.33 -11.94 -11.56
CA PHE F 92 0.99 -11.47 -12.00
C PHE F 92 2.03 -11.39 -10.90
N GLY F 93 1.64 -11.59 -9.65
CA GLY F 93 2.54 -11.38 -8.53
C GLY F 93 3.14 -12.68 -8.05
N ASN F 94 4.36 -12.60 -7.52
CA ASN F 94 4.95 -13.79 -6.92
C ASN F 94 4.20 -14.23 -5.67
N MET F 95 3.46 -13.32 -5.05
CA MET F 95 2.65 -13.63 -3.88
C MET F 95 1.25 -14.08 -4.22
N CYS F 96 0.86 -14.04 -5.49
CA CYS F 96 -0.49 -14.39 -5.91
C CYS F 96 -0.53 -15.85 -6.35
N ARG F 97 -1.59 -16.54 -5.96
CA ARG F 97 -1.81 -17.89 -6.45
C ARG F 97 -2.10 -17.85 -7.94
N GLY F 98 -1.38 -18.67 -8.70
CA GLY F 98 -1.50 -18.64 -10.14
C GLY F 98 -0.71 -17.55 -10.82
N GLY F 99 0.08 -16.79 -10.08
CA GLY F 99 0.87 -15.72 -10.63
C GLY F 99 2.21 -16.19 -11.14
N ARG F 100 3.07 -15.23 -11.43
CA ARG F 100 4.40 -15.50 -11.95
C ARG F 100 5.39 -15.57 -10.79
N MET F 101 6.28 -16.56 -10.84
CA MET F 101 7.27 -16.70 -9.79
C MET F 101 8.28 -15.56 -9.86
N PHE F 102 8.85 -15.23 -8.70
CA PHE F 102 9.84 -14.15 -8.67
C PHE F 102 11.09 -14.59 -9.40
N ALA F 103 11.55 -13.73 -10.30
CA ALA F 103 12.74 -13.98 -11.11
C ALA F 103 12.65 -15.36 -11.75
N PRO F 104 11.79 -15.54 -12.75
CA PRO F 104 11.62 -16.87 -13.34
C PRO F 104 12.94 -17.43 -13.84
N THR F 105 13.13 -18.71 -13.60
CA THR F 105 14.37 -19.36 -14.01
C THR F 105 14.45 -19.39 -15.53
N LYS F 106 15.66 -19.20 -16.05
CA LYS F 106 15.87 -19.05 -17.48
C LYS F 106 16.92 -20.04 -17.94
N THR F 107 16.84 -20.41 -19.22
CA THR F 107 17.72 -21.45 -19.72
C THR F 107 19.15 -20.98 -19.88
N TRP F 108 19.40 -19.69 -19.89
CA TRP F 108 20.77 -19.19 -20.00
C TRP F 108 21.34 -18.87 -18.62
N ARG F 109 21.39 -19.91 -17.78
CA ARG F 109 21.87 -19.82 -16.41
C ARG F 109 23.40 -19.95 -16.30
N ARG F 110 24.10 -20.25 -17.39
CA ARG F 110 25.51 -20.64 -17.35
C ARG F 110 25.68 -21.91 -16.53
N TRP F 111 25.15 -23.01 -17.07
CA TRP F 111 25.24 -24.30 -16.44
C TRP F 111 26.65 -24.86 -16.44
N HIS F 112 27.42 -24.58 -17.48
CA HIS F 112 28.71 -25.22 -17.68
C HIS F 112 29.84 -24.34 -17.15
N ARG F 113 30.93 -25.00 -16.76
CA ARG F 113 32.15 -24.35 -16.34
C ARG F 113 33.30 -24.92 -17.14
N ARG F 114 34.27 -24.08 -17.47
CA ARG F 114 35.47 -24.54 -18.14
C ARG F 114 36.63 -24.53 -17.14
N VAL F 115 37.36 -25.64 -17.09
CA VAL F 115 38.50 -25.80 -16.20
C VAL F 115 39.76 -25.82 -17.03
N ASN F 116 40.84 -25.25 -16.49
CA ASN F 116 42.10 -25.24 -17.19
C ASN F 116 42.58 -26.66 -17.43
N THR F 117 43.19 -26.88 -18.60
CA THR F 117 43.66 -28.21 -18.95
C THR F 117 44.75 -28.68 -17.99
N THR F 118 45.63 -27.78 -17.57
CA THR F 118 46.68 -28.16 -16.64
C THR F 118 46.11 -28.56 -15.30
N GLN F 119 45.04 -27.90 -14.87
CA GLN F 119 44.41 -28.24 -13.59
C GLN F 119 43.63 -29.55 -13.70
N LYS F 120 42.99 -29.82 -14.84
CA LYS F 120 42.30 -31.08 -15.03
C LYS F 120 43.29 -32.24 -15.07
N ARG F 121 44.44 -32.04 -15.71
CA ARG F 121 45.48 -33.06 -15.68
C ARG F 121 46.08 -33.20 -14.29
N TYR F 122 46.09 -32.11 -13.54
CA TYR F 122 46.67 -32.15 -12.19
C TYR F 122 45.85 -33.06 -11.30
N ALA F 123 44.51 -32.98 -11.40
CA ALA F 123 43.64 -33.73 -10.51
C ALA F 123 43.66 -35.21 -10.86
N ILE F 124 43.87 -35.55 -12.13
CA ILE F 124 44.00 -36.94 -12.52
C ILE F 124 45.23 -37.55 -11.87
N CYS F 125 46.33 -36.79 -11.84
CA CYS F 125 47.54 -37.27 -11.18
C CYS F 125 47.33 -37.45 -9.69
N SER F 126 46.62 -36.52 -9.05
CA SER F 126 46.33 -36.64 -7.62
C SER F 126 45.43 -37.83 -7.34
N ALA F 127 44.42 -38.05 -8.19
CA ALA F 127 43.52 -39.18 -7.99
C ALA F 127 44.23 -40.50 -8.21
N LEU F 128 45.11 -40.57 -9.21
CA LEU F 128 45.89 -41.78 -9.43
C LEU F 128 46.86 -42.03 -8.28
N ALA F 129 47.50 -40.97 -7.78
CA ALA F 129 48.47 -41.14 -6.71
C ALA F 129 47.79 -41.59 -5.42
N ALA F 130 46.56 -41.15 -5.20
CA ALA F 130 45.85 -41.54 -3.98
C ALA F 130 45.36 -42.97 -4.06
N SER F 131 45.05 -43.46 -5.26
CA SER F 131 44.54 -44.82 -5.41
C SER F 131 45.58 -45.88 -5.15
N ALA F 132 46.85 -45.51 -4.99
CA ALA F 132 47.90 -46.44 -4.68
C ALA F 132 48.23 -46.49 -3.19
N LEU F 133 47.47 -45.77 -2.36
CA LEU F 133 47.71 -45.72 -0.93
C LEU F 133 46.59 -46.43 -0.20
N PRO F 134 46.85 -47.55 0.48
CA PRO F 134 45.75 -48.33 1.06
C PRO F 134 44.93 -47.58 2.09
N ALA F 135 45.51 -46.64 2.83
CA ALA F 135 44.74 -45.92 3.82
C ALA F 135 43.66 -45.05 3.16
N LEU F 136 43.97 -44.47 2.01
CA LEU F 136 42.98 -43.64 1.33
C LEU F 136 41.93 -44.50 0.64
N VAL F 137 42.32 -45.63 0.05
CA VAL F 137 41.34 -46.49 -0.59
C VAL F 137 40.45 -47.16 0.44
N MET F 138 41.02 -47.53 1.59
CA MET F 138 40.20 -48.04 2.68
C MET F 138 39.23 -46.98 3.18
N SER F 139 39.68 -45.73 3.24
CA SER F 139 38.83 -44.66 3.74
C SER F 139 37.72 -44.29 2.77
N LYS F 140 37.80 -44.75 1.53
CA LYS F 140 36.67 -44.66 0.62
C LYS F 140 35.71 -45.84 0.80
N GLY F 141 36.04 -46.78 1.68
CA GLY F 141 35.17 -47.88 2.00
C GLY F 141 35.20 -49.02 1.01
N HIS F 142 36.36 -49.31 0.45
CA HIS F 142 36.46 -50.20 -0.70
C HIS F 142 36.81 -51.64 -0.33
N ARG F 143 36.88 -51.97 0.95
CA ARG F 143 37.03 -53.36 1.41
C ARG F 143 38.23 -54.06 0.77
N ILE F 144 39.37 -53.38 0.79
CA ILE F 144 40.63 -53.97 0.36
C ILE F 144 41.35 -54.46 1.61
N GLU F 145 41.02 -55.68 2.03
CA GLU F 145 41.73 -56.29 3.14
C GLU F 145 42.47 -57.54 2.73
N GLU F 146 42.12 -58.14 1.60
CA GLU F 146 42.76 -59.34 1.11
C GLU F 146 43.31 -59.15 -0.30
N VAL F 147 43.29 -57.93 -0.79
CA VAL F 147 43.93 -57.62 -2.08
C VAL F 147 45.44 -57.77 -1.94
N PRO F 148 46.09 -58.56 -2.80
CA PRO F 148 47.51 -58.85 -2.61
C PRO F 148 48.41 -57.64 -2.70
N GLU F 149 48.07 -56.66 -3.53
CA GLU F 149 48.89 -55.47 -3.72
C GLU F 149 47.99 -54.36 -4.24
N LEU F 150 48.04 -53.19 -3.61
CA LEU F 150 47.06 -52.16 -3.94
C LEU F 150 47.19 -51.65 -5.37
N PRO F 151 48.37 -51.30 -5.89
CA PRO F 151 48.42 -51.05 -7.33
C PRO F 151 48.20 -52.36 -8.06
N LEU F 152 46.94 -52.79 -8.10
CA LEU F 152 46.59 -54.14 -8.54
C LEU F 152 46.63 -54.20 -10.06
N VAL F 153 47.57 -54.97 -10.58
CA VAL F 153 47.82 -55.08 -12.00
C VAL F 153 47.65 -56.53 -12.41
N VAL F 154 46.82 -56.77 -13.42
CA VAL F 154 46.58 -58.12 -13.91
C VAL F 154 47.10 -58.23 -15.33
N GLU F 155 47.26 -59.47 -15.77
CA GLU F 155 47.80 -59.74 -17.08
C GLU F 155 46.83 -59.32 -18.17
N ASP F 156 47.35 -59.17 -19.38
CA ASP F 156 46.57 -58.69 -20.51
C ASP F 156 45.49 -59.65 -20.97
N LYS F 157 45.51 -60.89 -20.50
CA LYS F 157 44.47 -61.86 -20.85
C LYS F 157 43.10 -61.37 -20.45
N VAL F 158 43.01 -60.53 -19.43
CA VAL F 158 41.74 -60.03 -18.94
C VAL F 158 41.02 -59.17 -19.98
N GLU F 159 41.79 -58.46 -20.81
CA GLU F 159 41.18 -57.59 -21.82
C GLU F 159 40.36 -58.37 -22.84
N GLY F 160 40.64 -59.65 -23.04
CA GLY F 160 39.93 -60.49 -23.97
C GLY F 160 38.84 -61.35 -23.37
N TYR F 161 38.43 -61.08 -22.15
CA TYR F 161 37.33 -61.82 -21.54
C TYR F 161 36.04 -61.57 -22.30
N LYS F 162 35.22 -62.57 -22.38
CA LYS F 162 33.97 -62.41 -23.11
C LYS F 162 32.73 -62.62 -22.25
N LYS F 163 32.78 -63.59 -21.34
CA LYS F 163 31.62 -63.94 -20.53
C LYS F 163 31.67 -63.21 -19.19
N THR F 164 30.51 -63.05 -18.59
CA THR F 164 30.43 -62.43 -17.28
C THR F 164 30.91 -63.38 -16.18
N LYS F 165 30.75 -64.69 -16.38
CA LYS F 165 31.18 -65.65 -15.38
C LYS F 165 32.68 -65.58 -15.16
N GLU F 166 33.46 -65.48 -16.23
CA GLU F 166 34.91 -65.39 -16.09
C GLU F 166 35.32 -64.01 -15.59
N ALA F 167 34.49 -63.00 -15.77
CA ALA F 167 34.74 -61.71 -15.13
C ALA F 167 34.50 -61.80 -13.62
N VAL F 168 33.44 -62.49 -13.21
CA VAL F 168 33.18 -62.68 -11.78
C VAL F 168 34.28 -63.50 -11.14
N LEU F 169 34.74 -64.53 -11.84
CA LEU F 169 35.77 -65.42 -11.29
C LEU F 169 37.07 -64.68 -11.05
N LEU F 170 37.43 -63.77 -11.95
CA LEU F 170 38.67 -63.01 -11.79
C LEU F 170 38.61 -62.14 -10.54
N LEU F 171 37.48 -61.48 -10.30
CA LEU F 171 37.34 -60.66 -9.10
C LEU F 171 37.40 -61.51 -7.84
N LYS F 172 36.86 -62.73 -7.90
CA LYS F 172 36.94 -63.63 -6.75
C LYS F 172 38.37 -64.04 -6.47
N LYS F 173 39.12 -64.39 -7.51
CA LYS F 173 40.49 -64.83 -7.32
C LYS F 173 41.40 -63.68 -6.93
N LEU F 174 41.05 -62.46 -7.31
CA LEU F 174 41.79 -61.26 -6.93
C LEU F 174 41.42 -60.78 -5.54
N LYS F 175 40.51 -61.47 -4.87
CA LYS F 175 40.00 -61.09 -3.55
C LYS F 175 39.38 -59.69 -3.58
N ALA F 176 38.85 -59.30 -4.73
CA ALA F 176 38.15 -58.04 -4.90
C ALA F 176 36.64 -58.24 -4.95
N TRP F 177 36.16 -59.47 -4.76
CA TRP F 177 34.74 -59.74 -4.80
C TRP F 177 34.00 -59.16 -3.61
N ASN F 178 34.67 -58.98 -2.47
CA ASN F 178 34.00 -58.41 -1.30
C ASN F 178 33.55 -56.98 -1.56
N ASP F 179 34.26 -56.25 -2.41
CA ASP F 179 33.82 -54.91 -2.78
C ASP F 179 32.55 -54.96 -3.60
N ILE F 180 32.42 -55.96 -4.47
CA ILE F 180 31.17 -56.15 -5.21
C ILE F 180 30.03 -56.50 -4.28
N LYS F 181 30.29 -57.38 -3.30
CA LYS F 181 29.25 -57.77 -2.37
C LYS F 181 28.81 -56.60 -1.50
N LYS F 182 29.71 -55.64 -1.28
CA LYS F 182 29.30 -54.42 -0.58
C LYS F 182 28.41 -53.55 -1.44
N VAL F 183 28.63 -53.56 -2.75
CA VAL F 183 27.75 -52.82 -3.65
C VAL F 183 26.35 -53.45 -3.67
N TYR F 184 26.30 -54.77 -3.67
CA TYR F 184 25.02 -55.47 -3.63
C TYR F 184 24.25 -55.14 -2.36
N ALA F 185 24.95 -55.11 -1.22
CA ALA F 185 24.30 -54.82 0.05
C ALA F 185 23.83 -53.38 0.13
N SER F 186 24.35 -52.52 -0.74
CA SER F 186 23.99 -51.10 -0.71
C SER F 186 22.91 -50.73 -1.71
N GLN F 187 22.34 -51.70 -2.41
CA GLN F 187 21.32 -51.40 -3.42
C GLN F 187 20.01 -51.17 -2.72
N ARG F 188 19.72 -49.90 -2.41
CA ARG F 188 18.45 -49.57 -1.78
C ARG F 188 17.73 -48.52 -2.60
N MET F 189 16.64 -47.98 -2.06
CA MET F 189 15.79 -47.07 -2.78
C MET F 189 16.12 -45.64 -2.36
N ARG F 190 16.27 -44.76 -3.33
CA ARG F 190 16.62 -43.37 -3.05
C ARG F 190 15.48 -42.68 -2.31
N ALA F 191 15.83 -41.65 -1.55
CA ALA F 191 14.86 -40.87 -0.79
C ALA F 191 14.53 -39.58 -1.52
N GLY F 192 13.25 -39.35 -1.77
CA GLY F 192 12.80 -38.06 -2.25
C GLY F 192 12.22 -38.03 -3.64
N LYS F 193 12.19 -36.85 -4.25
CA LYS F 193 11.59 -36.66 -5.56
C LYS F 193 12.41 -37.29 -6.69
N GLY F 194 13.64 -37.73 -6.42
CA GLY F 194 14.41 -38.39 -7.45
C GLY F 194 13.80 -39.69 -7.90
N LYS F 195 12.98 -40.30 -7.06
CA LYS F 195 12.25 -41.50 -7.47
C LYS F 195 11.27 -41.22 -8.60
N MET F 196 10.65 -40.05 -8.58
CA MET F 196 9.75 -39.67 -9.65
C MET F 196 10.47 -39.09 -10.85
N ARG F 197 11.79 -39.00 -10.80
CA ARG F 197 12.57 -38.38 -11.85
C ARG F 197 13.62 -39.33 -12.40
N ASN F 198 13.30 -40.62 -12.45
CA ASN F 198 14.04 -41.71 -13.06
C ASN F 198 15.31 -42.07 -12.31
N ARG F 199 15.63 -41.38 -11.22
CA ARG F 199 16.75 -41.75 -10.36
C ARG F 199 16.24 -42.59 -9.19
N ARG F 200 15.60 -43.70 -9.55
CA ARG F 200 14.83 -44.46 -8.58
C ARG F 200 15.72 -45.25 -7.64
N ARG F 201 16.80 -45.84 -8.15
CA ARG F 201 17.65 -46.73 -7.37
C ARG F 201 19.05 -46.14 -7.23
N ILE F 202 19.64 -46.35 -6.05
CA ILE F 202 20.99 -45.90 -5.76
C ILE F 202 21.80 -47.09 -5.24
N GLN F 203 23.11 -46.98 -5.37
CA GLN F 203 24.00 -48.04 -4.91
C GLN F 203 25.39 -47.46 -4.72
N ARG F 204 26.23 -48.27 -4.09
CA ARG F 204 27.61 -47.91 -3.80
C ARG F 204 28.47 -48.07 -5.06
N ARG F 205 29.52 -47.26 -5.16
CA ARG F 205 30.47 -47.38 -6.26
C ARG F 205 31.40 -48.56 -6.01
N GLY F 206 31.74 -49.26 -7.09
CA GLY F 206 32.61 -50.40 -7.00
C GLY F 206 34.00 -50.12 -7.52
N PRO F 207 34.80 -51.17 -7.70
CA PRO F 207 36.15 -50.98 -8.24
C PRO F 207 36.12 -50.53 -9.69
N CYS F 208 37.18 -49.83 -10.08
CA CYS F 208 37.35 -49.29 -11.42
C CYS F 208 38.35 -50.16 -12.17
N ILE F 209 37.92 -50.74 -13.28
CA ILE F 209 38.79 -51.56 -14.12
C ILE F 209 39.35 -50.67 -15.22
N ILE F 210 40.66 -50.53 -15.27
CA ILE F 210 41.30 -49.69 -16.27
C ILE F 210 42.02 -50.58 -17.26
N TYR F 211 41.58 -50.51 -18.52
CA TYR F 211 42.11 -51.32 -19.60
C TYR F 211 42.82 -50.42 -20.60
N ASN F 212 43.64 -51.04 -21.44
CA ASN F 212 44.27 -50.33 -22.54
C ASN F 212 43.52 -50.54 -23.85
N GLU F 213 43.12 -51.77 -24.13
CA GLU F 213 42.48 -52.13 -25.38
C GLU F 213 41.30 -53.04 -25.11
N ASP F 214 40.13 -52.68 -25.65
CA ASP F 214 38.93 -53.49 -25.48
C ASP F 214 38.96 -54.64 -26.48
N ASN F 215 38.97 -55.86 -25.96
CA ASN F 215 38.79 -57.04 -26.78
C ASN F 215 37.65 -57.90 -26.20
N GLY F 216 36.63 -57.23 -25.67
CA GLY F 216 35.54 -57.89 -25.00
C GLY F 216 35.48 -57.63 -23.51
N ILE F 217 36.46 -56.93 -22.93
CA ILE F 217 36.50 -56.75 -21.48
C ILE F 217 35.30 -55.95 -21.01
N ILE F 218 34.86 -54.96 -21.80
CA ILE F 218 33.71 -54.18 -21.39
C ILE F 218 32.45 -55.04 -21.32
N LYS F 219 32.24 -55.89 -22.33
CA LYS F 219 31.04 -56.71 -22.32
C LYS F 219 31.10 -57.79 -21.23
N ALA F 220 32.29 -58.32 -20.94
CA ALA F 220 32.42 -59.33 -19.89
C ALA F 220 32.03 -58.76 -18.54
N PHE F 221 32.48 -57.55 -18.25
CA PHE F 221 32.05 -56.79 -17.10
C PHE F 221 30.78 -56.05 -17.49
N ARG F 222 30.44 -54.96 -16.80
CA ARG F 222 29.37 -54.05 -17.19
C ARG F 222 28.00 -54.61 -16.82
N ASN F 223 27.93 -55.87 -16.41
CA ASN F 223 26.74 -56.35 -15.74
C ASN F 223 26.96 -56.56 -14.26
N ILE F 224 28.21 -56.42 -13.80
CA ILE F 224 28.53 -56.43 -12.39
C ILE F 224 28.17 -55.06 -11.84
N PRO F 225 27.29 -54.96 -10.86
CA PRO F 225 26.99 -53.65 -10.28
C PRO F 225 28.20 -53.05 -9.60
N GLY F 226 28.36 -51.73 -9.73
CA GLY F 226 29.46 -51.01 -9.16
C GLY F 226 30.69 -50.89 -10.04
N ILE F 227 30.92 -51.88 -10.90
CA ILE F 227 32.12 -51.88 -11.74
C ILE F 227 32.04 -50.78 -12.78
N THR F 228 33.10 -50.00 -12.89
CA THR F 228 33.25 -48.97 -13.91
C THR F 228 34.50 -49.27 -14.72
N LEU F 229 34.36 -49.32 -16.03
CA LEU F 229 35.51 -49.54 -16.90
C LEU F 229 35.97 -48.23 -17.48
N LEU F 230 37.29 -48.06 -17.57
CA LEU F 230 37.88 -46.80 -17.98
C LEU F 230 39.07 -47.07 -18.87
N ASN F 231 39.14 -46.39 -20.00
CA ASN F 231 40.29 -46.50 -20.89
C ASN F 231 41.44 -45.69 -20.34
N VAL F 232 42.65 -46.24 -20.45
CA VAL F 232 43.80 -45.57 -19.85
C VAL F 232 44.09 -44.25 -20.56
N SER F 233 43.78 -44.16 -21.85
CA SER F 233 44.04 -42.94 -22.61
C SER F 233 42.97 -41.88 -22.42
N LYS F 234 41.88 -42.20 -21.73
CA LYS F 234 40.75 -41.30 -21.56
C LYS F 234 40.29 -41.29 -20.11
N LEU F 235 41.23 -41.11 -19.18
CA LEU F 235 40.89 -41.15 -17.76
C LEU F 235 39.97 -40.01 -17.37
N ASN F 236 39.00 -40.31 -16.52
CA ASN F 236 37.96 -39.37 -16.13
C ASN F 236 38.05 -39.13 -14.62
N ILE F 237 38.07 -37.85 -14.23
CA ILE F 237 38.11 -37.54 -12.80
C ILE F 237 36.76 -37.80 -12.17
N LEU F 238 35.68 -37.79 -12.96
CA LEU F 238 34.38 -38.11 -12.41
C LEU F 238 34.25 -39.58 -12.06
N LYS F 239 35.11 -40.43 -12.61
CA LYS F 239 35.11 -41.85 -12.30
C LYS F 239 36.23 -42.24 -11.36
N LEU F 240 37.34 -41.51 -11.36
CA LEU F 240 38.46 -41.83 -10.48
C LEU F 240 38.26 -41.26 -9.08
N ALA F 241 37.54 -40.16 -8.95
CA ALA F 241 37.20 -39.55 -7.67
C ALA F 241 35.69 -39.34 -7.67
N PRO F 242 34.92 -40.41 -7.43
CA PRO F 242 33.48 -40.37 -7.69
C PRO F 242 32.71 -39.28 -6.96
N GLY F 243 33.02 -38.99 -5.71
CA GLY F 243 32.28 -37.98 -5.01
C GLY F 243 33.07 -36.70 -4.84
N GLY F 244 34.16 -36.58 -5.58
CA GLY F 244 35.15 -35.57 -5.31
C GLY F 244 36.16 -35.98 -4.28
N HIS F 245 36.08 -37.21 -3.76
CA HIS F 245 37.02 -37.73 -2.79
C HIS F 245 37.94 -38.73 -3.47
N VAL F 246 39.24 -38.59 -3.22
CA VAL F 246 40.22 -39.47 -3.85
C VAL F 246 40.26 -40.79 -3.12
N GLY F 247 40.70 -41.84 -3.82
CA GLY F 247 40.89 -43.12 -3.19
C GLY F 247 39.96 -44.21 -3.68
N ARG F 248 39.54 -44.15 -4.95
CA ARG F 248 38.75 -45.22 -5.51
C ARG F 248 39.64 -46.43 -5.80
N PHE F 249 39.13 -47.61 -5.48
CA PHE F 249 39.83 -48.84 -5.79
C PHE F 249 39.88 -49.03 -7.31
N CYS F 250 41.08 -49.19 -7.85
CA CYS F 250 41.28 -49.34 -9.28
C CYS F 250 42.07 -50.60 -9.56
N ILE F 251 41.64 -51.34 -10.58
CA ILE F 251 42.35 -52.52 -11.05
C ILE F 251 42.91 -52.20 -12.43
N TRP F 252 44.18 -52.50 -12.63
CA TRP F 252 44.88 -52.14 -13.84
C TRP F 252 45.20 -53.38 -14.67
N THR F 253 45.10 -53.24 -15.98
CA THR F 253 45.67 -54.21 -16.91
C THR F 253 47.15 -53.89 -17.05
N GLU F 254 47.94 -54.91 -17.40
CA GLU F 254 49.38 -54.71 -17.51
C GLU F 254 49.72 -53.71 -18.60
N SER F 255 49.06 -53.81 -19.74
CA SER F 255 49.36 -52.91 -20.85
C SER F 255 48.90 -51.49 -20.56
N ALA F 256 47.85 -51.33 -19.77
CA ALA F 256 47.43 -49.99 -19.36
C ALA F 256 48.40 -49.42 -18.32
N PHE F 257 48.93 -50.28 -17.44
CA PHE F 257 49.87 -49.84 -16.43
C PHE F 257 51.16 -49.34 -17.06
N ARG F 258 51.61 -49.99 -18.12
CA ARG F 258 52.85 -49.58 -18.76
C ARG F 258 52.69 -48.30 -19.55
N LYS F 259 51.46 -47.95 -19.94
CA LYS F 259 51.21 -46.74 -20.72
C LYS F 259 51.17 -45.48 -19.86
N LEU F 260 51.18 -45.61 -18.54
CA LEU F 260 51.01 -44.44 -17.69
C LEU F 260 52.21 -43.50 -17.77
N ASP F 261 53.41 -44.04 -17.97
CA ASP F 261 54.59 -43.19 -18.09
C ASP F 261 54.57 -42.40 -19.40
N GLU F 262 54.05 -42.99 -20.47
CA GLU F 262 53.93 -42.22 -21.70
C GLU F 262 52.81 -41.20 -21.64
N LEU F 263 51.75 -41.51 -20.89
CA LEU F 263 50.59 -40.62 -20.84
C LEU F 263 50.85 -39.39 -19.98
N TYR F 264 51.59 -39.53 -18.89
CA TYR F 264 51.80 -38.42 -17.97
C TYR F 264 53.26 -38.08 -17.73
N GLY F 265 54.18 -38.92 -18.16
CA GLY F 265 55.59 -38.61 -18.03
C GLY F 265 56.15 -39.02 -16.69
N THR F 266 57.47 -39.00 -16.62
CA THR F 266 58.22 -39.11 -15.38
C THR F 266 58.45 -37.67 -14.92
N TRP F 267 59.27 -37.48 -13.89
CA TRP F 267 59.76 -36.13 -13.65
C TRP F 267 61.00 -35.84 -14.48
N ARG F 268 61.61 -36.87 -15.04
CA ARG F 268 62.76 -36.72 -15.92
C ARG F 268 62.35 -36.67 -17.39
N LYS F 269 61.19 -37.22 -17.73
CA LYS F 269 60.65 -37.23 -19.09
C LYS F 269 59.36 -36.44 -19.13
N ALA F 270 59.14 -35.72 -20.22
CA ALA F 270 57.83 -35.19 -20.48
C ALA F 270 56.93 -36.28 -21.06
N ALA F 271 55.62 -36.08 -20.92
CA ALA F 271 54.68 -37.05 -21.45
C ALA F 271 54.77 -37.08 -22.97
N SER F 272 55.01 -38.27 -23.52
CA SER F 272 55.15 -38.42 -24.96
C SER F 272 53.82 -38.48 -25.69
N LEU F 273 52.71 -38.50 -24.96
CA LEU F 273 51.38 -38.58 -25.54
C LEU F 273 50.53 -37.35 -25.24
N LYS F 274 51.11 -36.32 -24.64
CA LYS F 274 50.38 -35.10 -24.35
C LYS F 274 51.11 -33.86 -24.87
N SER F 275 52.34 -34.02 -25.35
CA SER F 275 53.07 -33.09 -26.20
C SER F 275 53.49 -31.80 -25.50
N ASN F 276 52.93 -31.51 -24.32
CA ASN F 276 53.48 -30.41 -23.53
C ASN F 276 53.35 -30.66 -22.04
N TYR F 277 53.10 -31.88 -21.59
CA TYR F 277 52.76 -32.10 -20.19
C TYR F 277 53.90 -32.80 -19.46
N ASN F 278 54.18 -32.31 -18.26
CA ASN F 278 55.08 -32.97 -17.34
C ASN F 278 54.40 -33.06 -15.98
N LEU F 279 54.88 -33.98 -15.17
CA LEU F 279 54.30 -34.19 -13.85
C LEU F 279 54.48 -32.95 -12.98
N PRO F 280 53.49 -32.63 -12.17
CA PRO F 280 53.61 -31.48 -11.26
C PRO F 280 54.64 -31.73 -10.18
N MET F 281 55.14 -30.63 -9.63
CA MET F 281 56.25 -30.66 -8.69
C MET F 281 55.75 -30.56 -7.26
N HIS F 282 56.52 -31.16 -6.36
CA HIS F 282 56.23 -31.13 -4.93
C HIS F 282 56.81 -29.86 -4.32
N LYS F 283 56.00 -29.17 -3.53
CA LYS F 283 56.49 -28.07 -2.73
C LYS F 283 56.98 -28.54 -1.36
N MET F 284 56.85 -29.82 -1.06
CA MET F 284 57.39 -30.43 0.15
C MET F 284 57.85 -31.83 -0.22
N ILE F 285 59.18 -32.00 -0.32
CA ILE F 285 59.72 -33.29 -0.74
C ILE F 285 59.47 -34.35 0.33
N ASN F 286 59.79 -34.05 1.57
CA ASN F 286 59.64 -34.99 2.67
C ASN F 286 58.47 -34.53 3.52
N THR F 287 57.35 -35.25 3.44
CA THR F 287 56.15 -34.92 4.19
C THR F 287 56.10 -35.61 5.54
N ASP F 288 57.15 -36.35 5.90
CA ASP F 288 57.21 -37.04 7.19
C ASP F 288 57.59 -36.02 8.26
N LEU F 289 56.57 -35.42 8.87
CA LEU F 289 56.82 -34.42 9.90
C LEU F 289 57.52 -35.03 11.10
N SER F 290 57.15 -36.25 11.48
CA SER F 290 57.69 -36.87 12.68
C SER F 290 59.20 -37.08 12.56
N ARG F 291 59.67 -37.52 11.39
CA ARG F 291 61.10 -37.74 11.23
C ARG F 291 61.85 -36.43 11.07
N ILE F 292 61.22 -35.42 10.47
CA ILE F 292 61.86 -34.12 10.37
C ILE F 292 62.00 -33.50 11.76
N LEU F 293 60.95 -33.56 12.57
CA LEU F 293 60.98 -32.94 13.88
C LEU F 293 61.91 -33.68 14.83
N LYS F 294 62.02 -34.99 14.69
CA LYS F 294 62.88 -35.79 15.55
C LYS F 294 64.30 -35.91 15.02
N SER F 295 64.61 -35.25 13.92
CA SER F 295 65.94 -35.31 13.36
C SER F 295 66.94 -34.64 14.30
N PRO F 296 68.16 -35.15 14.40
CA PRO F 296 69.12 -34.56 15.35
C PRO F 296 69.45 -33.10 15.07
N GLU F 297 69.50 -32.69 13.80
CA GLU F 297 69.85 -31.32 13.49
C GLU F 297 68.73 -30.35 13.87
N ILE F 298 67.47 -30.77 13.75
CA ILE F 298 66.38 -29.94 14.25
C ILE F 298 66.44 -29.87 15.77
N GLN F 299 66.67 -31.00 16.43
CA GLN F 299 66.61 -31.05 17.89
C GLN F 299 67.73 -30.26 18.55
N ARG F 300 68.88 -30.13 17.89
CA ARG F 300 69.96 -29.35 18.48
C ARG F 300 69.65 -27.87 18.51
N ALA F 301 68.80 -27.39 17.61
CA ALA F 301 68.51 -25.97 17.50
C ALA F 301 67.42 -25.51 18.45
N LEU F 302 66.72 -26.42 19.11
CA LEU F 302 65.55 -26.07 19.90
C LEU F 302 65.94 -25.68 21.32
N ARG F 303 65.10 -24.85 21.92
CA ARG F 303 65.18 -24.60 23.35
C ARG F 303 64.42 -25.69 24.09
N ALA F 304 64.65 -25.78 25.39
CA ALA F 304 64.01 -26.81 26.17
C ALA F 304 62.51 -26.55 26.28
N PRO F 305 61.69 -27.59 26.30
CA PRO F 305 60.24 -27.39 26.44
C PRO F 305 59.89 -26.81 27.79
N ARG F 306 58.86 -25.98 27.81
CA ARG F 306 58.34 -25.38 29.04
C ARG F 306 57.04 -26.12 29.35
N LYS F 307 57.16 -27.22 30.09
CA LYS F 307 56.05 -28.13 30.27
C LYS F 307 55.37 -28.00 31.63
N LYS F 308 55.69 -26.97 32.41
CA LYS F 308 55.04 -26.74 33.68
C LYS F 308 53.87 -25.77 33.50
N ILE F 309 52.72 -26.12 34.05
CA ILE F 309 51.53 -25.29 33.98
C ILE F 309 51.53 -24.34 35.17
N HIS F 310 51.39 -23.05 34.90
CA HIS F 310 51.36 -22.01 35.93
C HIS F 310 49.93 -21.50 36.05
N ARG F 311 49.14 -22.15 36.88
CA ARG F 311 47.77 -21.72 37.11
C ARG F 311 47.75 -20.48 37.98
N ARG F 312 46.59 -19.81 38.00
CA ARG F 312 46.50 -18.54 38.72
C ARG F 312 46.65 -18.76 40.21
N VAL F 313 47.27 -17.79 40.86
CA VAL F 313 47.58 -17.85 42.28
C VAL F 313 46.49 -17.08 43.02
N LEU F 314 45.87 -17.72 44.00
CA LEU F 314 44.85 -17.04 44.80
C LEU F 314 45.54 -16.02 45.69
N LYS F 315 45.20 -14.75 45.50
CA LYS F 315 45.86 -13.67 46.21
C LYS F 315 45.39 -13.65 47.65
N LYS F 316 46.11 -14.35 48.52
CA LYS F 316 45.91 -14.25 49.95
C LYS F 316 46.41 -12.90 50.42
N ASN F 317 45.62 -12.25 51.25
CA ASN F 317 45.94 -10.91 51.72
C ASN F 317 47.11 -10.93 52.69
N PRO F 318 48.17 -10.16 52.47
CA PRO F 318 49.04 -9.81 53.59
C PRO F 318 48.24 -8.98 54.57
N LEU F 319 48.82 -8.59 55.71
CA LEU F 319 48.15 -7.74 56.68
C LEU F 319 47.05 -8.52 57.40
N LYS F 320 46.77 -9.73 56.92
CA LYS F 320 45.80 -10.64 57.51
C LYS F 320 46.39 -12.03 57.62
N ASN F 321 47.26 -12.39 56.69
CA ASN F 321 47.93 -13.67 56.63
C ASN F 321 49.39 -13.45 56.98
N LEU F 322 49.84 -14.05 58.08
CA LEU F 322 51.18 -13.76 58.57
C LEU F 322 52.25 -14.34 57.63
N ARG F 323 52.08 -15.59 57.20
CA ARG F 323 53.11 -16.22 56.40
C ARG F 323 53.19 -15.62 55.01
N ILE F 324 52.07 -15.17 54.46
CA ILE F 324 52.09 -14.49 53.16
C ILE F 324 52.87 -13.19 53.27
N MET F 325 52.69 -12.45 54.37
CA MET F 325 53.47 -11.24 54.59
C MET F 325 54.95 -11.56 54.75
N LEU F 326 55.27 -12.64 55.46
CA LEU F 326 56.66 -13.01 55.67
C LEU F 326 57.32 -13.47 54.38
N LYS F 327 56.54 -13.99 53.44
CA LYS F 327 57.08 -14.34 52.14
C LYS F 327 57.46 -13.10 51.36
N LEU F 328 56.71 -12.01 51.52
CA LEU F 328 56.99 -10.77 50.81
C LEU F 328 57.94 -9.88 51.60
N ASN F 329 57.88 -9.92 52.93
CA ASN F 329 58.65 -9.01 53.77
C ASN F 329 59.10 -9.77 55.00
N PRO F 330 60.28 -10.41 54.93
CA PRO F 330 60.75 -11.19 56.09
C PRO F 330 60.99 -10.37 57.33
N TYR F 331 61.23 -9.07 57.20
CA TYR F 331 61.44 -8.23 58.37
C TYR F 331 60.15 -7.96 59.13
N ALA F 332 59.00 -8.30 58.56
CA ALA F 332 57.74 -8.05 59.24
C ALA F 332 57.59 -8.90 60.50
N LYS F 333 58.34 -10.01 60.58
CA LYS F 333 58.22 -10.87 61.75
C LYS F 333 58.88 -10.24 62.96
N THR F 334 60.04 -9.62 62.78
CA THR F 334 60.74 -9.03 63.91
C THR F 334 60.08 -7.74 64.35
N MET F 335 59.55 -6.96 63.41
CA MET F 335 58.76 -5.80 63.80
C MET F 335 57.54 -6.21 64.60
N ARG F 336 56.84 -7.24 64.14
CA ARG F 336 55.67 -7.71 64.86
C ARG F 336 56.05 -8.29 66.22
N ARG F 337 57.16 -9.04 66.27
CA ARG F 337 57.60 -9.60 67.55
C ARG F 337 58.02 -8.50 68.52
N ASN F 338 58.73 -7.49 68.01
CA ASN F 338 59.13 -6.37 68.87
C ASN F 338 57.92 -5.61 69.37
N THR F 339 56.92 -5.41 68.52
CA THR F 339 55.72 -4.71 68.94
C THR F 339 54.98 -5.47 70.03
N ILE F 340 54.84 -6.78 69.88
CA ILE F 340 54.13 -7.57 70.88
C ILE F 340 54.90 -7.57 72.20
N LEU F 341 56.22 -7.69 72.13
CA LEU F 341 57.01 -7.63 73.36
C LEU F 341 56.94 -6.26 74.00
N ARG F 342 57.04 -5.20 73.19
CA ARG F 342 56.99 -3.84 73.72
C ARG F 342 55.65 -3.55 74.38
N GLN F 343 54.56 -3.96 73.74
CA GLN F 343 53.24 -3.65 74.26
C GLN F 343 52.96 -4.40 75.56
N ALA F 344 53.52 -5.59 75.71
CA ALA F 344 53.38 -6.31 76.97
C ALA F 344 54.19 -5.66 78.08
N ARG F 345 55.38 -5.16 77.74
CA ARG F 345 56.19 -4.45 78.73
C ARG F 345 55.51 -3.17 79.18
N ASN F 346 54.98 -2.39 78.23
CA ASN F 346 54.30 -1.15 78.57
C ASN F 346 53.04 -1.42 79.38
N HIS F 347 52.30 -2.47 79.02
CA HIS F 347 51.09 -2.80 79.75
C HIS F 347 51.40 -3.22 81.18
N LYS F 348 52.47 -3.99 81.37
CA LYS F 348 52.87 -4.38 82.72
C LYS F 348 53.28 -3.18 83.55
N LEU F 349 53.99 -2.23 82.94
CA LEU F 349 54.42 -1.04 83.67
C LEU F 349 53.23 -0.21 84.12
N ARG F 350 52.25 -0.02 83.24
CA ARG F 350 51.09 0.78 83.59
C ARG F 350 50.23 0.08 84.63
N VAL F 351 50.20 -1.26 84.61
CA VAL F 351 49.47 -1.99 85.64
C VAL F 351 50.14 -1.83 87.00
N ASP F 352 51.46 -2.01 87.04
CA ASP F 352 52.16 -1.92 88.32
C ASP F 352 52.19 -0.48 88.84
N LYS F 353 52.31 0.48 87.94
CA LYS F 353 52.25 1.89 88.34
C LYS F 353 50.90 2.24 88.94
N ALA F 354 49.82 1.74 88.35
CA ALA F 354 48.49 2.03 88.86
C ALA F 354 48.24 1.36 90.20
N ALA F 355 48.74 0.12 90.37
CA ALA F 355 48.56 -0.59 91.63
C ALA F 355 49.31 0.11 92.75
N ALA F 356 50.49 0.67 92.46
CA ALA F 356 51.22 1.42 93.45
C ALA F 356 50.47 2.68 93.87
N ALA F 357 49.83 3.35 92.91
CA ALA F 357 49.04 4.53 93.24
C ALA F 357 47.87 4.18 94.14
N ALA F 358 47.19 3.07 93.85
CA ALA F 358 46.11 2.61 94.72
C ALA F 358 46.65 2.18 96.07
N ALA F 359 47.82 1.51 96.09
CA ALA F 359 48.42 1.11 97.35
C ALA F 359 48.83 2.33 98.18
N ALA F 360 49.35 3.36 97.53
CA ALA F 360 49.66 4.59 98.24
C ALA F 360 48.39 5.29 98.71
N LEU F 361 47.33 5.23 97.90
CA LEU F 361 46.04 5.79 98.31
C LEU F 361 45.49 5.06 99.52
N GLN F 362 45.60 3.73 99.54
CA GLN F 362 45.16 2.97 100.71
C GLN F 362 46.04 3.26 101.92
N ALA F 363 47.35 3.37 101.72
CA ALA F 363 48.26 3.61 102.84
C ALA F 363 48.05 4.99 103.44
N LYS F 364 47.82 6.01 102.60
CA LYS F 364 47.61 7.36 103.10
C LYS F 364 46.23 7.55 103.71
N SER F 365 45.32 6.59 103.55
CA SER F 365 43.99 6.68 104.13
C SER F 365 43.81 5.79 105.36
N ASP F 366 44.51 4.66 105.42
CA ASP F 366 44.44 3.75 106.56
C ASP F 366 45.78 3.67 107.28
N GLU F 367 46.47 4.81 107.38
CA GLU F 367 47.79 4.84 107.99
C GLU F 367 47.74 4.63 109.51
N LYS F 368 46.61 4.94 110.14
CA LYS F 368 46.45 4.87 111.60
C LYS F 368 47.51 5.66 112.34
N GLY G 1 40.30 84.83 22.15
CA GLY G 1 40.52 83.72 21.25
C GLY G 1 39.25 82.97 20.95
N PHE G 2 38.87 82.95 19.66
CA PHE G 2 37.62 82.36 19.21
C PHE G 2 37.84 81.26 18.19
N VAL G 3 39.09 80.86 17.97
CA VAL G 3 39.43 79.75 17.10
C VAL G 3 39.79 78.56 17.96
N LYS G 4 39.37 77.37 17.53
CA LYS G 4 39.81 76.15 18.18
C LYS G 4 41.32 76.07 18.19
N VAL G 5 41.89 75.81 19.35
CA VAL G 5 43.33 75.56 19.44
C VAL G 5 43.59 74.21 18.78
N VAL G 6 44.22 74.23 17.61
CA VAL G 6 44.49 72.99 16.90
C VAL G 6 45.46 72.11 17.67
N LYS G 7 46.52 72.72 18.20
CA LYS G 7 47.53 71.98 18.95
C LYS G 7 47.16 71.92 20.43
N ASN G 8 46.02 71.30 20.70
CA ASN G 8 45.53 71.11 22.05
C ASN G 8 46.17 69.86 22.65
N LYS G 9 45.64 69.40 23.78
CA LYS G 9 46.18 68.19 24.39
C LYS G 9 45.96 66.98 23.51
N ALA G 10 44.78 66.87 22.89
CA ALA G 10 44.46 65.70 22.09
C ALA G 10 45.30 65.61 20.83
N TYR G 11 45.74 66.76 20.30
CA TYR G 11 46.59 66.76 19.13
C TYR G 11 47.92 66.08 19.41
N PHE G 12 48.51 66.37 20.58
CA PHE G 12 49.78 65.76 20.94
C PHE G 12 49.62 64.31 21.35
N LYS G 13 48.46 63.94 21.89
CA LYS G 13 48.25 62.56 22.32
C LYS G 13 48.25 61.60 21.13
N ARG G 14 47.72 62.04 19.99
CA ARG G 14 47.63 61.21 18.81
C ARG G 14 48.75 61.46 17.81
N TYR G 15 49.67 62.36 18.12
CA TYR G 15 50.70 62.73 17.18
C TYR G 15 51.73 61.62 17.06
N GLN G 16 52.04 61.22 15.84
CA GLN G 16 53.07 60.22 15.57
C GLN G 16 54.25 60.91 14.90
N VAL G 17 55.36 61.01 15.63
CA VAL G 17 56.54 61.66 15.08
C VAL G 17 57.10 60.82 13.94
N LYS G 18 57.73 61.49 12.99
CA LYS G 18 58.42 60.79 11.92
C LYS G 18 59.78 60.31 12.42
N PHE G 19 60.50 59.60 11.55
CA PHE G 19 61.82 59.11 11.93
C PHE G 19 62.74 60.29 12.20
N ARG G 20 63.70 60.07 13.10
CA ARG G 20 64.53 61.17 13.57
C ARG G 20 65.28 61.85 12.43
N ARG G 21 65.84 61.04 11.52
CA ARG G 21 66.55 61.63 10.39
C ARG G 21 65.60 62.18 9.33
N ARG G 22 64.34 61.77 9.36
CA ARG G 22 63.35 62.45 8.53
C ARG G 22 62.97 63.80 9.12
N ARG G 23 62.80 63.87 10.45
CA ARG G 23 62.49 65.15 11.08
C ARG G 23 63.66 66.11 10.95
N GLU G 24 64.88 65.59 10.97
CA GLU G 24 66.06 66.41 10.75
C GLU G 24 66.22 66.84 9.30
N GLY G 25 65.43 66.27 8.39
CA GLY G 25 65.55 66.59 6.98
C GLY G 25 66.85 66.12 6.36
N LYS G 26 67.29 64.91 6.67
CA LYS G 26 68.56 64.38 6.20
C LYS G 26 68.43 63.13 5.36
N THR G 27 67.51 62.24 5.67
CA THR G 27 67.38 60.95 5.01
C THR G 27 66.04 60.86 4.30
N ASP G 28 66.08 60.47 3.03
CA ASP G 28 64.88 60.15 2.27
C ASP G 28 64.69 58.65 2.37
N TYR G 29 63.76 58.23 3.23
CA TYR G 29 63.61 56.81 3.50
C TYR G 29 62.91 56.08 2.37
N TYR G 30 62.24 56.82 1.48
CA TYR G 30 61.70 56.19 0.27
C TYR G 30 62.82 55.76 -0.66
N ALA G 31 63.82 56.63 -0.84
CA ALA G 31 64.94 56.28 -1.69
C ALA G 31 65.90 55.33 -0.99
N ARG G 32 66.04 55.44 0.33
CA ARG G 32 66.98 54.60 1.06
C ARG G 32 66.61 53.14 0.97
N LYS G 33 65.32 52.82 1.07
CA LYS G 33 64.89 51.43 1.02
C LYS G 33 65.24 50.78 -0.31
N ARG G 34 65.05 51.50 -1.40
CA ARG G 34 65.40 50.98 -2.72
C ARG G 34 66.90 50.90 -2.92
N LEU G 35 67.68 51.51 -2.04
CA LEU G 35 69.10 51.72 -2.28
C LEU G 35 70.01 50.87 -1.41
N VAL G 36 69.60 50.55 -0.18
CA VAL G 36 70.47 49.85 0.75
C VAL G 36 70.04 48.42 1.00
N ILE G 37 68.86 48.02 0.54
CA ILE G 37 68.31 46.71 0.86
C ILE G 37 68.78 45.71 -0.19
N GLN G 38 69.38 44.62 0.28
CA GLN G 38 69.87 43.57 -0.59
C GLN G 38 68.79 42.52 -0.81
N ASP G 39 68.88 41.82 -1.93
CA ASP G 39 67.99 40.70 -2.19
C ASP G 39 68.13 39.64 -1.11
N LYS G 40 67.01 39.00 -0.79
CA LYS G 40 67.04 37.98 0.26
C LYS G 40 67.75 36.71 -0.18
N ASN G 41 67.76 36.40 -1.47
CA ASN G 41 68.50 35.25 -1.94
C ASN G 41 69.96 35.56 -2.20
N LYS G 42 70.41 36.78 -1.88
CA LYS G 42 71.82 37.10 -1.85
C LYS G 42 72.38 37.12 -0.43
N TYR G 43 71.51 37.00 0.58
CA TYR G 43 71.86 36.75 1.98
C TYR G 43 72.76 37.87 2.48
N ASN G 44 73.92 37.58 3.06
CA ASN G 44 74.77 38.58 3.67
C ASN G 44 75.76 39.19 2.69
N THR G 45 75.49 39.11 1.40
CA THR G 45 76.31 39.81 0.43
C THR G 45 76.13 41.31 0.65
N PRO G 46 77.19 42.06 0.95
CA PRO G 46 77.04 43.49 1.17
C PRO G 46 76.62 44.21 -0.09
N LYS G 47 75.78 45.21 0.09
CA LYS G 47 75.36 46.09 -1.00
C LYS G 47 75.98 47.46 -0.77
N TYR G 48 77.03 47.75 -1.52
CA TYR G 48 77.82 48.95 -1.32
C TYR G 48 77.18 50.11 -2.07
N ARG G 49 77.24 51.29 -1.46
CA ARG G 49 76.81 52.51 -2.13
C ARG G 49 77.82 53.60 -1.87
N MET G 50 77.92 54.53 -2.81
CA MET G 50 78.85 55.65 -2.70
C MET G 50 78.05 56.88 -2.28
N ILE G 51 78.24 57.29 -1.04
CA ILE G 51 77.56 58.47 -0.52
C ILE G 51 78.36 59.71 -0.92
N VAL G 52 77.68 60.65 -1.57
CA VAL G 52 78.27 61.94 -1.88
C VAL G 52 77.41 63.01 -1.23
N ARG G 53 78.03 63.86 -0.42
CA ARG G 53 77.33 64.93 0.27
C ARG G 53 78.14 66.21 0.11
N VAL G 54 77.57 67.19 -0.58
CA VAL G 54 78.22 68.47 -0.79
C VAL G 54 77.78 69.42 0.31
N THR G 55 78.74 70.01 0.99
CA THR G 55 78.51 70.91 2.11
C THR G 55 78.80 72.35 1.64
N ASN G 56 78.43 73.33 2.49
CA ASN G 56 78.73 74.72 2.17
C ASN G 56 80.21 74.96 1.98
N ARG G 57 81.06 74.18 2.63
CA ARG G 57 82.51 74.38 2.55
C ARG G 57 83.28 73.08 2.34
N ASP G 58 82.62 71.97 2.03
CA ASP G 58 83.32 70.70 1.97
C ASP G 58 82.55 69.74 1.08
N ILE G 59 83.23 68.66 0.69
CA ILE G 59 82.61 67.55 0.00
C ILE G 59 82.97 66.27 0.74
N ILE G 60 81.96 65.45 1.04
CA ILE G 60 82.15 64.21 1.76
C ILE G 60 81.78 63.07 0.82
N CYS G 61 82.72 62.15 0.61
CA CYS G 61 82.51 60.96 -0.19
C CYS G 61 82.76 59.74 0.69
N GLN G 62 81.77 58.88 0.80
CA GLN G 62 81.87 57.69 1.63
C GLN G 62 81.34 56.49 0.88
N ILE G 63 81.87 55.32 1.23
CA ILE G 63 81.36 54.05 0.72
C ILE G 63 80.91 53.23 1.91
N ALA G 64 79.66 52.78 1.87
CA ALA G 64 79.05 52.14 3.01
C ALA G 64 78.15 51.00 2.56
N TYR G 65 77.89 50.08 3.49
CA TYR G 65 76.87 49.06 3.31
C TYR G 65 76.04 48.98 4.58
N ALA G 66 74.77 48.66 4.42
CA ALA G 66 73.82 48.73 5.53
C ALA G 66 73.90 47.50 6.41
N ARG G 67 73.78 47.73 7.72
CA ARG G 67 73.61 46.66 8.69
C ARG G 67 72.51 47.06 9.66
N ILE G 68 72.02 46.08 10.41
CA ILE G 68 70.90 46.32 11.32
C ILE G 68 71.30 47.30 12.41
N GLU G 69 72.51 47.17 12.93
CA GLU G 69 73.01 48.10 13.95
C GLU G 69 73.38 49.46 13.39
N GLY G 70 73.40 49.61 12.07
CA GLY G 70 73.73 50.88 11.46
C GLY G 70 74.59 50.71 10.23
N ASP G 71 74.75 51.76 9.43
CA ASP G 71 75.59 51.67 8.24
C ASP G 71 77.04 51.48 8.63
N MET G 72 77.74 50.65 7.87
CA MET G 72 79.15 50.37 8.07
C MET G 72 79.92 51.07 6.95
N ILE G 73 80.79 52.00 7.32
CA ILE G 73 81.55 52.78 6.35
C ILE G 73 82.95 52.21 6.23
N VAL G 74 83.32 51.81 5.01
CA VAL G 74 84.60 51.17 4.78
C VAL G 74 85.66 52.12 4.25
N CYS G 75 85.27 53.23 3.63
CA CYS G 75 86.22 54.15 3.06
C CYS G 75 85.57 55.52 3.00
N ALA G 76 86.36 56.56 3.27
CA ALA G 76 85.88 57.93 3.20
C ALA G 76 86.98 58.82 2.69
N ALA G 77 86.62 59.77 1.84
CA ALA G 77 87.52 60.80 1.37
C ALA G 77 86.82 62.14 1.44
N TYR G 78 87.57 63.17 1.84
CA TYR G 78 87.01 64.49 2.04
C TYR G 78 87.72 65.48 1.14
N ALA G 79 87.02 66.57 0.83
CA ALA G 79 87.65 67.61 0.04
C ALA G 79 88.60 68.48 0.85
N HIS G 80 88.53 68.42 2.18
CA HIS G 80 89.41 69.23 3.00
C HIS G 80 90.82 68.65 3.11
N GLU G 81 91.02 67.39 2.73
CA GLU G 81 92.35 66.80 2.71
C GLU G 81 93.00 66.93 1.34
N LEU G 82 92.35 67.57 0.40
CA LEU G 82 92.94 67.94 -0.88
C LEU G 82 94.16 68.85 -0.72
N PRO G 83 94.15 69.86 0.21
CA PRO G 83 95.37 70.67 0.39
C PRO G 83 96.61 69.90 0.80
N LYS G 84 96.47 68.63 1.19
CA LYS G 84 97.64 67.79 1.47
C LYS G 84 98.55 67.69 0.26
N TYR G 85 97.98 67.80 -0.95
CA TYR G 85 98.75 67.72 -2.18
C TYR G 85 97.99 68.41 -3.30
N GLY G 86 98.64 69.38 -3.93
CA GLY G 86 98.04 70.09 -5.04
C GLY G 86 97.04 71.15 -4.64
N VAL G 87 95.77 70.91 -4.98
CA VAL G 87 94.74 71.92 -4.82
C VAL G 87 94.49 72.22 -3.35
N LYS G 88 94.45 73.51 -3.02
CA LYS G 88 94.24 73.94 -1.64
C LYS G 88 93.13 74.97 -1.49
N VAL G 89 92.74 75.65 -2.56
CA VAL G 89 91.73 76.70 -2.51
C VAL G 89 90.70 76.37 -3.57
N GLY G 90 89.52 76.95 -3.43
CA GLY G 90 88.46 76.68 -4.37
C GLY G 90 87.96 75.26 -4.29
N LEU G 91 87.77 74.74 -3.08
CA LEU G 91 87.21 73.42 -2.89
C LEU G 91 85.71 73.51 -3.16
N THR G 92 84.99 72.43 -2.84
CA THR G 92 83.53 72.26 -3.03
C THR G 92 83.05 72.73 -4.41
N ASN G 93 83.92 72.71 -5.41
CA ASN G 93 83.52 72.96 -6.79
C ASN G 93 83.54 71.64 -7.56
N TYR G 94 83.23 71.71 -8.86
CA TYR G 94 83.14 70.48 -9.64
C TYR G 94 84.51 69.81 -9.78
N ALA G 95 85.57 70.61 -9.94
CA ALA G 95 86.90 70.04 -10.10
C ALA G 95 87.35 69.33 -8.83
N ALA G 96 87.08 69.92 -7.66
CA ALA G 96 87.43 69.26 -6.42
C ALA G 96 86.52 68.08 -6.13
N ALA G 97 85.29 68.10 -6.65
CA ALA G 97 84.42 66.93 -6.53
C ALA G 97 84.99 65.74 -7.29
N TYR G 98 85.61 66.00 -8.45
CA TYR G 98 86.27 64.93 -9.18
C TYR G 98 87.46 64.39 -8.40
N CYS G 99 88.21 65.27 -7.75
CA CYS G 99 89.41 64.83 -7.04
C CYS G 99 89.05 63.97 -5.82
N THR G 100 88.00 64.35 -5.10
CA THR G 100 87.64 63.59 -3.90
C THR G 100 86.96 62.27 -4.25
N GLY G 101 86.23 62.23 -5.36
CA GLY G 101 85.73 60.95 -5.84
C GLY G 101 86.85 60.05 -6.32
N LEU G 102 87.84 60.64 -6.99
CA LEU G 102 89.03 59.89 -7.39
C LEU G 102 89.82 59.42 -6.18
N LEU G 103 89.97 60.29 -5.17
CA LEU G 103 90.72 59.91 -3.99
C LEU G 103 90.01 58.80 -3.22
N LEU G 104 88.68 58.86 -3.14
CA LEU G 104 87.93 57.76 -2.55
C LEU G 104 88.14 56.47 -3.33
N ALA G 105 88.18 56.58 -4.65
CA ALA G 105 88.34 55.39 -5.49
C ALA G 105 89.70 54.75 -5.27
N ARG G 106 90.76 55.56 -5.28
CA ARG G 106 92.10 55.00 -5.15
C ARG G 106 92.37 54.49 -3.74
N ARG G 107 91.84 55.19 -2.74
CA ARG G 107 92.02 54.75 -1.36
C ARG G 107 91.33 53.42 -1.09
N LEU G 108 90.11 53.26 -1.60
CA LEU G 108 89.39 52.00 -1.43
C LEU G 108 90.09 50.86 -2.14
N LEU G 109 90.54 51.10 -3.38
CA LEU G 109 91.21 50.06 -4.15
C LEU G 109 92.53 49.65 -3.51
N ASN G 110 93.21 50.61 -2.89
CA ASN G 110 94.46 50.29 -2.20
C ASN G 110 94.22 49.43 -0.97
N ARG G 111 93.15 49.72 -0.22
CA ARG G 111 92.87 48.96 0.98
C ARG G 111 92.53 47.50 0.65
N PHE G 112 91.81 47.28 -0.44
CA PHE G 112 91.45 45.93 -0.85
C PHE G 112 92.60 45.22 -1.56
N GLY G 113 93.63 45.93 -1.97
CA GLY G 113 94.74 45.31 -2.67
C GLY G 113 94.58 45.23 -4.16
N MET G 114 93.81 46.15 -4.76
CA MET G 114 93.63 46.18 -6.22
C MET G 114 94.11 47.54 -6.71
N ASP G 115 95.41 47.67 -6.91
CA ASP G 115 95.99 48.90 -7.43
C ASP G 115 96.57 48.71 -8.82
N LYS G 116 97.40 47.68 -9.01
CA LYS G 116 97.99 47.44 -10.32
C LYS G 116 96.92 47.09 -11.33
N ILE G 117 95.95 46.27 -10.94
CA ILE G 117 94.77 46.02 -11.75
C ILE G 117 93.73 47.08 -11.40
N TYR G 118 92.82 47.32 -12.33
CA TYR G 118 91.84 48.40 -12.22
C TYR G 118 92.53 49.73 -11.96
N GLU G 119 93.43 50.09 -12.87
CA GLU G 119 94.10 51.37 -12.80
C GLU G 119 93.17 52.52 -13.10
N GLY G 120 92.01 52.24 -13.69
CA GLY G 120 91.10 53.28 -14.10
C GLY G 120 91.61 54.01 -15.31
N GLN G 121 90.95 55.13 -15.61
CA GLN G 121 91.33 55.99 -16.73
C GLN G 121 92.28 57.05 -16.21
N VAL G 122 93.58 56.78 -16.32
CA VAL G 122 94.58 57.72 -15.82
C VAL G 122 94.57 59.01 -16.63
N GLU G 123 94.53 58.90 -17.95
CA GLU G 123 94.46 60.08 -18.81
C GLU G 123 93.04 60.61 -18.79
N VAL G 124 92.85 61.77 -18.18
CA VAL G 124 91.50 62.27 -17.92
C VAL G 124 90.91 62.88 -19.19
N THR G 125 89.81 62.32 -19.64
CA THR G 125 88.95 62.95 -20.64
C THR G 125 87.51 62.76 -20.21
N GLY G 126 86.65 63.67 -20.66
CA GLY G 126 85.29 63.67 -20.19
C GLY G 126 84.41 62.58 -20.74
N ASP G 127 84.89 61.79 -21.70
CA ASP G 127 84.06 60.78 -22.32
C ASP G 127 83.76 59.66 -21.34
N GLU G 128 82.71 58.91 -21.66
CA GLU G 128 82.27 57.84 -20.77
C GLU G 128 83.32 56.75 -20.66
N TYR G 129 83.42 56.18 -19.47
CA TYR G 129 84.34 55.10 -19.21
C TYR G 129 83.69 54.18 -18.19
N ASN G 130 83.81 52.89 -18.39
CA ASN G 130 83.24 51.91 -17.47
C ASN G 130 84.25 50.80 -17.29
N VAL G 131 84.70 50.59 -16.06
CA VAL G 131 85.70 49.57 -15.79
C VAL G 131 85.09 48.20 -16.00
N GLU G 132 85.88 47.30 -16.60
CA GLU G 132 85.46 45.92 -16.81
C GLU G 132 86.28 45.00 -15.92
N SER G 133 85.61 44.02 -15.32
CA SER G 133 86.31 43.02 -14.53
C SER G 133 87.23 42.21 -15.41
N ILE G 134 88.44 41.97 -14.93
CA ILE G 134 89.44 41.20 -15.66
C ILE G 134 89.37 39.76 -15.20
N ASP G 135 89.19 38.85 -16.15
CA ASP G 135 89.10 37.43 -15.84
C ASP G 135 90.43 36.92 -15.28
N GLY G 136 90.34 35.97 -14.37
CA GLY G 136 91.50 35.51 -13.66
C GLY G 136 92.00 36.47 -12.60
N GLN G 137 91.26 37.53 -12.34
CA GLN G 137 91.62 38.55 -11.37
C GLN G 137 90.39 38.84 -10.53
N PRO G 138 90.57 39.37 -9.32
CA PRO G 138 89.40 39.71 -8.50
C PRO G 138 88.50 40.71 -9.21
N GLY G 139 87.20 40.56 -8.99
CA GLY G 139 86.24 41.39 -9.70
C GLY G 139 86.31 42.84 -9.29
N ALA G 140 85.90 43.71 -10.22
CA ALA G 140 85.90 45.13 -9.97
C ALA G 140 84.90 45.48 -8.88
N PHE G 141 85.24 46.46 -8.05
CA PHE G 141 84.36 46.86 -6.97
C PHE G 141 83.13 47.57 -7.54
N THR G 142 81.95 47.14 -7.13
CA THR G 142 80.70 47.64 -7.64
C THR G 142 79.94 48.35 -6.52
N CYS G 143 79.58 49.61 -6.76
CA CYS G 143 78.79 50.38 -5.83
C CYS G 143 77.83 51.26 -6.61
N TYR G 144 76.87 51.84 -5.90
CA TYR G 144 75.83 52.65 -6.50
C TYR G 144 75.84 54.04 -5.88
N LEU G 145 75.44 55.04 -6.66
CA LEU G 145 75.49 56.41 -6.18
C LEU G 145 74.30 56.70 -5.29
N ASP G 146 74.58 57.26 -4.12
CA ASP G 146 73.57 57.77 -3.19
C ASP G 146 73.67 59.29 -3.23
N ALA G 147 72.82 59.91 -4.03
CA ALA G 147 72.83 61.36 -4.16
C ALA G 147 72.12 62.07 -3.02
N GLY G 148 71.35 61.34 -2.22
CA GLY G 148 70.67 61.98 -1.11
C GLY G 148 69.53 62.85 -1.59
N LEU G 149 69.37 64.02 -0.97
CA LEU G 149 68.30 64.95 -1.32
C LEU G 149 68.72 65.93 -2.40
N ALA G 150 69.92 65.77 -2.95
CA ALA G 150 70.39 66.67 -3.99
C ALA G 150 69.58 66.49 -5.27
N ARG G 151 69.22 67.61 -5.89
CA ARG G 151 68.49 67.58 -7.15
C ARG G 151 69.43 67.17 -8.26
N THR G 152 69.20 66.01 -8.86
CA THR G 152 70.12 65.44 -9.83
C THR G 152 69.77 65.94 -11.23
N THR G 153 70.08 67.20 -11.46
CA THR G 153 70.03 67.78 -12.79
C THR G 153 71.42 67.72 -13.41
N THR G 154 71.51 68.14 -14.67
CA THR G 154 72.77 68.06 -15.39
C THR G 154 73.77 69.05 -14.81
N GLY G 155 74.94 68.54 -14.44
CA GLY G 155 75.98 69.37 -13.87
C GLY G 155 76.08 69.37 -12.36
N ASN G 156 75.29 68.54 -11.69
CA ASN G 156 75.38 68.42 -10.24
C ASN G 156 76.75 67.88 -9.84
N LYS G 157 77.28 68.39 -8.74
CA LYS G 157 78.61 68.00 -8.31
C LYS G 157 78.68 66.57 -7.82
N VAL G 158 77.54 65.96 -7.48
CA VAL G 158 77.56 64.56 -7.06
C VAL G 158 77.96 63.67 -8.23
N PHE G 159 77.62 64.08 -9.45
CA PHE G 159 78.05 63.33 -10.62
C PHE G 159 79.51 63.60 -10.94
N GLY G 160 80.04 64.75 -10.53
CA GLY G 160 81.46 64.96 -10.62
C GLY G 160 82.23 64.05 -9.69
N ALA G 161 81.68 63.79 -8.50
CA ALA G 161 82.28 62.81 -7.60
C ALA G 161 82.18 61.40 -8.18
N LEU G 162 81.06 61.10 -8.85
CA LEU G 162 80.92 59.82 -9.52
C LEU G 162 81.95 59.66 -10.62
N LYS G 163 82.20 60.73 -11.39
CA LYS G 163 83.13 60.64 -12.51
C LYS G 163 84.55 60.36 -12.02
N GLY G 164 84.94 60.97 -10.90
CA GLY G 164 86.24 60.68 -10.34
C GLY G 164 86.37 59.25 -9.89
N ALA G 165 85.28 58.69 -9.35
CA ALA G 165 85.34 57.32 -8.83
C ALA G 165 85.36 56.30 -9.97
N VAL G 166 84.58 56.53 -11.02
CA VAL G 166 84.59 55.60 -12.15
C VAL G 166 85.91 55.67 -12.91
N ASP G 167 86.56 56.84 -12.89
CA ASP G 167 87.89 56.93 -13.47
C ASP G 167 88.94 56.38 -12.52
N GLY G 168 88.59 56.15 -11.26
CA GLY G 168 89.52 55.56 -10.32
C GLY G 168 89.56 54.05 -10.36
N GLY G 169 88.51 53.42 -10.89
CA GLY G 169 88.51 51.97 -11.02
C GLY G 169 87.32 51.29 -10.39
N LEU G 170 86.28 52.05 -10.07
CA LEU G 170 85.08 51.49 -9.46
C LEU G 170 83.96 51.39 -10.49
N SER G 171 83.25 50.26 -10.46
CA SER G 171 82.14 50.01 -11.38
C SER G 171 80.88 50.57 -10.77
N ILE G 172 80.53 51.78 -11.19
CA ILE G 172 79.30 52.44 -10.77
C ILE G 172 78.40 52.59 -11.98
N PRO G 173 77.22 51.96 -12.01
CA PRO G 173 76.32 52.12 -13.16
C PRO G 173 75.85 53.56 -13.26
N HIS G 174 75.94 54.11 -14.47
CA HIS G 174 75.59 55.50 -14.68
C HIS G 174 75.40 55.74 -16.17
N SER G 175 75.04 56.97 -16.50
CA SER G 175 74.95 57.42 -17.89
C SER G 175 75.45 58.85 -17.94
N THR G 176 75.77 59.29 -19.15
CA THR G 176 76.36 60.61 -19.37
C THR G 176 75.32 61.72 -19.44
N LYS G 177 74.05 61.39 -19.20
CA LYS G 177 72.99 62.39 -19.32
C LYS G 177 73.13 63.50 -18.29
N ARG G 178 73.78 63.26 -17.18
CA ARG G 178 73.88 64.24 -16.11
C ARG G 178 75.24 64.90 -16.00
N PHE G 179 76.20 64.51 -16.83
CA PHE G 179 77.48 65.18 -16.84
C PHE G 179 77.35 66.56 -17.49
N PRO G 180 78.21 67.51 -17.13
CA PRO G 180 78.07 68.88 -17.65
C PRO G 180 78.12 69.00 -19.16
N GLY G 181 78.77 68.07 -19.86
CA GLY G 181 78.84 68.19 -21.30
C GLY G 181 77.56 67.85 -22.03
N TYR G 182 76.60 67.24 -21.36
CA TYR G 182 75.40 66.76 -22.03
C TYR G 182 74.54 67.93 -22.51
N ASP G 183 74.03 67.82 -23.74
CA ASP G 183 73.16 68.83 -24.30
C ASP G 183 71.72 68.34 -24.22
N SER G 184 70.87 69.12 -23.55
CA SER G 184 69.48 68.71 -23.36
C SER G 184 68.67 68.82 -24.65
N GLU G 185 69.09 69.67 -25.58
CA GLU G 185 68.34 69.88 -26.82
C GLU G 185 68.68 68.84 -27.86
N SER G 186 69.96 68.74 -28.22
CA SER G 186 70.41 67.79 -29.23
C SER G 186 70.54 66.37 -28.71
N LYS G 187 70.40 66.17 -27.39
CA LYS G 187 70.57 64.86 -26.75
C LYS G 187 71.94 64.26 -27.06
N GLU G 188 72.95 65.11 -27.08
CA GLU G 188 74.32 64.72 -27.37
C GLU G 188 75.23 65.10 -26.22
N PHE G 189 76.20 64.23 -25.92
CA PHE G 189 77.18 64.48 -24.89
C PHE G 189 78.47 64.98 -25.52
N ASN G 190 78.90 66.17 -25.12
CA ASN G 190 80.06 66.79 -25.75
C ASN G 190 81.36 66.10 -25.37
N ALA G 191 81.52 65.74 -24.09
CA ALA G 191 82.67 65.06 -23.51
C ALA G 191 83.95 65.88 -23.57
N GLU G 192 83.92 67.09 -24.11
CA GLU G 192 85.06 68.00 -24.06
C GLU G 192 84.85 69.16 -23.12
N VAL G 193 83.66 69.76 -23.14
CA VAL G 193 83.35 70.77 -22.13
C VAL G 193 83.18 70.12 -20.76
N HIS G 194 82.88 68.81 -20.72
CA HIS G 194 82.90 68.10 -19.46
C HIS G 194 84.30 68.01 -18.90
N ARG G 195 85.28 67.73 -19.76
CA ARG G 195 86.66 67.71 -19.28
C ARG G 195 87.10 69.10 -18.84
N LYS G 196 86.53 70.14 -19.44
CA LYS G 196 86.80 71.50 -18.99
C LYS G 196 86.28 71.73 -17.57
N HIS G 197 85.10 71.20 -17.27
CA HIS G 197 84.57 71.30 -15.91
C HIS G 197 85.39 70.47 -14.93
N ILE G 198 85.84 69.29 -15.36
CA ILE G 198 86.68 68.46 -14.50
C ILE G 198 87.98 69.18 -14.16
N MET G 199 88.54 69.90 -15.12
CA MET G 199 89.78 70.62 -14.91
C MET G 199 89.55 72.03 -14.35
N GLY G 200 88.31 72.39 -14.05
CA GLY G 200 88.04 73.68 -13.47
C GLY G 200 88.17 74.84 -14.43
N GLN G 201 88.05 74.59 -15.73
CA GLN G 201 88.21 75.66 -16.70
C GLN G 201 87.04 76.63 -16.71
N ASN G 202 85.86 76.19 -16.27
CA ASN G 202 84.75 77.11 -16.13
C ASN G 202 85.05 78.15 -15.06
N VAL G 203 85.68 77.74 -13.96
CA VAL G 203 86.09 78.70 -12.93
C VAL G 203 87.23 79.57 -13.44
N ALA G 204 88.18 78.98 -14.16
CA ALA G 204 89.28 79.76 -14.71
C ALA G 204 88.79 80.78 -15.72
N ASP G 205 87.77 80.43 -16.51
CA ASP G 205 87.17 81.40 -17.41
C ASP G 205 86.51 82.53 -16.64
N TYR G 206 85.90 82.22 -15.49
CA TYR G 206 85.28 83.25 -14.67
C TYR G 206 86.31 84.22 -14.12
N MET G 207 87.45 83.69 -13.68
CA MET G 207 88.47 84.54 -13.06
C MET G 207 89.00 85.57 -14.04
N ARG G 208 89.30 85.15 -15.27
CA ARG G 208 89.79 86.07 -16.27
C ARG G 208 88.69 86.96 -16.82
N TYR G 209 87.43 86.49 -16.79
CA TYR G 209 86.30 87.32 -17.20
C TYR G 209 86.07 88.44 -16.21
N LEU G 210 86.32 88.19 -14.93
CA LEU G 210 86.15 89.22 -13.91
C LEU G 210 87.29 90.21 -13.92
N MET G 211 88.48 89.79 -14.34
CA MET G 211 89.62 90.69 -14.41
C MET G 211 89.38 91.81 -15.41
N GLU G 212 88.80 91.49 -16.56
CA GLU G 212 88.69 92.45 -17.65
C GLU G 212 87.57 93.46 -17.45
N GLU G 213 86.64 93.22 -16.53
CA GLU G 213 85.49 94.11 -16.37
C GLU G 213 85.53 94.86 -15.04
N ASP G 214 85.60 94.17 -13.91
CA ASP G 214 85.52 94.81 -12.61
C ASP G 214 86.54 94.15 -11.70
N GLU G 215 87.70 94.81 -11.55
CA GLU G 215 88.82 94.21 -10.83
C GLU G 215 88.48 93.99 -9.36
N ASP G 216 87.81 94.96 -8.73
CA ASP G 216 87.46 94.80 -7.33
C ASP G 216 86.40 93.72 -7.12
N ALA G 217 85.50 93.55 -8.09
CA ALA G 217 84.59 92.41 -8.04
C ALA G 217 85.35 91.11 -8.17
N TYR G 218 86.40 91.09 -8.99
CA TYR G 218 87.27 89.92 -9.07
C TYR G 218 87.96 89.69 -7.74
N LYS G 219 88.39 90.77 -7.08
CA LYS G 219 89.01 90.66 -5.76
C LYS G 219 88.03 90.10 -4.74
N LYS G 220 86.78 90.58 -4.77
CA LYS G 220 85.80 90.13 -3.79
C LYS G 220 85.44 88.67 -3.98
N GLN G 221 85.28 88.24 -5.23
CA GLN G 221 84.87 86.85 -5.48
C GLN G 221 86.01 85.89 -5.17
N PHE G 222 87.13 86.02 -5.87
CA PHE G 222 88.27 85.12 -5.68
C PHE G 222 89.31 85.73 -4.75
N SER G 223 88.89 86.05 -3.53
CA SER G 223 89.81 86.66 -2.57
C SER G 223 90.86 85.67 -2.09
N GLN G 224 90.43 84.47 -1.71
CA GLN G 224 91.38 83.47 -1.25
C GLN G 224 92.18 82.85 -2.39
N TYR G 225 91.71 83.00 -3.63
CA TYR G 225 92.52 82.59 -4.78
C TYR G 225 93.76 83.47 -4.91
N ILE G 226 93.63 84.76 -4.60
CA ILE G 226 94.78 85.66 -4.65
C ILE G 226 95.83 85.23 -3.65
N LYS G 227 95.40 84.81 -2.46
CA LYS G 227 96.33 84.24 -1.49
C LYS G 227 96.93 82.97 -2.05
N ASN G 228 98.26 82.86 -1.95
CA ASN G 228 99.10 81.80 -2.52
C ASN G 228 99.09 81.81 -4.05
N SER G 229 98.49 82.80 -4.68
CA SER G 229 98.67 83.09 -6.11
C SER G 229 98.24 81.92 -6.99
N VAL G 230 96.95 81.63 -6.97
CA VAL G 230 96.36 80.69 -7.93
C VAL G 230 95.74 81.51 -9.04
N THR G 231 96.25 81.33 -10.25
CA THR G 231 95.85 82.09 -11.42
C THR G 231 95.20 81.17 -12.44
N PRO G 232 94.37 81.71 -13.35
CA PRO G 232 93.65 80.84 -14.29
C PRO G 232 94.54 79.97 -15.16
N ASP G 233 95.71 80.47 -15.56
CA ASP G 233 96.56 79.73 -16.48
C ASP G 233 97.12 78.47 -15.85
N MET G 234 97.35 78.49 -14.54
CA MET G 234 97.95 77.35 -13.84
C MET G 234 96.92 76.43 -13.20
N MET G 235 95.64 76.69 -13.38
CA MET G 235 94.63 75.89 -12.68
C MET G 235 94.55 74.47 -13.23
N GLU G 236 94.61 74.31 -14.55
CA GLU G 236 94.52 72.97 -15.12
C GLU G 236 95.71 72.12 -14.74
N GLU G 237 96.92 72.69 -14.79
CA GLU G 237 98.10 71.93 -14.39
C GLU G 237 98.09 71.65 -12.90
N MET G 238 97.49 72.52 -12.11
CA MET G 238 97.33 72.25 -10.69
C MET G 238 96.47 71.02 -10.45
N TYR G 239 95.39 70.88 -11.22
CA TYR G 239 94.49 69.75 -11.02
C TYR G 239 95.08 68.46 -11.57
N LYS G 240 95.87 68.55 -12.65
CA LYS G 240 96.50 67.36 -13.19
C LYS G 240 97.49 66.74 -12.21
N LYS G 241 98.36 67.57 -11.62
CA LYS G 241 99.29 67.01 -10.66
C LYS G 241 98.62 66.68 -9.34
N ALA G 242 97.43 67.23 -9.09
CA ALA G 242 96.62 66.77 -7.98
C ALA G 242 96.11 65.35 -8.22
N HIS G 243 95.67 65.07 -9.45
CA HIS G 243 95.26 63.71 -9.79
C HIS G 243 96.42 62.74 -9.68
N ALA G 244 97.60 63.14 -10.17
CA ALA G 244 98.77 62.27 -10.11
C ALA G 244 99.19 62.00 -8.67
N ALA G 245 99.08 63.01 -7.80
CA ALA G 245 99.40 62.82 -6.40
C ALA G 245 98.41 61.88 -5.74
N ILE G 246 97.14 61.92 -6.15
CA ILE G 246 96.14 61.00 -5.61
C ILE G 246 96.50 59.57 -5.99
N ARG G 247 96.86 59.35 -7.25
CA ARG G 247 97.21 58.01 -7.71
C ARG G 247 98.48 57.52 -7.04
N GLU G 248 99.41 58.42 -6.74
CA GLU G 248 100.69 57.99 -6.19
C GLU G 248 100.55 57.60 -4.72
N ASN G 249 99.74 58.32 -3.97
CA ASN G 249 99.56 58.03 -2.54
C ASN G 249 98.13 58.34 -2.13
N PRO G 250 97.27 57.33 -2.08
CA PRO G 250 95.90 57.52 -1.58
C PRO G 250 95.71 57.18 -0.10
N VAL G 251 96.75 56.70 0.58
CA VAL G 251 96.59 56.20 1.94
C VAL G 251 96.39 57.36 2.90
N TYR G 252 95.37 57.26 3.73
CA TYR G 252 95.06 58.28 4.73
C TYR G 252 95.69 57.91 6.05
N GLU G 253 96.43 58.84 6.64
CA GLU G 253 97.00 58.68 7.97
C GLU G 253 96.27 59.59 8.94
N LYS G 254 95.95 59.06 10.12
CA LYS G 254 95.17 59.80 11.09
C LYS G 254 96.08 60.68 11.94
N LYS G 255 95.50 61.76 12.46
CA LYS G 255 96.24 62.72 13.27
C LYS G 255 96.02 62.42 14.75
N PRO G 256 97.08 62.17 15.51
CA PRO G 256 96.90 61.82 16.93
C PRO G 256 96.83 63.05 17.82
N LYS G 257 95.90 63.03 18.77
CA LYS G 257 95.76 64.12 19.73
C LYS G 257 95.05 63.59 20.96
N LYS G 258 95.78 63.43 22.06
CA LYS G 258 95.21 62.92 23.30
C LYS G 258 95.54 63.75 24.54
N GLU G 259 96.39 64.77 24.42
CA GLU G 259 96.81 65.55 25.58
C GLU G 259 95.79 66.64 25.91
N VAL G 260 94.52 66.27 26.00
CA VAL G 260 93.43 67.21 26.19
C VAL G 260 92.82 66.98 27.57
N LYS G 261 92.81 68.02 28.40
CA LYS G 261 92.13 67.95 29.68
C LYS G 261 90.62 67.82 29.47
N LYS G 262 89.98 67.07 30.35
CA LYS G 262 88.55 66.83 30.22
C LYS G 262 87.81 68.05 30.76
N LYS G 263 87.51 68.98 29.86
CA LYS G 263 86.71 70.15 30.17
C LYS G 263 85.32 69.99 29.59
N ARG G 264 84.31 70.35 30.36
CA ARG G 264 82.92 70.24 29.96
C ARG G 264 82.40 71.63 29.59
N TRP G 265 81.88 71.76 28.37
CA TRP G 265 81.42 73.04 27.86
C TRP G 265 79.90 73.18 27.91
N ASN G 266 79.19 72.14 28.30
CA ASN G 266 77.72 72.16 28.33
C ASN G 266 77.25 72.06 29.76
N ARG G 267 76.20 72.79 30.09
CA ARG G 267 75.66 72.73 31.45
C ARG G 267 75.09 71.33 31.72
N PRO G 268 75.43 70.73 32.84
CA PRO G 268 74.85 69.42 33.17
C PRO G 268 73.38 69.56 33.55
N LYS G 269 72.66 68.46 33.43
CA LYS G 269 71.25 68.43 33.75
C LYS G 269 71.06 68.60 35.25
N MET G 270 70.08 69.42 35.63
CA MET G 270 69.78 69.64 37.04
C MET G 270 69.16 68.39 37.65
N SER G 271 69.44 68.19 38.93
CA SER G 271 68.91 67.05 39.67
C SER G 271 67.48 67.32 40.11
N LEU G 272 66.81 66.27 40.58
CA LEU G 272 65.45 66.42 41.08
C LEU G 272 65.40 67.30 42.32
N ALA G 273 66.40 67.15 43.20
CA ALA G 273 66.45 67.98 44.41
C ALA G 273 66.60 69.45 44.05
N GLN G 274 67.41 69.76 43.04
CA GLN G 274 67.62 71.14 42.65
C GLN G 274 66.35 71.75 42.07
N LYS G 275 65.61 70.98 41.26
CA LYS G 275 64.37 71.49 40.68
C LYS G 275 63.31 71.70 41.75
N LYS G 276 63.24 70.80 42.73
CA LYS G 276 62.28 70.97 43.81
C LYS G 276 62.63 72.17 44.69
N ASP G 277 63.92 72.38 44.94
CA ASP G 277 64.33 73.53 45.74
C ASP G 277 64.03 74.84 45.02
N ARG G 278 64.20 74.86 43.70
CA ARG G 278 63.94 76.07 42.92
C ARG G 278 62.47 76.46 42.99
N VAL G 279 61.57 75.47 42.94
CA VAL G 279 60.15 75.76 43.08
C VAL G 279 59.85 76.28 44.47
N ALA G 280 60.47 75.68 45.49
CA ALA G 280 60.24 76.14 46.86
C ALA G 280 60.72 77.57 47.05
N GLN G 281 61.89 77.91 46.50
CA GLN G 281 62.40 79.27 46.61
C GLN G 281 61.49 80.26 45.89
N LYS G 282 61.02 79.88 44.69
CA LYS G 282 60.15 80.77 43.93
C LYS G 282 58.83 81.01 44.65
N LYS G 283 58.29 79.96 45.29
CA LYS G 283 57.08 80.14 46.10
C LYS G 283 57.34 81.06 47.27
N ALA G 284 58.47 80.88 47.94
CA ALA G 284 58.79 81.70 49.11
C ALA G 284 58.96 83.17 48.72
N SER G 285 59.65 83.42 47.61
CA SER G 285 59.87 84.80 47.18
C SER G 285 58.57 85.47 46.77
N PHE G 286 57.64 84.71 46.20
CA PHE G 286 56.37 85.30 45.81
C PHE G 286 55.51 85.63 47.02
N LEU G 287 55.51 84.76 48.02
CA LEU G 287 54.78 85.06 49.24
C LEU G 287 55.43 86.21 50.00
N ARG G 288 56.75 86.30 49.94
CA ARG G 288 57.44 87.43 50.55
C ARG G 288 57.07 88.75 49.86
N ALA G 289 56.94 88.74 48.53
CA ALA G 289 56.60 89.95 47.81
C ALA G 289 55.20 90.45 48.15
N GLN G 290 54.28 89.53 48.46
CA GLN G 290 52.93 89.93 48.81
C GLN G 290 52.87 90.58 50.19
N GLU G 291 53.54 89.96 51.17
CA GLU G 291 53.49 90.50 52.53
C GLU G 291 54.22 91.84 52.62
N ARG G 292 55.20 92.07 51.75
CA ARG G 292 55.80 93.40 51.68
C ARG G 292 54.82 94.40 51.08
N ALA G 293 53.96 93.93 50.19
CA ALA G 293 52.92 94.74 49.55
C ALA G 293 53.49 95.96 48.84
N LYS H 1 71.69 -41.21 68.61
CA LYS H 1 70.51 -40.39 68.81
C LYS H 1 70.52 -39.75 70.20
N GLY H 2 69.69 -38.72 70.38
CA GLY H 2 69.60 -38.01 71.65
C GLY H 2 68.16 -37.81 72.06
N LYS H 3 67.99 -37.55 73.35
CA LYS H 3 66.65 -37.37 73.91
C LYS H 3 66.02 -36.10 73.36
N PRO H 4 64.75 -36.12 72.98
CA PRO H 4 64.11 -34.89 72.49
C PRO H 4 64.03 -33.83 73.58
N HIS H 5 64.07 -32.58 73.16
CA HIS H 5 63.99 -31.43 74.05
C HIS H 5 62.73 -30.64 73.77
N CYS H 6 62.35 -29.80 74.73
CA CYS H 6 61.26 -28.87 74.53
C CYS H 6 61.67 -27.80 73.51
N SER H 7 60.71 -26.96 73.16
CA SER H 7 60.87 -26.10 71.99
C SER H 7 61.96 -25.04 72.18
N ARG H 8 62.22 -24.62 73.43
CA ARG H 8 63.24 -23.61 73.73
C ARG H 8 62.95 -22.26 73.09
N ASN H 9 61.84 -22.15 72.36
CA ASN H 9 61.36 -20.89 71.81
C ASN H 9 59.91 -20.78 72.21
N PRO H 10 59.62 -20.13 73.34
CA PRO H 10 58.23 -19.99 73.78
C PRO H 10 57.40 -19.24 72.74
N VAL H 11 56.18 -19.71 72.53
CA VAL H 11 55.26 -18.98 71.67
C VAL H 11 54.69 -17.83 72.47
N LEU H 12 54.56 -16.68 71.83
CA LEU H 12 53.85 -15.56 72.42
C LEU H 12 52.59 -15.20 71.65
N VAL H 13 52.65 -15.32 70.33
CA VAL H 13 51.49 -15.27 69.46
C VAL H 13 51.64 -16.42 68.47
N ARG H 14 50.53 -17.00 68.04
CA ARG H 14 50.56 -18.09 67.09
C ARG H 14 51.33 -17.71 65.84
N GLY H 15 52.36 -18.49 65.52
CA GLY H 15 53.19 -18.24 64.37
C GLY H 15 54.40 -17.38 64.64
N ILE H 16 54.54 -16.83 65.84
CA ILE H 16 55.67 -15.98 66.20
C ILE H 16 56.25 -16.50 67.49
N GLY H 17 57.55 -16.77 67.48
CA GLY H 17 58.23 -17.19 68.70
C GLY H 17 58.76 -16.02 69.48
N ARG H 18 59.11 -16.27 70.74
CA ARG H 18 59.55 -15.18 71.60
C ARG H 18 60.96 -14.72 71.26
N TYR H 19 61.79 -15.60 70.71
CA TYR H 19 63.19 -15.29 70.47
C TYR H 19 63.48 -15.23 68.98
N SER H 20 64.47 -14.42 68.63
CA SER H 20 64.82 -14.20 67.23
C SER H 20 65.71 -15.33 66.72
N ARG H 21 66.17 -15.18 65.47
CA ARG H 21 66.99 -16.21 64.85
C ARG H 21 68.33 -16.35 65.57
N SER H 22 68.98 -15.22 65.87
CA SER H 22 70.27 -15.29 66.55
C SER H 22 70.11 -15.67 68.02
N ALA H 23 69.02 -15.24 68.65
CA ALA H 23 68.76 -15.63 70.02
C ALA H 23 68.54 -17.13 70.13
N MET H 24 67.81 -17.70 69.19
CA MET H 24 67.61 -19.15 69.19
C MET H 24 68.86 -19.89 68.75
N TYR H 25 69.74 -19.23 68.00
CA TYR H 25 71.01 -19.85 67.62
C TYR H 25 71.87 -20.09 68.86
N SER H 26 71.91 -19.13 69.76
CA SER H 26 72.72 -19.28 70.96
C SER H 26 72.05 -20.18 71.99
N ARG H 27 70.71 -20.15 72.04
CA ARG H 27 70.00 -21.03 72.96
C ARG H 27 70.17 -22.49 72.58
N LYS H 28 70.22 -22.77 71.28
CA LYS H 28 70.43 -24.12 70.78
C LYS H 28 71.89 -24.54 70.81
N ALA H 29 72.81 -23.62 71.08
CA ALA H 29 74.24 -23.86 70.97
C ALA H 29 74.63 -24.38 69.60
N MET H 30 74.06 -23.76 68.56
CA MET H 30 74.36 -24.16 67.20
C MET H 30 75.80 -23.84 66.80
N TYR H 31 76.51 -23.06 67.60
CA TYR H 31 77.91 -22.74 67.30
C TYR H 31 78.82 -23.94 67.46
N LYS H 32 78.42 -24.95 68.24
CA LYS H 32 79.23 -26.15 68.40
C LYS H 32 78.58 -27.41 67.84
N ARG H 33 77.31 -27.35 67.46
CA ARG H 33 76.63 -28.49 66.84
C ARG H 33 76.65 -28.36 65.32
N LYS H 34 77.85 -28.45 64.76
CA LYS H 34 78.08 -28.23 63.35
C LYS H 34 78.51 -29.52 62.69
N TYR H 35 77.82 -29.90 61.61
CA TYR H 35 78.02 -31.19 60.96
C TYR H 35 78.32 -30.96 59.49
N SER H 36 79.39 -31.58 58.99
CA SER H 36 79.81 -31.39 57.61
C SER H 36 79.67 -32.66 56.78
N ALA H 37 80.29 -33.76 57.20
CA ALA H 37 80.23 -35.02 56.45
C ALA H 37 80.20 -36.16 57.47
N ALA H 38 80.37 -37.38 56.98
CA ALA H 38 80.34 -38.56 57.84
C ALA H 38 81.57 -38.61 58.73
N LYS H 49 64.93 -52.25 50.51
CA LYS H 49 64.47 -52.24 51.88
C LYS H 49 63.40 -53.31 52.10
N VAL H 50 62.20 -53.05 51.60
CA VAL H 50 61.11 -54.00 51.73
C VAL H 50 61.15 -54.97 50.55
N LEU H 51 61.16 -56.26 50.86
CA LEU H 51 61.28 -57.27 49.81
C LEU H 51 59.97 -57.38 49.03
N ALA H 52 60.03 -56.99 47.75
CA ALA H 52 58.85 -57.10 46.90
C ALA H 52 58.56 -58.56 46.54
N THR H 53 59.61 -59.34 46.30
CA THR H 53 59.48 -60.74 45.94
C THR H 53 60.06 -61.60 47.05
N VAL H 54 59.52 -62.80 47.20
CA VAL H 54 59.99 -63.76 48.19
C VAL H 54 60.23 -65.10 47.48
N THR H 55 61.34 -65.73 47.81
CA THR H 55 61.66 -67.05 47.29
C THR H 55 61.05 -68.12 48.19
N LYS H 56 60.25 -69.01 47.59
CA LYS H 56 59.57 -70.05 48.36
C LYS H 56 59.84 -71.41 47.74
N PRO H 57 60.15 -72.44 48.54
CA PRO H 57 60.35 -73.78 47.98
C PRO H 57 59.02 -74.34 47.47
N VAL H 58 58.95 -74.51 46.15
CA VAL H 58 57.70 -74.96 45.53
C VAL H 58 57.43 -76.42 45.89
N GLY H 59 58.48 -77.22 46.03
CA GLY H 59 58.32 -78.63 46.33
C GLY H 59 57.98 -79.44 45.09
N GLY H 60 57.97 -80.75 45.26
CA GLY H 60 57.74 -81.65 44.16
C GLY H 60 59.00 -81.92 43.36
N ASP H 61 59.16 -83.14 42.88
CA ASP H 61 60.34 -83.50 42.10
C ASP H 61 60.30 -82.78 40.74
N LYS H 62 61.49 -82.49 40.23
CA LYS H 62 61.75 -81.81 38.95
C LYS H 62 60.78 -80.66 38.67
N ASN H 63 60.48 -79.87 39.70
CA ASN H 63 59.79 -78.60 39.57
C ASN H 63 60.73 -77.41 39.67
N GLY H 64 62.02 -77.65 39.48
CA GLY H 64 63.01 -76.65 39.81
C GLY H 64 63.20 -76.58 41.31
N GLY H 65 64.08 -75.67 41.72
CA GLY H 65 64.32 -75.51 43.13
C GLY H 65 63.18 -74.83 43.84
N THR H 66 62.97 -73.55 43.52
CA THR H 66 62.00 -72.71 44.22
C THR H 66 61.22 -71.90 43.20
N ARG H 67 60.49 -70.91 43.69
CA ARG H 67 59.76 -69.95 42.86
C ARG H 67 59.99 -68.56 43.41
N VAL H 68 60.27 -67.62 42.52
CA VAL H 68 60.45 -66.22 42.91
C VAL H 68 59.05 -65.62 42.89
N VAL H 69 58.33 -65.77 43.99
CA VAL H 69 56.96 -65.29 44.10
C VAL H 69 56.99 -63.82 44.48
N LYS H 70 56.36 -62.99 43.65
CA LYS H 70 56.30 -61.56 43.91
C LYS H 70 55.04 -61.23 44.69
N LEU H 71 55.14 -60.21 45.52
CA LEU H 71 53.98 -59.68 46.23
C LEU H 71 53.37 -58.56 45.41
N ARG H 72 52.07 -58.33 45.62
CA ARG H 72 51.32 -57.29 44.91
C ARG H 72 51.38 -57.50 43.40
N LYS H 73 50.75 -58.57 42.97
CA LYS H 73 50.65 -58.87 41.55
C LYS H 73 49.94 -57.74 40.80
N MET H 74 50.23 -57.62 39.51
CA MET H 74 49.67 -56.57 38.70
C MET H 74 48.16 -56.77 38.53
N PRO H 75 47.42 -55.70 38.28
CA PRO H 75 45.95 -55.80 38.19
C PRO H 75 45.50 -56.75 37.08
N ARG H 76 44.43 -57.48 37.37
CA ARG H 76 43.84 -58.34 36.36
C ARG H 76 43.02 -57.56 35.34
N TYR H 77 42.54 -56.39 35.74
CA TYR H 77 41.61 -55.61 34.93
C TYR H 77 41.93 -54.14 35.05
N TYR H 78 41.68 -53.40 33.98
CA TYR H 78 41.82 -51.96 33.98
C TYR H 78 40.51 -51.34 33.53
N PRO H 79 39.98 -50.35 34.23
CA PRO H 79 38.80 -49.65 33.73
C PRO H 79 39.12 -48.90 32.45
N THR H 80 38.07 -48.63 31.66
CA THR H 80 38.27 -48.00 30.37
C THR H 80 38.85 -46.59 30.49
N GLU H 81 38.66 -45.95 31.64
CA GLU H 81 39.18 -44.62 31.87
C GLU H 81 39.19 -44.34 33.36
N ASP H 82 40.11 -43.47 33.78
CA ASP H 82 40.34 -43.14 35.18
C ASP H 82 40.15 -41.65 35.42
N VAL H 83 40.36 -41.26 36.67
CA VAL H 83 40.27 -39.89 37.12
C VAL H 83 41.68 -39.41 37.48
N PRO H 84 42.09 -38.21 37.06
CA PRO H 84 43.39 -37.70 37.48
C PRO H 84 43.43 -37.46 38.99
N ARG H 85 44.61 -37.61 39.56
CA ARG H 85 44.79 -37.40 40.98
C ARG H 85 44.68 -35.91 41.31
N LYS H 86 44.40 -35.63 42.58
CA LYS H 86 44.19 -34.27 43.04
C LYS H 86 45.52 -33.54 43.20
N LEU H 87 45.43 -32.22 43.34
CA LEU H 87 46.54 -31.40 43.77
C LEU H 87 46.68 -31.53 45.28
N LEU H 88 47.66 -30.83 45.86
CA LEU H 88 47.95 -30.94 47.28
C LEU H 88 47.55 -29.64 47.99
N SER H 89 47.03 -29.77 49.22
CA SER H 89 46.27 -28.70 49.84
C SER H 89 46.91 -28.09 51.09
N HIS H 90 47.96 -28.69 51.63
CA HIS H 90 48.74 -28.16 52.77
C HIS H 90 47.89 -27.78 53.97
N GLY H 91 46.70 -28.35 54.08
CA GLY H 91 45.88 -28.13 55.24
C GLY H 91 44.85 -29.24 55.31
N LYS H 92 43.63 -28.91 55.69
CA LYS H 92 42.49 -29.83 55.62
C LYS H 92 42.78 -31.12 56.38
N LYS H 93 42.98 -30.98 57.68
CA LYS H 93 43.23 -32.11 58.54
C LYS H 93 41.97 -32.95 58.69
N PRO H 94 42.11 -34.23 59.01
CA PRO H 94 40.93 -35.05 59.32
C PRO H 94 40.27 -34.59 60.61
N PHE H 95 39.02 -35.00 60.78
CA PHE H 95 38.23 -34.53 61.92
C PHE H 95 38.85 -34.94 63.25
N SER H 96 39.47 -36.11 63.31
CA SER H 96 40.08 -36.57 64.55
C SER H 96 41.26 -35.70 64.97
N GLN H 97 41.83 -34.94 64.04
CA GLN H 97 42.98 -34.09 64.33
C GLN H 97 42.61 -32.63 64.48
N HIS H 98 41.33 -32.28 64.39
CA HIS H 98 40.91 -30.91 64.61
C HIS H 98 41.09 -30.52 66.06
N VAL H 99 41.37 -29.26 66.29
CA VAL H 99 41.40 -28.73 67.65
C VAL H 99 39.97 -28.53 68.11
N ARG H 100 39.68 -28.91 69.35
CA ARG H 100 38.33 -28.85 69.88
C ARG H 100 38.18 -27.59 70.72
N LYS H 101 37.18 -26.78 70.39
CA LYS H 101 36.94 -25.51 71.05
C LYS H 101 35.71 -25.61 71.92
N LEU H 102 35.78 -25.03 73.11
CA LEU H 102 34.67 -25.02 74.05
C LEU H 102 34.40 -23.60 74.50
N ARG H 103 33.12 -23.25 74.57
CA ARG H 103 32.73 -21.91 74.98
C ARG H 103 33.11 -21.67 76.44
N ALA H 104 33.49 -20.43 76.74
CA ALA H 104 33.97 -20.09 78.08
C ALA H 104 32.89 -20.23 79.14
N SER H 105 31.61 -20.15 78.76
CA SER H 105 30.53 -20.27 79.72
C SER H 105 30.24 -21.70 80.11
N ILE H 106 30.84 -22.68 79.44
CA ILE H 106 30.63 -24.09 79.73
C ILE H 106 31.86 -24.59 80.47
N THR H 107 31.73 -24.74 81.78
CA THR H 107 32.74 -25.30 82.66
C THR H 107 32.17 -26.51 83.36
N PRO H 108 33.00 -27.46 83.79
CA PRO H 108 32.47 -28.67 84.43
C PRO H 108 31.66 -28.35 85.67
N GLY H 109 30.43 -28.83 85.70
CA GLY H 109 29.48 -28.52 86.73
C GLY H 109 28.43 -27.51 86.34
N THR H 110 28.56 -26.89 85.17
CA THR H 110 27.57 -25.91 84.73
C THR H 110 26.27 -26.58 84.37
N ILE H 111 25.16 -25.94 84.72
CA ILE H 111 23.84 -26.41 84.33
C ILE H 111 23.56 -25.92 82.92
N LEU H 112 23.26 -26.85 82.02
CA LEU H 112 22.99 -26.55 80.63
C LEU H 112 21.51 -26.80 80.33
N ILE H 113 21.04 -26.18 79.25
CA ILE H 113 19.68 -26.36 78.77
C ILE H 113 19.76 -26.99 77.39
N ILE H 114 19.17 -28.17 77.24
CA ILE H 114 19.15 -28.86 75.95
C ILE H 114 18.12 -28.21 75.05
N LEU H 115 18.51 -27.95 73.80
CA LEU H 115 17.62 -27.29 72.87
C LEU H 115 17.00 -28.21 71.83
N THR H 116 17.56 -29.39 71.62
CA THR H 116 17.10 -30.29 70.58
C THR H 116 16.98 -31.71 71.13
N GLY H 117 16.32 -32.57 70.37
CA GLY H 117 16.18 -33.96 70.75
C GLY H 117 14.98 -34.21 71.63
N ARG H 118 14.85 -35.48 72.03
CA ARG H 118 13.74 -35.86 72.90
C ARG H 118 13.86 -35.25 74.28
N HIS H 119 15.05 -34.86 74.70
CA HIS H 119 15.28 -34.18 75.97
C HIS H 119 15.26 -32.67 75.80
N ARG H 120 14.44 -32.20 74.88
CA ARG H 120 14.33 -30.79 74.54
C ARG H 120 13.92 -29.97 75.76
N GLY H 121 14.66 -28.91 76.04
CA GLY H 121 14.30 -28.00 77.10
C GLY H 121 14.66 -28.44 78.50
N LYS H 122 15.26 -29.59 78.68
CA LYS H 122 15.61 -30.08 80.00
C LYS H 122 16.91 -29.44 80.48
N ARG H 123 17.06 -29.34 81.79
CA ARG H 123 18.25 -28.79 82.41
C ARG H 123 19.12 -29.93 82.92
N VAL H 124 20.36 -29.99 82.46
CA VAL H 124 21.27 -31.09 82.74
C VAL H 124 22.57 -30.53 83.30
N VAL H 125 23.41 -31.44 83.78
CA VAL H 125 24.68 -31.08 84.42
C VAL H 125 25.81 -31.46 83.48
N PHE H 126 26.71 -30.51 83.23
CA PHE H 126 27.84 -30.73 82.34
C PHE H 126 29.00 -31.33 83.14
N LEU H 127 29.63 -32.36 82.57
CA LEU H 127 30.72 -33.06 83.24
C LEU H 127 32.06 -32.80 82.58
N LYS H 128 32.20 -33.11 81.30
CA LYS H 128 33.47 -32.97 80.62
C LYS H 128 33.23 -32.94 79.12
N GLN H 129 34.16 -32.33 78.40
CA GLN H 129 34.15 -32.37 76.94
C GLN H 129 34.92 -33.60 76.47
N LEU H 130 34.35 -34.30 75.51
CA LEU H 130 34.94 -35.54 75.03
C LEU H 130 35.94 -35.23 73.92
N ALA H 131 36.56 -36.28 73.36
CA ALA H 131 37.64 -36.09 72.40
C ALA H 131 37.13 -35.51 71.09
N SER H 132 35.87 -35.72 70.76
CA SER H 132 35.29 -35.15 69.55
C SER H 132 34.74 -33.75 69.76
N GLY H 133 34.81 -33.22 70.99
CA GLY H 133 34.22 -31.95 71.30
C GLY H 133 32.78 -32.02 71.76
N LEU H 134 32.16 -33.19 71.70
CA LEU H 134 30.82 -33.35 72.23
C LEU H 134 30.86 -33.32 73.75
N LEU H 135 29.90 -32.62 74.33
CA LEU H 135 29.82 -32.53 75.78
C LEU H 135 29.19 -33.79 76.35
N LEU H 136 29.72 -34.24 77.48
CA LEU H 136 29.13 -35.35 78.22
C LEU H 136 28.33 -34.78 79.37
N VAL H 137 27.03 -35.05 79.38
CA VAL H 137 26.12 -34.48 80.36
C VAL H 137 25.37 -35.60 81.05
N THR H 138 24.93 -35.33 82.28
CA THR H 138 23.94 -36.17 82.94
C THR H 138 23.12 -35.28 83.88
N GLY H 139 21.99 -34.80 83.39
CA GLY H 139 20.98 -34.31 84.28
C GLY H 139 20.44 -35.55 84.94
N PRO H 140 20.75 -35.75 86.23
CA PRO H 140 20.72 -37.10 86.82
C PRO H 140 19.40 -37.81 86.58
N LEU H 141 19.51 -39.11 86.27
CA LEU H 141 18.36 -39.84 85.75
C LEU H 141 17.19 -39.83 86.73
N VAL H 142 17.46 -39.77 88.03
CA VAL H 142 16.40 -39.69 89.01
C VAL H 142 15.69 -38.34 89.02
N LEU H 143 16.26 -37.33 88.36
CA LEU H 143 15.67 -36.01 88.35
C LEU H 143 14.86 -35.73 87.10
N ASN H 144 15.45 -35.87 85.91
CA ASN H 144 14.73 -35.52 84.70
C ASN H 144 14.89 -36.55 83.59
N ARG H 145 15.30 -37.77 83.92
CA ARG H 145 15.36 -38.89 82.97
C ARG H 145 16.33 -38.63 81.83
N VAL H 146 17.45 -37.99 82.13
CA VAL H 146 18.53 -37.80 81.15
C VAL H 146 19.71 -38.65 81.60
N PRO H 147 20.05 -39.70 80.87
CA PRO H 147 21.17 -40.56 81.30
C PRO H 147 22.50 -39.90 81.04
N LEU H 148 23.59 -40.62 81.29
CA LEU H 148 24.88 -40.19 80.78
C LEU H 148 24.79 -40.16 79.26
N ARG H 149 24.91 -38.97 78.67
CA ARG H 149 24.56 -38.83 77.27
C ARG H 149 25.39 -37.72 76.67
N ARG H 150 25.78 -37.89 75.41
CA ARG H 150 26.53 -36.87 74.72
C ARG H 150 25.58 -35.77 74.23
N THR H 151 26.15 -34.59 74.02
CA THR H 151 25.40 -33.47 73.45
C THR H 151 26.39 -32.53 72.78
N HIS H 152 25.85 -31.67 71.93
CA HIS H 152 26.65 -30.73 71.16
C HIS H 152 26.56 -29.35 71.79
N GLN H 153 27.72 -28.71 71.99
CA GLN H 153 27.76 -27.40 72.63
C GLN H 153 27.07 -26.33 71.81
N LYS H 154 26.91 -26.54 70.51
CA LYS H 154 26.24 -25.54 69.70
C LYS H 154 24.74 -25.51 69.99
N PHE H 155 24.19 -26.59 70.52
CA PHE H 155 22.75 -26.73 70.71
C PHE H 155 22.36 -26.75 72.18
N VAL H 156 23.14 -26.09 73.03
CA VAL H 156 22.83 -25.96 74.44
C VAL H 156 22.96 -24.50 74.84
N ILE H 157 22.32 -24.16 75.95
CA ILE H 157 22.44 -22.85 76.56
C ILE H 157 23.13 -23.03 77.90
N ALA H 158 24.26 -22.37 78.09
CA ALA H 158 24.99 -22.44 79.34
C ALA H 158 24.40 -21.43 80.31
N THR H 159 23.84 -21.91 81.41
CA THR H 159 23.29 -21.03 82.42
C THR H 159 24.40 -20.56 83.37
N SER H 160 24.04 -19.65 84.26
CA SER H 160 24.98 -19.11 85.22
C SER H 160 25.18 -20.01 86.43
N THR H 161 24.16 -20.79 86.80
CA THR H 161 24.25 -21.62 87.99
C THR H 161 25.17 -22.81 87.75
N LYS H 162 26.03 -23.08 88.72
CA LYS H 162 27.00 -24.16 88.64
C LYS H 162 27.07 -24.90 89.96
N ILE H 163 27.44 -26.16 89.90
CA ILE H 163 27.81 -26.93 91.08
C ILE H 163 29.26 -27.34 90.95
N ASP H 164 29.94 -27.42 92.09
CA ASP H 164 31.36 -27.76 92.09
C ASP H 164 31.49 -29.27 91.98
N ILE H 165 31.66 -29.76 90.74
CA ILE H 165 31.81 -31.18 90.51
C ILE H 165 33.28 -31.53 90.44
N SER H 166 34.14 -30.66 90.97
CA SER H 166 35.52 -31.06 91.15
C SER H 166 35.59 -32.22 92.14
N ASN H 167 36.72 -32.92 92.11
CA ASN H 167 37.02 -34.10 92.93
C ASN H 167 35.94 -35.19 92.84
N VAL H 168 35.16 -35.22 91.77
CA VAL H 168 34.34 -36.39 91.45
C VAL H 168 35.09 -37.16 90.38
N LYS H 169 34.81 -38.46 90.30
CA LYS H 169 35.56 -39.37 89.45
C LYS H 169 34.68 -39.81 88.29
N ILE H 170 34.85 -39.16 87.15
CA ILE H 170 34.21 -39.63 85.93
C ILE H 170 34.99 -40.85 85.46
N PRO H 171 34.33 -41.99 85.24
CA PRO H 171 35.06 -43.19 84.78
C PRO H 171 35.75 -42.94 83.45
N LYS H 172 36.91 -43.56 83.30
CA LYS H 172 37.75 -43.28 82.13
C LYS H 172 37.23 -43.93 80.87
N HIS H 173 36.52 -45.05 80.97
CA HIS H 173 35.99 -45.69 79.77
C HIS H 173 34.84 -44.90 79.15
N LEU H 174 34.35 -43.86 79.83
CA LEU H 174 33.33 -43.00 79.26
C LEU H 174 33.93 -42.14 78.18
N THR H 175 34.05 -42.67 76.97
CA THR H 175 34.69 -41.99 75.86
C THR H 175 33.69 -41.88 74.71
N ASP H 176 34.16 -41.33 73.59
CA ASP H 176 33.33 -41.23 72.41
C ASP H 176 32.96 -42.60 71.86
N ALA H 177 33.90 -43.54 71.92
CA ALA H 177 33.61 -44.90 71.48
C ALA H 177 32.57 -45.57 72.37
N TYR H 178 32.54 -45.22 73.65
CA TYR H 178 31.54 -45.77 74.56
C TYR H 178 30.14 -45.37 74.15
N PHE H 179 29.94 -44.11 73.78
CA PHE H 179 28.63 -43.56 73.50
C PHE H 179 28.23 -43.69 72.03
N LYS H 180 29.13 -44.12 71.16
CA LYS H 180 28.83 -44.21 69.74
C LYS H 180 27.73 -45.25 69.51
N LYS H 181 26.80 -44.91 68.62
CA LYS H 181 25.65 -45.76 68.36
C LYS H 181 26.08 -47.08 67.75
N LYS H 182 25.30 -48.12 68.02
CA LYS H 182 25.54 -49.45 67.50
C LYS H 182 24.43 -49.81 66.53
N LYS H 183 24.77 -50.56 65.49
CA LYS H 183 23.82 -50.96 64.48
C LYS H 183 23.90 -52.46 64.26
N LEU H 184 22.79 -53.03 63.76
CA LEU H 184 22.72 -54.44 63.41
C LEU H 184 22.72 -54.66 61.91
N ARG H 185 21.80 -54.03 61.19
CA ARG H 185 21.67 -54.23 59.76
C ARG H 185 22.90 -53.72 59.01
N LYS H 186 23.25 -54.41 57.91
CA LYS H 186 22.57 -55.57 57.36
C LYS H 186 23.53 -56.61 56.79
N PRO H 187 23.97 -57.55 57.60
CA PRO H 187 24.70 -58.72 57.10
C PRO H 187 23.73 -59.84 56.73
N ARG H 188 24.26 -60.81 55.99
CA ARG H 188 23.56 -62.05 55.57
C ARG H 188 22.14 -61.80 55.05
N HIS H 189 21.89 -60.61 54.50
CA HIS H 189 20.54 -60.24 54.07
C HIS H 189 20.66 -59.18 52.99
N GLN H 190 20.11 -59.47 51.80
CA GLN H 190 20.21 -58.56 50.67
C GLN H 190 18.86 -57.99 50.26
N GLU H 191 17.88 -58.84 49.97
CA GLU H 191 16.54 -58.40 49.60
C GLU H 191 15.60 -58.61 50.80
N GLY H 192 14.79 -57.60 51.08
CA GLY H 192 13.86 -57.69 52.19
C GLY H 192 12.52 -58.30 51.82
N GLU H 193 12.38 -59.60 52.08
CA GLU H 193 11.09 -60.27 51.95
C GLU H 193 10.51 -60.69 53.29
N ILE H 194 11.36 -60.89 54.30
CA ILE H 194 10.94 -61.05 55.68
C ILE H 194 11.39 -59.81 56.43
N PHE H 195 10.50 -59.22 57.22
CA PHE H 195 10.80 -57.96 57.89
C PHE H 195 11.97 -58.11 58.85
N ASP H 196 12.92 -57.17 58.76
CA ASP H 196 14.08 -57.12 59.63
C ASP H 196 13.91 -56.08 60.73
N THR H 197 12.68 -55.91 61.23
CA THR H 197 12.39 -54.91 62.26
C THR H 197 12.79 -55.37 63.65
N GLU H 198 13.34 -56.57 63.80
CA GLU H 198 13.81 -57.03 65.10
C GLU H 198 15.04 -56.23 65.52
N LYS H 199 15.32 -56.27 66.83
CA LYS H 199 16.45 -55.61 67.46
C LYS H 199 16.29 -54.09 67.39
N GLU H 200 15.20 -53.61 66.80
CA GLU H 200 14.90 -52.17 66.82
C GLU H 200 14.73 -51.65 68.23
N LYS H 201 14.43 -52.52 69.18
CA LYS H 201 14.39 -52.14 70.59
C LYS H 201 15.83 -52.03 71.08
N TYR H 202 16.33 -50.81 71.19
CA TYR H 202 17.60 -50.56 71.84
C TYR H 202 17.53 -51.02 73.29
N GLU H 203 18.56 -51.72 73.74
CA GLU H 203 18.62 -52.28 75.09
C GLU H 203 19.64 -51.52 75.91
N ILE H 204 19.22 -51.10 77.11
CA ILE H 204 20.13 -50.45 78.04
C ILE H 204 21.04 -51.51 78.65
N THR H 205 22.33 -51.39 78.40
CA THR H 205 23.29 -52.34 78.93
C THR H 205 23.39 -52.22 80.44
N GLU H 206 23.66 -53.34 81.10
CA GLU H 206 23.94 -53.32 82.53
C GLU H 206 25.12 -52.43 82.85
N GLN H 207 26.10 -52.36 81.96
CA GLN H 207 27.25 -51.49 82.17
C GLN H 207 26.83 -50.02 82.20
N ARG H 208 25.91 -49.63 81.31
CA ARG H 208 25.44 -48.25 81.30
C ARG H 208 24.69 -47.91 82.57
N LYS H 209 23.94 -48.87 83.12
CA LYS H 209 23.26 -48.64 84.38
C LYS H 209 24.26 -48.52 85.53
N ILE H 210 25.33 -49.32 85.50
CA ILE H 210 26.35 -49.25 86.53
C ILE H 210 27.05 -47.89 86.48
N ASP H 211 27.40 -47.43 85.29
CA ASP H 211 28.04 -46.13 85.14
C ASP H 211 27.12 -45.00 85.55
N GLN H 212 25.84 -45.10 85.20
CA GLN H 212 24.88 -44.08 85.59
C GLN H 212 24.78 -43.99 87.11
N LYS H 213 24.74 -45.13 87.78
CA LYS H 213 24.67 -45.13 89.24
C LYS H 213 25.95 -44.58 89.86
N ALA H 214 27.10 -44.89 89.26
CA ALA H 214 28.37 -44.47 89.84
C ALA H 214 28.54 -42.96 89.80
N VAL H 215 28.22 -42.34 88.67
CA VAL H 215 28.35 -40.89 88.57
C VAL H 215 27.30 -40.19 89.40
N ASP H 216 26.04 -40.64 89.31
CA ASP H 216 24.95 -39.96 90.00
C ASP H 216 25.07 -40.08 91.51
N SER H 217 25.72 -41.14 92.00
CA SER H 217 25.87 -41.30 93.44
C SER H 217 26.76 -40.23 94.06
N GLN H 218 27.60 -39.58 93.26
CA GLN H 218 28.48 -38.53 93.77
C GLN H 218 28.17 -37.16 93.21
N ILE H 219 27.23 -37.05 92.28
CA ILE H 219 26.73 -35.75 91.85
C ILE H 219 25.50 -35.34 92.62
N LEU H 220 24.64 -36.30 92.95
CA LEU H 220 23.39 -35.99 93.65
C LEU H 220 23.60 -35.35 95.00
N PRO H 221 24.51 -35.82 95.88
CA PRO H 221 24.71 -35.11 97.15
C PRO H 221 25.13 -33.66 96.96
N LYS H 222 25.89 -33.36 95.92
CA LYS H 222 26.28 -31.98 95.66
C LYS H 222 25.13 -31.15 95.11
N ILE H 223 24.16 -31.79 94.45
CA ILE H 223 22.98 -31.07 94.00
C ILE H 223 22.09 -30.71 95.19
N LYS H 224 21.89 -31.65 96.12
CA LYS H 224 21.09 -31.39 97.30
C LYS H 224 21.72 -30.36 98.23
N ALA H 225 23.01 -30.05 98.05
CA ALA H 225 23.69 -29.11 98.92
C ALA H 225 23.14 -27.70 98.81
N ILE H 226 22.67 -27.29 97.64
CA ILE H 226 22.11 -25.95 97.49
C ILE H 226 20.59 -26.05 97.37
N PRO H 227 19.86 -25.16 98.01
CA PRO H 227 18.41 -25.33 98.12
C PRO H 227 17.69 -25.29 96.78
N GLN H 228 16.68 -26.15 96.66
CA GLN H 228 15.76 -26.25 95.51
C GLN H 228 16.45 -26.19 94.16
N LEU H 229 17.67 -26.72 94.07
CA LEU H 229 18.27 -26.94 92.76
C LEU H 229 17.69 -28.17 92.08
N GLN H 230 17.37 -29.21 92.86
CA GLN H 230 16.76 -30.40 92.28
C GLN H 230 15.40 -30.08 91.68
N GLY H 231 14.63 -29.20 92.31
CA GLY H 231 13.40 -28.73 91.69
C GLY H 231 13.66 -27.99 90.41
N TYR H 232 14.75 -27.21 90.37
CA TYR H 232 15.13 -26.51 89.14
C TYR H 232 15.50 -27.51 88.05
N LEU H 233 16.22 -28.57 88.41
CA LEU H 233 16.62 -29.56 87.42
C LEU H 233 15.46 -30.41 86.95
N ARG H 234 14.44 -30.59 87.79
CA ARG H 234 13.27 -31.36 87.39
C ARG H 234 12.42 -30.62 86.37
N SER H 235 12.41 -29.30 86.42
CA SER H 235 11.59 -28.52 85.50
C SER H 235 12.26 -28.38 84.14
N VAL H 236 11.47 -27.95 83.16
CA VAL H 236 11.97 -27.73 81.80
C VAL H 236 11.95 -26.25 81.50
N PHE H 237 12.76 -25.86 80.52
CA PHE H 237 12.81 -24.48 80.07
C PHE H 237 11.74 -24.22 79.01
N ALA H 238 11.17 -23.04 79.05
CA ALA H 238 10.11 -22.67 78.11
C ALA H 238 10.13 -21.16 77.91
N LEU H 239 9.55 -20.72 76.81
CA LEU H 239 9.40 -19.30 76.52
C LEU H 239 7.96 -18.89 76.75
N THR H 240 7.73 -18.13 77.82
CA THR H 240 6.47 -17.45 78.10
C THR H 240 6.31 -16.30 77.10
N ASN H 241 5.05 -15.86 76.91
CA ASN H 241 4.79 -14.85 75.90
C ASN H 241 5.40 -13.50 76.24
N GLY H 242 5.65 -13.22 77.51
CA GLY H 242 6.25 -11.94 77.86
C GLY H 242 7.75 -11.90 77.72
N ILE H 243 8.40 -13.05 77.76
CA ILE H 243 9.85 -13.10 77.89
C ILE H 243 10.49 -13.27 76.52
N TYR H 244 11.66 -12.66 76.35
CA TYR H 244 12.38 -12.67 75.09
C TYR H 244 13.80 -13.16 75.35
N PRO H 245 14.31 -14.08 74.54
CA PRO H 245 15.63 -14.67 74.86
C PRO H 245 16.78 -13.68 74.82
N HIS H 246 16.64 -12.56 74.12
CA HIS H 246 17.73 -11.60 74.07
C HIS H 246 17.80 -10.72 75.31
N LYS H 247 16.74 -10.64 76.09
CA LYS H 247 16.76 -9.90 77.34
C LYS H 247 17.04 -10.78 78.55
N LEU H 248 17.11 -12.10 78.36
CA LEU H 248 17.25 -13.02 79.47
C LEU H 248 18.71 -13.19 79.82
N VAL H 249 19.02 -13.07 81.11
CA VAL H 249 20.32 -13.46 81.63
C VAL H 249 20.23 -14.92 82.05
N PHE H 250 21.06 -15.76 81.44
CA PHE H 250 21.00 -17.18 81.74
C PHE H 250 22.03 -17.55 82.79
N ASN I 1 78.70 -42.65 34.74
CA ASN I 1 78.68 -41.21 34.99
C ASN I 1 77.50 -40.82 35.88
N PHE I 2 76.80 -41.83 36.40
CA PHE I 2 75.64 -41.58 37.25
C PHE I 2 76.05 -40.86 38.54
N ALA I 3 77.18 -41.26 39.13
CA ALA I 3 77.65 -40.61 40.34
C ALA I 3 78.03 -39.15 40.07
N GLU I 4 78.69 -38.89 38.95
CA GLU I 4 79.16 -37.54 38.66
C GLU I 4 78.00 -36.60 38.35
N LEU I 5 76.98 -37.08 37.64
CA LEU I 5 75.85 -36.22 37.32
C LEU I 5 75.01 -35.91 38.56
N LYS I 6 74.96 -36.84 39.52
CA LYS I 6 74.31 -36.54 40.79
C LYS I 6 75.03 -35.42 41.51
N ILE I 7 76.37 -35.45 41.50
CA ILE I 7 77.15 -34.41 42.16
C ILE I 7 76.91 -33.06 41.49
N LYS I 8 76.85 -33.05 40.16
CA LYS I 8 76.59 -31.82 39.42
C LYS I 8 75.25 -31.22 39.82
N ARG I 9 74.20 -32.04 39.88
CA ARG I 9 72.89 -31.51 40.22
C ARG I 9 72.82 -31.06 41.68
N LEU I 10 73.49 -31.78 42.58
CA LEU I 10 73.52 -31.35 43.98
C LEU I 10 74.24 -30.02 44.14
N ARG I 11 75.37 -29.86 43.45
CA ARG I 11 76.11 -28.60 43.53
C ARG I 11 75.30 -27.45 42.94
N LYS I 12 74.61 -27.70 41.82
CA LYS I 12 73.78 -26.66 41.22
C LYS I 12 72.60 -26.30 42.10
N LYS I 13 71.96 -27.30 42.71
CA LYS I 13 70.83 -27.01 43.60
C LYS I 13 71.29 -26.29 44.85
N PHE I 14 72.45 -26.68 45.40
CA PHE I 14 72.94 -26.02 46.60
C PHE I 14 73.39 -24.60 46.31
N ALA I 15 73.94 -24.36 45.12
CA ALA I 15 74.32 -23.01 44.73
C ALA I 15 73.09 -22.11 44.60
N GLN I 16 72.00 -22.66 44.05
CA GLN I 16 70.78 -21.87 43.90
C GLN I 16 70.15 -21.59 45.26
N LYS I 17 70.25 -22.54 46.19
CA LYS I 17 69.68 -22.31 47.51
C LYS I 17 70.44 -21.24 48.27
N MET I 18 71.77 -21.23 48.15
CA MET I 18 72.55 -20.19 48.79
C MET I 18 72.25 -18.82 48.20
N LEU I 19 72.03 -18.75 46.90
CA LEU I 19 71.69 -17.47 46.27
C LEU I 19 70.34 -16.97 46.77
N ARG I 20 69.36 -17.87 46.90
CA ARG I 20 68.07 -17.47 47.48
C ARG I 20 68.25 -17.05 48.93
N LYS I 21 69.10 -17.74 49.66
CA LYS I 21 69.33 -17.39 51.06
C LYS I 21 69.98 -16.01 51.18
N ALA I 22 70.94 -15.71 50.31
CA ALA I 22 71.61 -14.42 50.35
C ALA I 22 70.66 -13.30 49.93
N ARG I 23 69.78 -13.57 48.97
CA ARG I 23 68.84 -12.55 48.52
C ARG I 23 67.76 -12.29 49.55
N ARG I 24 67.42 -13.31 50.34
CA ARG I 24 66.45 -13.11 51.42
C ARG I 24 67.05 -12.27 52.54
N LYS I 25 68.34 -12.45 52.82
CA LYS I 25 68.98 -11.66 53.86
C LYS I 25 69.12 -10.20 53.44
N LEU I 26 69.35 -9.96 52.16
CA LEU I 26 69.38 -8.59 51.65
C LEU I 26 68.02 -7.93 51.78
N ILE I 27 66.96 -8.65 51.42
CA ILE I 27 65.60 -8.12 51.51
C ILE I 27 65.25 -7.83 52.96
N TYR I 28 65.65 -8.71 53.88
CA TYR I 28 65.38 -8.49 55.29
C TYR I 28 66.07 -7.22 55.79
N GLU I 29 67.32 -7.03 55.40
CA GLU I 29 68.09 -5.92 55.95
C GLU I 29 67.70 -4.59 55.32
N LYS I 30 67.27 -4.59 54.06
CA LYS I 30 66.81 -3.35 53.45
C LYS I 30 65.55 -2.85 54.14
N ALA I 31 64.63 -3.75 54.47
CA ALA I 31 63.43 -3.36 55.20
C ALA I 31 63.77 -2.85 56.59
N LYS I 32 64.79 -3.44 57.23
CA LYS I 32 65.26 -2.92 58.49
C LYS I 32 65.82 -1.51 58.33
N HIS I 33 66.53 -1.27 57.23
CA HIS I 33 67.08 0.05 56.98
C HIS I 33 65.99 1.06 56.61
N TYR I 34 64.98 0.61 55.86
CA TYR I 34 63.88 1.50 55.52
C TYR I 34 63.10 1.92 56.75
N HIS I 35 62.92 0.98 57.70
CA HIS I 35 62.24 1.28 58.94
C HIS I 35 62.99 2.35 59.73
N LYS I 36 64.32 2.29 59.72
CA LYS I 36 65.12 3.33 60.35
C LYS I 36 64.93 4.67 59.64
N GLU I 37 64.87 4.65 58.31
CA GLU I 37 64.69 5.88 57.54
C GLU I 37 63.33 6.50 57.79
N TYR I 38 62.28 5.69 57.87
CA TYR I 38 60.92 6.22 58.04
C TYR I 38 60.78 6.92 59.38
N ARG I 39 61.31 6.33 60.45
CA ARG I 39 61.16 6.94 61.76
C ARG I 39 62.06 8.17 61.89
N GLN I 40 63.17 8.21 61.16
CA GLN I 40 64.00 9.40 61.17
C GLN I 40 63.28 10.57 60.49
N MET I 41 62.58 10.30 59.40
CA MET I 41 61.81 11.36 58.76
C MET I 41 60.66 11.81 59.64
N TYR I 42 59.98 10.86 60.28
CA TYR I 42 58.84 11.22 61.12
C TYR I 42 59.27 12.05 62.32
N ARG I 43 60.38 11.68 62.96
CA ARG I 43 60.83 12.43 64.12
C ARG I 43 61.41 13.78 63.73
N THR I 44 62.00 13.88 62.54
CA THR I 44 62.67 15.12 62.14
C THR I 44 61.69 16.27 61.98
N GLU I 45 60.53 16.00 61.38
CA GLU I 45 59.52 17.05 61.23
C GLU I 45 59.02 17.52 62.59
N ILE I 46 58.87 16.59 63.53
CA ILE I 46 58.52 16.97 64.89
C ILE I 46 59.63 17.80 65.51
N ARG I 47 60.88 17.38 65.33
CA ARG I 47 62.00 18.10 65.93
C ARG I 47 62.18 19.49 65.33
N MET I 48 62.02 19.62 64.01
CA MET I 48 62.16 20.92 63.37
C MET I 48 61.07 21.89 63.83
N ALA I 49 59.84 21.40 63.97
CA ALA I 49 58.77 22.28 64.41
C ALA I 49 58.96 22.70 65.86
N ARG I 50 59.61 21.85 66.65
CA ARG I 50 59.80 22.17 68.07
C ARG I 50 60.84 23.27 68.25
N MET I 51 61.94 23.23 67.50
CA MET I 51 62.96 24.25 67.66
C MET I 51 62.49 25.59 67.11
N ALA I 52 61.60 25.57 66.13
CA ALA I 52 61.02 26.83 65.64
C ALA I 52 60.13 27.46 66.70
N ARG I 53 59.28 26.66 67.33
CA ARG I 53 58.40 27.17 68.38
C ARG I 53 59.19 27.63 69.60
N LYS I 54 60.32 26.99 69.85
CA LYS I 54 61.17 27.41 70.98
C LYS I 54 61.70 28.81 70.76
N ALA I 55 62.02 29.16 69.52
CA ALA I 55 62.53 30.49 69.20
C ALA I 55 61.43 31.47 68.82
N GLY I 56 60.16 31.06 68.88
CA GLY I 56 59.08 31.93 68.51
C GLY I 56 58.82 32.04 67.03
N ASN I 57 59.47 31.23 66.21
CA ASN I 57 59.34 31.29 64.76
C ASN I 57 58.32 30.28 64.27
N PHE I 58 58.25 30.11 62.96
CA PHE I 58 57.36 29.16 62.33
C PHE I 58 58.18 28.25 61.41
N TYR I 59 57.98 26.96 61.54
CA TYR I 59 58.60 25.98 60.65
C TYR I 59 57.55 25.54 59.63
N VAL I 60 57.76 25.92 58.38
CA VAL I 60 56.85 25.54 57.30
C VAL I 60 57.37 24.23 56.71
N PRO I 61 56.60 23.15 56.76
CA PRO I 61 57.07 21.88 56.22
C PRO I 61 57.20 21.92 54.72
N ALA I 62 57.96 20.98 54.20
CA ALA I 62 58.09 20.83 52.75
C ALA I 62 56.73 20.53 52.14
N GLU I 63 56.45 21.15 51.00
CA GLU I 63 55.21 20.88 50.32
C GLU I 63 55.17 19.41 49.90
N PRO I 64 54.06 18.72 50.10
CA PRO I 64 54.01 17.28 49.81
C PRO I 64 54.28 17.00 48.35
N LYS I 65 55.10 15.99 48.10
CA LYS I 65 55.50 15.63 46.75
C LYS I 65 54.81 14.39 46.23
N LEU I 66 53.96 13.75 47.03
CA LEU I 66 53.24 12.57 46.61
C LEU I 66 51.75 12.77 46.86
N ALA I 67 50.94 12.44 45.86
CA ALA I 67 49.50 12.49 45.98
C ALA I 67 48.90 11.15 45.59
N PHE I 68 47.81 10.80 46.26
CA PHE I 68 46.96 9.69 45.84
C PHE I 68 45.68 10.27 45.27
N VAL I 69 45.40 9.98 44.01
CA VAL I 69 44.27 10.53 43.30
C VAL I 69 43.23 9.43 43.13
N ILE I 70 42.00 9.71 43.54
CA ILE I 70 40.88 8.78 43.39
C ILE I 70 39.85 9.43 42.49
N ARG I 71 39.48 8.73 41.43
CA ARG I 71 38.39 9.21 40.57
C ARG I 71 37.07 8.88 41.24
N ILE I 72 36.19 9.87 41.36
CA ILE I 72 34.95 9.70 42.10
C ILE I 72 33.70 9.82 41.24
N ARG I 73 33.80 10.34 40.02
CA ARG I 73 32.65 10.42 39.13
C ARG I 73 32.77 9.38 38.03
N GLY I 74 31.64 9.06 37.43
CA GLY I 74 31.57 8.02 36.41
C GLY I 74 32.02 8.50 35.05
N ILE I 75 31.65 7.72 34.04
CA ILE I 75 32.18 7.90 32.69
C ILE I 75 31.12 8.44 31.74
N ASN I 76 30.03 9.00 32.25
CA ASN I 76 28.96 9.49 31.42
C ASN I 76 29.01 11.00 31.33
N GLY I 77 28.96 11.51 30.10
CA GLY I 77 28.92 12.95 29.88
C GLY I 77 30.13 13.71 30.34
N VAL I 78 31.32 13.27 29.91
CA VAL I 78 32.58 13.86 30.34
C VAL I 78 33.15 14.69 29.19
N SER I 79 33.53 15.93 29.49
CA SER I 79 34.06 16.82 28.49
C SER I 79 35.40 16.29 27.96
N PRO I 80 35.75 16.60 26.71
CA PRO I 80 36.93 15.95 26.11
C PRO I 80 38.24 16.25 26.80
N LYS I 81 38.41 17.44 27.37
CA LYS I 81 39.66 17.76 28.05
C LYS I 81 39.76 17.02 29.37
N VAL I 82 38.67 16.95 30.12
CA VAL I 82 38.67 16.18 31.36
C VAL I 82 38.85 14.70 31.05
N ARG I 83 38.22 14.23 29.98
CA ARG I 83 38.33 12.84 29.57
C ARG I 83 39.77 12.48 29.21
N LYS I 84 40.47 13.39 28.55
CA LYS I 84 41.86 13.14 28.17
C LYS I 84 42.77 13.07 29.39
N VAL I 85 42.61 14.00 30.34
CA VAL I 85 43.50 14.08 31.48
C VAL I 85 43.30 12.87 32.39
N LEU I 86 42.06 12.42 32.54
CA LEU I 86 41.80 11.25 33.37
C LEU I 86 42.46 10.01 32.77
N GLN I 87 42.53 9.93 31.44
CA GLN I 87 43.25 8.83 30.80
C GLN I 87 44.75 8.94 31.05
N LEU I 88 45.26 10.17 31.06
CA LEU I 88 46.69 10.35 31.31
C LEU I 88 47.04 10.10 32.78
N LEU I 89 46.05 10.11 33.65
CA LEU I 89 46.23 9.74 35.04
C LEU I 89 45.92 8.28 35.28
N ARG I 90 45.58 7.54 34.23
CA ARG I 90 45.21 6.13 34.28
C ARG I 90 43.97 5.88 35.12
N LEU I 91 43.05 6.84 35.16
CA LEU I 91 41.80 6.72 35.90
C LEU I 91 40.67 6.64 34.89
N ARG I 92 40.42 5.44 34.38
CA ARG I 92 39.39 5.21 33.39
C ARG I 92 38.12 4.62 33.99
N GLN I 93 38.07 4.47 35.30
CA GLN I 93 36.94 3.88 35.97
C GLN I 93 36.71 4.62 37.27
N ILE I 94 35.49 4.58 37.78
CA ILE I 94 35.20 5.22 39.05
C ILE I 94 35.83 4.44 40.19
N PHE I 95 36.26 5.17 41.22
CA PHE I 95 36.92 4.61 42.40
C PHE I 95 38.20 3.87 42.02
N ASN I 96 38.88 4.36 40.99
CA ASN I 96 40.23 3.94 40.65
C ASN I 96 41.21 4.89 41.30
N GLY I 97 42.35 4.36 41.74
CA GLY I 97 43.34 5.13 42.44
C GLY I 97 44.70 5.03 41.79
N THR I 98 45.46 6.11 41.89
CA THR I 98 46.80 6.16 41.31
C THR I 98 47.64 7.14 42.12
N PHE I 99 48.88 6.76 42.40
CA PHE I 99 49.83 7.67 42.99
C PHE I 99 50.35 8.64 41.95
N VAL I 100 50.45 9.91 42.32
CA VAL I 100 50.85 10.97 41.41
C VAL I 100 51.97 11.77 42.05
N LYS I 101 53.07 11.93 41.34
CA LYS I 101 54.18 12.73 41.82
C LYS I 101 53.87 14.20 41.58
N LEU I 102 53.91 15.00 42.65
CA LEU I 102 53.42 16.37 42.60
C LEU I 102 54.51 17.33 42.12
N ASN I 103 54.19 18.09 41.09
CA ASN I 103 55.01 19.21 40.63
C ASN I 103 54.07 20.17 39.91
N LYS I 104 54.63 21.20 39.27
CA LYS I 104 53.81 22.19 38.60
C LYS I 104 53.03 21.57 37.46
N ALA I 105 53.68 20.69 36.69
CA ALA I 105 53.01 20.09 35.54
C ALA I 105 51.86 19.18 35.97
N SER I 106 52.07 18.38 37.02
CA SER I 106 51.05 17.43 37.43
C SER I 106 49.92 18.11 38.20
N ILE I 107 50.24 19.13 39.00
CA ILE I 107 49.21 19.81 39.78
C ILE I 107 48.23 20.52 38.86
N ASN I 108 48.73 21.15 37.81
CA ASN I 108 47.85 21.86 36.89
C ASN I 108 46.96 20.88 36.12
N MET I 109 47.40 19.64 35.97
CA MET I 109 46.53 18.60 35.44
C MET I 109 45.44 18.24 36.45
N LEU I 110 45.77 18.25 37.73
CA LEU I 110 44.79 17.89 38.75
C LEU I 110 43.71 18.97 38.88
N ARG I 111 44.04 20.21 38.51
CA ARG I 111 43.05 21.28 38.59
C ARG I 111 41.99 21.14 37.53
N ILE I 112 42.35 20.56 36.39
CA ILE I 112 41.39 20.39 35.29
C ILE I 112 40.34 19.35 35.66
N VAL I 113 40.76 18.25 36.26
CA VAL I 113 39.86 17.15 36.57
C VAL I 113 39.31 17.28 37.98
N GLU I 114 39.38 18.47 38.56
CA GLU I 114 39.04 18.68 39.97
C GLU I 114 37.63 18.24 40.34
N PRO I 115 36.57 18.55 39.58
CA PRO I 115 35.25 18.01 39.95
C PRO I 115 35.16 16.51 39.87
N TYR I 116 36.07 15.84 39.17
CA TYR I 116 35.95 14.42 38.92
C TYR I 116 36.77 13.55 39.85
N ILE I 117 37.66 14.13 40.65
CA ILE I 117 38.58 13.36 41.47
C ILE I 117 38.54 13.86 42.90
N ALA I 118 38.98 12.99 43.80
CA ALA I 118 39.31 13.36 45.17
C ALA I 118 40.74 12.91 45.41
N TRP I 119 41.57 13.80 45.93
CA TRP I 119 42.97 13.47 46.11
C TRP I 119 43.51 14.13 47.37
N GLY I 120 44.73 13.73 47.72
CA GLY I 120 45.34 14.23 48.93
C GLY I 120 46.72 13.64 49.10
N TYR I 121 47.23 13.71 50.32
CA TYR I 121 48.61 13.34 50.61
C TYR I 121 48.63 12.08 51.45
N PRO I 122 48.92 10.92 50.86
CA PRO I 122 48.91 9.68 51.65
C PRO I 122 50.08 9.63 52.61
N ASN I 123 49.86 8.99 53.74
CA ASN I 123 50.90 8.75 54.72
C ASN I 123 51.51 7.37 54.49
N LEU I 124 52.44 7.00 55.36
CA LEU I 124 53.15 5.73 55.20
C LEU I 124 52.21 4.55 55.31
N LYS I 125 51.24 4.62 56.22
CA LYS I 125 50.30 3.51 56.38
C LYS I 125 49.44 3.32 55.14
N SER I 126 48.95 4.42 54.57
CA SER I 126 48.06 4.32 53.41
C SER I 126 48.77 3.68 52.22
N VAL I 127 50.04 3.99 52.04
CA VAL I 127 50.82 3.38 50.97
C VAL I 127 50.96 1.88 51.22
N ASN I 128 51.23 1.49 52.46
CA ASN I 128 51.38 0.08 52.77
C ASN I 128 50.09 -0.68 52.57
N GLU I 129 48.96 -0.12 53.02
CA GLU I 129 47.68 -0.79 52.85
C GLU I 129 47.33 -0.95 51.38
N LEU I 130 47.63 0.06 50.57
CA LEU I 130 47.27 0.02 49.16
C LEU I 130 48.11 -1.00 48.40
N ILE I 131 49.42 -1.00 48.63
CA ILE I 131 50.30 -1.90 47.89
C ILE I 131 50.09 -3.34 48.34
N TYR I 132 49.93 -3.58 49.64
CA TYR I 132 49.83 -4.94 50.11
C TYR I 132 48.48 -5.58 49.81
N LYS I 133 47.39 -4.83 49.97
CA LYS I 133 46.08 -5.44 49.77
C LYS I 133 45.65 -5.41 48.31
N ARG I 134 45.95 -4.34 47.59
CA ARG I 134 45.41 -4.15 46.24
C ARG I 134 46.51 -3.93 45.21
N GLY I 135 47.75 -4.21 45.55
CA GLY I 135 48.85 -3.99 44.62
C GLY I 135 48.93 -5.04 43.53
N TYR I 136 48.74 -4.60 42.29
CA TYR I 136 48.87 -5.46 41.12
C TYR I 136 49.88 -4.85 40.19
N GLY I 137 50.72 -5.68 39.59
CA GLY I 137 51.74 -5.22 38.67
C GLY I 137 51.29 -5.36 37.22
N LYS I 138 51.74 -4.43 36.40
CA LYS I 138 51.54 -4.52 34.95
C LYS I 138 52.74 -5.27 34.38
N ILE I 139 52.60 -6.58 34.28
CA ILE I 139 53.66 -7.47 33.84
C ILE I 139 53.25 -8.08 32.52
N ASN I 140 54.03 -7.82 31.47
CA ASN I 140 53.70 -8.27 30.12
C ASN I 140 52.30 -7.85 29.71
N LYS I 141 51.95 -6.61 30.04
CA LYS I 141 50.65 -6.02 29.75
C LYS I 141 49.50 -6.73 30.45
N LYS I 142 49.80 -7.51 31.49
CA LYS I 142 48.80 -8.26 32.22
C LYS I 142 48.74 -7.77 33.66
N ARG I 143 47.55 -7.87 34.25
CA ARG I 143 47.34 -7.44 35.63
C ARG I 143 47.63 -8.62 36.53
N ILE I 144 48.85 -8.66 37.08
CA ILE I 144 49.33 -9.77 37.88
C ILE I 144 49.41 -9.34 39.32
N ALA I 145 48.84 -10.13 40.22
CA ALA I 145 48.88 -9.82 41.64
C ALA I 145 50.30 -9.95 42.18
N LEU I 146 50.66 -9.06 43.10
CA LEU I 146 52.00 -9.03 43.67
C LEU I 146 52.08 -10.02 44.84
N THR I 147 52.11 -11.30 44.48
CA THR I 147 52.12 -12.38 45.45
C THR I 147 53.51 -12.90 45.76
N ASP I 148 54.50 -12.58 44.93
CA ASP I 148 55.86 -13.04 45.15
C ASP I 148 56.80 -11.89 44.81
N ASN I 149 57.94 -11.82 45.52
CA ASN I 149 58.90 -10.77 45.27
C ASN I 149 59.57 -10.91 43.90
N ALA I 150 59.62 -12.13 43.36
CA ALA I 150 60.27 -12.34 42.08
C ALA I 150 59.53 -11.66 40.94
N LEU I 151 58.25 -11.33 41.15
CA LEU I 151 57.52 -10.59 40.13
C LEU I 151 57.97 -9.14 40.04
N ILE I 152 58.33 -8.56 41.19
CA ILE I 152 58.84 -7.19 41.19
C ILE I 152 60.27 -7.15 40.69
N ALA I 153 61.09 -8.11 41.10
CA ALA I 153 62.50 -8.09 40.74
C ALA I 153 62.72 -8.29 39.25
N ARG I 154 61.91 -9.13 38.62
CA ARG I 154 62.09 -9.38 37.20
C ARG I 154 61.68 -8.19 36.34
N SER I 155 60.81 -7.33 36.85
CA SER I 155 60.37 -6.15 36.10
C SER I 155 61.08 -4.88 36.52
N LEU I 156 61.48 -4.77 37.78
CA LEU I 156 62.06 -3.55 38.29
C LEU I 156 63.42 -3.72 38.92
N GLY I 157 64.03 -4.91 38.85
CA GLY I 157 65.30 -5.13 39.50
C GLY I 157 66.43 -4.34 38.89
N LYS I 158 66.31 -3.98 37.61
CA LYS I 158 67.33 -3.16 36.98
C LYS I 158 67.38 -1.76 37.57
N TYR I 159 66.33 -1.34 38.25
CA TYR I 159 66.29 -0.06 38.95
C TYR I 159 66.64 -0.19 40.43
N GLY I 160 66.98 -1.39 40.89
CA GLY I 160 67.26 -1.62 42.28
C GLY I 160 66.06 -2.01 43.13
N ILE I 161 64.86 -2.02 42.56
CA ILE I 161 63.65 -2.39 43.29
C ILE I 161 63.44 -3.89 43.12
N ILE I 162 63.53 -4.63 44.22
CA ILE I 162 63.49 -6.09 44.17
C ILE I 162 62.53 -6.70 45.16
N CYS I 163 61.77 -5.90 45.91
CA CYS I 163 60.85 -6.44 46.88
C CYS I 163 59.69 -5.48 47.07
N MET I 164 58.70 -5.92 47.85
CA MET I 164 57.57 -5.06 48.21
C MET I 164 58.05 -3.83 48.96
N GLU I 165 59.01 -4.00 49.85
CA GLU I 165 59.52 -2.87 50.64
C GLU I 165 60.20 -1.85 49.75
N ASP I 166 60.98 -2.29 48.76
CA ASP I 166 61.61 -1.36 47.84
C ASP I 166 60.57 -0.61 47.03
N LEU I 167 59.52 -1.29 46.60
CA LEU I 167 58.46 -0.64 45.86
C LEU I 167 57.75 0.40 46.72
N ILE I 168 57.53 0.09 47.99
CA ILE I 168 56.88 1.03 48.90
C ILE I 168 57.79 2.22 49.17
N HIS I 169 59.08 1.97 49.37
CA HIS I 169 60.03 3.05 49.62
C HIS I 169 60.12 3.99 48.42
N GLU I 170 60.05 3.45 47.21
CA GLU I 170 60.15 4.31 46.04
C GLU I 170 58.89 5.15 45.86
N ILE I 171 57.73 4.59 46.20
CA ILE I 171 56.49 5.33 46.07
C ILE I 171 56.40 6.41 47.14
N TYR I 172 56.67 6.04 48.39
CA TYR I 172 56.52 6.98 49.49
C TYR I 172 57.52 8.12 49.39
N THR I 173 58.81 7.82 49.47
CA THR I 173 59.84 8.80 49.20
C THR I 173 60.04 8.81 47.70
N VAL I 174 59.58 9.87 47.04
CA VAL I 174 59.52 9.87 45.58
C VAL I 174 60.95 9.85 45.05
N GLY I 175 61.37 8.68 44.57
CA GLY I 175 62.75 8.43 44.25
C GLY I 175 63.10 8.80 42.82
N LYS I 176 64.31 8.40 42.42
CA LYS I 176 64.76 8.62 41.06
C LYS I 176 63.89 7.87 40.06
N ARG I 177 63.45 6.67 40.42
CA ARG I 177 62.73 5.78 39.52
C ARG I 177 61.26 5.68 39.89
N PHE I 178 60.66 6.79 40.33
CA PHE I 178 59.26 6.77 40.70
C PHE I 178 58.37 6.46 39.50
N LYS I 179 58.70 7.04 38.34
CA LYS I 179 57.87 6.86 37.16
C LYS I 179 57.79 5.39 36.76
N GLU I 180 58.92 4.68 36.80
CA GLU I 180 58.93 3.28 36.43
C GLU I 180 58.21 2.43 37.47
N ALA I 181 58.44 2.70 38.74
CA ALA I 181 57.80 1.91 39.79
C ALA I 181 56.31 2.20 39.86
N ASN I 182 55.91 3.45 39.63
CA ASN I 182 54.49 3.78 39.67
C ASN I 182 53.77 3.23 38.47
N ASN I 183 54.35 3.34 37.28
CA ASN I 183 53.70 2.80 36.09
C ASN I 183 53.69 1.29 36.10
N PHE I 184 54.61 0.65 36.82
CA PHE I 184 54.56 -0.79 36.98
C PHE I 184 53.30 -1.22 37.72
N LEU I 185 52.86 -0.42 38.69
CA LEU I 185 51.65 -0.72 39.44
C LEU I 185 50.43 -0.49 38.56
N TRP I 186 49.59 -1.51 38.44
CA TRP I 186 48.29 -1.33 37.85
C TRP I 186 47.48 -0.39 38.74
N PRO I 187 46.74 0.55 38.15
CA PRO I 187 45.97 1.48 38.98
C PRO I 187 44.97 0.77 39.87
N PHE I 188 44.86 1.25 41.10
CA PHE I 188 44.20 0.50 42.16
C PHE I 188 42.69 0.47 41.95
N LYS I 189 42.12 -0.71 42.04
CA LYS I 189 40.69 -0.91 41.88
C LYS I 189 40.08 -0.99 43.28
N LEU I 190 39.62 0.15 43.77
CA LEU I 190 39.11 0.26 45.11
C LEU I 190 37.60 0.04 45.14
N SER I 191 37.09 -0.30 46.31
CA SER I 191 35.66 -0.52 46.49
C SER I 191 34.94 0.81 46.67
N SER I 192 33.63 0.74 46.84
CA SER I 192 32.89 1.93 47.21
C SER I 192 33.27 2.36 48.62
N PRO I 193 33.17 3.65 48.92
CA PRO I 193 33.52 4.10 50.27
C PRO I 193 32.52 3.62 51.32
N ARG I 194 32.94 2.72 52.19
CA ARG I 194 32.08 2.23 53.24
C ARG I 194 31.74 3.36 54.19
N GLY I 195 30.46 3.53 54.49
CA GLY I 195 29.98 4.68 55.20
C GLY I 195 29.51 5.81 54.32
N GLY I 196 29.69 5.69 53.02
CA GLY I 196 29.17 6.67 52.08
C GLY I 196 30.07 7.87 51.92
N MET I 197 29.71 8.71 50.96
CA MET I 197 30.35 9.99 50.72
C MET I 197 29.48 11.11 51.28
N LYS I 198 30.07 12.30 51.37
CA LYS I 198 29.29 13.46 51.76
C LYS I 198 28.47 13.98 50.58
N LYS I 199 29.17 14.43 49.53
CA LYS I 199 28.50 14.92 48.33
C LYS I 199 29.53 14.89 47.21
N LYS I 200 29.36 13.99 46.25
CA LYS I 200 30.38 13.87 45.22
C LYS I 200 30.37 15.00 44.22
N THR I 201 29.31 15.81 44.19
CA THR I 201 29.15 16.82 43.15
C THR I 201 29.71 18.18 43.53
N THR I 202 30.21 18.36 44.74
CA THR I 202 30.79 19.62 45.16
C THR I 202 32.20 19.39 45.70
N HIS I 203 32.91 20.49 45.96
CA HIS I 203 34.26 20.44 46.46
C HIS I 203 34.29 20.04 47.93
N PHE I 204 35.43 19.52 48.36
CA PHE I 204 35.58 19.09 49.75
C PHE I 204 35.45 20.25 50.72
N VAL I 205 36.01 21.41 50.38
CA VAL I 205 35.95 22.55 51.31
C VAL I 205 34.56 23.15 51.42
N GLU I 206 33.64 22.78 50.52
CA GLU I 206 32.26 23.24 50.63
C GLU I 206 31.32 22.10 50.98
N GLY I 207 31.77 21.17 51.81
CA GLY I 207 30.94 20.11 52.32
C GLY I 207 30.80 18.90 51.43
N GLY I 208 31.59 18.79 50.37
CA GLY I 208 31.45 17.69 49.44
C GLY I 208 32.60 16.71 49.47
N ASP I 209 32.97 16.19 48.31
CA ASP I 209 34.04 15.20 48.22
C ASP I 209 35.08 15.49 47.15
N ALA I 210 34.81 16.35 46.18
CA ALA I 210 35.75 16.59 45.11
C ALA I 210 36.90 17.48 45.59
N GLY I 211 37.96 17.49 44.81
CA GLY I 211 39.07 18.38 45.07
C GLY I 211 40.09 17.82 46.03
N ASN I 212 40.98 18.72 46.45
CA ASN I 212 42.11 18.37 47.30
C ASN I 212 41.72 18.51 48.76
N ARG I 213 41.45 17.38 49.40
CA ARG I 213 41.48 17.29 50.85
C ARG I 213 42.92 16.95 51.23
N GLU I 214 43.51 17.76 52.12
CA GLU I 214 44.96 17.74 52.24
C GLU I 214 45.47 16.39 52.69
N ASP I 215 45.19 16.02 53.93
CA ASP I 215 45.61 14.73 54.46
C ASP I 215 44.44 13.89 54.92
N GLN I 216 43.22 14.34 54.67
CA GLN I 216 42.03 13.55 54.93
C GLN I 216 41.80 12.48 53.88
N ILE I 217 42.67 12.40 52.87
CA ILE I 217 42.62 11.30 51.92
C ILE I 217 42.86 9.97 52.60
N ASN I 218 43.55 9.97 53.75
CA ASN I 218 43.81 8.72 54.45
C ASN I 218 42.55 8.19 55.10
N ARG I 219 41.71 9.07 55.63
CA ARG I 219 40.41 8.65 56.12
C ARG I 219 39.58 8.04 55.00
N LEU I 220 39.64 8.65 53.82
CA LEU I 220 38.92 8.11 52.67
C LEU I 220 39.48 6.76 52.27
N ILE I 221 40.80 6.60 52.31
CA ILE I 221 41.43 5.36 51.86
C ILE I 221 41.05 4.19 52.76
N ARG I 222 41.00 4.41 54.08
CA ARG I 222 40.65 3.33 54.99
C ARG I 222 39.26 2.79 54.71
N ARG I 223 38.32 3.67 54.41
CA ARG I 223 36.98 3.25 54.04
C ARG I 223 36.89 2.73 52.62
N MET I 224 37.87 3.06 51.77
CA MET I 224 37.74 2.82 50.35
C MET I 224 38.26 1.45 49.95
N ASN I 225 39.35 0.99 50.56
CA ASN I 225 39.79 -0.39 50.34
C ASN I 225 39.61 -1.24 51.58
N LYS J 1 -56.42 2.50 -115.99
CA LYS J 1 -57.79 2.33 -116.44
C LYS J 1 -58.56 1.39 -115.52
N VAL J 2 -57.87 0.36 -115.02
CA VAL J 2 -58.44 -0.63 -114.14
C VAL J 2 -58.01 -0.37 -112.69
N VAL J 3 -57.40 0.78 -112.43
CA VAL J 3 -56.88 1.09 -111.11
C VAL J 3 -58.02 1.22 -110.11
N ASN J 4 -57.85 0.59 -108.95
CA ASN J 4 -58.85 0.64 -107.90
C ASN J 4 -58.96 2.06 -107.36
N PRO J 5 -60.15 2.66 -107.34
CA PRO J 5 -60.27 4.02 -106.80
C PRO J 5 -59.93 4.12 -105.32
N LEU J 6 -59.93 3.01 -104.60
CA LEU J 6 -59.61 3.02 -103.18
C LEU J 6 -58.14 3.29 -102.91
N PHE J 7 -57.27 3.06 -103.89
CA PHE J 7 -55.85 3.29 -103.69
C PHE J 7 -55.55 4.78 -103.73
N GLU J 8 -54.73 5.24 -102.78
CA GLU J 8 -54.39 6.65 -102.72
C GLU J 8 -53.02 6.81 -102.10
N LYS J 9 -52.40 7.95 -102.38
CA LYS J 9 -51.16 8.33 -101.72
C LYS J 9 -51.47 8.88 -100.34
N ARG J 10 -50.65 8.50 -99.37
CA ARG J 10 -50.81 8.94 -97.99
C ARG J 10 -49.48 9.50 -97.50
N PRO J 11 -49.04 10.63 -98.07
CA PRO J 11 -47.70 11.14 -97.74
C PRO J 11 -47.66 11.69 -96.34
N LYS J 12 -46.57 11.39 -95.64
CA LYS J 12 -46.34 11.93 -94.31
C LYS J 12 -45.21 12.94 -94.40
N ASN J 13 -45.45 14.14 -93.89
CA ASN J 13 -44.40 15.16 -93.87
C ASN J 13 -43.67 15.07 -92.54
N PHE J 14 -42.34 15.11 -92.60
CA PHE J 14 -41.49 14.93 -91.44
C PHE J 14 -40.98 16.26 -90.90
N GLY J 15 -41.78 17.30 -91.01
CA GLY J 15 -41.43 18.57 -90.41
C GLY J 15 -41.46 18.49 -88.89
N ILE J 16 -40.88 19.51 -88.27
CA ILE J 16 -40.81 19.56 -86.81
C ILE J 16 -42.21 19.63 -86.24
N GLY J 17 -42.49 18.80 -85.24
CA GLY J 17 -43.78 18.76 -84.60
C GLY J 17 -44.83 17.97 -85.34
N GLN J 18 -44.54 17.55 -86.56
CA GLN J 18 -45.45 16.78 -87.40
C GLN J 18 -45.19 15.29 -87.20
N ASP J 19 -45.62 14.47 -88.16
CA ASP J 19 -45.40 13.02 -88.12
C ASP J 19 -43.96 12.69 -87.72
N ILE J 20 -43.81 11.61 -86.95
CA ILE J 20 -42.52 11.34 -86.32
C ILE J 20 -41.50 10.93 -87.38
N GLN J 21 -40.22 11.07 -87.03
CA GLN J 21 -39.15 10.92 -87.99
C GLN J 21 -38.99 9.47 -88.41
N PRO J 22 -38.59 9.23 -89.66
CA PRO J 22 -38.33 7.86 -90.10
C PRO J 22 -37.05 7.32 -89.50
N LYS J 23 -36.93 5.99 -89.53
CA LYS J 23 -35.73 5.32 -89.03
C LYS J 23 -34.62 5.51 -90.06
N ARG J 24 -33.87 6.59 -89.95
CA ARG J 24 -32.81 6.90 -90.89
C ARG J 24 -31.46 6.45 -90.35
N ASP J 25 -30.42 6.65 -91.15
CA ASP J 25 -29.08 6.24 -90.77
C ASP J 25 -28.51 7.17 -89.70
N LEU J 26 -28.00 6.57 -88.62
CA LEU J 26 -27.45 7.32 -87.50
C LEU J 26 -26.01 6.93 -87.21
N THR J 27 -25.32 6.36 -88.19
CA THR J 27 -23.96 5.87 -87.97
C THR J 27 -23.03 6.96 -87.47
N ARG J 28 -23.20 8.18 -87.97
CA ARG J 28 -22.38 9.28 -87.50
C ARG J 28 -22.65 9.66 -86.06
N PHE J 29 -23.76 9.21 -85.48
CA PHE J 29 -24.18 9.66 -84.17
C PHE J 29 -24.29 8.50 -83.20
N VAL J 30 -23.61 7.42 -83.48
CA VAL J 30 -23.71 6.23 -82.66
C VAL J 30 -22.73 6.36 -81.49
N LYS J 31 -23.21 6.04 -80.29
CA LYS J 31 -22.33 5.88 -79.14
C LYS J 31 -21.53 4.61 -79.35
N TRP J 32 -20.29 4.76 -79.79
CA TRP J 32 -19.46 3.63 -80.18
C TRP J 32 -18.75 3.05 -78.97
N PRO J 33 -18.35 1.78 -79.04
CA PRO J 33 -17.54 1.21 -77.97
C PRO J 33 -16.19 1.90 -77.84
N ARG J 34 -15.59 1.77 -76.66
CA ARG J 34 -14.37 2.51 -76.37
C ARG J 34 -13.22 2.11 -77.29
N TYR J 35 -13.17 0.85 -77.71
CA TYR J 35 -12.07 0.42 -78.57
C TYR J 35 -12.23 0.96 -79.99
N ILE J 36 -13.47 1.17 -80.43
CA ILE J 36 -13.69 1.78 -81.74
C ILE J 36 -13.39 3.27 -81.68
N ARG J 37 -13.79 3.93 -80.60
CA ARG J 37 -13.48 5.35 -80.44
C ARG J 37 -11.98 5.57 -80.34
N LEU J 38 -11.27 4.67 -79.65
CA LEU J 38 -9.84 4.83 -79.48
C LEU J 38 -9.10 4.68 -80.79
N GLN J 39 -9.45 3.68 -81.60
CA GLN J 39 -8.71 3.46 -82.84
C GLN J 39 -9.06 4.51 -83.87
N ARG J 40 -10.26 5.07 -83.81
CA ARG J 40 -10.62 6.15 -84.73
C ARG J 40 -9.99 7.47 -84.31
N GLN J 41 -9.89 7.72 -83.01
CA GLN J 41 -9.26 8.94 -82.56
C GLN J 41 -7.75 8.90 -82.77
N ARG J 42 -7.16 7.70 -82.77
CA ARG J 42 -5.74 7.58 -83.06
C ARG J 42 -5.43 7.96 -84.50
N ALA J 43 -6.33 7.59 -85.42
CA ALA J 43 -6.16 8.00 -86.80
C ALA J 43 -6.24 9.51 -86.95
N ILE J 44 -7.16 10.14 -86.22
CA ILE J 44 -7.29 11.58 -86.26
C ILE J 44 -6.06 12.26 -85.67
N LEU J 45 -5.51 11.67 -84.61
CA LEU J 45 -4.32 12.25 -83.98
C LEU J 45 -3.13 12.22 -84.92
N TYR J 46 -3.04 11.20 -85.76
CA TYR J 46 -1.93 11.15 -86.71
C TYR J 46 -2.06 12.17 -87.82
N LYS J 47 -3.22 12.83 -87.93
CA LYS J 47 -3.39 13.93 -88.86
C LYS J 47 -3.32 15.29 -88.19
N ARG J 48 -3.67 15.38 -86.91
CA ARG J 48 -3.56 16.65 -86.20
C ARG J 48 -2.10 17.02 -85.96
N LEU J 49 -1.32 16.07 -85.46
CA LEU J 49 0.01 16.36 -84.96
C LEU J 49 1.00 16.49 -86.10
N LYS J 50 2.19 16.97 -85.78
CA LYS J 50 3.28 17.05 -86.75
C LYS J 50 4.05 15.74 -86.70
N VAL J 51 3.95 14.95 -87.76
CA VAL J 51 4.59 13.64 -87.78
C VAL J 51 6.02 13.80 -88.30
N PRO J 52 7.02 13.35 -87.54
CA PRO J 52 8.39 13.48 -88.02
C PRO J 52 8.60 12.69 -89.30
N PRO J 53 9.53 13.14 -90.15
CA PRO J 53 9.70 12.46 -91.45
C PRO J 53 10.10 11.01 -91.34
N ALA J 54 10.77 10.62 -90.25
CA ALA J 54 11.12 9.22 -90.07
C ALA J 54 9.88 8.33 -89.96
N ILE J 55 8.80 8.87 -89.41
CA ILE J 55 7.56 8.12 -89.34
C ILE J 55 6.65 8.45 -90.52
N ASN J 56 6.74 9.67 -91.04
CA ASN J 56 5.88 10.05 -92.16
C ASN J 56 6.28 9.38 -93.46
N GLN J 57 7.51 8.90 -93.57
CA GLN J 57 7.97 8.30 -94.82
C GLN J 57 7.21 7.04 -95.19
N PHE J 58 6.61 6.37 -94.20
CA PHE J 58 5.91 5.13 -94.47
C PHE J 58 4.52 5.36 -95.04
N THR J 59 4.05 6.61 -95.09
CA THR J 59 2.82 6.92 -95.81
C THR J 59 3.02 6.90 -97.32
N GLN J 60 4.23 7.19 -97.79
CA GLN J 60 4.56 7.04 -99.21
C GLN J 60 4.76 5.57 -99.49
N ALA J 61 3.70 4.92 -99.97
CA ALA J 61 3.77 3.53 -100.35
C ALA J 61 3.77 3.41 -101.86
N LEU J 62 4.06 2.22 -102.35
CA LEU J 62 4.06 1.97 -103.78
C LEU J 62 2.65 2.12 -104.34
N ASP J 63 2.56 2.56 -105.58
CA ASP J 63 1.27 2.60 -106.25
C ASP J 63 0.78 1.19 -106.52
N ARG J 64 -0.53 1.08 -106.78
CA ARG J 64 -1.14 -0.24 -106.94
C ARG J 64 -0.55 -0.99 -108.13
N GLN J 65 -0.23 -0.27 -109.21
CA GLN J 65 0.32 -0.92 -110.38
C GLN J 65 1.69 -1.52 -110.09
N THR J 66 2.59 -0.71 -109.51
CA THR J 66 3.94 -1.19 -109.22
C THR J 66 3.93 -2.28 -108.17
N ALA J 67 3.11 -2.12 -107.12
CA ALA J 67 3.04 -3.14 -106.09
C ALA J 67 2.51 -4.47 -106.63
N THR J 68 1.77 -4.42 -107.73
CA THR J 68 1.30 -5.64 -108.36
C THR J 68 2.43 -6.36 -109.09
N GLN J 69 3.26 -5.61 -109.84
CA GLN J 69 4.40 -6.24 -110.49
C GLN J 69 5.39 -6.76 -109.47
N LEU J 70 5.55 -6.04 -108.35
CA LEU J 70 6.50 -6.46 -107.33
C LEU J 70 6.06 -7.76 -106.65
N LEU J 71 4.79 -7.84 -106.27
CA LEU J 71 4.30 -9.06 -105.62
C LEU J 71 4.19 -10.22 -106.59
N LYS J 72 3.88 -9.94 -107.86
CA LYS J 72 3.81 -11.02 -108.84
C LYS J 72 5.19 -11.64 -109.06
N LEU J 73 6.23 -10.81 -109.10
CA LEU J 73 7.59 -11.33 -109.11
C LEU J 73 7.92 -12.05 -107.82
N ALA J 74 7.52 -11.47 -106.68
CA ALA J 74 7.82 -12.06 -105.39
C ALA J 74 7.09 -13.37 -105.16
N HIS J 75 6.02 -13.63 -105.91
CA HIS J 75 5.36 -14.93 -105.82
C HIS J 75 6.21 -16.06 -106.33
N LYS J 76 7.18 -15.78 -107.19
CA LYS J 76 8.02 -16.82 -107.76
C LYS J 76 9.12 -17.28 -106.83
N TYR J 77 9.32 -16.61 -105.70
CA TYR J 77 10.43 -16.90 -104.80
C TYR J 77 9.95 -17.07 -103.37
N ARG J 78 8.73 -17.55 -103.20
CA ARG J 78 8.18 -17.74 -101.88
C ARG J 78 8.94 -18.84 -101.15
N PRO J 79 9.12 -18.73 -99.84
CA PRO J 79 9.73 -19.82 -99.09
C PRO J 79 8.88 -21.08 -99.19
N GLU J 80 9.55 -22.22 -99.21
CA GLU J 80 8.86 -23.49 -99.30
C GLU J 80 8.09 -23.78 -98.02
N THR J 81 6.91 -24.38 -98.18
CA THR J 81 6.03 -24.67 -97.06
C THR J 81 6.54 -25.88 -96.29
N LYS J 82 5.83 -26.23 -95.22
CA LYS J 82 6.21 -27.41 -94.44
C LYS J 82 6.00 -28.69 -95.25
N GLN J 83 4.93 -28.75 -96.05
CA GLN J 83 4.61 -29.95 -96.79
C GLN J 83 5.64 -30.22 -97.88
N GLU J 84 5.95 -29.21 -98.68
CA GLU J 84 6.88 -29.42 -99.77
C GLU J 84 8.33 -29.47 -99.31
N LYS J 85 8.62 -29.03 -98.07
CA LYS J 85 9.93 -29.34 -97.51
C LYS J 85 10.02 -30.81 -97.14
N LYS J 86 8.94 -31.37 -96.60
CA LYS J 86 8.93 -32.80 -96.31
C LYS J 86 9.08 -33.61 -97.58
N GLN J 87 8.40 -33.21 -98.65
CA GLN J 87 8.53 -33.91 -99.92
C GLN J 87 9.93 -33.80 -100.48
N ARG J 88 10.55 -32.62 -100.36
CA ARG J 88 11.91 -32.43 -100.84
C ARG J 88 12.90 -33.23 -100.00
N LEU J 89 12.71 -33.23 -98.68
CA LEU J 89 13.62 -33.96 -97.80
C LEU J 89 13.53 -35.45 -98.01
N LEU J 90 12.31 -35.98 -98.17
CA LEU J 90 12.15 -37.42 -98.44
C LEU J 90 12.80 -37.80 -99.76
N ALA J 91 12.69 -36.93 -100.77
CA ALA J 91 13.33 -37.20 -102.06
C ALA J 91 14.84 -37.23 -101.92
N ARG J 92 15.40 -36.34 -101.09
CA ARG J 92 16.83 -36.37 -100.83
C ARG J 92 17.24 -37.66 -100.13
N ALA J 93 16.41 -38.13 -99.18
CA ALA J 93 16.69 -39.40 -98.52
C ALA J 93 16.63 -40.56 -99.50
N GLU J 94 15.63 -40.56 -100.38
CA GLU J 94 15.53 -41.60 -101.40
C GLU J 94 16.70 -41.54 -102.38
N LYS J 95 17.06 -40.33 -102.82
CA LYS J 95 18.17 -40.18 -103.77
C LYS J 95 19.51 -40.52 -103.12
N LYS J 96 19.69 -40.14 -101.85
CA LYS J 96 20.92 -40.48 -101.16
C LYS J 96 21.05 -41.99 -100.96
N ALA J 97 19.92 -42.65 -100.68
CA ALA J 97 19.95 -44.11 -100.54
C ALA J 97 20.33 -44.78 -101.86
N ALA J 98 19.80 -44.28 -102.98
CA ALA J 98 20.11 -44.85 -104.28
C ALA J 98 19.87 -43.77 -105.33
N GLY J 99 20.95 -43.30 -105.96
CA GLY J 99 22.32 -43.66 -105.64
C GLY J 99 23.28 -42.51 -105.85
N LYS J 100 22.74 -41.30 -105.99
CA LYS J 100 23.57 -40.15 -106.34
C LYS J 100 24.46 -39.72 -105.17
N GLY J 101 23.89 -39.63 -103.97
CA GLY J 101 24.68 -39.26 -102.80
C GLY J 101 24.27 -37.95 -102.16
N ASP J 102 25.23 -37.03 -102.05
CA ASP J 102 24.94 -35.75 -101.41
C ASP J 102 24.00 -34.90 -102.26
N VAL J 103 24.42 -34.58 -103.48
CA VAL J 103 23.61 -33.87 -104.47
C VAL J 103 23.03 -32.57 -103.91
N PRO J 104 23.84 -31.51 -103.77
CA PRO J 104 23.28 -30.21 -103.34
C PRO J 104 22.18 -29.70 -104.26
N THR J 105 22.32 -29.91 -105.56
CA THR J 105 21.29 -29.60 -106.57
C THR J 105 20.88 -28.12 -106.54
N LYS J 106 21.86 -27.24 -106.29
CA LYS J 106 21.68 -25.81 -106.52
C LYS J 106 20.51 -25.23 -105.74
N ARG J 107 20.65 -25.12 -104.41
CA ARG J 107 19.67 -24.49 -103.55
C ARG J 107 19.13 -23.21 -104.19
N PRO J 108 17.84 -23.17 -104.53
CA PRO J 108 17.34 -22.11 -105.41
C PRO J 108 17.27 -20.78 -104.67
N PRO J 109 17.23 -19.67 -105.40
CA PRO J 109 17.00 -18.38 -104.76
C PRO J 109 15.65 -18.35 -104.07
N VAL J 110 15.61 -17.69 -102.91
CA VAL J 110 14.40 -17.62 -102.10
C VAL J 110 14.30 -16.22 -101.52
N LEU J 111 13.08 -15.85 -101.16
CA LEU J 111 12.80 -14.54 -100.59
C LEU J 111 13.15 -14.55 -99.11
N ARG J 112 14.12 -13.73 -98.71
CA ARG J 112 14.50 -13.64 -97.31
C ARG J 112 13.55 -12.72 -96.57
N ALA J 113 13.11 -13.16 -95.39
CA ALA J 113 12.07 -12.46 -94.65
C ALA J 113 12.50 -12.26 -93.20
N GLY J 114 11.92 -11.23 -92.58
CA GLY J 114 12.22 -10.90 -91.20
C GLY J 114 13.13 -9.70 -91.07
N VAL J 115 12.82 -8.80 -90.14
CA VAL J 115 13.58 -7.55 -90.07
C VAL J 115 15.01 -7.79 -89.63
N ASN J 116 15.23 -8.78 -88.75
CA ASN J 116 16.60 -9.08 -88.33
C ASN J 116 17.41 -9.71 -89.45
N THR J 117 16.78 -10.61 -90.21
CA THR J 117 17.46 -11.21 -91.35
C THR J 117 17.77 -10.17 -92.42
N VAL J 118 16.78 -9.32 -92.73
CA VAL J 118 16.94 -8.36 -93.81
C VAL J 118 17.97 -7.30 -93.44
N THR J 119 18.01 -6.90 -92.17
CA THR J 119 18.96 -5.88 -91.72
C THR J 119 20.39 -6.34 -91.92
N THR J 120 20.70 -7.59 -91.60
CA THR J 120 22.04 -8.11 -91.79
C THR J 120 22.39 -8.18 -93.27
N LEU J 121 21.43 -8.55 -94.11
CA LEU J 121 21.67 -8.58 -95.55
C LEU J 121 21.97 -7.20 -96.10
N VAL J 122 21.23 -6.19 -95.64
CA VAL J 122 21.50 -4.82 -96.06
C VAL J 122 22.87 -4.37 -95.59
N GLU J 123 23.21 -4.70 -94.34
CA GLU J 123 24.52 -4.31 -93.81
C GLU J 123 25.65 -5.00 -94.54
N ASN J 124 25.40 -6.17 -95.12
CA ASN J 124 26.40 -6.89 -95.89
C ASN J 124 26.32 -6.59 -97.38
N LYS J 125 25.42 -5.71 -97.80
CA LYS J 125 25.20 -5.38 -99.20
C LYS J 125 24.86 -6.62 -100.03
N LYS J 126 24.17 -7.58 -99.43
CA LYS J 126 23.78 -8.79 -100.13
C LYS J 126 22.36 -8.71 -100.69
N ALA J 127 21.54 -7.80 -100.20
CA ALA J 127 20.18 -7.65 -100.68
C ALA J 127 20.16 -6.82 -101.95
N GLN J 128 19.36 -7.26 -102.92
CA GLN J 128 19.18 -6.51 -104.16
C GLN J 128 18.00 -5.57 -104.11
N LEU J 129 16.99 -5.90 -103.31
CA LEU J 129 15.79 -5.09 -103.18
C LEU J 129 15.14 -5.42 -101.86
N VAL J 130 14.75 -4.38 -101.14
CA VAL J 130 14.14 -4.51 -99.81
C VAL J 130 12.75 -3.94 -99.88
N VAL J 131 11.77 -4.70 -99.39
CA VAL J 131 10.38 -4.29 -99.38
C VAL J 131 9.95 -4.19 -97.92
N ILE J 132 9.45 -3.02 -97.54
CA ILE J 132 9.09 -2.74 -96.15
C ILE J 132 7.59 -2.50 -96.08
N ALA J 133 6.93 -3.16 -95.14
CA ALA J 133 5.52 -2.90 -94.91
C ALA J 133 5.33 -1.52 -94.31
N HIS J 134 4.19 -0.90 -94.60
CA HIS J 134 3.94 0.45 -94.16
C HIS J 134 3.22 0.53 -92.81
N ASP J 135 2.76 -0.58 -92.26
CA ASP J 135 1.92 -0.52 -91.07
C ASP J 135 2.42 -1.36 -89.91
N VAL J 136 3.73 -1.35 -89.66
CA VAL J 136 4.27 -2.04 -88.50
C VAL J 136 3.85 -1.29 -87.25
N ASP J 137 3.02 -1.94 -86.41
CA ASP J 137 2.38 -1.23 -85.30
C ASP J 137 3.36 -0.74 -84.25
N PRO J 138 4.31 -1.55 -83.75
CA PRO J 138 5.44 -0.94 -83.04
C PRO J 138 6.41 -0.32 -84.04
N ILE J 139 6.18 0.93 -84.42
CA ILE J 139 6.98 1.47 -85.51
C ILE J 139 8.28 1.97 -84.92
N GLU J 140 9.14 1.01 -84.60
CA GLU J 140 10.56 1.18 -84.32
C GLU J 140 11.37 0.09 -84.96
N LEU J 141 10.73 -1.00 -85.39
CA LEU J 141 11.40 -2.12 -86.02
C LEU J 141 11.93 -1.76 -87.40
N VAL J 142 11.36 -0.75 -88.05
CA VAL J 142 11.70 -0.49 -89.45
C VAL J 142 11.98 0.98 -89.72
N VAL J 143 11.97 1.84 -88.70
CA VAL J 143 12.18 3.26 -88.97
C VAL J 143 13.60 3.52 -89.45
N PHE J 144 14.56 2.71 -89.02
CA PHE J 144 15.93 2.87 -89.46
C PHE J 144 16.18 2.26 -90.83
N LEU J 145 15.31 1.38 -91.30
CA LEU J 145 15.59 0.64 -92.53
C LEU J 145 15.66 1.50 -93.78
N PRO J 146 14.76 2.46 -94.03
CA PRO J 146 14.96 3.34 -95.19
C PRO J 146 16.29 4.06 -95.17
N ALA J 147 16.70 4.54 -94.00
CA ALA J 147 17.98 5.24 -93.90
C ALA J 147 19.15 4.27 -94.02
N LEU J 148 19.02 3.09 -93.43
CA LEU J 148 20.08 2.10 -93.52
C LEU J 148 20.21 1.58 -94.95
N CYS J 149 19.09 1.35 -95.64
CA CYS J 149 19.16 0.88 -97.00
C CYS J 149 19.78 1.92 -97.93
N ARG J 150 19.41 3.18 -97.74
CA ARG J 150 19.96 4.25 -98.56
C ARG J 150 21.45 4.42 -98.30
N LYS J 151 21.88 4.30 -97.05
CA LYS J 151 23.29 4.41 -96.73
C LYS J 151 24.09 3.29 -97.38
N MET J 152 23.56 2.07 -97.36
CA MET J 152 24.26 0.93 -97.93
C MET J 152 24.05 0.79 -99.42
N GLY J 153 23.21 1.63 -100.01
CA GLY J 153 23.02 1.65 -101.45
C GLY J 153 22.02 0.66 -102.00
N VAL J 154 21.32 -0.08 -101.16
CA VAL J 154 20.36 -1.08 -101.65
C VAL J 154 19.01 -0.41 -101.88
N PRO J 155 18.41 -0.58 -103.06
CA PRO J 155 17.10 0.02 -103.30
C PRO J 155 16.05 -0.56 -102.38
N TYR J 156 15.17 0.30 -101.89
CA TYR J 156 14.12 -0.11 -100.98
C TYR J 156 12.81 0.54 -101.40
N CYS J 157 11.71 -0.16 -101.18
CA CYS J 157 10.38 0.38 -101.38
C CYS J 157 9.54 0.12 -100.15
N ILE J 158 8.48 0.90 -100.02
CA ILE J 158 7.49 0.71 -98.97
C ILE J 158 6.19 0.29 -99.62
N ILE J 159 5.59 -0.79 -99.13
CA ILE J 159 4.41 -1.37 -99.75
C ILE J 159 3.27 -1.34 -98.73
N LYS J 160 2.05 -1.38 -99.23
CA LYS J 160 0.86 -1.37 -98.39
C LYS J 160 0.60 -2.77 -97.85
N GLY J 161 0.60 -2.90 -96.53
CA GLY J 161 0.14 -4.11 -95.90
C GLY J 161 1.23 -5.06 -95.45
N LYS J 162 1.37 -5.24 -94.14
CA LYS J 162 2.19 -6.32 -93.62
C LYS J 162 1.52 -7.67 -93.79
N ALA J 163 0.20 -7.68 -93.98
CA ALA J 163 -0.51 -8.94 -94.20
C ALA J 163 -0.20 -9.51 -95.57
N ARG J 164 -0.01 -8.64 -96.57
CA ARG J 164 0.37 -9.13 -97.89
C ARG J 164 1.77 -9.73 -97.87
N LEU J 165 2.68 -9.15 -97.11
CA LEU J 165 4.01 -9.74 -96.96
C LEU J 165 3.93 -11.06 -96.21
N GLY J 166 3.00 -11.17 -95.26
CA GLY J 166 2.84 -12.42 -94.54
C GLY J 166 2.39 -13.56 -95.42
N ARG J 167 1.48 -13.27 -96.36
CA ARG J 167 1.01 -14.30 -97.29
C ARG J 167 2.12 -14.75 -98.22
N LEU J 168 3.11 -13.88 -98.46
CA LEU J 168 4.26 -14.27 -99.26
C LEU J 168 5.07 -15.37 -98.57
N VAL J 169 5.14 -15.31 -97.25
CA VAL J 169 5.96 -16.22 -96.47
C VAL J 169 5.10 -17.20 -95.66
N HIS J 170 3.83 -17.36 -96.04
CA HIS J 170 2.91 -18.32 -95.41
C HIS J 170 2.74 -18.05 -93.92
N ARG J 171 2.71 -16.79 -93.54
CA ARG J 171 2.53 -16.42 -92.15
C ARG J 171 1.48 -15.32 -92.08
N LYS J 172 1.20 -14.85 -90.87
CA LYS J 172 0.18 -13.82 -90.72
C LYS J 172 0.71 -12.45 -91.11
N THR J 173 1.97 -12.16 -90.79
CA THR J 173 2.53 -10.83 -90.88
C THR J 173 4.03 -10.93 -91.09
N CYS J 174 4.57 -10.05 -91.93
CA CYS J 174 6.01 -9.90 -92.08
C CYS J 174 6.34 -8.43 -92.23
N THR J 175 7.30 -7.94 -91.44
CA THR J 175 7.72 -6.55 -91.56
C THR J 175 8.36 -6.30 -92.91
N THR J 176 9.36 -7.08 -93.28
CA THR J 176 10.14 -6.84 -94.48
C THR J 176 10.47 -8.15 -95.17
N VAL J 177 10.63 -8.08 -96.49
CA VAL J 177 11.22 -9.15 -97.28
C VAL J 177 12.31 -8.54 -98.13
N ALA J 178 13.31 -9.36 -98.44
CA ALA J 178 14.47 -8.89 -99.18
C ALA J 178 14.73 -9.81 -100.37
N PHE J 179 15.10 -9.21 -101.49
CA PHE J 179 15.46 -9.95 -102.69
C PHE J 179 16.98 -10.09 -102.73
N THR J 180 17.45 -11.32 -102.59
CA THR J 180 18.84 -11.66 -102.86
C THR J 180 18.94 -12.00 -104.35
N GLN J 181 20.02 -12.67 -104.75
CA GLN J 181 20.20 -13.06 -106.14
C GLN J 181 18.95 -13.76 -106.68
N VAL J 182 18.73 -13.63 -107.98
CA VAL J 182 17.47 -13.98 -108.62
C VAL J 182 17.79 -14.82 -109.86
N ASN J 183 16.81 -15.59 -110.31
CA ASN J 183 16.99 -16.38 -111.52
C ASN J 183 17.18 -15.48 -112.74
N SER J 184 17.86 -16.02 -113.74
CA SER J 184 18.25 -15.22 -114.90
C SER J 184 17.03 -14.72 -115.67
N GLU J 185 15.99 -15.56 -115.79
CA GLU J 185 14.80 -15.14 -116.52
C GLU J 185 14.03 -14.03 -115.82
N ASP J 186 14.32 -13.77 -114.54
CA ASP J 186 13.72 -12.68 -113.82
C ASP J 186 14.66 -11.53 -113.55
N LYS J 187 15.89 -11.59 -114.07
CA LYS J 187 16.81 -10.47 -113.89
C LYS J 187 16.34 -9.24 -114.62
N GLY J 188 15.75 -9.41 -115.80
CA GLY J 188 15.17 -8.28 -116.50
C GLY J 188 14.00 -7.68 -115.76
N ALA J 189 13.15 -8.52 -115.18
CA ALA J 189 12.00 -8.01 -114.44
C ALA J 189 12.43 -7.29 -113.16
N LEU J 190 13.40 -7.86 -112.45
CA LEU J 190 13.86 -7.23 -111.20
C LEU J 190 14.53 -5.90 -111.48
N ALA J 191 15.25 -5.80 -112.60
CA ALA J 191 15.93 -4.56 -112.94
C ALA J 191 14.92 -3.43 -113.18
N LYS J 192 13.80 -3.74 -113.85
CA LYS J 192 12.79 -2.72 -114.09
C LYS J 192 12.17 -2.24 -112.79
N LEU J 193 11.94 -3.16 -111.85
CA LEU J 193 11.42 -2.77 -110.55
C LEU J 193 12.42 -1.90 -109.80
N VAL J 194 13.70 -2.30 -109.81
CA VAL J 194 14.71 -1.57 -109.06
C VAL J 194 14.89 -0.17 -109.63
N GLU J 195 14.83 -0.02 -110.95
CA GLU J 195 15.01 1.29 -111.56
C GLU J 195 13.93 2.27 -111.13
N ALA J 196 12.67 1.82 -111.11
CA ALA J 196 11.57 2.71 -110.70
C ALA J 196 11.61 2.95 -109.20
N ILE J 197 11.91 1.92 -108.42
CA ILE J 197 11.94 2.06 -106.97
C ILE J 197 13.08 2.98 -106.53
N ARG J 198 14.24 2.88 -107.20
CA ARG J 198 15.35 3.78 -106.87
C ARG J 198 14.99 5.23 -107.14
N THR J 199 14.24 5.47 -108.22
CA THR J 199 13.83 6.83 -108.55
C THR J 199 12.92 7.42 -107.48
N ASN J 200 12.04 6.60 -106.92
CA ASN J 200 11.02 7.13 -106.02
C ASN J 200 11.48 7.17 -104.57
N TYR J 201 12.46 6.36 -104.20
CA TYR J 201 12.84 6.25 -102.79
C TYR J 201 14.28 6.65 -102.53
N ASN J 202 15.25 6.02 -103.21
CA ASN J 202 16.65 6.28 -102.90
C ASN J 202 17.11 7.63 -103.46
N ASP J 203 16.68 7.96 -104.67
CA ASP J 203 17.18 9.15 -105.33
C ASP J 203 16.62 10.43 -104.73
N ARG J 204 15.47 10.37 -104.07
CA ARG J 204 14.88 11.54 -103.44
C ARG J 204 14.81 11.37 -101.93
N TYR J 205 15.79 10.67 -101.37
CA TYR J 205 15.87 10.50 -99.92
C TYR J 205 16.11 11.81 -99.20
N ASP J 206 16.69 12.79 -99.89
CA ASP J 206 17.06 14.04 -99.23
C ASP J 206 15.83 14.81 -98.76
N GLU J 207 14.81 14.90 -99.61
CA GLU J 207 13.58 15.57 -99.19
C GLU J 207 12.57 14.64 -98.55
N ILE J 208 12.79 13.33 -98.60
CA ILE J 208 12.05 12.43 -97.74
C ILE J 208 12.42 12.69 -96.29
N ARG J 209 13.70 13.00 -96.03
CA ARG J 209 14.18 13.28 -94.69
C ARG J 209 13.55 14.53 -94.08
N ARG J 210 13.03 15.43 -94.88
CA ARG J 210 12.52 16.70 -94.39
C ARG J 210 11.00 16.82 -94.48
N HIS J 211 10.33 15.81 -95.02
CA HIS J 211 8.90 15.91 -95.33
C HIS J 211 8.10 15.53 -94.11
N TRP J 212 7.70 16.53 -93.31
CA TRP J 212 6.88 16.28 -92.15
C TRP J 212 5.46 15.93 -92.56
N GLY J 213 4.76 15.23 -91.67
CA GLY J 213 3.40 14.79 -91.92
C GLY J 213 2.40 15.40 -90.96
N GLY J 214 1.14 15.10 -91.21
CA GLY J 214 0.08 15.59 -90.36
C GLY J 214 -0.08 17.10 -90.46
N ASN J 215 -0.33 17.72 -89.30
CA ASN J 215 -0.54 19.16 -89.18
C ASN J 215 -1.69 19.64 -90.07
N VAL J 216 -2.77 18.87 -90.09
CA VAL J 216 -3.98 19.20 -90.85
C VAL J 216 -5.14 19.29 -89.87
N LEU J 217 -5.87 20.38 -89.94
CA LEU J 217 -7.03 20.57 -89.07
C LEU J 217 -8.23 19.81 -89.64
N GLY J 218 -9.27 19.71 -88.81
CA GLY J 218 -10.48 19.04 -89.20
C GLY J 218 -11.27 19.83 -90.22
N PRO J 219 -12.18 19.15 -90.93
CA PRO J 219 -12.98 19.86 -91.93
C PRO J 219 -13.83 20.98 -91.35
N LYS J 220 -14.35 20.82 -90.13
CA LYS J 220 -15.09 21.89 -89.50
C LYS J 220 -14.21 23.10 -89.23
N SER J 221 -12.99 22.87 -88.74
CA SER J 221 -12.08 23.98 -88.48
C SER J 221 -11.63 24.61 -89.78
N VAL J 222 -11.42 23.81 -90.83
CA VAL J 222 -11.03 24.36 -92.12
C VAL J 222 -12.17 25.17 -92.71
N ALA J 223 -13.39 24.66 -92.63
CA ALA J 223 -14.54 25.38 -93.16
C ALA J 223 -14.77 26.67 -92.38
N ARG J 224 -14.56 26.65 -91.07
CA ARG J 224 -14.74 27.84 -90.27
C ARG J 224 -13.70 28.90 -90.60
N ILE J 225 -12.46 28.48 -90.81
CA ILE J 225 -11.41 29.42 -91.21
C ILE J 225 -11.69 29.99 -92.59
N ALA J 226 -12.10 29.13 -93.53
CA ALA J 226 -12.40 29.60 -94.88
C ALA J 226 -13.56 30.59 -94.88
N LYS J 227 -14.54 30.38 -94.02
CA LYS J 227 -15.65 31.32 -93.90
C LYS J 227 -15.17 32.69 -93.41
N LEU J 228 -14.28 32.69 -92.41
CA LEU J 228 -13.75 33.96 -91.90
C LEU J 228 -12.88 34.66 -92.93
N GLU J 229 -12.08 33.89 -93.68
CA GLU J 229 -11.26 34.50 -94.72
C GLU J 229 -12.13 35.09 -95.83
N LYS J 230 -13.17 34.37 -96.24
CA LYS J 230 -14.07 34.90 -97.26
C LYS J 230 -14.88 36.07 -96.73
N ALA J 231 -15.13 36.12 -95.43
CA ALA J 231 -15.85 37.25 -94.84
C ALA J 231 -15.05 38.54 -94.97
N LYS J 232 -13.73 38.47 -94.77
CA LYS J 232 -12.91 39.66 -94.91
C LYS J 232 -12.47 39.87 -96.36
N ALA J 233 -12.43 38.82 -97.17
CA ALA J 233 -12.02 38.97 -98.56
C ALA J 233 -13.10 39.64 -99.39
N LYS J 234 -14.36 39.46 -99.04
CA LYS J 234 -15.44 40.06 -99.83
C LYS J 234 -15.47 41.58 -99.65
N GLU J 235 -15.15 42.08 -98.46
CA GLU J 235 -15.11 43.52 -98.25
C GLU J 235 -13.81 44.14 -98.73
N LEU J 236 -12.71 43.40 -98.70
CA LEU J 236 -11.46 43.91 -99.24
C LEU J 236 -11.50 43.99 -100.76
N ALA J 237 -12.24 43.09 -101.41
CA ALA J 237 -12.42 43.16 -102.86
C ALA J 237 -13.16 44.43 -103.25
N THR J 238 -14.15 44.85 -102.46
CA THR J 238 -14.80 46.12 -102.68
C THR J 238 -13.87 47.29 -102.34
N LYS J 239 -13.00 47.10 -101.35
CA LYS J 239 -12.04 48.14 -100.97
C LYS J 239 -11.07 48.43 -102.12
N LEU J 240 -10.57 47.39 -102.78
CA LEU J 240 -9.66 47.57 -103.90
C LEU J 240 -10.44 47.84 -105.18
N GLY J 241 -9.89 48.69 -106.02
CA GLY J 241 -10.52 49.06 -107.27
C GLY J 241 -11.60 50.12 -107.12
N MET K 1 11.54 35.18 71.32
CA MET K 1 12.10 35.17 72.67
C MET K 1 11.13 34.58 73.67
N LYS K 2 11.64 33.72 74.55
CA LYS K 2 10.89 33.16 75.66
C LYS K 2 11.30 33.87 76.93
N THR K 3 10.38 34.57 77.55
CA THR K 3 10.63 35.18 78.86
C THR K 3 10.56 34.12 79.94
N ILE K 4 11.52 34.14 80.87
CA ILE K 4 11.60 33.09 81.87
C ILE K 4 10.35 33.09 82.75
N LEU K 5 9.99 34.25 83.28
CA LEU K 5 8.85 34.33 84.18
C LEU K 5 8.17 35.68 84.02
N SER K 6 6.85 35.66 83.90
CA SER K 6 6.03 36.87 83.90
C SER K 6 4.86 36.62 84.82
N ASN K 7 4.79 37.36 85.91
CA ASN K 7 3.74 37.17 86.90
C ASN K 7 3.03 38.48 87.19
N GLN K 8 1.78 38.35 87.63
CA GLN K 8 0.98 39.48 88.05
C GLN K 8 0.13 39.03 89.22
N THR K 9 -0.02 39.90 90.21
CA THR K 9 -0.66 39.56 91.48
C THR K 9 -1.92 40.38 91.66
N VAL K 10 -2.98 39.72 92.13
CA VAL K 10 -4.27 40.35 92.37
C VAL K 10 -4.58 40.28 93.86
N ASP K 11 -4.89 41.43 94.45
CA ASP K 11 -5.23 41.51 95.86
C ASP K 11 -6.71 41.24 96.06
N ILE K 12 -7.02 40.41 97.05
CA ILE K 12 -8.39 39.98 97.32
C ILE K 12 -8.89 40.69 98.57
N PRO K 13 -10.05 41.35 98.52
CA PRO K 13 -10.60 41.98 99.72
C PRO K 13 -10.96 40.96 100.80
N GLU K 14 -11.18 41.47 102.00
CA GLU K 14 -11.42 40.59 103.15
C GLU K 14 -12.78 39.90 103.08
N ASN K 15 -13.82 40.61 102.66
CA ASN K 15 -15.17 40.05 102.67
C ASN K 15 -15.39 39.01 101.58
N VAL K 16 -14.45 38.85 100.66
CA VAL K 16 -14.57 37.91 99.55
C VAL K 16 -13.40 36.93 99.62
N ASP K 17 -13.68 35.66 99.38
CA ASP K 17 -12.67 34.62 99.37
C ASP K 17 -12.65 33.91 98.02
N ILE K 18 -11.47 33.41 97.66
CA ILE K 18 -11.25 32.78 96.36
C ILE K 18 -10.76 31.37 96.59
N THR K 19 -11.39 30.41 95.92
CA THR K 19 -11.00 29.01 95.97
C THR K 19 -10.52 28.60 94.59
N LEU K 20 -9.37 27.93 94.54
CA LEU K 20 -8.80 27.45 93.29
C LEU K 20 -8.97 25.95 93.20
N LYS K 21 -9.53 25.48 92.09
CA LYS K 21 -9.59 24.06 91.75
C LYS K 21 -8.84 23.90 90.45
N GLY K 22 -7.52 23.75 90.56
CA GLY K 22 -6.68 23.77 89.37
C GLY K 22 -6.64 25.15 88.77
N ARG K 23 -7.26 25.32 87.61
CA ARG K 23 -7.40 26.62 86.98
C ARG K 23 -8.83 27.12 86.98
N THR K 24 -9.66 26.61 87.88
CA THR K 24 -11.02 27.08 88.07
C THR K 24 -11.05 27.99 89.29
N VAL K 25 -11.42 29.25 89.07
CA VAL K 25 -11.46 30.25 90.13
C VAL K 25 -12.91 30.38 90.60
N ILE K 26 -13.13 30.08 91.87
CA ILE K 26 -14.44 30.25 92.50
C ILE K 26 -14.32 31.44 93.43
N VAL K 27 -15.06 32.50 93.13
CA VAL K 27 -15.03 33.74 93.89
C VAL K 27 -16.37 33.87 94.59
N LYS K 28 -16.37 33.79 95.91
CA LYS K 28 -17.58 33.89 96.70
C LYS K 28 -17.54 35.19 97.50
N GLY K 29 -18.52 36.05 97.26
CA GLY K 29 -18.62 37.31 97.97
C GLY K 29 -19.99 37.50 98.56
N PRO K 30 -20.25 38.70 99.09
CA PRO K 30 -21.57 38.97 99.66
C PRO K 30 -22.72 38.87 98.67
N ARG K 31 -22.50 39.21 97.41
CA ARG K 31 -23.57 39.23 96.43
C ARG K 31 -23.78 37.88 95.73
N GLY K 32 -22.94 36.89 95.99
CA GLY K 32 -23.15 35.60 95.37
C GLY K 32 -21.82 34.90 95.15
N THR K 33 -21.83 33.97 94.21
CA THR K 33 -20.64 33.19 93.87
C THR K 33 -20.47 33.16 92.36
N LEU K 34 -19.26 33.50 91.91
CA LEU K 34 -18.90 33.46 90.50
C LEU K 34 -17.82 32.40 90.33
N ARG K 35 -17.95 31.57 89.30
CA ARG K 35 -17.01 30.50 89.02
C ARG K 35 -16.61 30.56 87.56
N ARG K 36 -15.31 30.52 87.30
CA ARG K 36 -14.79 30.58 85.94
C ARG K 36 -13.52 29.75 85.85
N ASP K 37 -13.41 28.93 84.81
CA ASP K 37 -12.22 28.13 84.60
C ASP K 37 -11.38 28.69 83.46
N PHE K 38 -10.07 28.66 83.66
CA PHE K 38 -9.12 29.17 82.70
C PHE K 38 -8.26 28.03 82.16
N ASN K 39 -8.88 26.88 81.93
CA ASN K 39 -8.17 25.70 81.47
C ASN K 39 -7.62 25.87 80.05
N HIS K 40 -8.08 26.87 79.32
CA HIS K 40 -7.54 27.14 77.99
C HIS K 40 -6.25 27.94 78.04
N ILE K 41 -5.81 28.34 79.23
CA ILE K 41 -4.56 29.08 79.39
C ILE K 41 -3.66 28.29 80.33
N ASN K 42 -2.45 28.00 79.87
CA ASN K 42 -1.49 27.21 80.65
C ASN K 42 -0.71 28.16 81.54
N VAL K 43 -1.30 28.46 82.69
CA VAL K 43 -0.66 29.27 83.72
C VAL K 43 -0.73 28.52 85.04
N GLU K 44 -0.03 29.04 86.03
CA GLU K 44 -0.04 28.51 87.38
C GLU K 44 -0.71 29.53 88.28
N LEU K 45 -1.74 29.11 89.00
CA LEU K 45 -2.49 29.96 89.90
C LEU K 45 -2.20 29.55 91.32
N SER K 46 -1.96 30.53 92.20
CA SER K 46 -1.64 30.24 93.59
C SER K 46 -2.18 31.33 94.48
N LEU K 47 -2.66 30.93 95.66
CA LEU K 47 -3.06 31.86 96.71
C LEU K 47 -1.89 31.98 97.69
N LEU K 48 -1.52 33.21 98.01
CA LEU K 48 -0.25 33.45 98.69
C LEU K 48 -0.37 33.37 100.22
N GLY K 49 -1.17 34.25 100.81
CA GLY K 49 -1.16 34.45 102.24
C GLY K 49 -2.47 33.99 102.89
N LYS K 50 -2.41 33.88 104.22
CA LYS K 50 -3.60 33.71 105.04
C LYS K 50 -4.03 35.02 105.69
N LYS K 51 -3.41 36.12 105.28
CA LYS K 51 -3.52 37.42 105.94
C LYS K 51 -4.19 38.47 105.06
N LYS K 52 -3.68 38.67 103.84
CA LYS K 52 -4.19 39.66 102.91
C LYS K 52 -4.68 39.04 101.62
N LYS K 53 -4.48 37.73 101.43
CA LYS K 53 -5.05 36.98 100.32
C LYS K 53 -4.66 37.53 98.96
N ARG K 54 -3.41 37.40 98.58
CA ARG K 54 -2.98 37.71 97.22
C ARG K 54 -3.23 36.50 96.34
N LEU K 55 -3.52 36.74 95.07
CA LEU K 55 -3.61 35.68 94.08
C LEU K 55 -2.63 36.00 92.96
N ARG K 56 -1.74 35.05 92.67
CA ARG K 56 -0.68 35.25 91.69
C ARG K 56 -0.92 34.38 90.47
N VAL K 57 -0.61 34.93 89.30
CA VAL K 57 -0.67 34.21 88.04
C VAL K 57 0.73 34.15 87.46
N ASP K 58 1.23 32.95 87.22
CA ASP K 58 2.59 32.75 86.73
C ASP K 58 2.56 32.11 85.35
N LYS K 59 3.37 32.65 84.44
CA LYS K 59 3.59 32.05 83.14
C LYS K 59 5.08 31.85 82.97
N TRP K 60 5.49 30.62 82.68
CA TRP K 60 6.89 30.27 82.55
C TRP K 60 7.19 29.99 81.08
N TRP K 61 8.28 30.59 80.58
CA TRP K 61 8.77 30.33 79.23
C TRP K 61 7.73 30.62 78.17
N GLY K 62 7.00 31.72 78.34
CA GLY K 62 5.97 32.12 77.40
C GLY K 62 6.52 33.10 76.37
N ASN K 63 6.04 32.96 75.14
CA ASN K 63 6.39 33.91 74.10
C ASN K 63 5.45 35.12 74.19
N ARG K 64 5.50 36.00 73.19
CA ARG K 64 4.80 37.27 73.28
C ARG K 64 3.29 37.09 73.37
N LYS K 65 2.74 36.16 72.60
CA LYS K 65 1.29 35.98 72.58
C LYS K 65 0.76 35.48 73.92
N GLU K 66 1.44 34.52 74.53
CA GLU K 66 0.95 33.97 75.78
C GLU K 66 1.44 34.74 77.00
N LEU K 67 2.26 35.77 76.81
CA LEU K 67 2.46 36.74 77.88
C LEU K 67 1.30 37.70 77.98
N ALA K 68 0.50 37.82 76.93
CA ALA K 68 -0.67 38.68 76.97
C ALA K 68 -1.79 38.09 77.82
N THR K 69 -1.75 36.79 78.07
CA THR K 69 -2.83 36.15 78.82
C THR K 69 -2.67 36.27 80.32
N VAL K 70 -1.53 36.75 80.82
CA VAL K 70 -1.33 36.85 82.25
C VAL K 70 -2.24 37.93 82.84
N ARG K 71 -2.24 39.11 82.23
CA ARG K 71 -3.09 40.18 82.73
C ARG K 71 -4.56 39.95 82.38
N THR K 72 -4.83 39.21 81.31
CA THR K 72 -6.21 38.90 80.95
C THR K 72 -6.88 38.07 82.02
N ILE K 73 -6.17 37.07 82.55
CA ILE K 73 -6.71 36.29 83.67
C ILE K 73 -6.90 37.17 84.89
N CYS K 74 -5.92 38.03 85.17
CA CYS K 74 -6.00 38.88 86.34
C CYS K 74 -7.16 39.86 86.24
N SER K 75 -7.39 40.40 85.05
CA SER K 75 -8.51 41.32 84.85
C SER K 75 -9.84 40.60 85.00
N HIS K 76 -9.93 39.36 84.48
CA HIS K 76 -11.16 38.60 84.60
C HIS K 76 -11.46 38.26 86.06
N VAL K 77 -10.43 37.94 86.83
CA VAL K 77 -10.63 37.62 88.25
C VAL K 77 -11.07 38.87 89.01
N GLN K 78 -10.46 40.02 88.71
CA GLN K 78 -10.86 41.25 89.37
C GLN K 78 -12.30 41.61 89.06
N ASN K 79 -12.75 41.31 87.84
CA ASN K 79 -14.16 41.54 87.51
C ASN K 79 -15.06 40.63 88.33
N MET K 80 -14.63 39.38 88.55
CA MET K 80 -15.40 38.48 89.39
C MET K 80 -15.44 38.97 90.84
N ILE K 81 -14.31 39.47 91.34
CA ILE K 81 -14.28 40.07 92.68
C ILE K 81 -15.18 41.29 92.72
N LYS K 82 -15.09 42.13 91.70
CA LYS K 82 -15.95 43.31 91.62
C LYS K 82 -17.42 42.93 91.51
N GLY K 83 -17.71 41.85 90.79
CA GLY K 83 -19.09 41.45 90.61
C GLY K 83 -19.74 40.94 91.88
N VAL K 84 -19.02 40.14 92.67
CA VAL K 84 -19.62 39.52 93.85
C VAL K 84 -19.62 40.44 95.05
N THR K 85 -18.96 41.59 94.99
CA THR K 85 -18.96 42.55 96.08
C THR K 85 -19.79 43.78 95.78
N LEU K 86 -19.72 44.28 94.55
CA LEU K 86 -20.49 45.46 94.17
C LEU K 86 -21.53 45.20 93.09
N GLY K 87 -21.35 44.16 92.28
CA GLY K 87 -22.26 43.91 91.19
C GLY K 87 -22.01 44.83 90.02
N PHE K 88 -22.65 44.52 88.90
CA PHE K 88 -22.51 45.30 87.68
C PHE K 88 -23.87 45.82 87.27
N ARG K 89 -23.96 47.13 87.06
CA ARG K 89 -25.21 47.77 86.69
C ARG K 89 -24.97 48.59 85.43
N TYR K 90 -25.59 48.17 84.34
CA TYR K 90 -25.51 48.88 83.07
C TYR K 90 -26.79 49.67 82.87
N LYS K 91 -26.66 50.93 82.50
CA LYS K 91 -27.79 51.79 82.24
C LYS K 91 -27.91 52.00 80.74
N MET K 92 -29.08 51.71 80.19
CA MET K 92 -29.33 51.93 78.78
C MET K 92 -30.40 52.98 78.58
N ARG K 93 -30.13 53.95 77.72
CA ARG K 93 -31.06 55.00 77.37
C ARG K 93 -31.64 54.74 75.99
N SER K 94 -32.94 54.84 75.86
CA SER K 94 -33.60 54.69 74.57
C SER K 94 -33.80 56.07 73.97
N VAL K 95 -33.24 56.30 72.79
CA VAL K 95 -33.35 57.58 72.11
C VAL K 95 -34.25 57.39 70.89
N TYR K 96 -35.05 58.40 70.60
CA TYR K 96 -35.93 58.36 69.45
C TYR K 96 -36.23 59.78 69.01
N ALA K 97 -36.57 59.93 67.74
CA ALA K 97 -36.94 61.23 67.20
C ALA K 97 -38.44 61.46 67.22
N HIS K 98 -39.22 60.52 66.70
CA HIS K 98 -40.67 60.66 66.65
C HIS K 98 -41.40 59.59 67.44
N PHE K 99 -41.13 58.32 67.15
CA PHE K 99 -41.88 57.23 67.76
C PHE K 99 -41.26 56.86 69.10
N PRO K 100 -41.97 57.02 70.22
CA PRO K 100 -41.42 56.57 71.49
C PRO K 100 -41.23 55.06 71.51
N ILE K 101 -40.15 54.62 72.13
CA ILE K 101 -39.84 53.20 72.23
C ILE K 101 -40.39 52.71 73.56
N ASN K 102 -41.39 51.85 73.50
CA ASN K 102 -42.04 51.33 74.69
C ASN K 102 -41.40 50.02 75.09
N VAL K 103 -40.85 49.97 76.29
CA VAL K 103 -40.16 48.78 76.80
C VAL K 103 -40.98 48.23 77.96
N VAL K 104 -41.39 46.98 77.83
CA VAL K 104 -42.10 46.27 78.90
C VAL K 104 -41.21 45.12 79.35
N ILE K 105 -40.95 45.06 80.64
CA ILE K 105 -40.08 44.05 81.22
C ILE K 105 -40.94 42.89 81.69
N GLN K 106 -40.72 41.72 81.09
CA GLN K 106 -41.52 40.55 81.42
C GLN K 106 -40.89 39.81 82.58
N GLU K 107 -41.30 38.55 82.79
CA GLU K 107 -41.14 37.82 84.04
C GLU K 107 -39.74 37.94 84.64
N ASN K 108 -39.69 38.46 85.88
CA ASN K 108 -38.49 38.53 86.70
C ASN K 108 -37.35 39.30 86.04
N GLY K 109 -37.64 40.11 85.03
CA GLY K 109 -36.60 40.83 84.33
C GLY K 109 -35.81 40.00 83.34
N SER K 110 -36.22 38.76 83.09
CA SER K 110 -35.50 37.88 82.17
C SER K 110 -35.93 38.04 80.73
N LEU K 111 -36.97 38.84 80.45
CA LEU K 111 -37.44 39.06 79.09
C LEU K 111 -37.75 40.54 78.91
N VAL K 112 -37.42 41.06 77.74
CA VAL K 112 -37.62 42.46 77.41
C VAL K 112 -38.37 42.55 76.09
N GLU K 113 -39.45 43.32 76.06
CA GLU K 113 -40.24 43.55 74.86
C GLU K 113 -40.11 44.99 74.42
N ILE K 114 -39.72 45.20 73.17
CA ILE K 114 -39.66 46.52 72.56
C ILE K 114 -40.79 46.61 71.54
N ARG K 115 -41.66 47.60 71.71
CA ARG K 115 -42.93 47.65 70.98
C ARG K 115 -42.88 48.53 69.74
N ASN K 116 -42.56 49.81 69.89
CA ASN K 116 -42.79 50.80 68.86
C ASN K 116 -41.49 51.36 68.30
N PHE K 117 -40.49 50.49 68.11
CA PHE K 117 -39.21 50.96 67.60
C PHE K 117 -39.37 51.40 66.15
N LEU K 118 -39.15 52.69 65.90
CA LEU K 118 -39.30 53.28 64.57
C LEU K 118 -40.71 53.13 64.03
N GLY K 119 -41.69 52.96 64.92
CA GLY K 119 -43.07 52.93 64.52
C GLY K 119 -43.53 51.65 63.86
N GLU K 120 -42.71 50.61 63.84
CA GLU K 120 -43.10 49.38 63.17
C GLU K 120 -43.87 48.46 64.10
N LYS K 121 -44.66 47.57 63.51
CA LYS K 121 -45.56 46.71 64.25
C LYS K 121 -44.88 45.47 64.80
N TYR K 122 -43.64 45.20 64.43
CA TYR K 122 -42.94 44.05 64.97
C TYR K 122 -42.64 44.24 66.46
N ILE K 123 -42.70 43.16 67.21
CA ILE K 123 -42.38 43.15 68.63
C ILE K 123 -41.06 42.45 68.82
N ARG K 124 -40.11 43.10 69.47
CA ARG K 124 -38.80 42.52 69.73
C ARG K 124 -38.80 41.90 71.12
N ARG K 125 -38.71 40.58 71.17
CA ARG K 125 -38.57 39.85 72.44
C ARG K 125 -37.11 39.49 72.60
N VAL K 126 -36.47 40.08 73.60
CA VAL K 126 -35.06 39.82 73.90
C VAL K 126 -34.99 39.17 75.26
N ARG K 127 -34.40 37.98 75.33
CA ARG K 127 -34.25 37.25 76.57
C ARG K 127 -32.89 37.53 77.18
N MET K 128 -32.88 37.93 78.45
CA MET K 128 -31.63 38.19 79.14
C MET K 128 -30.89 36.89 79.41
N ARG K 129 -29.58 37.01 79.59
CA ARG K 129 -28.79 35.87 80.01
C ARG K 129 -29.15 35.50 81.45
N PRO K 130 -28.98 34.23 81.83
CA PRO K 130 -29.30 33.84 83.21
C PRO K 130 -28.45 34.60 84.21
N GLY K 131 -29.08 34.99 85.31
CA GLY K 131 -28.44 35.80 86.31
C GLY K 131 -28.46 37.29 86.06
N VAL K 132 -29.01 37.73 84.94
CA VAL K 132 -29.10 39.15 84.59
C VAL K 132 -30.56 39.56 84.67
N ALA K 133 -30.83 40.62 85.42
CA ALA K 133 -32.18 41.12 85.59
C ALA K 133 -32.28 42.51 84.98
N CYS K 134 -33.27 42.71 84.12
CA CYS K 134 -33.55 44.01 83.55
C CYS K 134 -34.72 44.67 84.26
N SER K 135 -34.69 46.00 84.31
CA SER K 135 -35.77 46.75 84.93
C SER K 135 -35.84 48.12 84.29
N VAL K 136 -37.01 48.74 84.42
CA VAL K 136 -37.24 50.09 83.91
C VAL K 136 -36.91 51.06 85.03
N SER K 137 -35.99 51.98 84.76
CA SER K 137 -35.57 52.94 85.76
C SER K 137 -36.72 53.85 86.17
N GLN K 138 -36.81 54.15 87.46
CA GLN K 138 -37.79 55.08 87.97
C GLN K 138 -37.25 56.50 88.05
N ALA K 139 -35.95 56.69 87.84
CA ALA K 139 -35.36 58.02 87.93
C ALA K 139 -35.32 58.76 86.61
N GLN K 140 -35.27 58.04 85.50
CA GLN K 140 -35.21 58.64 84.17
C GLN K 140 -36.37 58.13 83.34
N LYS K 141 -36.82 58.97 82.39
CA LYS K 141 -38.02 58.66 81.64
C LYS K 141 -37.81 57.50 80.67
N ASP K 142 -36.63 57.43 80.04
CA ASP K 142 -36.33 56.39 79.07
C ASP K 142 -34.98 55.78 79.47
N GLU K 143 -35.00 54.82 80.38
CA GLU K 143 -33.77 54.25 80.89
C GLU K 143 -34.01 52.82 81.36
N LEU K 144 -33.14 51.91 80.93
CA LEU K 144 -33.18 50.51 81.34
C LEU K 144 -32.00 50.23 82.25
N ILE K 145 -32.23 49.44 83.29
CA ILE K 145 -31.20 49.07 84.25
C ILE K 145 -30.98 47.58 84.16
N LEU K 146 -29.76 47.17 83.82
CA LEU K 146 -29.37 45.77 83.79
C LEU K 146 -28.41 45.52 84.93
N GLU K 147 -28.77 44.62 85.84
CA GLU K 147 -27.99 44.35 87.04
C GLU K 147 -27.67 42.88 87.15
N GLY K 148 -26.45 42.58 87.56
CA GLY K 148 -26.03 41.20 87.69
C GLY K 148 -24.64 41.10 88.27
N ASN K 149 -24.16 39.87 88.36
CA ASN K 149 -22.87 39.60 88.99
C ASN K 149 -21.74 39.35 88.02
N ASP K 150 -22.02 38.74 86.86
CA ASP K 150 -21.01 38.47 85.86
C ASP K 150 -21.04 39.62 84.85
N ILE K 151 -19.89 40.25 84.64
CA ILE K 151 -19.82 41.39 83.73
C ILE K 151 -20.11 40.96 82.30
N GLU K 152 -19.61 39.79 81.90
CA GLU K 152 -19.80 39.35 80.52
C GLU K 152 -21.25 38.97 80.26
N LEU K 153 -21.96 38.49 81.27
CA LEU K 153 -23.39 38.21 81.09
C LEU K 153 -24.20 39.50 81.02
N VAL K 154 -23.90 40.45 81.91
CA VAL K 154 -24.64 41.71 81.92
C VAL K 154 -24.39 42.49 80.64
N SER K 155 -23.13 42.55 80.21
CA SER K 155 -22.80 43.33 79.02
C SER K 155 -23.29 42.65 77.75
N ASN K 156 -23.32 41.32 77.72
CA ASN K 156 -23.87 40.62 76.56
C ASN K 156 -25.36 40.90 76.41
N SER K 157 -26.10 40.89 77.53
CA SER K 157 -27.52 41.19 77.46
C SER K 157 -27.77 42.61 76.99
N ALA K 158 -26.92 43.55 77.44
CA ALA K 158 -27.04 44.93 76.96
C ALA K 158 -26.76 45.01 75.47
N ALA K 159 -25.84 44.20 74.97
CA ALA K 159 -25.56 44.19 73.53
C ALA K 159 -26.70 43.54 72.75
N LEU K 160 -27.38 42.59 73.37
CA LEU K 160 -28.55 41.99 72.73
C LEU K 160 -29.67 43.00 72.56
N ILE K 161 -29.91 43.81 73.60
CA ILE K 161 -30.92 44.86 73.51
C ILE K 161 -30.49 45.91 72.50
N GLN K 162 -29.23 46.33 72.56
CA GLN K 162 -28.74 47.38 71.68
C GLN K 162 -28.78 46.94 70.21
N GLN K 163 -28.47 45.68 69.95
CA GLN K 163 -28.46 45.19 68.58
C GLN K 163 -29.84 44.77 68.08
N ALA K 164 -30.81 44.64 68.98
CA ALA K 164 -32.16 44.32 68.55
C ALA K 164 -32.83 45.53 67.90
N THR K 165 -32.57 46.73 68.44
CA THR K 165 -33.15 47.95 67.90
C THR K 165 -32.16 48.60 66.92
N THR K 166 -32.02 47.94 65.78
CA THR K 166 -31.12 48.38 64.73
C THR K 166 -31.92 48.88 63.54
N VAL K 167 -31.59 50.07 63.07
CA VAL K 167 -32.23 50.66 61.90
C VAL K 167 -31.67 50.01 60.65
N LYS K 168 -32.53 49.66 59.71
CA LYS K 168 -32.13 48.98 58.49
C LYS K 168 -32.63 49.73 57.27
N ASN K 169 -31.79 49.75 56.23
CA ASN K 169 -32.06 50.40 54.95
C ASN K 169 -32.27 51.90 55.07
N LYS K 170 -31.71 52.52 56.10
CA LYS K 170 -31.82 53.95 56.29
C LYS K 170 -30.45 54.50 56.67
N ASP K 171 -30.28 55.79 56.48
CA ASP K 171 -29.05 56.47 56.89
C ASP K 171 -28.99 56.50 58.41
N ILE K 172 -28.18 55.62 59.00
CA ILE K 172 -28.11 55.52 60.45
C ILE K 172 -27.46 56.74 61.09
N ARG K 173 -26.75 57.56 60.31
CA ARG K 173 -26.29 58.84 60.82
C ARG K 173 -27.41 59.83 61.02
N LYS K 174 -28.56 59.60 60.38
CA LYS K 174 -29.74 60.43 60.52
C LYS K 174 -30.82 59.77 61.36
N PHE K 175 -31.07 58.49 61.15
CA PHE K 175 -32.01 57.72 61.97
C PHE K 175 -31.24 57.14 63.13
N LEU K 176 -31.15 57.93 64.20
CA LEU K 176 -30.33 57.60 65.36
C LEU K 176 -31.10 56.80 66.41
N ASP K 177 -32.31 56.37 66.09
CA ASP K 177 -33.19 55.78 67.10
C ASP K 177 -32.64 54.45 67.59
N GLY K 178 -32.86 54.16 68.86
CA GLY K 178 -32.46 52.89 69.42
C GLY K 178 -32.21 53.01 70.91
N ILE K 179 -31.82 51.88 71.50
CA ILE K 179 -31.46 51.80 72.91
C ILE K 179 -29.96 51.57 72.98
N TYR K 180 -29.26 52.42 73.72
CA TYR K 180 -27.81 52.39 73.79
C TYR K 180 -27.36 52.37 75.23
N VAL K 181 -26.24 51.70 75.47
CA VAL K 181 -25.67 51.64 76.82
C VAL K 181 -25.14 53.03 77.17
N SER K 182 -25.71 53.64 78.21
CA SER K 182 -25.30 54.99 78.57
C SER K 182 -24.09 54.98 79.48
N GLU K 183 -24.17 54.31 80.62
CA GLU K 183 -23.02 54.20 81.51
C GLU K 183 -22.91 52.79 82.04
N LYS K 184 -21.69 52.40 82.36
CA LYS K 184 -21.40 51.13 82.99
C LYS K 184 -20.88 51.41 84.38
N GLY K 185 -21.52 50.83 85.38
CA GLY K 185 -21.16 51.09 86.76
C GLY K 185 -21.45 49.88 87.61
N THR K 186 -21.60 50.11 88.90
CA THR K 186 -21.83 49.05 89.86
C THR K 186 -23.12 49.31 90.62
N VAL K 187 -23.53 48.31 91.38
CA VAL K 187 -24.57 48.46 92.38
C VAL K 187 -23.87 48.77 93.69
N GLN K 188 -24.60 49.40 94.62
CA GLN K 188 -24.20 49.62 96.00
C GLN K 188 -23.13 50.70 96.14
N GLN K 189 -22.55 51.14 95.02
CA GLN K 189 -21.67 52.31 94.95
C GLN K 189 -20.60 52.32 96.03
N ALA K 190 -20.06 51.15 96.34
CA ALA K 190 -19.07 51.06 97.42
C ALA K 190 -17.65 50.96 96.85
N GLY L 1 -0.76 54.16 22.22
CA GLY L 1 -0.24 53.17 21.30
C GLY L 1 1.11 52.62 21.71
N ARG L 2 1.38 52.65 23.01
CA ARG L 2 2.62 52.10 23.54
C ARG L 2 2.36 50.75 24.19
N ARG L 3 3.28 49.82 23.97
CA ARG L 3 3.19 48.52 24.61
C ARG L 3 3.41 48.64 26.11
N PRO L 4 2.93 47.67 26.89
CA PRO L 4 3.27 47.64 28.31
C PRO L 4 4.77 47.57 28.51
N ALA L 5 5.26 48.27 29.53
CA ALA L 5 6.69 48.32 29.78
C ALA L 5 7.28 46.99 30.17
N ARG L 6 6.45 46.01 30.54
CA ARG L 6 6.95 44.68 30.85
C ARG L 6 7.53 43.98 29.63
N CYS L 7 7.17 44.43 28.43
CA CYS L 7 7.68 43.82 27.21
C CYS L 7 9.10 44.27 26.88
N TYR L 8 9.57 45.35 27.49
CA TYR L 8 10.90 45.88 27.25
C TYR L 8 11.64 46.14 28.55
N ARG L 9 11.46 45.26 29.54
CA ARG L 9 12.03 45.51 30.86
C ARG L 9 13.48 45.06 30.93
N TYR L 10 13.82 43.97 30.27
CA TYR L 10 15.12 43.35 30.45
C TYR L 10 16.05 43.70 29.29
N CYS L 11 17.34 43.83 29.62
CA CYS L 11 18.37 44.17 28.65
C CYS L 11 18.67 42.92 27.85
N LYS L 12 17.79 42.60 26.93
CA LYS L 12 17.92 41.37 26.15
C LYS L 12 18.76 41.54 24.90
N ASN L 13 18.74 42.72 24.29
CA ASN L 13 19.47 42.97 23.06
C ASN L 13 20.78 43.69 23.36
N LYS L 14 21.61 43.80 22.33
CA LYS L 14 22.78 44.65 22.39
C LYS L 14 22.35 46.10 22.36
N PRO L 15 23.19 47.02 22.84
CA PRO L 15 22.85 48.43 22.76
C PRO L 15 22.58 48.85 21.31
N TYR L 16 21.51 49.60 21.12
CA TYR L 16 21.00 49.95 19.80
C TYR L 16 20.82 51.46 19.76
N PRO L 17 21.90 52.21 19.69
CA PRO L 17 21.78 53.67 19.76
C PRO L 17 21.20 54.26 18.49
N LYS L 18 20.79 55.52 18.60
CA LYS L 18 20.36 56.26 17.44
C LYS L 18 21.58 56.77 16.69
N SER L 19 21.86 56.20 15.53
CA SER L 19 23.09 56.47 14.79
C SER L 19 22.75 56.55 13.31
N ARG L 20 23.78 56.48 12.48
CA ARG L 20 23.57 56.51 11.04
C ARG L 20 23.01 55.20 10.49
N PHE L 21 22.95 54.16 11.31
CA PHE L 21 22.29 52.91 10.93
C PHE L 21 20.86 52.84 11.43
N CYS L 22 20.61 53.27 12.67
CA CYS L 22 19.26 53.31 13.22
C CYS L 22 18.70 54.70 12.96
N ARG L 23 17.87 54.82 11.93
CA ARG L 23 17.30 56.10 11.52
C ARG L 23 15.79 56.06 11.70
N GLY L 24 15.21 57.25 11.79
CA GLY L 24 13.77 57.35 12.00
C GLY L 24 13.35 57.12 13.43
N VAL L 25 14.20 57.44 14.40
CA VAL L 25 13.86 57.24 15.80
C VAL L 25 13.04 58.42 16.29
N PRO L 26 11.87 58.18 16.89
CA PRO L 26 11.13 59.28 17.53
C PRO L 26 11.90 59.82 18.73
N ASP L 27 11.67 61.10 19.01
CA ASP L 27 12.36 61.74 20.12
C ASP L 27 11.93 61.14 21.46
N ALA L 28 12.86 61.17 22.41
CA ALA L 28 12.60 60.63 23.73
C ALA L 28 11.58 61.50 24.47
N LYS L 29 10.87 60.87 25.42
CA LYS L 29 9.87 61.59 26.19
C LYS L 29 10.52 62.61 27.11
N ILE L 30 11.70 62.32 27.63
CA ILE L 30 12.37 63.21 28.58
C ILE L 30 13.37 64.06 27.81
N ARG L 31 13.21 65.38 27.89
CA ARG L 31 14.11 66.32 27.27
C ARG L 31 14.85 67.20 28.26
N ILE L 32 14.35 67.33 29.48
CA ILE L 32 14.96 68.12 30.53
C ILE L 32 15.53 67.17 31.56
N PHE L 33 16.79 67.38 31.93
CA PHE L 33 17.45 66.52 32.89
C PHE L 33 17.86 67.21 34.17
N ASP L 34 17.81 68.54 34.21
CA ASP L 34 18.14 69.31 35.40
C ASP L 34 17.02 70.29 35.69
N LEU L 35 16.57 70.34 36.94
CA LEU L 35 15.53 71.25 37.36
C LEU L 35 15.95 71.91 38.67
N GLY L 36 15.07 72.73 39.21
CA GLY L 36 15.39 73.46 40.41
C GLY L 36 16.35 74.60 40.12
N ARG L 37 17.08 75.00 41.16
CA ARG L 37 18.07 76.05 41.01
C ARG L 37 19.37 75.44 40.52
N LYS L 38 19.48 75.28 39.21
CA LYS L 38 20.70 74.75 38.62
C LYS L 38 21.87 75.70 38.79
N LYS L 39 21.61 76.99 38.93
CA LYS L 39 22.66 78.00 39.02
C LYS L 39 23.22 78.14 40.43
N ALA L 40 22.70 77.39 41.39
CA ALA L 40 23.18 77.50 42.76
C ALA L 40 24.64 77.08 42.86
N LYS L 41 25.38 77.76 43.72
CA LYS L 41 26.79 77.48 43.87
C LYS L 41 26.99 76.18 44.65
N VAL L 42 28.25 75.79 44.81
CA VAL L 42 28.56 74.47 45.35
C VAL L 42 28.23 74.41 46.83
N ASP L 43 28.62 75.44 47.59
CA ASP L 43 28.40 75.43 49.03
C ASP L 43 26.94 75.66 49.41
N GLU L 44 26.10 76.11 48.48
CA GLU L 44 24.70 76.37 48.80
C GLU L 44 23.96 75.09 49.16
N PHE L 45 24.26 73.99 48.46
CA PHE L 45 23.53 72.74 48.60
C PHE L 45 24.53 71.64 48.97
N PRO L 46 24.86 71.52 50.26
CA PRO L 46 25.87 70.53 50.66
C PRO L 46 25.36 69.10 50.68
N LEU L 47 24.07 68.88 50.86
CA LEU L 47 23.52 67.54 50.96
C LEU L 47 23.13 67.02 49.59
N GLY L 48 23.59 65.80 49.27
CA GLY L 48 23.20 65.15 48.04
C GLY L 48 22.55 63.81 48.28
N GLY L 49 21.40 63.58 47.65
CA GLY L 49 20.70 62.32 47.81
C GLY L 49 20.47 61.61 46.49
N HIS L 50 20.98 60.39 46.37
CA HIS L 50 20.86 59.61 45.15
C HIS L 50 19.77 58.56 45.29
N MET L 51 19.22 58.17 44.16
CA MET L 51 18.33 57.02 44.06
C MET L 51 19.02 55.98 43.17
N VAL L 52 19.19 54.78 43.70
CA VAL L 52 20.12 53.80 43.17
C VAL L 52 19.34 52.55 42.77
N SER L 53 19.59 52.05 41.57
CA SER L 53 18.90 50.87 41.09
C SER L 53 19.52 49.61 41.67
N ASP L 54 18.68 48.63 41.96
CA ASP L 54 19.12 47.32 42.43
C ASP L 54 19.00 46.24 41.39
N GLU L 55 18.59 46.58 40.17
CA GLU L 55 18.37 45.59 39.13
C GLU L 55 19.02 46.05 37.84
N TYR L 56 19.47 45.07 37.05
CA TYR L 56 19.98 45.33 35.71
C TYR L 56 18.78 45.24 34.77
N GLU L 57 18.32 46.39 34.29
CA GLU L 57 17.09 46.44 33.51
C GLU L 57 17.11 47.65 32.60
N GLN L 58 15.98 47.89 31.95
CA GLN L 58 15.78 49.02 31.05
C GLN L 58 14.68 49.90 31.60
N LEU L 59 14.98 51.20 31.73
CA LEU L 59 14.00 52.19 32.15
C LEU L 59 13.61 53.03 30.94
N SER L 60 12.32 53.13 30.68
CA SER L 60 11.84 53.85 29.52
C SER L 60 11.95 55.35 29.75
N SER L 61 12.00 56.10 28.64
CA SER L 61 12.08 57.55 28.72
C SER L 61 10.81 58.13 29.32
N GLU L 62 9.66 57.49 29.07
CA GLU L 62 8.42 57.94 29.67
C GLU L 62 8.42 57.77 31.18
N ALA L 63 9.06 56.71 31.67
CA ALA L 63 9.18 56.51 33.10
C ALA L 63 10.11 57.54 33.74
N LEU L 64 11.21 57.88 33.05
CA LEU L 64 12.11 58.90 33.55
C LEU L 64 11.43 60.25 33.60
N GLU L 65 10.63 60.56 32.59
CA GLU L 65 9.87 61.81 32.59
C GLU L 65 8.84 61.84 33.71
N ALA L 66 8.18 60.72 33.96
CA ALA L 66 7.18 60.66 35.02
C ALA L 66 7.80 60.82 36.39
N ALA L 67 8.93 60.16 36.63
CA ALA L 67 9.57 60.24 37.95
C ALA L 67 10.22 61.59 38.17
N ARG L 68 10.72 62.20 37.10
CA ARG L 68 11.27 63.56 37.20
C ARG L 68 10.18 64.55 37.59
N ILE L 69 9.00 64.44 36.98
CA ILE L 69 7.91 65.34 37.29
C ILE L 69 7.43 65.11 38.72
N CYS L 70 7.32 63.86 39.13
CA CYS L 70 6.83 63.54 40.48
C CYS L 70 7.75 64.10 41.55
N ALA L 71 9.06 63.93 41.37
CA ALA L 71 10.01 64.44 42.35
C ALA L 71 10.06 65.97 42.34
N ASN L 72 9.86 66.57 41.18
CA ASN L 72 9.92 68.03 41.08
C ASN L 72 8.77 68.68 41.83
N LYS L 73 7.57 68.12 41.69
CA LYS L 73 6.39 68.71 42.33
C LYS L 73 6.50 68.65 43.84
N TYR L 74 7.03 67.55 44.38
CA TYR L 74 7.14 67.43 45.83
C TYR L 74 8.26 68.31 46.38
N MET L 75 9.37 68.40 45.66
CA MET L 75 10.46 69.25 46.11
C MET L 75 10.06 70.72 46.10
N VAL L 76 9.31 71.13 45.08
CA VAL L 76 8.80 72.49 45.04
C VAL L 76 7.83 72.73 46.19
N LYS L 77 6.97 71.75 46.46
CA LYS L 77 5.97 71.90 47.52
C LYS L 77 6.63 71.98 48.90
N SER L 78 7.69 71.22 49.13
CA SER L 78 8.31 71.16 50.44
C SER L 78 9.42 72.20 50.59
N CYS L 79 10.41 72.17 49.71
CA CYS L 79 11.60 73.01 49.85
C CYS L 79 11.51 74.32 49.09
N GLY L 80 10.48 74.53 48.29
CA GLY L 80 10.39 75.72 47.47
C GLY L 80 11.11 75.55 46.14
N ARG L 81 10.72 76.40 45.17
CA ARG L 81 11.23 76.24 43.82
C ARG L 81 12.72 76.56 43.70
N ASP L 82 13.28 77.29 44.66
CA ASP L 82 14.70 77.66 44.62
C ASP L 82 15.50 76.98 45.71
N GLY L 83 14.95 75.95 46.35
CA GLY L 83 15.62 75.29 47.45
C GLY L 83 16.25 73.96 47.13
N PHE L 84 16.37 73.59 45.86
CA PHE L 84 16.87 72.27 45.50
C PHE L 84 17.38 72.32 44.07
N HIS L 85 18.08 71.26 43.69
CA HIS L 85 18.53 71.06 42.32
C HIS L 85 18.52 69.57 42.04
N MET L 86 17.79 69.15 41.02
CA MET L 86 17.69 67.75 40.65
C MET L 86 18.43 67.50 39.36
N ARG L 87 19.00 66.31 39.24
CA ARG L 87 19.70 65.89 38.04
C ARG L 87 19.32 64.45 37.75
N VAL L 88 18.71 64.21 36.60
CA VAL L 88 18.45 62.85 36.15
C VAL L 88 19.73 62.30 35.54
N ARG L 89 20.23 61.20 36.09
CA ARG L 89 21.52 60.65 35.69
C ARG L 89 21.38 59.50 34.70
N LEU L 90 20.28 59.44 33.98
CA LEU L 90 20.06 58.40 32.98
C LEU L 90 19.58 59.06 31.70
N HIS L 91 20.16 58.66 30.57
CA HIS L 91 19.78 59.18 29.28
C HIS L 91 19.32 58.03 28.40
N PRO L 92 18.13 58.10 27.81
CA PRO L 92 17.60 56.99 27.02
C PRO L 92 18.25 56.85 25.65
N PHE L 93 19.42 56.21 25.63
CA PHE L 93 20.21 56.07 24.42
C PHE L 93 19.97 54.77 23.69
N HIS L 94 19.15 53.87 24.21
CA HIS L 94 18.93 52.57 23.61
C HIS L 94 17.56 52.53 22.96
N VAL L 95 17.52 52.25 21.67
CA VAL L 95 16.28 52.25 20.90
C VAL L 95 15.68 50.86 20.92
N ILE L 96 14.43 50.76 21.31
CA ILE L 96 13.70 49.50 21.28
C ILE L 96 12.84 49.47 20.03
N ARG L 97 12.58 48.27 19.53
CA ARG L 97 11.91 48.07 18.26
C ARG L 97 10.57 47.40 18.46
N ILE L 98 9.68 47.58 17.49
CA ILE L 98 8.40 46.88 17.45
C ILE L 98 8.21 46.28 16.07
N ASN L 99 7.86 45.00 16.03
CA ASN L 99 7.50 44.33 14.79
C ASN L 99 5.98 44.45 14.69
N LYS L 100 5.53 45.49 14.01
CA LYS L 100 4.13 45.85 14.06
C LYS L 100 3.29 44.87 13.23
N MET L 101 2.26 44.31 13.86
CA MET L 101 1.31 43.42 13.23
C MET L 101 -0.02 44.14 13.05
N LEU L 102 -0.79 43.69 12.07
CA LEU L 102 -2.11 44.26 11.84
C LEU L 102 -3.10 43.72 12.86
N SER L 103 -3.79 44.62 13.55
CA SER L 103 -4.74 44.24 14.60
C SER L 103 -6.16 44.08 14.05
N CYS L 104 -6.29 43.26 13.02
CA CYS L 104 -7.57 43.00 12.38
C CYS L 104 -7.81 41.50 12.30
N ALA L 105 -9.04 41.13 11.95
CA ALA L 105 -9.45 39.73 11.86
C ALA L 105 -9.07 39.16 10.48
N GLY L 106 -7.76 39.09 10.25
CA GLY L 106 -7.24 38.51 9.04
C GLY L 106 -5.74 38.30 9.05
N ALA L 107 -5.31 37.09 8.67
CA ALA L 107 -3.90 36.79 8.54
C ALA L 107 -3.41 36.82 7.10
N ASP L 108 -4.32 36.80 6.13
CA ASP L 108 -3.93 36.85 4.73
C ASP L 108 -3.58 38.26 4.27
N ARG L 109 -3.93 39.27 5.05
CA ARG L 109 -3.68 40.67 4.67
C ARG L 109 -2.20 40.98 4.88
N LEU L 110 -1.34 40.37 4.06
CA LEU L 110 0.10 40.57 4.06
C LEU L 110 0.71 40.59 5.45
N GLN L 111 0.19 39.77 6.36
CA GLN L 111 0.77 39.74 7.70
C GLN L 111 2.16 39.12 7.66
N THR L 112 2.34 38.08 6.84
CA THR L 112 3.60 37.39 6.58
C THR L 112 4.12 36.66 7.81
N GLY L 113 3.43 36.80 8.93
CA GLY L 113 3.86 36.15 10.16
C GLY L 113 5.21 36.67 10.61
N MET L 114 6.15 35.76 10.78
CA MET L 114 7.47 36.08 11.30
C MET L 114 8.49 36.34 10.21
N ARG L 115 8.06 36.44 8.95
CA ARG L 115 8.97 36.72 7.85
C ARG L 115 9.34 38.20 7.85
N GLY L 116 10.63 38.48 7.74
CA GLY L 116 11.10 39.85 7.73
C GLY L 116 10.72 40.58 9.00
N ALA L 117 10.97 39.94 10.14
CA ALA L 117 10.38 40.37 11.40
C ALA L 117 11.13 41.51 12.08
N PHE L 118 12.24 41.97 11.52
CA PHE L 118 13.02 43.02 12.18
C PHE L 118 12.18 44.28 12.32
N GLY L 119 12.09 44.80 13.53
CA GLY L 119 11.15 45.85 13.84
C GLY L 119 11.64 47.24 13.49
N LYS L 120 10.75 48.18 13.64
CA LYS L 120 10.90 49.62 13.50
C LYS L 120 11.11 50.26 14.87
N PRO L 121 11.79 51.40 14.94
CA PRO L 121 12.05 52.03 16.24
C PRO L 121 10.76 52.46 16.93
N GLN L 122 10.47 51.84 18.06
CA GLN L 122 9.32 52.18 18.88
C GLN L 122 9.61 53.33 19.83
N GLY L 123 10.71 53.26 20.55
CA GLY L 123 11.03 54.29 21.51
C GLY L 123 12.45 54.12 22.00
N THR L 124 12.78 54.87 23.04
CA THR L 124 14.10 54.84 23.63
C THR L 124 13.99 54.53 25.12
N VAL L 125 14.92 53.72 25.62
CA VAL L 125 14.99 53.38 27.03
C VAL L 125 16.42 53.61 27.49
N ALA L 126 16.57 53.69 28.80
CA ALA L 126 17.88 53.80 29.43
C ALA L 126 18.22 52.49 30.10
N ARG L 127 19.44 51.99 29.87
CA ARG L 127 19.91 50.80 30.54
C ARG L 127 20.57 51.19 31.86
N VAL L 128 20.16 50.55 32.94
CA VAL L 128 20.66 50.84 34.27
C VAL L 128 21.23 49.56 34.85
N HIS L 129 22.31 49.70 35.61
CA HIS L 129 22.99 48.58 36.24
C HIS L 129 22.72 48.58 37.73
N ILE L 130 23.06 47.46 38.37
CA ILE L 130 22.96 47.38 39.83
C ILE L 130 23.96 48.34 40.43
N GLY L 131 23.48 49.23 41.29
CA GLY L 131 24.33 50.23 41.90
C GLY L 131 24.51 51.49 41.10
N GLN L 132 23.79 51.66 40.01
CA GLN L 132 23.86 52.89 39.23
C GLN L 132 22.85 53.90 39.75
N VAL L 133 23.24 55.18 39.73
CA VAL L 133 22.37 56.24 40.21
C VAL L 133 21.40 56.62 39.10
N ILE L 134 20.12 56.75 39.47
CA ILE L 134 19.08 57.16 38.53
C ILE L 134 18.80 58.66 38.63
N MET L 135 18.55 59.14 39.84
CA MET L 135 18.28 60.55 40.07
C MET L 135 19.11 61.04 41.25
N SER L 136 19.48 62.30 41.20
CA SER L 136 20.21 62.94 42.29
C SER L 136 19.55 64.27 42.62
N ILE L 137 19.39 64.53 43.91
CA ILE L 137 18.85 65.79 44.40
C ILE L 137 19.83 66.36 45.39
N ARG L 138 20.26 67.60 45.17
CA ARG L 138 21.08 68.33 46.12
C ARG L 138 20.30 69.51 46.66
N THR L 139 20.41 69.75 47.96
CA THR L 139 19.67 70.81 48.62
C THR L 139 20.34 71.12 49.95
N LYS L 140 19.67 71.93 50.76
CA LYS L 140 20.15 72.28 52.08
C LYS L 140 20.20 71.03 52.97
N LEU L 141 21.06 71.07 53.97
CA LEU L 141 21.25 69.91 54.83
C LEU L 141 20.03 69.63 55.70
N GLN L 142 19.17 70.62 55.91
CA GLN L 142 17.98 70.44 56.73
C GLN L 142 16.81 69.85 55.97
N ASN L 143 16.92 69.67 54.65
CA ASN L 143 15.88 69.08 53.84
C ASN L 143 16.13 67.61 53.54
N GLU L 144 16.83 66.90 54.42
CA GLU L 144 17.16 65.51 54.17
C GLU L 144 15.90 64.64 54.08
N GLU L 145 14.92 64.90 54.95
CA GLU L 145 13.69 64.12 54.92
C GLU L 145 12.89 64.40 53.65
N HIS L 146 12.99 65.62 53.13
CA HIS L 146 12.23 65.98 51.94
C HIS L 146 12.81 65.34 50.69
N VAL L 147 14.15 65.20 50.64
CA VAL L 147 14.78 64.49 49.54
C VAL L 147 14.39 63.03 49.57
N ILE L 148 14.40 62.42 50.76
CA ILE L 148 14.06 61.01 50.88
C ILE L 148 12.62 60.77 50.47
N GLU L 149 11.71 61.64 50.89
CA GLU L 149 10.31 61.46 50.53
C GLU L 149 10.07 61.70 49.04
N ALA L 150 10.75 62.70 48.46
CA ALA L 150 10.60 62.93 47.03
C ALA L 150 11.13 61.76 46.22
N LEU L 151 12.28 61.22 46.62
CA LEU L 151 12.84 60.08 45.91
C LEU L 151 12.02 58.82 46.15
N ARG L 152 11.43 58.68 47.34
CA ARG L 152 10.54 57.56 47.61
C ARG L 152 9.33 57.58 46.69
N ARG L 153 8.76 58.77 46.47
CA ARG L 153 7.59 58.88 45.62
C ARG L 153 7.93 58.59 44.16
N ALA L 154 9.10 59.01 43.71
CA ALA L 154 9.51 58.76 42.33
C ALA L 154 9.80 57.29 42.07
N LYS L 155 10.05 56.50 43.13
CA LYS L 155 10.31 55.09 42.96
C LYS L 155 9.12 54.35 42.37
N PHE L 156 7.91 54.82 42.63
CA PHE L 156 6.70 54.15 42.19
C PHE L 156 6.49 54.27 40.69
N LYS L 157 7.28 55.07 40.00
CA LYS L 157 7.17 55.24 38.57
C LYS L 157 8.07 54.29 37.79
N PHE L 158 8.77 53.39 38.48
CA PHE L 158 9.79 52.57 37.84
C PHE L 158 9.53 51.09 38.09
N PRO L 159 9.95 50.22 37.17
CA PRO L 159 9.60 48.79 37.28
C PRO L 159 10.27 48.06 38.43
N GLY L 160 11.59 48.18 38.55
CA GLY L 160 12.32 47.32 39.44
C GLY L 160 12.36 47.75 40.89
N ARG L 161 13.46 47.44 41.56
CA ARG L 161 13.68 47.79 42.96
C ARG L 161 14.75 48.87 43.03
N GLN L 162 14.45 49.95 43.76
CA GLN L 162 15.36 51.08 43.86
C GLN L 162 15.62 51.39 45.33
N LYS L 163 16.81 51.88 45.61
CA LYS L 163 17.20 52.26 46.95
C LYS L 163 17.48 53.76 47.01
N ILE L 164 17.21 54.35 48.16
CA ILE L 164 17.51 55.76 48.42
C ILE L 164 18.76 55.81 49.28
N HIS L 165 19.75 56.56 48.81
CA HIS L 165 21.03 56.66 49.48
C HIS L 165 21.40 58.13 49.64
N ILE L 166 21.83 58.49 50.84
CA ILE L 166 22.33 59.84 51.10
C ILE L 166 23.85 59.76 50.98
N SER L 167 24.40 60.36 49.94
CA SER L 167 25.82 60.20 49.64
C SER L 167 26.68 60.97 50.63
N LYS L 168 27.92 60.52 50.76
CA LYS L 168 28.93 61.19 51.56
C LYS L 168 29.61 62.33 50.81
N LYS L 169 29.33 62.49 49.52
CA LYS L 169 29.93 63.57 48.75
C LYS L 169 29.22 64.88 49.04
N TRP L 170 29.94 65.97 48.78
CA TRP L 170 29.38 67.31 48.93
C TRP L 170 28.65 67.68 47.65
N GLY L 171 27.32 67.74 47.73
CA GLY L 171 26.54 68.13 46.57
C GLY L 171 26.72 67.16 45.43
N PHE L 172 26.92 67.69 44.23
CA PHE L 172 27.11 66.89 43.04
C PHE L 172 28.57 66.65 42.72
N THR L 173 29.47 67.08 43.61
CA THR L 173 30.90 66.86 43.41
C THR L 173 31.27 65.42 43.75
N LYS L 174 32.52 65.07 43.47
CA LYS L 174 33.04 63.74 43.73
C LYS L 174 33.92 63.70 44.97
N PHE L 175 33.86 64.73 45.80
CA PHE L 175 34.70 64.85 46.98
C PHE L 175 33.87 64.71 48.24
N ASN L 176 34.45 64.07 49.25
CA ASN L 176 33.73 63.79 50.48
C ASN L 176 33.37 65.08 51.20
N ALA L 177 32.22 65.08 51.88
CA ALA L 177 31.73 66.27 52.53
C ALA L 177 32.64 66.71 53.68
N ASP L 178 33.14 65.75 54.47
CA ASP L 178 34.00 66.11 55.59
C ASP L 178 35.34 66.68 55.14
N GLU L 179 35.89 66.20 54.03
CA GLU L 179 37.13 66.71 53.49
C GLU L 179 36.94 67.91 52.57
N PHE L 180 35.70 68.34 52.34
CA PHE L 180 35.44 69.37 51.35
C PHE L 180 35.88 70.75 51.83
N GLU L 181 35.59 71.07 53.09
CA GLU L 181 35.77 72.44 53.56
C GLU L 181 37.25 72.83 53.60
N ASP L 182 38.09 71.94 54.12
CA ASP L 182 39.51 72.27 54.20
C ASP L 182 40.18 72.26 52.83
N MET L 183 39.67 71.42 51.91
CA MET L 183 40.22 71.40 50.55
C MET L 183 39.99 72.73 49.85
N VAL L 184 38.82 73.34 50.06
CA VAL L 184 38.59 74.70 49.58
C VAL L 184 39.46 75.68 50.34
N ALA L 185 39.67 75.43 51.63
CA ALA L 185 40.48 76.34 52.44
C ALA L 185 41.93 76.38 51.98
N LYS L 186 42.49 75.22 51.66
CA LYS L 186 43.86 75.14 51.16
C LYS L 186 43.92 75.25 49.63
N LYS L 187 42.83 75.66 49.00
CA LYS L 187 42.78 75.96 47.58
C LYS L 187 43.12 74.76 46.70
N CYS L 188 42.75 73.56 47.14
CA CYS L 188 42.77 72.42 46.24
C CYS L 188 41.49 72.30 45.43
N LEU L 189 40.46 73.08 45.78
CA LEU L 189 39.21 73.11 45.06
C LEU L 189 38.79 74.55 44.84
N ILE L 190 38.36 74.85 43.62
CA ILE L 190 37.94 76.19 43.24
C ILE L 190 36.50 76.11 42.75
N PRO L 191 35.54 76.73 43.43
CA PRO L 191 34.15 76.68 42.98
C PRO L 191 33.96 77.36 41.63
N ASP L 192 33.08 76.79 40.81
CA ASP L 192 32.58 77.46 39.62
C ASP L 192 31.22 76.90 39.24
N GLY L 193 30.19 77.72 39.43
CA GLY L 193 28.84 77.25 39.19
C GLY L 193 28.47 76.18 40.19
N CYS L 194 27.91 75.08 39.70
CA CYS L 194 27.42 74.02 40.56
C CYS L 194 28.49 73.00 40.91
N GLY L 195 29.71 73.17 40.43
CA GLY L 195 30.79 72.23 40.69
C GLY L 195 32.08 72.94 41.02
N VAL L 196 33.10 72.15 41.30
CA VAL L 196 34.42 72.66 41.66
C VAL L 196 35.44 72.10 40.68
N LYS L 197 36.51 72.86 40.49
CA LYS L 197 37.69 72.37 39.80
C LYS L 197 38.73 71.95 40.81
N TYR L 198 39.23 70.73 40.66
CA TYR L 198 40.37 70.27 41.43
C TYR L 198 41.63 70.92 40.89
N VAL L 199 42.43 71.49 41.78
CA VAL L 199 43.67 72.14 41.37
C VAL L 199 44.84 71.29 41.85
N PRO L 200 45.45 70.49 40.99
CA PRO L 200 46.58 69.67 41.42
C PRO L 200 47.83 70.52 41.62
N SER L 201 48.77 69.96 42.37
CA SER L 201 50.03 70.64 42.66
C SER L 201 51.06 70.36 41.58
N HIS L 202 50.67 70.59 40.32
CA HIS L 202 51.59 70.50 39.21
C HIS L 202 51.07 71.37 38.07
N GLY L 203 51.95 71.69 37.14
CA GLY L 203 51.66 72.65 36.10
C GLY L 203 52.54 73.88 36.26
N PRO L 204 52.31 74.90 35.45
CA PRO L 204 53.09 76.14 35.58
C PRO L 204 52.86 76.80 36.94
N LEU L 205 53.92 77.41 37.48
CA LEU L 205 53.79 78.19 38.69
C LEU L 205 52.97 79.46 38.49
N ASP L 206 52.83 79.91 37.24
CA ASP L 206 52.00 81.08 36.97
C ASP L 206 50.55 80.83 37.33
N LYS L 207 50.08 79.60 37.13
CA LYS L 207 48.76 79.22 37.61
C LYS L 207 48.74 79.12 39.13
N TRP L 208 49.90 78.88 39.75
CA TRP L 208 49.93 78.83 41.21
C TRP L 208 49.91 80.23 41.80
N ARG L 209 50.59 81.18 41.16
CA ARG L 209 50.65 82.52 41.71
C ARG L 209 49.49 83.41 41.27
N VAL L 210 48.65 82.99 40.33
CA VAL L 210 47.38 83.69 40.16
C VAL L 210 46.46 83.34 41.32
N LEU L 211 46.49 82.09 41.77
CA LEU L 211 46.00 81.76 43.10
C LEU L 211 46.97 82.35 44.13
N HIS L 212 46.55 82.35 45.39
CA HIS L 212 47.31 82.97 46.47
C HIS L 212 47.62 84.43 46.16
N SER L 213 46.71 85.10 45.46
CA SER L 213 46.91 86.49 45.06
C SER L 213 45.56 87.17 44.82
N LYS M 6 75.32 97.39 18.83
CA LYS M 6 74.39 96.87 19.82
C LYS M 6 73.50 95.79 19.21
N GLU M 7 73.04 96.04 17.99
CA GLU M 7 72.16 95.13 17.27
C GLU M 7 72.98 94.23 16.35
N ASN M 8 72.65 92.95 16.34
CA ASN M 8 73.32 92.01 15.45
C ASN M 8 73.00 92.35 14.00
N PRO M 9 73.99 92.40 13.11
CA PRO M 9 73.70 92.72 11.71
C PRO M 9 72.75 91.74 11.04
N MET M 10 72.68 90.51 11.54
CA MET M 10 71.88 89.47 10.90
C MET M 10 70.39 89.59 11.22
N ARG M 11 69.99 90.57 12.02
CA ARG M 11 68.60 90.78 12.37
C ARG M 11 67.96 91.92 11.58
N GLU M 12 68.68 92.52 10.64
CA GLU M 12 68.16 93.68 9.93
C GLU M 12 67.02 93.29 8.99
N LEU M 13 65.92 94.01 9.09
CA LEU M 13 64.76 93.73 8.25
C LEU M 13 65.06 94.11 6.80
N ARG M 14 64.43 93.38 5.89
CA ARG M 14 64.55 93.68 4.47
C ARG M 14 63.33 93.11 3.74
N ILE M 15 63.15 93.57 2.52
CA ILE M 15 62.04 93.11 1.69
C ILE M 15 62.41 91.79 1.04
N ARG M 16 61.54 90.79 1.20
CA ARG M 16 61.78 89.51 0.55
C ARG M 16 61.22 89.50 -0.86
N LYS M 17 59.91 89.74 -0.99
CA LYS M 17 59.26 89.83 -2.28
C LYS M 17 58.17 90.88 -2.19
N LEU M 18 57.64 91.28 -3.35
CA LEU M 18 56.66 92.36 -3.39
C LEU M 18 55.28 91.91 -3.85
N CYS M 19 55.18 90.89 -4.70
CA CYS M 19 53.95 90.16 -4.96
C CYS M 19 52.83 91.06 -5.50
N LEU M 20 53.07 91.59 -6.69
CA LEU M 20 52.05 92.35 -7.40
C LEU M 20 50.96 91.40 -7.91
N ASN M 21 49.73 91.91 -7.95
CA ASN M 21 48.60 91.08 -8.32
C ASN M 21 47.47 91.94 -8.88
N ILE M 22 46.95 91.55 -10.02
CA ILE M 22 45.79 92.20 -10.65
C ILE M 22 44.74 91.12 -10.84
N CYS M 23 43.58 91.29 -10.20
CA CYS M 23 42.51 90.30 -10.30
C CYS M 23 41.43 90.88 -11.22
N VAL M 24 41.60 90.66 -12.52
CA VAL M 24 40.54 90.94 -13.47
C VAL M 24 39.44 89.91 -13.28
N GLY M 25 38.18 90.35 -13.37
CA GLY M 25 37.08 89.45 -13.11
C GLY M 25 36.99 88.28 -14.07
N GLU M 26 37.25 88.53 -15.34
CA GLU M 26 37.04 87.53 -16.38
C GLU M 26 38.34 87.32 -17.18
N SER M 27 38.23 86.57 -18.27
CA SER M 27 39.37 86.24 -19.10
C SER M 27 39.30 86.97 -20.44
N GLY M 28 40.23 86.65 -21.32
CA GLY M 28 40.22 87.18 -22.67
C GLY M 28 41.15 88.36 -22.89
N ASP M 29 40.67 89.37 -23.61
CA ASP M 29 41.48 90.55 -23.88
C ASP M 29 41.79 91.31 -22.59
N ARG M 30 40.83 91.39 -21.68
CA ARG M 30 41.03 92.17 -20.46
C ARG M 30 42.15 91.59 -19.62
N LEU M 31 42.21 90.27 -19.50
CA LEU M 31 43.30 89.65 -18.76
C LEU M 31 44.63 89.83 -19.50
N THR M 32 44.61 89.76 -20.82
CA THR M 32 45.84 89.92 -21.59
C THR M 32 46.39 91.32 -21.44
N ARG M 33 45.53 92.33 -21.44
CA ARG M 33 45.98 93.71 -21.27
C ARG M 33 46.52 93.93 -19.87
N ALA M 34 45.91 93.30 -18.87
CA ALA M 34 46.42 93.40 -17.50
C ALA M 34 47.80 92.78 -17.38
N ALA M 35 48.02 91.66 -18.06
CA ALA M 35 49.35 91.04 -18.06
C ALA M 35 50.38 91.97 -18.67
N LYS M 36 49.98 92.79 -19.63
CA LYS M 36 50.89 93.75 -20.22
C LYS M 36 51.21 94.87 -19.25
N VAL M 37 50.25 95.23 -18.40
CA VAL M 37 50.48 96.26 -17.39
C VAL M 37 51.54 95.80 -16.41
N LEU M 38 51.42 94.57 -15.92
CA LEU M 38 52.38 94.05 -14.97
C LEU M 38 53.76 93.91 -15.59
N GLU M 39 53.82 93.42 -16.83
CA GLU M 39 55.11 93.22 -17.48
C GLU M 39 55.80 94.55 -17.74
N GLN M 40 55.03 95.58 -18.08
CA GLN M 40 55.63 96.89 -18.31
C GLN M 40 56.07 97.54 -17.01
N LEU M 41 55.33 97.30 -15.93
CA LEU M 41 55.69 97.89 -14.64
C LEU M 41 56.96 97.27 -14.08
N THR M 42 57.11 95.95 -14.21
CA THR M 42 58.22 95.24 -13.59
C THR M 42 59.35 94.91 -14.56
N GLY M 43 59.11 95.00 -15.86
CA GLY M 43 60.09 94.50 -16.81
C GLY M 43 60.29 93.00 -16.67
N GLN M 44 59.19 92.27 -16.49
CA GLN M 44 59.27 90.90 -16.03
C GLN M 44 57.98 90.18 -16.39
N THR M 45 58.09 88.99 -16.94
CA THR M 45 56.92 88.27 -17.45
C THR M 45 56.05 87.79 -16.30
N PRO M 46 54.75 88.09 -16.30
CA PRO M 46 53.87 87.62 -15.23
C PRO M 46 53.24 86.28 -15.53
N VAL M 47 52.44 85.75 -14.60
CA VAL M 47 51.75 84.49 -14.77
C VAL M 47 50.27 84.69 -14.47
N PHE M 48 49.46 83.77 -14.99
CA PHE M 48 48.01 83.83 -14.87
C PHE M 48 47.54 82.86 -13.79
N SER M 49 46.47 83.24 -13.10
CA SER M 49 45.90 82.44 -12.03
C SER M 49 44.52 81.96 -12.43
N LYS M 50 44.30 80.66 -12.35
CA LYS M 50 43.02 80.07 -12.68
C LYS M 50 42.09 80.11 -11.46
N ALA M 51 40.79 80.08 -11.74
CA ALA M 51 39.80 80.07 -10.67
C ALA M 51 39.73 78.67 -10.05
N ARG M 52 39.79 78.62 -8.72
CA ARG M 52 39.76 77.32 -8.05
C ARG M 52 38.39 76.67 -8.15
N TYR M 53 37.33 77.45 -8.02
CA TYR M 53 35.97 76.93 -8.05
C TYR M 53 35.15 77.74 -9.04
N THR M 54 33.98 77.19 -9.37
CA THR M 54 33.04 77.85 -10.26
C THR M 54 31.95 78.48 -9.41
N VAL M 55 31.83 79.81 -9.48
CA VAL M 55 30.80 80.55 -8.76
C VAL M 55 30.00 81.36 -9.77
N ARG M 56 28.68 81.28 -9.67
CA ARG M 56 27.80 81.92 -10.64
C ARG M 56 27.56 83.40 -10.33
N SER M 57 27.79 83.83 -9.10
CA SER M 57 27.63 85.24 -8.77
C SER M 57 28.64 86.10 -9.52
N PHE M 58 29.89 85.65 -9.59
CA PHE M 58 30.95 86.39 -10.25
C PHE M 58 31.11 86.01 -11.71
N GLY M 59 30.35 85.02 -12.20
CA GLY M 59 30.41 84.63 -13.59
C GLY M 59 31.74 84.05 -14.02
N ILE M 60 32.37 83.24 -13.17
CA ILE M 60 33.64 82.62 -13.49
C ILE M 60 33.49 81.11 -13.38
N ARG M 61 34.35 80.40 -14.09
CA ARG M 61 34.33 78.95 -14.14
C ARG M 61 35.61 78.39 -13.55
N ARG M 62 35.55 77.15 -13.08
CA ARG M 62 36.74 76.48 -12.59
C ARG M 62 37.76 76.32 -13.71
N ASN M 63 39.03 76.46 -13.34
CA ASN M 63 40.17 76.36 -14.26
C ASN M 63 40.16 77.45 -15.33
N GLU M 64 39.44 78.55 -15.09
CA GLU M 64 39.42 79.67 -16.02
C GLU M 64 40.41 80.73 -15.55
N LYS M 65 41.27 81.18 -16.47
CA LYS M 65 42.27 82.19 -16.16
C LYS M 65 41.62 83.48 -15.73
N ILE M 66 41.78 83.86 -14.47
CA ILE M 66 41.09 85.00 -13.88
C ILE M 66 42.02 86.17 -13.66
N ALA M 67 43.11 85.95 -12.96
CA ALA M 67 43.98 87.04 -12.51
C ALA M 67 45.38 86.87 -13.06
N VAL M 68 46.18 87.91 -12.90
CA VAL M 68 47.58 87.92 -13.30
C VAL M 68 48.40 88.46 -12.13
N HIS M 69 49.57 87.88 -11.92
CA HIS M 69 50.39 88.25 -10.78
C HIS M 69 51.85 87.95 -11.09
N CYS M 70 52.73 88.61 -10.33
CA CYS M 70 54.16 88.37 -10.42
C CYS M 70 54.80 88.76 -9.10
N THR M 71 55.85 88.03 -8.72
CA THR M 71 56.61 88.35 -7.52
C THR M 71 57.93 88.98 -7.93
N VAL M 72 58.28 90.08 -7.28
CA VAL M 72 59.47 90.85 -7.62
C VAL M 72 60.36 90.91 -6.39
N ARG M 73 61.64 90.58 -6.57
CA ARG M 73 62.60 90.53 -5.48
C ARG M 73 63.80 91.40 -5.83
N GLY M 74 64.47 91.90 -4.79
CA GLY M 74 65.72 92.61 -4.98
C GLY M 74 65.57 94.10 -5.17
N ALA M 75 66.51 94.69 -5.93
CA ALA M 75 66.50 96.15 -6.11
C ALA M 75 65.28 96.60 -6.89
N LYS M 76 64.76 95.75 -7.79
CA LYS M 76 63.58 96.12 -8.55
C LYS M 76 62.37 96.28 -7.65
N ALA M 77 62.26 95.45 -6.61
CA ALA M 77 61.17 95.58 -5.65
C ALA M 77 61.27 96.86 -4.86
N GLU M 78 62.49 97.30 -4.56
CA GLU M 78 62.65 98.54 -3.80
C GLU M 78 62.14 99.74 -4.58
N GLU M 79 62.37 99.76 -5.90
CA GLU M 79 61.88 100.86 -6.71
C GLU M 79 60.36 100.82 -6.86
N ILE M 80 59.80 99.63 -7.08
CA ILE M 80 58.37 99.52 -7.32
C ILE M 80 57.59 99.86 -6.05
N LEU M 81 58.08 99.42 -4.89
CA LEU M 81 57.46 99.81 -3.64
C LEU M 81 57.52 101.32 -3.43
N GLU M 82 58.65 101.94 -3.83
CA GLU M 82 58.79 103.38 -3.71
C GLU M 82 57.75 104.09 -4.58
N LYS M 83 57.51 103.58 -5.78
CA LYS M 83 56.47 104.16 -6.62
C LYS M 83 55.09 103.95 -6.03
N GLY M 84 54.84 102.78 -5.45
CA GLY M 84 53.55 102.52 -4.83
C GLY M 84 53.30 103.38 -3.60
N LEU M 85 54.31 103.55 -2.76
CA LEU M 85 54.15 104.36 -1.57
C LEU M 85 54.08 105.84 -1.91
N LYS M 86 54.70 106.25 -3.02
CA LYS M 86 54.57 107.62 -3.48
C LYS M 86 53.12 107.96 -3.81
N VAL M 87 52.43 107.03 -4.47
CA VAL M 87 51.01 107.23 -4.77
C VAL M 87 50.20 107.28 -3.48
N ARG M 88 50.53 106.43 -2.52
CA ARG M 88 49.85 106.39 -1.23
C ARG M 88 50.20 107.58 -0.35
N GLU M 89 51.09 108.47 -0.81
CA GLU M 89 51.56 109.61 -0.03
C GLU M 89 52.25 109.18 1.26
N TYR M 90 52.85 107.99 1.23
CA TYR M 90 53.61 107.44 2.35
C TYR M 90 52.79 107.38 3.63
N GLU M 91 51.54 106.97 3.51
CA GLU M 91 50.69 106.78 4.69
C GLU M 91 49.94 105.47 4.54
N LEU M 92 49.82 104.74 5.65
CA LEU M 92 49.11 103.48 5.68
C LEU M 92 48.29 103.40 6.96
N ARG M 93 47.19 102.65 6.90
CA ARG M 93 46.37 102.43 8.08
C ARG M 93 47.07 101.48 9.04
N LYS M 94 46.59 101.48 10.28
CA LYS M 94 47.12 100.56 11.29
C LYS M 94 46.83 99.11 10.93
N ASN M 95 45.67 98.84 10.35
CA ASN M 95 45.25 97.48 10.02
C ASN M 95 45.75 96.99 8.67
N ASN M 96 46.54 97.79 7.95
CA ASN M 96 47.15 97.31 6.73
C ASN M 96 48.30 96.34 6.99
N PHE M 97 48.73 96.20 8.24
CA PHE M 97 49.83 95.32 8.59
C PHE M 97 49.28 94.02 9.16
N SER M 98 49.78 92.90 8.64
CA SER M 98 49.33 91.60 9.13
C SER M 98 50.13 91.20 10.36
N ASP M 99 49.62 90.19 11.07
CA ASP M 99 50.23 89.75 12.32
C ASP M 99 51.52 88.95 12.11
N THR M 100 51.85 88.59 10.88
CA THR M 100 53.07 87.85 10.59
C THR M 100 54.23 88.75 10.16
N GLY M 101 54.07 90.06 10.25
CA GLY M 101 55.16 90.96 9.98
C GLY M 101 55.26 91.49 8.57
N ASN M 102 54.20 91.34 7.78
CA ASN M 102 54.20 91.83 6.40
C ASN M 102 52.89 92.55 6.14
N PHE M 103 52.94 93.50 5.20
CA PHE M 103 51.83 94.40 4.96
C PHE M 103 51.62 94.56 3.46
N GLY M 104 50.60 95.35 3.11
CA GLY M 104 50.29 95.59 1.72
C GLY M 104 49.23 96.65 1.60
N PHE M 105 48.97 97.05 0.37
CA PHE M 105 48.01 98.11 0.07
C PHE M 105 47.54 97.92 -1.36
N GLY M 106 46.69 98.84 -1.81
CA GLY M 106 46.15 98.78 -3.15
C GLY M 106 46.28 100.11 -3.86
N ILE M 107 46.49 100.03 -5.17
CA ILE M 107 46.62 101.19 -6.03
C ILE M 107 45.46 101.17 -7.02
N GLN M 108 44.70 102.26 -7.06
CA GLN M 108 43.46 102.27 -7.82
C GLN M 108 43.70 102.40 -9.32
N GLU M 109 44.67 103.21 -9.73
CA GLU M 109 45.01 103.38 -11.14
C GLU M 109 46.50 103.15 -11.33
N HIS M 110 46.85 102.32 -12.31
CA HIS M 110 48.25 101.99 -12.54
C HIS M 110 49.01 103.05 -13.31
N ILE M 111 48.32 104.07 -13.85
CA ILE M 111 48.97 105.06 -14.69
C ILE M 111 49.59 106.21 -13.90
N ASP M 112 49.37 106.25 -12.59
CA ASP M 112 49.91 107.33 -11.78
C ASP M 112 51.29 107.03 -11.22
N LEU M 113 51.80 105.81 -11.40
CA LEU M 113 53.13 105.44 -10.93
C LEU M 113 53.98 105.01 -12.12
N GLY M 114 54.78 105.95 -12.64
CA GLY M 114 55.72 105.64 -13.70
C GLY M 114 55.11 105.37 -15.05
N ILE M 115 54.21 104.38 -15.12
CA ILE M 115 53.68 103.94 -16.40
C ILE M 115 52.73 104.99 -16.95
N LYS M 116 52.94 105.39 -18.20
CA LYS M 116 52.07 106.32 -18.89
C LYS M 116 50.91 105.58 -19.54
N TYR M 117 49.86 106.33 -19.87
CA TYR M 117 48.67 105.74 -20.47
C TYR M 117 48.94 105.31 -21.92
N ASP M 118 48.30 104.22 -22.31
CA ASP M 118 48.32 103.72 -23.68
C ASP M 118 46.89 103.38 -24.07
N PRO M 119 46.49 103.66 -25.32
CA PRO M 119 45.12 103.32 -25.75
C PRO M 119 44.79 101.84 -25.66
N SER M 120 45.76 100.96 -25.92
CA SER M 120 45.56 99.52 -25.80
C SER M 120 45.75 99.03 -24.36
N ILE M 121 45.79 99.94 -23.40
CA ILE M 121 45.94 99.63 -21.99
C ILE M 121 44.82 100.30 -21.23
N GLY M 122 44.17 99.55 -20.35
CA GLY M 122 43.07 100.07 -19.56
C GLY M 122 43.51 101.00 -18.44
N ILE M 123 42.70 101.05 -17.40
CA ILE M 123 42.94 101.90 -16.24
C ILE M 123 43.07 100.98 -15.04
N TYR M 124 43.69 99.82 -15.24
CA TYR M 124 43.73 98.76 -14.25
C TYR M 124 44.32 99.24 -12.92
N GLY M 125 43.75 98.75 -11.83
CA GLY M 125 44.38 98.83 -10.52
C GLY M 125 45.07 97.53 -10.17
N LEU M 126 45.75 97.55 -9.03
CA LEU M 126 46.57 96.40 -8.66
C LEU M 126 46.80 96.40 -7.16
N ASP M 127 47.27 95.26 -6.67
CA ASP M 127 47.52 95.03 -5.25
C ASP M 127 49.01 94.90 -5.00
N PHE M 128 49.53 95.68 -4.05
CA PHE M 128 50.88 95.53 -3.54
C PHE M 128 50.80 94.78 -2.22
N TYR M 129 51.71 93.82 -2.03
CA TYR M 129 51.80 93.14 -0.75
C TYR M 129 53.26 92.73 -0.52
N VAL M 130 54.01 93.57 0.15
CA VAL M 130 55.41 93.29 0.41
C VAL M 130 55.53 92.28 1.53
N VAL M 131 56.58 91.48 1.48
CA VAL M 131 56.86 90.46 2.49
C VAL M 131 58.22 90.79 3.09
N LEU M 132 58.23 91.03 4.39
CA LEU M 132 59.47 91.35 5.08
C LEU M 132 60.19 90.08 5.53
N GLY M 133 61.49 90.20 5.69
CA GLY M 133 62.28 89.06 6.14
C GLY M 133 63.58 89.53 6.76
N ARG M 134 64.22 88.59 7.45
CA ARG M 134 65.53 88.77 8.03
C ARG M 134 66.50 87.83 7.34
N PRO M 135 67.80 88.12 7.39
CA PRO M 135 68.79 87.15 6.90
C PRO M 135 68.65 85.81 7.62
N GLY M 136 68.25 84.78 6.90
CA GLY M 136 68.05 83.47 7.47
C GLY M 136 66.64 82.94 7.35
N PHE M 137 65.70 83.65 6.74
CA PHE M 137 64.36 83.14 6.59
C PHE M 137 64.27 82.03 5.54
N SER M 138 65.31 81.82 4.74
CA SER M 138 65.27 80.84 3.68
C SER M 138 65.38 79.41 4.19
N ILE M 139 65.75 79.21 5.46
CA ILE M 139 65.86 77.86 5.99
C ILE M 139 64.51 77.16 6.04
N ALA M 140 63.41 77.92 6.07
CA ALA M 140 62.09 77.32 5.99
C ALA M 140 61.73 76.91 4.57
N ASP M 141 62.55 77.26 3.59
CA ASP M 141 62.29 76.98 2.19
C ASP M 141 63.29 76.04 1.56
N LYS M 142 64.44 75.83 2.18
CA LYS M 142 65.46 74.96 1.62
C LYS M 142 64.99 73.51 1.63
N LYS M 143 65.60 72.71 0.77
CA LYS M 143 65.20 71.30 0.65
C LYS M 143 65.80 70.43 1.74
N ARG M 144 67.10 70.57 1.99
CA ARG M 144 67.81 69.70 2.92
C ARG M 144 67.93 70.38 4.27
N ARG M 145 67.54 69.67 5.33
CA ARG M 145 67.63 70.16 6.70
C ARG M 145 66.86 71.46 6.89
N THR M 146 65.65 71.50 6.33
CA THR M 146 64.79 72.65 6.53
C THR M 146 64.30 72.73 7.97
N GLY M 147 63.96 73.93 8.41
CA GLY M 147 63.49 74.13 9.76
C GLY M 147 62.83 75.48 9.94
N CYS M 148 62.12 75.61 11.06
CA CYS M 148 61.46 76.86 11.40
C CYS M 148 62.49 77.88 11.87
N ILE M 149 62.07 79.14 11.91
CA ILE M 149 63.03 80.23 12.13
C ILE M 149 63.26 80.57 13.59
N GLY M 150 62.37 80.17 14.48
CA GLY M 150 62.61 80.55 15.86
C GLY M 150 61.85 81.80 16.25
N ALA M 151 61.48 81.88 17.53
CA ALA M 151 60.56 82.91 17.97
C ALA M 151 61.18 84.30 17.91
N LYS M 152 62.42 84.44 18.37
CA LYS M 152 63.04 85.76 18.43
C LYS M 152 63.34 86.31 17.04
N HIS M 153 63.62 85.43 16.07
CA HIS M 153 63.97 85.89 14.74
C HIS M 153 62.77 86.36 13.93
N ARG M 154 61.56 86.08 14.39
CA ARG M 154 60.37 86.42 13.63
C ARG M 154 60.18 87.94 13.58
N ILE M 155 59.27 88.37 12.72
CA ILE M 155 58.92 89.77 12.57
C ILE M 155 57.51 89.96 13.08
N SER M 156 57.34 90.88 14.03
CA SER M 156 56.03 91.18 14.58
C SER M 156 55.39 92.33 13.82
N LYS M 157 54.11 92.57 14.10
CA LYS M 157 53.41 93.67 13.49
C LYS M 157 54.02 95.01 13.91
N GLU M 158 54.45 95.12 15.17
CA GLU M 158 55.09 96.34 15.63
C GLU M 158 56.41 96.58 14.93
N GLU M 159 57.20 95.52 14.73
CA GLU M 159 58.48 95.66 14.05
C GLU M 159 58.29 96.09 12.60
N ALA M 160 57.28 95.54 11.93
CA ALA M 160 57.00 95.96 10.55
C ALA M 160 56.61 97.42 10.49
N MET M 161 55.76 97.87 11.42
CA MET M 161 55.34 99.26 11.44
C MET M 161 56.51 100.19 11.72
N ARG M 162 57.40 99.78 12.63
CA ARG M 162 58.59 100.59 12.90
C ARG M 162 59.48 100.70 11.68
N TRP M 163 59.73 99.56 11.01
CA TRP M 163 60.60 99.57 9.84
C TRP M 163 60.01 100.45 8.74
N PHE M 164 58.68 100.51 8.64
CA PHE M 164 58.05 101.40 7.68
C PHE M 164 58.31 102.86 8.04
N GLN M 165 58.38 103.15 9.33
CA GLN M 165 58.57 104.53 9.77
C GLN M 165 60.00 105.01 9.56
N GLN M 166 61.00 104.19 9.87
CA GLN M 166 62.38 104.66 9.75
C GLN M 166 62.87 104.67 8.31
N LYS M 167 62.40 103.77 7.46
CA LYS M 167 62.92 103.70 6.11
C LYS M 167 62.18 104.64 5.17
N TYR M 168 60.85 104.49 5.07
CA TYR M 168 60.04 105.25 4.14
C TYR M 168 59.35 106.43 4.79
N ASP M 169 59.86 106.91 5.93
CA ASP M 169 59.38 108.02 6.75
C ASP M 169 57.85 108.15 6.71
N GLY M 170 57.17 107.02 6.87
CA GLY M 170 55.74 106.96 6.64
C GLY M 170 54.92 107.30 7.87
N ILE M 171 53.62 107.36 7.67
CA ILE M 171 52.67 107.71 8.70
C ILE M 171 51.72 106.53 8.89
N ILE M 172 51.57 106.09 10.13
CA ILE M 172 50.68 104.98 10.47
C ILE M 172 49.38 105.60 10.93
N LEU M 173 48.39 105.62 10.04
CA LEU M 173 47.09 106.16 10.40
C LEU M 173 46.38 105.21 11.35
N PRO M 174 45.73 105.73 12.39
CA PRO M 174 45.05 104.86 13.38
C PRO M 174 43.68 104.38 12.90
N GLY M 175 43.66 103.72 11.76
CA GLY M 175 42.42 103.23 11.19
C GLY M 175 42.45 101.74 10.87
N ALA N 1 23.80 5.19 -10.58
CA ALA N 1 24.67 6.24 -10.07
C ALA N 1 26.09 5.74 -9.92
N PRO N 2 27.05 6.57 -10.30
CA PRO N 2 28.46 6.20 -10.08
C PRO N 2 28.78 6.12 -8.61
N SER N 3 29.71 5.24 -8.27
CA SER N 3 30.09 5.00 -6.88
C SER N 3 31.60 4.93 -6.81
N ARG N 4 32.23 5.99 -6.30
CA ARG N 4 33.68 6.07 -6.10
C ARG N 4 34.38 5.86 -7.44
N ASN N 5 35.59 5.32 -7.41
CA ASN N 5 36.32 5.05 -8.64
C ASN N 5 35.69 3.87 -9.36
N GLY N 6 35.75 3.92 -10.69
CA GLY N 6 35.21 2.85 -11.49
C GLY N 6 35.36 3.18 -12.95
N MET N 7 35.06 2.19 -13.78
CA MET N 7 35.10 2.36 -15.22
C MET N 7 33.73 2.81 -15.69
N VAL N 8 33.69 3.82 -16.57
CA VAL N 8 32.44 4.25 -17.16
C VAL N 8 31.98 3.16 -18.13
N LEU N 9 30.91 2.48 -17.79
CA LEU N 9 30.44 1.32 -18.52
C LEU N 9 29.24 1.67 -19.39
N LYS N 10 29.18 1.05 -20.56
CA LYS N 10 28.11 1.29 -21.52
C LYS N 10 27.54 -0.04 -21.98
N PRO N 11 26.68 -0.66 -21.18
CA PRO N 11 26.04 -1.91 -21.62
C PRO N 11 25.08 -1.67 -22.77
N HIS N 12 25.07 -2.59 -23.72
CA HIS N 12 24.15 -2.52 -24.85
C HIS N 12 22.95 -3.43 -24.60
N PHE N 13 22.24 -3.16 -23.52
CA PHE N 13 21.07 -3.93 -23.12
C PHE N 13 19.85 -3.04 -22.98
N HIS N 14 19.69 -2.10 -23.89
CA HIS N 14 18.54 -1.20 -23.90
C HIS N 14 17.52 -1.54 -24.97
N LYS N 15 17.66 -2.69 -25.62
CA LYS N 15 16.99 -2.94 -26.89
C LYS N 15 16.24 -4.26 -26.88
N ASP N 16 15.71 -4.67 -25.73
CA ASP N 16 14.91 -5.89 -25.60
C ASP N 16 15.68 -7.12 -26.06
N TRP N 17 16.84 -7.32 -25.44
CA TRP N 17 17.77 -8.37 -25.85
C TRP N 17 17.26 -9.76 -25.56
N GLN N 18 16.37 -9.93 -24.57
CA GLN N 18 15.94 -11.26 -24.15
C GLN N 18 15.06 -11.95 -25.17
N ARG N 19 14.52 -11.24 -26.15
CA ARG N 19 13.79 -11.88 -27.23
C ARG N 19 14.73 -12.56 -28.23
N ARG N 20 15.97 -12.10 -28.34
CA ARG N 20 16.95 -12.66 -29.25
C ARG N 20 18.17 -13.09 -28.45
N VAL N 21 18.10 -14.28 -27.87
CA VAL N 21 19.23 -14.87 -27.17
C VAL N 21 19.49 -16.22 -27.81
N ALA N 22 20.72 -16.44 -28.25
CA ALA N 22 21.11 -17.69 -28.89
C ALA N 22 21.84 -18.55 -27.87
N THR N 23 21.15 -19.58 -27.37
CA THR N 23 21.81 -20.56 -26.53
C THR N 23 22.49 -21.61 -27.41
N TRP N 24 23.42 -22.34 -26.81
CA TRP N 24 24.27 -23.26 -27.53
C TRP N 24 24.17 -24.68 -27.00
N PHE N 25 22.98 -25.06 -26.53
CA PHE N 25 22.80 -26.42 -26.02
C PHE N 25 22.81 -27.46 -27.11
N ASN N 26 22.63 -27.06 -28.36
CA ASN N 26 22.73 -27.95 -29.50
C ASN N 26 24.12 -27.97 -30.09
N GLN N 27 25.09 -27.32 -29.46
CA GLN N 27 26.46 -27.39 -29.96
C GLN N 27 27.02 -28.80 -29.96
N PRO N 28 26.92 -29.60 -28.88
CA PRO N 28 27.39 -30.99 -29.00
C PRO N 28 26.64 -31.79 -30.03
N ALA N 29 25.34 -31.55 -30.18
CA ALA N 29 24.58 -32.25 -31.21
C ALA N 29 24.99 -31.79 -32.60
N ARG N 30 25.27 -30.50 -32.76
CA ARG N 30 25.69 -29.97 -34.05
C ARG N 30 27.02 -30.57 -34.48
N LYS N 31 27.92 -30.81 -33.53
CA LYS N 31 29.21 -31.41 -33.85
C LYS N 31 29.03 -32.86 -34.28
N ILE N 32 28.10 -33.57 -33.66
CA ILE N 32 27.83 -34.95 -34.05
C ILE N 32 27.24 -34.99 -35.45
N ARG N 33 26.29 -34.11 -35.74
CA ARG N 33 25.66 -34.08 -37.05
C ARG N 33 26.67 -33.72 -38.14
N ARG N 34 27.59 -32.81 -37.84
CA ARG N 34 28.62 -32.45 -38.80
C ARG N 34 29.61 -33.60 -39.01
N ARG N 35 29.95 -34.30 -37.94
CA ARG N 35 30.86 -35.43 -38.07
C ARG N 35 30.24 -36.55 -38.88
N LYS N 36 28.95 -36.82 -38.66
CA LYS N 36 28.28 -37.87 -39.40
C LYS N 36 28.19 -37.53 -40.87
N ALA N 37 27.94 -36.27 -41.20
CA ALA N 37 27.88 -35.85 -42.60
C ALA N 37 29.25 -35.94 -43.25
N ARG N 38 30.31 -35.63 -42.51
CA ARG N 38 31.66 -35.76 -43.04
C ARG N 38 31.97 -37.22 -43.36
N GLN N 39 31.60 -38.12 -42.47
CA GLN N 39 31.90 -39.54 -42.66
C GLN N 39 31.06 -40.13 -43.78
N ALA N 40 29.81 -39.69 -43.90
CA ALA N 40 28.98 -40.14 -45.01
C ALA N 40 29.51 -39.63 -46.33
N LYS N 41 29.96 -38.36 -46.37
CA LYS N 41 30.51 -37.81 -47.60
C LYS N 41 31.79 -38.51 -48.01
N ALA N 42 32.63 -38.86 -47.04
CA ALA N 42 33.86 -39.57 -47.35
C ALA N 42 33.57 -40.94 -47.93
N ARG N 43 32.56 -41.62 -47.40
CA ARG N 43 32.18 -42.93 -47.93
C ARG N 43 31.63 -42.83 -49.34
N ARG N 44 30.93 -41.73 -49.63
CA ARG N 44 30.30 -41.58 -50.94
C ARG N 44 31.35 -41.44 -52.04
N ILE N 45 32.33 -40.56 -51.84
CA ILE N 45 33.46 -40.44 -52.76
C ILE N 45 34.56 -41.35 -52.21
N ALA N 46 34.52 -42.62 -52.64
CA ALA N 46 35.21 -43.66 -51.87
C ALA N 46 36.73 -43.53 -51.94
N PRO N 47 37.37 -43.50 -53.12
CA PRO N 47 38.82 -43.31 -53.12
C PRO N 47 39.27 -41.86 -53.22
N ARG N 48 38.37 -40.96 -53.57
CA ARG N 48 38.73 -39.55 -53.68
C ARG N 48 39.04 -38.98 -52.31
N PRO N 49 39.92 -37.98 -52.24
CA PRO N 49 40.28 -37.41 -50.93
C PRO N 49 39.08 -36.86 -50.19
N ALA N 50 39.07 -37.09 -48.87
CA ALA N 50 37.90 -36.72 -48.07
C ALA N 50 37.75 -35.20 -47.98
N SER N 51 38.86 -34.47 -47.94
CA SER N 51 38.78 -33.02 -47.80
C SER N 51 38.28 -32.35 -49.07
N GLY N 52 38.60 -32.91 -50.24
CA GLY N 52 38.10 -32.37 -51.48
C GLY N 52 39.21 -32.06 -52.46
N PRO N 53 38.99 -31.02 -53.26
CA PRO N 53 39.98 -30.65 -54.27
C PRO N 53 41.25 -30.11 -53.67
N ILE N 54 42.35 -30.23 -54.43
CA ILE N 54 43.58 -29.56 -54.07
C ILE N 54 43.41 -28.06 -54.23
N ARG N 55 43.98 -27.30 -53.31
CA ARG N 55 43.89 -25.86 -53.31
C ARG N 55 45.25 -25.24 -53.61
N PRO N 56 45.29 -24.05 -54.19
CA PRO N 56 46.58 -23.43 -54.54
C PRO N 56 47.28 -22.81 -53.34
N ILE N 57 48.56 -22.53 -53.55
CA ILE N 57 49.36 -21.77 -52.61
C ILE N 57 49.08 -20.28 -52.81
N VAL N 58 48.73 -19.60 -51.73
CA VAL N 58 48.19 -18.24 -51.78
C VAL N 58 48.73 -17.43 -50.61
N ARG N 59 49.26 -16.24 -50.92
CA ARG N 59 49.77 -15.33 -49.90
C ARG N 59 48.66 -14.44 -49.38
N CYS N 60 48.70 -14.16 -48.08
CA CYS N 60 47.63 -13.39 -47.46
C CYS N 60 47.77 -11.90 -47.81
N PRO N 61 46.64 -11.19 -48.00
CA PRO N 61 46.71 -9.85 -48.59
C PRO N 61 47.49 -8.78 -47.84
N THR N 62 47.09 -8.40 -46.63
CA THR N 62 47.51 -7.10 -46.13
C THR N 62 48.95 -7.13 -45.62
N VAL N 63 49.39 -6.00 -45.08
CA VAL N 63 50.76 -5.91 -44.60
C VAL N 63 50.93 -6.65 -43.29
N ARG N 64 49.82 -6.93 -42.59
CA ARG N 64 49.89 -7.69 -41.36
C ARG N 64 50.19 -9.16 -41.62
N TYR N 65 49.71 -9.69 -42.75
CA TYR N 65 49.73 -11.13 -42.98
C TYR N 65 50.48 -11.54 -44.23
N HIS N 66 51.09 -10.61 -44.97
CA HIS N 66 51.73 -11.01 -46.22
C HIS N 66 52.97 -11.88 -46.01
N THR N 67 53.48 -12.00 -44.79
CA THR N 67 54.55 -12.94 -44.53
C THR N 67 54.05 -14.37 -44.48
N LYS N 68 52.76 -14.58 -44.29
CA LYS N 68 52.16 -15.90 -44.22
C LYS N 68 51.63 -16.31 -45.59
N VAL N 69 51.45 -17.62 -45.75
CA VAL N 69 50.92 -18.19 -46.98
C VAL N 69 49.90 -19.26 -46.58
N ARG N 70 48.80 -19.32 -47.33
CA ARG N 70 47.70 -20.19 -46.98
C ARG N 70 47.16 -20.82 -48.26
N ALA N 71 46.03 -21.51 -48.12
CA ALA N 71 45.36 -22.13 -49.25
C ALA N 71 44.30 -21.19 -49.82
N GLY N 72 44.23 -21.15 -51.14
CA GLY N 72 43.28 -20.29 -51.83
C GLY N 72 42.04 -21.03 -52.27
N ARG N 73 41.20 -20.32 -53.03
CA ARG N 73 39.95 -20.89 -53.50
C ARG N 73 40.19 -21.88 -54.63
N GLY N 74 41.02 -21.53 -55.60
CA GLY N 74 41.28 -22.41 -56.71
C GLY N 74 42.44 -21.93 -57.54
N PHE N 75 42.94 -22.80 -58.40
CA PHE N 75 44.05 -22.45 -59.26
C PHE N 75 43.60 -21.51 -60.36
N SER N 76 44.47 -20.56 -60.68
CA SER N 76 44.17 -19.60 -61.73
C SER N 76 44.31 -20.24 -63.09
N LEU N 77 43.62 -19.66 -64.08
CA LEU N 77 43.67 -20.19 -65.44
C LEU N 77 45.06 -20.06 -66.04
N GLU N 78 45.81 -19.03 -65.65
CA GLU N 78 47.19 -18.90 -66.11
C GLU N 78 48.05 -20.04 -65.57
N GLU N 79 47.82 -20.45 -64.32
CA GLU N 79 48.55 -21.59 -63.77
C GLU N 79 48.20 -22.87 -64.50
N LEU N 80 46.91 -23.09 -64.76
CA LEU N 80 46.49 -24.30 -65.46
C LEU N 80 46.98 -24.33 -66.90
N ARG N 81 47.02 -23.16 -67.55
CA ARG N 81 47.43 -23.09 -68.93
C ARG N 81 48.88 -23.52 -69.10
N VAL N 82 49.76 -23.07 -68.21
CA VAL N 82 51.17 -23.43 -68.32
C VAL N 82 51.43 -24.80 -67.72
N ALA N 83 50.59 -25.28 -66.82
CA ALA N 83 50.67 -26.65 -66.35
C ALA N 83 50.07 -27.65 -67.34
N GLY N 84 49.40 -27.17 -68.38
CA GLY N 84 48.89 -28.06 -69.40
C GLY N 84 47.63 -28.81 -69.04
N ILE N 85 46.78 -28.23 -68.21
CA ILE N 85 45.53 -28.85 -67.80
C ILE N 85 44.38 -28.02 -68.33
N HIS N 86 43.42 -28.68 -68.96
CA HIS N 86 42.22 -27.99 -69.42
C HIS N 86 41.42 -27.48 -68.23
N LYS N 87 40.88 -26.26 -68.36
CA LYS N 87 40.16 -25.65 -67.24
C LYS N 87 38.84 -26.35 -66.95
N LYS N 88 38.33 -27.18 -67.86
CA LYS N 88 37.11 -27.92 -67.63
C LYS N 88 37.38 -29.36 -67.21
N VAL N 89 38.54 -29.91 -67.57
CA VAL N 89 38.94 -31.22 -67.10
C VAL N 89 39.46 -31.18 -65.67
N ALA N 90 40.01 -30.04 -65.25
CA ALA N 90 40.65 -29.96 -63.94
C ALA N 90 39.68 -30.24 -62.81
N ARG N 91 38.44 -29.76 -62.93
CA ARG N 91 37.48 -29.97 -61.86
C ARG N 91 37.01 -31.42 -61.81
N THR N 92 37.17 -32.15 -62.90
CA THR N 92 36.79 -33.56 -62.89
C THR N 92 37.80 -34.41 -62.14
N ILE N 93 39.09 -34.03 -62.21
CA ILE N 93 40.14 -34.81 -61.55
C ILE N 93 40.54 -34.23 -60.20
N GLY N 94 39.70 -33.40 -59.60
CA GLY N 94 39.92 -32.94 -58.25
C GLY N 94 40.78 -31.72 -58.09
N ILE N 95 40.79 -30.81 -59.06
CA ILE N 95 41.58 -29.59 -59.01
C ILE N 95 40.63 -28.42 -58.96
N SER N 96 40.69 -27.63 -57.88
CA SER N 96 39.86 -26.45 -57.78
C SER N 96 40.42 -25.35 -58.66
N VAL N 97 39.54 -24.65 -59.37
CA VAL N 97 39.96 -23.58 -60.26
C VAL N 97 39.29 -22.29 -59.81
N ASP N 98 39.97 -21.18 -60.04
CA ASP N 98 39.47 -19.85 -59.67
C ASP N 98 39.65 -18.96 -60.89
N PRO N 99 38.63 -18.84 -61.75
CA PRO N 99 38.79 -18.06 -62.98
C PRO N 99 39.05 -16.59 -62.74
N ARG N 100 38.71 -16.06 -61.58
CA ARG N 100 38.85 -14.63 -61.34
C ARG N 100 40.13 -14.26 -60.64
N ARG N 101 40.99 -15.21 -60.31
CA ARG N 101 42.27 -14.91 -59.69
C ARG N 101 43.33 -14.68 -60.76
N ARG N 102 44.10 -13.60 -60.60
CA ARG N 102 45.17 -13.24 -61.50
C ARG N 102 46.52 -13.55 -60.86
N ASN N 103 47.56 -13.53 -61.69
CA ASN N 103 48.92 -13.78 -61.23
C ASN N 103 49.74 -12.52 -61.49
N LYS N 104 49.98 -11.73 -60.43
CA LYS N 104 50.73 -10.49 -60.59
C LYS N 104 52.22 -10.75 -60.79
N SER N 105 52.76 -11.72 -60.06
CA SER N 105 54.18 -12.05 -60.15
C SER N 105 54.37 -13.46 -60.71
N THR N 106 55.61 -13.78 -61.05
CA THR N 106 55.95 -15.08 -61.59
C THR N 106 56.28 -16.10 -60.52
N GLU N 107 56.75 -15.66 -59.35
CA GLU N 107 57.11 -16.61 -58.29
C GLU N 107 55.89 -17.35 -57.78
N SER N 108 54.79 -16.63 -57.55
CA SER N 108 53.56 -17.29 -57.14
C SER N 108 53.00 -18.16 -58.25
N LEU N 109 53.20 -17.74 -59.51
CA LEU N 109 52.80 -18.54 -60.64
C LEU N 109 53.55 -19.86 -60.68
N GLN N 110 54.88 -19.82 -60.62
CA GLN N 110 55.67 -21.03 -60.73
C GLN N 110 55.53 -21.89 -59.48
N ALA N 111 55.25 -21.28 -58.33
CA ALA N 111 55.04 -22.05 -57.12
C ALA N 111 53.82 -22.93 -57.25
N ASN N 112 52.80 -22.46 -57.98
CA ASN N 112 51.55 -23.21 -58.08
C ASN N 112 51.57 -24.20 -59.22
N VAL N 113 52.47 -24.05 -60.19
CA VAL N 113 52.54 -25.05 -61.24
C VAL N 113 53.34 -26.27 -60.79
N GLN N 114 54.32 -26.08 -59.91
CA GLN N 114 54.95 -27.24 -59.30
C GLN N 114 53.97 -27.97 -58.40
N ARG N 115 53.05 -27.25 -57.78
CA ARG N 115 52.01 -27.88 -56.98
C ARG N 115 51.07 -28.69 -57.85
N LEU N 116 50.73 -28.18 -59.03
CA LEU N 116 49.85 -28.92 -59.94
C LEU N 116 50.57 -30.11 -60.56
N LYS N 117 51.84 -29.96 -60.90
CA LYS N 117 52.58 -31.06 -61.49
C LYS N 117 52.86 -32.15 -60.46
N GLU N 118 53.08 -31.76 -59.20
CA GLU N 118 53.23 -32.74 -58.14
C GLU N 118 51.94 -33.49 -57.89
N TYR N 119 50.81 -32.78 -57.87
CA TYR N 119 49.52 -33.44 -57.69
C TYR N 119 49.21 -34.36 -58.86
N ARG N 120 49.50 -33.92 -60.08
CA ARG N 120 49.20 -34.73 -61.25
C ARG N 120 50.06 -35.99 -61.28
N SER N 121 51.29 -35.92 -60.76
CA SER N 121 52.10 -37.13 -60.66
C SER N 121 51.56 -38.08 -59.62
N LYS N 122 51.06 -37.56 -58.51
CA LYS N 122 50.56 -38.38 -57.42
C LYS N 122 49.12 -38.83 -57.62
N LEU N 123 48.49 -38.45 -58.72
CA LEU N 123 47.10 -38.79 -58.96
C LEU N 123 46.97 -40.18 -59.55
N ILE N 124 46.10 -41.00 -58.96
CA ILE N 124 45.75 -42.31 -59.49
C ILE N 124 44.40 -42.17 -60.15
N LEU N 125 44.33 -42.41 -61.46
CA LEU N 125 43.13 -42.21 -62.24
C LEU N 125 42.52 -43.56 -62.56
N PHE N 126 41.25 -43.74 -62.22
CA PHE N 126 40.57 -44.98 -62.56
C PHE N 126 39.93 -44.87 -63.95
N PRO N 127 39.98 -45.94 -64.73
CA PRO N 127 39.25 -45.94 -66.00
C PRO N 127 37.75 -45.89 -65.77
N ARG N 128 37.03 -45.31 -66.75
CA ARG N 128 35.59 -45.20 -66.64
C ARG N 128 34.94 -46.58 -66.57
N LYS N 129 35.35 -47.48 -67.45
CA LYS N 129 34.91 -48.87 -67.40
C LYS N 129 36.06 -49.69 -66.85
N PRO N 130 35.92 -50.29 -65.67
CA PRO N 130 37.05 -51.04 -65.08
C PRO N 130 37.54 -52.18 -65.95
N SER N 131 36.66 -52.81 -66.72
CA SER N 131 37.09 -53.87 -67.62
C SER N 131 37.77 -53.34 -68.88
N ALA N 132 37.70 -52.05 -69.14
CA ALA N 132 38.29 -51.45 -70.34
C ALA N 132 39.17 -50.27 -69.92
N PRO N 133 40.40 -50.53 -69.50
CA PRO N 133 41.32 -49.45 -69.14
C PRO N 133 41.88 -48.76 -70.37
N LYS N 134 41.37 -47.57 -70.66
CA LYS N 134 41.74 -46.87 -71.89
C LYS N 134 43.05 -46.10 -71.72
N LYS N 135 43.05 -45.08 -70.85
CA LYS N 135 44.26 -44.28 -70.67
C LYS N 135 44.48 -43.83 -69.24
N GLY N 136 43.70 -44.34 -68.27
CA GLY N 136 43.83 -43.86 -66.91
C GLY N 136 45.09 -44.29 -66.17
N ASP N 137 45.17 -45.56 -65.80
CA ASP N 137 46.29 -46.07 -65.03
C ASP N 137 46.38 -47.59 -65.20
N SER N 138 47.54 -48.12 -64.83
CA SER N 138 47.71 -49.56 -64.74
C SER N 138 46.93 -50.09 -63.54
N SER N 139 46.51 -51.36 -63.65
CA SER N 139 45.78 -51.97 -62.54
C SER N 139 46.68 -52.21 -61.33
N ALA N 140 48.00 -52.29 -61.55
CA ALA N 140 48.90 -52.57 -60.45
C ALA N 140 48.95 -51.43 -59.44
N GLU N 141 48.97 -50.19 -59.93
CA GLU N 141 49.08 -49.03 -59.06
C GLU N 141 47.73 -48.52 -58.59
N GLU N 142 46.65 -49.26 -58.86
CA GLU N 142 45.35 -48.91 -58.34
C GLU N 142 44.63 -50.07 -57.66
N LEU N 143 45.20 -51.29 -57.71
CA LEU N 143 44.60 -52.41 -56.99
C LEU N 143 44.68 -52.19 -55.49
N LYS N 144 45.87 -51.86 -54.99
CA LYS N 144 46.08 -51.65 -53.58
C LYS N 144 46.59 -50.26 -53.23
N LEU N 145 47.16 -49.53 -54.18
CA LEU N 145 47.70 -48.22 -53.87
C LEU N 145 46.62 -47.16 -53.77
N ALA N 146 45.39 -47.46 -54.17
CA ALA N 146 44.30 -46.51 -54.05
C ALA N 146 43.80 -46.47 -52.62
N THR N 147 43.84 -45.29 -52.01
CA THR N 147 43.45 -45.12 -50.62
C THR N 147 42.92 -43.72 -50.45
N GLN N 148 41.76 -43.62 -49.79
CA GLN N 148 41.18 -42.31 -49.52
C GLN N 148 42.12 -41.48 -48.67
N LEU N 149 42.34 -40.24 -49.06
CA LEU N 149 43.31 -39.37 -48.40
C LEU N 149 42.61 -38.55 -47.33
N THR N 150 43.17 -38.56 -46.13
CA THR N 150 42.61 -37.84 -44.99
C THR N 150 43.40 -36.56 -44.77
N GLY N 151 42.68 -35.46 -44.59
CA GLY N 151 43.30 -34.17 -44.44
C GLY N 151 43.36 -33.45 -45.78
N PRO N 152 43.78 -32.19 -45.76
CA PRO N 152 43.89 -31.44 -47.02
C PRO N 152 44.93 -32.06 -47.94
N VAL N 153 44.66 -32.01 -49.24
CA VAL N 153 45.58 -32.56 -50.22
C VAL N 153 46.80 -31.65 -50.31
N MET N 154 47.98 -32.20 -49.99
CA MET N 154 49.23 -31.46 -50.03
C MET N 154 49.11 -30.18 -49.22
N PRO N 155 48.98 -30.26 -47.90
CA PRO N 155 48.61 -29.07 -47.12
C PRO N 155 49.62 -27.94 -47.24
N VAL N 156 49.11 -26.72 -47.32
CA VAL N 156 49.95 -25.54 -47.56
C VAL N 156 50.69 -25.21 -46.27
N ARG N 157 52.01 -25.05 -46.38
CA ARG N 157 52.88 -24.97 -45.23
C ARG N 157 53.83 -23.79 -45.39
N ASN N 158 53.99 -23.03 -44.32
CA ASN N 158 54.94 -21.91 -44.33
C ASN N 158 56.35 -22.44 -44.17
N VAL N 159 57.24 -22.03 -45.07
CA VAL N 159 58.63 -22.49 -45.08
C VAL N 159 59.53 -21.28 -44.85
N TYR N 160 60.63 -21.51 -44.14
CA TYR N 160 61.59 -20.47 -43.80
C TYR N 160 62.95 -20.87 -44.32
N LYS N 161 63.60 -19.96 -45.04
CA LYS N 161 64.92 -20.23 -45.56
C LYS N 161 65.95 -19.85 -44.49
N LYS N 162 66.51 -20.86 -43.83
CA LYS N 162 67.48 -20.64 -42.79
C LYS N 162 68.78 -20.12 -43.37
N GLU N 163 69.34 -19.09 -42.75
CA GLU N 163 70.58 -18.49 -43.18
C GLU N 163 71.69 -18.90 -42.22
N LYS N 164 72.78 -19.44 -42.75
CA LYS N 164 73.93 -19.76 -41.93
C LYS N 164 74.64 -18.48 -41.50
N ALA N 165 75.29 -18.56 -40.34
CA ALA N 165 76.05 -17.42 -39.84
C ALA N 165 77.20 -17.09 -40.78
N ARG N 166 77.43 -15.80 -41.01
CA ARG N 166 78.45 -15.34 -41.91
C ARG N 166 79.20 -14.18 -41.27
N VAL N 167 80.40 -13.91 -41.78
CA VAL N 167 81.21 -12.82 -41.27
C VAL N 167 80.65 -11.51 -41.80
N ILE N 168 80.40 -10.58 -40.88
CA ILE N 168 79.87 -9.28 -41.27
C ILE N 168 80.94 -8.49 -42.00
N THR N 169 80.60 -8.01 -43.20
CA THR N 169 81.52 -7.19 -43.96
C THR N 169 81.48 -5.75 -43.46
N GLU N 170 82.46 -4.96 -43.90
CA GLU N 170 82.52 -3.58 -43.46
C GLU N 170 81.40 -2.75 -44.06
N GLU N 171 80.94 -3.11 -45.26
CA GLU N 171 79.83 -2.39 -45.88
C GLU N 171 78.55 -2.55 -45.06
N GLU N 172 78.29 -3.75 -44.55
CA GLU N 172 77.13 -3.97 -43.69
C GLU N 172 77.26 -3.20 -42.39
N LYS N 173 78.48 -3.07 -41.86
CA LYS N 173 78.66 -2.35 -40.60
C LYS N 173 78.46 -0.85 -40.77
N ASN N 174 78.78 -0.31 -41.95
CA ASN N 174 78.65 1.11 -42.18
C ASN N 174 77.27 1.53 -42.66
N PHE N 175 76.38 0.57 -42.92
CA PHE N 175 75.03 0.92 -43.34
C PHE N 175 74.27 1.57 -42.19
N LYS N 176 73.59 2.67 -42.49
CA LYS N 176 72.86 3.44 -41.49
C LYS N 176 71.37 3.13 -41.67
N ALA N 177 70.86 2.23 -40.84
CA ALA N 177 69.50 1.74 -41.00
C ALA N 177 68.48 2.80 -40.61
N PHE N 178 68.69 3.47 -39.48
CA PHE N 178 67.74 4.49 -39.06
C PHE N 178 67.79 5.70 -39.96
N ALA N 179 68.98 6.11 -40.36
CA ALA N 179 69.10 7.27 -41.25
C ALA N 179 68.48 7.00 -42.61
N SER N 180 68.66 5.79 -43.12
CA SER N 180 68.06 5.44 -44.41
C SER N 180 66.54 5.45 -44.33
N LEU N 181 65.98 4.92 -43.24
CA LEU N 181 64.53 4.91 -43.10
C LEU N 181 63.99 6.33 -42.97
N ARG N 182 64.69 7.19 -42.22
CA ARG N 182 64.24 8.56 -42.07
C ARG N 182 64.33 9.33 -43.38
N MET N 183 65.39 9.08 -44.15
CA MET N 183 65.53 9.75 -45.44
C MET N 183 64.56 9.20 -46.46
N ALA N 184 64.31 7.89 -46.44
CA ALA N 184 63.35 7.30 -47.37
C ALA N 184 61.94 7.82 -47.13
N ARG N 185 61.57 7.99 -45.87
CA ARG N 185 60.27 8.60 -45.56
C ARG N 185 60.20 10.03 -46.07
N ALA N 186 61.28 10.79 -45.89
CA ALA N 186 61.29 12.17 -46.34
C ALA N 186 61.23 12.26 -47.86
N ASN N 187 61.96 11.38 -48.55
CA ASN N 187 61.97 11.43 -50.01
C ASN N 187 60.60 11.12 -50.60
N ALA N 188 59.90 10.15 -50.02
CA ALA N 188 58.55 9.86 -50.50
C ALA N 188 57.59 10.99 -50.17
N ARG N 189 57.82 11.67 -49.05
CA ARG N 189 56.90 12.73 -48.63
C ARG N 189 57.06 13.98 -49.49
N LEU N 190 58.28 14.31 -49.88
CA LEU N 190 58.57 15.55 -50.59
C LEU N 190 58.78 15.35 -52.09
N PHE N 191 58.48 14.16 -52.60
CA PHE N 191 58.78 13.89 -54.00
C PHE N 191 57.90 14.74 -54.92
N GLY N 192 56.62 14.84 -54.62
CA GLY N 192 55.73 15.61 -55.48
C GLY N 192 56.03 17.11 -55.45
N ILE N 193 56.30 17.64 -54.26
CA ILE N 193 56.54 19.07 -54.15
C ILE N 193 57.91 19.44 -54.68
N ARG N 194 58.87 18.51 -54.64
CA ARG N 194 60.18 18.79 -55.21
C ARG N 194 60.11 18.89 -56.72
N ALA N 195 59.30 18.04 -57.35
CA ALA N 195 59.15 18.10 -58.80
C ALA N 195 58.48 19.40 -59.23
N LYS N 196 57.46 19.84 -58.49
CA LYS N 196 56.76 21.06 -58.85
C LYS N 196 57.68 22.28 -58.73
N ARG N 197 58.49 22.31 -57.67
CA ARG N 197 59.43 23.42 -57.50
C ARG N 197 60.49 23.41 -58.58
N ALA N 198 60.96 22.23 -58.97
CA ALA N 198 61.88 22.14 -60.09
C ALA N 198 61.20 22.57 -61.39
N LYS N 199 59.94 22.17 -61.56
CA LYS N 199 59.19 22.56 -62.76
C LYS N 199 59.01 24.07 -62.83
N GLU N 200 58.64 24.70 -61.71
CA GLU N 200 58.48 26.15 -61.68
C GLU N 200 59.81 26.85 -61.93
N ALA N 201 60.90 26.34 -61.35
CA ALA N 201 62.21 26.92 -61.58
C ALA N 201 62.65 26.77 -63.03
N ALA N 202 62.27 25.65 -63.67
CA ALA N 202 62.59 25.47 -65.08
C ALA N 202 61.83 26.47 -65.95
N GLU N 203 60.59 26.80 -65.57
CA GLU N 203 59.83 27.79 -66.33
C GLU N 203 60.47 29.17 -66.24
N GLN N 204 60.95 29.55 -65.06
CA GLN N 204 61.63 30.82 -64.92
C GLN N 204 62.98 30.80 -65.63
N ASP N 205 63.61 29.63 -65.71
CA ASP N 205 64.94 29.54 -66.33
C ASP N 205 64.86 29.71 -67.83
N VAL N 206 63.84 29.14 -68.48
CA VAL N 206 63.75 29.20 -69.94
C VAL N 206 63.34 30.56 -70.46
N GLU N 207 63.02 31.50 -69.59
CA GLU N 207 62.66 32.85 -70.02
C GLU N 207 63.36 33.93 -69.20
N LYS N 208 64.36 33.57 -68.38
CA LYS N 208 65.02 34.54 -67.52
C LYS N 208 65.78 35.61 -68.30
N LYS N 209 66.15 35.33 -69.54
CA LYS N 209 66.97 36.25 -70.34
C LYS N 209 66.09 36.91 -71.40
N LYS N 210 65.83 38.20 -71.22
CA LYS N 210 65.08 38.99 -72.20
C LYS N 210 65.30 40.47 -71.96
N VAL O 1 1.91 25.44 91.87
CA VAL O 1 1.72 24.15 91.22
C VAL O 1 3.04 23.39 91.20
N PHE O 2 4.09 24.05 90.74
CA PHE O 2 5.39 23.41 90.60
C PHE O 2 6.11 23.35 91.93
N ARG O 3 6.82 22.26 92.16
CA ARG O 3 7.56 22.05 93.39
C ARG O 3 9.07 21.88 93.18
N ARG O 4 9.49 21.36 92.04
CA ARG O 4 10.89 21.17 91.72
C ARG O 4 11.30 22.18 90.67
N PHE O 5 12.38 22.89 90.93
CA PHE O 5 12.81 23.98 90.07
C PHE O 5 14.26 23.77 89.63
N VAL O 6 14.57 24.26 88.44
CA VAL O 6 15.94 24.33 87.98
C VAL O 6 16.58 25.55 88.61
N GLU O 7 17.66 25.34 89.35
CA GLU O 7 18.31 26.42 90.06
C GLU O 7 19.69 25.95 90.50
N VAL O 8 20.49 26.90 91.00
CA VAL O 8 21.83 26.59 91.43
C VAL O 8 21.78 25.71 92.67
N GLY O 9 22.45 24.56 92.62
CA GLY O 9 22.46 23.63 93.71
C GLY O 9 21.42 22.54 93.63
N ARG O 10 20.49 22.62 92.68
CA ARG O 10 19.48 21.59 92.54
C ARG O 10 20.12 20.31 92.01
N VAL O 11 19.87 19.21 92.69
CA VAL O 11 20.44 17.93 92.30
C VAL O 11 19.50 17.24 91.32
N ALA O 12 20.04 16.85 90.18
CA ALA O 12 19.26 16.25 89.11
C ALA O 12 19.76 14.85 88.82
N TYR O 13 18.84 13.99 88.42
CA TYR O 13 19.15 12.62 88.05
C TYR O 13 19.24 12.53 86.53
N VAL O 14 20.33 11.96 86.04
CA VAL O 14 20.57 11.88 84.60
C VAL O 14 19.84 10.66 84.07
N SER O 15 18.86 10.88 83.20
CA SER O 15 18.03 9.77 82.73
C SER O 15 18.71 9.00 81.60
N PHE O 16 19.29 9.71 80.64
CA PHE O 16 19.92 9.05 79.50
C PHE O 16 21.15 9.84 79.10
N GLY O 17 21.89 9.29 78.15
CA GLY O 17 23.11 9.91 77.69
C GLY O 17 24.33 9.20 78.22
N PRO O 18 25.50 9.80 78.01
CA PRO O 18 26.74 9.17 78.49
C PRO O 18 26.83 9.05 80.00
N HIS O 19 26.08 9.85 80.75
CA HIS O 19 26.16 9.83 82.20
C HIS O 19 24.86 9.35 82.83
N ALA O 20 24.14 8.47 82.15
CA ALA O 20 22.86 8.00 82.62
C ALA O 20 23.00 7.26 83.95
N GLY O 21 22.04 7.47 84.84
CA GLY O 21 22.03 6.82 86.12
C GLY O 21 22.89 7.46 87.19
N LYS O 22 23.29 8.71 87.01
CA LYS O 22 24.15 9.39 87.96
C LYS O 22 23.47 10.67 88.45
N LEU O 23 23.86 11.10 89.63
CA LEU O 23 23.39 12.36 90.19
C LEU O 23 24.38 13.47 89.89
N VAL O 24 23.85 14.65 89.58
CA VAL O 24 24.67 15.83 89.32
C VAL O 24 24.03 17.01 90.02
N ALA O 25 24.83 18.03 90.26
CA ALA O 25 24.36 19.29 90.83
C ALA O 25 24.41 20.36 89.75
N ILE O 26 23.36 21.19 89.70
CA ILE O 26 23.29 22.25 88.72
C ILE O 26 24.08 23.45 89.22
N VAL O 27 25.14 23.82 88.50
CA VAL O 27 26.02 24.88 88.91
C VAL O 27 25.62 26.22 88.31
N ASP O 28 25.23 26.23 87.04
CA ASP O 28 24.81 27.44 86.37
C ASP O 28 23.85 27.09 85.26
N VAL O 29 23.17 28.09 84.72
CA VAL O 29 22.19 27.90 83.68
C VAL O 29 22.68 28.60 82.43
N ILE O 30 22.64 27.90 81.31
CA ILE O 30 22.98 28.44 79.99
C ILE O 30 21.72 28.40 79.14
N ASP O 31 21.36 29.54 78.56
CA ASP O 31 20.45 29.68 77.42
C ASP O 31 19.25 28.73 77.33
N GLN O 32 18.59 28.47 78.46
CA GLN O 32 17.25 27.85 78.50
C GLN O 32 17.23 26.37 78.13
N ASN O 33 18.31 25.86 77.57
CA ASN O 33 18.36 24.47 77.14
C ASN O 33 19.44 23.68 77.82
N ARG O 34 20.49 24.32 78.31
CA ARG O 34 21.63 23.63 78.89
C ARG O 34 21.90 24.19 80.26
N ALA O 35 22.72 23.48 81.02
CA ALA O 35 23.09 23.92 82.35
C ALA O 35 24.51 23.48 82.64
N LEU O 36 25.23 24.29 83.41
CA LEU O 36 26.52 23.87 83.90
C LEU O 36 26.32 22.83 84.98
N VAL O 37 26.88 21.65 84.77
CA VAL O 37 26.55 20.44 85.52
C VAL O 37 27.82 19.85 86.11
N ASP O 38 27.73 19.40 87.36
CA ASP O 38 28.90 18.94 88.08
C ASP O 38 28.50 17.92 89.11
N GLY O 39 28.90 16.66 88.92
CA GLY O 39 28.86 15.71 89.99
C GLY O 39 30.25 15.35 90.46
N PRO O 40 30.69 15.93 91.56
CA PRO O 40 32.05 15.68 92.03
C PRO O 40 32.18 14.39 92.82
N CYS O 41 31.10 13.97 93.48
CA CYS O 41 31.10 12.74 94.24
C CYS O 41 30.41 11.59 93.52
N THR O 42 29.76 11.85 92.40
CA THR O 42 29.18 10.80 91.56
C THR O 42 29.95 10.63 90.26
N GLN O 43 31.16 11.19 90.16
CA GLN O 43 32.07 10.97 89.03
C GLN O 43 31.50 11.50 87.73
N VAL O 44 31.08 12.76 87.75
CA VAL O 44 30.70 13.50 86.55
C VAL O 44 31.46 14.81 86.59
N ARG O 45 32.46 14.96 85.74
CA ARG O 45 33.21 16.20 85.71
C ARG O 45 32.34 17.33 85.16
N ARG O 46 32.76 18.56 85.43
CA ARG O 46 31.99 19.72 85.04
C ARG O 46 31.86 19.82 83.52
N GLN O 47 30.64 20.03 83.06
CA GLN O 47 30.36 20.09 81.62
C GLN O 47 28.97 20.64 81.41
N ALA O 48 28.67 21.00 80.17
CA ALA O 48 27.33 21.40 79.79
C ALA O 48 26.44 20.18 79.65
N MET O 49 25.14 20.38 79.85
CA MET O 49 24.23 19.28 79.83
C MET O 49 22.82 19.78 79.55
N PRO O 50 22.13 19.19 78.58
CA PRO O 50 20.76 19.64 78.29
C PRO O 50 19.80 19.27 79.40
N PHE O 51 18.76 20.10 79.54
CA PHE O 51 17.71 19.86 80.52
C PHE O 51 16.83 18.67 80.15
N LYS O 52 16.91 18.19 78.91
CA LYS O 52 16.06 17.08 78.49
C LYS O 52 16.42 15.78 79.16
N CYS O 53 17.71 15.55 79.42
CA CYS O 53 18.17 14.33 80.06
C CYS O 53 18.26 14.47 81.58
N MET O 54 17.67 15.51 82.14
CA MET O 54 17.67 15.72 83.58
C MET O 54 16.31 15.40 84.16
N GLN O 55 16.31 14.78 85.34
CA GLN O 55 15.11 14.58 86.13
C GLN O 55 15.39 15.11 87.53
N LEU O 56 14.76 16.22 87.88
CA LEU O 56 15.09 16.92 89.12
C LEU O 56 14.70 16.09 90.34
N THR O 57 15.54 16.12 91.35
CA THR O 57 15.25 15.48 92.62
C THR O 57 14.76 16.53 93.61
N ASP O 58 14.60 16.13 94.86
CA ASP O 58 14.13 17.03 95.91
C ASP O 58 15.27 17.64 96.72
N PHE O 59 16.51 17.38 96.35
CA PHE O 59 17.67 17.86 97.09
C PHE O 59 18.20 19.13 96.45
N ILE O 60 18.51 20.11 97.28
CA ILE O 60 19.09 21.38 96.83
C ILE O 60 20.33 21.65 97.67
N LEU O 61 21.44 21.91 97.00
CA LEU O 61 22.68 22.26 97.68
C LEU O 61 22.84 23.77 97.73
N LYS O 62 23.56 24.25 98.73
CA LYS O 62 23.80 25.67 98.93
C LYS O 62 25.25 25.97 98.59
N PHE O 63 25.49 26.37 97.34
CA PHE O 63 26.73 26.97 96.93
C PHE O 63 26.41 28.09 95.96
N PRO O 64 27.26 29.11 95.86
CA PRO O 64 27.05 30.16 94.87
C PRO O 64 27.28 29.64 93.46
N HIS O 65 26.67 30.35 92.50
CA HIS O 65 26.75 29.91 91.12
C HIS O 65 28.17 30.00 90.59
N SER O 66 28.55 28.99 89.80
CA SER O 66 29.87 28.90 89.17
C SER O 66 31.00 28.91 90.20
N ALA O 67 30.78 28.25 91.33
CA ALA O 67 31.87 28.01 92.27
C ALA O 67 32.67 26.80 91.82
N HIS O 68 33.89 26.67 92.35
CA HIS O 68 34.79 25.62 91.92
C HIS O 68 34.34 24.26 92.45
N GLN O 69 35.05 23.22 92.01
CA GLN O 69 34.70 21.85 92.37
C GLN O 69 34.76 21.63 93.87
N LYS O 70 35.65 22.33 94.57
CA LYS O 70 35.78 22.14 96.02
C LYS O 70 34.45 22.42 96.71
N TYR O 71 33.88 23.59 96.44
CA TYR O 71 32.71 24.03 97.19
C TYR O 71 31.48 23.20 96.85
N VAL O 72 31.39 22.73 95.60
CA VAL O 72 30.31 21.82 95.24
C VAL O 72 30.50 20.48 95.94
N ARG O 73 31.76 20.03 96.05
CA ARG O 73 32.03 18.76 96.72
C ARG O 73 31.79 18.87 98.23
N GLN O 74 32.23 19.97 98.85
CA GLN O 74 31.96 20.14 100.27
C GLN O 74 30.48 20.24 100.56
N ALA O 75 29.73 20.94 99.69
CA ALA O 75 28.29 21.00 99.85
C ALA O 75 27.66 19.64 99.60
N TRP O 76 28.24 18.84 98.72
CA TRP O 76 27.71 17.50 98.46
C TRP O 76 28.00 16.55 99.61
N GLN O 77 29.23 16.58 100.12
CA GLN O 77 29.61 15.64 101.18
C GLN O 77 28.91 15.97 102.48
N LYS O 78 28.91 17.24 102.89
CA LYS O 78 28.11 17.66 104.01
C LYS O 78 26.64 17.57 103.64
N ALA O 79 25.83 17.01 104.53
CA ALA O 79 24.47 16.60 104.18
C ALA O 79 24.54 15.66 102.98
N ASP O 80 25.13 14.48 103.19
CA ASP O 80 25.52 13.57 102.13
C ASP O 80 24.37 13.22 101.20
N ILE O 81 24.49 13.64 99.94
CA ILE O 81 23.48 13.32 98.95
C ILE O 81 23.46 11.83 98.68
N ASN O 82 24.62 11.18 98.66
CA ASN O 82 24.71 9.78 98.25
C ASN O 82 23.94 8.86 99.18
N THR O 83 24.06 9.07 100.49
CA THR O 83 23.29 8.24 101.42
C THR O 83 21.83 8.63 101.42
N LYS O 84 21.53 9.93 101.34
CA LYS O 84 20.15 10.37 101.31
C LYS O 84 19.45 9.94 100.03
N TRP O 85 20.16 9.96 98.91
CA TRP O 85 19.58 9.48 97.65
C TRP O 85 19.25 8.00 97.72
N ALA O 86 20.20 7.20 98.20
CA ALA O 86 20.00 5.75 98.23
C ALA O 86 18.83 5.36 99.12
N ALA O 87 18.47 6.20 100.08
CA ALA O 87 17.35 5.91 100.96
C ALA O 87 16.00 6.30 100.36
N THR O 88 15.99 7.02 99.24
CA THR O 88 14.73 7.45 98.66
C THR O 88 14.03 6.29 97.97
N ARG O 89 12.71 6.42 97.84
CA ARG O 89 11.94 5.43 97.09
C ARG O 89 12.31 5.45 95.61
N TRP O 90 12.74 6.60 95.11
CA TRP O 90 13.17 6.71 93.72
C TRP O 90 14.37 5.83 93.44
N ALA O 91 15.40 5.91 94.30
CA ALA O 91 16.63 5.18 94.05
C ALA O 91 16.44 3.68 94.19
N LYS O 92 15.66 3.26 95.18
CA LYS O 92 15.48 1.83 95.40
C LYS O 92 14.47 1.22 94.45
N LYS O 93 13.70 2.04 93.73
CA LYS O 93 12.97 1.53 92.57
C LYS O 93 13.91 1.31 91.40
N ILE O 94 14.90 2.20 91.25
CA ILE O 94 15.94 2.00 90.24
C ILE O 94 16.72 0.74 90.54
N GLU O 95 17.09 0.55 91.81
CA GLU O 95 17.84 -0.62 92.20
C GLU O 95 17.05 -1.90 91.96
N ALA O 96 15.75 -1.88 92.28
CA ALA O 96 14.91 -3.05 92.05
C ALA O 96 14.79 -3.37 90.58
N ARG O 97 14.73 -2.35 89.72
CA ARG O 97 14.74 -2.60 88.29
C ARG O 97 16.04 -3.26 87.86
N GLU O 98 17.15 -2.85 88.44
CA GLU O 98 18.45 -3.38 88.04
C GLU O 98 18.60 -4.83 88.45
N ARG O 99 18.24 -5.16 89.69
CA ARG O 99 18.41 -6.54 90.15
C ARG O 99 17.36 -7.47 89.58
N LYS O 100 16.25 -6.93 89.06
CA LYS O 100 15.31 -7.78 88.35
C LYS O 100 15.84 -8.15 86.97
N ALA O 101 16.49 -7.20 86.30
CA ALA O 101 16.96 -7.45 84.94
C ALA O 101 18.12 -8.43 84.93
N LYS O 102 18.96 -8.41 85.96
CA LYS O 102 20.12 -9.29 86.04
C LYS O 102 19.80 -10.62 86.71
N MET O 103 18.52 -10.92 86.90
CA MET O 103 18.10 -12.16 87.54
C MET O 103 18.28 -13.32 86.57
N THR O 104 18.89 -14.40 87.04
CA THR O 104 19.24 -15.53 86.19
C THR O 104 18.06 -16.50 86.06
N ASP O 105 18.29 -17.56 85.29
CA ASP O 105 17.25 -18.57 85.08
C ASP O 105 16.91 -19.30 86.38
N PHE O 106 17.91 -19.64 87.16
CA PHE O 106 17.66 -20.27 88.46
C PHE O 106 16.95 -19.31 89.40
N ASP O 107 17.35 -18.03 89.38
CA ASP O 107 16.68 -17.04 90.21
C ASP O 107 15.24 -16.83 89.78
N ARG O 108 14.97 -16.86 88.47
CA ARG O 108 13.61 -16.74 87.98
C ARG O 108 12.76 -17.91 88.46
N PHE O 109 13.34 -19.11 88.50
CA PHE O 109 12.62 -20.28 88.96
C PHE O 109 12.28 -20.17 90.44
N LYS O 110 13.24 -19.73 91.24
CA LYS O 110 13.01 -19.61 92.68
C LYS O 110 12.03 -18.47 92.99
N VAL O 111 12.06 -17.41 92.19
CA VAL O 111 11.06 -16.37 92.34
C VAL O 111 9.68 -16.91 91.98
N MET O 112 9.60 -17.72 90.93
CA MET O 112 8.33 -18.31 90.52
C MET O 112 7.77 -19.22 91.60
N LYS O 113 8.65 -19.93 92.33
CA LYS O 113 8.18 -20.79 93.41
C LYS O 113 7.72 -19.98 94.60
N ALA O 114 8.49 -18.97 95.00
CA ALA O 114 8.10 -18.15 96.15
C ALA O 114 6.83 -17.36 95.86
N LYS O 115 6.72 -16.83 94.65
CA LYS O 115 5.53 -16.06 94.29
C LYS O 115 4.31 -16.97 94.14
N LYS O 116 4.54 -18.23 93.76
CA LYS O 116 3.45 -19.19 93.70
C LYS O 116 2.85 -19.42 95.08
N MET O 117 3.70 -19.60 96.09
CA MET O 117 3.21 -19.85 97.44
C MET O 117 2.71 -18.58 98.10
N ARG O 118 3.39 -17.47 97.86
CA ARG O 118 2.99 -16.19 98.47
C ARG O 118 1.59 -15.78 98.02
N ASN O 119 1.30 -15.97 96.74
CA ASN O 119 0.00 -15.57 96.21
C ASN O 119 -1.11 -16.46 96.73
N ARG O 120 -0.81 -17.74 96.96
CA ARG O 120 -1.83 -18.67 97.41
C ARG O 120 -2.23 -18.40 98.86
N ILE O 121 -1.28 -17.99 99.69
CA ILE O 121 -1.60 -17.67 101.08
C ILE O 121 -2.46 -16.41 101.15
N ILE O 122 -2.08 -15.38 100.39
CA ILE O 122 -2.85 -14.15 100.35
C ILE O 122 -4.25 -14.40 99.81
N LYS O 123 -4.34 -15.20 98.74
CA LYS O 123 -5.62 -15.48 98.11
C LYS O 123 -6.54 -16.23 99.06
N ASN O 124 -5.99 -17.10 99.90
CA ASN O 124 -6.80 -17.76 100.92
C ASN O 124 -7.27 -16.79 101.98
N GLU O 125 -6.40 -15.83 102.35
CA GLU O 125 -6.78 -14.84 103.35
C GLU O 125 -7.85 -13.89 102.82
N VAL O 126 -7.79 -13.56 101.52
CA VAL O 126 -8.78 -12.67 100.94
C VAL O 126 -10.15 -13.33 100.95
N LYS O 127 -10.22 -14.63 100.64
CA LYS O 127 -11.48 -15.35 100.71
C LYS O 127 -12.03 -15.36 102.12
N LYS O 128 -11.16 -15.53 103.11
CA LYS O 128 -11.61 -15.54 104.51
C LYS O 128 -12.18 -14.19 104.91
N LEU O 129 -11.52 -13.10 104.52
CA LEU O 129 -12.03 -11.77 104.84
C LEU O 129 -13.33 -11.50 104.10
N GLN O 130 -13.46 -12.00 102.87
CA GLN O 130 -14.71 -11.85 102.14
C GLN O 130 -15.86 -12.57 102.85
N LYS O 131 -15.62 -13.80 103.30
CA LYS O 131 -16.67 -14.55 103.97
C LYS O 131 -16.98 -13.98 105.34
N ALA O 132 -15.98 -13.40 106.02
CA ALA O 132 -16.25 -12.69 107.26
C ALA O 132 -17.06 -11.43 107.00
N ALA O 133 -16.79 -10.74 105.89
CA ALA O 133 -17.53 -9.53 105.55
C ALA O 133 -18.89 -9.83 104.94
N LEU O 134 -19.14 -11.07 104.53
CA LEU O 134 -20.42 -11.40 103.92
C LEU O 134 -21.51 -11.62 104.96
N LEU O 135 -21.15 -11.89 106.20
CA LEU O 135 -22.15 -12.15 107.24
C LEU O 135 -22.68 -10.86 107.87
N LYS O 136 -23.10 -9.92 107.02
CA LYS O 136 -23.69 -8.67 107.48
C LYS O 136 -25.19 -8.69 107.18
N ALA O 137 -25.99 -8.48 108.23
CA ALA O 137 -27.45 -8.44 108.06
C ALA O 137 -28.01 -7.57 109.18
N SER O 138 -28.32 -6.31 108.86
CA SER O 138 -28.88 -5.39 109.84
C SER O 138 -29.82 -4.39 109.17
N PRO O 139 -31.11 -4.37 109.56
CA PRO O 139 -32.09 -3.42 109.02
C PRO O 139 -31.74 -1.97 109.33
N GLY P 1 20.41 -8.04 -87.41
CA GLY P 1 20.99 -7.14 -86.44
C GLY P 1 20.08 -5.95 -86.15
N ALA P 2 18.78 -6.15 -86.32
CA ALA P 2 17.84 -5.06 -86.14
C ALA P 2 17.63 -4.71 -84.67
N TYR P 3 17.83 -5.66 -83.77
CA TYR P 3 17.62 -5.38 -82.36
C TYR P 3 18.63 -4.36 -81.84
N LYS P 4 19.82 -4.33 -82.44
CA LYS P 4 20.82 -3.34 -82.03
C LYS P 4 20.35 -1.93 -82.38
N TYR P 5 19.72 -1.77 -83.55
CA TYR P 5 19.24 -0.45 -83.94
C TYR P 5 18.08 0.00 -83.07
N ILE P 6 17.17 -0.90 -82.73
CA ILE P 6 16.04 -0.55 -81.88
C ILE P 6 16.52 -0.16 -80.49
N GLN P 7 17.56 -0.83 -80.00
CA GLN P 7 18.11 -0.49 -78.70
C GLN P 7 18.69 0.91 -78.70
N GLU P 8 19.50 1.24 -79.71
CA GLU P 8 20.05 2.58 -79.80
C GLU P 8 18.98 3.62 -80.04
N LEU P 9 17.89 3.23 -80.72
CA LEU P 9 16.79 4.14 -80.97
C LEU P 9 16.09 4.53 -79.67
N TRP P 10 15.86 3.56 -78.80
CA TRP P 10 15.18 3.82 -77.54
C TRP P 10 16.06 4.53 -76.52
N ARG P 11 17.34 4.72 -76.82
CA ARG P 11 18.22 5.52 -76.00
C ARG P 11 18.17 6.98 -76.38
N LYS P 12 17.28 7.35 -77.29
CA LYS P 12 17.16 8.70 -77.82
C LYS P 12 15.75 9.21 -77.59
N LYS P 13 15.29 9.08 -76.35
CA LYS P 13 13.90 9.36 -75.99
C LYS P 13 13.52 10.81 -76.19
N GLN P 14 14.49 11.71 -76.34
CA GLN P 14 14.21 13.12 -76.53
C GLN P 14 14.35 13.55 -77.98
N SER P 15 14.50 12.61 -78.90
CA SER P 15 14.50 12.95 -80.31
C SER P 15 13.08 13.25 -80.77
N ASP P 16 12.98 13.87 -81.95
CA ASP P 16 11.67 14.20 -82.50
C ASP P 16 10.85 12.95 -82.78
N VAL P 17 11.49 11.91 -83.29
CA VAL P 17 10.77 10.68 -83.62
C VAL P 17 10.31 9.97 -82.35
N MET P 18 11.18 9.90 -81.34
CA MET P 18 10.81 9.19 -80.12
C MET P 18 9.88 10.00 -79.25
N ARG P 19 10.02 11.33 -79.26
CA ARG P 19 9.08 12.16 -78.51
C ARG P 19 7.67 12.04 -79.07
N PHE P 20 7.54 11.96 -80.40
CA PHE P 20 6.23 11.79 -80.99
C PHE P 20 5.62 10.45 -80.62
N LEU P 21 6.41 9.38 -80.73
CA LEU P 21 5.91 8.04 -80.45
C LEU P 21 5.53 7.89 -78.98
N LEU P 22 6.33 8.45 -78.08
CA LEU P 22 6.04 8.32 -76.67
C LEU P 22 4.78 9.09 -76.28
N ARG P 23 4.55 10.25 -76.89
CA ARG P 23 3.36 11.03 -76.57
C ARG P 23 2.10 10.36 -77.07
N VAL P 24 2.12 9.87 -78.30
CA VAL P 24 0.94 9.24 -78.88
C VAL P 24 0.59 7.97 -78.12
N ARG P 25 1.61 7.17 -77.79
CA ARG P 25 1.36 5.94 -77.05
C ARG P 25 0.87 6.23 -75.64
N CYS P 26 1.44 7.23 -74.98
CA CYS P 26 1.00 7.59 -73.64
C CYS P 26 -0.46 8.05 -73.64
N TRP P 27 -0.87 8.74 -74.71
CA TRP P 27 -2.27 9.10 -74.86
C TRP P 27 -3.13 7.85 -75.00
N GLN P 28 -2.70 6.90 -75.82
CA GLN P 28 -3.50 5.70 -76.04
C GLN P 28 -3.61 4.86 -74.78
N TYR P 29 -2.52 4.70 -74.04
CA TYR P 29 -2.57 3.94 -72.80
C TYR P 29 -3.43 4.64 -71.75
N ARG P 30 -3.53 5.96 -71.82
CA ARG P 30 -4.37 6.69 -70.89
C ARG P 30 -5.85 6.39 -71.11
N GLN P 31 -6.21 5.95 -72.32
CA GLN P 31 -7.60 5.70 -72.64
C GLN P 31 -8.07 4.31 -72.20
N LEU P 32 -7.16 3.44 -71.82
CA LEU P 32 -7.46 2.07 -71.48
C LEU P 32 -7.65 1.93 -69.98
N SER P 33 -7.74 0.69 -69.51
CA SER P 33 -7.87 0.43 -68.08
C SER P 33 -6.51 0.43 -67.41
N ALA P 34 -6.53 0.48 -66.08
CA ALA P 34 -5.28 0.51 -65.32
C ALA P 34 -4.50 -0.79 -65.50
N LEU P 35 -5.19 -1.92 -65.52
CA LEU P 35 -4.60 -3.21 -65.78
C LEU P 35 -5.21 -3.74 -67.07
N HIS P 36 -4.36 -4.15 -68.00
CA HIS P 36 -4.81 -4.44 -69.35
C HIS P 36 -3.78 -5.34 -70.02
N ARG P 37 -4.25 -6.43 -70.63
CA ARG P 37 -3.34 -7.32 -71.31
C ARG P 37 -2.94 -6.75 -72.66
N ALA P 38 -1.65 -6.74 -72.93
CA ALA P 38 -1.14 -6.33 -74.23
C ALA P 38 -1.06 -7.53 -75.16
N PRO P 39 -1.45 -7.37 -76.43
CA PRO P 39 -1.34 -8.49 -77.37
C PRO P 39 0.08 -8.94 -77.61
N ARG P 40 1.04 -8.02 -77.54
CA ARG P 40 2.44 -8.30 -77.81
C ARG P 40 3.27 -7.28 -77.05
N PRO P 41 4.54 -7.56 -76.81
CA PRO P 41 5.40 -6.54 -76.19
C PRO P 41 5.53 -5.31 -77.08
N THR P 42 5.39 -4.14 -76.45
CA THR P 42 5.62 -2.88 -77.17
C THR P 42 7.06 -2.73 -77.58
N ARG P 43 7.99 -3.16 -76.72
CA ARG P 43 9.42 -3.12 -77.00
C ARG P 43 9.90 -4.56 -77.03
N PRO P 44 9.84 -5.21 -78.20
CA PRO P 44 10.28 -6.62 -78.27
C PRO P 44 11.74 -6.84 -77.92
N ASP P 45 12.61 -5.88 -78.23
CA ASP P 45 14.02 -6.04 -77.87
C ASP P 45 14.23 -5.94 -76.37
N LYS P 46 13.55 -5.00 -75.71
CA LYS P 46 13.67 -4.87 -74.27
C LYS P 46 13.04 -6.05 -73.56
N ALA P 47 11.95 -6.58 -74.11
CA ALA P 47 11.29 -7.73 -73.50
C ALA P 47 12.20 -8.96 -73.51
N ARG P 48 12.78 -9.28 -74.67
CA ARG P 48 13.60 -10.48 -74.75
C ARG P 48 14.92 -10.31 -74.03
N ARG P 49 15.39 -9.07 -73.90
CA ARG P 49 16.55 -8.78 -73.07
C ARG P 49 16.27 -9.14 -71.62
N LEU P 50 15.02 -9.05 -71.20
CA LEU P 50 14.61 -9.29 -69.82
C LEU P 50 14.12 -10.70 -69.57
N GLY P 51 14.07 -11.55 -70.60
CA GLY P 51 13.75 -12.94 -70.38
C GLY P 51 12.59 -13.46 -71.20
N TYR P 52 11.91 -12.58 -71.89
CA TYR P 52 10.74 -12.96 -72.68
C TYR P 52 11.17 -13.66 -73.95
N LYS P 53 10.38 -14.66 -74.35
CA LYS P 53 10.57 -15.36 -75.61
C LYS P 53 9.24 -15.47 -76.30
N ALA P 54 9.22 -15.28 -77.62
CA ALA P 54 7.97 -15.30 -78.36
C ALA P 54 7.46 -16.73 -78.52
N LYS P 55 6.91 -17.29 -77.46
CA LYS P 55 6.34 -18.63 -77.49
C LYS P 55 5.17 -18.68 -76.53
N GLN P 56 4.35 -19.72 -76.68
CA GLN P 56 3.16 -19.86 -75.87
C GLN P 56 3.51 -20.04 -74.41
N GLY P 57 2.80 -19.34 -73.54
CA GLY P 57 3.09 -19.32 -72.11
C GLY P 57 3.60 -17.98 -71.61
N TYR P 58 4.14 -17.14 -72.50
CA TYR P 58 4.58 -15.80 -72.16
C TYR P 58 3.48 -14.83 -72.50
N VAL P 59 3.04 -14.02 -71.52
CA VAL P 59 2.02 -13.02 -71.76
C VAL P 59 2.53 -11.68 -71.25
N ILE P 60 1.92 -10.62 -71.75
CA ILE P 60 2.32 -9.25 -71.45
C ILE P 60 1.13 -8.50 -70.90
N TYR P 61 1.31 -7.81 -69.79
CA TYR P 61 0.27 -7.01 -69.17
C TYR P 61 0.76 -5.59 -69.00
N ARG P 62 0.03 -4.63 -69.53
CA ARG P 62 0.35 -3.22 -69.37
C ARG P 62 -0.31 -2.69 -68.10
N ILE P 63 0.49 -2.08 -67.23
CA ILE P 63 0.02 -1.60 -65.94
C ILE P 63 0.23 -0.10 -65.86
N ARG P 64 -0.75 0.60 -65.32
CA ARG P 64 -0.70 2.04 -65.15
C ARG P 64 -0.72 2.35 -63.65
N VAL P 65 0.31 3.06 -63.18
CA VAL P 65 0.40 3.41 -61.77
C VAL P 65 0.41 4.93 -61.65
N ARG P 66 -0.05 5.41 -60.50
CA ARG P 66 -0.09 6.85 -60.24
C ARG P 66 1.25 7.32 -59.70
N ARG P 67 1.69 8.48 -60.17
CA ARG P 67 3.00 8.98 -59.83
C ARG P 67 2.97 9.76 -58.52
N GLY P 68 4.15 10.03 -58.00
CA GLY P 68 4.30 10.85 -56.82
C GLY P 68 4.67 10.03 -55.59
N GLY P 69 4.71 10.73 -54.47
CA GLY P 69 5.11 10.15 -53.21
C GLY P 69 3.97 9.45 -52.50
N ARG P 70 4.22 9.11 -51.25
CA ARG P 70 3.28 8.35 -50.44
C ARG P 70 2.80 9.23 -49.30
N LYS P 71 1.58 9.75 -49.42
CA LYS P 71 0.99 10.50 -48.32
C LYS P 71 0.67 9.55 -47.17
N ARG P 72 0.98 9.97 -45.95
CA ARG P 72 0.66 9.15 -44.80
C ARG P 72 -0.84 9.09 -44.61
N PRO P 73 -1.43 7.90 -44.55
CA PRO P 73 -2.89 7.78 -44.55
C PRO P 73 -3.47 7.91 -43.14
N VAL P 74 -3.39 9.11 -42.59
CA VAL P 74 -3.89 9.37 -41.25
C VAL P 74 -5.04 10.36 -41.35
N PRO P 75 -6.03 10.30 -40.47
CA PRO P 75 -7.15 11.25 -40.55
C PRO P 75 -6.70 12.66 -40.23
N LYS P 76 -6.99 13.58 -41.15
CA LYS P 76 -6.75 15.01 -40.98
C LYS P 76 -5.28 15.34 -40.74
N GLY P 77 -4.37 14.48 -41.18
CA GLY P 77 -2.96 14.76 -41.02
C GLY P 77 -2.44 14.66 -39.61
N ALA P 78 -3.21 14.10 -38.68
CA ALA P 78 -2.78 13.99 -37.30
C ALA P 78 -2.08 12.65 -37.11
N THR P 79 -0.76 12.69 -36.96
CA THR P 79 0.04 11.54 -36.58
C THR P 79 0.42 11.76 -35.13
N TYR P 80 -0.43 11.27 -34.23
CA TYR P 80 -0.31 11.59 -32.81
C TYR P 80 0.99 11.04 -32.23
N GLY P 81 1.94 11.92 -31.95
CA GLY P 81 3.21 11.46 -31.45
C GLY P 81 4.23 12.59 -31.46
N LYS P 82 5.49 12.20 -31.41
CA LYS P 82 6.56 13.17 -31.34
C LYS P 82 6.71 13.90 -32.68
N PRO P 83 7.23 15.13 -32.66
CA PRO P 83 7.28 15.91 -33.90
C PRO P 83 8.14 15.32 -35.00
N VAL P 84 9.06 14.41 -34.68
CA VAL P 84 9.85 13.78 -35.72
C VAL P 84 8.99 12.91 -36.62
N HIS P 85 7.81 12.49 -36.15
CA HIS P 85 6.90 11.66 -36.91
C HIS P 85 5.68 12.43 -37.41
N HIS P 86 5.69 13.76 -37.32
CA HIS P 86 4.57 14.57 -37.77
C HIS P 86 4.46 14.63 -39.28
N GLY P 87 5.43 14.10 -40.01
CA GLY P 87 5.42 14.16 -41.45
C GLY P 87 4.24 13.48 -42.08
N VAL P 88 3.54 14.20 -42.95
CA VAL P 88 2.43 13.66 -43.72
C VAL P 88 2.72 13.69 -45.21
N ASN P 89 3.15 14.85 -45.70
CA ASN P 89 3.57 15.00 -47.08
C ASN P 89 5.08 14.90 -47.18
N GLN P 90 5.57 14.93 -48.41
CA GLN P 90 7.00 14.76 -48.74
C GLN P 90 7.55 13.43 -48.26
N LEU P 91 6.69 12.45 -48.01
CA LEU P 91 7.12 11.11 -47.66
C LEU P 91 7.20 10.25 -48.91
N LYS P 92 8.09 9.27 -48.88
CA LYS P 92 8.37 8.48 -50.06
C LYS P 92 8.26 6.99 -49.75
N PHE P 93 7.65 6.25 -50.65
CA PHE P 93 7.51 4.81 -50.50
C PHE P 93 8.84 4.13 -50.73
N ALA P 94 9.10 3.08 -49.97
CA ALA P 94 10.40 2.41 -50.03
C ALA P 94 10.60 1.69 -51.34
N ARG P 95 9.54 1.21 -51.97
CA ARG P 95 9.63 0.48 -53.23
C ARG P 95 9.28 1.38 -54.39
N SER P 96 9.91 1.13 -55.53
CA SER P 96 9.70 1.95 -56.70
C SER P 96 8.32 1.72 -57.31
N LEU P 97 7.94 2.62 -58.21
CA LEU P 97 6.65 2.46 -58.90
C LEU P 97 6.66 1.26 -59.83
N GLN P 98 7.82 0.93 -60.41
CA GLN P 98 7.93 -0.27 -61.23
C GLN P 98 7.63 -1.52 -60.41
N SER P 99 8.11 -1.54 -59.16
CA SER P 99 7.84 -2.67 -58.29
C SER P 99 6.36 -2.75 -57.93
N VAL P 100 5.70 -1.59 -57.83
CA VAL P 100 4.27 -1.57 -57.53
C VAL P 100 3.47 -2.09 -58.70
N ALA P 101 3.88 -1.72 -59.92
CA ALA P 101 3.18 -2.19 -61.11
C ALA P 101 3.31 -3.69 -61.27
N GLU P 102 4.49 -4.23 -60.95
CA GLU P 102 4.69 -5.68 -60.99
C GLU P 102 3.80 -6.38 -59.97
N GLU P 103 3.68 -5.81 -58.78
CA GLU P 103 2.86 -6.39 -57.73
C GLU P 103 1.39 -6.41 -58.13
N ARG P 104 0.93 -5.36 -58.81
CA ARG P 104 -0.48 -5.30 -59.21
C ARG P 104 -0.77 -6.29 -60.33
N ALA P 105 0.16 -6.49 -61.25
CA ALA P 105 -0.02 -7.50 -62.29
C ALA P 105 -0.04 -8.91 -61.69
N GLY P 106 0.86 -9.17 -60.74
CA GLY P 106 0.92 -10.49 -60.15
C GLY P 106 -0.29 -10.82 -59.29
N ARG P 107 -0.81 -9.83 -58.57
CA ARG P 107 -1.97 -10.07 -57.73
C ARG P 107 -3.20 -10.38 -58.56
N HIS P 108 -3.40 -9.68 -59.66
CA HIS P 108 -4.54 -9.96 -60.53
C HIS P 108 -4.41 -11.33 -61.17
N CYS P 109 -3.26 -11.61 -61.77
CA CYS P 109 -2.99 -12.91 -62.39
C CYS P 109 -2.20 -13.77 -61.40
N GLY P 110 -2.93 -14.30 -60.43
CA GLY P 110 -2.32 -15.13 -59.40
C GLY P 110 -1.85 -16.47 -59.87
N ALA P 111 -2.35 -16.94 -61.02
CA ALA P 111 -1.93 -18.22 -61.57
C ALA P 111 -0.70 -18.10 -62.46
N LEU P 112 -0.21 -16.90 -62.72
CA LEU P 112 0.97 -16.68 -63.53
C LEU P 112 2.13 -16.24 -62.65
N ARG P 113 3.33 -16.24 -63.23
CA ARG P 113 4.54 -15.87 -62.52
C ARG P 113 5.15 -14.63 -63.16
N VAL P 114 5.34 -13.59 -62.36
CA VAL P 114 5.96 -12.37 -62.86
C VAL P 114 7.43 -12.64 -63.13
N LEU P 115 7.88 -12.30 -64.34
CA LEU P 115 9.27 -12.48 -64.71
C LEU P 115 10.05 -11.18 -64.62
N ASN P 116 9.63 -10.15 -65.34
CA ASN P 116 10.28 -8.85 -65.32
C ASN P 116 9.28 -7.82 -65.82
N SER P 117 9.74 -6.58 -65.95
CA SER P 117 8.91 -5.50 -66.45
C SER P 117 9.82 -4.42 -67.01
N TYR P 118 9.23 -3.51 -67.78
CA TYR P 118 10.01 -2.43 -68.36
C TYR P 118 9.12 -1.21 -68.56
N TRP P 119 9.77 -0.08 -68.81
CA TRP P 119 9.12 1.20 -68.91
C TRP P 119 8.68 1.43 -70.36
N VAL P 120 7.43 1.84 -70.55
CA VAL P 120 6.92 2.12 -71.89
C VAL P 120 6.41 3.54 -72.05
N GLY P 121 6.35 4.32 -70.99
CA GLY P 121 5.88 5.69 -71.11
C GLY P 121 5.44 6.23 -69.77
N GLU P 122 5.39 7.55 -69.69
CA GLU P 122 4.93 8.18 -68.46
C GLU P 122 4.27 9.51 -68.79
N ASP P 123 3.38 9.92 -67.89
CA ASP P 123 2.67 11.18 -67.94
C ASP P 123 3.06 11.97 -66.70
N SER P 124 2.39 13.11 -66.48
CA SER P 124 2.60 13.82 -65.23
C SER P 124 1.92 13.09 -64.08
N THR P 125 0.88 12.32 -64.36
CA THR P 125 0.11 11.65 -63.34
C THR P 125 0.20 10.12 -63.40
N TYR P 126 0.71 9.55 -64.49
CA TYR P 126 0.78 8.11 -64.62
C TYR P 126 2.13 7.69 -65.14
N LYS P 127 2.57 6.51 -64.70
CA LYS P 127 3.67 5.78 -65.30
C LYS P 127 3.12 4.47 -65.85
N PHE P 128 3.60 4.08 -67.02
CA PHE P 128 3.12 2.88 -67.68
C PHE P 128 4.25 1.87 -67.77
N PHE P 129 3.98 0.65 -67.33
CA PHE P 129 4.94 -0.44 -67.41
C PHE P 129 4.28 -1.63 -68.06
N GLU P 130 5.09 -2.44 -68.72
CA GLU P 130 4.63 -3.69 -69.31
C GLU P 130 5.34 -4.83 -68.58
N VAL P 131 4.55 -5.74 -68.02
CA VAL P 131 5.06 -6.81 -67.16
C VAL P 131 5.04 -8.11 -67.95
N ILE P 132 6.15 -8.83 -67.92
CA ILE P 132 6.23 -10.14 -68.53
C ILE P 132 5.78 -11.18 -67.52
N LEU P 133 4.78 -11.97 -67.89
CA LEU P 133 4.26 -13.05 -67.07
C LEU P 133 4.51 -14.36 -67.78
N ILE P 134 4.56 -15.44 -67.01
CA ILE P 134 4.76 -16.79 -67.56
C ILE P 134 3.67 -17.68 -66.97
N ASP P 135 3.03 -18.47 -67.83
CA ASP P 135 2.12 -19.48 -67.34
C ASP P 135 2.93 -20.72 -66.98
N PRO P 136 3.04 -21.04 -65.69
CA PRO P 136 3.95 -22.12 -65.27
C PRO P 136 3.45 -23.51 -65.62
N PHE P 137 2.19 -23.66 -66.03
CA PHE P 137 1.63 -24.97 -66.31
C PHE P 137 1.41 -25.22 -67.79
N HIS P 138 1.78 -24.28 -68.65
CA HIS P 138 1.80 -24.55 -70.07
C HIS P 138 2.94 -25.50 -70.39
N LYS P 139 2.70 -26.42 -71.32
CA LYS P 139 3.69 -27.45 -71.63
C LYS P 139 4.93 -26.88 -72.30
N ALA P 140 4.80 -25.79 -73.04
CA ALA P 140 5.96 -25.16 -73.64
C ALA P 140 6.92 -24.65 -72.56
N ILE P 141 6.38 -24.08 -71.50
CA ILE P 141 7.19 -23.63 -70.38
C ILE P 141 7.68 -24.82 -69.58
N ARG P 142 6.81 -25.79 -69.35
CA ARG P 142 7.06 -26.86 -68.39
C ARG P 142 7.98 -27.93 -68.94
N ARG P 143 7.97 -28.18 -70.24
CA ARG P 143 8.81 -29.19 -70.85
C ARG P 143 10.18 -28.67 -71.25
N ASN P 144 10.47 -27.42 -70.98
CA ASN P 144 11.71 -26.81 -71.42
C ASN P 144 12.64 -26.63 -70.23
N PRO P 145 13.83 -27.22 -70.21
CA PRO P 145 14.83 -26.81 -69.23
C PRO P 145 15.29 -25.39 -69.56
N ASP P 146 15.89 -24.74 -68.57
CA ASP P 146 16.26 -23.33 -68.54
C ASP P 146 15.01 -22.47 -68.37
N THR P 147 13.82 -23.06 -68.36
CA THR P 147 12.59 -22.36 -68.03
C THR P 147 11.84 -23.08 -66.91
N GLN P 148 12.22 -24.32 -66.59
CA GLN P 148 11.54 -25.08 -65.54
C GLN P 148 11.71 -24.47 -64.16
N TRP P 149 12.68 -23.58 -63.96
CA TRP P 149 12.89 -23.00 -62.64
C TRP P 149 11.70 -22.18 -62.18
N ILE P 150 11.07 -21.45 -63.10
CA ILE P 150 9.93 -20.61 -62.75
C ILE P 150 8.75 -21.47 -62.32
N THR P 151 8.74 -22.75 -62.67
CA THR P 151 7.64 -23.65 -62.35
C THR P 151 7.72 -24.20 -60.94
N LYS P 152 8.81 -23.97 -60.23
CA LYS P 152 8.96 -24.49 -58.89
C LYS P 152 8.06 -23.75 -57.91
N PRO P 153 7.62 -24.41 -56.84
CA PRO P 153 6.76 -23.73 -55.86
C PRO P 153 7.42 -22.56 -55.17
N VAL P 154 8.74 -22.58 -54.99
CA VAL P 154 9.42 -21.51 -54.28
C VAL P 154 9.41 -20.20 -55.08
N HIS P 155 9.11 -20.26 -56.37
CA HIS P 155 9.17 -19.09 -57.24
C HIS P 155 7.80 -18.49 -57.51
N LYS P 156 6.83 -18.69 -56.62
CA LYS P 156 5.51 -18.12 -56.81
C LYS P 156 5.43 -16.79 -56.09
N HIS P 157 4.85 -15.80 -56.77
CA HIS P 157 4.77 -14.43 -56.28
C HIS P 157 6.15 -13.88 -55.93
N ARG P 158 7.04 -13.88 -56.92
CA ARG P 158 8.35 -13.26 -56.73
C ARG P 158 8.22 -11.77 -56.50
N GLU P 159 7.31 -11.12 -57.22
CA GLU P 159 7.13 -9.68 -57.14
C GLU P 159 6.63 -9.22 -55.77
N MET P 160 6.06 -10.13 -54.98
CA MET P 160 5.57 -9.77 -53.66
C MET P 160 6.59 -10.03 -52.56
N ARG P 161 7.63 -10.79 -52.86
CA ARG P 161 8.74 -11.02 -51.94
C ARG P 161 9.98 -10.24 -52.33
N GLY P 162 9.87 -9.34 -53.31
CA GLY P 162 11.00 -8.56 -53.76
C GLY P 162 12.08 -9.36 -54.48
N LEU P 163 11.69 -10.33 -55.29
CA LEU P 163 12.64 -11.20 -55.95
C LEU P 163 12.79 -10.91 -57.44
N THR P 164 11.93 -10.09 -58.02
CA THR P 164 12.11 -9.64 -59.38
C THR P 164 13.16 -8.53 -59.41
N SER P 165 13.59 -8.15 -60.61
CA SER P 165 14.64 -7.14 -60.75
C SER P 165 14.20 -5.80 -60.16
N ALA P 166 12.97 -5.38 -60.44
CA ALA P 166 12.49 -4.10 -59.92
C ALA P 166 12.34 -4.15 -58.41
N GLY P 167 11.79 -5.25 -57.88
CA GLY P 167 11.60 -5.35 -56.45
C GLY P 167 12.89 -5.55 -55.68
N ARG P 168 13.92 -6.08 -56.34
CA ARG P 168 15.19 -6.32 -55.70
C ARG P 168 15.94 -5.03 -55.43
N LYS P 169 15.70 -4.00 -56.25
CA LYS P 169 16.48 -2.78 -56.18
C LYS P 169 16.26 -2.00 -54.89
N SER P 170 15.15 -2.23 -54.21
CA SER P 170 14.85 -1.52 -52.98
C SER P 170 15.36 -2.22 -51.73
N ARG P 171 15.90 -3.43 -51.86
CA ARG P 171 16.31 -4.20 -50.69
C ARG P 171 17.72 -3.86 -50.23
N GLY P 172 18.45 -3.02 -50.95
CA GLY P 172 19.79 -2.67 -50.55
C GLY P 172 20.80 -3.78 -50.67
N LEU P 173 20.57 -4.71 -51.59
CA LEU P 173 21.50 -5.81 -51.79
C LEU P 173 22.67 -5.36 -52.68
N GLY P 174 23.76 -6.08 -52.56
CA GLY P 174 24.94 -5.80 -53.36
C GLY P 174 26.18 -6.26 -52.64
N LYS P 175 27.31 -6.10 -53.31
CA LYS P 175 28.59 -6.49 -52.77
C LYS P 175 29.43 -5.26 -52.46
N GLY P 176 30.09 -5.27 -51.31
CA GLY P 176 31.11 -4.29 -51.01
C GLY P 176 30.69 -3.34 -49.91
N HIS P 177 31.45 -2.25 -49.81
CA HIS P 177 31.33 -1.36 -48.67
C HIS P 177 30.05 -0.54 -48.66
N LYS P 178 29.40 -0.39 -49.81
CA LYS P 178 28.20 0.41 -49.84
C LYS P 178 26.98 -0.32 -49.32
N PHE P 179 27.05 -1.64 -49.18
CA PHE P 179 25.89 -2.49 -48.92
C PHE P 179 26.13 -3.35 -47.68
N HIS P 180 26.64 -2.75 -46.62
CA HIS P 180 26.84 -3.46 -45.39
C HIS P 180 25.56 -3.69 -44.61
N HIS P 181 24.47 -3.02 -45.00
CA HIS P 181 23.21 -3.18 -44.28
C HIS P 181 22.61 -4.57 -44.44
N THR P 182 22.95 -5.28 -45.52
CA THR P 182 22.25 -6.49 -45.91
C THR P 182 23.19 -7.68 -45.99
N ILE P 183 24.21 -7.72 -45.15
CA ILE P 183 25.08 -8.89 -45.09
C ILE P 183 24.33 -10.00 -44.37
N GLY P 184 24.14 -11.13 -45.04
CA GLY P 184 23.30 -12.19 -44.54
C GLY P 184 22.07 -12.46 -45.37
N GLY P 185 21.76 -11.62 -46.36
CA GLY P 185 20.65 -11.84 -47.26
C GLY P 185 19.65 -10.71 -47.29
N SER P 186 19.49 -9.99 -46.18
CA SER P 186 18.52 -8.91 -46.11
C SER P 186 18.87 -8.02 -44.93
N ARG P 187 18.12 -6.93 -44.79
CA ARG P 187 18.30 -6.05 -43.65
C ARG P 187 17.91 -6.75 -42.35
N ARG P 188 16.78 -7.46 -42.37
CA ARG P 188 16.35 -8.20 -41.18
C ARG P 188 17.34 -9.30 -40.83
N ALA P 189 17.88 -9.99 -41.83
CA ALA P 189 18.88 -11.02 -41.58
C ALA P 189 20.11 -10.43 -40.93
N ALA P 190 20.56 -9.28 -41.41
CA ALA P 190 21.72 -8.63 -40.81
C ALA P 190 21.39 -8.09 -39.43
N TRP P 191 20.19 -7.54 -39.26
CA TRP P 191 19.83 -6.97 -37.97
C TRP P 191 19.70 -8.04 -36.90
N ARG P 192 19.10 -9.18 -37.24
CA ARG P 192 18.98 -10.27 -36.26
C ARG P 192 20.33 -10.79 -35.84
N ARG P 193 21.25 -10.96 -36.79
CA ARG P 193 22.58 -11.42 -36.47
C ARG P 193 23.31 -10.43 -35.57
N ARG P 194 23.19 -9.14 -35.86
CA ARG P 194 23.90 -8.12 -35.11
C ARG P 194 23.25 -7.80 -33.78
N ASN P 195 22.01 -8.22 -33.56
CA ASN P 195 21.30 -7.93 -32.33
C ASN P 195 20.99 -9.17 -31.50
N THR P 196 21.52 -10.32 -31.88
CA THR P 196 21.35 -11.53 -31.11
C THR P 196 22.53 -11.71 -30.17
N LEU P 197 22.24 -11.98 -28.91
CA LEU P 197 23.26 -12.22 -27.89
C LEU P 197 23.62 -13.70 -27.91
N GLN P 198 24.82 -14.01 -28.36
CA GLN P 198 25.29 -15.40 -28.40
C GLN P 198 25.79 -15.79 -27.02
N LEU P 199 25.01 -16.58 -26.30
CA LEU P 199 25.37 -17.07 -24.98
C LEU P 199 25.83 -18.51 -25.13
N HIS P 200 27.15 -18.70 -25.24
CA HIS P 200 27.72 -20.02 -25.43
C HIS P 200 27.53 -20.86 -24.17
N ARG P 201 27.68 -22.17 -24.31
CA ARG P 201 27.63 -23.03 -23.14
C ARG P 201 28.76 -22.71 -22.18
N TYR P 202 29.97 -22.55 -22.70
CA TYR P 202 31.13 -22.17 -21.92
C TYR P 202 31.43 -20.71 -22.23
N ARG P 203 31.16 -19.83 -21.28
CA ARG P 203 31.27 -18.41 -21.51
C ARG P 203 32.58 -17.87 -20.94
N GLU Q 1 1.02 -9.43 67.32
CA GLU Q 1 0.87 -10.52 68.28
C GLU Q 1 -0.27 -11.45 67.86
N VAL Q 2 -0.60 -12.41 68.72
CA VAL Q 2 -1.62 -13.40 68.39
C VAL Q 2 -3.02 -12.99 68.84
N GLN Q 3 -3.14 -12.05 69.78
CA GLN Q 3 -4.43 -11.58 70.25
C GLN Q 3 -4.85 -10.33 69.49
N VAL Q 4 -6.03 -9.84 69.83
CA VAL Q 4 -6.58 -8.64 69.23
C VAL Q 4 -6.05 -7.43 69.98
N LEU Q 5 -5.54 -6.45 69.25
CA LEU Q 5 -5.05 -5.20 69.81
C LEU Q 5 -6.19 -4.20 69.81
N VAL Q 6 -6.70 -3.88 71.00
CA VAL Q 6 -7.82 -2.96 71.16
C VAL Q 6 -7.27 -1.61 71.57
N LEU Q 7 -7.54 -0.59 70.77
CA LEU Q 7 -7.03 0.75 70.98
C LEU Q 7 -8.18 1.71 71.27
N ASP Q 8 -8.00 2.55 72.26
CA ASP Q 8 -8.99 3.58 72.56
C ASP Q 8 -8.67 4.82 71.72
N GLY Q 9 -9.64 5.25 70.91
CA GLY Q 9 -9.39 6.37 70.01
C GLY Q 9 -9.40 7.72 70.66
N ARG Q 10 -9.81 7.83 71.92
CA ARG Q 10 -9.92 9.14 72.55
C ARG Q 10 -8.53 9.74 72.80
N GLY Q 11 -8.36 11.00 72.41
CA GLY Q 11 -7.11 11.69 72.63
C GLY Q 11 -6.04 11.40 71.60
N HIS Q 12 -6.36 10.68 70.55
CA HIS Q 12 -5.40 10.27 69.55
C HIS Q 12 -5.58 11.12 68.29
N LEU Q 13 -4.47 11.51 67.68
CA LEU Q 13 -4.52 12.24 66.43
C LEU Q 13 -4.83 11.30 65.28
N LEU Q 14 -5.61 11.80 64.32
CA LEU Q 14 -6.20 10.94 63.30
C LEU Q 14 -5.14 10.23 62.47
N GLY Q 15 -4.29 10.99 61.78
CA GLY Q 15 -3.33 10.37 60.89
C GLY Q 15 -2.19 9.67 61.60
N ARG Q 16 -1.83 10.17 62.80
CA ARG Q 16 -0.82 9.49 63.58
C ARG Q 16 -1.28 8.10 64.01
N LEU Q 17 -2.52 8.00 64.47
CA LEU Q 17 -3.04 6.70 64.88
C LEU Q 17 -3.27 5.80 63.67
N ALA Q 18 -3.68 6.39 62.56
CA ALA Q 18 -3.95 5.59 61.36
C ALA Q 18 -2.68 5.01 60.78
N ALA Q 19 -1.57 5.75 60.87
CA ALA Q 19 -0.30 5.24 60.36
C ALA Q 19 0.19 4.06 61.18
N ILE Q 20 0.05 4.14 62.50
CA ILE Q 20 0.44 3.03 63.37
C ILE Q 20 -0.45 1.82 63.10
N VAL Q 21 -1.75 2.05 62.97
CA VAL Q 21 -2.69 0.95 62.76
C VAL Q 21 -2.44 0.28 61.41
N ALA Q 22 -2.16 1.08 60.38
CA ALA Q 22 -1.97 0.52 59.05
C ALA Q 22 -0.76 -0.42 59.01
N LYS Q 23 0.30 -0.07 59.72
CA LYS Q 23 1.47 -0.94 59.75
C LYS Q 23 1.20 -2.21 60.54
N GLN Q 24 0.33 -2.12 61.56
CA GLN Q 24 0.04 -3.29 62.39
C GLN Q 24 -0.76 -4.32 61.62
N VAL Q 25 -1.82 -3.90 60.93
CA VAL Q 25 -2.63 -4.85 60.19
C VAL Q 25 -1.88 -5.40 59.00
N LEU Q 26 -0.89 -4.67 58.49
CA LEU Q 26 -0.06 -5.21 57.41
C LEU Q 26 0.85 -6.30 57.92
N LEU Q 27 1.22 -6.26 59.18
CA LEU Q 27 2.03 -7.28 59.82
C LEU Q 27 1.20 -8.45 60.31
N GLY Q 28 -0.03 -8.60 59.81
CA GLY Q 28 -0.85 -9.72 60.15
C GLY Q 28 -1.49 -9.68 61.53
N ARG Q 29 -1.72 -8.49 62.06
CA ARG Q 29 -2.22 -8.33 63.41
C ARG Q 29 -3.65 -7.81 63.41
N LYS Q 30 -4.47 -8.34 64.30
CA LYS Q 30 -5.85 -7.89 64.44
C LYS Q 30 -5.88 -6.64 65.30
N VAL Q 31 -6.50 -5.57 64.79
CA VAL Q 31 -6.57 -4.29 65.49
C VAL Q 31 -8.04 -3.89 65.59
N VAL Q 32 -8.45 -3.46 66.77
CA VAL Q 32 -9.79 -2.93 66.99
C VAL Q 32 -9.64 -1.54 67.58
N VAL Q 33 -10.20 -0.54 66.90
CA VAL Q 33 -10.20 0.83 67.38
C VAL Q 33 -11.61 1.16 67.83
N VAL Q 34 -11.76 1.55 69.09
CA VAL Q 34 -13.06 1.89 69.64
C VAL Q 34 -13.06 3.37 69.99
N ARG Q 35 -14.27 3.90 70.19
CA ARG Q 35 -14.49 5.30 70.53
C ARG Q 35 -13.83 6.22 69.50
N CYS Q 36 -14.18 6.00 68.23
CA CYS Q 36 -13.62 6.80 67.14
C CYS Q 36 -14.17 8.22 67.12
N GLU Q 37 -15.21 8.51 67.90
CA GLU Q 37 -15.72 9.87 67.98
C GLU Q 37 -14.84 10.78 68.82
N GLY Q 38 -13.97 10.21 69.66
CA GLY Q 38 -13.04 10.96 70.47
C GLY Q 38 -11.71 11.21 69.84
N ILE Q 39 -11.52 10.82 68.58
CA ILE Q 39 -10.27 11.06 67.89
C ILE Q 39 -10.14 12.55 67.58
N ASN Q 40 -8.91 13.06 67.67
CA ASN Q 40 -8.63 14.47 67.45
C ASN Q 40 -7.94 14.68 66.12
N ILE Q 41 -8.10 15.88 65.57
CA ILE Q 41 -7.37 16.32 64.39
C ILE Q 41 -6.76 17.68 64.70
N SER Q 42 -5.47 17.83 64.40
CA SER Q 42 -4.79 19.09 64.65
C SER Q 42 -5.28 20.16 63.69
N GLY Q 43 -5.27 21.39 64.16
CA GLY Q 43 -5.86 22.50 63.44
C GLY Q 43 -7.26 22.77 63.95
N ASN Q 44 -7.66 24.05 63.89
CA ASN Q 44 -8.93 24.43 64.49
C ASN Q 44 -10.10 23.83 63.72
N PHE Q 45 -11.27 23.84 64.37
CA PHE Q 45 -12.39 23.05 63.88
C PHE Q 45 -12.87 23.51 62.52
N TYR Q 46 -12.93 24.83 62.30
CA TYR Q 46 -13.44 25.36 61.03
C TYR Q 46 -12.56 24.93 59.87
N ARG Q 47 -11.25 24.94 60.06
CA ARG Q 47 -10.33 24.51 59.02
C ARG Q 47 -10.53 23.03 58.68
N ASN Q 48 -10.73 22.20 59.70
CA ASN Q 48 -10.92 20.78 59.45
C ASN Q 48 -12.29 20.50 58.86
N LYS Q 49 -13.30 21.28 59.25
CA LYS Q 49 -14.61 21.14 58.63
C LYS Q 49 -14.56 21.50 57.16
N LEU Q 50 -13.80 22.55 56.81
CA LEU Q 50 -13.65 22.93 55.41
C LEU Q 50 -13.00 21.82 54.60
N LYS Q 51 -12.06 21.09 55.21
CA LYS Q 51 -11.39 20.01 54.51
C LYS Q 51 -12.37 18.89 54.16
N TYR Q 52 -13.27 18.56 55.07
CA TYR Q 52 -14.23 17.51 54.78
C TYR Q 52 -15.32 18.00 53.85
N LEU Q 53 -15.70 19.27 53.95
CA LEU Q 53 -16.66 19.82 53.01
C LEU Q 53 -16.11 19.81 51.59
N ALA Q 54 -14.82 20.10 51.43
CA ALA Q 54 -14.18 19.97 50.12
C ALA Q 54 -14.16 18.53 49.67
N PHE Q 55 -14.04 17.59 50.61
CA PHE Q 55 -14.14 16.18 50.27
C PHE Q 55 -15.56 15.83 49.80
N LEU Q 56 -16.57 16.46 50.41
CA LEU Q 56 -17.94 16.21 49.97
C LEU Q 56 -18.16 16.68 48.53
N ARG Q 57 -17.42 17.69 48.10
CA ARG Q 57 -17.62 18.25 46.77
C ARG Q 57 -17.10 17.31 45.69
N LYS Q 58 -16.09 16.51 46.00
CA LYS Q 58 -15.51 15.61 45.02
C LYS Q 58 -16.48 14.47 44.78
N ARG Q 59 -17.28 14.57 43.72
CA ARG Q 59 -18.21 13.52 43.36
C ARG Q 59 -18.20 13.39 41.85
N MET Q 60 -18.54 12.20 41.36
CA MET Q 60 -18.55 11.97 39.93
C MET Q 60 -19.66 12.77 39.29
N ASN Q 61 -19.29 13.63 38.34
CA ASN Q 61 -20.25 14.56 37.74
C ASN Q 61 -21.30 13.82 36.93
N THR Q 62 -20.89 12.73 36.28
CA THR Q 62 -21.81 11.97 35.44
C THR Q 62 -22.80 11.15 36.27
N ASN Q 63 -22.34 10.53 37.35
CA ASN Q 63 -23.18 9.68 38.17
C ASN Q 63 -22.61 9.64 39.58
N PRO Q 64 -23.14 10.48 40.48
CA PRO Q 64 -22.60 10.51 41.84
C PRO Q 64 -22.77 9.22 42.61
N SER Q 65 -23.70 8.35 42.21
CA SER Q 65 -23.85 7.07 42.88
C SER Q 65 -22.64 6.16 42.66
N ARG Q 66 -21.87 6.39 41.61
CA ARG Q 66 -20.62 5.70 41.38
C ARG Q 66 -19.44 6.37 42.05
N GLY Q 67 -19.60 7.61 42.48
CA GLY Q 67 -18.48 8.46 42.81
C GLY Q 67 -17.87 8.11 44.14
N PRO Q 68 -17.01 8.98 44.66
CA PRO Q 68 -16.45 8.76 45.98
C PRO Q 68 -17.55 8.65 47.02
N TYR Q 69 -17.44 7.66 47.89
CA TYR Q 69 -18.42 7.43 48.93
C TYR Q 69 -17.95 8.14 50.18
N HIS Q 70 -18.65 9.20 50.55
CA HIS Q 70 -18.30 10.02 51.70
C HIS Q 70 -18.99 9.44 52.92
N PHE Q 71 -18.21 8.79 53.78
CA PHE Q 71 -18.75 8.19 54.98
C PHE Q 71 -18.75 9.20 56.12
N ARG Q 72 -19.84 9.25 56.86
CA ARG Q 72 -20.05 10.31 57.83
C ARG Q 72 -19.80 9.88 59.27
N ALA Q 73 -19.88 8.60 59.59
CA ALA Q 73 -19.60 8.15 60.94
C ALA Q 73 -18.11 8.30 61.24
N PRO Q 74 -17.75 8.67 62.46
CA PRO Q 74 -16.31 8.78 62.79
C PRO Q 74 -15.55 7.49 62.60
N SER Q 75 -16.15 6.35 62.91
CA SER Q 75 -15.49 5.06 62.71
C SER Q 75 -15.20 4.84 61.24
N ARG Q 76 -16.15 5.18 60.37
CA ARG Q 76 -15.94 5.02 58.94
C ARG Q 76 -14.98 6.06 58.39
N ILE Q 77 -14.96 7.27 58.98
CA ILE Q 77 -13.98 8.26 58.58
C ILE Q 77 -12.57 7.79 58.92
N PHE Q 78 -12.39 7.25 60.12
CA PHE Q 78 -11.09 6.72 60.50
C PHE Q 78 -10.72 5.52 59.64
N TRP Q 79 -11.70 4.68 59.33
CA TRP Q 79 -11.46 3.51 58.49
C TRP Q 79 -10.95 3.92 57.12
N ARG Q 80 -11.52 4.97 56.54
CA ARG Q 80 -11.08 5.45 55.24
C ARG Q 80 -9.70 6.08 55.30
N THR Q 81 -9.36 6.74 56.42
CA THR Q 81 -8.03 7.28 56.59
C THR Q 81 -6.99 6.16 56.63
N VAL Q 82 -7.29 5.07 57.33
CA VAL Q 82 -6.38 3.93 57.35
C VAL Q 82 -6.28 3.31 55.97
N ARG Q 83 -7.40 3.22 55.25
CA ARG Q 83 -7.40 2.63 53.92
C ARG Q 83 -6.50 3.41 52.96
N GLY Q 84 -6.35 4.71 53.18
CA GLY Q 84 -5.46 5.49 52.35
C GLY Q 84 -4.01 5.18 52.59
N MET Q 85 -3.69 4.61 53.74
CA MET Q 85 -2.33 4.23 54.09
C MET Q 85 -2.05 2.76 53.85
N LEU Q 86 -2.96 2.05 53.21
CA LEU Q 86 -2.86 0.64 52.89
C LEU Q 86 -2.88 0.44 51.37
N PRO Q 87 -2.24 -0.59 50.86
CA PRO Q 87 -2.37 -0.91 49.43
C PRO Q 87 -3.66 -1.67 49.16
N HIS Q 88 -4.78 -0.96 49.29
CA HIS Q 88 -6.08 -1.59 49.39
C HIS Q 88 -6.58 -2.18 48.08
N LYS Q 89 -5.87 -1.98 46.98
CA LYS Q 89 -6.30 -2.54 45.71
C LYS Q 89 -5.59 -3.84 45.37
N THR Q 90 -4.84 -4.40 46.31
CA THR Q 90 -4.21 -5.70 46.16
C THR Q 90 -4.77 -6.65 47.19
N LYS Q 91 -4.53 -7.95 46.99
CA LYS Q 91 -5.03 -8.95 47.91
C LYS Q 91 -4.40 -8.81 49.28
N ARG Q 92 -3.13 -8.42 49.33
CA ARG Q 92 -2.47 -8.22 50.62
C ARG Q 92 -3.08 -7.06 51.39
N GLY Q 93 -3.36 -5.95 50.71
CA GLY Q 93 -3.95 -4.82 51.38
C GLY Q 93 -5.37 -5.07 51.82
N GLN Q 94 -6.14 -5.79 51.01
CA GLN Q 94 -7.52 -6.09 51.38
C GLN Q 94 -7.59 -7.04 52.57
N ALA Q 95 -6.66 -7.99 52.65
CA ALA Q 95 -6.58 -8.85 53.82
C ALA Q 95 -6.22 -8.04 55.06
N ALA Q 96 -5.29 -7.09 54.92
CA ALA Q 96 -4.93 -6.23 56.04
C ALA Q 96 -6.11 -5.36 56.46
N LEU Q 97 -6.85 -4.84 55.49
CA LEU Q 97 -8.01 -4.01 55.79
C LEU Q 97 -9.09 -4.81 56.50
N ASP Q 98 -9.14 -6.12 56.28
CA ASP Q 98 -10.14 -6.95 56.94
C ASP Q 98 -9.77 -7.22 58.39
N ARG Q 99 -8.51 -7.03 58.76
CA ARG Q 99 -8.06 -7.26 60.12
C ARG Q 99 -8.33 -6.09 61.04
N LEU Q 100 -8.94 -5.03 60.52
CA LEU Q 100 -9.20 -3.82 61.29
C LEU Q 100 -10.70 -3.68 61.53
N LYS Q 101 -11.07 -3.47 62.79
CA LYS Q 101 -12.45 -3.18 63.17
C LYS Q 101 -12.51 -1.84 63.86
N VAL Q 102 -13.50 -1.04 63.50
CA VAL Q 102 -13.64 0.32 63.99
C VAL Q 102 -15.05 0.52 64.52
N PHE Q 103 -15.18 1.25 65.62
CA PHE Q 103 -16.46 1.44 66.27
C PHE Q 103 -16.60 2.87 66.76
N ASP Q 104 -17.83 3.35 66.78
CA ASP Q 104 -18.21 4.55 67.52
C ASP Q 104 -18.70 4.12 68.90
N GLY Q 105 -18.16 4.73 69.94
CA GLY Q 105 -18.42 4.22 71.26
C GLY Q 105 -17.65 2.92 71.47
N ILE Q 106 -18.02 2.20 72.52
CA ILE Q 106 -17.38 0.93 72.84
C ILE Q 106 -18.44 -0.15 72.99
N PRO Q 107 -18.60 -1.02 72.00
CA PRO Q 107 -19.67 -2.02 72.03
C PRO Q 107 -19.37 -3.19 72.96
N PRO Q 108 -20.37 -4.02 73.24
CA PRO Q 108 -20.27 -5.05 74.28
C PRO Q 108 -19.08 -5.99 74.17
N PRO Q 109 -18.62 -6.38 72.97
CA PRO Q 109 -17.46 -7.27 72.96
C PRO Q 109 -16.22 -6.67 73.60
N TYR Q 110 -16.09 -5.34 73.60
CA TYR Q 110 -14.85 -4.69 73.99
C TYR Q 110 -14.98 -3.74 75.17
N ASP Q 111 -16.18 -3.47 75.66
CA ASP Q 111 -16.30 -2.56 76.79
C ASP Q 111 -15.90 -3.22 78.10
N LYS Q 112 -15.78 -4.54 78.13
CA LYS Q 112 -15.35 -5.27 79.30
C LYS Q 112 -13.90 -5.70 79.20
N LYS Q 113 -13.10 -5.03 78.37
CA LYS Q 113 -11.71 -5.39 78.16
C LYS Q 113 -10.83 -4.16 78.25
N LYS Q 114 -9.56 -4.39 78.62
CA LYS Q 114 -8.60 -3.30 78.70
C LYS Q 114 -8.30 -2.76 77.31
N ARG Q 115 -8.10 -1.46 77.22
CA ARG Q 115 -7.86 -0.79 75.96
C ARG Q 115 -6.46 -0.17 75.97
N MET Q 116 -5.72 -0.40 74.90
CA MET Q 116 -4.36 0.13 74.81
C MET Q 116 -4.38 1.60 74.42
N VAL Q 117 -3.21 2.20 74.46
CA VAL Q 117 -3.00 3.59 74.07
C VAL Q 117 -1.71 3.65 73.27
N VAL Q 118 -1.71 4.44 72.19
CA VAL Q 118 -0.52 4.66 71.39
C VAL Q 118 0.05 6.04 71.73
N PRO Q 119 1.11 6.12 72.52
CA PRO Q 119 1.66 7.44 72.87
C PRO Q 119 2.15 8.24 71.69
N ALA Q 120 2.68 7.59 70.66
CA ALA Q 120 3.18 8.30 69.50
C ALA Q 120 2.08 8.96 68.68
N ALA Q 121 0.81 8.70 69.00
CA ALA Q 121 -0.31 9.33 68.34
C ALA Q 121 -1.16 10.17 69.28
N LEU Q 122 -0.79 10.27 70.55
CA LEU Q 122 -1.59 11.00 71.52
C LEU Q 122 -1.44 12.50 71.33
N LYS Q 123 -2.55 13.22 71.51
CA LYS Q 123 -2.54 14.66 71.31
C LYS Q 123 -1.75 15.37 72.41
N VAL Q 124 -1.69 14.79 73.60
CA VAL Q 124 -1.04 15.44 74.72
C VAL Q 124 0.46 15.58 74.48
N VAL Q 125 1.06 14.61 73.80
CA VAL Q 125 2.50 14.65 73.55
C VAL Q 125 2.84 15.07 72.13
N ARG Q 126 1.95 14.86 71.17
CA ARG Q 126 2.26 15.16 69.78
C ARG Q 126 1.91 16.59 69.38
N LEU Q 127 1.20 17.32 70.21
CA LEU Q 127 0.67 18.62 69.84
C LEU Q 127 0.99 19.63 70.92
N LYS Q 128 1.42 20.82 70.51
CA LYS Q 128 1.72 21.87 71.48
C LYS Q 128 0.45 22.29 72.19
N PRO Q 129 0.53 22.59 73.49
CA PRO Q 129 -0.70 22.87 74.26
C PRO Q 129 -1.48 24.09 73.78
N THR Q 130 -0.83 25.05 73.15
CA THR Q 130 -1.51 26.26 72.69
C THR Q 130 -2.19 26.10 71.34
N ARG Q 131 -1.95 25.01 70.63
CA ARG Q 131 -2.54 24.81 69.33
C ARG Q 131 -3.99 24.38 69.45
N LYS Q 132 -4.74 24.59 68.38
CA LYS Q 132 -6.15 24.24 68.33
C LYS Q 132 -6.34 22.91 67.62
N PHE Q 133 -7.44 22.23 67.94
CA PHE Q 133 -7.72 20.93 67.37
C PHE Q 133 -9.23 20.75 67.26
N ALA Q 134 -9.62 19.76 66.48
CA ALA Q 134 -11.02 19.42 66.28
C ALA Q 134 -11.30 18.02 66.80
N TYR Q 135 -12.52 17.81 67.28
CA TYR Q 135 -12.99 16.49 67.66
C TYR Q 135 -13.65 15.82 66.47
N LEU Q 136 -13.31 14.55 66.24
CA LEU Q 136 -13.87 13.84 65.11
C LEU Q 136 -15.37 13.65 65.25
N GLY Q 137 -15.86 13.47 66.47
CA GLY Q 137 -17.29 13.31 66.67
C GLY Q 137 -18.08 14.55 66.32
N ARG Q 138 -17.58 15.72 66.72
CA ARG Q 138 -18.25 16.96 66.35
C ARG Q 138 -18.17 17.22 64.85
N LEU Q 139 -17.01 16.96 64.25
CA LEU Q 139 -16.85 17.16 62.82
C LEU Q 139 -17.77 16.23 62.05
N ALA Q 140 -17.87 14.98 62.49
CA ALA Q 140 -18.78 14.04 61.84
C ALA Q 140 -20.23 14.46 62.00
N HIS Q 141 -20.59 14.93 63.20
CA HIS Q 141 -21.97 15.30 63.46
C HIS Q 141 -22.42 16.45 62.56
N GLU Q 142 -21.56 17.42 62.35
CA GLU Q 142 -21.94 18.59 61.59
C GLU Q 142 -21.80 18.40 60.10
N VAL Q 143 -21.35 17.23 59.64
CA VAL Q 143 -21.27 16.96 58.22
C VAL Q 143 -22.28 15.89 57.79
N GLY Q 144 -23.03 15.32 58.72
CA GLY Q 144 -24.11 14.45 58.34
C GLY Q 144 -24.34 13.24 59.22
N TRP Q 145 -23.45 12.99 60.16
CA TRP Q 145 -23.60 11.84 61.06
C TRP Q 145 -24.84 12.03 61.93
N LYS Q 146 -25.61 10.96 62.09
CA LYS Q 146 -26.93 11.02 62.70
C LYS Q 146 -26.99 10.48 64.11
N TYR Q 147 -25.92 9.89 64.61
CA TYR Q 147 -25.98 9.14 65.85
C TYR Q 147 -25.01 9.68 66.89
N GLN Q 148 -24.84 11.00 66.93
CA GLN Q 148 -24.02 11.57 67.98
C GLN Q 148 -24.73 11.56 69.32
N ALA Q 149 -26.05 11.80 69.31
CA ALA Q 149 -26.78 11.89 70.56
C ALA Q 149 -26.96 10.52 71.20
N VAL Q 150 -27.30 9.51 70.39
CA VAL Q 150 -27.51 8.18 70.95
C VAL Q 150 -26.20 7.56 71.40
N THR Q 151 -25.12 7.79 70.67
CA THR Q 151 -23.81 7.28 71.09
C THR Q 151 -23.35 7.95 72.38
N ALA Q 152 -23.62 9.24 72.52
CA ALA Q 152 -23.29 9.91 73.77
C ALA Q 152 -24.11 9.38 74.93
N THR Q 153 -25.38 9.07 74.69
CA THR Q 153 -26.23 8.53 75.73
C THR Q 153 -25.76 7.14 76.17
N LEU Q 154 -25.41 6.30 75.21
CA LEU Q 154 -24.97 4.94 75.54
C LEU Q 154 -23.58 4.95 76.15
N GLU Q 155 -22.73 5.89 75.77
CA GLU Q 155 -21.42 6.02 76.41
C GLU Q 155 -21.56 6.44 77.85
N GLU Q 156 -22.61 7.21 78.18
CA GLU Q 156 -22.85 7.59 79.55
C GLU Q 156 -23.30 6.39 80.39
N LYS Q 157 -24.12 5.52 79.82
CA LYS Q 157 -24.50 4.29 80.51
C LYS Q 157 -23.28 3.40 80.74
N ARG Q 158 -22.41 3.29 79.75
CA ARG Q 158 -21.22 2.46 79.89
C ARG Q 158 -20.31 3.01 80.98
N LYS Q 159 -20.19 4.33 81.05
CA LYS Q 159 -19.31 4.94 82.04
C LYS Q 159 -19.87 4.77 83.45
N GLU Q 160 -21.20 4.75 83.59
CA GLU Q 160 -21.80 4.47 84.88
C GLU Q 160 -21.49 3.05 85.34
N LYS Q 161 -21.57 2.10 84.41
CA LYS Q 161 -21.34 0.70 84.77
C LYS Q 161 -19.87 0.43 85.04
N ALA Q 162 -18.98 1.13 84.34
CA ALA Q 162 -17.55 0.96 84.59
C ALA Q 162 -17.15 1.54 85.93
N LYS Q 163 -17.84 2.59 86.40
CA LYS Q 163 -17.56 3.13 87.72
C LYS Q 163 -17.91 2.13 88.81
N ILE Q 164 -18.99 1.38 88.61
CA ILE Q 164 -19.37 0.35 89.58
C ILE Q 164 -18.32 -0.76 89.61
N HIS Q 165 -17.84 -1.17 88.44
CA HIS Q 165 -16.83 -2.21 88.38
C HIS Q 165 -15.52 -1.74 89.00
N TYR Q 166 -15.18 -0.46 88.82
CA TYR Q 166 -13.94 0.06 89.36
C TYR Q 166 -13.98 0.13 90.89
N ARG Q 167 -15.13 0.47 91.45
CA ARG Q 167 -15.25 0.51 92.91
C ARG Q 167 -15.12 -0.88 93.51
N LYS Q 168 -15.67 -1.88 92.83
CA LYS Q 168 -15.49 -3.26 93.29
C LYS Q 168 -14.03 -3.67 93.23
N LYS Q 169 -13.33 -3.29 92.17
CA LYS Q 169 -11.91 -3.61 92.07
C LYS Q 169 -11.10 -2.92 93.14
N LYS Q 170 -11.42 -1.65 93.45
CA LYS Q 170 -10.73 -0.97 94.54
C LYS Q 170 -11.01 -1.63 95.88
N GLN Q 171 -12.26 -2.04 96.11
CA GLN Q 171 -12.59 -2.69 97.37
C GLN Q 171 -11.87 -4.01 97.51
N LEU Q 172 -11.71 -4.74 96.40
CA LEU Q 172 -10.93 -5.96 96.41
C LEU Q 172 -9.47 -5.69 96.72
N MET Q 173 -8.93 -4.61 96.15
CA MET Q 173 -7.52 -4.29 96.36
C MET Q 173 -7.27 -3.79 97.78
N ARG Q 174 -8.21 -3.02 98.33
CA ARG Q 174 -8.12 -2.63 99.74
C ARG Q 174 -8.13 -3.85 100.63
N LEU Q 175 -8.96 -4.83 100.28
CA LEU Q 175 -9.03 -6.06 101.07
C LEU Q 175 -7.78 -6.89 100.88
N ARG Q 176 -7.19 -6.87 99.68
CA ARG Q 176 -5.94 -7.58 99.44
C ARG Q 176 -4.79 -6.97 100.24
N LYS Q 177 -4.73 -5.65 100.32
CA LYS Q 177 -3.70 -5.00 101.13
C LYS Q 177 -3.87 -5.34 102.60
N GLN Q 178 -5.12 -5.37 103.08
CA GLN Q 178 -5.36 -5.76 104.46
C GLN Q 178 -4.99 -7.21 104.69
N ALA Q 179 -5.23 -8.07 103.70
CA ALA Q 179 -4.85 -9.47 103.81
C ALA Q 179 -3.34 -9.63 103.95
N GLU Q 180 -2.58 -8.88 103.15
CA GLU Q 180 -1.12 -8.97 103.22
C GLU Q 180 -0.61 -8.56 104.59
N LYS Q 181 -1.28 -7.59 105.22
CA LYS Q 181 -0.91 -7.21 106.58
C LYS Q 181 -1.31 -8.29 107.58
N ASN Q 182 -2.41 -8.98 107.33
CA ASN Q 182 -2.88 -10.00 108.26
C ASN Q 182 -1.91 -11.17 108.33
N VAL Q 183 -1.52 -11.70 107.18
CA VAL Q 183 -0.55 -12.79 107.11
C VAL Q 183 0.75 -12.21 106.57
N GLU Q 184 1.70 -11.98 107.48
CA GLU Q 184 3.05 -11.60 107.09
C GLU Q 184 4.12 -12.40 107.79
N LYS Q 185 3.82 -13.00 108.94
CA LYS Q 185 4.75 -13.95 109.55
C LYS Q 185 4.92 -15.17 108.67
N LYS Q 186 3.90 -15.51 107.90
CA LYS Q 186 3.96 -16.62 106.97
C LYS Q 186 4.12 -16.19 105.52
N ILE Q 187 4.50 -14.93 105.29
CA ILE Q 187 4.69 -14.40 103.94
C ILE Q 187 6.09 -13.82 103.81
N ASP Q 188 6.67 -13.40 104.94
CA ASP Q 188 7.97 -12.75 104.92
C ASP Q 188 9.07 -13.64 104.35
N LYS Q 189 8.94 -14.96 104.49
CA LYS Q 189 9.91 -15.86 103.88
C LYS Q 189 9.90 -15.75 102.37
N TYR Q 190 8.72 -15.61 101.76
CA TYR Q 190 8.62 -15.46 100.32
C TYR Q 190 8.63 -14.01 99.86
N THR Q 191 8.34 -13.06 100.75
CA THR Q 191 8.53 -11.66 100.40
C THR Q 191 10.00 -11.34 100.23
N GLU Q 192 10.86 -11.87 101.10
CA GLU Q 192 12.28 -11.59 101.01
C GLU Q 192 12.88 -12.16 99.73
N VAL Q 193 12.35 -13.29 99.26
CA VAL Q 193 12.82 -13.83 97.99
C VAL Q 193 12.46 -12.88 96.86
N LEU Q 194 11.25 -12.33 96.89
CA LEU Q 194 10.84 -11.40 95.84
C LEU Q 194 11.61 -10.10 95.93
N LYS Q 195 11.81 -9.59 97.14
CA LYS Q 195 12.55 -8.33 97.32
C LYS Q 195 13.99 -8.46 96.86
N THR Q 196 14.61 -9.60 97.11
CA THR Q 196 16.01 -9.80 96.75
C THR Q 196 16.22 -9.72 95.25
N HIS Q 197 15.21 -10.07 94.47
CA HIS Q 197 15.34 -10.15 93.02
C HIS Q 197 14.57 -9.07 92.28
N GLY Q 198 14.30 -7.94 92.93
CA GLY Q 198 13.79 -6.77 92.26
C GLY Q 198 12.29 -6.67 92.21
N LEU Q 199 11.59 -7.78 92.29
CA LEU Q 199 10.15 -7.74 92.41
C LEU Q 199 9.78 -7.17 93.76
N LEU Q 200 8.68 -6.43 93.81
CA LEU Q 200 8.07 -6.02 95.08
C LEU Q 200 9.06 -5.23 95.94
N VAL Q 201 9.36 -4.01 95.46
CA VAL Q 201 10.19 -3.04 96.18
C VAL Q 201 9.95 -3.03 97.68
N VAL R 1 -19.72 -47.32 15.35
CA VAL R 1 -19.09 -46.03 15.08
C VAL R 1 -18.52 -45.50 16.39
N ARG R 2 -17.64 -44.52 16.31
CA ARG R 2 -16.94 -44.00 17.49
C ARG R 2 -17.78 -42.90 18.12
N TYR R 3 -18.35 -43.19 19.29
CA TYR R 3 -18.96 -42.16 20.11
C TYR R 3 -17.88 -41.53 20.98
N SER R 4 -18.16 -40.32 21.46
CA SER R 4 -17.39 -39.81 22.58
C SER R 4 -18.04 -40.27 23.88
N LEU R 5 -17.23 -40.47 24.90
CA LEU R 5 -17.69 -40.99 26.19
C LEU R 5 -18.38 -42.34 26.05
N ASP R 6 -17.57 -43.34 25.72
CA ASP R 6 -18.06 -44.71 25.73
C ASP R 6 -18.62 -45.07 27.11
N PRO R 7 -19.71 -45.84 27.16
CA PRO R 7 -20.35 -46.13 28.44
C PRO R 7 -19.46 -46.94 29.36
N GLU R 8 -19.62 -46.72 30.66
CA GLU R 8 -18.78 -47.41 31.64
C GLU R 8 -19.03 -48.91 31.64
N ASN R 9 -20.27 -49.34 31.46
CA ASN R 9 -20.60 -50.74 31.26
C ASN R 9 -21.47 -50.91 30.01
N PRO R 10 -20.86 -51.27 28.89
CA PRO R 10 -21.61 -51.32 27.63
C PRO R 10 -22.48 -52.56 27.50
N THR R 11 -23.17 -52.91 28.57
CA THR R 11 -24.22 -53.91 28.55
C THR R 11 -25.49 -53.43 29.21
N LYS R 12 -25.42 -52.43 30.08
CA LYS R 12 -26.57 -51.74 30.64
C LYS R 12 -26.92 -50.48 29.87
N SER R 13 -26.35 -50.31 28.69
CA SER R 13 -26.42 -49.05 27.96
C SER R 13 -26.94 -49.30 26.55
N CYS R 14 -27.51 -48.24 25.97
CA CYS R 14 -27.93 -48.23 24.58
C CYS R 14 -27.60 -46.88 23.98
N LYS R 15 -27.45 -46.85 22.66
CA LYS R 15 -26.95 -45.67 21.96
C LYS R 15 -27.93 -45.21 20.91
N SER R 16 -27.85 -43.93 20.56
CA SER R 16 -28.60 -43.37 19.45
C SER R 16 -27.79 -42.25 18.83
N ARG R 17 -28.00 -42.04 17.54
CA ARG R 17 -27.16 -41.12 16.78
C ARG R 17 -27.99 -40.53 15.65
N GLY R 18 -27.63 -39.32 15.25
CA GLY R 18 -28.18 -38.70 14.05
C GLY R 18 -27.17 -37.77 13.44
N SER R 19 -27.16 -37.66 12.11
CA SER R 19 -26.18 -36.82 11.42
C SER R 19 -26.89 -35.91 10.43
N ASN R 20 -26.35 -34.70 10.30
CA ASN R 20 -26.83 -33.70 9.34
C ASN R 20 -28.31 -33.43 9.52
N LEU R 21 -28.75 -33.38 10.78
CA LEU R 21 -30.14 -33.11 11.09
C LEU R 21 -30.45 -31.64 10.89
N ARG R 22 -31.54 -31.36 10.18
CA ARG R 22 -31.92 -29.99 9.81
C ARG R 22 -32.63 -29.28 10.97
N VAL R 23 -31.89 -29.11 12.06
CA VAL R 23 -32.33 -28.28 13.18
C VAL R 23 -31.21 -27.33 13.53
N HIS R 24 -31.59 -26.21 14.13
CA HIS R 24 -30.60 -25.22 14.53
C HIS R 24 -29.73 -25.77 15.63
N PHE R 25 -28.41 -25.60 15.48
CA PHE R 25 -27.47 -26.18 16.42
C PHE R 25 -27.57 -25.52 17.79
N LYS R 26 -27.78 -24.20 17.82
CA LYS R 26 -27.83 -23.50 19.09
C LYS R 26 -29.08 -23.85 19.89
N ASN R 27 -30.24 -23.94 19.23
CA ASN R 27 -31.45 -24.35 19.94
C ASN R 27 -31.34 -25.79 20.41
N THR R 28 -30.72 -26.65 19.61
CA THR R 28 -30.61 -28.05 19.98
C THR R 28 -29.61 -28.26 21.10
N ARG R 29 -28.50 -27.52 21.08
CA ARG R 29 -27.51 -27.64 22.14
C ARG R 29 -28.10 -27.26 23.48
N GLU R 30 -28.90 -26.19 23.51
CA GLU R 30 -29.56 -25.81 24.76
C GLU R 30 -30.59 -26.84 25.18
N THR R 31 -31.33 -27.38 24.22
CA THR R 31 -32.37 -28.36 24.54
C THR R 31 -31.77 -29.65 25.06
N ALA R 32 -30.62 -30.05 24.52
CA ALA R 32 -29.97 -31.28 24.98
C ALA R 32 -29.39 -31.10 26.38
N GLN R 33 -28.91 -29.91 26.70
CA GLN R 33 -28.36 -29.66 28.03
C GLN R 33 -29.44 -29.74 29.10
N ALA R 34 -30.69 -29.41 28.75
CA ALA R 34 -31.78 -29.47 29.72
C ALA R 34 -32.12 -30.90 30.07
N ILE R 35 -32.26 -31.77 29.06
CA ILE R 35 -32.66 -33.15 29.30
C ILE R 35 -31.50 -34.05 29.74
N LYS R 36 -30.30 -33.51 29.85
CA LYS R 36 -29.15 -34.33 30.21
C LYS R 36 -29.26 -34.73 31.68
N GLY R 37 -29.10 -36.02 31.94
CA GLY R 37 -29.25 -36.55 33.28
C GLY R 37 -30.65 -36.92 33.66
N MET R 38 -31.65 -36.61 32.83
CA MET R 38 -33.02 -36.92 33.15
C MET R 38 -33.30 -38.41 32.97
N HIS R 39 -34.27 -38.91 33.71
CA HIS R 39 -34.83 -40.21 33.41
C HIS R 39 -35.60 -40.13 32.10
N ILE R 40 -35.67 -41.25 31.40
CA ILE R 40 -36.22 -41.23 30.03
C ILE R 40 -37.70 -40.88 30.05
N ARG R 41 -38.44 -41.31 31.06
CA ARG R 41 -39.84 -40.93 31.17
C ARG R 41 -39.99 -39.45 31.49
N LYS R 42 -39.12 -38.94 32.36
CA LYS R 42 -39.12 -37.51 32.65
C LYS R 42 -38.73 -36.70 31.42
N ALA R 43 -37.74 -37.16 30.67
CA ALA R 43 -37.27 -36.41 29.52
C ALA R 43 -38.28 -36.42 28.39
N THR R 44 -39.00 -37.53 28.22
CA THR R 44 -40.00 -37.60 27.16
C THR R 44 -41.14 -36.63 27.42
N LYS R 45 -41.64 -36.58 28.65
CA LYS R 45 -42.74 -35.68 28.95
C LYS R 45 -42.29 -34.24 29.02
N TYR R 46 -41.03 -34.00 29.39
CA TYR R 46 -40.51 -32.65 29.38
C TYR R 46 -40.44 -32.10 27.95
N LEU R 47 -40.00 -32.93 27.01
CA LEU R 47 -39.90 -32.49 25.62
C LEU R 47 -41.29 -32.28 25.02
N LYS R 48 -42.28 -33.06 25.46
CA LYS R 48 -43.64 -32.82 25.02
C LYS R 48 -44.17 -31.50 25.59
N ASP R 49 -43.78 -31.16 26.82
CA ASP R 49 -44.22 -29.91 27.41
C ASP R 49 -43.61 -28.71 26.71
N VAL R 50 -42.36 -28.85 26.23
CA VAL R 50 -41.72 -27.77 25.49
C VAL R 50 -42.48 -27.49 24.21
N THR R 51 -42.95 -28.55 23.54
CA THR R 51 -43.78 -28.38 22.35
C THR R 51 -45.08 -27.66 22.68
N LEU R 52 -45.68 -27.98 23.83
CA LEU R 52 -46.92 -27.34 24.25
C LEU R 52 -46.71 -26.04 24.99
N GLN R 53 -45.45 -25.62 25.15
CA GLN R 53 -45.09 -24.36 25.82
C GLN R 53 -45.55 -24.36 27.27
N LYS R 54 -45.46 -25.50 27.94
CA LYS R 54 -45.71 -25.59 29.37
C LYS R 54 -44.44 -25.67 30.19
N GLN R 55 -43.33 -26.06 29.59
CA GLN R 55 -42.01 -26.00 30.21
C GLN R 55 -41.06 -25.47 29.17
N CYS R 56 -40.05 -24.72 29.60
CA CYS R 56 -39.09 -24.14 28.68
C CYS R 56 -37.73 -24.81 28.86
N VAL R 57 -36.87 -24.59 27.88
CA VAL R 57 -35.45 -24.89 28.02
C VAL R 57 -34.73 -23.58 28.35
N PRO R 58 -33.84 -23.56 29.34
CA PRO R 58 -33.09 -22.33 29.61
C PRO R 58 -31.98 -22.15 28.58
N PHE R 59 -31.96 -20.99 27.95
CA PHE R 59 -30.91 -20.63 26.99
C PHE R 59 -29.77 -19.99 27.77
N ARG R 60 -28.71 -20.74 28.00
CA ARG R 60 -27.66 -20.31 28.92
C ARG R 60 -26.43 -19.76 28.21
N ARG R 61 -25.96 -20.41 27.17
CA ARG R 61 -24.79 -19.93 26.44
C ARG R 61 -25.17 -19.14 25.21
N TYR R 62 -26.10 -19.64 24.41
CA TYR R 62 -26.54 -18.96 23.20
C TYR R 62 -27.83 -18.19 23.49
N ASN R 63 -27.67 -17.13 24.29
CA ASN R 63 -28.80 -16.39 24.83
C ASN R 63 -28.86 -14.96 24.35
N GLY R 64 -28.11 -14.62 23.30
CA GLY R 64 -28.08 -13.24 22.83
C GLY R 64 -29.39 -12.79 22.25
N GLY R 65 -30.09 -11.90 22.95
CA GLY R 65 -31.38 -11.43 22.51
C GLY R 65 -32.55 -12.32 22.87
N VAL R 66 -32.31 -13.46 23.50
CA VAL R 66 -33.39 -14.37 23.88
C VAL R 66 -34.21 -13.71 24.98
N GLY R 67 -35.52 -13.73 24.83
CA GLY R 67 -36.39 -13.07 25.77
C GLY R 67 -36.50 -13.82 27.09
N ARG R 68 -37.15 -13.15 28.04
CA ARG R 68 -37.34 -13.67 29.37
C ARG R 68 -38.71 -14.33 29.48
N CYS R 69 -38.81 -15.32 30.36
CA CYS R 69 -40.06 -16.02 30.58
C CYS R 69 -40.15 -16.42 32.04
N ALA R 70 -41.38 -16.68 32.49
CA ALA R 70 -41.58 -17.06 33.88
C ALA R 70 -41.16 -18.50 34.13
N GLN R 71 -41.19 -19.35 33.10
CA GLN R 71 -40.82 -20.75 33.26
C GLN R 71 -39.32 -20.95 33.37
N ALA R 72 -38.51 -19.93 33.08
CA ALA R 72 -37.08 -20.07 33.26
C ALA R 72 -36.69 -20.09 34.73
N LYS R 73 -37.59 -19.70 35.63
CA LYS R 73 -37.31 -19.70 37.05
C LYS R 73 -37.28 -21.11 37.63
N GLN R 74 -37.81 -22.09 36.91
CA GLN R 74 -37.67 -23.49 37.34
C GLN R 74 -36.20 -23.88 37.37
N TRP R 75 -35.48 -23.48 36.35
CA TRP R 75 -34.03 -23.51 36.31
C TRP R 75 -33.52 -22.27 37.04
N GLY R 76 -32.21 -22.18 37.20
CA GLY R 76 -31.71 -21.00 37.86
C GLY R 76 -31.45 -19.88 36.89
N TRP R 77 -32.40 -19.61 36.00
CA TRP R 77 -32.12 -18.78 34.84
C TRP R 77 -33.26 -17.79 34.63
N THR R 78 -33.09 -16.92 33.64
CA THR R 78 -34.02 -15.85 33.38
C THR R 78 -34.51 -15.94 31.94
N GLN R 79 -33.63 -16.38 31.04
CA GLN R 79 -33.93 -16.46 29.62
C GLN R 79 -34.27 -17.90 29.24
N GLY R 80 -35.39 -18.08 28.54
CA GLY R 80 -35.76 -19.39 28.06
C GLY R 80 -36.69 -19.29 26.88
N ARG R 81 -36.77 -20.39 26.13
CA ARG R 81 -37.58 -20.45 24.93
C ARG R 81 -38.17 -21.84 24.82
N TRP R 82 -38.87 -22.10 23.72
CA TRP R 82 -39.59 -23.35 23.49
C TRP R 82 -39.28 -23.87 22.09
N PRO R 83 -38.09 -24.38 21.86
CA PRO R 83 -37.73 -24.81 20.50
C PRO R 83 -38.52 -26.04 20.11
N LYS R 84 -39.51 -25.85 19.24
CA LYS R 84 -40.39 -26.95 18.88
C LYS R 84 -39.67 -27.95 17.99
N LYS R 85 -38.87 -27.49 17.05
CA LYS R 85 -38.19 -28.41 16.14
C LYS R 85 -37.09 -29.18 16.86
N SER R 86 -36.42 -28.56 17.82
CA SER R 86 -35.40 -29.27 18.58
C SER R 86 -36.02 -30.31 19.50
N ALA R 87 -37.18 -30.01 20.07
CA ALA R 87 -37.86 -30.97 20.93
C ALA R 87 -38.30 -32.19 20.15
N GLU R 88 -38.82 -32.00 18.94
CA GLU R 88 -39.30 -33.12 18.15
C GLU R 88 -38.15 -33.99 17.67
N PHE R 89 -37.04 -33.38 17.28
CA PHE R 89 -35.89 -34.15 16.82
C PHE R 89 -35.30 -35.00 17.94
N LEU R 90 -35.26 -34.45 19.15
CA LEU R 90 -34.79 -35.22 20.29
C LEU R 90 -35.79 -36.29 20.70
N LEU R 91 -37.09 -36.05 20.49
CA LEU R 91 -38.08 -37.06 20.80
C LEU R 91 -37.99 -38.24 19.85
N HIS R 92 -37.67 -37.98 18.57
CA HIS R 92 -37.45 -39.08 17.64
C HIS R 92 -36.25 -39.90 18.05
N MET R 93 -35.19 -39.23 18.52
CA MET R 93 -33.98 -39.94 18.92
C MET R 93 -34.20 -40.71 20.21
N LEU R 94 -35.05 -40.22 21.10
CA LEU R 94 -35.36 -40.95 22.32
C LEU R 94 -36.18 -42.20 22.02
N LYS R 95 -37.07 -42.12 21.02
CA LYS R 95 -37.79 -43.31 20.59
C LYS R 95 -36.86 -44.31 19.92
N ASN R 96 -35.91 -43.81 19.12
CA ASN R 96 -34.93 -44.70 18.50
C ASN R 96 -34.05 -45.36 19.55
N ALA R 97 -33.62 -44.59 20.55
CA ALA R 97 -32.79 -45.13 21.59
C ALA R 97 -33.55 -46.13 22.45
N GLU R 98 -34.83 -45.88 22.68
CA GLU R 98 -35.64 -46.80 23.47
C GLU R 98 -35.83 -48.12 22.75
N SER R 99 -36.02 -48.09 21.43
CA SER R 99 -36.16 -49.33 20.67
C SER R 99 -34.87 -50.11 20.67
N ASN R 100 -33.73 -49.42 20.66
CA ASN R 100 -32.45 -50.09 20.79
C ASN R 100 -32.31 -50.75 22.14
N ALA R 101 -32.85 -50.13 23.19
CA ALA R 101 -32.84 -50.73 24.51
C ALA R 101 -33.69 -51.99 24.55
N GLU R 102 -34.82 -51.99 23.86
CA GLU R 102 -35.65 -53.18 23.77
C GLU R 102 -34.91 -54.31 23.06
N LEU R 103 -34.15 -53.97 22.01
CA LEU R 103 -33.42 -54.99 21.27
C LEU R 103 -32.31 -55.61 22.12
N LYS R 104 -31.71 -54.82 23.01
CA LYS R 104 -30.66 -55.33 23.88
C LYS R 104 -31.21 -56.02 25.12
N GLY R 105 -32.53 -56.13 25.25
CA GLY R 105 -33.13 -56.86 26.35
C GLY R 105 -32.94 -56.23 27.71
N LEU R 106 -33.01 -54.91 27.79
CA LEU R 106 -32.86 -54.19 29.05
C LEU R 106 -34.04 -53.24 29.21
N ASP R 107 -34.66 -53.25 30.38
CA ASP R 107 -35.96 -52.59 30.54
C ASP R 107 -35.82 -51.07 30.49
N VAL R 108 -36.77 -50.44 29.81
CA VAL R 108 -36.67 -49.04 29.45
C VAL R 108 -37.23 -48.12 30.52
N ASP R 109 -37.64 -48.66 31.66
CA ASP R 109 -38.20 -47.87 32.74
C ASP R 109 -37.14 -47.38 33.71
N SER R 110 -35.88 -47.73 33.50
CA SER R 110 -34.80 -47.32 34.36
C SER R 110 -33.70 -46.58 33.62
N LEU R 111 -33.96 -46.18 32.37
CA LEU R 111 -32.94 -45.53 31.55
C LEU R 111 -32.80 -44.06 31.91
N VAL R 112 -31.56 -43.61 31.97
CA VAL R 112 -31.21 -42.23 32.26
C VAL R 112 -30.29 -41.73 31.16
N ILE R 113 -30.51 -40.51 30.71
CA ILE R 113 -29.67 -39.91 29.67
C ILE R 113 -28.37 -39.50 30.34
N GLU R 114 -27.36 -40.36 30.27
CA GLU R 114 -26.09 -40.03 30.90
C GLU R 114 -25.18 -39.22 30.00
N HIS R 115 -25.25 -39.41 28.70
CA HIS R 115 -24.44 -38.68 27.74
C HIS R 115 -25.31 -38.23 26.60
N ILE R 116 -25.24 -36.94 26.29
CA ILE R 116 -25.87 -36.39 25.10
C ILE R 116 -24.99 -35.27 24.59
N GLN R 117 -24.79 -35.25 23.27
CA GLN R 117 -23.84 -34.33 22.66
C GLN R 117 -24.39 -33.85 21.34
N VAL R 118 -24.29 -32.55 21.09
CA VAL R 118 -24.71 -31.94 19.84
C VAL R 118 -23.49 -31.32 19.18
N ASN R 119 -23.19 -31.74 17.97
CA ASN R 119 -22.05 -31.26 17.22
C ASN R 119 -22.53 -30.55 15.96
N LYS R 120 -21.77 -29.56 15.53
CA LYS R 120 -22.09 -28.86 14.29
C LYS R 120 -21.86 -29.76 13.09
N ALA R 121 -22.82 -29.77 12.18
CA ALA R 121 -22.74 -30.46 10.91
C ALA R 121 -22.30 -29.49 9.83
N PRO R 122 -21.80 -29.99 8.69
CA PRO R 122 -21.39 -29.08 7.62
C PRO R 122 -22.54 -28.20 7.16
N LYS R 123 -22.25 -26.92 6.96
CA LYS R 123 -23.30 -25.95 6.68
C LYS R 123 -23.74 -26.06 5.22
N MET R 124 -25.03 -25.83 5.01
CA MET R 124 -25.65 -25.89 3.70
C MET R 124 -25.91 -24.48 3.19
N ARG R 125 -25.54 -24.22 1.94
CA ARG R 125 -25.45 -22.88 1.41
C ARG R 125 -26.72 -22.51 0.67
N ARG R 126 -27.29 -21.36 1.02
CA ARG R 126 -28.34 -20.73 0.25
C ARG R 126 -27.96 -19.28 0.04
N ARG R 127 -28.85 -18.51 -0.56
CA ARG R 127 -28.49 -17.21 -1.07
C ARG R 127 -29.57 -16.18 -0.76
N THR R 128 -29.14 -14.99 -0.38
CA THR R 128 -30.04 -13.86 -0.16
C THR R 128 -29.53 -12.65 -0.93
N TYR R 129 -30.44 -11.73 -1.21
CA TYR R 129 -30.18 -10.60 -2.08
C TYR R 129 -30.31 -9.30 -1.29
N ARG R 130 -29.31 -8.43 -1.44
CA ARG R 130 -29.20 -7.23 -0.63
C ARG R 130 -29.29 -5.98 -1.51
N ALA R 131 -29.01 -4.83 -0.91
CA ALA R 131 -29.53 -3.56 -1.40
C ALA R 131 -28.94 -3.17 -2.74
N HIS R 132 -27.62 -3.21 -2.88
CA HIS R 132 -27.04 -2.56 -4.04
C HIS R 132 -26.43 -3.56 -5.01
N GLY R 133 -27.16 -4.62 -5.31
CA GLY R 133 -26.66 -5.65 -6.19
C GLY R 133 -25.72 -6.61 -5.51
N ARG R 134 -25.90 -6.83 -4.21
CA ARG R 134 -25.00 -7.65 -3.43
C ARG R 134 -25.65 -8.98 -3.06
N ILE R 135 -24.81 -9.99 -2.89
CA ILE R 135 -25.21 -11.33 -2.54
C ILE R 135 -24.61 -11.67 -1.18
N ASN R 136 -25.42 -12.22 -0.29
CA ASN R 136 -24.95 -12.58 1.03
C ASN R 136 -25.32 -14.02 1.34
N PRO R 137 -24.56 -14.69 2.20
CA PRO R 137 -24.89 -16.07 2.57
C PRO R 137 -26.20 -16.18 3.33
N TYR R 138 -26.83 -17.34 3.20
CA TYR R 138 -28.05 -17.69 3.91
C TYR R 138 -27.93 -19.11 4.46
N MET R 139 -26.85 -19.35 5.18
CA MET R 139 -26.46 -20.69 5.59
C MET R 139 -27.45 -21.29 6.58
N SER R 140 -27.57 -22.61 6.54
CA SER R 140 -28.19 -23.36 7.61
C SER R 140 -27.12 -23.88 8.56
N SER R 141 -27.53 -24.28 9.75
CA SER R 141 -26.62 -24.76 10.78
C SER R 141 -27.11 -26.09 11.32
N PRO R 142 -26.99 -27.16 10.53
CA PRO R 142 -27.44 -28.47 10.99
C PRO R 142 -26.55 -29.01 12.10
N CYS R 143 -26.92 -30.15 12.64
CA CYS R 143 -26.16 -30.68 13.76
C CYS R 143 -26.15 -32.20 13.76
N HIS R 144 -25.06 -32.77 14.27
CA HIS R 144 -24.99 -34.16 14.65
C HIS R 144 -25.39 -34.30 16.12
N ILE R 145 -26.21 -35.28 16.43
CA ILE R 145 -26.60 -35.56 17.80
C ILE R 145 -26.33 -37.01 18.11
N GLU R 146 -25.74 -37.25 19.27
CA GLU R 146 -25.58 -38.60 19.79
C GLU R 146 -26.00 -38.61 21.25
N MET R 147 -26.56 -39.74 21.68
CA MET R 147 -26.91 -39.87 23.09
C MET R 147 -26.67 -41.30 23.53
N ILE R 148 -26.38 -41.46 24.81
CA ILE R 148 -26.18 -42.75 25.44
C ILE R 148 -27.11 -42.83 26.63
N LEU R 149 -27.95 -43.85 26.66
CA LEU R 149 -28.84 -44.13 27.78
C LEU R 149 -28.25 -45.26 28.61
N THR R 150 -28.46 -45.20 29.92
CA THR R 150 -27.89 -46.20 30.82
C THR R 150 -28.92 -46.60 31.86
N GLU R 151 -29.00 -47.91 32.12
CA GLU R 151 -29.88 -48.43 33.15
C GLU R 151 -29.34 -48.12 34.53
N LYS R 152 -30.12 -47.41 35.33
CA LYS R 152 -29.79 -47.21 36.74
C LYS R 152 -31.05 -46.82 37.49
N GLU R 153 -31.15 -47.29 38.73
CA GLU R 153 -32.33 -47.04 39.54
C GLU R 153 -31.99 -47.21 41.02
N GLY S 1 31.35 0.80 34.65
CA GLY S 1 31.80 1.08 33.29
C GLY S 1 33.19 1.63 33.25
N VAL S 2 33.91 1.34 32.17
CA VAL S 2 35.29 1.77 31.99
C VAL S 2 35.38 2.60 30.72
N ASP S 3 36.19 3.66 30.77
CA ASP S 3 36.34 4.60 29.67
C ASP S 3 37.43 4.10 28.72
N ILE S 4 37.06 3.12 27.90
CA ILE S 4 37.93 2.61 26.85
C ILE S 4 37.13 2.51 25.56
N ARG S 5 37.84 2.27 24.47
CA ARG S 5 37.27 2.17 23.14
C ARG S 5 37.60 0.81 22.54
N HIS S 6 36.58 0.16 21.97
CA HIS S 6 36.69 -1.24 21.56
C HIS S 6 36.83 -1.43 20.06
N ASN S 7 37.09 -0.37 19.29
CA ASN S 7 37.09 -0.51 17.85
C ASN S 7 38.38 -1.09 17.31
N LYS S 8 39.45 -1.11 18.11
CA LYS S 8 40.74 -1.62 17.67
C LYS S 8 41.19 -2.82 18.49
N ASP S 9 40.27 -3.45 19.22
CA ASP S 9 40.62 -4.56 20.09
C ASP S 9 41.12 -5.75 19.29
N ARG S 10 40.43 -6.09 18.22
CA ARG S 10 40.75 -7.26 17.40
C ARG S 10 41.75 -6.86 16.32
N LYS S 11 42.95 -7.40 16.41
CA LYS S 11 43.98 -7.12 15.41
C LYS S 11 43.74 -7.96 14.18
N VAL S 12 43.71 -7.32 13.02
CA VAL S 12 43.40 -7.98 11.76
C VAL S 12 44.72 -8.48 11.16
N ARG S 13 44.93 -9.79 11.20
CA ARG S 13 46.15 -10.38 10.70
C ARG S 13 45.89 -11.84 10.41
N ARG S 14 46.73 -12.42 9.57
CA ARG S 14 46.62 -13.83 9.23
C ARG S 14 47.21 -14.67 10.35
N LYS S 15 46.37 -15.51 10.95
CA LYS S 15 46.81 -16.47 11.94
C LYS S 15 47.11 -17.84 11.34
N GLU S 16 46.75 -18.04 10.07
CA GLU S 16 46.89 -19.32 9.38
C GLU S 16 46.72 -19.06 7.91
N PRO S 17 47.14 -19.99 7.05
CA PRO S 17 46.84 -19.85 5.62
C PRO S 17 45.36 -20.00 5.37
N LYS S 18 44.82 -19.14 4.52
CA LYS S 18 43.45 -19.33 4.07
C LYS S 18 43.34 -20.47 3.07
N SER S 19 44.47 -20.89 2.50
CA SER S 19 44.49 -22.00 1.57
C SER S 19 44.22 -23.32 2.28
N GLN S 20 43.74 -24.29 1.51
CA GLN S 20 43.51 -25.64 2.00
C GLN S 20 44.52 -26.63 1.44
N ASP S 21 45.61 -26.13 0.87
CA ASP S 21 46.69 -26.97 0.38
C ASP S 21 47.29 -27.76 1.54
N ILE S 22 47.23 -29.08 1.46
CA ILE S 22 47.68 -29.89 2.59
C ILE S 22 49.21 -29.91 2.65
N TYR S 23 49.89 -29.69 1.54
CA TYR S 23 51.35 -29.60 1.58
C TYR S 23 51.80 -28.27 2.18
N LEU S 24 51.06 -27.20 1.91
CA LEU S 24 51.37 -25.93 2.57
C LEU S 24 51.07 -26.01 4.05
N ARG S 25 50.00 -26.71 4.43
CA ARG S 25 49.64 -26.82 5.83
C ARG S 25 50.64 -27.67 6.61
N LEU S 26 51.23 -28.67 5.97
CA LEU S 26 52.22 -29.49 6.66
C LEU S 26 53.49 -28.69 6.98
N LEU S 27 53.95 -27.89 6.03
CA LEU S 27 55.16 -27.10 6.31
C LEU S 27 54.84 -25.81 7.04
N VAL S 28 53.56 -25.46 7.18
CA VAL S 28 53.18 -24.49 8.20
C VAL S 28 53.28 -25.11 9.59
N LYS S 29 52.90 -26.37 9.72
CA LYS S 29 53.07 -27.08 10.99
C LYS S 29 54.52 -27.15 11.40
N LEU S 30 55.41 -27.38 10.43
CA LEU S 30 56.83 -27.48 10.71
C LEU S 30 57.38 -26.14 11.19
N TYR S 31 57.03 -25.07 10.51
CA TYR S 31 57.51 -23.73 10.86
C TYR S 31 56.74 -23.10 11.99
N ARG S 32 55.58 -23.63 12.35
CA ARG S 32 54.94 -23.22 13.60
C ARG S 32 55.71 -23.76 14.79
N PHE S 33 56.26 -24.96 14.66
CA PHE S 33 57.08 -25.54 15.71
C PHE S 33 58.43 -24.85 15.81
N LEU S 34 59.05 -24.59 14.66
CA LEU S 34 60.39 -24.00 14.67
C LEU S 34 60.36 -22.55 15.15
N ALA S 35 59.29 -21.82 14.81
CA ALA S 35 59.16 -20.46 15.34
C ALA S 35 58.97 -20.47 16.85
N ARG S 36 58.20 -21.42 17.37
CA ARG S 36 57.91 -21.47 18.79
C ARG S 36 59.11 -21.94 19.60
N ARG S 37 59.83 -22.94 19.10
CA ARG S 37 60.84 -23.63 19.89
C ARG S 37 62.25 -23.16 19.60
N THR S 38 62.42 -22.11 18.80
CA THR S 38 63.73 -21.50 18.59
C THR S 38 63.62 -20.01 18.86
N ASN S 39 64.77 -19.38 19.05
CA ASN S 39 64.83 -17.94 19.15
C ASN S 39 65.07 -17.26 17.81
N SER S 40 65.13 -18.04 16.74
CA SER S 40 65.38 -17.50 15.41
C SER S 40 64.21 -16.63 14.96
N THR S 41 64.48 -15.34 14.72
CA THR S 41 63.46 -14.49 14.15
C THR S 41 63.29 -14.74 12.66
N PHE S 42 64.22 -15.47 12.03
CA PHE S 42 64.03 -15.86 10.65
C PHE S 42 62.84 -16.80 10.51
N ASN S 43 62.70 -17.76 11.42
CA ASN S 43 61.59 -18.70 11.33
C ASN S 43 60.27 -18.00 11.56
N GLN S 44 60.26 -16.94 12.36
CA GLN S 44 59.04 -16.18 12.58
C GLN S 44 58.60 -15.47 11.32
N VAL S 45 59.54 -14.85 10.60
CA VAL S 45 59.20 -14.13 9.37
C VAL S 45 58.73 -15.11 8.30
N VAL S 46 59.40 -16.26 8.19
CA VAL S 46 59.01 -17.24 7.19
C VAL S 46 57.63 -17.81 7.49
N LEU S 47 57.33 -18.04 8.77
CA LEU S 47 56.02 -18.56 9.15
C LEU S 47 54.91 -17.60 8.76
N LYS S 48 55.09 -16.31 9.01
CA LYS S 48 54.02 -15.36 8.71
C LYS S 48 53.90 -15.13 7.21
N ARG S 49 54.98 -15.34 6.45
CA ARG S 49 54.89 -15.25 5.00
C ARG S 49 54.14 -16.44 4.42
N LEU S 50 54.23 -17.60 5.07
CA LEU S 50 53.48 -18.77 4.61
C LEU S 50 51.99 -18.55 4.75
N PHE S 51 51.57 -17.69 5.67
CA PHE S 51 50.15 -17.38 5.85
C PHE S 51 49.63 -16.48 4.75
N MET S 52 50.52 -15.73 4.10
CA MET S 52 50.11 -14.60 3.27
C MET S 52 49.42 -15.07 1.99
N SER S 53 48.65 -14.16 1.41
CA SER S 53 47.94 -14.40 0.18
C SER S 53 48.92 -14.36 -1.00
N ARG S 54 48.40 -14.71 -2.18
CA ARG S 54 49.27 -14.74 -3.36
C ARG S 54 49.73 -13.35 -3.74
N THR S 55 48.87 -12.35 -3.59
CA THR S 55 49.29 -10.99 -3.91
C THR S 55 50.31 -10.46 -2.92
N ASN S 56 50.31 -10.97 -1.70
CA ASN S 56 51.33 -10.64 -0.71
C ASN S 56 52.54 -11.54 -0.82
N ARG S 57 52.53 -12.49 -1.74
CA ARG S 57 53.70 -13.32 -2.06
C ARG S 57 53.97 -13.19 -3.55
N PRO S 58 54.49 -12.04 -3.98
CA PRO S 58 54.71 -11.85 -5.41
C PRO S 58 55.83 -12.75 -5.91
N PRO S 59 55.83 -13.10 -7.19
CA PRO S 59 56.92 -13.90 -7.74
C PRO S 59 58.23 -13.13 -7.75
N LEU S 60 59.32 -13.87 -7.65
CA LEU S 60 60.65 -13.30 -7.68
C LEU S 60 61.33 -13.76 -8.97
N SER S 61 61.70 -12.81 -9.82
CA SER S 61 62.35 -13.15 -11.06
C SER S 61 63.78 -13.64 -10.80
N LEU S 62 64.31 -14.38 -11.77
CA LEU S 62 65.67 -14.89 -11.64
C LEU S 62 66.68 -13.74 -11.64
N SER S 63 66.43 -12.72 -12.44
CA SER S 63 67.37 -11.61 -12.55
C SER S 63 67.48 -10.84 -11.24
N ARG S 64 66.35 -10.59 -10.57
CA ARG S 64 66.39 -9.90 -9.29
C ARG S 64 67.05 -10.76 -8.22
N MET S 65 66.80 -12.08 -8.25
CA MET S 65 67.48 -12.97 -7.32
C MET S 65 68.98 -12.98 -7.54
N ILE S 66 69.41 -13.03 -8.81
CA ILE S 66 70.83 -13.00 -9.11
C ILE S 66 71.44 -11.68 -8.66
N ARG S 67 70.73 -10.58 -8.91
CA ARG S 67 71.24 -9.26 -8.56
C ARG S 67 71.39 -9.10 -7.05
N LYS S 68 70.42 -9.57 -6.27
CA LYS S 68 70.51 -9.45 -4.82
C LYS S 68 71.55 -10.38 -4.23
N MET S 69 71.69 -11.58 -4.77
CA MET S 69 72.69 -12.52 -4.28
C MET S 69 74.11 -12.15 -4.69
N LYS S 70 74.27 -11.24 -5.63
CA LYS S 70 75.57 -10.82 -6.12
C LYS S 70 76.19 -9.75 -5.22
N LEU S 71 75.43 -9.21 -4.28
CA LEU S 71 75.92 -8.17 -3.41
C LEU S 71 77.06 -8.69 -2.53
N PRO S 72 77.94 -7.81 -2.06
CA PRO S 72 79.12 -8.27 -1.32
C PRO S 72 78.74 -9.00 -0.04
N GLY S 73 79.51 -10.03 0.28
CA GLY S 73 79.33 -10.78 1.50
C GLY S 73 78.28 -11.87 1.45
N ARG S 74 77.59 -12.03 0.32
CA ARG S 74 76.51 -13.00 0.21
C ARG S 74 76.92 -14.25 -0.57
N GLU S 75 78.21 -14.54 -0.59
CA GLU S 75 78.68 -15.77 -1.21
C GLU S 75 78.34 -16.97 -0.34
N ASN S 76 77.97 -18.08 -0.97
CA ASN S 76 77.65 -19.34 -0.29
C ASN S 76 76.51 -19.18 0.70
N LYS S 77 75.59 -18.27 0.42
CA LYS S 77 74.38 -18.12 1.22
C LYS S 77 73.20 -18.67 0.42
N THR S 78 72.18 -19.10 1.15
CA THR S 78 70.98 -19.64 0.52
C THR S 78 69.98 -18.51 0.32
N ALA S 79 69.51 -18.35 -0.91
CA ALA S 79 68.43 -17.41 -1.19
C ALA S 79 67.11 -18.08 -0.84
N VAL S 80 66.35 -17.46 0.05
CA VAL S 80 65.07 -18.00 0.49
C VAL S 80 63.98 -17.04 0.07
N VAL S 81 63.04 -17.52 -0.73
CA VAL S 81 61.87 -16.76 -1.11
C VAL S 81 60.64 -17.60 -0.77
N VAL S 82 59.68 -16.98 -0.09
CA VAL S 82 58.42 -17.66 0.22
C VAL S 82 57.49 -17.35 -0.94
N GLY S 83 57.63 -18.12 -2.00
CA GLY S 83 56.86 -17.85 -3.20
C GLY S 83 57.47 -18.55 -4.41
N THR S 84 57.21 -17.98 -5.58
CA THR S 84 57.58 -18.58 -6.85
C THR S 84 58.80 -17.89 -7.42
N ILE S 85 59.79 -18.68 -7.82
CA ILE S 85 60.90 -18.19 -8.62
C ILE S 85 60.54 -18.27 -10.08
N THR S 86 60.70 -17.18 -10.78
CA THR S 86 60.33 -17.05 -12.17
C THR S 86 61.59 -16.88 -13.02
N ASP S 87 61.62 -17.57 -14.15
CA ASP S 87 62.69 -17.36 -15.12
C ASP S 87 62.62 -15.97 -15.71
N ASP S 88 63.78 -15.35 -15.90
CA ASP S 88 63.90 -14.09 -16.62
C ASP S 88 64.71 -14.37 -17.88
N VAL S 89 64.09 -14.15 -19.04
CA VAL S 89 64.79 -14.37 -20.31
C VAL S 89 65.66 -13.18 -20.69
N ARG S 90 65.65 -12.12 -19.90
CA ARG S 90 66.51 -10.97 -20.16
C ARG S 90 67.92 -11.17 -19.65
N VAL S 91 68.16 -12.17 -18.80
CA VAL S 91 69.48 -12.47 -18.27
C VAL S 91 70.07 -13.61 -19.08
N GLN S 92 71.38 -13.54 -19.31
CA GLN S 92 72.08 -14.49 -20.18
C GLN S 92 72.87 -15.52 -19.39
N GLU S 93 73.57 -15.11 -18.35
CA GLU S 93 74.44 -15.98 -17.58
C GLU S 93 73.86 -16.15 -16.17
N VAL S 94 73.72 -17.38 -15.73
CA VAL S 94 73.18 -17.71 -14.42
C VAL S 94 74.31 -18.26 -13.58
N PRO S 95 74.61 -17.68 -12.42
CA PRO S 95 75.67 -18.20 -11.56
C PRO S 95 75.20 -19.43 -10.80
N LYS S 96 76.09 -19.97 -9.99
CA LYS S 96 75.77 -21.11 -9.16
C LYS S 96 75.03 -20.64 -7.90
N LEU S 97 73.79 -21.05 -7.75
CA LEU S 97 72.92 -20.54 -6.70
C LEU S 97 72.36 -21.69 -5.87
N LYS S 98 72.33 -21.50 -4.56
CA LYS S 98 71.67 -22.43 -3.64
C LYS S 98 70.41 -21.72 -3.17
N VAL S 99 69.24 -22.22 -3.55
CA VAL S 99 68.01 -21.47 -3.39
C VAL S 99 66.94 -22.37 -2.77
N CYS S 100 66.17 -21.81 -1.84
CA CYS S 100 64.97 -22.43 -1.32
C CYS S 100 63.75 -21.62 -1.75
N ALA S 101 62.75 -22.29 -2.31
CA ALA S 101 61.55 -21.60 -2.77
C ALA S 101 60.34 -22.48 -2.59
N LEU S 102 59.18 -21.83 -2.54
CA LEU S 102 57.93 -22.55 -2.46
C LEU S 102 57.54 -23.15 -3.81
N ARG S 103 57.80 -22.42 -4.89
CA ARG S 103 57.62 -22.91 -6.24
C ARG S 103 58.75 -22.40 -7.11
N VAL S 104 59.15 -23.20 -8.10
CA VAL S 104 60.12 -22.79 -9.10
C VAL S 104 59.56 -23.14 -10.46
N THR S 105 59.56 -22.18 -11.37
CA THR S 105 59.12 -22.42 -12.74
C THR S 105 60.03 -23.46 -13.39
N SER S 106 59.46 -24.25 -14.29
CA SER S 106 60.20 -25.33 -14.92
C SER S 106 61.41 -24.79 -15.69
N ARG S 107 61.24 -23.69 -16.41
CA ARG S 107 62.38 -23.11 -17.12
C ARG S 107 63.38 -22.52 -16.14
N ALA S 108 62.91 -21.85 -15.10
CA ALA S 108 63.82 -21.33 -14.08
C ALA S 108 64.54 -22.45 -13.38
N ARG S 109 63.85 -23.57 -13.13
CA ARG S 109 64.48 -24.71 -12.49
C ARG S 109 65.57 -25.31 -13.38
N SER S 110 65.31 -25.41 -14.68
CA SER S 110 66.29 -25.98 -15.59
C SER S 110 67.53 -25.13 -15.69
N ARG S 111 67.36 -23.80 -15.72
CA ARG S 111 68.51 -22.91 -15.83
C ARG S 111 69.36 -22.93 -14.57
N ILE S 112 68.72 -22.96 -13.41
CA ILE S 112 69.46 -22.98 -12.15
C ILE S 112 70.27 -24.27 -12.04
N LEU S 113 69.65 -25.40 -12.36
CA LEU S 113 70.33 -26.68 -12.24
C LEU S 113 71.41 -26.86 -13.29
N ARG S 114 71.19 -26.34 -14.49
CA ARG S 114 72.22 -26.39 -15.53
C ARG S 114 73.44 -25.58 -15.14
N ALA S 115 73.27 -24.51 -14.39
CA ALA S 115 74.36 -23.68 -13.93
C ALA S 115 75.07 -24.25 -12.72
N GLY S 116 74.78 -25.49 -12.34
CA GLY S 116 75.38 -26.09 -11.18
C GLY S 116 74.75 -25.69 -9.86
N GLY S 117 73.56 -25.11 -9.90
CA GLY S 117 72.90 -24.70 -8.68
C GLY S 117 72.15 -25.82 -8.00
N LYS S 118 71.53 -25.47 -6.87
CA LYS S 118 70.80 -26.41 -6.05
C LYS S 118 69.49 -25.78 -5.63
N ILE S 119 68.42 -26.56 -5.65
CA ILE S 119 67.08 -26.08 -5.34
C ILE S 119 66.55 -26.85 -4.14
N LEU S 120 66.02 -26.14 -3.16
CA LEU S 120 65.52 -26.73 -1.93
C LEU S 120 64.05 -26.37 -1.74
N THR S 121 63.33 -27.28 -1.10
CA THR S 121 62.01 -26.94 -0.58
C THR S 121 62.16 -26.45 0.85
N PHE S 122 61.06 -26.03 1.46
CA PHE S 122 61.15 -25.45 2.80
C PHE S 122 61.32 -26.50 3.88
N ASP S 123 60.98 -27.76 3.60
CA ASP S 123 61.27 -28.82 4.55
C ASP S 123 62.74 -29.19 4.51
N GLN S 124 63.35 -29.14 3.32
CA GLN S 124 64.78 -29.39 3.20
C GLN S 124 65.58 -28.27 3.84
N LEU S 125 65.08 -27.04 3.77
CA LEU S 125 65.77 -25.91 4.36
C LEU S 125 65.80 -26.02 5.89
N ALA S 126 64.71 -26.48 6.48
CA ALA S 126 64.67 -26.66 7.93
C ALA S 126 65.69 -27.68 8.38
N LEU S 127 65.86 -28.76 7.63
CA LEU S 127 66.89 -29.73 7.97
C LEU S 127 68.28 -29.15 7.73
N ASP S 128 68.44 -28.40 6.65
CA ASP S 128 69.74 -27.80 6.34
C ASP S 128 70.09 -26.68 7.31
N SER S 129 69.16 -25.75 7.56
CA SER S 129 69.40 -24.64 8.46
C SER S 129 68.16 -24.42 9.30
N PRO S 130 68.05 -25.11 10.44
CA PRO S 130 66.85 -24.97 11.28
C PRO S 130 66.63 -23.58 11.81
N LYS S 131 67.69 -22.81 12.07
CA LYS S 131 67.55 -21.44 12.51
C LYS S 131 67.61 -20.45 11.36
N GLY S 132 67.76 -20.92 10.12
CA GLY S 132 67.91 -20.02 9.00
C GLY S 132 69.25 -19.33 8.95
N CYS S 133 70.29 -19.94 9.50
CA CYS S 133 71.61 -19.35 9.48
C CYS S 133 72.19 -19.41 8.08
N GLY S 134 72.92 -18.35 7.72
CA GLY S 134 73.52 -18.27 6.41
C GLY S 134 72.52 -18.21 5.27
N THR S 135 71.48 -17.39 5.41
CA THR S 135 70.42 -17.29 4.42
C THR S 135 70.26 -15.84 3.99
N VAL S 136 69.67 -15.65 2.82
CA VAL S 136 69.30 -14.34 2.33
C VAL S 136 67.80 -14.37 2.05
N LEU S 137 67.03 -13.74 2.93
CA LEU S 137 65.58 -13.74 2.80
C LEU S 137 65.17 -12.67 1.80
N LEU S 138 64.69 -13.10 0.64
CA LEU S 138 64.34 -12.19 -0.45
C LEU S 138 62.84 -12.17 -0.65
N SER S 139 62.37 -11.12 -1.29
CA SER S 139 60.96 -10.96 -1.60
C SER S 139 60.83 -10.40 -3.01
N GLY S 140 59.77 -10.81 -3.70
CA GLY S 140 59.46 -10.24 -4.99
C GLY S 140 58.91 -8.85 -4.82
N PRO S 141 58.86 -8.08 -5.90
CA PRO S 141 58.32 -6.72 -5.80
C PRO S 141 56.85 -6.71 -5.42
N ARG S 142 56.56 -6.24 -4.21
CA ARG S 142 55.21 -6.35 -3.69
C ARG S 142 54.24 -5.41 -4.40
N LYS S 143 54.72 -4.26 -4.84
CA LYS S 143 53.88 -3.29 -5.52
C LYS S 143 53.98 -3.39 -7.03
N GLY S 144 54.62 -4.42 -7.55
CA GLY S 144 54.68 -4.63 -8.99
C GLY S 144 53.41 -5.28 -9.50
N ARG S 145 52.32 -4.54 -9.47
CA ARG S 145 51.02 -5.05 -9.89
C ARG S 145 50.26 -3.92 -10.56
N GLU S 146 49.37 -4.29 -11.47
CA GLU S 146 48.63 -3.29 -12.23
C GLU S 146 47.70 -2.48 -11.35
N VAL S 147 47.22 -3.06 -10.25
CA VAL S 147 46.28 -2.36 -9.38
C VAL S 147 46.92 -1.12 -8.77
N TYR S 148 48.22 -1.17 -8.48
CA TYR S 148 48.87 -0.06 -7.80
C TYR S 148 49.04 1.16 -8.69
N ARG S 149 48.87 1.03 -9.99
CA ARG S 149 48.87 2.19 -10.86
C ARG S 149 47.57 2.95 -10.74
N HIS S 150 46.50 2.27 -10.38
CA HIS S 150 45.20 2.89 -10.18
C HIS S 150 45.00 3.41 -8.76
N PHE S 151 45.84 2.98 -7.82
CA PHE S 151 45.71 3.44 -6.45
C PHE S 151 46.41 4.78 -6.28
N GLY S 152 45.96 5.55 -5.29
CA GLY S 152 46.53 6.82 -4.98
C GLY S 152 45.49 7.90 -5.05
N LYS S 153 45.94 9.12 -5.29
CA LYS S 153 45.02 10.24 -5.46
C LYS S 153 44.22 10.05 -6.74
N ALA S 154 43.04 10.65 -6.76
CA ALA S 154 42.17 10.50 -7.91
C ALA S 154 42.79 11.12 -9.15
N PRO S 155 42.53 10.55 -10.33
CA PRO S 155 43.14 11.10 -11.56
C PRO S 155 42.74 12.53 -11.83
N GLY S 156 41.53 12.94 -11.45
CA GLY S 156 41.07 14.28 -11.74
C GLY S 156 41.40 15.26 -10.64
N THR S 157 42.57 15.08 -10.02
CA THR S 157 43.07 15.98 -9.00
C THR S 157 44.46 16.45 -9.40
N PRO S 158 44.85 17.65 -8.99
CA PRO S 158 46.19 18.14 -9.36
C PRO S 158 47.30 17.27 -8.80
N HIS S 159 48.36 17.12 -9.60
CA HIS S 159 49.60 16.45 -9.22
C HIS S 159 49.40 14.97 -8.94
N SER S 160 48.38 14.36 -9.52
CA SER S 160 48.16 12.93 -9.41
C SER S 160 48.43 12.28 -10.76
N HIS S 161 49.20 11.22 -10.75
CA HIS S 161 49.56 10.48 -11.95
C HIS S 161 49.08 9.05 -11.86
N THR S 162 47.85 8.86 -11.41
CA THR S 162 47.28 7.54 -11.26
C THR S 162 46.44 7.18 -12.47
N LYS S 163 46.60 5.96 -12.94
CA LYS S 163 45.96 5.53 -14.17
C LYS S 163 44.45 5.42 -13.95
N PRO S 164 43.63 6.06 -14.77
CA PRO S 164 42.19 5.90 -14.66
C PRO S 164 41.72 4.59 -15.27
N TYR S 165 40.55 4.15 -14.83
CA TYR S 165 39.92 2.95 -15.36
C TYR S 165 39.19 3.33 -16.64
N VAL S 166 39.74 2.94 -17.77
CA VAL S 166 39.15 3.19 -19.08
C VAL S 166 38.97 1.87 -19.80
N ARG S 167 37.84 1.70 -20.48
CA ARG S 167 37.62 0.46 -21.21
C ARG S 167 38.51 0.38 -22.44
N SER S 168 38.88 1.53 -23.00
CA SER S 168 39.73 1.58 -24.18
C SER S 168 40.71 2.73 -24.04
N LYS S 169 41.87 2.60 -24.66
CA LYS S 169 42.86 3.67 -24.72
C LYS S 169 42.89 4.21 -26.14
N GLY S 170 42.66 5.51 -26.27
CA GLY S 170 42.67 6.15 -27.57
C GLY S 170 42.37 7.62 -27.40
N ARG S 171 42.38 8.33 -28.53
CA ARG S 171 42.22 9.77 -28.45
C ARG S 171 40.80 10.18 -28.14
N LYS S 172 39.84 9.28 -28.23
CA LYS S 172 38.45 9.58 -27.91
C LYS S 172 38.08 9.22 -26.47
N PHE S 173 38.95 8.56 -25.74
CA PHE S 173 38.61 7.99 -24.45
C PHE S 173 39.32 8.76 -23.34
N GLU S 174 38.59 9.73 -22.77
CA GLU S 174 39.02 10.49 -21.60
C GLU S 174 40.33 11.24 -21.86
N ARG S 175 40.25 12.16 -22.81
CA ARG S 175 41.39 13.01 -23.13
C ARG S 175 41.04 14.48 -23.33
N ALA S 176 39.77 14.87 -23.24
CA ALA S 176 39.42 16.23 -23.63
C ALA S 176 39.31 17.24 -22.50
N ARG S 177 38.30 17.12 -21.64
CA ARG S 177 37.95 18.18 -20.70
C ARG S 177 38.42 17.80 -19.30
N GLY S 178 39.34 18.59 -18.76
CA GLY S 178 40.07 18.20 -17.58
C GLY S 178 41.39 17.55 -17.89
N ARG S 179 41.77 17.47 -19.15
CA ARG S 179 43.04 16.89 -19.55
C ARG S 179 43.91 17.84 -20.35
N ARG S 180 43.36 18.93 -20.88
CA ARG S 180 44.15 19.91 -21.61
C ARG S 180 43.50 21.26 -21.46
N ALA S 181 44.32 22.30 -21.44
CA ALA S 181 43.82 23.66 -21.20
C ALA S 181 42.92 24.15 -22.32
N SER S 182 42.98 23.55 -23.49
CA SER S 182 42.11 23.96 -24.59
C SER S 182 40.68 23.51 -24.38
N ARG S 183 40.43 22.61 -23.43
CA ARG S 183 39.08 22.15 -23.11
C ARG S 183 38.86 22.37 -21.61
N GLY S 184 38.47 23.57 -21.24
CA GLY S 184 38.16 23.86 -19.85
C GLY S 184 39.36 24.06 -18.96
N TYR S 185 40.06 22.97 -18.63
CA TYR S 185 41.13 23.03 -17.66
C TYR S 185 41.96 21.76 -17.80
N LYS S 186 43.09 21.71 -17.11
CA LYS S 186 43.97 20.56 -17.18
C LYS S 186 44.21 19.89 -15.83
N ASN S 187 44.51 20.68 -14.80
CA ASN S 187 45.11 20.24 -13.51
C ASN S 187 46.01 19.00 -13.55
N SER T 1 -58.93 -36.66 -4.44
CA SER T 1 -57.76 -36.28 -3.66
C SER T 1 -57.38 -34.82 -3.94
N MET T 2 -56.92 -34.56 -5.16
CA MET T 2 -56.58 -33.22 -5.60
C MET T 2 -57.19 -33.02 -6.98
N LEU T 3 -58.23 -32.21 -7.05
CA LEU T 3 -59.11 -32.14 -8.22
C LEU T 3 -58.87 -30.89 -9.05
N ARG T 4 -57.62 -30.46 -9.18
CA ARG T 4 -57.33 -29.30 -10.02
C ARG T 4 -57.57 -29.60 -11.49
N LEU T 5 -57.23 -30.81 -11.94
CA LEU T 5 -57.49 -31.19 -13.33
C LEU T 5 -58.97 -31.24 -13.62
N GLN T 6 -59.75 -31.82 -12.70
CA GLN T 6 -61.17 -32.03 -12.95
C GLN T 6 -61.94 -30.72 -12.99
N LYS T 7 -61.55 -29.75 -12.16
CA LYS T 7 -62.21 -28.45 -12.20
C LYS T 7 -61.90 -27.72 -13.50
N ARG T 8 -60.67 -27.85 -14.00
CA ARG T 8 -60.30 -27.21 -15.25
C ARG T 8 -61.07 -27.79 -16.42
N LEU T 9 -61.17 -29.12 -16.47
CA LEU T 9 -61.88 -29.76 -17.58
C LEU T 9 -63.36 -29.47 -17.54
N ALA T 10 -63.96 -29.47 -16.35
CA ALA T 10 -65.38 -29.20 -16.24
C ALA T 10 -65.70 -27.77 -16.64
N SER T 11 -64.80 -26.84 -16.36
CA SER T 11 -64.97 -25.46 -16.81
C SER T 11 -64.95 -25.37 -18.32
N SER T 12 -64.07 -26.13 -18.97
CA SER T 12 -64.01 -26.12 -20.43
C SER T 12 -65.24 -26.78 -21.04
N VAL T 13 -65.68 -27.90 -20.47
CA VAL T 13 -66.81 -28.62 -21.04
C VAL T 13 -68.10 -27.85 -20.80
N LEU T 14 -68.29 -27.30 -19.60
CA LEU T 14 -69.49 -26.52 -19.30
C LEU T 14 -69.48 -25.15 -19.94
N ARG T 15 -68.36 -24.73 -20.53
CA ARG T 15 -68.22 -23.42 -21.15
C ARG T 15 -68.47 -22.29 -20.16
N CYS T 16 -68.07 -22.48 -18.91
CA CYS T 16 -68.16 -21.47 -17.88
C CYS T 16 -66.77 -21.27 -17.28
N GLY T 17 -66.70 -20.39 -16.29
CA GLY T 17 -65.47 -20.25 -15.54
C GLY T 17 -65.37 -21.27 -14.43
N LYS T 18 -64.20 -21.32 -13.82
CA LYS T 18 -64.02 -22.19 -12.67
C LYS T 18 -64.79 -21.70 -11.45
N LYS T 19 -65.28 -20.46 -11.49
CA LYS T 19 -66.15 -19.96 -10.43
C LYS T 19 -67.42 -20.79 -10.34
N LYS T 20 -68.01 -21.12 -11.48
CA LYS T 20 -69.33 -21.72 -11.56
C LYS T 20 -69.32 -23.23 -11.52
N VAL T 21 -68.16 -23.86 -11.53
CA VAL T 21 -68.08 -25.31 -11.52
C VAL T 21 -68.28 -25.81 -10.10
N TRP T 22 -69.25 -26.68 -9.90
CA TRP T 22 -69.52 -27.29 -8.61
C TRP T 22 -69.20 -28.77 -8.69
N LEU T 23 -68.19 -29.20 -7.94
CA LEU T 23 -67.86 -30.60 -7.79
C LEU T 23 -68.47 -31.12 -6.50
N ASP T 24 -69.01 -32.32 -6.54
CA ASP T 24 -69.67 -32.88 -5.38
C ASP T 24 -68.65 -33.16 -4.29
N PRO T 25 -68.73 -32.52 -3.13
CA PRO T 25 -67.73 -32.73 -2.08
C PRO T 25 -67.76 -34.13 -1.49
N ASN T 26 -68.85 -34.87 -1.67
CA ASN T 26 -68.92 -36.24 -1.18
C ASN T 26 -68.37 -37.24 -2.18
N GLU T 27 -68.58 -37.01 -3.46
CA GLU T 27 -68.08 -37.91 -4.50
C GLU T 27 -66.70 -37.49 -4.99
N THR T 28 -65.77 -37.25 -4.05
CA THR T 28 -64.44 -36.83 -4.43
C THR T 28 -63.68 -37.97 -5.10
N ASN T 29 -63.81 -39.19 -4.57
CA ASN T 29 -63.14 -40.33 -5.20
C ASN T 29 -63.70 -40.60 -6.59
N GLU T 30 -65.02 -40.48 -6.76
CA GLU T 30 -65.62 -40.72 -8.06
C GLU T 30 -65.16 -39.70 -9.09
N ILE T 31 -65.11 -38.42 -8.69
CA ILE T 31 -64.68 -37.38 -9.62
C ILE T 31 -63.19 -37.51 -9.90
N ALA T 32 -62.40 -37.89 -8.90
CA ALA T 32 -60.95 -38.00 -9.08
C ALA T 32 -60.60 -39.04 -10.13
N ASN T 33 -61.49 -40.00 -10.38
CA ASN T 33 -61.26 -41.00 -11.41
C ASN T 33 -61.45 -40.43 -12.81
N ALA T 34 -62.02 -39.23 -12.94
CA ALA T 34 -62.27 -38.65 -14.25
C ALA T 34 -61.01 -37.96 -14.75
N ASN T 35 -60.40 -38.51 -15.79
CA ASN T 35 -59.21 -37.93 -16.38
C ASN T 35 -59.43 -37.47 -17.81
N SER T 36 -60.64 -37.60 -18.34
CA SER T 36 -60.91 -37.24 -19.72
C SER T 36 -62.16 -36.38 -19.76
N ARG T 37 -62.33 -35.70 -20.90
CA ARG T 37 -63.50 -34.84 -21.06
C ARG T 37 -64.76 -35.67 -21.24
N GLN T 38 -64.64 -36.88 -21.79
CA GLN T 38 -65.79 -37.78 -21.83
C GLN T 38 -66.25 -38.16 -20.44
N GLN T 39 -65.31 -38.45 -19.54
CA GLN T 39 -65.68 -38.80 -18.18
C GLN T 39 -66.25 -37.60 -17.44
N ILE T 40 -65.79 -36.39 -17.77
CA ILE T 40 -66.38 -35.19 -17.21
C ILE T 40 -67.82 -35.04 -17.69
N ARG T 41 -68.08 -35.29 -18.97
CA ARG T 41 -69.43 -35.17 -19.50
C ARG T 41 -70.38 -36.15 -18.84
N LYS T 42 -69.91 -37.38 -18.60
CA LYS T 42 -70.74 -38.37 -17.94
C LYS T 42 -71.05 -37.95 -16.50
N LEU T 43 -70.07 -37.34 -15.82
CA LEU T 43 -70.31 -36.84 -14.47
C LEU T 43 -71.26 -35.66 -14.47
N ILE T 44 -71.18 -34.81 -15.49
CA ILE T 44 -72.12 -33.69 -15.60
C ILE T 44 -73.53 -34.22 -15.83
N LYS T 45 -73.66 -35.23 -16.70
CA LYS T 45 -74.98 -35.82 -16.96
C LYS T 45 -75.53 -36.52 -15.73
N ASP T 46 -74.66 -37.18 -14.96
CA ASP T 46 -75.11 -37.89 -13.77
C ASP T 46 -75.44 -36.97 -12.61
N GLY T 47 -74.98 -35.73 -12.64
CA GLY T 47 -75.27 -34.79 -11.59
C GLY T 47 -74.21 -34.64 -10.53
N LEU T 48 -73.03 -35.22 -10.72
CA LEU T 48 -71.94 -35.02 -9.78
C LEU T 48 -71.20 -33.72 -10.04
N ILE T 49 -71.35 -33.14 -11.23
CA ILE T 49 -70.81 -31.83 -11.56
C ILE T 49 -71.97 -30.96 -12.03
N ILE T 50 -72.10 -29.79 -11.41
CA ILE T 50 -73.22 -28.89 -11.65
C ILE T 50 -72.66 -27.52 -12.01
N ARG T 51 -73.30 -26.84 -12.95
CA ARG T 51 -72.97 -25.46 -13.26
C ARG T 51 -73.78 -24.56 -12.33
N LYS T 52 -73.09 -23.80 -11.48
CA LYS T 52 -73.76 -22.92 -10.55
C LYS T 52 -74.37 -21.72 -11.29
N PRO T 53 -75.46 -21.16 -10.76
CA PRO T 53 -76.10 -20.03 -11.44
C PRO T 53 -75.28 -18.75 -11.31
N VAL T 54 -75.55 -17.83 -12.23
CA VAL T 54 -74.92 -16.52 -12.21
C VAL T 54 -75.34 -15.76 -10.97
N THR T 55 -74.38 -15.13 -10.30
CA THR T 55 -74.68 -14.30 -9.13
C THR T 55 -75.63 -13.17 -9.52
N VAL T 56 -76.65 -12.95 -8.70
CA VAL T 56 -77.72 -12.03 -9.05
C VAL T 56 -77.21 -10.59 -8.99
N HIS T 57 -77.40 -9.86 -10.08
CA HIS T 57 -77.16 -8.42 -10.13
C HIS T 57 -78.45 -7.81 -10.68
N SER T 58 -79.35 -7.46 -9.79
CA SER T 58 -80.66 -6.96 -10.18
C SER T 58 -80.57 -5.52 -10.67
N ARG T 59 -81.50 -5.14 -11.53
CA ARG T 59 -81.66 -3.76 -11.98
C ARG T 59 -82.95 -3.15 -11.47
N ALA T 60 -83.62 -3.81 -10.52
CA ALA T 60 -84.89 -3.30 -10.02
C ALA T 60 -84.71 -1.99 -9.28
N ARG T 61 -83.59 -1.83 -8.57
CA ARG T 61 -83.30 -0.57 -7.91
C ARG T 61 -83.10 0.56 -8.93
N CYS T 62 -82.38 0.28 -10.02
CA CYS T 62 -82.18 1.29 -11.04
C CYS T 62 -83.47 1.64 -11.75
N ARG T 63 -84.29 0.63 -12.05
CA ARG T 63 -85.54 0.88 -12.75
C ARG T 63 -86.48 1.73 -11.91
N LYS T 64 -86.52 1.49 -10.59
CA LYS T 64 -87.34 2.31 -9.71
C LYS T 64 -86.85 3.75 -9.70
N ASN T 65 -85.53 3.95 -9.64
CA ASN T 65 -84.99 5.30 -9.64
C ASN T 65 -85.14 5.96 -11.00
N THR T 66 -85.07 5.18 -12.09
CA THR T 66 -85.31 5.74 -13.41
C THR T 66 -86.73 6.25 -13.56
N LEU T 67 -87.70 5.49 -13.03
CA LEU T 67 -89.09 5.93 -13.09
C LEU T 67 -89.30 7.22 -12.32
N ALA T 68 -88.61 7.38 -11.19
CA ALA T 68 -88.67 8.62 -10.45
C ALA T 68 -88.07 9.78 -11.25
N ARG T 69 -86.95 9.51 -11.92
CA ARG T 69 -86.30 10.58 -12.69
C ARG T 69 -87.13 11.00 -13.89
N ARG T 70 -87.98 10.11 -14.41
CA ARG T 70 -88.91 10.51 -15.47
C ARG T 70 -89.89 11.56 -14.95
N LYS T 71 -90.37 11.38 -13.71
CA LYS T 71 -91.29 12.34 -13.14
C LYS T 71 -90.60 13.61 -12.70
N GLY T 72 -89.27 13.61 -12.61
CA GLY T 72 -88.52 14.80 -12.25
C GLY T 72 -87.72 14.69 -10.96
N ARG T 73 -87.78 13.56 -10.26
CA ARG T 73 -87.05 13.44 -9.00
C ARG T 73 -85.56 13.30 -9.26
N HIS T 74 -84.78 13.67 -8.25
CA HIS T 74 -83.32 13.53 -8.24
C HIS T 74 -82.65 14.28 -9.37
N MET T 75 -83.29 15.30 -9.94
CA MET T 75 -82.66 16.13 -10.95
C MET T 75 -82.15 17.44 -10.36
N GLY T 76 -83.04 18.25 -9.82
CA GLY T 76 -82.71 19.36 -8.94
C GLY T 76 -81.58 20.27 -9.37
N ILE T 77 -80.92 20.89 -8.39
CA ILE T 77 -79.73 21.68 -8.63
C ILE T 77 -78.51 21.06 -7.97
N GLY T 78 -78.69 20.48 -6.79
CA GLY T 78 -77.66 19.75 -6.10
C GLY T 78 -77.45 18.35 -6.60
N LYS T 79 -78.11 17.94 -7.68
CA LYS T 79 -77.87 16.66 -8.29
C LYS T 79 -77.19 16.77 -9.64
N ARG T 80 -76.79 17.98 -10.04
CA ARG T 80 -76.17 18.22 -11.33
C ARG T 80 -74.68 18.44 -11.11
N LYS T 81 -73.86 17.64 -11.77
CA LYS T 81 -72.42 17.78 -11.68
C LYS T 81 -71.79 18.30 -12.95
N GLY T 82 -72.42 18.07 -14.09
CA GLY T 82 -71.91 18.58 -15.33
C GLY T 82 -72.55 19.87 -15.74
N THR T 83 -71.89 20.55 -16.67
CA THR T 83 -72.41 21.80 -17.21
C THR T 83 -73.71 21.54 -17.96
N ALA T 84 -74.56 22.56 -18.04
CA ALA T 84 -75.80 22.45 -18.80
C ALA T 84 -75.54 22.04 -20.23
N ASN T 85 -74.44 22.52 -20.82
CA ASN T 85 -74.06 22.11 -22.16
C ASN T 85 -73.51 20.69 -22.18
N ALA T 86 -72.90 20.25 -21.09
CA ALA T 86 -72.42 18.86 -21.04
C ALA T 86 -73.58 17.90 -20.80
N ARG T 87 -74.65 18.36 -20.14
CA ARG T 87 -75.80 17.50 -19.91
C ARG T 87 -76.70 17.44 -21.13
N MET T 88 -76.95 18.59 -21.75
CA MET T 88 -77.78 18.68 -22.95
C MET T 88 -77.13 19.69 -23.89
N PRO T 89 -76.35 19.23 -24.87
CA PRO T 89 -75.59 20.15 -25.71
C PRO T 89 -76.47 21.11 -26.49
N GLU T 90 -75.98 22.34 -26.64
CA GLU T 90 -76.73 23.34 -27.39
C GLU T 90 -76.75 23.03 -28.87
N LYS T 91 -75.68 22.45 -29.39
CA LYS T 91 -75.65 22.08 -30.81
C LYS T 91 -76.66 21.01 -31.12
N VAL T 92 -76.82 20.03 -30.23
CA VAL T 92 -77.83 18.99 -30.43
C VAL T 92 -79.23 19.59 -30.33
N THR T 93 -79.43 20.51 -29.38
CA THR T 93 -80.73 21.17 -29.26
C THR T 93 -81.03 21.98 -30.51
N TRP T 94 -80.03 22.63 -31.09
CA TRP T 94 -80.24 23.40 -32.31
C TRP T 94 -80.55 22.50 -33.49
N MET T 95 -79.89 21.34 -33.58
CA MET T 95 -80.19 20.41 -34.66
C MET T 95 -81.61 19.92 -34.61
N ARG T 96 -82.08 19.53 -33.43
CA ARG T 96 -83.44 19.05 -33.29
C ARG T 96 -84.43 20.13 -33.68
N ARG T 97 -84.18 21.35 -33.24
CA ARG T 97 -85.07 22.45 -33.58
C ARG T 97 -85.06 22.74 -35.08
N MET T 98 -83.87 22.75 -35.69
CA MET T 98 -83.80 22.98 -37.12
C MET T 98 -84.46 21.88 -37.92
N ARG T 99 -84.24 20.63 -37.52
CA ARG T 99 -84.84 19.52 -38.25
C ARG T 99 -86.35 19.49 -38.09
N ILE T 100 -86.86 19.80 -36.90
CA ILE T 100 -88.30 19.83 -36.69
C ILE T 100 -88.94 20.96 -37.49
N LEU T 101 -88.32 22.14 -37.46
CA LEU T 101 -88.93 23.31 -38.08
C LEU T 101 -88.81 23.26 -39.60
N ARG T 102 -87.67 22.80 -40.12
CA ARG T 102 -87.53 22.67 -41.56
C ARG T 102 -88.45 21.61 -42.12
N ARG T 103 -88.66 20.52 -41.37
CA ARG T 103 -89.61 19.50 -41.79
C ARG T 103 -91.03 20.06 -41.85
N LEU T 104 -91.41 20.87 -40.87
CA LEU T 104 -92.73 21.47 -40.88
C LEU T 104 -92.91 22.40 -42.06
N LEU T 105 -91.90 23.22 -42.36
CA LEU T 105 -92.00 24.14 -43.48
C LEU T 105 -92.09 23.40 -44.80
N ARG T 106 -91.35 22.30 -44.94
CA ARG T 106 -91.45 21.48 -46.15
C ARG T 106 -92.84 20.89 -46.29
N ARG T 107 -93.38 20.32 -45.21
CA ARG T 107 -94.70 19.71 -45.29
C ARG T 107 -95.79 20.73 -45.57
N TYR T 108 -95.59 21.97 -45.12
CA TYR T 108 -96.55 23.02 -45.43
C TYR T 108 -96.45 23.44 -46.89
N ARG T 109 -95.26 23.36 -47.47
CA ARG T 109 -95.09 23.78 -48.85
C ARG T 109 -95.68 22.76 -49.81
N GLU T 110 -95.49 21.46 -49.54
CA GLU T 110 -96.05 20.43 -50.40
C GLU T 110 -97.51 20.14 -50.11
N SER T 111 -98.09 20.73 -49.07
CA SER T 111 -99.53 20.67 -48.85
C SER T 111 -100.23 21.95 -49.25
N LYS T 112 -99.52 22.86 -49.93
CA LYS T 112 -100.06 24.10 -50.48
C LYS T 112 -100.60 25.05 -49.42
N LYS T 113 -100.16 24.93 -48.17
CA LYS T 113 -100.51 25.95 -47.20
C LYS T 113 -99.70 27.22 -47.42
N ILE T 114 -98.44 27.08 -47.84
CA ILE T 114 -97.58 28.21 -48.16
C ILE T 114 -96.95 27.95 -49.53
N ASP T 115 -96.57 29.03 -50.19
CA ASP T 115 -95.98 28.95 -51.52
C ASP T 115 -94.46 28.88 -51.40
N ARG T 116 -93.79 28.96 -52.56
CA ARG T 116 -92.33 28.96 -52.57
C ARG T 116 -91.76 30.18 -51.86
N HIS T 117 -92.39 31.34 -52.08
CA HIS T 117 -91.81 32.59 -51.61
C HIS T 117 -92.03 32.77 -50.11
N MET T 118 -93.17 32.33 -49.59
CA MET T 118 -93.35 32.36 -48.15
C MET T 118 -92.49 31.32 -47.46
N TYR T 119 -92.31 30.16 -48.10
CA TYR T 119 -91.42 29.14 -47.55
C TYR T 119 -89.99 29.67 -47.47
N HIS T 120 -89.52 30.33 -48.51
CA HIS T 120 -88.11 30.75 -48.54
C HIS T 120 -87.86 31.89 -47.56
N SER T 121 -88.85 32.74 -47.33
CA SER T 121 -88.72 33.76 -46.29
C SER T 121 -88.64 33.12 -44.92
N LEU T 122 -89.52 32.16 -44.66
CA LEU T 122 -89.57 31.53 -43.34
C LEU T 122 -88.39 30.61 -43.10
N TYR T 123 -87.87 30.00 -44.17
CA TYR T 123 -86.68 29.17 -44.02
C TYR T 123 -85.50 30.00 -43.55
N LEU T 124 -85.35 31.21 -44.09
CA LEU T 124 -84.29 32.08 -43.63
C LEU T 124 -84.56 32.62 -42.24
N LYS T 125 -85.84 32.68 -41.85
CA LYS T 125 -86.17 33.19 -40.52
C LYS T 125 -85.95 32.14 -39.43
N VAL T 126 -86.27 30.87 -39.71
CA VAL T 126 -86.02 29.85 -38.70
C VAL T 126 -84.52 29.68 -38.51
N LYS T 127 -83.75 29.79 -39.58
CA LYS T 127 -82.30 29.77 -39.46
C LYS T 127 -81.80 30.98 -38.70
N GLY T 128 -82.53 32.09 -38.74
CA GLY T 128 -82.20 33.28 -37.99
C GLY T 128 -82.64 33.28 -36.56
N ASN T 129 -83.22 32.17 -36.09
CA ASN T 129 -83.60 31.97 -34.70
C ASN T 129 -84.64 33.00 -34.26
N VAL T 130 -85.80 33.00 -34.91
CA VAL T 130 -86.91 33.84 -34.49
C VAL T 130 -88.11 33.02 -34.03
N PHE T 131 -88.12 31.72 -34.27
CA PHE T 131 -89.16 30.83 -33.78
C PHE T 131 -88.53 29.78 -32.88
N LYS T 132 -89.11 29.59 -31.69
CA LYS T 132 -88.51 28.72 -30.69
C LYS T 132 -88.98 27.27 -30.80
N ASN T 133 -90.13 27.02 -31.40
CA ASN T 133 -90.62 25.65 -31.48
C ASN T 133 -91.65 25.55 -32.59
N LYS T 134 -92.27 24.37 -32.69
CA LYS T 134 -93.18 24.08 -33.79
C LYS T 134 -94.44 24.93 -33.72
N ARG T 135 -94.97 25.16 -32.52
CA ARG T 135 -96.23 25.88 -32.40
C ARG T 135 -96.06 27.36 -32.73
N ILE T 136 -94.95 27.96 -32.33
CA ILE T 136 -94.73 29.38 -32.57
C ILE T 136 -94.60 29.66 -34.07
N LEU T 137 -93.84 28.82 -34.77
CA LEU T 137 -93.76 28.95 -36.22
C LEU T 137 -95.11 28.74 -36.88
N MET T 138 -95.87 27.75 -36.40
CA MET T 138 -97.18 27.47 -36.97
C MET T 138 -98.14 28.63 -36.76
N GLU T 139 -98.11 29.25 -35.58
CA GLU T 139 -98.98 30.40 -35.32
C GLU T 139 -98.60 31.59 -36.18
N HIS T 140 -97.29 31.82 -36.37
CA HIS T 140 -96.85 32.91 -37.23
C HIS T 140 -97.28 32.70 -38.67
N ILE T 141 -97.34 31.44 -39.11
CA ILE T 141 -97.83 31.13 -40.44
C ILE T 141 -99.30 31.51 -40.57
N HIS T 142 -100.09 31.21 -39.54
CA HIS T 142 -101.51 31.52 -39.57
C HIS T 142 -101.75 33.02 -39.62
N LYS T 143 -100.97 33.78 -38.85
CA LYS T 143 -101.12 35.23 -38.86
C LYS T 143 -100.72 35.82 -40.21
N LEU T 144 -99.68 35.28 -40.82
CA LEU T 144 -99.30 35.72 -42.16
C LEU T 144 -100.39 35.41 -43.17
N LYS T 145 -101.00 34.23 -43.06
CA LYS T 145 -102.03 33.83 -44.02
C LYS T 145 -103.27 34.71 -43.88
N ALA T 146 -103.64 35.07 -42.66
CA ALA T 146 -104.81 35.92 -42.47
C ALA T 146 -104.59 37.30 -43.07
N ASP T 147 -103.41 37.87 -42.87
CA ASP T 147 -103.10 39.16 -43.48
C ASP T 147 -103.01 39.05 -44.99
N LYS T 148 -102.42 37.96 -45.48
CA LYS T 148 -102.34 37.74 -46.92
C LYS T 148 -103.73 37.54 -47.52
N ALA T 149 -104.59 36.82 -46.81
CA ALA T 149 -105.96 36.65 -47.28
C ALA T 149 -106.71 37.97 -47.29
N ARG T 150 -106.55 38.78 -46.24
CA ARG T 150 -107.21 40.08 -46.19
C ARG T 150 -106.68 41.01 -47.27
N LYS T 151 -105.37 41.00 -47.49
CA LYS T 151 -104.77 41.87 -48.49
C LYS T 151 -105.28 41.53 -49.89
N LYS T 152 -105.44 40.24 -50.18
CA LYS T 152 -106.00 39.81 -51.45
C LYS T 152 -107.53 39.86 -51.39
N LYS U 1 30.70 26.67 52.09
CA LYS U 1 31.16 26.11 53.34
C LYS U 1 29.99 25.56 54.14
N ALA U 2 30.04 24.26 54.44
CA ALA U 2 29.05 23.63 55.31
C ALA U 2 29.48 23.78 56.75
N SER U 3 28.88 23.02 57.66
CA SER U 3 29.17 23.19 59.08
C SER U 3 29.10 21.84 59.78
N GLY U 4 28.98 21.87 61.10
CA GLY U 4 29.14 20.73 61.99
C GLY U 4 29.19 21.30 63.39
N THR U 5 30.22 20.99 64.16
CA THR U 5 30.61 21.79 65.32
C THR U 5 31.90 22.50 64.94
N LEU U 6 31.82 23.82 64.76
CA LEU U 6 32.95 24.58 64.27
C LEU U 6 34.08 24.59 65.29
N ARG U 7 35.30 24.74 64.77
CA ARG U 7 36.49 24.89 65.59
C ARG U 7 37.19 26.18 65.20
N GLU U 8 37.83 26.81 66.19
CA GLU U 8 38.59 28.01 65.93
C GLU U 8 40.00 27.64 65.49
N TYR U 9 40.46 28.28 64.43
CA TYR U 9 41.80 28.04 63.91
C TYR U 9 42.56 29.36 63.88
N LYS U 10 43.82 29.32 64.27
CA LYS U 10 44.72 30.45 64.10
C LYS U 10 45.57 30.20 62.87
N VAL U 11 45.23 30.86 61.77
CA VAL U 11 45.91 30.67 60.50
C VAL U 11 46.80 31.87 60.28
N VAL U 12 48.08 31.61 60.00
CA VAL U 12 49.06 32.66 59.74
C VAL U 12 49.64 32.42 58.36
N GLY U 13 49.67 33.47 57.55
CA GLY U 13 50.17 33.37 56.19
C GLY U 13 50.99 34.58 55.81
N ARG U 14 51.63 34.48 54.65
CA ARG U 14 52.42 35.58 54.11
C ARG U 14 52.58 35.37 52.61
N CYS U 15 52.99 36.41 51.92
CA CYS U 15 53.36 36.26 50.52
C CYS U 15 54.64 35.46 50.41
N LEU U 16 54.86 34.89 49.23
CA LEU U 16 56.14 34.27 48.99
C LEU U 16 57.20 35.34 48.80
N PRO U 17 58.40 35.14 49.35
CA PRO U 17 59.46 36.14 49.20
C PRO U 17 59.80 36.37 47.73
N THR U 18 60.00 37.63 47.39
CA THR U 18 60.26 38.07 46.02
C THR U 18 61.44 39.02 46.03
N PRO U 19 62.09 39.24 44.88
CA PRO U 19 63.17 40.22 44.83
C PRO U 19 62.67 41.66 44.80
N LYS U 20 61.67 41.95 45.62
CA LYS U 20 61.17 43.26 45.95
C LYS U 20 61.08 43.45 47.46
N CYS U 21 60.69 42.41 48.19
CA CYS U 21 60.77 42.36 49.64
C CYS U 21 61.06 40.92 50.03
N HIS U 22 62.21 40.71 50.68
CA HIS U 22 62.64 39.36 51.00
C HIS U 22 61.89 38.77 52.18
N THR U 23 61.40 39.61 53.10
CA THR U 23 60.59 39.17 54.23
C THR U 23 59.26 39.92 54.16
N PRO U 24 58.28 39.37 53.45
CA PRO U 24 56.97 40.01 53.42
C PRO U 24 56.30 39.87 54.77
N PRO U 25 55.33 40.74 55.07
CA PRO U 25 54.71 40.70 56.40
C PRO U 25 53.90 39.43 56.63
N LEU U 26 53.77 39.08 57.90
CA LEU U 26 52.98 37.94 58.31
C LEU U 26 51.61 38.41 58.77
N TYR U 27 50.57 37.69 58.37
CA TYR U 27 49.20 38.07 58.69
C TYR U 27 48.50 36.92 59.38
N ARG U 28 47.69 37.24 60.37
CA ARG U 28 47.04 36.24 61.20
C ARG U 28 45.53 36.47 61.22
N MET U 29 44.77 35.38 61.14
CA MET U 29 43.32 35.47 61.24
C MET U 29 42.78 34.37 62.13
N ARG U 30 41.62 34.62 62.70
CA ARG U 30 40.85 33.60 63.40
C ARG U 30 39.78 33.08 62.46
N ILE U 31 39.79 31.78 62.21
CA ILE U 31 38.87 31.14 61.27
C ILE U 31 38.07 30.09 62.03
N PHE U 32 36.76 30.12 61.88
CA PHE U 32 35.87 29.13 62.46
C PHE U 32 35.40 28.22 61.35
N ALA U 33 35.92 27.01 61.32
CA ALA U 33 35.72 26.09 60.20
C ALA U 33 35.49 24.69 60.73
N PRO U 34 34.85 23.82 59.95
CA PRO U 34 34.74 22.41 60.37
C PRO U 34 36.08 21.72 60.54
N ASN U 35 37.06 22.03 59.70
CA ASN U 35 38.35 21.35 59.75
C ASN U 35 39.42 22.28 59.19
N HIS U 36 40.67 21.83 59.26
CA HIS U 36 41.79 22.68 58.89
C HIS U 36 41.88 22.90 57.39
N VAL U 37 41.35 21.97 56.59
CA VAL U 37 41.38 22.16 55.14
C VAL U 37 40.46 23.30 54.74
N VAL U 38 39.27 23.34 55.34
CA VAL U 38 38.36 24.45 55.10
C VAL U 38 38.93 25.74 55.68
N ALA U 39 39.61 25.64 56.82
CA ALA U 39 40.17 26.82 57.47
C ALA U 39 41.22 27.49 56.59
N LYS U 40 42.09 26.69 55.97
CA LYS U 40 43.08 27.26 55.06
C LYS U 40 42.40 27.85 53.82
N SER U 41 41.32 27.24 53.37
CA SER U 41 40.58 27.78 52.24
C SER U 41 39.89 29.09 52.59
N ARG U 42 39.35 29.19 53.80
CA ARG U 42 38.69 30.44 54.19
C ARG U 42 39.70 31.53 54.48
N PHE U 43 40.91 31.17 54.91
CA PHE U 43 41.94 32.18 55.14
C PHE U 43 42.31 32.87 53.85
N TRP U 44 42.44 32.11 52.77
CA TRP U 44 42.79 32.71 51.49
C TRP U 44 41.65 33.55 50.94
N TYR U 45 40.41 33.21 51.32
CA TYR U 45 39.26 33.98 50.85
C TYR U 45 39.25 35.37 51.44
N PHE U 46 39.74 35.50 52.68
CA PHE U 46 39.67 36.78 53.37
C PHE U 46 40.88 37.65 53.08
N VAL U 47 42.08 37.06 53.09
CA VAL U 47 43.27 37.87 52.85
C VAL U 47 43.36 38.28 51.39
N SER U 48 42.67 37.57 50.51
CA SER U 48 42.55 38.04 49.14
C SER U 48 41.64 39.26 49.05
N GLN U 49 40.68 39.35 49.97
CA GLN U 49 39.79 40.52 50.01
C GLN U 49 40.49 41.72 50.63
N LEU U 50 41.29 41.48 51.67
CA LEU U 50 41.88 42.59 52.43
C LEU U 50 43.20 43.02 51.80
N LYS U 51 44.13 42.09 51.66
CA LYS U 51 45.40 42.36 51.02
C LYS U 51 45.34 41.85 49.58
N LYS U 52 46.39 42.11 48.81
CA LYS U 52 46.45 41.61 47.45
C LYS U 52 47.29 40.32 47.44
N MET U 53 46.71 39.28 48.02
CA MET U 53 47.36 37.98 48.12
C MET U 53 46.54 36.91 47.42
N LYS U 54 47.24 35.88 46.98
CA LYS U 54 46.62 34.71 46.39
C LYS U 54 47.27 33.47 46.97
N LYS U 55 46.54 32.36 46.94
CA LYS U 55 47.07 31.10 47.40
C LYS U 55 48.32 30.71 46.60
N SER U 56 48.35 31.06 45.32
CA SER U 56 49.49 30.71 44.48
C SER U 56 50.69 31.61 44.80
N SER U 57 50.45 32.88 45.09
CA SER U 57 51.52 33.82 45.34
C SER U 57 51.94 33.89 46.80
N GLY U 58 51.25 33.18 47.69
CA GLY U 58 51.59 33.19 49.10
C GLY U 58 51.66 31.78 49.65
N GLU U 59 51.88 31.70 50.95
CA GLU U 59 51.94 30.44 51.65
C GLU U 59 51.40 30.60 53.06
N ILE U 60 50.93 29.49 53.63
CA ILE U 60 50.42 29.46 54.99
C ILE U 60 51.51 28.86 55.87
N VAL U 61 51.92 29.61 56.88
CA VAL U 61 53.04 29.19 57.71
C VAL U 61 52.59 28.50 59.00
N TYR U 62 51.34 28.69 59.41
CA TYR U 62 50.82 28.04 60.60
C TYR U 62 49.31 27.92 60.48
N CYS U 63 48.79 26.77 60.90
CA CYS U 63 47.35 26.57 61.00
C CYS U 63 47.12 25.59 62.15
N GLY U 64 46.84 26.11 63.33
CA GLY U 64 46.58 25.29 64.48
C GLY U 64 45.27 25.65 65.12
N GLN U 65 44.65 24.66 65.75
CA GLN U 65 43.39 24.89 66.43
C GLN U 65 43.62 25.69 67.70
N VAL U 66 42.73 26.64 67.96
CA VAL U 66 42.76 27.45 69.18
C VAL U 66 41.80 26.82 70.16
N PHE U 67 42.33 26.23 71.22
CA PHE U 67 41.49 25.66 72.26
C PHE U 67 40.90 26.76 73.13
N GLU U 68 39.71 26.52 73.64
CA GLU U 68 39.10 27.46 74.56
C GLU U 68 39.86 27.49 75.87
N LYS U 69 40.19 28.68 76.34
CA LYS U 69 41.01 28.82 77.53
C LYS U 69 40.23 28.74 78.82
N SER U 70 38.90 28.74 78.76
CA SER U 70 38.06 28.53 79.94
C SER U 70 36.77 27.87 79.50
N PRO U 71 36.84 26.58 79.11
CA PRO U 71 35.63 25.88 78.67
C PRO U 71 34.69 25.49 79.79
N LEU U 72 35.03 25.76 81.04
CA LEU U 72 34.21 25.42 82.19
C LEU U 72 33.45 26.62 82.73
N ARG U 73 33.45 27.73 82.01
CA ARG U 73 32.89 28.98 82.50
C ARG U 73 31.86 29.51 81.51
N VAL U 74 30.65 29.75 81.98
CA VAL U 74 29.63 30.36 81.14
C VAL U 74 29.97 31.83 80.93
N LYS U 75 29.93 32.27 79.68
CA LYS U 75 30.30 33.64 79.37
C LYS U 75 29.48 34.13 78.19
N ASN U 76 29.50 35.44 77.99
CA ASN U 76 28.66 36.11 77.01
C ASN U 76 29.50 36.48 75.81
N PHE U 77 29.06 36.07 74.63
CA PHE U 77 29.80 36.30 73.39
C PHE U 77 29.04 37.27 72.51
N GLY U 78 29.71 38.36 72.13
CA GLY U 78 29.19 39.27 71.12
C GLY U 78 29.88 38.99 69.80
N ILE U 79 29.07 38.87 68.75
CA ILE U 79 29.58 38.54 67.42
C ILE U 79 29.17 39.62 66.45
N TRP U 80 30.14 40.24 65.81
CA TRP U 80 29.90 41.16 64.72
C TRP U 80 30.06 40.42 63.41
N LEU U 81 29.09 40.56 62.51
CA LEU U 81 29.14 39.84 61.25
C LEU U 81 28.51 40.68 60.16
N ARG U 82 28.69 40.24 58.92
CA ARG U 82 27.94 40.75 57.79
C ARG U 82 27.47 39.57 56.96
N TYR U 83 26.30 39.72 56.35
CA TYR U 83 25.80 38.65 55.51
C TYR U 83 25.06 39.27 54.33
N ASP U 84 24.89 38.46 53.29
CA ASP U 84 24.12 38.86 52.12
C ASP U 84 22.72 38.30 52.26
N SER U 85 21.72 39.19 52.23
CA SER U 85 20.33 38.75 52.20
C SER U 85 19.94 38.52 50.75
N ARG U 86 18.64 38.33 50.51
CA ARG U 86 18.18 38.22 49.13
C ARG U 86 18.20 39.54 48.41
N SER U 87 18.33 40.66 49.14
CA SER U 87 18.25 41.97 48.52
C SER U 87 19.26 42.94 49.10
N GLY U 88 20.43 42.46 49.51
CA GLY U 88 21.46 43.37 49.97
C GLY U 88 22.34 42.73 51.01
N THR U 89 23.24 43.56 51.56
CA THR U 89 24.21 43.15 52.56
C THR U 89 23.98 43.96 53.83
N HIS U 90 24.05 43.30 54.97
CA HIS U 90 23.74 43.92 56.25
C HIS U 90 24.79 43.56 57.29
N ASN U 91 25.02 44.48 58.22
CA ASN U 91 25.89 44.24 59.36
C ASN U 91 25.03 43.93 60.57
N MET U 92 25.39 42.90 61.30
CA MET U 92 24.62 42.44 62.45
C MET U 92 25.54 42.29 63.65
N TYR U 93 25.00 42.62 64.82
CA TYR U 93 25.64 42.30 66.09
C TYR U 93 24.72 41.37 66.84
N ARG U 94 25.23 40.18 67.19
CA ARG U 94 24.44 39.16 67.84
C ARG U 94 25.13 38.71 69.12
N GLU U 95 24.33 38.23 70.07
CA GLU U 95 24.85 37.81 71.35
C GLU U 95 24.44 36.38 71.64
N TYR U 96 25.34 35.62 72.23
CA TYR U 96 25.09 34.23 72.58
C TYR U 96 25.78 33.92 73.89
N ARG U 97 25.23 32.95 74.60
CA ARG U 97 25.81 32.43 75.83
C ARG U 97 26.29 31.02 75.58
N ASP U 98 27.56 30.76 75.84
CA ASP U 98 28.09 29.42 75.66
C ASP U 98 29.38 29.29 76.46
N LEU U 99 29.82 28.05 76.61
CA LEU U 99 31.08 27.78 77.29
C LEU U 99 32.29 28.04 76.40
N THR U 100 32.19 27.76 75.11
CA THR U 100 33.32 27.87 74.21
C THR U 100 33.05 28.95 73.17
N THR U 101 34.14 29.55 72.68
CA THR U 101 34.01 30.56 71.63
C THR U 101 33.46 29.96 70.35
N ALA U 102 33.98 28.80 69.95
CA ALA U 102 33.57 28.20 68.70
C ALA U 102 32.14 27.68 68.78
N GLY U 103 31.70 27.28 69.97
CA GLY U 103 30.32 26.90 70.14
C GLY U 103 29.36 28.05 69.94
N ALA U 104 29.74 29.24 70.42
CA ALA U 104 28.91 30.42 70.21
C ALA U 104 28.84 30.79 68.74
N VAL U 105 29.96 30.65 68.03
CA VAL U 105 29.95 30.92 66.59
C VAL U 105 29.11 29.87 65.86
N THR U 106 29.15 28.63 66.33
CA THR U 106 28.28 27.60 65.78
C THR U 106 26.82 27.94 66.05
N GLN U 107 26.53 28.45 67.25
CA GLN U 107 25.18 28.91 67.56
C GLN U 107 24.74 30.00 66.61
N CYS U 108 25.66 30.88 66.24
CA CYS U 108 25.31 31.98 65.34
C CYS U 108 24.96 31.47 63.95
N TYR U 109 25.70 30.49 63.44
CA TYR U 109 25.45 29.99 62.10
C TYR U 109 24.10 29.30 62.03
N ARG U 110 23.73 28.58 63.09
CA ARG U 110 22.39 27.98 63.13
C ARG U 110 21.32 29.06 63.25
N ASP U 111 21.58 30.07 64.08
CA ASP U 111 20.59 31.11 64.29
C ASP U 111 20.40 31.99 63.06
N MET U 112 21.48 32.25 62.33
CA MET U 112 21.34 33.01 61.09
C MET U 112 20.62 32.20 60.03
N GLY U 113 20.79 30.89 60.04
CA GLY U 113 20.01 30.05 59.16
C GLY U 113 18.54 30.00 59.54
N ALA U 114 18.26 29.97 60.85
CA ALA U 114 16.89 29.85 61.32
C ALA U 114 16.11 31.15 61.16
N ARG U 115 16.72 32.29 61.44
CA ARG U 115 15.99 33.53 61.49
C ARG U 115 16.05 34.33 60.20
N HIS U 116 17.06 34.10 59.38
CA HIS U 116 17.29 34.92 58.20
C HIS U 116 17.51 34.11 56.94
N ARG U 117 17.42 32.78 57.04
CA ARG U 117 17.61 31.88 55.89
C ARG U 117 18.95 32.10 55.24
N ALA U 118 19.95 32.47 56.04
CA ALA U 118 21.26 32.81 55.54
C ALA U 118 22.15 31.57 55.56
N ARG U 119 22.59 31.16 54.38
CA ARG U 119 23.49 30.03 54.29
C ARG U 119 24.91 30.47 54.67
N ALA U 120 25.71 29.49 55.08
CA ALA U 120 27.01 29.80 55.67
C ALA U 120 27.96 30.47 54.69
N HIS U 121 27.77 30.29 53.38
CA HIS U 121 28.62 30.98 52.43
C HIS U 121 28.32 32.47 52.34
N SER U 122 27.18 32.90 52.85
CA SER U 122 26.81 34.32 52.83
C SER U 122 27.34 35.09 54.03
N ILE U 123 27.78 34.40 55.08
CA ILE U 123 28.08 35.02 56.36
C ILE U 123 29.57 35.23 56.48
N GLN U 124 29.96 36.43 56.89
CA GLN U 124 31.35 36.78 57.18
C GLN U 124 31.45 37.16 58.64
N ILE U 125 32.06 36.30 59.45
CA ILE U 125 32.27 36.60 60.86
C ILE U 125 33.49 37.50 60.96
N MET U 126 33.29 38.74 61.41
CA MET U 126 34.40 39.69 61.43
C MET U 126 34.92 39.99 62.82
N LYS U 127 34.17 39.68 63.87
CA LYS U 127 34.68 39.87 65.23
C LYS U 127 33.88 39.02 66.19
N VAL U 128 34.58 38.27 67.02
CA VAL U 128 34.00 37.53 68.13
C VAL U 128 34.68 37.99 69.40
N GLU U 129 33.90 38.31 70.42
CA GLU U 129 34.46 38.91 71.62
C GLU U 129 33.63 38.51 72.83
N GLU U 130 34.30 38.10 73.89
CA GLU U 130 33.62 37.87 75.15
C GLU U 130 33.31 39.21 75.81
N ILE U 131 32.07 39.37 76.26
CA ILE U 131 31.60 40.63 76.81
C ILE U 131 31.09 40.41 78.23
N ALA U 132 31.15 41.46 79.03
CA ALA U 132 30.66 41.38 80.39
C ALA U 132 29.13 41.39 80.41
N ALA U 133 28.58 40.86 81.51
CA ALA U 133 27.13 40.77 81.62
C ALA U 133 26.45 42.12 81.66
N SER U 134 27.14 43.16 82.12
CA SER U 134 26.60 44.51 82.12
C SER U 134 26.70 45.18 80.77
N LYS U 135 27.47 44.62 79.83
CA LYS U 135 27.62 45.17 78.50
C LYS U 135 26.75 44.48 77.47
N CYS U 136 25.94 43.50 77.87
CA CYS U 136 25.07 42.82 76.94
C CYS U 136 23.90 43.70 76.56
N ARG U 137 23.42 43.53 75.32
CA ARG U 137 22.33 44.33 74.80
C ARG U 137 21.09 43.54 74.45
N ARG U 138 21.19 42.22 74.34
CA ARG U 138 20.05 41.40 73.92
C ARG U 138 19.30 40.91 75.14
N PRO U 139 18.00 41.19 75.25
CA PRO U 139 17.25 40.75 76.44
C PRO U 139 17.21 39.25 76.63
N ALA U 140 17.26 38.47 75.55
CA ALA U 140 17.29 37.03 75.67
C ALA U 140 18.57 36.54 76.35
N VAL U 141 19.64 37.31 76.26
CA VAL U 141 20.87 36.98 76.96
C VAL U 141 20.90 37.59 78.36
N LYS U 142 20.31 38.78 78.52
CA LYS U 142 20.40 39.47 79.80
C LYS U 142 19.52 38.82 80.87
N GLN U 143 18.48 38.11 80.45
CA GLN U 143 17.57 37.51 81.44
C GLN U 143 18.21 36.36 82.19
N PHE U 144 19.36 35.86 81.73
CA PHE U 144 20.09 34.82 82.44
C PHE U 144 21.15 35.39 83.38
N HIS U 145 21.24 36.71 83.49
CA HIS U 145 22.14 37.34 84.45
C HIS U 145 21.40 37.57 85.76
N ASP U 146 21.07 36.45 86.40
CA ASP U 146 20.39 36.44 87.68
C ASP U 146 21.13 35.49 88.59
N SER U 147 21.65 36.00 89.71
CA SER U 147 22.39 35.14 90.62
C SER U 147 21.48 34.14 91.32
N LYS U 148 20.18 34.36 91.30
CA LYS U 148 19.20 33.47 91.91
C LYS U 148 18.19 32.98 90.89
N ILE U 149 18.69 32.59 89.71
CA ILE U 149 17.79 32.17 88.64
C ILE U 149 17.09 30.87 89.05
N LYS U 150 15.82 30.76 88.68
CA LYS U 150 14.98 29.66 89.14
C LYS U 150 13.80 29.53 88.20
N PHE U 151 13.60 28.34 87.64
CA PHE U 151 12.44 28.10 86.81
C PHE U 151 12.14 26.62 86.79
N PRO U 152 10.88 26.22 86.60
CA PRO U 152 10.56 24.81 86.46
C PRO U 152 10.60 24.33 85.03
N LEU U 153 10.36 23.04 84.83
CA LEU U 153 10.25 22.44 83.50
C LEU U 153 8.78 22.08 83.30
N PRO U 154 7.96 23.02 82.80
CA PRO U 154 6.51 22.93 82.99
C PRO U 154 5.80 21.76 82.31
N HIS U 155 5.98 21.61 81.00
CA HIS U 155 5.21 20.67 80.22
C HIS U 155 6.18 19.73 79.52
N ARG U 156 6.58 18.67 80.21
CA ARG U 156 7.62 17.77 79.73
C ARG U 156 7.00 16.74 78.79
N VAL U 157 7.36 16.81 77.52
CA VAL U 157 6.79 15.94 76.51
C VAL U 157 7.50 14.59 76.53
N LEU U 158 6.73 13.53 76.52
CA LEU U 158 7.29 12.18 76.42
C LEU U 158 8.08 12.02 75.13
N ARG U 159 9.36 11.67 75.26
CA ARG U 159 10.20 11.45 74.10
C ARG U 159 10.36 9.98 73.76
N ARG U 160 10.09 9.08 74.70
CA ARG U 160 10.16 7.64 74.47
C ARG U 160 8.80 7.13 73.99
N GLN U 161 8.36 7.67 72.86
CA GLN U 161 7.02 7.41 72.37
C GLN U 161 6.85 6.05 71.71
N HIS U 162 7.94 5.32 71.47
CA HIS U 162 7.86 4.04 70.81
C HIS U 162 8.45 2.92 71.65
N LYS U 163 8.78 3.19 72.91
CA LYS U 163 9.24 2.17 73.85
C LYS U 163 8.51 2.37 75.18
N PRO U 164 7.32 1.78 75.33
CA PRO U 164 6.58 0.91 74.40
C PRO U 164 5.78 1.69 73.37
N ARG U 165 5.51 1.06 72.23
CA ARG U 165 4.65 1.68 71.24
C ARG U 165 3.18 1.60 71.65
N PHE U 166 2.78 0.52 72.31
CA PHE U 166 1.42 0.35 72.80
C PHE U 166 1.46 0.13 74.31
N THR U 167 0.57 0.82 75.02
CA THR U 167 0.57 0.75 76.47
C THR U 167 -0.82 1.06 76.99
N THR U 168 -1.06 0.71 78.26
CA THR U 168 -2.35 0.98 78.87
C THR U 168 -2.42 2.32 79.56
N LYS U 169 -1.29 2.85 80.01
CA LYS U 169 -1.26 4.09 80.78
C LYS U 169 -0.96 5.26 79.86
N ARG U 170 -1.71 6.33 80.02
CA ARG U 170 -1.45 7.56 79.29
C ARG U 170 -0.32 8.33 79.98
N PRO U 171 0.54 8.97 79.22
CA PRO U 171 1.72 9.60 79.81
C PRO U 171 1.38 10.79 80.68
N ASN U 172 2.26 11.05 81.63
CA ASN U 172 2.16 12.21 82.51
C ASN U 172 3.18 13.26 82.08
N THR U 173 2.75 14.51 82.05
CA THR U 173 3.63 15.61 81.66
C THR U 173 4.09 16.45 82.84
N PHE U 174 3.55 16.22 84.04
CA PHE U 174 3.92 17.00 85.21
C PHE U 174 4.89 16.20 86.07
N PHE U 175 6.03 16.80 86.36
CA PHE U 175 7.05 16.14 87.16
C PHE U 175 7.59 17.10 88.21
N THR V 1 26.05 32.62 4.37
CA THR V 1 25.64 33.98 4.06
C THR V 1 26.79 34.96 4.20
N ASN V 2 27.95 34.46 4.56
CA ASN V 2 29.15 35.27 4.66
C ASN V 2 29.84 35.36 3.31
N THR V 3 30.37 36.54 2.99
CA THR V 3 31.11 36.66 1.75
C THR V 3 32.42 35.92 1.86
N LYS V 4 32.99 35.60 0.70
CA LYS V 4 34.27 34.90 0.63
C LYS V 4 35.41 35.82 0.22
N GLY V 5 35.30 37.11 0.56
CA GLY V 5 36.37 38.04 0.25
C GLY V 5 37.63 37.71 1.00
N LYS V 6 38.77 37.92 0.33
CA LYS V 6 40.05 37.52 0.87
C LYS V 6 40.42 38.27 2.14
N ARG V 7 39.86 39.45 2.35
CA ARG V 7 40.20 40.27 3.50
C ARG V 7 38.98 40.58 4.35
N ARG V 8 37.98 39.71 4.31
CA ARG V 8 36.81 39.89 5.15
C ARG V 8 37.17 39.58 6.60
N GLY V 9 36.80 40.48 7.50
CA GLY V 9 37.08 40.32 8.91
C GLY V 9 38.45 40.78 9.35
N THR V 10 39.25 41.34 8.45
CA THR V 10 40.59 41.80 8.77
C THR V 10 40.65 43.29 9.05
N ARG V 11 39.56 43.87 9.57
CA ARG V 11 39.53 45.30 9.81
C ARG V 11 40.57 45.70 10.85
N TYR V 12 40.70 44.93 11.92
CA TYR V 12 41.69 45.19 12.94
C TYR V 12 42.93 44.33 12.78
N MET V 13 42.82 43.18 12.12
CA MET V 13 43.96 42.29 11.98
C MET V 13 45.10 42.93 11.20
N PHE V 14 44.77 43.61 10.10
CA PHE V 14 45.78 44.17 9.23
C PHE V 14 45.98 45.66 9.44
N SER V 15 45.24 46.27 10.36
CA SER V 15 45.46 47.67 10.67
C SER V 15 46.76 47.84 11.45
N ARG V 16 47.33 49.03 11.36
CA ARG V 16 48.56 49.32 12.06
C ARG V 16 48.29 49.59 13.54
N PRO V 17 49.26 49.33 14.41
CA PRO V 17 49.13 49.71 15.82
C PRO V 17 49.07 51.21 15.97
N PHE V 18 48.63 51.64 17.16
CA PHE V 18 48.43 53.06 17.40
C PHE V 18 49.76 53.80 17.37
N ARG V 19 49.78 54.90 16.62
CA ARG V 19 50.97 55.75 16.46
C ARG V 19 52.17 54.93 15.97
N LYS V 20 51.92 53.99 15.07
CA LYS V 20 52.96 53.23 14.41
C LYS V 20 52.61 53.04 12.94
N HIS V 21 52.11 54.10 12.31
CA HIS V 21 51.82 54.08 10.89
C HIS V 21 53.03 54.58 10.12
N GLY V 22 52.89 54.67 8.80
CA GLY V 22 53.87 55.33 7.97
C GLY V 22 54.97 54.45 7.42
N VAL V 23 56.20 54.96 7.42
CA VAL V 23 57.33 54.27 6.81
C VAL V 23 57.62 52.99 7.57
N VAL V 24 57.85 51.91 6.83
CA VAL V 24 58.26 50.65 7.43
C VAL V 24 59.73 50.76 7.84
N PRO V 25 60.07 50.48 9.09
CA PRO V 25 61.47 50.51 9.50
C PRO V 25 62.31 49.52 8.70
N LEU V 26 63.54 49.93 8.37
CA LEU V 26 64.34 49.21 7.39
C LEU V 26 65.05 47.99 7.95
N ALA V 27 65.18 47.86 9.27
CA ALA V 27 65.83 46.66 9.80
C ALA V 27 64.98 45.42 9.56
N THR V 28 63.69 45.61 9.27
CA THR V 28 62.86 44.47 8.88
C THR V 28 63.31 43.90 7.55
N TYR V 29 63.73 44.76 6.63
CA TYR V 29 64.24 44.30 5.35
C TYR V 29 65.64 43.74 5.47
N MET V 30 66.38 44.16 6.48
CA MET V 30 67.77 43.77 6.62
C MET V 30 67.95 42.42 7.30
N ARG V 31 66.86 41.79 7.74
CA ARG V 31 66.95 40.47 8.33
C ARG V 31 67.36 39.44 7.28
N ILE V 32 68.05 38.40 7.74
CA ILE V 32 68.49 37.33 6.87
C ILE V 32 67.70 36.08 7.20
N TYR V 33 66.99 35.55 6.20
CA TYR V 33 66.20 34.34 6.35
C TYR V 33 66.83 33.24 5.52
N LYS V 34 67.29 32.20 6.19
CA LYS V 34 67.84 31.02 5.54
C LYS V 34 66.76 29.95 5.42
N LYS V 35 67.05 28.95 4.61
CA LYS V 35 66.15 27.80 4.53
C LYS V 35 66.18 27.03 5.82
N GLY V 36 65.01 26.69 6.33
CA GLY V 36 64.87 25.87 7.50
C GLY V 36 64.71 26.61 8.80
N ASP V 37 64.76 27.94 8.80
CA ASP V 37 64.54 28.65 10.05
C ASP V 37 63.07 28.97 10.24
N ILE V 38 62.71 29.22 11.50
CA ILE V 38 61.32 29.29 11.92
C ILE V 38 60.91 30.76 12.00
N VAL V 39 59.82 31.11 11.33
CA VAL V 39 59.37 32.49 11.26
C VAL V 39 57.91 32.56 11.65
N ASP V 40 57.54 33.69 12.25
CA ASP V 40 56.15 33.98 12.61
C ASP V 40 55.53 34.85 11.54
N ILE V 41 54.39 34.42 11.01
CA ILE V 41 53.67 35.18 10.00
C ILE V 41 52.74 36.17 10.72
N LYS V 42 52.91 37.45 10.45
CA LYS V 42 52.04 38.46 11.03
C LYS V 42 51.18 39.15 10.00
N GLY V 43 51.76 39.78 8.98
CA GLY V 43 50.91 40.36 7.97
C GLY V 43 50.53 41.81 8.15
N MET V 44 51.52 42.70 8.20
CA MET V 44 51.24 44.13 8.31
C MET V 44 50.48 44.63 7.09
N GLY V 45 49.68 45.67 7.30
CA GLY V 45 48.80 46.19 6.27
C GLY V 45 49.33 47.35 5.46
N THR V 46 50.47 47.92 5.84
CA THR V 46 51.07 48.97 5.02
C THR V 46 51.49 48.44 3.66
N VAL V 47 52.04 47.23 3.62
CA VAL V 47 52.47 46.60 2.38
C VAL V 47 51.36 45.67 1.93
N GLN V 48 50.82 45.90 0.74
CA GLN V 48 49.71 45.14 0.24
C GLN V 48 50.12 43.98 -0.64
N LYS V 49 51.37 43.93 -1.08
CA LYS V 49 51.84 42.86 -1.93
C LYS V 49 52.44 41.75 -1.09
N GLY V 50 52.27 40.52 -1.56
CA GLY V 50 52.79 39.37 -0.85
C GLY V 50 52.14 39.12 0.49
N MET V 51 50.93 39.62 0.70
CA MET V 51 50.27 39.48 1.99
C MET V 51 49.85 38.03 2.21
N PRO V 52 50.01 37.50 3.40
CA PRO V 52 49.43 36.20 3.72
C PRO V 52 47.92 36.30 3.85
N HIS V 53 47.25 35.17 3.70
CA HIS V 53 45.83 35.15 3.98
C HIS V 53 45.61 35.20 5.49
N LYS V 54 44.40 35.60 5.87
CA LYS V 54 44.10 35.83 7.29
C LYS V 54 44.23 34.56 8.13
N CYS V 55 44.13 33.39 7.52
CA CYS V 55 44.25 32.15 8.27
C CYS V 55 45.68 31.84 8.67
N TYR V 56 46.67 32.56 8.13
CA TYR V 56 48.06 32.35 8.48
C TYR V 56 48.60 33.41 9.41
N HIS V 57 47.86 34.48 9.65
CA HIS V 57 48.25 35.48 10.62
C HIS V 57 48.31 34.85 12.00
N GLY V 58 49.45 34.98 12.66
CA GLY V 58 49.64 34.36 13.95
C GLY V 58 50.13 32.94 13.91
N LYS V 59 50.27 32.35 12.73
CA LYS V 59 50.80 30.99 12.63
C LYS V 59 52.31 31.06 12.41
N THR V 60 52.97 29.93 12.68
CA THR V 60 54.42 29.84 12.60
C THR V 60 54.79 28.69 11.68
N GLY V 61 55.80 28.91 10.84
CA GLY V 61 56.21 27.91 9.87
C GLY V 61 57.72 27.92 9.67
N ARG V 62 58.16 27.10 8.73
CA ARG V 62 59.57 26.92 8.44
C ARG V 62 59.85 27.36 7.00
N VAL V 63 60.90 28.15 6.82
CA VAL V 63 61.24 28.67 5.50
C VAL V 63 61.84 27.55 4.66
N TYR V 64 61.34 27.38 3.44
CA TYR V 64 61.90 26.42 2.51
C TYR V 64 62.46 27.02 1.23
N ASN V 65 62.12 28.27 0.92
CA ASN V 65 62.56 28.89 -0.32
C ASN V 65 62.74 30.38 -0.09
N VAL V 66 63.81 30.94 -0.63
CA VAL V 66 64.12 32.35 -0.48
C VAL V 66 64.24 32.98 -1.86
N THR V 67 63.50 34.06 -2.08
CA THR V 67 63.50 34.82 -3.32
C THR V 67 64.01 36.23 -3.03
N GLN V 68 63.88 37.13 -4.03
CA GLN V 68 64.39 38.48 -3.86
C GLN V 68 63.67 39.24 -2.76
N HIS V 69 62.33 39.12 -2.70
CA HIS V 69 61.56 39.90 -1.76
C HIS V 69 60.74 39.07 -0.79
N ALA V 70 60.55 37.79 -1.05
CA ALA V 70 59.68 36.96 -0.23
C ALA V 70 60.42 35.72 0.22
N VAL V 71 59.72 34.89 0.98
CA VAL V 71 60.19 33.56 1.36
C VAL V 71 59.05 32.58 1.17
N GLY V 72 59.41 31.31 1.01
CA GLY V 72 58.44 30.24 0.98
C GLY V 72 58.42 29.55 2.34
N ILE V 73 57.22 29.45 2.91
CA ILE V 73 57.04 28.96 4.27
C ILE V 73 56.13 27.73 4.22
N VAL V 74 56.54 26.68 4.91
CA VAL V 74 55.70 25.51 5.11
C VAL V 74 55.01 25.69 6.46
N VAL V 75 53.71 25.92 6.44
CA VAL V 75 52.94 26.23 7.63
C VAL V 75 51.77 25.25 7.73
N ASN V 76 51.51 24.76 8.94
CA ASN V 76 50.41 23.85 9.16
C ASN V 76 49.09 24.61 9.20
N LYS V 77 48.09 24.09 8.50
CA LYS V 77 46.76 24.66 8.51
C LYS V 77 45.78 23.53 8.79
N GLN V 78 44.88 23.74 9.74
CA GLN V 78 43.89 22.73 10.09
C GLN V 78 42.62 22.98 9.29
N VAL V 79 42.19 21.97 8.54
CA VAL V 79 41.03 22.05 7.69
C VAL V 79 40.13 20.88 8.05
N LYS V 80 38.99 21.18 8.68
CA LYS V 80 38.07 20.17 9.21
C LYS V 80 38.86 19.29 10.17
N GLY V 81 38.98 17.99 9.93
CA GLY V 81 39.64 17.10 10.85
C GLY V 81 41.00 16.64 10.38
N LYS V 82 41.65 17.42 9.54
CA LYS V 82 42.98 17.10 9.06
C LYS V 82 43.84 18.35 9.08
N ILE V 83 45.12 18.14 9.32
CA ILE V 83 46.12 19.21 9.27
C ILE V 83 47.01 18.95 8.08
N LEU V 84 47.09 19.92 7.18
CA LEU V 84 47.89 19.79 5.97
C LEU V 84 48.90 20.92 5.90
N ALA V 85 50.10 20.59 5.45
CA ALA V 85 51.23 21.51 5.46
C ALA V 85 51.16 22.37 4.21
N LYS V 86 50.70 23.60 4.37
CA LYS V 86 50.57 24.51 3.25
C LYS V 86 51.89 25.20 2.97
N ARG V 87 52.12 25.52 1.70
CA ARG V 87 53.29 26.28 1.27
C ARG V 87 52.80 27.63 0.75
N ILE V 88 53.24 28.70 1.37
CA ILE V 88 52.80 30.04 1.02
C ILE V 88 54.00 30.93 0.75
N ASN V 89 53.82 31.89 -0.15
CA ASN V 89 54.85 32.87 -0.48
C ASN V 89 54.47 34.18 0.20
N VAL V 90 55.33 34.67 1.07
CA VAL V 90 55.04 35.84 1.88
C VAL V 90 56.22 36.79 1.81
N ARG V 91 55.97 38.05 1.47
CA ARG V 91 57.02 39.05 1.50
C ARG V 91 57.50 39.28 2.93
N ILE V 92 58.80 39.56 3.05
CA ILE V 92 59.45 39.59 4.36
C ILE V 92 58.94 40.67 5.29
N GLU V 93 58.12 41.59 4.79
CA GLU V 93 57.49 42.58 5.66
C GLU V 93 56.53 41.91 6.64
N HIS V 94 55.95 40.79 6.25
CA HIS V 94 54.89 40.14 7.01
C HIS V 94 55.40 39.02 7.89
N ILE V 95 56.71 38.83 8.01
CA ILE V 95 57.27 37.77 8.83
C ILE V 95 58.34 38.34 9.75
N LYS V 96 58.72 37.55 10.75
CA LYS V 96 59.83 37.86 11.64
C LYS V 96 60.35 36.56 12.21
N HIS V 97 61.61 36.57 12.63
CA HIS V 97 62.21 35.39 13.21
C HIS V 97 61.52 35.03 14.52
N SER V 98 61.35 33.73 14.73
CA SER V 98 60.68 33.20 15.90
C SER V 98 61.70 33.03 17.02
N LYS V 99 61.45 33.67 18.16
CA LYS V 99 62.37 33.57 19.29
C LYS V 99 62.26 32.23 20.00
N SER V 100 61.20 31.47 19.76
CA SER V 100 61.07 30.16 20.39
C SER V 100 62.17 29.22 19.90
N ARG V 101 62.47 29.27 18.61
CA ARG V 101 63.61 28.53 18.08
C ARG V 101 64.92 29.07 18.64
N ASP V 102 65.04 30.39 18.72
CA ASP V 102 66.30 31.01 19.12
C ASP V 102 66.68 30.61 20.54
N SER V 103 65.72 30.56 21.45
CA SER V 103 66.01 30.20 22.82
C SER V 103 66.46 28.76 22.94
N PHE V 104 65.88 27.86 22.15
CA PHE V 104 66.22 26.45 22.25
C PHE V 104 67.62 26.17 21.71
N LEU V 105 67.99 26.81 20.60
CA LEU V 105 69.34 26.63 20.08
C LEU V 105 70.40 27.14 21.05
N LYS V 106 70.06 28.18 21.82
CA LYS V 106 70.96 28.63 22.88
C LYS V 106 71.12 27.55 23.94
N ARG V 107 70.02 26.88 24.29
CA ARG V 107 70.08 25.84 25.32
C ARG V 107 70.88 24.63 24.85
N VAL V 108 70.75 24.27 23.56
CA VAL V 108 71.52 23.16 23.01
C VAL V 108 73.01 23.48 23.07
N LYS V 109 73.38 24.70 22.65
CA LYS V 109 74.78 25.11 22.70
C LYS V 109 75.27 25.17 24.13
N GLU V 110 74.41 25.58 25.06
CA GLU V 110 74.83 25.68 26.45
C GLU V 110 74.96 24.30 27.09
N ASN V 111 74.05 23.38 26.75
CA ASN V 111 74.16 22.01 27.26
C ASN V 111 75.41 21.33 26.77
N ASP V 112 75.73 21.50 25.48
CA ASP V 112 76.90 20.83 24.92
C ASP V 112 78.18 21.36 25.55
N GLN V 113 78.19 22.64 25.92
CA GLN V 113 79.33 23.16 26.67
C GLN V 113 79.44 22.51 28.03
N LYS V 114 78.32 22.35 28.73
CA LYS V 114 78.35 21.75 30.07
C LYS V 114 78.81 20.30 30.03
N LYS V 115 78.33 19.53 29.05
CA LYS V 115 78.75 18.15 28.90
C LYS V 115 80.25 18.06 28.68
N LYS V 116 80.78 18.91 27.80
CA LYS V 116 82.22 18.96 27.58
C LYS V 116 82.95 19.40 28.84
N GLU V 117 82.39 20.38 29.54
CA GLU V 117 83.01 20.84 30.78
C GLU V 117 82.92 19.80 31.88
N ALA V 118 81.75 19.17 32.04
CA ALA V 118 81.58 18.23 33.15
C ALA V 118 82.38 16.96 32.95
N LYS V 119 82.52 16.49 31.70
CA LYS V 119 83.36 15.32 31.45
C LYS V 119 84.82 15.59 31.78
N GLU V 120 85.26 16.85 31.66
CA GLU V 120 86.62 17.19 32.02
C GLU V 120 86.83 17.14 33.53
N LYS V 121 85.90 17.73 34.29
CA LYS V 121 85.99 17.77 35.75
C LYS V 121 85.22 16.65 36.42
N GLY V 122 84.68 15.71 35.66
CA GLY V 122 84.10 14.50 36.24
C GLY V 122 82.72 14.56 36.85
N THR V 123 82.41 15.63 37.59
CA THR V 123 81.18 15.67 38.35
C THR V 123 79.96 15.77 37.44
N TRP V 124 78.97 14.91 37.70
CA TRP V 124 77.77 14.88 36.89
C TRP V 124 76.90 16.11 37.15
N VAL V 125 76.26 16.61 36.11
CA VAL V 125 75.39 17.77 36.21
C VAL V 125 74.09 17.47 35.49
N GLN V 126 73.01 18.09 35.98
CA GLN V 126 71.68 17.87 35.44
C GLN V 126 71.44 18.76 34.23
N LEU V 127 70.92 18.17 33.16
CA LEU V 127 70.64 18.90 31.92
C LEU V 127 69.15 18.97 31.60
N LYS V 128 68.40 17.90 31.85
CA LYS V 128 66.95 17.93 31.62
C LYS V 128 66.31 18.91 32.58
N ARG V 129 65.65 19.93 32.06
CA ARG V 129 64.98 20.89 32.92
C ARG V 129 63.73 20.26 33.50
N GLN V 130 63.54 20.48 34.80
CA GLN V 130 62.47 19.84 35.54
C GLN V 130 61.33 20.81 35.75
N PRO V 131 60.10 20.31 35.91
CA PRO V 131 59.00 21.19 36.28
C PRO V 131 59.21 21.72 37.69
N ALA V 132 58.51 22.80 38.00
CA ALA V 132 58.69 23.50 39.27
C ALA V 132 58.38 22.56 40.42
N PRO V 133 59.37 22.20 41.24
CA PRO V 133 59.15 21.21 42.28
C PRO V 133 58.35 21.80 43.43
N PRO V 134 57.81 20.97 44.31
CA PRO V 134 57.20 21.49 45.54
C PRO V 134 58.23 22.23 46.38
N ARG V 135 57.76 23.26 47.07
CA ARG V 135 58.63 24.06 47.92
C ARG V 135 59.20 23.22 49.05
N GLU V 136 60.49 23.39 49.33
CA GLU V 136 61.11 22.65 50.40
C GLU V 136 60.81 23.31 51.74
N ALA V 137 61.14 22.59 52.81
CA ALA V 137 60.88 23.09 54.16
C ALA V 137 61.76 24.28 54.47
N HIS V 138 61.22 25.21 55.26
CA HIS V 138 61.96 26.40 55.64
C HIS V 138 61.39 26.98 56.91
N PHE V 139 62.18 27.85 57.54
CA PHE V 139 61.78 28.53 58.77
C PHE V 139 61.38 29.96 58.44
N VAL V 140 60.31 30.42 59.08
CA VAL V 140 59.85 31.80 58.93
C VAL V 140 60.01 32.47 60.29
N ARG V 141 60.86 33.49 60.35
CA ARG V 141 61.11 34.19 61.60
C ARG V 141 60.08 35.29 61.79
N THR V 142 59.66 35.48 63.04
CA THR V 142 58.78 36.57 63.39
C THR V 142 59.53 37.86 63.70
N ASN V 143 60.84 37.78 63.92
CA ASN V 143 61.70 38.92 64.19
C ASN V 143 61.21 39.75 65.37
N GLY V 144 60.63 39.08 66.38
CA GLY V 144 60.10 39.80 67.52
C GLY V 144 58.87 40.63 67.22
N LYS V 145 58.15 40.32 66.15
CA LYS V 145 56.94 41.04 65.77
C LYS V 145 55.77 40.07 65.70
N GLU V 146 54.70 40.39 66.40
CA GLU V 146 53.49 39.61 66.30
C GLU V 146 52.84 39.86 64.95
N PRO V 147 52.44 38.82 64.22
CA PRO V 147 51.79 39.04 62.92
C PRO V 147 50.50 39.84 63.07
N GLU V 148 50.24 40.70 62.09
CA GLU V 148 49.08 41.57 62.13
C GLU V 148 47.80 40.76 62.04
N LEU V 149 46.84 41.10 62.89
CA LEU V 149 45.54 40.44 62.89
C LEU V 149 44.63 41.10 61.88
N LEU V 150 44.10 40.32 60.95
CA LEU V 150 43.24 40.80 59.90
C LEU V 150 41.81 40.35 60.14
N GLU V 151 40.88 41.29 60.04
CA GLU V 151 39.47 40.98 60.15
C GLU V 151 38.73 41.58 58.97
N PRO V 152 37.70 40.90 58.47
CA PRO V 152 36.91 41.47 57.37
C PRO V 152 36.24 42.76 57.80
N ILE V 153 36.15 43.69 56.86
CA ILE V 153 35.63 45.02 57.12
C ILE V 153 34.11 45.00 57.02
N PRO V 154 33.40 45.85 57.76
CA PRO V 154 31.94 45.89 57.63
C PRO V 154 31.51 46.42 56.28
N TYR V 155 30.26 46.13 55.94
CA TYR V 155 29.71 46.57 54.66
C TYR V 155 29.23 48.01 54.77
N GLU V 156 29.49 48.77 53.72
CA GLU V 156 28.88 50.09 53.57
C GLU V 156 28.68 50.36 52.09
N PHE V 157 27.58 51.03 51.77
CA PHE V 157 27.29 51.35 50.38
C PHE V 157 28.08 52.60 49.99
N MET V 158 28.81 52.51 48.89
CA MET V 158 29.69 53.60 48.47
C MET V 158 29.04 54.46 47.39
N ALA V 159 28.66 53.85 46.27
CA ALA V 159 28.07 54.57 45.16
C ALA V 159 27.26 53.62 44.28
N GLN W 1 -108.78 -17.13 -28.66
CA GLN W 1 -108.81 -16.17 -27.57
C GLN W 1 -109.02 -16.86 -26.22
N VAL W 2 -108.79 -18.18 -26.20
CA VAL W 2 -108.92 -18.99 -24.99
C VAL W 2 -107.56 -19.59 -24.67
N LEU W 3 -107.11 -19.41 -23.43
CA LEU W 3 -105.75 -19.77 -23.05
C LEU W 3 -105.66 -21.21 -22.55
N LYS W 4 -106.44 -21.56 -21.53
CA LYS W 4 -106.60 -22.93 -21.06
C LYS W 4 -105.26 -23.54 -20.62
N PHE W 5 -104.75 -23.01 -19.51
CA PHE W 5 -103.56 -23.58 -18.88
C PHE W 5 -103.98 -24.64 -17.86
N THR W 6 -103.02 -25.47 -17.46
CA THR W 6 -103.32 -26.64 -16.65
C THR W 6 -102.27 -26.83 -15.57
N LEU W 7 -102.73 -27.15 -14.36
CA LEU W 7 -101.88 -27.52 -13.25
C LEU W 7 -102.20 -28.95 -12.84
N ASP W 8 -101.17 -29.78 -12.72
CA ASP W 8 -101.33 -31.20 -12.43
C ASP W 8 -100.76 -31.49 -11.05
N CYS W 9 -101.63 -31.67 -10.07
CA CYS W 9 -101.26 -32.06 -8.72
C CYS W 9 -101.65 -33.52 -8.55
N THR W 10 -100.74 -34.43 -8.89
CA THR W 10 -101.01 -35.85 -8.81
C THR W 10 -100.08 -36.58 -7.85
N HIS W 11 -98.78 -36.47 -8.04
CA HIS W 11 -97.84 -37.13 -7.14
C HIS W 11 -97.95 -36.67 -5.69
N PRO W 12 -98.09 -35.37 -5.37
CA PRO W 12 -98.24 -35.02 -3.95
C PRO W 12 -99.58 -35.42 -3.35
N VAL W 13 -100.67 -35.35 -4.11
CA VAL W 13 -101.95 -35.69 -3.50
C VAL W 13 -102.07 -37.19 -3.25
N GLU W 14 -101.43 -38.03 -4.09
CA GLU W 14 -101.46 -39.45 -3.84
C GLU W 14 -100.54 -39.86 -2.70
N ASP W 15 -99.53 -39.04 -2.38
CA ASP W 15 -98.75 -39.25 -1.16
C ASP W 15 -99.33 -38.51 0.03
N GLY W 16 -100.39 -37.73 -0.15
CA GLY W 16 -101.07 -37.11 0.96
C GLY W 16 -100.32 -35.96 1.61
N ILE W 17 -99.28 -35.44 0.96
CA ILE W 17 -98.56 -34.31 1.54
C ILE W 17 -99.26 -32.98 1.27
N MET W 18 -100.20 -32.95 0.33
CA MET W 18 -101.04 -31.78 0.10
C MET W 18 -102.29 -32.22 -0.64
N ASP W 19 -103.30 -31.35 -0.62
CA ASP W 19 -104.57 -31.61 -1.28
C ASP W 19 -104.85 -30.55 -2.33
N ALA W 20 -105.46 -30.97 -3.43
CA ALA W 20 -105.76 -30.05 -4.52
C ALA W 20 -106.91 -29.13 -4.20
N ALA W 21 -107.77 -29.50 -3.25
CA ALA W 21 -108.89 -28.64 -2.89
C ALA W 21 -108.41 -27.34 -2.28
N ASN W 22 -107.43 -27.41 -1.37
CA ASN W 22 -106.89 -26.21 -0.76
C ASN W 22 -106.10 -25.37 -1.76
N PHE W 23 -105.35 -26.02 -2.65
CA PHE W 23 -104.61 -25.29 -3.67
C PHE W 23 -105.55 -24.56 -4.63
N GLU W 24 -106.66 -25.19 -4.98
CA GLU W 24 -107.70 -24.47 -5.70
C GLU W 24 -108.23 -23.32 -4.87
N GLN W 25 -108.45 -23.58 -3.58
CA GLN W 25 -108.91 -22.55 -2.65
C GLN W 25 -107.89 -21.43 -2.48
N PHE W 26 -106.63 -21.68 -2.84
CA PHE W 26 -105.60 -20.65 -2.76
C PHE W 26 -105.58 -19.75 -3.99
N LEU W 27 -105.92 -20.29 -5.17
CA LEU W 27 -105.67 -19.57 -6.41
C LEU W 27 -106.67 -18.45 -6.64
N GLN W 28 -107.94 -18.65 -6.29
CA GLN W 28 -108.98 -17.75 -6.78
C GLN W 28 -108.88 -16.37 -6.17
N GLU W 29 -108.23 -16.26 -5.00
CA GLU W 29 -108.06 -14.94 -4.39
C GLU W 29 -106.70 -14.33 -4.70
N ARG W 30 -105.73 -15.13 -5.15
CA ARG W 30 -104.40 -14.60 -5.45
C ARG W 30 -104.20 -14.23 -6.90
N ILE W 31 -105.00 -14.77 -7.82
CA ILE W 31 -104.84 -14.45 -9.23
C ILE W 31 -105.25 -13.00 -9.46
N LYS W 32 -104.35 -12.21 -10.03
CA LYS W 32 -104.61 -10.82 -10.33
C LYS W 32 -104.94 -10.66 -11.81
N VAL W 33 -106.07 -10.04 -12.09
CA VAL W 33 -106.44 -9.66 -13.44
C VAL W 33 -106.52 -8.14 -13.47
N ASN W 34 -105.75 -7.53 -14.38
CA ASN W 34 -105.58 -6.08 -14.44
C ASN W 34 -105.11 -5.51 -13.10
N GLY W 35 -104.28 -6.27 -12.39
CA GLY W 35 -103.68 -5.83 -11.16
C GLY W 35 -104.51 -6.03 -9.92
N LYS W 36 -105.73 -6.56 -10.05
CA LYS W 36 -106.65 -6.69 -8.93
C LYS W 36 -106.81 -8.16 -8.56
N ALA W 37 -106.47 -8.50 -7.32
CA ALA W 37 -106.73 -9.83 -6.80
C ALA W 37 -108.19 -9.95 -6.36
N GLY W 38 -108.67 -11.19 -6.30
CA GLY W 38 -110.05 -11.43 -5.97
C GLY W 38 -110.97 -11.31 -7.17
N ASN W 39 -112.12 -11.98 -7.06
CA ASN W 39 -113.24 -12.04 -8.02
C ASN W 39 -112.80 -12.40 -9.44
N LEU W 40 -111.57 -12.89 -9.60
CA LEU W 40 -111.03 -13.38 -10.86
C LEU W 40 -111.18 -12.34 -11.97
N GLY W 41 -111.05 -11.07 -11.62
CA GLY W 41 -111.23 -10.01 -12.59
C GLY W 41 -112.62 -9.96 -13.19
N GLY W 42 -113.65 -10.14 -12.38
CA GLY W 42 -115.00 -10.17 -12.89
C GLY W 42 -115.39 -11.51 -13.47
N GLY W 43 -114.75 -12.59 -13.03
CA GLY W 43 -115.09 -13.92 -13.51
C GLY W 43 -114.60 -14.24 -14.90
N VAL W 44 -113.77 -13.39 -15.50
CA VAL W 44 -113.26 -13.67 -16.84
C VAL W 44 -112.34 -14.88 -16.82
N VAL W 45 -111.50 -14.99 -15.80
CA VAL W 45 -110.62 -16.14 -15.64
C VAL W 45 -111.38 -17.16 -14.80
N THR W 46 -111.59 -18.34 -15.36
CA THR W 46 -112.33 -19.38 -14.66
C THR W 46 -111.40 -20.44 -14.13
N ILE W 47 -111.86 -21.18 -13.12
CA ILE W 47 -111.08 -22.19 -12.44
C ILE W 47 -111.96 -23.40 -12.18
N GLU W 48 -111.39 -24.59 -12.31
CA GLU W 48 -112.10 -25.82 -11.99
C GLU W 48 -111.07 -26.92 -11.76
N ARG W 49 -111.56 -28.06 -11.27
CA ARG W 49 -110.69 -29.13 -10.82
C ARG W 49 -111.23 -30.47 -11.29
N SER W 50 -110.31 -31.40 -11.55
CA SER W 50 -110.63 -32.79 -11.84
C SER W 50 -110.11 -33.71 -10.74
N LYS W 51 -110.01 -33.17 -9.52
CA LYS W 51 -109.54 -33.78 -8.28
C LYS W 51 -108.03 -34.00 -8.28
N SER W 52 -107.35 -33.87 -9.41
CA SER W 52 -105.90 -33.85 -9.44
C SER W 52 -105.41 -32.78 -10.41
N LYS W 53 -106.27 -32.44 -11.36
CA LYS W 53 -105.94 -31.52 -12.43
C LYS W 53 -106.71 -30.23 -12.22
N ILE W 54 -105.99 -29.12 -12.10
CA ILE W 54 -106.58 -27.81 -11.93
C ILE W 54 -106.25 -27.01 -13.16
N THR W 55 -107.27 -26.69 -13.95
CA THR W 55 -107.09 -26.00 -15.21
C THR W 55 -107.59 -24.56 -15.10
N VAL W 56 -106.83 -23.64 -15.67
CA VAL W 56 -107.15 -22.22 -15.67
C VAL W 56 -107.42 -21.80 -17.10
N THR W 57 -108.64 -21.36 -17.35
CA THR W 57 -109.07 -20.92 -18.68
C THR W 57 -109.38 -19.43 -18.62
N SER W 58 -108.81 -18.68 -19.55
CA SER W 58 -108.93 -17.23 -19.56
C SER W 58 -109.31 -16.74 -20.95
N GLU W 59 -109.98 -15.59 -21.00
CA GLU W 59 -110.30 -14.91 -22.25
C GLU W 59 -109.54 -13.61 -22.41
N VAL W 60 -108.56 -13.35 -21.55
CA VAL W 60 -107.72 -12.16 -21.66
C VAL W 60 -106.27 -12.63 -21.73
N PRO W 61 -105.36 -11.79 -22.25
CA PRO W 61 -103.94 -12.16 -22.24
C PRO W 61 -103.44 -12.53 -20.86
N PHE W 62 -103.07 -13.80 -20.69
CA PHE W 62 -102.77 -14.34 -19.38
C PHE W 62 -101.54 -15.24 -19.50
N SER W 63 -100.60 -15.05 -18.59
CA SER W 63 -99.29 -15.67 -18.69
C SER W 63 -99.26 -17.02 -18.00
N LYS W 64 -98.63 -18.00 -18.65
CA LYS W 64 -98.45 -19.31 -18.04
C LYS W 64 -97.47 -19.24 -16.88
N ARG W 65 -96.42 -18.43 -17.00
CA ARG W 65 -95.43 -18.32 -15.94
C ARG W 65 -96.03 -17.72 -14.66
N TYR W 66 -97.16 -17.03 -14.77
CA TYR W 66 -97.83 -16.54 -13.57
C TYR W 66 -98.31 -17.70 -12.70
N LEU W 67 -98.80 -18.77 -13.33
CA LEU W 67 -99.22 -19.93 -12.56
C LEU W 67 -98.04 -20.55 -11.83
N LYS W 68 -96.89 -20.63 -12.48
CA LYS W 68 -95.69 -21.16 -11.82
C LYS W 68 -95.28 -20.26 -10.68
N TYR W 69 -95.38 -18.95 -10.87
CA TYR W 69 -95.10 -18.01 -9.79
C TYR W 69 -96.08 -18.17 -8.65
N LEU W 70 -97.36 -18.37 -8.96
CA LEU W 70 -98.35 -18.56 -7.91
C LEU W 70 -98.21 -19.92 -7.26
N THR W 71 -97.94 -20.97 -8.06
CA THR W 71 -97.79 -22.30 -7.48
C THR W 71 -96.59 -22.37 -6.56
N LYS W 72 -95.47 -21.77 -6.96
CA LYS W 72 -94.30 -21.73 -6.09
C LYS W 72 -94.59 -20.96 -4.82
N LYS W 73 -95.48 -19.97 -4.91
CA LYS W 73 -95.86 -19.21 -3.71
C LYS W 73 -96.66 -20.07 -2.75
N TYR W 74 -97.53 -20.93 -3.28
CA TYR W 74 -98.27 -21.84 -2.42
C TYR W 74 -97.34 -22.83 -1.74
N LEU W 75 -96.40 -23.39 -2.49
CA LEU W 75 -95.53 -24.44 -1.96
C LEU W 75 -94.63 -23.91 -0.84
N LYS W 76 -94.14 -22.68 -0.98
CA LYS W 76 -93.36 -22.08 0.09
C LYS W 76 -94.22 -21.85 1.33
N LYS W 77 -95.47 -21.44 1.13
CA LYS W 77 -96.37 -21.23 2.27
C LYS W 77 -96.61 -22.51 3.03
N ASN W 78 -96.66 -23.63 2.33
CA ASN W 78 -96.97 -24.93 2.93
C ASN W 78 -95.72 -25.77 3.17
N ASN W 79 -94.53 -25.17 3.09
CA ASN W 79 -93.26 -25.85 3.34
C ASN W 79 -93.05 -27.05 2.42
N LEU W 80 -93.56 -26.96 1.20
CA LEU W 80 -93.40 -28.00 0.20
C LEU W 80 -92.32 -27.69 -0.81
N ARG W 81 -91.67 -26.53 -0.70
CA ARG W 81 -90.71 -26.12 -1.70
C ARG W 81 -89.46 -26.98 -1.68
N ASP W 82 -89.10 -27.52 -0.53
CA ASP W 82 -87.88 -28.33 -0.43
C ASP W 82 -88.07 -29.76 -0.89
N TRP W 83 -89.29 -30.18 -1.21
CA TRP W 83 -89.54 -31.51 -1.73
C TRP W 83 -90.11 -31.50 -3.14
N LEU W 84 -91.05 -30.61 -3.42
CA LEU W 84 -91.73 -30.57 -4.70
C LEU W 84 -91.10 -29.54 -5.62
N ARG W 85 -91.51 -29.59 -6.89
CA ARG W 85 -90.88 -28.79 -7.91
C ARG W 85 -91.80 -28.70 -9.12
N VAL W 86 -92.18 -27.49 -9.50
CA VAL W 86 -93.06 -27.27 -10.65
C VAL W 86 -92.24 -27.39 -11.91
N VAL W 87 -92.65 -28.29 -12.80
CA VAL W 87 -91.95 -28.56 -14.05
C VAL W 87 -92.97 -28.53 -15.19
N ALA W 88 -92.64 -27.82 -16.25
CA ALA W 88 -93.50 -27.77 -17.43
C ALA W 88 -93.43 -29.10 -18.15
N ASN W 89 -94.45 -29.95 -17.96
CA ASN W 89 -94.47 -31.24 -18.63
C ASN W 89 -94.85 -31.13 -20.09
N SER W 90 -95.50 -30.04 -20.50
CA SER W 90 -95.84 -29.78 -21.88
C SER W 90 -96.22 -28.32 -22.00
N LYS W 91 -96.62 -27.91 -23.20
CA LYS W 91 -97.23 -26.59 -23.34
C LYS W 91 -98.56 -26.56 -22.61
N GLU W 92 -98.99 -25.35 -22.25
CA GLU W 92 -100.25 -25.07 -21.52
C GLU W 92 -100.44 -25.99 -20.31
N SER W 93 -99.36 -26.52 -19.74
CA SER W 93 -99.48 -27.47 -18.66
C SER W 93 -98.27 -27.41 -17.75
N TYR W 94 -98.51 -27.43 -16.44
CA TYR W 94 -97.48 -27.57 -15.44
C TYR W 94 -97.73 -28.84 -14.64
N GLU W 95 -96.68 -29.33 -14.01
CA GLU W 95 -96.76 -30.55 -13.23
C GLU W 95 -95.71 -30.47 -12.13
N LEU W 96 -96.12 -30.72 -10.90
CA LEU W 96 -95.19 -30.68 -9.78
C LEU W 96 -94.85 -32.09 -9.35
N ARG W 97 -93.55 -32.34 -9.19
CA ARG W 97 -93.01 -33.66 -8.91
C ARG W 97 -91.87 -33.52 -7.91
N TYR W 98 -91.33 -34.66 -7.51
CA TYR W 98 -90.36 -34.68 -6.42
C TYR W 98 -88.95 -34.48 -6.96
N PHE W 99 -88.06 -34.04 -6.07
CA PHE W 99 -86.65 -33.96 -6.41
C PHE W 99 -86.04 -35.36 -6.47
N GLN W 100 -85.28 -35.61 -7.53
CA GLN W 100 -84.77 -36.94 -7.83
C GLN W 100 -83.35 -37.06 -7.29
N ILE W 101 -83.18 -37.87 -6.26
CA ILE W 101 -81.87 -38.06 -5.64
C ILE W 101 -81.04 -39.03 -6.47
N SER X 1 -59.00 43.30 51.39
CA SER X 1 -58.95 43.61 49.96
C SER X 1 -59.43 42.42 49.12
N GLY X 2 -58.50 41.58 48.70
CA GLY X 2 -58.83 40.47 47.84
C GLY X 2 -58.27 40.63 46.44
N ALA X 3 -57.42 39.71 46.02
CA ALA X 3 -56.79 39.74 44.72
C ALA X 3 -57.49 38.80 43.75
N LYS X 4 -57.23 39.01 42.46
CA LYS X 4 -57.87 38.20 41.43
C LYS X 4 -57.31 36.78 41.45
N PHE X 5 -58.20 35.80 41.42
CA PHE X 5 -57.78 34.42 41.32
C PHE X 5 -57.31 34.10 39.89
N ARG X 6 -56.60 32.99 39.75
CA ARG X 6 -56.10 32.60 38.45
C ARG X 6 -57.23 32.09 37.57
N ILE X 7 -57.23 32.53 36.31
CA ILE X 7 -58.22 32.10 35.33
C ILE X 7 -57.49 31.66 34.07
N SER X 8 -58.19 30.90 33.24
CA SER X 8 -57.64 30.46 31.96
C SER X 8 -57.48 31.67 31.05
N LEU X 9 -56.32 31.77 30.41
CA LEU X 9 -55.97 33.00 29.71
C LEU X 9 -56.56 33.05 28.30
N GLY X 10 -56.13 32.16 27.42
CA GLY X 10 -56.75 32.02 26.13
C GLY X 10 -56.53 33.15 25.13
N LEU X 11 -55.76 34.18 25.47
CA LEU X 11 -55.48 35.29 24.56
C LEU X 11 -53.98 35.56 24.53
N PRO X 12 -53.23 34.81 23.73
CA PRO X 12 -51.79 35.04 23.66
C PRO X 12 -51.43 36.31 22.92
N VAL X 13 -50.13 36.60 22.83
CA VAL X 13 -49.67 37.75 22.06
C VAL X 13 -49.94 37.51 20.59
N GLY X 14 -50.52 38.50 19.93
CA GLY X 14 -50.90 38.39 18.53
C GLY X 14 -52.37 38.14 18.31
N ALA X 15 -53.16 38.08 19.37
CA ALA X 15 -54.60 37.96 19.23
C ALA X 15 -55.20 39.32 18.92
N VAL X 16 -56.18 39.33 18.02
CA VAL X 16 -56.93 40.54 17.70
C VAL X 16 -58.30 40.40 18.33
N ILE X 17 -58.62 41.30 19.25
CA ILE X 17 -59.88 41.26 19.97
C ILE X 17 -60.67 42.50 19.60
N ASN X 18 -61.97 42.46 19.87
CA ASN X 18 -62.83 43.59 19.59
C ASN X 18 -62.56 44.73 20.56
N CYS X 19 -62.85 45.94 20.12
CA CYS X 19 -62.70 47.12 20.95
C CYS X 19 -64.09 47.59 21.32
N ALA X 20 -64.46 47.44 22.58
CA ALA X 20 -65.84 47.58 23.02
C ALA X 20 -66.23 49.00 23.39
N ASP X 21 -65.29 49.96 23.38
CA ASP X 21 -65.63 51.32 23.75
C ASP X 21 -65.86 52.16 22.50
N ASN X 22 -66.24 53.42 22.71
CA ASN X 22 -66.61 54.33 21.64
C ASN X 22 -65.45 55.21 21.21
N THR X 23 -64.21 54.73 21.35
CA THR X 23 -63.04 55.51 20.97
C THR X 23 -62.89 55.62 19.46
N GLY X 24 -63.67 54.89 18.69
CA GLY X 24 -63.50 54.82 17.25
C GLY X 24 -62.62 53.68 16.78
N ALA X 25 -61.91 53.04 17.70
CA ALA X 25 -61.14 51.85 17.38
C ALA X 25 -62.08 50.66 17.21
N LYS X 26 -61.79 49.82 16.22
CA LYS X 26 -62.63 48.66 15.96
C LYS X 26 -62.06 47.36 16.49
N ASN X 27 -60.74 47.22 16.56
CA ASN X 27 -60.16 46.04 17.13
C ASN X 27 -58.86 46.40 17.82
N LEU X 28 -58.38 45.50 18.67
CA LEU X 28 -57.16 45.67 19.43
C LEU X 28 -56.27 44.47 19.19
N TYR X 29 -55.02 44.74 18.79
CA TYR X 29 -54.06 43.68 18.50
C TYR X 29 -53.09 43.59 19.67
N ILE X 30 -53.18 42.52 20.44
CA ILE X 30 -52.41 42.38 21.66
C ILE X 30 -50.96 42.12 21.33
N ILE X 31 -50.07 42.98 21.82
CA ILE X 31 -48.64 42.82 21.58
C ILE X 31 -47.89 42.35 22.83
N SER X 32 -48.41 42.60 24.03
CA SER X 32 -47.83 42.05 25.24
C SER X 32 -48.82 42.22 26.38
N VAL X 33 -48.58 41.49 27.47
CA VAL X 33 -49.44 41.47 28.64
C VAL X 33 -48.65 42.00 29.82
N LYS X 34 -49.27 42.86 30.62
CA LYS X 34 -48.59 43.44 31.76
C LYS X 34 -48.38 42.40 32.85
N GLY X 35 -47.22 42.46 33.48
CA GLY X 35 -46.92 41.60 34.62
C GLY X 35 -46.44 40.20 34.28
N ILE X 36 -46.09 39.95 33.02
CA ILE X 36 -45.64 38.63 32.59
C ILE X 36 -44.13 38.59 32.69
N LYS X 37 -43.61 37.74 33.59
CA LYS X 37 -42.16 37.56 33.67
C LYS X 37 -41.66 36.79 32.45
N GLY X 38 -42.12 35.55 32.29
CA GLY X 38 -41.89 34.85 31.06
C GLY X 38 -41.39 33.45 31.28
N ARG X 39 -41.03 32.83 30.17
CA ARG X 39 -40.58 31.44 30.07
C ARG X 39 -40.10 31.26 28.64
N LEU X 40 -39.07 30.46 28.46
CA LEU X 40 -38.55 30.24 27.12
C LEU X 40 -39.62 29.59 26.24
N ASN X 41 -39.89 30.23 25.10
CA ASN X 41 -40.81 29.87 24.05
C ASN X 41 -42.27 30.09 24.43
N ARG X 42 -42.58 30.53 25.64
CA ARG X 42 -43.97 30.67 26.05
C ARG X 42 -44.51 32.05 25.65
N LEU X 43 -45.64 32.06 24.96
CA LEU X 43 -46.28 33.31 24.59
C LEU X 43 -46.93 33.95 25.81
N PRO X 44 -46.75 35.25 26.03
CA PRO X 44 -47.49 35.92 27.10
C PRO X 44 -48.97 36.00 26.75
N ALA X 45 -49.81 35.51 27.66
CA ALA X 45 -51.24 35.40 27.42
C ALA X 45 -52.01 36.14 28.49
N ALA X 46 -53.22 36.57 28.15
CA ALA X 46 -54.05 37.37 29.03
C ALA X 46 -55.46 36.81 29.10
N GLY X 47 -56.06 36.94 30.27
CA GLY X 47 -57.48 36.71 30.45
C GLY X 47 -58.22 38.00 30.73
N VAL X 48 -59.49 37.85 31.13
CA VAL X 48 -60.28 39.03 31.45
C VAL X 48 -59.76 39.67 32.71
N GLY X 49 -59.74 41.00 32.72
CA GLY X 49 -59.17 41.74 33.82
C GLY X 49 -57.68 42.01 33.71
N ASP X 50 -57.05 41.57 32.64
CA ASP X 50 -55.62 41.76 32.46
C ASP X 50 -55.34 43.01 31.65
N MET X 51 -54.37 43.80 32.08
CA MET X 51 -53.90 44.94 31.33
C MET X 51 -52.93 44.45 30.25
N VAL X 52 -53.14 44.91 29.02
CA VAL X 52 -52.32 44.50 27.89
C VAL X 52 -51.86 45.74 27.15
N MET X 53 -50.78 45.59 26.40
CA MET X 53 -50.35 46.59 25.43
C MET X 53 -50.91 46.19 24.07
N ALA X 54 -51.63 47.11 23.44
CA ALA X 54 -52.33 46.78 22.20
C ALA X 54 -52.22 47.94 21.23
N THR X 55 -52.21 47.59 19.95
CA THR X 55 -52.32 48.54 18.86
C THR X 55 -53.61 48.25 18.11
N VAL X 56 -54.28 49.28 17.63
CA VAL X 56 -55.49 49.09 16.87
C VAL X 56 -55.12 48.92 15.40
N LYS X 57 -55.61 47.86 14.78
CA LYS X 57 -55.27 47.59 13.39
C LYS X 57 -56.23 48.29 12.43
N LYS X 58 -57.50 48.38 12.80
CA LYS X 58 -58.48 49.14 12.04
C LYS X 58 -59.24 50.04 13.00
N GLY X 59 -59.64 51.20 12.50
CA GLY X 59 -60.29 52.20 13.32
C GLY X 59 -59.92 53.58 12.84
N LYS X 60 -60.05 54.55 13.74
CA LYS X 60 -59.71 55.92 13.39
C LYS X 60 -58.21 56.04 13.15
N PRO X 61 -57.79 56.78 12.12
CA PRO X 61 -56.37 56.81 11.75
C PRO X 61 -55.46 57.43 12.80
N GLU X 62 -55.99 58.24 13.72
CA GLU X 62 -55.16 58.86 14.73
C GLU X 62 -54.86 57.95 15.90
N LEU X 63 -55.42 56.74 15.91
CA LEU X 63 -55.12 55.76 16.93
C LEU X 63 -54.29 54.59 16.43
N ARG X 64 -54.04 54.49 15.13
CA ARG X 64 -53.58 53.24 14.56
C ARG X 64 -52.13 52.95 14.91
N LYS X 65 -51.20 53.79 14.48
CA LYS X 65 -49.79 53.43 14.58
C LYS X 65 -49.19 53.82 15.93
N LYS X 66 -49.85 53.38 17.01
CA LYS X 66 -49.42 53.67 18.37
C LYS X 66 -49.64 52.45 19.23
N VAL X 67 -49.05 52.48 20.43
CA VAL X 67 -49.24 51.42 21.42
C VAL X 67 -50.12 51.98 22.52
N HIS X 68 -51.21 51.27 22.80
CA HIS X 68 -52.17 51.68 23.80
C HIS X 68 -52.26 50.65 24.91
N PRO X 69 -52.36 51.08 26.17
CA PRO X 69 -52.76 50.15 27.22
C PRO X 69 -54.23 49.79 27.06
N ALA X 70 -54.55 48.54 27.34
CA ALA X 70 -55.91 48.07 27.21
C ALA X 70 -56.17 46.99 28.25
N VAL X 71 -57.45 46.79 28.57
CA VAL X 71 -57.87 45.80 29.55
C VAL X 71 -58.89 44.88 28.90
N VAL X 72 -58.67 43.59 29.03
CA VAL X 72 -59.59 42.60 28.48
C VAL X 72 -60.84 42.54 29.35
N ILE X 73 -62.01 42.66 28.72
CA ILE X 73 -63.28 42.66 29.44
C ILE X 73 -64.12 41.44 29.15
N ARG X 74 -63.90 40.76 28.03
CA ARG X 74 -64.63 39.56 27.67
C ARG X 74 -63.66 38.60 26.99
N GLN X 75 -63.90 37.30 27.15
CA GLN X 75 -63.07 36.32 26.46
C GLN X 75 -63.90 35.12 26.06
N ARG X 76 -63.51 34.49 24.97
CA ARG X 76 -64.21 33.32 24.46
C ARG X 76 -63.76 32.03 25.13
N LYS X 77 -62.65 32.05 25.85
CA LYS X 77 -62.17 30.87 26.55
C LYS X 77 -62.89 30.74 27.88
N SER X 78 -63.41 29.54 28.14
CA SER X 78 -64.10 29.29 29.40
C SER X 78 -63.13 29.37 30.57
N TYR X 79 -63.61 29.87 31.70
CA TYR X 79 -62.80 29.94 32.90
C TYR X 79 -63.66 29.66 34.12
N ARG X 80 -63.06 29.01 35.10
CA ARG X 80 -63.73 28.65 36.34
C ARG X 80 -63.76 29.83 37.28
N ARG X 81 -64.88 30.03 37.96
CA ARG X 81 -65.11 31.21 38.79
C ARG X 81 -65.31 30.83 40.26
N LYS X 82 -64.51 29.88 40.75
CA LYS X 82 -64.42 29.56 42.17
C LYS X 82 -65.72 29.10 42.82
N ASP X 83 -66.79 28.98 42.04
CA ASP X 83 -68.02 28.36 42.50
C ASP X 83 -68.51 27.30 41.54
N GLY X 84 -67.59 26.72 40.77
CA GLY X 84 -67.92 25.69 39.81
C GLY X 84 -68.49 26.19 38.50
N VAL X 85 -68.65 27.50 38.35
CA VAL X 85 -69.22 28.06 37.13
C VAL X 85 -68.11 28.20 36.11
N PHE X 86 -68.28 27.54 34.97
CA PHE X 86 -67.40 27.73 33.82
C PHE X 86 -68.10 28.68 32.87
N LEU X 87 -67.59 29.90 32.77
CA LEU X 87 -68.23 30.95 31.99
C LEU X 87 -67.37 31.33 30.80
N TYR X 88 -68.01 31.51 29.65
CA TYR X 88 -67.33 32.05 28.48
C TYR X 88 -68.26 33.03 27.78
N PHE X 89 -67.67 33.91 26.99
CA PHE X 89 -68.40 34.95 26.29
C PHE X 89 -68.44 34.66 24.80
N GLU X 90 -69.27 35.42 24.10
CA GLU X 90 -69.45 35.20 22.67
C GLU X 90 -68.26 35.73 21.88
N ASP X 91 -67.52 36.70 22.41
CA ASP X 91 -66.39 37.27 21.70
C ASP X 91 -65.35 37.74 22.70
N ASN X 92 -64.13 37.94 22.20
CA ASN X 92 -63.06 38.55 22.98
C ASN X 92 -63.13 40.06 22.76
N ALA X 93 -63.20 40.81 23.84
CA ALA X 93 -63.32 42.26 23.75
C ALA X 93 -62.46 42.92 24.81
N GLY X 94 -62.03 44.14 24.51
CA GLY X 94 -61.28 44.94 25.45
C GLY X 94 -61.53 46.42 25.21
N VAL X 95 -61.18 47.21 26.21
CA VAL X 95 -61.32 48.65 26.13
C VAL X 95 -59.94 49.28 26.27
N ILE X 96 -59.80 50.48 25.73
CA ILE X 96 -58.55 51.21 25.79
C ILE X 96 -58.54 52.08 27.03
N VAL X 97 -57.51 51.93 27.86
CA VAL X 97 -57.36 52.67 29.10
C VAL X 97 -55.99 53.32 29.09
N ASN X 98 -55.70 54.09 30.14
CA ASN X 98 -54.37 54.62 30.35
C ASN X 98 -53.69 53.80 31.45
N ASN X 99 -52.45 54.19 31.78
CA ASN X 99 -51.71 53.46 32.79
C ASN X 99 -52.35 53.55 34.17
N LYS X 100 -53.12 54.61 34.44
CA LYS X 100 -53.81 54.73 35.71
C LYS X 100 -55.07 53.86 35.78
N GLY X 101 -55.60 53.42 34.65
CA GLY X 101 -56.70 52.47 34.62
C GLY X 101 -58.02 53.03 34.12
N GLU X 102 -58.15 54.34 33.98
CA GLU X 102 -59.40 54.89 33.48
C GLU X 102 -59.44 54.85 31.96
N MET X 103 -60.65 54.71 31.41
CA MET X 103 -60.81 54.49 29.99
C MET X 103 -60.59 55.76 29.19
N LYS X 104 -60.08 55.59 27.98
CA LYS X 104 -60.03 56.68 27.02
C LYS X 104 -61.43 57.03 26.52
N GLY X 105 -62.27 56.01 26.34
CA GLY X 105 -63.65 56.22 25.93
C GLY X 105 -64.55 56.49 27.13
N SER X 106 -65.86 56.42 26.86
CA SER X 106 -66.85 56.73 27.88
C SER X 106 -67.98 55.71 27.99
N ALA X 107 -68.09 54.75 27.08
CA ALA X 107 -69.15 53.77 27.14
C ALA X 107 -68.60 52.43 26.68
N ILE X 108 -69.23 51.35 27.13
CA ILE X 108 -68.84 49.99 26.77
C ILE X 108 -70.05 49.29 26.19
N THR X 109 -69.86 48.64 25.03
CA THR X 109 -70.92 47.89 24.39
C THR X 109 -70.80 46.43 24.77
N GLY X 110 -71.88 45.88 25.32
CA GLY X 110 -71.90 44.50 25.74
C GLY X 110 -71.57 44.35 27.21
N PRO X 111 -71.57 43.12 27.70
CA PRO X 111 -71.27 42.88 29.12
C PRO X 111 -69.79 43.03 29.41
N VAL X 112 -69.50 43.15 30.70
CA VAL X 112 -68.14 43.13 31.21
C VAL X 112 -68.04 42.00 32.22
N ALA X 113 -66.97 41.22 32.15
CA ALA X 113 -66.79 40.14 33.09
C ALA X 113 -66.69 40.68 34.52
N LYS X 114 -67.28 39.94 35.46
CA LYS X 114 -67.21 40.34 36.86
C LYS X 114 -65.78 40.39 37.36
N GLU X 115 -64.91 39.55 36.78
CA GLU X 115 -63.52 39.52 37.19
C GLU X 115 -62.82 40.82 36.79
N CYS X 116 -63.19 41.36 35.63
CA CYS X 116 -62.63 42.63 35.18
C CYS X 116 -63.26 43.80 35.91
N ALA X 117 -64.57 43.73 36.17
CA ALA X 117 -65.28 44.86 36.76
C ALA X 117 -64.79 45.14 38.18
N ASP X 118 -64.58 44.08 38.97
CA ASP X 118 -64.11 44.26 40.34
C ASP X 118 -62.73 44.86 40.40
N LEU X 119 -61.87 44.50 39.45
CA LEU X 119 -60.47 44.88 39.49
C LEU X 119 -60.22 46.26 38.90
N TRP X 120 -61.15 46.78 38.10
CA TRP X 120 -61.01 48.09 37.47
C TRP X 120 -62.28 48.90 37.68
N PRO X 121 -62.37 49.69 38.75
CA PRO X 121 -63.61 50.43 39.02
C PRO X 121 -63.97 51.46 37.96
N ARG X 122 -63.00 52.03 37.24
CA ARG X 122 -63.35 52.97 36.18
C ARG X 122 -63.97 52.26 34.99
N ILE X 123 -63.58 51.03 34.72
CA ILE X 123 -64.24 50.24 33.68
C ILE X 123 -65.64 49.85 34.13
N ALA X 124 -65.79 49.49 35.41
CA ALA X 124 -67.06 49.00 35.90
C ALA X 124 -68.15 50.05 35.86
N SER X 125 -67.78 51.33 36.01
CA SER X 125 -68.77 52.39 35.97
C SER X 125 -69.42 52.50 34.58
N ASN X 126 -68.63 52.35 33.52
CA ASN X 126 -69.14 52.46 32.17
C ASN X 126 -69.78 51.18 31.67
N ALA X 127 -69.75 50.10 32.45
CA ALA X 127 -70.29 48.83 31.98
C ALA X 127 -71.80 48.84 31.99
N GLY X 128 -72.40 48.50 30.85
CA GLY X 128 -73.85 48.39 30.79
C GLY X 128 -74.37 47.25 31.62
N SER X 129 -73.67 46.12 31.60
CA SER X 129 -74.02 44.97 32.42
C SER X 129 -72.74 44.26 32.84
N ILE X 130 -72.79 43.59 33.98
CA ILE X 130 -71.68 42.83 34.51
C ILE X 130 -72.08 41.36 34.53
N ALA X 131 -71.33 40.53 33.82
CA ALA X 131 -71.65 39.12 33.71
C ALA X 131 -70.58 38.26 34.36
N LYS Y 1 -25.26 -1.19 -99.41
CA LYS Y 1 -26.29 -0.16 -99.51
C LYS Y 1 -27.44 -0.46 -98.56
N LYS Y 2 -27.27 -1.50 -97.75
CA LYS Y 2 -28.33 -1.97 -96.86
C LYS Y 2 -27.95 -1.99 -95.39
N LYS Y 3 -26.67 -1.92 -95.06
CA LYS Y 3 -26.24 -2.00 -93.67
C LYS Y 3 -26.40 -0.63 -93.02
N ILE Y 4 -27.43 -0.48 -92.20
CA ILE Y 4 -27.83 0.82 -91.66
C ILE Y 4 -28.00 0.72 -90.16
N ARG Y 5 -27.62 1.78 -89.46
CA ARG Y 5 -27.74 1.86 -88.01
C ARG Y 5 -28.89 2.81 -87.69
N THR Y 6 -30.05 2.26 -87.37
CA THR Y 6 -31.21 3.06 -87.06
C THR Y 6 -31.31 3.42 -85.58
N SER Y 7 -30.38 2.94 -84.76
CA SER Y 7 -30.34 3.29 -83.36
C SER Y 7 -28.97 3.84 -83.01
N PRO Y 8 -28.90 4.89 -82.19
CA PRO Y 8 -27.59 5.46 -81.82
C PRO Y 8 -26.86 4.69 -80.75
N THR Y 9 -27.30 3.48 -80.40
CA THR Y 9 -26.65 2.66 -79.39
C THR Y 9 -26.01 1.46 -80.07
N PHE Y 10 -24.75 1.19 -79.71
CA PHE Y 10 -24.08 -0.03 -80.14
C PHE Y 10 -24.30 -1.08 -79.07
N ARG Y 11 -24.93 -2.19 -79.44
CA ARG Y 11 -25.13 -3.30 -78.52
C ARG Y 11 -24.17 -4.42 -78.87
N ARG Y 12 -23.79 -5.18 -77.86
CA ARG Y 12 -22.90 -6.32 -78.08
C ARG Y 12 -23.60 -7.34 -78.97
N PRO Y 13 -23.01 -7.72 -80.10
CA PRO Y 13 -23.67 -8.66 -81.00
C PRO Y 13 -23.81 -10.04 -80.39
N LYS Y 14 -24.87 -10.74 -80.79
CA LYS Y 14 -25.17 -12.06 -80.28
C LYS Y 14 -24.33 -13.10 -81.00
N THR Y 15 -23.44 -13.76 -80.26
CA THR Y 15 -22.58 -14.80 -80.79
C THR Y 15 -22.98 -16.14 -80.19
N LEU Y 16 -22.85 -17.21 -80.96
CA LEU Y 16 -23.36 -18.49 -80.50
C LEU Y 16 -22.52 -19.02 -79.36
N ARG Y 17 -23.19 -19.61 -78.37
CA ARG Y 17 -22.56 -20.22 -77.22
C ARG Y 17 -22.71 -21.72 -77.35
N LEU Y 18 -21.59 -22.43 -77.41
CA LEU Y 18 -21.62 -23.88 -77.54
C LEU Y 18 -22.02 -24.52 -76.23
N ARG Y 19 -22.66 -25.69 -76.33
CA ARG Y 19 -22.97 -26.48 -75.17
C ARG Y 19 -21.77 -27.34 -74.81
N ARG Y 20 -21.61 -27.60 -73.52
CA ARG Y 20 -20.46 -28.36 -73.04
C ARG Y 20 -20.43 -29.76 -73.61
N GLN Y 21 -19.26 -30.16 -74.12
CA GLN Y 21 -19.02 -31.52 -74.60
C GLN Y 21 -17.74 -32.01 -73.93
N PRO Y 22 -17.80 -32.34 -72.65
CA PRO Y 22 -16.59 -32.66 -71.90
C PRO Y 22 -15.94 -33.94 -72.39
N LYS Y 23 -14.62 -33.96 -72.32
CA LYS Y 23 -13.84 -35.11 -72.76
C LYS Y 23 -13.75 -36.20 -71.70
N TYR Y 24 -14.20 -35.94 -70.48
CA TYR Y 24 -14.25 -36.92 -69.43
C TYR Y 24 -15.28 -36.45 -68.41
N PRO Y 25 -16.06 -37.34 -67.80
CA PRO Y 25 -16.92 -36.90 -66.70
C PRO Y 25 -16.09 -36.55 -65.49
N ARG Y 26 -16.50 -35.52 -64.77
CA ARG Y 26 -15.75 -35.10 -63.59
C ARG Y 26 -15.94 -36.08 -62.45
N LYS Y 27 -17.08 -36.75 -62.41
CA LYS Y 27 -17.35 -37.82 -61.46
C LYS Y 27 -17.50 -39.12 -62.23
N SER Y 28 -16.81 -40.17 -61.78
CA SER Y 28 -16.79 -41.42 -62.52
C SER Y 28 -18.18 -42.06 -62.58
N ALA Y 29 -18.92 -42.00 -61.48
CA ALA Y 29 -20.25 -42.57 -61.42
C ALA Y 29 -21.16 -41.62 -60.67
N PRO Y 30 -22.45 -41.60 -61.00
CA PRO Y 30 -23.40 -40.79 -60.23
C PRO Y 30 -23.59 -41.36 -58.84
N ARG Y 31 -23.61 -40.47 -57.85
CA ARG Y 31 -23.84 -40.90 -56.48
C ARG Y 31 -25.24 -41.44 -56.33
N ARG Y 32 -25.38 -42.53 -55.58
CA ARG Y 32 -26.68 -43.14 -55.42
C ARG Y 32 -27.55 -42.30 -54.49
N ASN Y 33 -28.85 -42.51 -54.59
CA ASN Y 33 -29.81 -41.77 -53.78
C ASN Y 33 -29.74 -42.27 -52.34
N LYS Y 34 -29.16 -41.46 -51.46
CA LYS Y 34 -29.11 -41.83 -50.05
C LYS Y 34 -30.49 -41.80 -49.41
N LEU Y 35 -31.39 -40.99 -49.93
CA LEU Y 35 -32.73 -40.85 -49.39
C LEU Y 35 -33.71 -41.76 -50.13
N ASP Y 36 -33.46 -43.06 -50.03
CA ASP Y 36 -34.36 -44.04 -50.62
C ASP Y 36 -35.58 -44.21 -49.70
N HIS Y 37 -36.48 -45.12 -50.08
CA HIS Y 37 -37.72 -45.24 -49.33
C HIS Y 37 -37.51 -45.84 -47.94
N TYR Y 38 -36.50 -46.67 -47.77
CA TYR Y 38 -36.19 -47.16 -46.42
C TYR Y 38 -35.60 -46.07 -45.55
N ALA Y 39 -34.83 -45.14 -46.12
CA ALA Y 39 -34.32 -44.03 -45.33
C ALA Y 39 -35.39 -42.99 -45.04
N ILE Y 40 -36.38 -42.86 -45.91
CA ILE Y 40 -37.40 -41.84 -45.70
C ILE Y 40 -38.27 -42.19 -44.50
N ILE Y 41 -38.73 -43.43 -44.43
CA ILE Y 41 -39.55 -43.90 -43.32
C ILE Y 41 -38.64 -44.56 -42.30
N LYS Y 42 -38.43 -43.90 -41.16
CA LYS Y 42 -37.54 -44.43 -40.15
C LYS Y 42 -38.23 -45.49 -39.29
N PHE Y 43 -39.28 -45.09 -38.58
CA PHE Y 43 -40.05 -46.00 -37.74
C PHE Y 43 -41.38 -45.34 -37.45
N PRO Y 44 -42.42 -46.12 -37.20
CA PRO Y 44 -43.72 -45.52 -36.84
C PRO Y 44 -43.81 -45.16 -35.38
N LEU Y 45 -44.65 -44.17 -35.09
CA LEU Y 45 -44.90 -43.75 -33.73
C LEU Y 45 -46.03 -44.59 -33.14
N THR Y 46 -45.86 -45.02 -31.89
CA THR Y 46 -46.78 -45.94 -31.25
C THR Y 46 -47.32 -45.39 -29.94
N THR Y 47 -47.36 -44.06 -29.80
CA THR Y 47 -47.89 -43.46 -28.59
C THR Y 47 -49.42 -43.57 -28.58
N GLU Y 48 -50.02 -43.15 -27.48
CA GLU Y 48 -51.48 -43.19 -27.37
C GLU Y 48 -52.15 -42.26 -28.37
N SER Y 49 -51.54 -41.10 -28.62
CA SER Y 49 -52.07 -40.21 -29.64
C SER Y 49 -51.98 -40.83 -31.03
N ALA Y 50 -50.89 -41.53 -31.31
CA ALA Y 50 -50.75 -42.20 -32.59
C ALA Y 50 -51.75 -43.34 -32.74
N MET Y 51 -51.98 -44.10 -31.66
CA MET Y 51 -52.99 -45.14 -31.70
C MET Y 51 -54.38 -44.54 -31.85
N LYS Y 52 -54.58 -43.34 -31.32
CA LYS Y 52 -55.86 -42.65 -31.46
C LYS Y 52 -56.11 -42.25 -32.91
N LYS Y 53 -55.04 -41.88 -33.63
CA LYS Y 53 -55.17 -41.51 -35.03
C LYS Y 53 -55.53 -42.72 -35.88
N ILE Y 54 -54.99 -43.89 -35.53
CA ILE Y 54 -55.19 -45.08 -36.36
C ILE Y 54 -56.63 -45.55 -36.30
N GLU Y 55 -57.19 -45.62 -35.11
CA GLU Y 55 -58.53 -46.16 -34.92
C GLU Y 55 -59.64 -45.15 -35.14
N ASP Y 56 -59.32 -43.87 -35.28
CA ASP Y 56 -60.32 -42.84 -35.49
C ASP Y 56 -60.19 -42.14 -36.82
N ASN Y 57 -58.99 -41.64 -37.15
CA ASN Y 57 -58.80 -40.80 -38.33
C ASN Y 57 -58.34 -41.58 -39.55
N ASN Y 58 -58.18 -42.91 -39.44
CA ASN Y 58 -57.62 -43.73 -40.52
C ASN Y 58 -56.25 -43.21 -40.94
N THR Y 59 -55.45 -42.83 -39.96
CA THR Y 59 -54.18 -42.15 -40.18
C THR Y 59 -53.07 -42.95 -39.54
N LEU Y 60 -51.99 -43.18 -40.29
CA LEU Y 60 -50.77 -43.75 -39.74
C LEU Y 60 -49.79 -42.64 -39.40
N VAL Y 61 -49.11 -42.77 -38.28
CA VAL Y 61 -48.15 -41.77 -37.81
C VAL Y 61 -46.76 -42.38 -37.89
N PHE Y 62 -45.88 -41.72 -38.63
CA PHE Y 62 -44.53 -42.21 -38.84
C PHE Y 62 -43.53 -41.15 -38.40
N ILE Y 63 -42.34 -41.60 -38.06
CA ILE Y 63 -41.19 -40.72 -37.90
C ILE Y 63 -40.36 -40.84 -39.16
N VAL Y 64 -40.12 -39.72 -39.83
CA VAL Y 64 -39.53 -39.73 -41.15
C VAL Y 64 -38.25 -38.91 -41.13
N ASP Y 65 -37.51 -38.99 -42.23
CA ASP Y 65 -36.31 -38.19 -42.38
C ASP Y 65 -36.69 -36.71 -42.48
N VAL Y 66 -35.88 -35.85 -41.89
CA VAL Y 66 -36.20 -34.43 -41.85
C VAL Y 66 -36.12 -33.79 -43.24
N LYS Y 67 -35.32 -34.36 -44.13
CA LYS Y 67 -35.16 -33.81 -45.47
C LYS Y 67 -36.23 -34.28 -46.44
N ALA Y 68 -37.12 -35.18 -46.03
CA ALA Y 68 -38.16 -35.69 -46.90
C ALA Y 68 -39.36 -34.75 -46.88
N ASN Y 69 -39.93 -34.51 -48.06
CA ASN Y 69 -41.12 -33.68 -48.16
C ASN Y 69 -42.35 -34.57 -48.29
N LYS Y 70 -43.51 -33.93 -48.49
CA LYS Y 70 -44.77 -34.65 -48.48
C LYS Y 70 -44.89 -35.60 -49.67
N HIS Y 71 -44.38 -35.20 -50.83
CA HIS Y 71 -44.40 -36.08 -51.98
C HIS Y 71 -43.54 -37.32 -51.75
N GLN Y 72 -42.35 -37.14 -51.18
CA GLN Y 72 -41.46 -38.27 -50.96
C GLN Y 72 -42.01 -39.21 -49.89
N ILE Y 73 -42.62 -38.65 -48.84
CA ILE Y 73 -43.25 -39.48 -47.82
C ILE Y 73 -44.39 -40.30 -48.42
N LYS Y 74 -45.19 -39.68 -49.28
CA LYS Y 74 -46.33 -40.35 -49.88
C LYS Y 74 -45.90 -41.50 -50.77
N GLN Y 75 -44.84 -41.30 -51.55
CA GLN Y 75 -44.36 -42.39 -52.40
C GLN Y 75 -43.70 -43.49 -51.59
N ALA Y 76 -42.98 -43.13 -50.52
CA ALA Y 76 -42.32 -44.14 -49.71
C ALA Y 76 -43.33 -45.04 -49.02
N VAL Y 77 -44.40 -44.46 -48.49
CA VAL Y 77 -45.43 -45.26 -47.83
C VAL Y 77 -46.15 -46.13 -48.85
N LYS Y 78 -46.39 -45.58 -50.05
CA LYS Y 78 -47.07 -46.34 -51.09
C LYS Y 78 -46.26 -47.53 -51.54
N LYS Y 79 -44.94 -47.39 -51.62
CA LYS Y 79 -44.12 -48.47 -52.17
C LYS Y 79 -43.98 -49.61 -51.16
N LEU Y 80 -43.41 -49.32 -50.00
CA LEU Y 80 -42.99 -50.35 -49.07
C LEU Y 80 -44.10 -50.80 -48.11
N TYR Y 81 -45.30 -50.26 -48.25
CA TYR Y 81 -46.44 -50.79 -47.54
C TYR Y 81 -47.58 -51.18 -48.45
N ASP Y 82 -47.52 -50.85 -49.75
CA ASP Y 82 -48.50 -51.27 -50.75
C ASP Y 82 -49.91 -50.80 -50.40
N ILE Y 83 -50.01 -49.55 -49.96
CA ILE Y 83 -51.29 -48.94 -49.60
C ILE Y 83 -51.40 -47.60 -50.32
N ASP Y 84 -52.63 -47.13 -50.45
CA ASP Y 84 -52.90 -45.83 -51.07
C ASP Y 84 -53.22 -44.81 -49.99
N VAL Y 85 -52.71 -43.61 -50.16
CA VAL Y 85 -52.78 -42.56 -49.15
C VAL Y 85 -53.63 -41.42 -49.69
N ALA Y 86 -54.32 -40.73 -48.79
CA ALA Y 86 -55.13 -39.59 -49.17
C ALA Y 86 -54.36 -38.29 -49.08
N LYS Y 87 -53.76 -38.02 -47.93
CA LYS Y 87 -52.96 -36.81 -47.75
C LYS Y 87 -51.94 -37.08 -46.64
N VAL Y 88 -50.91 -36.24 -46.61
CA VAL Y 88 -49.85 -36.33 -45.62
C VAL Y 88 -49.71 -34.98 -44.95
N ASN Y 89 -49.82 -34.96 -43.63
CA ASN Y 89 -49.57 -33.77 -42.83
C ASN Y 89 -48.26 -33.95 -42.08
N THR Y 90 -47.47 -32.88 -42.01
CA THR Y 90 -46.09 -32.99 -41.58
C THR Y 90 -45.77 -31.92 -40.55
N LEU Y 91 -45.13 -32.33 -39.46
CA LEU Y 91 -44.57 -31.39 -38.50
C LEU Y 91 -43.18 -31.85 -38.12
N ILE Y 92 -42.38 -30.91 -37.63
CA ILE Y 92 -41.05 -31.19 -37.11
C ILE Y 92 -41.12 -31.06 -35.60
N ARG Y 93 -40.76 -32.13 -34.90
CA ARG Y 93 -40.92 -32.20 -33.46
C ARG Y 93 -39.91 -31.31 -32.75
N PRO Y 94 -40.20 -30.94 -31.50
CA PRO Y 94 -39.24 -30.12 -30.74
C PRO Y 94 -37.91 -30.80 -30.52
N ASP Y 95 -37.84 -32.12 -30.58
CA ASP Y 95 -36.57 -32.83 -30.49
C ASP Y 95 -35.83 -32.88 -31.81
N GLY Y 96 -36.41 -32.35 -32.88
CA GLY Y 96 -35.77 -32.30 -34.17
C GLY Y 96 -36.24 -33.33 -35.17
N GLU Y 97 -36.99 -34.33 -34.73
CA GLU Y 97 -37.52 -35.32 -35.66
C GLU Y 97 -38.68 -34.74 -36.46
N LYS Y 98 -38.92 -35.31 -37.63
CA LYS Y 98 -40.07 -34.98 -38.44
C LYS Y 98 -41.12 -36.06 -38.30
N LYS Y 99 -42.35 -35.66 -38.05
CA LYS Y 99 -43.47 -36.57 -37.85
C LYS Y 99 -44.49 -36.38 -38.95
N ALA Y 100 -44.92 -37.48 -39.57
CA ALA Y 100 -45.87 -37.43 -40.67
C ALA Y 100 -47.15 -38.13 -40.26
N TYR Y 101 -48.28 -37.44 -40.41
CA TYR Y 101 -49.60 -38.04 -40.28
C TYR Y 101 -50.08 -38.40 -41.67
N VAL Y 102 -50.08 -39.68 -41.97
CA VAL Y 102 -50.42 -40.17 -43.31
C VAL Y 102 -51.80 -40.78 -43.25
N ARG Y 103 -52.75 -40.15 -43.92
CA ARG Y 103 -54.12 -40.65 -43.93
C ARG Y 103 -54.34 -41.53 -45.15
N LEU Y 104 -54.84 -42.73 -44.90
CA LEU Y 104 -54.98 -43.73 -45.95
C LEU Y 104 -56.23 -43.44 -46.78
N ALA Y 105 -56.27 -44.06 -47.95
CA ALA Y 105 -57.43 -43.95 -48.81
C ALA Y 105 -58.62 -44.65 -48.15
N PRO Y 106 -59.85 -44.24 -48.50
CA PRO Y 106 -61.02 -44.84 -47.83
C PRO Y 106 -61.13 -46.34 -48.00
N ASP Y 107 -60.64 -46.90 -49.09
CA ASP Y 107 -60.69 -48.34 -49.29
C ASP Y 107 -59.61 -49.09 -48.52
N TYR Y 108 -58.71 -48.39 -47.85
CA TYR Y 108 -57.69 -49.00 -47.02
C TYR Y 108 -57.96 -48.71 -45.56
N ASP Y 109 -57.86 -49.75 -44.73
CA ASP Y 109 -58.08 -49.64 -43.30
C ASP Y 109 -56.74 -49.41 -42.61
N ALA Y 110 -56.66 -48.34 -41.82
CA ALA Y 110 -55.42 -48.07 -41.10
C ALA Y 110 -55.22 -49.07 -39.96
N LEU Y 111 -56.27 -49.77 -39.56
CA LEU Y 111 -56.17 -50.69 -38.43
C LEU Y 111 -55.43 -51.96 -38.84
N ASP Y 112 -55.90 -52.64 -39.89
CA ASP Y 112 -55.25 -53.88 -40.28
C ASP Y 112 -53.92 -53.66 -40.98
N VAL Y 113 -53.73 -52.49 -41.61
CA VAL Y 113 -52.41 -52.13 -42.12
C VAL Y 113 -51.42 -51.99 -40.97
N ALA Y 114 -51.87 -51.42 -39.85
CA ALA Y 114 -51.02 -51.31 -38.68
C ALA Y 114 -50.72 -52.68 -38.10
N ASN Y 115 -51.63 -53.65 -38.28
CA ASN Y 115 -51.39 -55.00 -37.80
C ASN Y 115 -50.25 -55.66 -38.56
N LYS Y 116 -50.27 -55.58 -39.89
CA LYS Y 116 -49.25 -56.26 -40.67
C LYS Y 116 -47.91 -55.55 -40.56
N ILE Y 117 -47.92 -54.25 -40.28
CA ILE Y 117 -46.67 -53.57 -39.95
C ILE Y 117 -46.12 -54.08 -38.62
N GLY Y 118 -47.00 -54.26 -37.64
CA GLY Y 118 -46.60 -54.85 -36.39
C GLY Y 118 -46.62 -53.87 -35.24
N ILE Y 119 -47.46 -52.84 -35.34
CA ILE Y 119 -47.50 -51.78 -34.35
C ILE Y 119 -48.83 -51.74 -33.61
N ILE Y 120 -49.55 -52.86 -33.59
CA ILE Y 120 -50.83 -52.94 -32.92
C ILE Y 120 -50.63 -52.73 -31.42
N MET Z 1 22.75 -53.25 -19.30
CA MET Z 1 21.49 -52.55 -19.22
C MET Z 1 20.99 -52.13 -20.60
N LYS Z 2 19.99 -51.26 -20.63
CA LYS Z 2 19.36 -50.89 -21.88
C LYS Z 2 20.22 -49.91 -22.66
N PHE Z 3 20.48 -50.22 -23.93
CA PHE Z 3 21.30 -49.38 -24.79
C PHE Z 3 20.56 -48.79 -25.97
N ASN Z 4 19.44 -49.38 -26.38
CA ASN Z 4 18.71 -48.90 -27.54
C ASN Z 4 18.20 -47.50 -27.28
N PRO Z 5 18.56 -46.50 -28.09
CA PRO Z 5 18.11 -45.13 -27.84
C PRO Z 5 16.67 -44.86 -28.24
N PHE Z 6 15.93 -45.87 -28.67
CA PHE Z 6 14.54 -45.67 -29.08
C PHE Z 6 13.55 -46.37 -28.17
N VAL Z 7 14.01 -47.05 -27.12
CA VAL Z 7 13.14 -47.56 -26.08
C VAL Z 7 13.38 -46.74 -24.82
N THR Z 8 12.30 -46.37 -24.15
CA THR Z 8 12.37 -45.48 -23.01
C THR Z 8 12.47 -46.28 -21.71
N SER Z 9 13.18 -45.71 -20.74
CA SER Z 9 13.19 -46.20 -19.38
C SER Z 9 12.45 -45.26 -18.44
N ASP Z 10 11.73 -44.28 -18.98
CA ASP Z 10 10.96 -43.37 -18.16
C ASP Z 10 9.84 -44.12 -17.44
N ARG Z 11 9.70 -43.86 -16.15
CA ARG Z 11 8.72 -44.57 -15.35
C ARG Z 11 7.30 -44.23 -15.77
N SER Z 12 7.05 -42.95 -16.03
CA SER Z 12 5.70 -42.53 -16.41
C SER Z 12 5.34 -43.04 -17.79
N LYS Z 13 6.32 -43.12 -18.69
CA LYS Z 13 6.03 -43.59 -20.04
C LYS Z 13 5.72 -45.09 -20.04
N ASN Z 14 6.47 -45.87 -19.28
CA ASN Z 14 6.23 -47.30 -19.23
C ASN Z 14 4.91 -47.61 -18.54
N ARG Z 15 4.54 -46.81 -17.54
CA ARG Z 15 3.25 -46.98 -16.89
C ARG Z 15 2.11 -46.56 -17.79
N LYS Z 16 2.29 -45.47 -18.55
CA LYS Z 16 1.25 -45.04 -19.48
C LYS Z 16 1.04 -46.09 -20.57
N ARG Z 17 2.14 -46.65 -21.09
CA ARG Z 17 2.02 -47.70 -22.10
C ARG Z 17 1.34 -48.94 -21.53
N HIS Z 18 1.57 -49.23 -20.25
CA HIS Z 18 1.01 -50.45 -19.67
C HIS Z 18 -0.48 -50.31 -19.41
N PHE Z 19 -0.92 -49.17 -18.89
CA PHE Z 19 -2.31 -49.01 -18.51
C PHE Z 19 -3.21 -48.59 -19.67
N ASN Z 20 -2.63 -48.18 -20.78
CA ASN Z 20 -3.39 -47.78 -21.96
C ASN Z 20 -3.13 -48.71 -23.13
N ALA Z 21 -2.64 -49.91 -22.86
CA ALA Z 21 -2.30 -50.84 -23.92
C ALA Z 21 -3.58 -51.35 -24.58
N PRO Z 22 -3.58 -51.52 -25.90
CA PRO Z 22 -4.71 -52.19 -26.56
C PRO Z 22 -4.74 -53.66 -26.20
N SER Z 23 -5.91 -54.27 -26.42
CA SER Z 23 -6.14 -55.63 -25.94
C SER Z 23 -5.23 -56.64 -26.64
N HIS Z 24 -4.80 -56.37 -27.87
CA HIS Z 24 -3.99 -57.34 -28.58
C HIS Z 24 -2.57 -57.44 -28.02
N ILE Z 25 -2.08 -56.40 -27.33
CA ILE Z 25 -0.83 -56.52 -26.60
C ILE Z 25 -1.07 -56.68 -25.10
N ARG Z 26 -2.28 -56.38 -24.61
CA ARG Z 26 -2.64 -56.80 -23.27
C ARG Z 26 -2.63 -58.31 -23.14
N ARG Z 27 -2.88 -59.01 -24.25
CA ARG Z 27 -2.76 -60.46 -24.26
C ARG Z 27 -1.33 -60.89 -23.98
N LYS Z 28 -0.35 -60.21 -24.58
CA LYS Z 28 1.04 -60.55 -24.33
C LYS Z 28 1.46 -60.22 -22.90
N ILE Z 29 0.99 -59.07 -22.38
CA ILE Z 29 1.32 -58.67 -21.03
C ILE Z 29 0.78 -59.68 -20.03
N MET Z 30 -0.42 -60.20 -20.29
CA MET Z 30 -1.06 -61.18 -19.42
C MET Z 30 -0.61 -62.59 -19.77
N SER Z 31 0.69 -62.83 -19.61
CA SER Z 31 1.28 -64.14 -19.86
C SER Z 31 1.55 -64.85 -18.53
N SER Z 32 1.60 -66.17 -18.59
CA SER Z 32 1.81 -66.99 -17.41
C SER Z 32 2.93 -67.99 -17.66
N PRO Z 33 3.65 -68.38 -16.61
CA PRO Z 33 4.64 -69.44 -16.78
C PRO Z 33 3.98 -70.80 -16.98
N LEU Z 34 4.67 -71.66 -17.71
CA LEU Z 34 4.25 -73.04 -17.83
C LEU Z 34 4.77 -73.84 -16.63
N SER Z 35 4.16 -75.00 -16.40
CA SER Z 35 4.66 -75.89 -15.38
C SER Z 35 6.00 -76.47 -15.81
N LYS Z 36 6.69 -77.09 -14.85
CA LYS Z 36 7.99 -77.68 -15.15
C LYS Z 36 7.85 -78.80 -16.16
N GLU Z 37 6.77 -79.57 -16.08
CA GLU Z 37 6.52 -80.62 -17.07
C GLU Z 37 6.26 -80.02 -18.44
N LEU Z 38 5.43 -78.98 -18.51
CA LEU Z 38 5.15 -78.33 -19.79
C LEU Z 38 6.37 -77.60 -20.30
N ARG Z 39 7.17 -77.02 -19.41
CA ARG Z 39 8.42 -76.40 -19.82
C ARG Z 39 9.41 -77.42 -20.33
N GLN Z 40 9.40 -78.63 -19.78
CA GLN Z 40 10.23 -79.70 -20.31
C GLN Z 40 9.69 -80.23 -21.63
N LYS Z 41 8.38 -80.46 -21.71
CA LYS Z 41 7.78 -81.04 -22.91
C LYS Z 41 7.87 -80.10 -24.09
N TYR Z 42 7.43 -78.85 -23.91
CA TYR Z 42 7.56 -77.81 -24.91
C TYR Z 42 8.71 -76.93 -24.48
N ASN Z 43 9.69 -76.74 -25.36
CA ASN Z 43 10.87 -76.00 -24.94
C ASN Z 43 10.58 -74.51 -24.87
N VAL Z 44 9.59 -74.14 -24.05
CA VAL Z 44 9.21 -72.74 -23.86
C VAL Z 44 9.04 -72.51 -22.36
N ARG Z 45 9.09 -71.25 -21.96
CA ARG Z 45 8.99 -70.87 -20.57
C ARG Z 45 7.63 -70.28 -20.22
N SER Z 46 7.20 -69.24 -20.93
CA SER Z 46 5.95 -68.56 -20.66
C SER Z 46 5.01 -68.72 -21.85
N MET Z 47 3.74 -68.35 -21.62
CA MET Z 47 2.69 -68.48 -22.60
C MET Z 47 1.61 -67.46 -22.26
N PRO Z 48 1.05 -66.78 -23.24
CA PRO Z 48 -0.10 -65.93 -22.96
C PRO Z 48 -1.28 -66.75 -22.46
N ILE Z 49 -2.00 -66.20 -21.48
CA ILE Z 49 -3.09 -66.95 -20.86
C ILE Z 49 -4.28 -66.99 -21.80
N ARG Z 50 -5.07 -68.06 -21.70
CA ARG Z 50 -6.08 -68.40 -22.68
C ARG Z 50 -7.34 -68.85 -21.94
N LYS Z 51 -8.46 -68.82 -22.64
CA LYS Z 51 -9.77 -68.97 -22.01
C LYS Z 51 -9.92 -70.27 -21.24
N ASP Z 52 -9.56 -71.40 -21.84
CA ASP Z 52 -9.95 -72.69 -21.30
C ASP Z 52 -8.76 -73.57 -20.97
N ASP Z 53 -7.70 -73.01 -20.41
CA ASP Z 53 -6.59 -73.81 -19.91
C ASP Z 53 -6.66 -73.89 -18.40
N GLU Z 54 -5.97 -74.88 -17.85
CA GLU Z 54 -6.02 -75.17 -16.43
C GLU Z 54 -4.76 -74.68 -15.75
N VAL Z 55 -4.94 -73.86 -14.72
CA VAL Z 55 -3.84 -73.24 -14.00
C VAL Z 55 -3.96 -73.60 -12.53
N GLN Z 56 -2.90 -73.29 -11.78
CA GLN Z 56 -2.94 -73.37 -10.33
C GLN Z 56 -2.30 -72.11 -9.76
N VAL Z 57 -2.85 -71.62 -8.67
CA VAL Z 57 -2.43 -70.35 -8.08
C VAL Z 57 -1.25 -70.61 -7.14
N VAL Z 58 -0.21 -69.80 -7.28
CA VAL Z 58 1.03 -70.00 -6.52
C VAL Z 58 1.29 -68.87 -5.54
N ARG Z 59 0.53 -67.78 -5.59
CA ARG Z 59 0.70 -66.68 -4.67
C ARG Z 59 -0.66 -66.20 -4.19
N GLY Z 60 -0.69 -65.62 -3.01
CA GLY Z 60 -1.91 -65.03 -2.50
C GLY Z 60 -2.68 -65.93 -1.56
N HIS Z 61 -3.93 -65.55 -1.36
CA HIS Z 61 -4.79 -66.29 -0.45
C HIS Z 61 -5.20 -67.65 -0.99
N TYR Z 62 -5.20 -67.81 -2.31
CA TYR Z 62 -5.67 -69.03 -2.93
C TYR Z 62 -4.54 -69.92 -3.41
N LYS Z 63 -3.39 -69.86 -2.73
CA LYS Z 63 -2.29 -70.76 -2.99
C LYS Z 63 -2.74 -72.20 -2.78
N GLY Z 64 -2.23 -73.09 -3.62
CA GLY Z 64 -2.53 -74.50 -3.44
C GLY Z 64 -2.14 -75.29 -4.67
N GLN Z 65 -2.30 -76.60 -4.55
CA GLN Z 65 -2.05 -77.52 -5.64
C GLN Z 65 -3.31 -77.84 -6.44
N GLN Z 66 -4.45 -77.31 -6.04
CA GLN Z 66 -5.69 -77.57 -6.77
C GLN Z 66 -5.63 -76.92 -8.15
N ILE Z 67 -6.08 -77.66 -9.15
CA ILE Z 67 -6.04 -77.23 -10.54
C ILE Z 67 -7.41 -76.73 -10.92
N GLY Z 68 -7.48 -75.51 -11.41
CA GLY Z 68 -8.75 -74.92 -11.82
C GLY Z 68 -8.68 -74.40 -13.23
N LYS Z 69 -9.76 -74.59 -13.97
CA LYS Z 69 -9.84 -74.13 -15.34
C LYS Z 69 -10.17 -72.65 -15.38
N VAL Z 70 -9.44 -71.91 -16.22
CA VAL Z 70 -9.76 -70.50 -16.44
C VAL Z 70 -11.13 -70.38 -17.06
N VAL Z 71 -11.90 -69.38 -16.63
CA VAL Z 71 -13.27 -69.25 -17.09
C VAL Z 71 -13.51 -67.87 -17.64
N GLN Z 72 -12.53 -66.97 -17.48
CA GLN Z 72 -12.65 -65.63 -18.03
C GLN Z 72 -11.29 -64.96 -17.98
N VAL Z 73 -10.92 -64.27 -19.07
CA VAL Z 73 -9.72 -63.47 -19.11
C VAL Z 73 -10.13 -62.02 -19.26
N TYR Z 74 -10.14 -61.28 -18.16
CA TYR Z 74 -10.68 -59.92 -18.14
C TYR Z 74 -9.53 -58.97 -18.45
N ARG Z 75 -9.25 -58.78 -19.73
CA ARG Z 75 -8.08 -58.00 -20.11
C ARG Z 75 -8.19 -56.53 -19.71
N LYS Z 76 -9.40 -56.00 -19.56
CA LYS Z 76 -9.54 -54.62 -19.14
C LYS Z 76 -9.06 -54.41 -17.71
N LYS Z 77 -9.24 -55.40 -16.86
CA LYS Z 77 -8.80 -55.32 -15.47
C LYS Z 77 -7.52 -56.08 -15.20
N TYR Z 78 -6.90 -56.64 -16.24
CA TYR Z 78 -5.62 -57.35 -16.14
C TYR Z 78 -5.70 -58.53 -15.18
N VAL Z 79 -6.85 -59.21 -15.16
CA VAL Z 79 -7.07 -60.32 -14.24
C VAL Z 79 -7.72 -61.46 -15.00
N ILE Z 80 -7.65 -62.65 -14.40
CA ILE Z 80 -8.32 -63.84 -14.91
C ILE Z 80 -9.15 -64.43 -13.79
N TYR Z 81 -10.16 -65.22 -14.17
CA TYR Z 81 -11.02 -65.91 -13.23
C TYR Z 81 -10.80 -67.40 -13.35
N ILE Z 82 -10.85 -68.10 -12.22
CA ILE Z 82 -10.62 -69.53 -12.17
C ILE Z 82 -11.83 -70.17 -11.48
N GLU Z 83 -12.00 -71.47 -11.69
CA GLU Z 83 -13.24 -72.15 -11.34
C GLU Z 83 -13.57 -72.02 -9.86
N ARG Z 84 -12.73 -72.57 -8.99
CA ARG Z 84 -13.01 -72.58 -7.56
C ARG Z 84 -12.39 -71.41 -6.82
N VAL Z 85 -11.75 -70.48 -7.53
CA VAL Z 85 -11.18 -69.30 -6.90
C VAL Z 85 -12.29 -68.26 -6.85
N GLN Z 86 -13.05 -68.28 -5.76
CA GLN Z 86 -14.20 -67.41 -5.61
C GLN Z 86 -14.48 -67.22 -4.14
N ARG Z 87 -15.26 -66.19 -3.83
CA ARG Z 87 -15.64 -65.88 -2.46
C ARG Z 87 -17.12 -65.57 -2.41
N GLU Z 88 -17.70 -65.70 -1.22
CA GLU Z 88 -19.07 -65.31 -0.98
C GLU Z 88 -19.14 -63.82 -0.70
N LYS Z 89 -20.17 -63.17 -1.22
CA LYS Z 89 -20.44 -61.79 -0.85
C LYS Z 89 -21.58 -61.78 0.16
N ALA Z 90 -22.08 -60.57 0.48
CA ALA Z 90 -23.02 -60.42 1.59
C ALA Z 90 -24.30 -61.21 1.35
N ASN Z 91 -24.91 -61.05 0.19
CA ASN Z 91 -26.19 -61.67 -0.09
C ASN Z 91 -26.08 -63.14 -0.51
N GLY Z 92 -24.95 -63.79 -0.25
CA GLY Z 92 -24.83 -65.21 -0.40
C GLY Z 92 -24.46 -65.72 -1.78
N THR Z 93 -24.33 -64.83 -2.77
CA THR Z 93 -23.88 -65.26 -4.08
C THR Z 93 -22.35 -65.36 -4.10
N THR Z 94 -21.85 -66.20 -5.00
CA THR Z 94 -20.42 -66.38 -5.17
C THR Z 94 -19.94 -65.51 -6.33
N VAL Z 95 -18.85 -64.78 -6.10
CA VAL Z 95 -18.23 -63.96 -7.13
C VAL Z 95 -16.80 -64.44 -7.33
N HIS Z 96 -16.37 -64.46 -8.59
CA HIS Z 96 -14.99 -64.82 -8.89
C HIS Z 96 -14.04 -63.75 -8.40
N VAL Z 97 -12.92 -64.18 -7.82
CA VAL Z 97 -11.87 -63.28 -7.39
C VAL Z 97 -10.82 -63.25 -8.48
N GLY Z 98 -10.56 -62.06 -9.00
CA GLY Z 98 -9.62 -61.92 -10.11
C GLY Z 98 -8.20 -61.89 -9.60
N ILE Z 99 -7.33 -62.67 -10.23
CA ILE Z 99 -5.94 -62.71 -9.85
C ILE Z 99 -5.08 -62.52 -11.09
N HIS Z 100 -3.87 -62.01 -10.87
CA HIS Z 100 -3.00 -61.68 -11.99
C HIS Z 100 -2.43 -62.95 -12.61
N PRO Z 101 -2.38 -63.03 -13.94
CA PRO Z 101 -1.88 -64.25 -14.58
C PRO Z 101 -0.42 -64.54 -14.32
N SER Z 102 0.37 -63.56 -13.88
CA SER Z 102 1.73 -63.84 -13.49
C SER Z 102 1.83 -64.60 -12.19
N LYS Z 103 0.73 -64.71 -11.44
CA LYS Z 103 0.71 -65.39 -10.16
C LYS Z 103 0.11 -66.78 -10.26
N VAL Z 104 -0.06 -67.31 -11.47
CA VAL Z 104 -0.48 -68.69 -11.67
C VAL Z 104 0.60 -69.39 -12.46
N VAL Z 105 0.43 -70.70 -12.62
CA VAL Z 105 1.27 -71.49 -13.51
C VAL Z 105 0.35 -72.40 -14.31
N ILE Z 106 0.56 -72.45 -15.62
CA ILE Z 106 -0.29 -73.25 -16.50
C ILE Z 106 0.16 -74.69 -16.45
N THR Z 107 -0.76 -75.58 -16.07
CA THR Z 107 -0.46 -77.00 -15.98
C THR Z 107 -1.00 -77.80 -17.17
N ARG Z 108 -1.95 -77.26 -17.90
CA ARG Z 108 -2.41 -77.88 -19.14
C ARG Z 108 -2.88 -76.79 -20.07
N LEU Z 109 -2.39 -76.81 -21.31
CA LEU Z 109 -2.74 -75.79 -22.28
C LEU Z 109 -4.00 -76.18 -23.05
N LYS Z 110 -4.79 -75.17 -23.39
CA LYS Z 110 -5.90 -75.35 -24.31
C LYS Z 110 -5.34 -75.19 -25.72
N LEU Z 111 -5.21 -76.31 -26.43
CA LEU Z 111 -4.43 -76.34 -27.66
C LEU Z 111 -5.32 -76.37 -28.89
N ASP Z 112 -5.00 -75.51 -29.85
CA ASP Z 112 -5.53 -75.59 -31.20
C ASP Z 112 -4.40 -75.27 -32.16
N LYS Z 113 -4.74 -75.05 -33.44
CA LYS Z 113 -3.70 -74.85 -34.44
C LYS Z 113 -2.93 -73.56 -34.19
N ASP Z 114 -3.58 -72.55 -33.63
CA ASP Z 114 -2.88 -71.29 -33.35
C ASP Z 114 -1.97 -71.42 -32.14
N ARG Z 115 -2.45 -72.05 -31.06
CA ARG Z 115 -1.61 -72.21 -29.87
C ARG Z 115 -0.41 -73.11 -30.18
N LYS Z 116 -0.63 -74.17 -30.94
CA LYS Z 116 0.48 -75.05 -31.31
C LYS Z 116 1.51 -74.29 -32.12
N LYS Z 117 1.07 -73.53 -33.13
CA LYS Z 117 2.00 -72.82 -34.00
C LYS Z 117 2.90 -71.87 -33.22
N ILE Z 118 2.35 -71.21 -32.20
CA ILE Z 118 3.17 -70.35 -31.35
C ILE Z 118 4.17 -71.18 -30.55
N LEU Z 119 3.79 -72.41 -30.19
CA LEU Z 119 4.65 -73.23 -29.34
C LEU Z 119 5.94 -73.63 -30.04
N GLU Z 120 5.86 -74.00 -31.32
CA GLU Z 120 7.12 -74.25 -32.02
C GLU Z 120 7.85 -72.96 -32.38
N ARG Z 121 7.11 -71.87 -32.57
CA ARG Z 121 7.77 -70.62 -32.90
C ARG Z 121 8.61 -70.11 -31.73
N LYS Z 122 8.09 -70.21 -30.51
CA LYS Z 122 8.89 -69.85 -29.35
C LYS Z 122 10.04 -70.82 -29.15
N ALA Z 123 9.78 -72.12 -29.33
CA ALA Z 123 10.82 -73.12 -29.11
C ALA Z 123 11.93 -73.02 -30.14
N LYS Z 124 11.57 -72.75 -31.40
CA LYS Z 124 12.59 -72.61 -32.43
C LYS Z 124 13.52 -71.44 -32.15
N SER Z 125 12.96 -70.31 -31.72
CA SER Z 125 13.78 -69.15 -31.40
C SER Z 125 14.70 -69.44 -30.22
N ARG Z 126 14.19 -70.16 -29.23
CA ARG Z 126 15.02 -70.55 -28.09
C ARG Z 126 16.14 -71.48 -28.51
N GLN Z 127 15.86 -72.40 -29.44
CA GLN Z 127 16.89 -73.32 -29.89
C GLN Z 127 17.97 -72.59 -30.67
N VAL Z 128 17.59 -71.58 -31.46
CA VAL Z 128 18.59 -70.79 -32.18
C VAL Z 128 19.50 -70.06 -31.20
N GLY Z 129 18.92 -69.52 -30.12
CA GLY Z 129 19.73 -68.83 -29.12
C GLY Z 129 20.73 -69.74 -28.45
N LYS Z 130 20.31 -70.97 -28.14
CA LYS Z 130 21.23 -71.91 -27.52
C LYS Z 130 22.34 -72.33 -28.49
N GLU Z 131 22.01 -72.45 -29.78
CA GLU Z 131 23.02 -72.81 -30.76
C GLU Z 131 23.97 -71.67 -31.07
N LYS Z 132 23.47 -70.43 -31.06
CA LYS Z 132 24.36 -69.29 -31.26
C LYS Z 132 25.31 -69.13 -30.08
N GLY Z 133 24.82 -69.36 -28.87
CA GLY Z 133 25.61 -69.23 -27.67
C GLY Z 133 26.34 -70.47 -27.20
N LYS Z 134 26.35 -71.53 -27.99
CA LYS Z 134 27.04 -72.76 -27.59
C LYS Z 134 28.55 -72.60 -27.76
N GLY AA 1 -81.24 28.41 -91.81
CA GLY AA 1 -82.44 27.71 -91.40
C GLY AA 1 -82.14 26.34 -90.81
N LYS AA 2 -83.11 25.45 -90.86
CA LYS AA 2 -82.89 24.08 -90.40
C LYS AA 2 -81.90 23.39 -91.32
N PHE AA 3 -80.99 22.62 -90.72
CA PHE AA 3 -80.00 21.89 -91.48
C PHE AA 3 -80.03 20.38 -91.28
N MET AA 4 -80.68 19.90 -90.22
CA MET AA 4 -80.80 18.45 -90.02
C MET AA 4 -81.79 17.88 -91.02
N LYS AA 5 -81.29 17.40 -92.15
CA LYS AA 5 -82.10 16.94 -93.26
C LYS AA 5 -81.63 15.55 -93.67
N PRO AA 6 -82.49 14.79 -94.35
CA PRO AA 6 -82.05 13.48 -94.86
C PRO AA 6 -80.88 13.62 -95.80
N GLY AA 7 -79.94 12.69 -95.69
CA GLY AA 7 -78.72 12.71 -96.46
C GLY AA 7 -77.56 13.38 -95.77
N LYS AA 8 -77.79 14.09 -94.67
CA LYS AA 8 -76.73 14.81 -93.99
C LYS AA 8 -75.92 13.87 -93.11
N VAL AA 9 -74.60 14.01 -93.16
CA VAL AA 9 -73.71 13.19 -92.34
C VAL AA 9 -73.62 13.79 -90.95
N VAL AA 10 -73.85 12.96 -89.93
CA VAL AA 10 -73.75 13.37 -88.55
C VAL AA 10 -72.73 12.49 -87.85
N LEU AA 11 -72.27 12.94 -86.70
CA LEU AA 11 -71.36 12.18 -85.85
C LEU AA 11 -72.12 11.77 -84.59
N VAL AA 12 -72.06 10.49 -84.24
CA VAL AA 12 -72.74 10.00 -83.06
C VAL AA 12 -71.89 10.35 -81.83
N LEU AA 13 -72.50 11.06 -80.89
CA LEU AA 13 -71.78 11.54 -79.73
C LEU AA 13 -71.90 10.65 -78.50
N ALA AA 14 -72.98 9.89 -78.37
CA ALA AA 14 -73.21 9.07 -77.19
C ALA AA 14 -73.70 7.70 -77.60
N GLY AA 15 -73.56 6.74 -76.69
CA GLY AA 15 -74.06 5.41 -76.91
C GLY AA 15 -72.96 4.43 -77.26
N ARG AA 16 -73.40 3.23 -77.65
CA ARG AA 16 -72.47 2.19 -78.07
C ARG AA 16 -71.69 2.61 -79.31
N TYR AA 17 -72.31 3.38 -80.19
CA TYR AA 17 -71.71 3.80 -81.46
C TYR AA 17 -71.11 5.18 -81.38
N SER AA 18 -70.55 5.56 -80.24
CA SER AA 18 -69.94 6.87 -80.08
C SER AA 18 -68.78 7.04 -81.05
N GLY AA 19 -68.75 8.17 -81.73
CA GLY AA 19 -67.68 8.46 -82.66
C GLY AA 19 -67.84 7.85 -84.04
N ARG AA 20 -68.95 7.19 -84.30
CA ARG AA 20 -69.20 6.61 -85.61
C ARG AA 20 -69.81 7.67 -86.54
N LYS AA 21 -69.35 7.69 -87.77
CA LYS AA 21 -69.98 8.53 -88.78
C LYS AA 21 -71.26 7.88 -89.26
N ALA AA 22 -72.24 8.70 -89.59
CA ALA AA 22 -73.56 8.19 -89.91
C ALA AA 22 -74.31 9.20 -90.75
N VAL AA 23 -75.38 8.74 -91.40
CA VAL AA 23 -76.18 9.58 -92.29
C VAL AA 23 -77.62 9.61 -91.79
N ILE AA 24 -78.24 10.78 -91.88
CA ILE AA 24 -79.62 10.95 -91.44
C ILE AA 24 -80.56 10.38 -92.49
N VAL AA 25 -81.43 9.47 -92.07
CA VAL AA 25 -82.42 8.89 -92.96
C VAL AA 25 -83.74 9.66 -92.91
N LYS AA 26 -84.20 10.01 -91.72
CA LYS AA 26 -85.45 10.72 -91.56
C LYS AA 26 -85.36 11.56 -90.31
N ASN AA 27 -85.49 12.88 -90.45
CA ASN AA 27 -85.52 13.77 -89.31
C ASN AA 27 -86.96 14.02 -88.88
N ILE AA 28 -87.17 14.09 -87.57
CA ILE AA 28 -88.49 14.31 -87.01
C ILE AA 28 -88.63 15.70 -86.40
N ASP AA 29 -87.68 16.10 -85.56
CA ASP AA 29 -87.48 17.45 -85.00
C ASP AA 29 -88.76 18.07 -84.43
N ASP AA 30 -89.76 17.23 -84.12
CA ASP AA 30 -90.99 17.68 -83.48
C ASP AA 30 -91.47 16.77 -82.37
N GLY AA 31 -91.00 15.54 -82.28
CA GLY AA 31 -91.58 14.61 -81.32
C GLY AA 31 -92.76 13.86 -81.91
N THR AA 32 -93.03 12.70 -81.33
CA THR AA 32 -94.15 11.86 -81.75
C THR AA 32 -94.92 11.33 -80.55
N SER AA 33 -94.86 12.04 -79.42
CA SER AA 33 -95.55 11.71 -78.16
C SER AA 33 -95.01 10.42 -77.55
N ASP AA 34 -94.09 9.76 -78.24
CA ASP AA 34 -93.30 8.67 -77.67
C ASP AA 34 -91.85 9.04 -77.49
N ARG AA 35 -91.36 9.96 -78.33
CA ARG AA 35 -90.05 10.60 -78.15
C ARG AA 35 -90.30 12.09 -78.26
N PRO AA 36 -90.72 12.72 -77.16
CA PRO AA 36 -91.07 14.15 -77.23
C PRO AA 36 -89.93 15.06 -77.63
N TYR AA 37 -88.68 14.61 -77.49
CA TYR AA 37 -87.54 15.38 -77.93
C TYR AA 37 -87.40 15.29 -79.45
N SER AA 38 -86.53 16.13 -80.00
CA SER AA 38 -86.23 16.10 -81.42
C SER AA 38 -85.26 14.97 -81.72
N HIS AA 39 -85.65 14.06 -82.60
CA HIS AA 39 -84.85 12.88 -82.89
C HIS AA 39 -84.77 12.68 -84.39
N ALA AA 40 -83.99 11.70 -84.80
CA ALA AA 40 -83.81 11.39 -86.22
C ALA AA 40 -83.48 9.92 -86.38
N LEU AA 41 -84.08 9.29 -87.38
CA LEU AA 41 -83.68 7.95 -87.77
C LEU AA 41 -82.35 8.02 -88.51
N VAL AA 42 -81.40 7.19 -88.11
CA VAL AA 42 -80.02 7.30 -88.56
C VAL AA 42 -79.51 5.93 -88.98
N ALA AA 43 -78.87 5.88 -90.14
CA ALA AA 43 -78.13 4.70 -90.60
C ALA AA 43 -76.64 5.03 -90.58
N GLY AA 44 -75.86 4.21 -89.88
CA GLY AA 44 -74.45 4.47 -89.74
C GLY AA 44 -73.62 3.22 -89.97
N ILE AA 45 -72.32 3.29 -89.74
CA ILE AA 45 -71.44 2.14 -89.93
C ILE AA 45 -70.74 1.82 -88.62
N ASP AA 46 -70.88 0.57 -88.19
CA ASP AA 46 -70.27 0.11 -86.94
C ASP AA 46 -68.80 -0.20 -87.14
N ARG AA 47 -68.48 -1.00 -88.15
CA ARG AA 47 -67.11 -1.36 -88.47
C ARG AA 47 -66.72 -0.71 -89.78
N TYR AA 48 -65.69 0.12 -89.75
CA TYR AA 48 -65.23 0.78 -90.97
C TYR AA 48 -64.50 -0.22 -91.85
N PRO AA 49 -64.52 -0.02 -93.16
CA PRO AA 49 -63.70 -0.86 -94.04
C PRO AA 49 -62.23 -0.64 -93.76
N ARG AA 50 -61.45 -1.72 -93.87
CA ARG AA 50 -60.04 -1.59 -93.57
C ARG AA 50 -59.30 -0.94 -94.73
N LYS AA 51 -58.13 -0.40 -94.42
CA LYS AA 51 -57.30 0.22 -95.43
C LYS AA 51 -56.81 -0.82 -96.41
N VAL AA 52 -56.89 -0.52 -97.70
CA VAL AA 52 -56.46 -1.42 -98.76
C VAL AA 52 -55.33 -0.75 -99.53
N THR AA 53 -54.32 -1.52 -99.88
CA THR AA 53 -53.16 -1.05 -100.63
C THR AA 53 -53.06 -1.79 -101.96
N ALA AA 54 -52.19 -1.29 -102.83
CA ALA AA 54 -52.03 -1.89 -104.15
C ALA AA 54 -51.47 -3.30 -104.04
N ALA AA 55 -50.54 -3.54 -103.13
CA ALA AA 55 -49.88 -4.83 -103.00
C ALA AA 55 -50.67 -5.75 -102.05
N MET AA 56 -51.95 -5.94 -102.36
CA MET AA 56 -52.75 -6.76 -101.46
C MET AA 56 -53.40 -7.95 -102.14
N GLY AA 57 -53.94 -7.78 -103.33
CA GLY AA 57 -54.60 -8.90 -103.98
C GLY AA 57 -56.11 -8.78 -103.92
N LYS AA 58 -56.78 -9.37 -104.92
CA LYS AA 58 -58.22 -9.18 -105.07
C LYS AA 58 -58.99 -9.77 -103.90
N LYS AA 59 -58.65 -10.98 -103.49
CA LYS AA 59 -59.42 -11.64 -102.44
C LYS AA 59 -59.22 -10.96 -101.09
N LYS AA 60 -58.00 -10.48 -100.82
CA LYS AA 60 -57.76 -9.76 -99.58
C LYS AA 60 -58.44 -8.40 -99.58
N ILE AA 61 -58.51 -7.75 -100.74
CA ILE AA 61 -59.13 -6.43 -100.83
C ILE AA 61 -60.63 -6.54 -100.58
N ALA AA 62 -61.28 -7.53 -101.19
CA ALA AA 62 -62.72 -7.70 -100.99
C ALA AA 62 -63.04 -8.09 -99.55
N LYS AA 63 -62.16 -8.87 -98.92
CA LYS AA 63 -62.33 -9.20 -97.51
C LYS AA 63 -62.24 -7.96 -96.64
N ARG AA 64 -61.34 -7.04 -96.97
CA ARG AA 64 -61.15 -5.84 -96.16
C ARG AA 64 -62.12 -4.73 -96.50
N SER AA 65 -62.86 -4.85 -97.59
CA SER AA 65 -63.81 -3.82 -98.00
C SER AA 65 -65.20 -4.03 -97.40
N LYS AA 66 -65.35 -4.98 -96.50
CA LYS AA 66 -66.66 -5.26 -95.91
C LYS AA 66 -67.00 -4.21 -94.86
N ILE AA 67 -68.28 -3.84 -94.80
CA ILE AA 67 -68.77 -2.81 -93.90
C ILE AA 67 -69.86 -3.41 -93.02
N LYS AA 68 -69.73 -3.24 -91.71
CA LYS AA 68 -70.78 -3.57 -90.76
C LYS AA 68 -71.50 -2.29 -90.37
N SER AA 69 -72.81 -2.25 -90.59
CA SER AA 69 -73.60 -1.05 -90.44
C SER AA 69 -74.50 -1.16 -89.22
N PHE AA 70 -75.23 -0.08 -88.96
CA PHE AA 70 -76.22 -0.05 -87.89
C PHE AA 70 -77.29 0.96 -88.25
N VAL AA 71 -78.48 0.78 -87.67
CA VAL AA 71 -79.57 1.73 -87.79
C VAL AA 71 -80.06 2.07 -86.39
N LYS AA 72 -80.26 3.36 -86.14
CA LYS AA 72 -80.64 3.83 -84.81
C LYS AA 72 -81.54 5.03 -84.95
N VAL AA 73 -82.26 5.34 -83.87
CA VAL AA 73 -82.99 6.58 -83.72
C VAL AA 73 -82.30 7.36 -82.60
N TYR AA 74 -81.78 8.54 -82.93
CA TYR AA 74 -80.94 9.29 -82.03
C TYR AA 74 -81.58 10.62 -81.69
N ASN AA 75 -81.52 10.98 -80.41
CA ASN AA 75 -81.84 12.34 -80.00
C ASN AA 75 -80.84 13.30 -80.62
N TYR AA 76 -81.32 14.49 -81.01
CA TYR AA 76 -80.46 15.47 -81.67
C TYR AA 76 -79.29 15.86 -80.78
N ASN AA 77 -79.48 15.92 -79.48
CA ASN AA 77 -78.41 16.29 -78.57
C ASN AA 77 -77.30 15.27 -78.54
N HIS AA 78 -77.52 14.07 -79.04
CA HIS AA 78 -76.49 13.04 -79.12
C HIS AA 78 -75.92 12.93 -80.53
N LEU AA 79 -76.21 13.89 -81.40
CA LEU AA 79 -75.72 13.90 -82.77
C LEU AA 79 -74.93 15.17 -83.01
N MET AA 80 -73.80 15.04 -83.69
CA MET AA 80 -72.98 16.18 -84.09
C MET AA 80 -73.09 16.37 -85.59
N PRO AA 81 -73.82 17.37 -86.07
CA PRO AA 81 -73.96 17.53 -87.52
C PRO AA 81 -72.66 17.96 -88.16
N THR AA 82 -72.50 17.56 -89.42
CA THR AA 82 -71.35 17.96 -90.23
C THR AA 82 -71.84 18.72 -91.45
N ARG AA 83 -70.91 19.30 -92.17
CA ARG AA 83 -71.24 19.97 -93.42
C ARG AA 83 -71.34 19.02 -94.59
N TYR AA 84 -70.91 17.77 -94.42
CA TYR AA 84 -70.89 16.78 -95.48
C TYR AA 84 -72.26 16.14 -95.64
N SER AA 85 -72.48 15.55 -96.81
CA SER AA 85 -73.72 14.84 -97.09
C SER AA 85 -73.42 13.75 -98.10
N VAL AA 86 -74.16 12.65 -98.02
CA VAL AA 86 -74.06 11.57 -98.99
C VAL AA 86 -75.45 11.33 -99.57
N ASP AA 87 -75.53 11.20 -100.89
CA ASP AA 87 -76.78 10.94 -101.59
C ASP AA 87 -77.01 9.45 -101.81
N ILE AA 88 -76.89 8.67 -100.74
CA ILE AA 88 -77.06 7.22 -100.84
C ILE AA 88 -78.55 6.89 -100.78
N PRO AA 89 -79.09 6.20 -101.78
CA PRO AA 89 -80.55 5.98 -101.84
C PRO AA 89 -81.00 4.79 -101.01
N LEU AA 90 -81.02 4.99 -99.69
CA LEU AA 90 -81.53 3.96 -98.80
C LEU AA 90 -83.02 3.77 -99.01
N ASP AA 91 -83.46 2.52 -99.05
CA ASP AA 91 -84.87 2.21 -99.25
C ASP AA 91 -85.65 2.62 -98.00
N LYS AA 92 -86.56 3.57 -98.16
CA LYS AA 92 -87.33 4.06 -97.01
C LYS AA 92 -88.28 3.00 -96.49
N THR AA 93 -88.85 2.18 -97.38
CA THR AA 93 -89.75 1.13 -96.93
C THR AA 93 -89.03 0.06 -96.13
N VAL AA 94 -87.73 -0.11 -96.33
CA VAL AA 94 -86.95 -1.06 -95.55
C VAL AA 94 -86.35 -0.41 -94.31
N VAL AA 95 -85.77 0.77 -94.48
CA VAL AA 95 -85.19 1.52 -93.36
C VAL AA 95 -86.22 2.57 -92.96
N ASN AA 96 -87.09 2.21 -92.02
CA ASN AA 96 -88.10 3.13 -91.51
C ASN AA 96 -88.13 3.09 -89.99
N LYS AA 97 -89.01 3.88 -89.38
CA LYS AA 97 -88.98 4.01 -87.93
C LYS AA 97 -89.50 2.78 -87.20
N ASP AA 98 -90.50 2.11 -87.76
CA ASP AA 98 -91.11 0.97 -87.08
C ASP AA 98 -90.32 -0.33 -87.28
N VAL AA 99 -89.05 -0.22 -87.68
CA VAL AA 99 -88.21 -1.39 -87.85
C VAL AA 99 -87.66 -1.90 -86.53
N PHE AA 100 -87.81 -1.13 -85.46
CA PHE AA 100 -87.25 -1.45 -84.16
C PHE AA 100 -88.14 -2.34 -83.31
N ARG AA 101 -89.36 -2.61 -83.76
CA ARG AA 101 -90.27 -3.48 -83.04
C ARG AA 101 -90.21 -4.93 -83.49
N ASP AA 102 -89.47 -5.24 -84.55
CA ASP AA 102 -89.32 -6.61 -85.03
C ASP AA 102 -87.84 -6.83 -85.34
N PRO AA 103 -87.17 -7.76 -84.65
CA PRO AA 103 -85.75 -8.00 -84.95
C PRO AA 103 -85.50 -8.46 -86.37
N ALA AA 104 -86.43 -9.22 -86.97
CA ALA AA 104 -86.22 -9.68 -88.34
C ALA AA 104 -86.17 -8.51 -89.31
N LEU AA 105 -87.04 -7.52 -89.13
CA LEU AA 105 -86.98 -6.33 -89.95
C LEU AA 105 -85.73 -5.52 -89.69
N LYS AA 106 -85.29 -5.41 -88.43
CA LYS AA 106 -84.09 -4.66 -88.14
C LYS AA 106 -82.87 -5.28 -88.80
N ARG AA 107 -82.82 -6.61 -88.87
CA ARG AA 107 -81.78 -7.25 -89.65
C ARG AA 107 -81.91 -6.90 -91.12
N LYS AA 108 -83.14 -6.85 -91.63
CA LYS AA 108 -83.36 -6.54 -93.03
C LYS AA 108 -82.93 -5.12 -93.36
N ALA AA 109 -83.24 -4.16 -92.48
CA ALA AA 109 -82.85 -2.78 -92.71
C ALA AA 109 -81.34 -2.62 -92.59
N ARG AA 110 -80.73 -3.30 -91.63
CA ARG AA 110 -79.29 -3.19 -91.44
C ARG AA 110 -78.53 -3.83 -92.59
N ARG AA 111 -79.10 -4.88 -93.19
CA ARG AA 111 -78.54 -5.44 -94.42
C ARG AA 111 -78.65 -4.47 -95.57
N GLU AA 112 -79.77 -3.75 -95.66
CA GLU AA 112 -79.99 -2.80 -96.75
C GLU AA 112 -78.96 -1.67 -96.69
N ALA AA 113 -78.70 -1.15 -95.49
CA ALA AA 113 -77.70 -0.10 -95.36
C ALA AA 113 -76.32 -0.62 -95.71
N LYS AA 114 -76.05 -1.89 -95.39
CA LYS AA 114 -74.72 -2.44 -95.63
C LYS AA 114 -74.42 -2.54 -97.12
N VAL AA 115 -75.36 -3.05 -97.91
CA VAL AA 115 -75.09 -3.22 -99.33
C VAL AA 115 -75.01 -1.85 -100.02
N LYS AA 116 -75.81 -0.88 -99.58
CA LYS AA 116 -75.76 0.44 -100.19
C LYS AA 116 -74.47 1.17 -99.84
N PHE AA 117 -74.01 1.02 -98.59
CA PHE AA 117 -72.75 1.63 -98.18
C PHE AA 117 -71.57 1.03 -98.93
N GLU AA 118 -71.56 -0.30 -99.10
CA GLU AA 118 -70.40 -0.95 -99.69
C GLU AA 118 -70.23 -0.58 -101.16
N GLU AA 119 -71.32 -0.55 -101.92
CA GLU AA 119 -71.19 -0.15 -103.32
C GLU AA 119 -70.81 1.31 -103.45
N ARG AA 120 -71.22 2.15 -102.49
CA ARG AA 120 -70.78 3.54 -102.49
C ARG AA 120 -69.35 3.66 -101.98
N TYR AA 121 -68.92 2.76 -101.07
CA TYR AA 121 -67.53 2.75 -100.68
C TYR AA 121 -66.63 2.39 -101.85
N LYS AA 122 -67.09 1.46 -102.69
CA LYS AA 122 -66.45 1.24 -103.96
C LYS AA 122 -66.60 2.51 -104.81
N THR AA 123 -65.81 2.59 -105.88
CA THR AA 123 -65.69 3.73 -106.78
C THR AA 123 -65.09 4.94 -106.08
N GLY AA 124 -64.67 4.85 -104.83
CA GLY AA 124 -63.87 5.88 -104.20
C GLY AA 124 -64.55 7.22 -104.04
N LYS AA 125 -65.84 7.22 -103.76
CA LYS AA 125 -66.58 8.45 -103.49
C LYS AA 125 -66.97 8.50 -102.03
N ASN AA 126 -67.20 9.73 -101.54
CA ASN AA 126 -67.50 9.98 -100.13
C ASN AA 126 -66.44 9.39 -99.23
N LYS AA 127 -65.17 9.64 -99.56
CA LYS AA 127 -64.07 8.99 -98.85
C LYS AA 127 -64.00 9.42 -97.41
N TRP AA 128 -64.37 10.66 -97.10
CA TRP AA 128 -64.36 11.13 -95.72
C TRP AA 128 -65.38 10.38 -94.88
N PHE AA 129 -66.52 10.04 -95.47
CA PHE AA 129 -67.57 9.34 -94.73
C PHE AA 129 -67.11 7.95 -94.30
N PHE AA 130 -66.34 7.28 -95.14
CA PHE AA 130 -65.94 5.91 -94.87
C PHE AA 130 -64.61 5.80 -94.14
N GLN AA 131 -64.03 6.92 -93.73
CA GLN AA 131 -62.82 6.90 -92.91
C GLN AA 131 -63.20 7.01 -91.45
N LYS AA 132 -62.51 6.25 -90.61
CA LYS AA 132 -62.77 6.28 -89.18
C LYS AA 132 -62.24 7.57 -88.58
N LEU AA 133 -63.07 8.21 -87.76
CA LEU AA 133 -62.64 9.40 -87.04
C LEU AA 133 -61.63 9.01 -85.97
N ARG AA 134 -60.50 9.70 -85.94
CA ARG AA 134 -59.44 9.42 -84.99
C ARG AA 134 -59.53 10.40 -83.82
N PHE AA 135 -59.84 9.89 -82.65
CA PHE AA 135 -59.99 10.73 -81.46
C PHE AA 135 -59.52 10.00 -80.22
N PRO BA 1 27.28 -20.50 -5.63
CA PRO BA 1 26.54 -21.01 -4.48
C PRO BA 1 25.76 -19.91 -3.79
N SER BA 2 24.43 -20.00 -3.85
CA SER BA 2 23.59 -19.01 -3.19
C SER BA 2 23.61 -19.13 -1.69
N ARG BA 3 24.11 -20.24 -1.15
CA ARG BA 3 24.19 -20.42 0.29
C ARG BA 3 25.32 -19.64 0.94
N LEU BA 4 26.17 -19.00 0.15
CA LEU BA 4 27.33 -18.28 0.65
C LEU BA 4 27.13 -16.77 0.64
N ARG BA 5 25.93 -16.31 0.32
CA ARG BA 5 25.71 -14.90 0.03
C ARG BA 5 24.99 -14.20 1.17
N LYS BA 6 25.02 -12.86 1.12
CA LYS BA 6 24.46 -12.04 2.18
C LYS BA 6 22.96 -12.21 2.32
N THR BA 7 22.28 -12.62 1.25
CA THR BA 7 20.83 -12.81 1.33
C THR BA 7 20.44 -13.84 2.37
N ARG BA 8 21.24 -14.90 2.50
CA ARG BA 8 20.95 -15.91 3.51
C ARG BA 8 21.13 -15.38 4.91
N LYS BA 9 21.94 -14.33 5.09
CA LYS BA 9 22.16 -13.74 6.40
C LYS BA 9 21.23 -12.58 6.71
N LEU BA 10 20.55 -12.04 5.71
CA LEU BA 10 19.67 -10.89 5.87
C LEU BA 10 18.24 -11.28 6.14
N ARG BA 11 17.95 -12.57 6.29
CA ARG BA 11 16.60 -13.01 6.59
C ARG BA 11 16.25 -12.67 8.03
N GLY BA 12 15.13 -12.01 8.22
CA GLY BA 12 14.72 -11.54 9.53
C GLY BA 12 15.01 -10.08 9.79
N HIS BA 13 15.85 -9.46 8.97
CA HIS BA 13 16.16 -8.05 9.06
C HIS BA 13 15.34 -7.33 7.99
N VAL BA 14 14.53 -6.37 8.43
CA VAL BA 14 13.40 -5.91 7.62
C VAL BA 14 13.89 -5.23 6.34
N SER BA 15 14.91 -4.39 6.44
CA SER BA 15 15.29 -3.55 5.32
C SER BA 15 16.24 -4.23 4.36
N HIS BA 16 16.69 -5.45 4.67
CA HIS BA 16 17.59 -6.23 3.81
C HIS BA 16 18.89 -5.50 3.54
N GLY BA 17 19.38 -4.77 4.54
CA GLY BA 17 20.65 -4.11 4.42
C GLY BA 17 20.66 -2.83 3.63
N HIS BA 18 19.49 -2.24 3.36
CA HIS BA 18 19.42 -1.04 2.54
C HIS BA 18 18.93 0.17 3.32
N GLY BA 19 18.77 0.06 4.63
CA GLY BA 19 18.41 1.22 5.43
C GLY BA 19 16.91 1.39 5.55
N ARG BA 20 16.49 1.93 6.70
CA ARG BA 20 15.10 2.24 6.94
C ARG BA 20 14.71 3.63 6.44
N ILE BA 21 15.66 4.55 6.37
CA ILE BA 21 15.39 5.94 6.05
C ILE BA 21 15.41 6.14 4.54
N GLY BA 22 16.56 5.86 3.91
CA GLY BA 22 16.69 6.07 2.49
C GLY BA 22 16.09 4.99 1.64
N LYS BA 23 15.89 3.80 2.20
CA LYS BA 23 15.22 2.67 1.53
C LYS BA 23 15.97 2.21 0.30
N HIS BA 24 15.41 1.25 -0.41
CA HIS BA 24 15.95 0.81 -1.70
C HIS BA 24 14.89 1.12 -2.74
N ARG BA 25 15.08 2.22 -3.45
CA ARG BA 25 14.14 2.65 -4.48
C ARG BA 25 14.70 2.31 -5.86
N LYS BA 26 13.89 2.57 -6.89
CA LYS BA 26 14.21 2.10 -8.22
C LYS BA 26 15.48 2.70 -8.79
N HIS BA 27 15.49 4.01 -9.04
CA HIS BA 27 16.62 4.67 -9.68
C HIS BA 27 16.73 6.11 -9.18
N PRO BA 28 17.21 6.30 -7.95
CA PRO BA 28 17.53 7.65 -7.50
C PRO BA 28 18.86 8.10 -8.09
N GLY BA 29 18.86 9.25 -8.74
CA GLY BA 29 20.02 9.77 -9.43
C GLY BA 29 19.98 9.62 -10.93
N GLY BA 30 19.11 8.76 -11.45
CA GLY BA 30 19.01 8.54 -12.87
C GLY BA 30 19.45 7.13 -13.23
N ARG BA 31 19.44 6.86 -14.53
CA ARG BA 31 19.77 5.56 -15.07
C ARG BA 31 21.06 5.64 -15.86
N GLY BA 32 21.95 4.68 -15.65
CA GLY BA 32 23.19 4.65 -16.40
C GLY BA 32 24.09 5.80 -16.01
N ASN BA 33 24.73 6.39 -17.02
CA ASN BA 33 25.58 7.56 -16.79
C ASN BA 33 24.79 8.85 -16.91
N ALA BA 34 23.66 8.90 -16.21
CA ALA BA 34 22.83 10.09 -16.24
C ALA BA 34 23.42 11.19 -15.38
N GLY BA 35 23.27 12.42 -15.83
CA GLY BA 35 23.68 13.58 -15.07
C GLY BA 35 25.16 13.66 -14.81
N GLY BA 36 25.98 13.22 -15.76
CA GLY BA 36 27.42 13.28 -15.58
C GLY BA 36 27.99 14.67 -15.64
N LEU BA 37 27.20 15.65 -16.10
CA LEU BA 37 27.61 17.04 -16.08
C LEU BA 37 26.77 17.87 -15.12
N HIS BA 38 25.72 17.30 -14.52
CA HIS BA 38 24.80 18.09 -13.70
C HIS BA 38 24.84 17.69 -12.24
N HIS BA 39 24.50 16.47 -11.88
CA HIS BA 39 24.46 16.08 -10.49
C HIS BA 39 25.38 14.90 -10.19
N HIS BA 40 26.10 14.40 -11.19
CA HIS BA 40 27.20 13.48 -10.96
C HIS BA 40 28.51 14.08 -11.48
N ARG BA 41 28.58 15.41 -11.52
CA ARG BA 41 29.74 16.07 -12.11
C ARG BA 41 31.00 15.86 -11.28
N ILE BA 42 30.86 15.84 -9.96
CA ILE BA 42 32.04 15.69 -9.10
C ILE BA 42 32.67 14.32 -9.32
N ASN BA 43 31.85 13.27 -9.41
CA ASN BA 43 32.39 11.93 -9.65
C ASN BA 43 33.08 11.85 -11.00
N PHE BA 44 32.48 12.46 -12.02
CA PHE BA 44 33.05 12.36 -13.36
C PHE BA 44 34.34 13.16 -13.46
N ASP BA 45 34.37 14.35 -12.87
CA ASP BA 45 35.60 15.14 -12.91
C ASP BA 45 36.70 14.50 -12.07
N LYS BA 46 36.33 13.92 -10.93
CA LYS BA 46 37.31 13.37 -10.01
C LYS BA 46 37.96 12.10 -10.55
N TYR BA 47 37.18 11.21 -11.17
CA TYR BA 47 37.68 9.92 -11.56
C TYR BA 47 37.83 9.72 -13.06
N HIS BA 48 37.13 10.50 -13.87
CA HIS BA 48 37.22 10.39 -15.33
C HIS BA 48 37.43 11.76 -15.95
N PRO BA 49 38.59 12.38 -15.73
CA PRO BA 49 38.89 13.62 -16.45
C PRO BA 49 39.10 13.35 -17.93
N GLY BA 50 38.72 14.31 -18.74
CA GLY BA 50 38.78 14.17 -20.18
C GLY BA 50 37.58 13.53 -20.82
N TYR BA 51 36.55 13.21 -20.04
CA TYR BA 51 35.43 12.41 -20.55
C TYR BA 51 34.62 13.17 -21.59
N PHE BA 52 34.44 14.48 -21.42
CA PHE BA 52 33.55 15.25 -22.26
C PHE BA 52 34.33 16.06 -23.29
N GLY BA 53 33.88 16.03 -24.54
CA GLY BA 53 34.45 16.85 -25.59
C GLY BA 53 35.18 16.02 -26.63
N LYS BA 54 35.57 16.70 -27.70
CA LYS BA 54 36.31 16.10 -28.81
C LYS BA 54 37.74 16.59 -28.81
N VAL BA 55 38.67 15.68 -29.10
CA VAL BA 55 40.06 16.02 -29.34
C VAL BA 55 40.54 15.26 -30.57
N GLY BA 56 41.19 15.94 -31.49
CA GLY BA 56 41.92 15.30 -32.56
C GLY BA 56 41.14 15.21 -33.85
N MET BA 57 41.77 14.54 -34.80
CA MET BA 57 41.24 14.37 -36.15
C MET BA 57 40.56 13.02 -36.23
N LYS BA 58 39.32 13.00 -36.73
CA LYS BA 58 38.66 11.73 -36.99
C LYS BA 58 39.11 11.18 -38.33
N HIS BA 59 39.07 9.86 -38.43
CA HIS BA 59 39.56 9.17 -39.61
C HIS BA 59 38.57 8.07 -39.96
N TYR BA 60 37.88 8.24 -41.08
CA TYR BA 60 36.92 7.24 -41.50
C TYR BA 60 37.63 6.03 -42.07
N HIS BA 61 37.03 4.86 -41.85
CA HIS BA 61 37.52 3.59 -42.38
C HIS BA 61 38.96 3.32 -41.93
N LEU BA 62 39.12 3.20 -40.62
CA LEU BA 62 40.41 2.79 -40.07
C LEU BA 62 40.60 1.31 -40.30
N LYS BA 63 41.75 0.95 -40.88
CA LYS BA 63 42.12 -0.44 -41.09
C LYS BA 63 43.32 -0.73 -40.19
N ARG BA 64 43.09 -1.52 -39.15
CA ARG BA 64 44.15 -1.79 -38.17
C ARG BA 64 45.32 -2.53 -38.78
N ASN BA 65 45.08 -3.31 -39.83
CA ASN BA 65 46.15 -4.08 -40.44
C ASN BA 65 47.20 -3.18 -41.08
N GLN BA 66 46.80 -2.00 -41.54
CA GLN BA 66 47.73 -1.09 -42.18
C GLN BA 66 48.82 -0.64 -41.22
N SER BA 67 48.45 -0.35 -39.98
CA SER BA 67 49.37 0.13 -38.97
C SER BA 67 49.95 -0.99 -38.12
N PHE BA 68 49.85 -2.23 -38.57
CA PHE BA 68 50.36 -3.35 -37.79
C PHE BA 68 51.87 -3.35 -37.79
N CYS BA 69 52.46 -3.08 -36.63
CA CYS BA 69 53.91 -3.03 -36.47
C CYS BA 69 54.27 -3.45 -35.06
N PRO BA 70 54.29 -4.76 -34.80
CA PRO BA 70 54.72 -5.23 -33.47
C PRO BA 70 56.20 -5.00 -33.27
N THR BA 71 56.56 -4.75 -32.02
CA THR BA 71 57.91 -4.34 -31.66
C THR BA 71 58.53 -5.33 -30.68
N VAL BA 72 59.85 -5.45 -30.74
CA VAL BA 72 60.60 -6.27 -29.81
C VAL BA 72 61.80 -5.45 -29.34
N ASN BA 73 62.12 -5.56 -28.05
CA ASN BA 73 63.24 -4.84 -27.50
C ASN BA 73 64.52 -5.64 -27.67
N LEU BA 74 65.66 -4.96 -27.50
CA LEU BA 74 66.94 -5.63 -27.65
C LEU BA 74 67.21 -6.63 -26.52
N ASP BA 75 66.61 -6.43 -25.36
CA ASP BA 75 66.86 -7.34 -24.24
C ASP BA 75 66.20 -8.69 -24.48
N LYS BA 76 65.18 -8.76 -25.33
CA LYS BA 76 64.53 -10.01 -25.69
C LYS BA 76 64.99 -10.52 -27.05
N LEU BA 77 65.99 -9.89 -27.66
CA LEU BA 77 66.33 -10.19 -29.04
C LEU BA 77 66.90 -11.59 -29.20
N TRP BA 78 67.74 -12.03 -28.27
CA TRP BA 78 68.38 -13.32 -28.41
C TRP BA 78 67.47 -14.47 -28.02
N THR BA 79 66.28 -14.19 -27.50
CA THR BA 79 65.30 -15.23 -27.23
C THR BA 79 64.56 -15.66 -28.48
N LEU BA 80 64.79 -15.01 -29.61
CA LEU BA 80 64.13 -15.35 -30.86
C LEU BA 80 64.81 -16.50 -31.59
N VAL BA 81 66.04 -16.85 -31.22
CA VAL BA 81 66.74 -17.98 -31.82
C VAL BA 81 66.95 -19.04 -30.75
N SER BA 82 67.52 -20.17 -31.14
CA SER BA 82 67.73 -21.25 -30.19
C SER BA 82 68.91 -20.94 -29.28
N GLU BA 83 68.98 -21.68 -28.17
CA GLU BA 83 70.15 -21.59 -27.31
C GLU BA 83 71.41 -22.06 -28.03
N GLN BA 84 71.27 -23.04 -28.91
CA GLN BA 84 72.39 -23.51 -29.71
C GLN BA 84 72.98 -22.39 -30.56
N THR BA 85 72.13 -21.52 -31.09
CA THR BA 85 72.60 -20.45 -31.95
C THR BA 85 73.50 -19.49 -31.19
N ARG BA 86 73.11 -19.13 -29.96
CA ARG BA 86 73.89 -18.15 -29.22
C ARG BA 86 75.21 -18.73 -28.73
N VAL BA 87 75.19 -19.95 -28.21
CA VAL BA 87 76.40 -20.53 -27.63
C VAL BA 87 77.42 -20.85 -28.70
N ASN BA 88 76.96 -21.32 -29.87
CA ASN BA 88 77.89 -21.66 -30.94
C ASN BA 88 78.60 -20.41 -31.45
N ALA BA 89 77.87 -19.31 -31.58
CA ALA BA 89 78.48 -18.06 -32.03
C ALA BA 89 79.44 -17.51 -30.99
N ALA BA 90 79.11 -17.67 -29.71
CA ALA BA 90 79.98 -17.18 -28.65
C ALA BA 90 81.32 -17.89 -28.64
N LYS BA 91 81.31 -19.20 -28.86
CA LYS BA 91 82.52 -20.01 -28.87
C LYS BA 91 83.11 -20.16 -30.27
N ASN BA 92 82.57 -19.46 -31.25
CA ASN BA 92 83.07 -19.59 -32.63
C ASN BA 92 84.42 -18.93 -32.78
N LYS BA 93 85.35 -19.63 -33.44
CA LYS BA 93 86.67 -19.07 -33.71
C LYS BA 93 86.58 -17.95 -34.73
N THR BA 94 85.89 -18.19 -35.85
CA THR BA 94 85.72 -17.17 -36.86
C THR BA 94 84.77 -16.09 -36.35
N GLY BA 95 84.82 -14.93 -37.00
CA GLY BA 95 83.94 -13.83 -36.63
C GLY BA 95 82.55 -13.96 -37.23
N ALA BA 96 82.11 -15.18 -37.47
CA ALA BA 96 80.80 -15.40 -38.07
C ALA BA 96 79.70 -15.06 -37.07
N ALA BA 97 78.77 -14.23 -37.50
CA ALA BA 97 77.68 -13.79 -36.65
C ALA BA 97 76.36 -14.38 -37.13
N PRO BA 98 75.52 -14.86 -36.23
CA PRO BA 98 74.23 -15.41 -36.65
C PRO BA 98 73.28 -14.32 -37.11
N ILE BA 99 72.29 -14.73 -37.89
CA ILE BA 99 71.27 -13.83 -38.40
C ILE BA 99 70.00 -14.04 -37.59
N ILE BA 100 69.46 -12.96 -37.05
CA ILE BA 100 68.17 -12.98 -36.36
C ILE BA 100 67.18 -12.22 -37.25
N ASP BA 101 66.15 -12.91 -37.69
CA ASP BA 101 65.12 -12.34 -38.56
C ASP BA 101 63.87 -12.17 -37.70
N VAL BA 102 63.67 -10.95 -37.19
CA VAL BA 102 62.56 -10.73 -36.28
C VAL BA 102 61.23 -10.76 -37.00
N VAL BA 103 61.23 -10.58 -38.32
CA VAL BA 103 60.00 -10.70 -39.08
C VAL BA 103 59.51 -12.15 -39.08
N ARG BA 104 60.45 -13.10 -39.10
CA ARG BA 104 60.08 -14.51 -39.03
C ARG BA 104 59.44 -14.83 -37.68
N SER BA 105 59.95 -14.22 -36.61
CA SER BA 105 59.39 -14.43 -35.28
C SER BA 105 58.11 -13.64 -35.05
N GLY BA 106 57.75 -12.75 -35.96
CA GLY BA 106 56.52 -12.00 -35.85
C GLY BA 106 56.66 -10.58 -35.38
N TYR BA 107 57.81 -9.95 -35.54
CA TYR BA 107 58.01 -8.57 -35.13
C TYR BA 107 58.49 -7.76 -36.32
N TYR BA 108 58.06 -6.51 -36.39
CA TYR BA 108 58.46 -5.65 -37.50
C TYR BA 108 59.49 -4.61 -37.12
N LYS BA 109 59.40 -4.04 -35.92
CA LYS BA 109 60.32 -3.01 -35.48
C LYS BA 109 61.14 -3.51 -34.30
N VAL BA 110 62.42 -3.17 -34.29
CA VAL BA 110 63.32 -3.52 -33.20
C VAL BA 110 63.57 -2.27 -32.38
N LEU BA 111 63.17 -2.29 -31.12
CA LEU BA 111 63.36 -1.17 -30.21
C LEU BA 111 64.59 -1.39 -29.35
N GLY BA 112 65.01 -0.34 -28.66
CA GLY BA 112 66.33 -0.34 -28.06
C GLY BA 112 66.41 -0.46 -26.56
N LYS BA 113 65.37 -0.96 -25.91
CA LYS BA 113 65.40 -1.13 -24.48
C LYS BA 113 66.28 -2.31 -24.08
N GLY BA 114 67.12 -2.09 -23.08
CA GLY BA 114 68.02 -3.13 -22.59
C GLY BA 114 69.40 -2.99 -23.17
N LYS BA 115 70.20 -4.03 -22.95
CA LYS BA 115 71.56 -4.09 -23.45
C LYS BA 115 71.77 -5.45 -24.11
N LEU BA 116 72.80 -5.51 -24.95
CA LEU BA 116 73.08 -6.73 -25.67
C LEU BA 116 74.31 -7.43 -25.10
N PRO BA 117 74.37 -8.75 -25.20
CA PRO BA 117 75.63 -9.45 -24.94
C PRO BA 117 76.68 -9.04 -25.96
N LYS BA 118 77.94 -9.05 -25.52
CA LYS BA 118 79.05 -8.56 -26.35
C LYS BA 118 79.43 -9.63 -27.37
N GLN BA 119 78.63 -9.72 -28.44
CA GLN BA 119 78.96 -10.60 -29.55
C GLN BA 119 78.21 -10.13 -30.79
N PRO BA 120 78.83 -10.17 -31.96
CA PRO BA 120 78.17 -9.63 -33.16
C PRO BA 120 76.99 -10.47 -33.60
N VAL BA 121 76.06 -9.80 -34.28
CA VAL BA 121 74.84 -10.45 -34.76
C VAL BA 121 74.27 -9.60 -35.89
N ILE BA 122 73.75 -10.26 -36.92
CA ILE BA 122 73.02 -9.59 -37.98
C ILE BA 122 71.54 -9.65 -37.66
N VAL BA 123 70.89 -8.50 -37.65
CA VAL BA 123 69.48 -8.40 -37.30
C VAL BA 123 68.71 -7.94 -38.53
N LYS BA 124 67.71 -8.71 -38.92
CA LYS BA 124 66.87 -8.40 -40.07
C LYS BA 124 65.54 -7.90 -39.56
N ALA BA 125 65.17 -6.67 -39.93
CA ALA BA 125 63.93 -6.09 -39.46
C ALA BA 125 63.41 -5.11 -40.48
N LYS BA 126 62.11 -4.83 -40.39
CA LYS BA 126 61.52 -3.81 -41.25
C LYS BA 126 61.94 -2.42 -40.80
N PHE BA 127 61.90 -2.16 -39.50
CA PHE BA 127 62.24 -0.87 -38.95
C PHE BA 127 63.19 -1.05 -37.76
N PHE BA 128 63.97 -0.02 -37.50
CA PHE BA 128 64.87 0.03 -36.37
C PHE BA 128 64.71 1.38 -35.69
N SER BA 129 64.87 1.40 -34.38
CA SER BA 129 64.99 2.68 -33.70
C SER BA 129 66.44 3.13 -33.74
N ARG BA 130 66.66 4.42 -33.48
CA ARG BA 130 68.00 4.98 -33.56
C ARG BA 130 68.92 4.34 -32.54
N ARG BA 131 68.43 4.16 -31.31
CA ARG BA 131 69.26 3.60 -30.26
C ARG BA 131 69.45 2.10 -30.42
N ALA BA 132 68.46 1.40 -30.97
CA ALA BA 132 68.62 -0.02 -31.21
C ALA BA 132 69.70 -0.28 -32.24
N GLU BA 133 69.74 0.53 -33.30
CA GLU BA 133 70.81 0.41 -34.27
C GLU BA 133 72.17 0.71 -33.64
N GLU BA 134 72.23 1.74 -32.80
CA GLU BA 134 73.48 2.12 -32.16
C GLU BA 134 74.00 1.00 -31.26
N LYS BA 135 73.09 0.38 -30.50
CA LYS BA 135 73.50 -0.68 -29.59
C LYS BA 135 73.91 -1.94 -30.34
N ILE BA 136 73.30 -2.19 -31.51
CA ILE BA 136 73.71 -3.34 -32.31
C ILE BA 136 75.09 -3.09 -32.91
N LYS BA 137 75.35 -1.87 -33.36
CA LYS BA 137 76.67 -1.55 -33.89
C LYS BA 137 77.74 -1.61 -32.80
N SER BA 138 77.35 -1.40 -31.55
CA SER BA 138 78.32 -1.39 -30.46
C SER BA 138 78.93 -2.77 -30.24
N VAL BA 139 78.13 -3.82 -30.44
CA VAL BA 139 78.61 -5.17 -30.19
C VAL BA 139 79.19 -5.74 -31.47
N GLY BA 140 79.40 -4.87 -32.47
CA GLY BA 140 79.98 -5.31 -33.72
C GLY BA 140 79.01 -5.94 -34.69
N GLY BA 141 77.72 -5.74 -34.50
CA GLY BA 141 76.71 -6.32 -35.38
C GLY BA 141 76.39 -5.45 -36.57
N ALA BA 142 75.34 -5.83 -37.27
CA ALA BA 142 74.86 -5.08 -38.42
C ALA BA 142 73.34 -5.12 -38.46
N CYS BA 143 72.76 -3.99 -38.86
CA CYS BA 143 71.32 -3.88 -39.04
C CYS BA 143 71.03 -3.86 -40.53
N VAL BA 144 70.20 -4.80 -40.99
CA VAL BA 144 69.80 -4.87 -42.38
C VAL BA 144 68.29 -4.77 -42.46
N LEU BA 145 67.80 -4.14 -43.51
CA LEU BA 145 66.38 -3.85 -43.65
C LEU BA 145 65.73 -4.82 -44.61
N VAL BA 146 64.47 -5.14 -44.34
CA VAL BA 146 63.66 -5.99 -45.19
C VAL BA 146 62.34 -5.29 -45.44
N ALA BA 147 61.66 -5.71 -46.50
CA ALA BA 147 60.43 -5.07 -46.91
C ALA BA 147 59.20 -5.88 -46.51
N ALA CA 1 8.80 22.09 4.41
CA ALA CA 1 9.23 23.30 3.73
C ALA CA 1 10.64 23.69 4.15
N LYS CA 2 10.73 24.48 5.22
CA LYS CA 2 12.03 24.93 5.70
C LYS CA 2 12.72 23.84 6.50
N SER CA 3 14.04 23.97 6.60
CA SER CA 3 14.86 22.99 7.31
C SER CA 3 16.06 23.70 7.89
N LYS CA 4 16.95 22.94 8.51
CA LYS CA 4 18.15 23.52 9.10
C LYS CA 4 19.09 23.99 8.00
N ASN CA 5 19.83 25.06 8.30
CA ASN CA 5 20.69 25.74 7.34
C ASN CA 5 22.13 25.26 7.40
N HIS CA 6 22.72 25.25 8.59
CA HIS CA 6 24.12 24.91 8.75
C HIS CA 6 24.41 24.65 10.21
N THR CA 7 25.25 23.66 10.48
CA THR CA 7 25.78 23.49 11.82
C THR CA 7 27.13 22.80 11.75
N THR CA 8 27.96 23.06 12.74
CA THR CA 8 29.17 22.28 12.97
C THR CA 8 29.03 21.42 14.21
N HIS CA 9 27.81 21.28 14.72
CA HIS CA 9 27.57 20.37 15.82
C HIS CA 9 27.91 18.95 15.41
N ASN CA 10 28.59 18.23 16.31
CA ASN CA 10 29.06 16.85 16.18
C ASN CA 10 30.25 16.76 15.23
N GLN CA 11 30.63 17.83 14.54
CA GLN CA 11 31.72 17.75 13.58
C GLN CA 11 33.05 17.54 14.28
N SER CA 12 33.25 18.23 15.41
CA SER CA 12 34.50 18.08 16.16
C SER CA 12 34.66 16.66 16.68
N ARG CA 13 33.55 16.04 17.10
CA ARG CA 13 33.61 14.66 17.56
C ARG CA 13 33.96 13.71 16.41
N LYS CA 14 33.44 13.98 15.22
CA LYS CA 14 33.79 13.16 14.07
C LYS CA 14 35.27 13.30 13.71
N TRP CA 15 35.81 14.51 13.84
CA TRP CA 15 37.20 14.76 13.46
C TRP CA 15 38.16 14.01 14.36
N HIS CA 16 37.80 13.80 15.61
CA HIS CA 16 38.71 13.23 16.58
C HIS CA 16 38.56 11.72 16.73
N ARG CA 17 37.61 11.11 16.03
CA ARG CA 17 37.42 9.67 16.18
C ARG CA 17 38.60 8.90 15.60
N ASN CA 18 39.12 9.37 14.46
CA ASN CA 18 40.36 8.84 13.91
C ASN CA 18 41.53 9.77 14.15
N GLY CA 19 41.36 10.78 15.01
CA GLY CA 19 42.44 11.69 15.34
C GLY CA 19 42.69 12.74 14.28
N ILE CA 20 43.15 13.91 14.70
CA ILE CA 20 43.54 14.96 13.77
C ILE CA 20 45.06 14.90 13.70
N LYS CA 21 45.57 14.14 12.73
CA LYS CA 21 46.99 13.88 12.63
C LYS CA 21 47.70 14.99 11.88
N LYS CA 22 48.84 15.42 12.41
CA LYS CA 22 49.69 16.35 11.70
C LYS CA 22 50.33 15.66 10.50
N PRO CA 23 50.75 16.42 9.49
CA PRO CA 23 51.40 15.81 8.33
C PRO CA 23 52.68 15.09 8.74
N ARG CA 24 52.95 13.97 8.08
CA ARG CA 24 54.08 13.11 8.43
C ARG CA 24 55.37 13.82 8.04
N SER CA 25 56.03 14.43 9.02
CA SER CA 25 57.29 15.12 8.77
C SER CA 25 58.37 14.08 8.51
N GLN CA 26 58.94 14.11 7.32
CA GLN CA 26 59.91 13.12 6.90
C GLN CA 26 61.15 13.82 6.39
N ARG CA 27 62.31 13.23 6.63
CA ARG CA 27 63.58 13.75 6.12
C ARG CA 27 63.50 13.92 4.60
N TYR CA 28 64.30 14.85 4.09
CA TYR CA 28 64.39 15.12 2.66
C TYR CA 28 63.02 15.53 2.09
N GLU CA 29 62.60 16.73 2.47
CA GLU CA 29 61.44 17.33 1.82
C GLU CA 29 61.68 17.48 0.33
N SER CA 30 60.58 17.55 -0.43
CA SER CA 30 60.68 17.70 -1.86
C SER CA 30 61.15 19.10 -2.23
N LEU CA 31 61.78 19.21 -3.40
CA LEU CA 31 62.26 20.48 -3.91
C LEU CA 31 61.23 21.18 -4.79
N LYS CA 32 59.96 20.85 -4.63
CA LYS CA 32 58.91 21.48 -5.40
C LYS CA 32 58.73 22.93 -4.96
N GLY CA 33 58.55 23.82 -5.94
CA GLY CA 33 58.29 25.21 -5.66
C GLY CA 33 59.52 26.04 -5.33
N VAL CA 34 60.69 25.43 -5.30
CA VAL CA 34 61.93 26.14 -5.05
C VAL CA 34 62.30 26.93 -6.30
N ASP CA 35 63.06 28.01 -6.11
CA ASP CA 35 63.44 28.93 -7.17
C ASP CA 35 64.11 28.15 -8.31
N PRO CA 36 63.60 28.25 -9.54
CA PRO CA 36 64.21 27.51 -10.65
C PRO CA 36 65.65 27.90 -10.93
N LYS CA 37 66.02 29.16 -10.76
CA LYS CA 37 67.42 29.54 -10.93
C LYS CA 37 68.29 28.89 -9.87
N PHE CA 38 67.80 28.82 -8.63
CA PHE CA 38 68.54 28.15 -7.57
C PHE CA 38 68.64 26.66 -7.83
N LEU CA 39 67.57 26.05 -8.33
CA LEU CA 39 67.54 24.60 -8.52
C LEU CA 39 68.51 24.16 -9.61
N ARG CA 40 68.56 24.87 -10.73
CA ARG CA 40 69.36 24.36 -11.83
C ARG CA 40 70.85 24.48 -11.54
N ASN CA 41 71.26 25.45 -10.73
CA ASN CA 41 72.64 25.47 -10.28
C ASN CA 41 72.89 24.36 -9.28
N MET CA 42 71.91 24.08 -8.42
CA MET CA 42 72.01 22.97 -7.49
C MET CA 42 72.17 21.64 -8.23
N ARG CA 43 71.50 21.50 -9.36
CA ARG CA 43 71.68 20.33 -10.21
C ARG CA 43 73.08 20.29 -10.79
N PHE CA 44 73.61 21.45 -11.18
CA PHE CA 44 74.96 21.49 -11.72
C PHE CA 44 76.00 21.18 -10.65
N ALA CA 45 75.78 21.67 -9.43
CA ALA CA 45 76.69 21.35 -8.35
C ALA CA 45 76.69 19.86 -8.03
N LYS CA 46 75.52 19.24 -8.10
CA LYS CA 46 75.42 17.80 -7.87
C LYS CA 46 76.09 17.01 -8.98
N LYS CA 47 75.92 17.45 -10.23
CA LYS CA 47 76.45 16.70 -11.37
C LYS CA 47 77.96 16.63 -11.32
N HIS CA 48 78.62 17.72 -10.94
CA HIS CA 48 80.06 17.82 -10.96
C HIS CA 48 80.71 17.45 -9.64
N ASN CA 49 79.95 16.89 -8.71
CA ASN CA 49 80.55 16.36 -7.49
C ASN CA 49 81.50 15.20 -7.78
N LYS CA 50 81.39 14.60 -8.96
CA LYS CA 50 82.26 13.50 -9.34
C LYS CA 50 83.71 13.94 -9.36
N LYS CA 51 84.01 15.06 -10.02
CA LYS CA 51 85.36 15.57 -10.03
C LYS CA 51 85.72 16.07 -8.64
N GLY CA 52 87.00 16.01 -8.31
CA GLY CA 52 87.41 16.28 -6.96
C GLY CA 52 87.17 15.14 -6.00
N LEU CA 53 86.76 13.97 -6.50
CA LEU CA 53 86.64 12.80 -5.64
C LEU CA 53 88.00 12.31 -5.19
N LYS CA 54 88.99 12.37 -6.07
CA LYS CA 54 90.36 12.01 -5.68
C LYS CA 54 90.89 12.97 -4.62
N LYS CA 55 90.65 14.26 -4.80
CA LYS CA 55 91.02 15.24 -3.79
C LYS CA 55 90.25 15.01 -2.49
N MET CA 56 88.98 14.65 -2.62
CA MET CA 56 88.14 14.46 -1.44
C MET CA 56 88.61 13.30 -0.59
N GLN CA 57 88.94 12.18 -1.24
CA GLN CA 57 89.43 11.03 -0.48
C GLN CA 57 90.85 11.24 0.01
N ALA CA 58 91.64 12.05 -0.70
CA ALA CA 58 92.97 12.38 -0.22
C ALA CA 58 92.91 13.18 1.09
N ASN CA 59 92.00 14.15 1.16
CA ASN CA 59 91.82 14.89 2.40
C ASN CA 59 91.30 13.99 3.50
N ASN CA 60 90.41 13.06 3.17
CA ASN CA 60 89.88 12.14 4.16
C ASN CA 60 90.96 11.20 4.67
N ALA CA 61 91.81 10.71 3.78
CA ALA CA 61 92.84 9.74 4.18
C ALA CA 61 93.86 10.37 5.11
N LYS CA 62 94.34 11.57 4.80
CA LYS CA 62 95.33 12.21 5.64
C LYS CA 62 94.73 12.64 6.98
N ALA CA 63 93.47 13.10 6.97
CA ALA CA 63 92.82 13.47 8.22
C ALA CA 63 92.58 12.24 9.09
N MET CA 64 92.20 11.12 8.48
CA MET CA 64 92.02 9.89 9.25
C MET CA 64 93.34 9.41 9.84
N SER CA 65 94.41 9.46 9.05
CA SER CA 65 95.72 9.03 9.54
C SER CA 65 96.23 9.96 10.65
N ALA CA 66 96.04 11.28 10.47
CA ALA CA 66 96.47 12.22 11.49
C ALA CA 66 95.68 12.02 12.79
N ARG CA 67 94.37 11.77 12.66
CA ARG CA 67 93.56 11.48 13.84
C ARG CA 67 93.96 10.14 14.46
N ALA CA 68 94.24 9.13 13.63
CA ALA CA 68 94.60 7.82 14.16
C ALA CA 68 95.92 7.86 14.91
N GLU CA 69 96.91 8.58 14.39
CA GLU CA 69 98.20 8.65 15.08
C GLU CA 69 98.11 9.53 16.32
N ALA CA 70 97.21 10.50 16.34
CA ALA CA 70 97.02 11.32 17.54
C ALA CA 70 96.35 10.51 18.65
N ILE CA 71 95.38 9.66 18.30
CA ILE CA 71 94.72 8.84 19.29
C ILE CA 71 95.67 7.79 19.85
N LYS CA 72 96.41 7.11 18.96
CA LYS CA 72 97.35 6.08 19.39
C LYS CA 72 98.58 6.65 20.09
N ALA CA 73 98.76 7.97 20.09
CA ALA CA 73 99.86 8.58 20.83
C ALA CA 73 99.59 8.51 22.33
N LEU CA 74 100.10 7.47 22.96
CA LEU CA 74 99.93 7.25 24.39
C LEU CA 74 101.26 7.48 25.11
N VAL CA 75 101.21 8.25 26.20
CA VAL CA 75 102.35 8.67 27.03
C VAL CA 75 103.65 8.87 26.26
N VAL CA 88 85.22 0.83 54.86
CA VAL CA 88 84.82 0.18 56.10
C VAL CA 88 84.03 -1.07 55.82
N SER CA 89 82.98 -1.31 56.60
CA SER CA 89 82.16 -2.50 56.46
C SER CA 89 81.02 -2.28 55.48
N ARG CA 90 80.15 -1.31 55.74
CA ARG CA 90 79.00 -0.99 54.90
C ARG CA 90 78.13 -2.22 54.69
N LYS CA 91 77.49 -2.63 55.79
CA LYS CA 91 76.73 -3.88 55.85
C LYS CA 91 75.74 -4.01 54.71
N LEU CA 92 74.99 -2.95 54.43
CA LEU CA 92 73.97 -3.04 53.39
C LEU CA 92 74.62 -3.12 52.01
N ASP CA 93 75.82 -2.55 51.86
CA ASP CA 93 76.54 -2.69 50.60
C ASP CA 93 77.17 -4.07 50.46
N ARG CA 94 77.66 -4.62 51.57
CA ARG CA 94 78.26 -5.96 51.53
C ARG CA 94 77.22 -7.01 51.17
N LEU CA 95 76.02 -6.91 51.74
CA LEU CA 95 74.99 -7.90 51.49
C LEU CA 95 74.48 -7.85 50.06
N ALA CA 96 74.43 -6.66 49.47
CA ALA CA 96 74.07 -6.54 48.07
C ALA CA 96 75.14 -7.14 47.17
N TYR CA 97 76.40 -7.01 47.58
CA TYR CA 97 77.49 -7.64 46.83
C TYR CA 97 77.39 -9.16 46.89
N ILE CA 98 77.08 -9.71 48.06
CA ILE CA 98 76.96 -11.15 48.20
C ILE CA 98 75.75 -11.66 47.41
N ALA CA 99 74.67 -10.90 47.40
CA ALA CA 99 73.47 -11.30 46.68
C ALA CA 99 73.64 -11.27 45.17
N HIS CA 100 74.70 -10.67 44.66
CA HIS CA 100 74.92 -10.63 43.22
C HIS CA 100 75.22 -12.04 42.71
N PRO CA 101 74.60 -12.49 41.62
CA PRO CA 101 74.81 -13.86 41.16
C PRO CA 101 76.25 -14.19 40.81
N LYS CA 102 77.01 -13.22 40.33
CA LYS CA 102 78.38 -13.45 39.89
C LYS CA 102 79.42 -12.84 40.81
N LEU CA 103 79.23 -11.59 41.24
CA LEU CA 103 80.20 -10.96 42.13
C LEU CA 103 80.25 -11.64 43.50
N GLY CA 104 79.13 -12.17 43.96
CA GLY CA 104 79.07 -12.81 45.26
C GLY CA 104 79.16 -14.32 45.24
N LYS CA 105 79.65 -14.91 44.15
CA LYS CA 105 79.70 -16.36 44.06
C LYS CA 105 80.68 -16.96 45.05
N ARG CA 106 81.90 -16.42 45.08
CA ARG CA 106 82.90 -16.92 46.02
C ARG CA 106 82.57 -16.50 47.45
N ALA CA 107 81.96 -15.32 47.61
CA ALA CA 107 81.66 -14.82 48.94
C ALA CA 107 80.64 -15.71 49.65
N ARG CA 108 79.60 -16.13 48.94
CA ARG CA 108 78.58 -16.95 49.60
C ARG CA 108 78.99 -18.41 49.67
N ALA CA 109 80.04 -18.80 48.93
CA ALA CA 109 80.61 -20.12 49.12
C ALA CA 109 81.43 -20.16 50.41
N ARG CA 110 82.07 -19.05 50.76
CA ARG CA 110 82.84 -18.99 52.00
C ARG CA 110 81.95 -19.18 53.21
N ILE CA 111 80.79 -18.52 53.24
CA ILE CA 111 79.91 -18.62 54.40
C ILE CA 111 79.24 -19.98 54.44
N ALA CA 112 79.12 -20.65 53.30
CA ALA CA 112 78.56 -22.00 53.29
C ALA CA 112 79.49 -22.99 53.96
N LYS CA 113 80.79 -22.91 53.67
CA LYS CA 113 81.75 -23.76 54.36
C LYS CA 113 81.82 -23.43 55.84
N GLY CA 114 81.58 -22.17 56.20
CA GLY CA 114 81.56 -21.79 57.59
C GLY CA 114 80.42 -22.45 58.35
N LEU CA 115 79.29 -22.67 57.67
CA LEU CA 115 78.16 -23.32 58.32
C LEU CA 115 78.44 -24.79 58.58
N ARG CA 116 79.28 -25.41 57.74
CA ARG CA 116 79.48 -26.85 57.81
C ARG CA 116 80.67 -27.20 58.70
N LEU CA 117 81.84 -26.66 58.38
CA LEU CA 117 83.07 -27.08 59.05
C LEU CA 117 83.21 -26.39 60.40
N CYS CA 118 83.71 -27.16 61.38
CA CYS CA 118 84.10 -26.63 62.68
C CYS CA 118 85.52 -27.09 62.97
N ARG CA 119 86.41 -26.14 63.25
CA ARG CA 119 87.81 -26.43 63.48
C ARG CA 119 88.29 -25.69 64.72
N PRO CA 120 89.21 -26.27 65.47
CA PRO CA 120 89.71 -25.62 66.69
C PRO CA 120 90.67 -24.49 66.34
N LYS CA 121 91.19 -23.85 67.39
CA LYS CA 121 92.10 -22.70 67.28
C LYS CA 121 91.51 -21.58 66.45
N LYS DA 1 -66.88 52.83 -77.79
CA LYS DA 1 -68.27 52.99 -78.20
C LYS DA 1 -68.91 51.63 -78.46
N SER DA 2 -68.11 50.70 -78.99
CA SER DA 2 -68.64 49.40 -79.40
C SER DA 2 -69.16 48.62 -78.19
N LEU DA 3 -68.47 48.69 -77.06
CA LEU DA 3 -68.89 47.94 -75.88
C LEU DA 3 -70.19 48.49 -75.30
N GLU DA 4 -70.30 49.81 -75.20
CA GLU DA 4 -71.54 50.39 -74.67
C GLU DA 4 -72.67 50.29 -75.68
N SER DA 5 -72.36 50.32 -76.97
CA SER DA 5 -73.40 50.20 -77.99
C SER DA 5 -74.05 48.82 -77.95
N ILE DA 6 -73.23 47.77 -77.85
CA ILE DA 6 -73.80 46.43 -77.78
C ILE DA 6 -74.52 46.23 -76.46
N ASN DA 7 -74.03 46.82 -75.37
CA ASN DA 7 -74.70 46.69 -74.09
C ASN DA 7 -76.05 47.38 -74.09
N SER DA 8 -76.14 48.54 -74.75
CA SER DA 8 -77.43 49.22 -74.84
C SER DA 8 -78.39 48.48 -75.76
N ARG DA 9 -77.88 47.96 -76.88
CA ARG DA 9 -78.72 47.18 -77.77
C ARG DA 9 -79.14 45.86 -77.13
N LEU DA 10 -78.23 45.23 -76.39
CA LEU DA 10 -78.58 44.00 -75.68
C LEU DA 10 -79.65 44.25 -74.64
N GLN DA 11 -79.57 45.38 -73.94
CA GLN DA 11 -80.61 45.73 -72.97
C GLN DA 11 -81.95 45.90 -73.66
N LEU DA 12 -81.96 46.50 -74.84
CA LEU DA 12 -83.22 46.71 -75.54
C LEU DA 12 -83.71 45.46 -76.25
N VAL DA 13 -82.83 44.48 -76.51
CA VAL DA 13 -83.30 43.16 -76.94
C VAL DA 13 -84.10 42.51 -75.83
N MET DA 14 -83.62 42.60 -74.59
CA MET DA 14 -84.47 42.29 -73.46
C MET DA 14 -85.64 43.27 -73.43
N LYS DA 15 -86.76 42.80 -72.87
CA LYS DA 15 -87.94 43.61 -72.61
C LYS DA 15 -88.69 43.97 -73.89
N SER DA 16 -88.09 43.69 -75.05
CA SER DA 16 -88.72 44.00 -76.32
C SER DA 16 -88.62 42.90 -77.36
N GLY DA 17 -87.72 41.93 -77.19
CA GLY DA 17 -87.53 40.90 -78.17
C GLY DA 17 -87.52 39.52 -77.53
N LYS DA 18 -87.59 38.51 -78.37
CA LYS DA 18 -87.53 37.13 -77.93
C LYS DA 18 -86.09 36.66 -77.99
N TYR DA 19 -85.58 36.16 -76.87
CA TYR DA 19 -84.21 35.68 -76.79
C TYR DA 19 -84.22 34.35 -76.06
N VAL DA 20 -83.03 33.82 -75.80
CA VAL DA 20 -82.90 32.65 -74.97
C VAL DA 20 -81.48 32.65 -74.41
N LEU DA 21 -81.34 32.18 -73.17
CA LEU DA 21 -80.08 32.26 -72.46
C LEU DA 21 -79.57 30.85 -72.15
N GLY DA 22 -78.30 30.62 -72.45
CA GLY DA 22 -77.67 29.37 -72.07
C GLY DA 22 -77.23 28.50 -73.22
N TYR DA 23 -76.34 27.56 -72.93
CA TYR DA 23 -75.72 26.75 -73.98
C TYR DA 23 -76.72 25.78 -74.61
N LYS DA 24 -77.46 25.03 -73.78
CA LYS DA 24 -78.32 23.98 -74.33
C LYS DA 24 -79.45 24.58 -75.14
N GLN DA 25 -80.03 25.67 -74.68
CA GLN DA 25 -81.14 26.26 -75.42
C GLN DA 25 -80.65 26.98 -76.67
N THR DA 26 -79.42 27.49 -76.67
CA THR DA 26 -78.88 28.09 -77.87
C THR DA 26 -78.73 27.06 -78.98
N LEU DA 27 -78.19 25.90 -78.66
CA LEU DA 27 -78.07 24.83 -79.65
C LEU DA 27 -79.43 24.37 -80.13
N LYS DA 28 -80.39 24.28 -79.23
CA LYS DA 28 -81.74 23.87 -79.60
C LYS DA 28 -82.37 24.90 -80.55
N MET DA 29 -82.12 26.19 -80.30
CA MET DA 29 -82.67 27.23 -81.17
C MET DA 29 -81.95 27.27 -82.51
N ILE DA 30 -80.64 27.00 -82.52
CA ILE DA 30 -79.88 27.04 -83.76
C ILE DA 30 -80.35 25.95 -84.72
N ARG DA 31 -80.46 24.72 -84.22
CA ARG DA 31 -80.85 23.62 -85.08
C ARG DA 31 -82.32 23.69 -85.47
N GLN DA 32 -83.12 24.46 -84.74
CA GLN DA 32 -84.47 24.79 -85.21
C GLN DA 32 -84.47 25.88 -86.26
N GLY DA 33 -83.34 26.54 -86.48
CA GLY DA 33 -83.25 27.54 -87.52
C GLY DA 33 -83.94 28.84 -87.22
N LYS DA 34 -84.14 29.18 -85.94
CA LYS DA 34 -84.80 30.43 -85.58
C LYS DA 34 -83.94 31.33 -84.72
N ALA DA 35 -82.67 31.00 -84.52
CA ALA DA 35 -81.73 31.89 -83.85
C ALA DA 35 -81.07 32.77 -84.90
N LYS DA 36 -81.24 34.08 -84.77
CA LYS DA 36 -80.73 35.01 -85.76
C LYS DA 36 -79.42 35.66 -85.36
N LEU DA 37 -79.02 35.57 -84.09
CA LEU DA 37 -77.73 36.07 -83.65
C LEU DA 37 -77.36 35.36 -82.36
N VAL DA 38 -76.14 34.84 -82.30
CA VAL DA 38 -75.64 34.14 -81.13
C VAL DA 38 -74.48 34.95 -80.57
N ILE DA 39 -74.52 35.23 -79.26
CA ILE DA 39 -73.52 36.04 -78.59
C ILE DA 39 -72.76 35.16 -77.62
N LEU DA 40 -71.44 35.20 -77.71
CA LEU DA 40 -70.56 34.38 -76.89
C LEU DA 40 -69.68 35.26 -76.02
N ALA DA 41 -69.62 34.97 -74.74
CA ALA DA 41 -68.63 35.58 -73.88
C ALA DA 41 -67.24 35.05 -74.23
N ASN DA 42 -66.21 35.87 -74.02
CA ASN DA 42 -64.87 35.39 -74.27
C ASN DA 42 -64.42 34.38 -73.22
N ASN DA 43 -65.15 34.28 -72.11
CA ASN DA 43 -64.94 33.27 -71.09
C ASN DA 43 -65.39 31.88 -71.54
N CYS DA 44 -66.02 31.78 -72.70
CA CYS DA 44 -66.57 30.51 -73.15
C CYS DA 44 -65.46 29.48 -73.34
N PRO DA 45 -65.71 28.22 -73.02
CA PRO DA 45 -64.73 27.17 -73.32
C PRO DA 45 -64.44 27.12 -74.81
N ALA DA 46 -63.17 26.89 -75.13
CA ALA DA 46 -62.73 27.00 -76.52
C ALA DA 46 -63.43 25.96 -77.40
N LEU DA 47 -63.63 24.76 -76.87
CA LEU DA 47 -64.36 23.74 -77.62
C LEU DA 47 -65.80 24.14 -77.85
N ARG DA 48 -66.45 24.68 -76.82
CA ARG DA 48 -67.83 25.14 -76.97
C ARG DA 48 -67.93 26.31 -77.93
N LYS DA 49 -66.95 27.22 -77.87
CA LYS DA 49 -66.91 28.34 -78.79
C LYS DA 49 -66.79 27.86 -80.23
N SER DA 50 -65.90 26.89 -80.47
CA SER DA 50 -65.70 26.35 -81.80
C SER DA 50 -66.92 25.58 -82.29
N GLU DA 51 -67.59 24.88 -81.38
CA GLU DA 51 -68.75 24.08 -81.78
C GLU DA 51 -69.93 24.97 -82.17
N ILE DA 52 -70.17 26.03 -81.41
CA ILE DA 52 -71.28 26.92 -81.70
C ILE DA 52 -71.03 27.67 -83.00
N GLU DA 53 -69.78 28.00 -83.28
CA GLU DA 53 -69.45 28.62 -84.56
C GLU DA 53 -69.72 27.67 -85.72
N TYR DA 54 -69.42 26.38 -85.56
CA TYR DA 54 -69.73 25.40 -86.60
C TYR DA 54 -71.22 25.26 -86.78
N TYR DA 55 -71.98 25.25 -85.68
CA TYR DA 55 -73.43 25.17 -85.77
C TYR DA 55 -74.00 26.39 -86.49
N ALA DA 56 -73.46 27.56 -86.20
CA ALA DA 56 -73.94 28.79 -86.83
C ALA DA 56 -73.62 28.82 -88.31
N MET DA 57 -72.47 28.29 -88.70
CA MET DA 57 -72.13 28.20 -90.12
C MET DA 57 -73.11 27.29 -90.85
N LEU DA 58 -73.47 26.16 -90.24
CA LEU DA 58 -74.46 25.27 -90.85
C LEU DA 58 -75.82 25.94 -90.92
N ALA DA 59 -76.19 26.67 -89.88
CA ALA DA 59 -77.48 27.33 -89.81
C ALA DA 59 -77.51 28.68 -90.50
N LYS DA 60 -76.36 29.17 -90.95
CA LYS DA 60 -76.24 30.47 -91.62
C LYS DA 60 -76.74 31.61 -90.73
N THR DA 61 -76.19 31.68 -89.52
CA THR DA 61 -76.53 32.74 -88.60
C THR DA 61 -75.24 33.37 -88.05
N GLY DA 62 -75.36 34.61 -87.61
CA GLY DA 62 -74.21 35.37 -87.17
C GLY DA 62 -73.84 35.11 -85.73
N VAL DA 63 -72.55 35.20 -85.44
CA VAL DA 63 -72.01 35.07 -84.10
C VAL DA 63 -71.27 36.34 -83.75
N HIS DA 64 -71.60 36.92 -82.61
CA HIS DA 64 -70.87 38.05 -82.06
C HIS DA 64 -70.11 37.59 -80.83
N HIS DA 65 -68.80 37.81 -80.82
CA HIS DA 65 -67.98 37.48 -79.67
C HIS DA 65 -68.02 38.66 -78.71
N TYR DA 66 -68.73 38.49 -77.61
CA TYR DA 66 -68.90 39.58 -76.66
C TYR DA 66 -67.58 39.88 -75.96
N SER DA 67 -67.23 41.16 -75.90
CA SER DA 67 -65.98 41.59 -75.27
C SER DA 67 -66.19 41.79 -73.77
N GLY DA 68 -66.64 40.72 -73.12
CA GLY DA 68 -66.86 40.74 -71.69
C GLY DA 68 -66.41 39.44 -71.07
N ASN DA 69 -67.31 38.78 -70.34
CA ASN DA 69 -67.18 37.40 -69.89
C ASN DA 69 -68.57 36.97 -69.43
N ASN DA 70 -68.70 35.72 -68.97
CA ASN DA 70 -70.04 35.21 -68.67
C ASN DA 70 -70.66 35.97 -67.50
N ILE DA 71 -69.83 36.50 -66.60
CA ILE DA 71 -70.34 37.35 -65.54
C ILE DA 71 -70.83 38.68 -66.12
N GLU DA 72 -70.03 39.28 -67.00
CA GLU DA 72 -70.39 40.58 -67.54
C GLU DA 72 -71.50 40.47 -68.58
N LEU DA 73 -71.56 39.37 -69.32
CA LEU DA 73 -72.67 39.16 -70.22
C LEU DA 73 -73.97 38.93 -69.45
N GLY DA 74 -73.86 38.36 -68.24
CA GLY DA 74 -75.03 38.22 -67.40
C GLY DA 74 -75.59 39.56 -66.96
N THR DA 75 -74.71 40.47 -66.54
CA THR DA 75 -75.16 41.80 -66.15
C THR DA 75 -75.69 42.57 -67.35
N ALA DA 76 -75.06 42.41 -68.51
CA ALA DA 76 -75.49 43.10 -69.71
C ALA DA 76 -76.90 42.69 -70.12
N CYS DA 77 -77.27 41.44 -69.82
CA CYS DA 77 -78.62 40.97 -70.07
C CYS DA 77 -79.60 41.39 -69.00
N GLY DA 78 -79.13 41.98 -67.91
CA GLY DA 78 -79.99 42.32 -66.80
C GLY DA 78 -80.25 41.19 -65.82
N LYS DA 79 -79.53 40.09 -65.93
CA LYS DA 79 -79.71 38.96 -65.06
C LYS DA 79 -78.70 39.00 -63.91
N TYR DA 80 -79.00 38.25 -62.86
CA TYR DA 80 -78.11 38.14 -61.72
C TYR DA 80 -77.34 36.83 -61.74
N TYR DA 81 -77.28 36.18 -62.89
CA TYR DA 81 -76.53 34.94 -63.05
C TYR DA 81 -75.65 35.07 -64.28
N ARG DA 82 -74.64 34.22 -64.35
CA ARG DA 82 -73.73 34.22 -65.49
C ARG DA 82 -74.40 33.59 -66.70
N VAL DA 83 -74.36 34.27 -67.83
CA VAL DA 83 -74.74 33.67 -69.11
C VAL DA 83 -73.52 33.68 -70.01
N CYS DA 84 -73.21 32.51 -70.57
CA CYS DA 84 -72.04 32.35 -71.42
C CYS DA 84 -72.40 32.32 -72.89
N THR DA 85 -73.61 31.88 -73.23
CA THR DA 85 -74.08 31.81 -74.60
C THR DA 85 -75.53 32.24 -74.64
N LEU DA 86 -75.91 33.00 -75.66
CA LEU DA 86 -77.29 33.42 -75.79
C LEU DA 86 -77.64 33.55 -77.26
N ALA DA 87 -78.92 33.44 -77.57
CA ALA DA 87 -79.42 33.53 -78.92
C ALA DA 87 -80.61 34.45 -78.97
N ILE DA 88 -80.72 35.23 -80.06
CA ILE DA 88 -81.81 36.17 -80.24
C ILE DA 88 -82.74 35.62 -81.32
N ILE DA 89 -84.00 35.44 -80.97
CA ILE DA 89 -84.99 34.96 -81.94
C ILE DA 89 -85.42 36.10 -82.85
N ASP DA 90 -85.80 37.23 -82.27
CA ASP DA 90 -86.05 38.43 -83.07
C ASP DA 90 -85.71 39.63 -82.19
N PRO DA 91 -84.93 40.56 -82.68
CA PRO DA 91 -84.49 41.68 -81.83
C PRO DA 91 -85.58 42.66 -81.46
N GLY DA 92 -86.29 43.18 -82.46
CA GLY DA 92 -87.21 44.27 -82.25
C GLY DA 92 -86.57 45.63 -82.09
N ASP DA 93 -85.24 45.73 -82.23
CA ASP DA 93 -84.60 47.03 -82.04
C ASP DA 93 -83.44 47.29 -83.01
N SER DA 94 -83.39 46.68 -84.19
CA SER DA 94 -82.35 46.88 -85.19
C SER DA 94 -80.96 46.48 -84.70
N ASP DA 95 -80.87 45.62 -83.68
CA ASP DA 95 -79.60 44.95 -83.43
C ASP DA 95 -79.24 44.04 -84.59
N ILE DA 96 -80.23 43.39 -85.18
CA ILE DA 96 -80.07 42.58 -86.37
C ILE DA 96 -80.73 43.32 -87.52
N ILE DA 97 -79.93 43.70 -88.52
CA ILE DA 97 -80.47 44.42 -89.67
C ILE DA 97 -81.31 43.50 -90.52
N ARG DA 98 -82.47 43.99 -90.96
CA ARG DA 98 -83.39 43.19 -91.76
C ARG DA 98 -82.86 42.94 -93.16
N ASN EA 1 -73.03 -37.38 33.67
CA ASN EA 1 -73.01 -37.99 32.35
C ASN EA 1 -71.94 -37.34 31.48
N GLU EA 2 -71.76 -37.84 30.26
CA GLU EA 2 -70.75 -37.29 29.37
C GLU EA 2 -71.22 -37.16 27.93
N VAL EA 3 -72.51 -37.37 27.65
CA VAL EA 3 -73.03 -37.17 26.30
C VAL EA 3 -74.10 -36.09 26.45
N VAL EA 4 -73.88 -35.18 27.37
CA VAL EA 4 -74.82 -34.11 27.66
C VAL EA 4 -74.70 -33.03 26.58
N THR EA 5 -75.83 -32.39 26.27
CA THR EA 5 -75.87 -31.25 25.38
C THR EA 5 -76.64 -30.11 26.04
N ARG EA 6 -76.16 -28.88 25.86
CA ARG EA 6 -76.70 -27.72 26.54
C ARG EA 6 -76.76 -26.54 25.57
N GLU EA 7 -77.64 -25.60 25.86
CA GLU EA 7 -77.78 -24.38 25.07
C GLU EA 7 -77.28 -23.19 25.86
N TYR EA 8 -76.33 -22.47 25.30
CA TYR EA 8 -75.74 -21.28 25.90
C TYR EA 8 -76.01 -20.08 25.01
N THR EA 9 -75.86 -18.91 25.59
CA THR EA 9 -75.73 -17.68 24.83
C THR EA 9 -74.41 -17.02 25.17
N ILE EA 10 -73.67 -16.62 24.14
CA ILE EA 10 -72.32 -16.09 24.29
C ILE EA 10 -72.32 -14.61 23.98
N ASN EA 11 -71.84 -13.82 24.94
CA ASN EA 11 -71.63 -12.39 24.70
C ASN EA 11 -70.38 -12.25 23.82
N ILE EA 12 -70.61 -12.25 22.52
CA ILE EA 12 -69.52 -12.03 21.58
C ILE EA 12 -68.97 -10.61 21.73
N HIS EA 13 -69.87 -9.64 21.94
CA HIS EA 13 -69.48 -8.25 22.10
C HIS EA 13 -68.46 -8.08 23.22
N LYS EA 14 -68.68 -8.80 24.32
CA LYS EA 14 -67.80 -8.71 25.46
C LYS EA 14 -66.42 -9.27 25.15
N ARG EA 15 -66.36 -10.34 24.36
CA ARG EA 15 -65.10 -11.03 24.10
C ARG EA 15 -64.34 -10.46 22.92
N ILE EA 16 -64.99 -9.68 22.07
CA ILE EA 16 -64.36 -9.09 20.90
C ILE EA 16 -63.95 -7.64 21.14
N HIS EA 17 -64.37 -7.05 22.25
CA HIS EA 17 -64.15 -5.63 22.48
C HIS EA 17 -62.67 -5.29 22.45
N GLY EA 18 -62.33 -4.29 21.64
CA GLY EA 18 -60.97 -3.81 21.52
C GLY EA 18 -60.19 -4.39 20.36
N VAL EA 19 -60.74 -5.38 19.66
CA VAL EA 19 -60.05 -6.07 18.58
C VAL EA 19 -60.22 -5.27 17.30
N GLY EA 20 -59.18 -5.25 16.47
CA GLY EA 20 -59.22 -4.47 15.25
C GLY EA 20 -60.21 -5.02 14.24
N PHE EA 21 -60.48 -4.20 13.22
CA PHE EA 21 -61.57 -4.47 12.29
C PHE EA 21 -61.34 -5.77 11.52
N LYS EA 22 -60.14 -5.98 11.01
CA LYS EA 22 -59.86 -7.16 10.20
C LYS EA 22 -59.65 -8.40 11.03
N LYS EA 23 -59.79 -8.31 12.36
CA LYS EA 23 -59.56 -9.44 13.24
C LYS EA 23 -60.78 -9.83 14.06
N ARG EA 24 -61.92 -9.15 13.91
CA ARG EA 24 -63.02 -9.36 14.84
C ARG EA 24 -63.71 -10.70 14.61
N ALA EA 25 -64.19 -10.93 13.39
CA ALA EA 25 -64.81 -12.23 13.10
C ALA EA 25 -63.84 -13.40 13.25
N PRO EA 26 -62.58 -13.32 12.79
CA PRO EA 26 -61.65 -14.41 13.13
C PRO EA 26 -61.45 -14.60 14.62
N ARG EA 27 -61.45 -13.53 15.41
CA ARG EA 27 -61.33 -13.68 16.85
C ARG EA 27 -62.60 -14.26 17.47
N ALA EA 28 -63.75 -13.96 16.86
CA ALA EA 28 -65.01 -14.47 17.40
C ALA EA 28 -65.06 -16.00 17.33
N LEU EA 29 -64.48 -16.58 16.28
CA LEU EA 29 -64.42 -18.05 16.21
C LEU EA 29 -63.48 -18.61 17.26
N LYS EA 30 -62.36 -17.92 17.50
CA LYS EA 30 -61.41 -18.36 18.51
C LYS EA 30 -62.01 -18.26 19.91
N GLU EA 31 -62.80 -17.22 20.16
CA GLU EA 31 -63.43 -17.07 21.46
C GLU EA 31 -64.57 -18.06 21.66
N ILE EA 32 -65.28 -18.39 20.59
CA ILE EA 32 -66.33 -19.40 20.69
C ILE EA 32 -65.72 -20.76 20.97
N ARG EA 33 -64.63 -21.09 20.27
CA ARG EA 33 -63.95 -22.36 20.51
C ARG EA 33 -63.37 -22.42 21.92
N LYS EA 34 -62.83 -21.30 22.40
CA LYS EA 34 -62.31 -21.24 23.76
C LYS EA 34 -63.43 -21.33 24.79
N PHE EA 35 -64.60 -20.78 24.46
CA PHE EA 35 -65.75 -20.89 25.34
C PHE EA 35 -66.17 -22.35 25.51
N ALA EA 36 -66.21 -23.10 24.41
CA ALA EA 36 -66.66 -24.49 24.47
C ALA EA 36 -65.65 -25.37 25.20
N MET EA 37 -64.37 -25.06 25.08
CA MET EA 37 -63.35 -25.81 25.82
C MET EA 37 -63.52 -25.60 27.32
N LYS EA 38 -63.86 -24.39 27.73
CA LYS EA 38 -64.02 -24.10 29.15
C LYS EA 38 -65.29 -24.76 29.68
N GLU EA 39 -66.39 -24.71 28.91
CA GLU EA 39 -67.66 -25.23 29.41
C GLU EA 39 -67.71 -26.74 29.44
N MET EA 40 -67.22 -27.40 28.40
CA MET EA 40 -67.37 -28.85 28.30
C MET EA 40 -66.08 -29.61 28.58
N GLY EA 41 -64.97 -28.90 28.75
CA GLY EA 41 -63.72 -29.55 29.07
C GLY EA 41 -63.19 -30.46 28.00
N THR EA 42 -63.41 -30.14 26.73
CA THR EA 42 -62.97 -30.97 25.62
C THR EA 42 -62.06 -30.13 24.72
N PRO EA 43 -60.77 -30.45 24.62
CA PRO EA 43 -59.92 -29.73 23.67
C PRO EA 43 -60.36 -29.87 22.23
N ASP EA 44 -61.03 -30.97 21.88
CA ASP EA 44 -61.56 -31.17 20.54
C ASP EA 44 -62.91 -30.47 20.44
N VAL EA 45 -62.94 -29.34 19.74
CA VAL EA 45 -64.16 -28.58 19.55
C VAL EA 45 -64.37 -28.41 18.05
N ARG EA 46 -65.50 -28.91 17.57
CA ARG EA 46 -65.88 -28.74 16.17
C ARG EA 46 -66.96 -27.67 16.08
N ILE EA 47 -66.77 -26.72 15.17
CA ILE EA 47 -67.71 -25.63 14.96
C ILE EA 47 -68.46 -25.90 13.67
N ASP EA 48 -69.78 -25.91 13.75
CA ASP EA 48 -70.60 -26.14 12.57
C ASP EA 48 -70.41 -25.03 11.55
N THR EA 49 -70.56 -25.39 10.28
CA THR EA 49 -70.43 -24.39 9.22
C THR EA 49 -71.58 -23.40 9.25
N ARG EA 50 -72.77 -23.83 9.69
CA ARG EA 50 -73.87 -22.89 9.82
C ARG EA 50 -73.59 -21.88 10.93
N LEU EA 51 -72.91 -22.31 11.99
CA LEU EA 51 -72.47 -21.37 13.01
C LEU EA 51 -71.43 -20.41 12.46
N ASN EA 52 -70.47 -20.93 11.68
CA ASN EA 52 -69.45 -20.08 11.09
C ASN EA 52 -70.06 -19.05 10.16
N LYS EA 53 -71.11 -19.43 9.44
CA LYS EA 53 -71.80 -18.49 8.58
C LYS EA 53 -72.53 -17.44 9.40
N ALA EA 54 -73.06 -17.82 10.56
CA ALA EA 54 -73.77 -16.86 11.40
C ALA EA 54 -72.85 -15.80 11.95
N VAL EA 55 -71.64 -16.19 12.38
CA VAL EA 55 -70.70 -15.23 12.92
C VAL EA 55 -70.21 -14.28 11.83
N TRP EA 56 -70.07 -14.78 10.61
CA TRP EA 56 -69.60 -13.99 9.49
C TRP EA 56 -70.74 -13.33 8.72
N ALA EA 57 -71.97 -13.38 9.24
CA ALA EA 57 -73.14 -12.96 8.47
C ALA EA 57 -73.07 -11.48 8.13
N LYS EA 58 -72.59 -10.65 9.05
CA LYS EA 58 -72.51 -9.21 8.84
C LYS EA 58 -71.10 -8.74 8.53
N GLY EA 59 -70.28 -9.59 7.94
CA GLY EA 59 -68.94 -9.19 7.56
C GLY EA 59 -67.90 -9.49 8.63
N ILE EA 60 -66.72 -8.92 8.39
CA ILE EA 60 -65.56 -9.22 9.24
C ILE EA 60 -65.47 -8.35 10.49
N ARG EA 61 -66.09 -7.17 10.49
CA ARG EA 61 -65.93 -6.27 11.63
C ARG EA 61 -67.21 -6.02 12.39
N ASN EA 62 -68.38 -6.16 11.78
CA ASN EA 62 -69.64 -5.94 12.49
C ASN EA 62 -70.23 -7.28 12.93
N VAL EA 63 -69.50 -7.97 13.79
CA VAL EA 63 -69.92 -9.27 14.31
C VAL EA 63 -71.13 -9.08 15.22
N PRO EA 64 -72.07 -10.02 15.26
CA PRO EA 64 -73.19 -9.90 16.19
C PRO EA 64 -72.74 -9.83 17.64
N TYR EA 65 -73.48 -9.05 18.44
CA TYR EA 65 -73.12 -8.87 19.83
C TYR EA 65 -73.32 -10.13 20.65
N ARG EA 66 -74.43 -10.81 20.43
CA ARG EA 66 -74.77 -12.04 21.14
C ARG EA 66 -75.11 -13.12 20.13
N ILE EA 67 -74.86 -14.36 20.51
CA ILE EA 67 -75.21 -15.50 19.66
C ILE EA 67 -75.63 -16.65 20.55
N ARG EA 68 -76.68 -17.34 20.14
CA ARG EA 68 -77.21 -18.49 20.87
C ARG EA 68 -76.67 -19.75 20.22
N VAL EA 69 -75.89 -20.51 20.96
CA VAL EA 69 -75.25 -21.71 20.46
C VAL EA 69 -75.73 -22.90 21.27
N ARG EA 70 -75.46 -24.09 20.73
CA ARG EA 70 -75.76 -25.34 21.41
C ARG EA 70 -74.49 -26.16 21.46
N LEU EA 71 -74.07 -26.54 22.66
CA LEU EA 71 -72.86 -27.32 22.86
C LEU EA 71 -73.25 -28.77 23.10
N SER EA 72 -72.80 -29.67 22.24
CA SER EA 72 -73.08 -31.09 22.37
C SER EA 72 -71.77 -31.83 22.56
N ARG EA 73 -71.59 -32.41 23.74
CA ARG EA 73 -70.46 -33.30 23.98
C ARG EA 73 -70.81 -34.69 23.49
N LYS EA 74 -70.02 -35.22 22.58
CA LYS EA 74 -70.31 -36.49 21.93
C LYS EA 74 -69.08 -37.37 22.01
N ARG EA 75 -69.31 -38.67 21.87
CA ARG EA 75 -68.22 -39.63 21.90
C ARG EA 75 -67.35 -39.48 20.66
N ASN EA 76 -66.06 -39.30 20.87
CA ASN EA 76 -65.08 -39.35 19.78
C ASN EA 76 -64.58 -40.77 19.56
N GLU EA 77 -65.29 -41.77 20.10
CA GLU EA 77 -64.86 -43.15 20.01
C GLU EA 77 -65.13 -43.70 18.61
N ASP EA 78 -64.53 -43.06 17.61
CA ASP EA 78 -64.65 -43.48 16.23
C ASP EA 78 -63.33 -43.92 15.62
N GLU EA 79 -62.20 -43.65 16.29
CA GLU EA 79 -60.89 -44.10 15.86
C GLU EA 79 -59.96 -43.99 17.06
N ASP EA 80 -58.69 -44.36 16.85
CA ASP EA 80 -57.66 -44.20 17.88
C ASP EA 80 -57.29 -42.73 17.94
N SER EA 81 -57.80 -42.02 18.94
CA SER EA 81 -57.55 -40.61 19.10
C SER EA 81 -57.12 -40.30 20.53
N PRO EA 82 -56.31 -39.26 20.72
CA PRO EA 82 -55.93 -38.87 22.09
C PRO EA 82 -57.11 -38.45 22.94
N ASN EA 83 -58.16 -37.90 22.34
CA ASN EA 83 -59.35 -37.47 23.05
C ASN EA 83 -60.50 -38.41 22.71
N LYS EA 84 -61.16 -38.91 23.74
CA LYS EA 84 -62.33 -39.77 23.58
C LYS EA 84 -63.62 -38.98 23.45
N LEU EA 85 -63.59 -37.68 23.68
CA LEU EA 85 -64.78 -36.85 23.65
C LEU EA 85 -64.50 -35.59 22.84
N TYR EA 86 -65.55 -35.07 22.21
CA TYR EA 86 -65.46 -33.84 21.43
C TYR EA 86 -66.77 -33.08 21.55
N THR EA 87 -66.69 -31.77 21.35
CA THR EA 87 -67.85 -30.89 21.47
C THR EA 87 -68.18 -30.33 20.09
N LEU EA 88 -69.41 -30.54 19.64
CA LEU EA 88 -69.92 -29.93 18.43
C LEU EA 88 -70.74 -28.70 18.81
N VAL EA 89 -70.37 -27.55 18.28
CA VAL EA 89 -71.03 -26.29 18.61
C VAL EA 89 -71.86 -25.90 17.40
N THR EA 90 -73.17 -25.88 17.56
CA THR EA 90 -74.08 -25.52 16.49
C THR EA 90 -74.72 -24.16 16.76
N TYR EA 91 -75.50 -23.70 15.80
CA TYR EA 91 -76.10 -22.38 15.84
C TYR EA 91 -77.58 -22.51 16.13
N VAL EA 92 -78.08 -21.72 17.07
CA VAL EA 92 -79.50 -21.71 17.40
C VAL EA 92 -80.07 -20.35 17.05
N PRO EA 93 -80.86 -20.24 15.98
CA PRO EA 93 -81.46 -18.95 15.64
C PRO EA 93 -82.52 -18.56 16.65
N VAL EA 94 -82.44 -17.31 17.14
CA VAL EA 94 -83.39 -16.78 18.10
C VAL EA 94 -83.83 -15.41 17.62
N THR EA 95 -85.01 -15.00 18.09
CA THR EA 95 -85.53 -13.67 17.77
C THR EA 95 -85.16 -12.62 18.81
N THR EA 96 -84.93 -13.03 20.05
CA THR EA 96 -84.53 -12.11 21.10
C THR EA 96 -83.62 -12.85 22.07
N PHE EA 97 -82.77 -12.09 22.76
CA PHE EA 97 -81.87 -12.65 23.76
C PHE EA 97 -82.29 -12.32 25.17
N LYS EA 98 -83.46 -11.72 25.36
CA LYS EA 98 -83.91 -11.36 26.70
C LYS EA 98 -84.36 -12.59 27.46
N ASN EA 99 -83.93 -12.68 28.72
CA ASN EA 99 -84.36 -13.72 29.66
C ASN EA 99 -84.00 -15.12 29.19
N LEU EA 100 -82.92 -15.25 28.42
CA LEU EA 100 -82.47 -16.56 27.98
C LEU EA 100 -81.44 -17.09 28.97
N GLN EA 101 -81.79 -18.19 29.63
CA GLN EA 101 -80.91 -18.85 30.58
C GLN EA 101 -80.11 -19.93 29.87
N THR EA 102 -79.09 -20.44 30.56
CA THR EA 102 -78.40 -21.63 30.10
C THR EA 102 -79.26 -22.84 30.46
N VAL EA 103 -79.68 -23.59 29.46
CA VAL EA 103 -80.68 -24.64 29.65
C VAL EA 103 -80.08 -25.98 29.23
N ASN EA 104 -80.44 -27.03 29.95
CA ASN EA 104 -80.15 -28.38 29.51
C ASN EA 104 -81.18 -28.81 28.48
N VAL EA 105 -80.72 -29.39 27.37
CA VAL EA 105 -81.60 -29.85 26.31
C VAL EA 105 -81.44 -31.35 26.16
N ASP EA 106 -82.56 -32.03 25.94
CA ASP EA 106 -82.56 -33.49 25.84
C ASP EA 106 -82.12 -33.90 24.44
N GLU EA 107 -82.26 -35.18 24.12
CA GLU EA 107 -81.86 -35.70 22.82
C GLU EA 107 -82.90 -35.38 21.75
N ALA FA 1 22.73 -51.25 40.59
CA ALA FA 1 21.67 -51.23 39.60
C ALA FA 1 22.16 -50.71 38.26
N ALA FA 2 21.83 -49.45 37.98
CA ALA FA 2 22.24 -48.84 36.73
C ALA FA 2 23.74 -48.58 36.71
N LEU FA 3 24.30 -48.50 35.51
CA LEU FA 3 25.71 -48.17 35.35
C LEU FA 3 25.95 -46.72 35.75
N ARG FA 4 27.04 -46.49 36.46
CA ARG FA 4 27.30 -45.16 36.96
C ARG FA 4 28.39 -44.49 36.11
N PRO FA 5 28.35 -43.18 35.96
CA PRO FA 5 29.40 -42.49 35.20
C PRO FA 5 30.71 -42.47 35.98
N LEU FA 6 31.76 -42.09 35.27
CA LEU FA 6 33.08 -42.01 35.89
C LEU FA 6 33.11 -40.98 37.01
N VAL FA 7 32.59 -39.79 36.74
CA VAL FA 7 32.42 -38.74 37.74
C VAL FA 7 31.02 -38.18 37.61
N LYS FA 8 30.48 -37.72 38.72
CA LYS FA 8 29.14 -37.11 38.75
C LYS FA 8 29.25 -35.75 39.41
N PRO FA 9 29.66 -34.73 38.67
CA PRO FA 9 29.67 -33.38 39.24
C PRO FA 9 28.27 -32.81 39.36
N LYS FA 10 28.17 -31.71 40.08
CA LYS FA 10 26.90 -31.00 40.21
C LYS FA 10 26.70 -30.17 38.95
N ILE FA 11 25.61 -30.43 38.23
CA ILE FA 11 25.30 -29.69 37.02
C ILE FA 11 24.54 -28.43 37.40
N VAL FA 12 25.07 -27.27 37.02
CA VAL FA 12 24.48 -25.98 37.32
C VAL FA 12 23.88 -25.44 36.03
N LYS FA 13 22.58 -25.20 36.04
CA LYS FA 13 21.89 -24.58 34.91
C LYS FA 13 21.63 -23.12 35.26
N LYS FA 14 22.17 -22.21 34.44
CA LYS FA 14 21.95 -20.79 34.68
C LYS FA 14 20.48 -20.44 34.51
N ARG FA 15 19.83 -21.00 33.51
CA ARG FA 15 18.40 -20.83 33.32
C ARG FA 15 17.77 -22.19 33.05
N THR FA 16 16.65 -22.46 33.69
CA THR FA 16 15.94 -23.72 33.51
C THR FA 16 14.74 -23.59 32.59
N LYS FA 17 14.13 -22.41 32.50
CA LYS FA 17 12.98 -22.19 31.65
C LYS FA 17 13.42 -22.03 30.19
N LYS FA 18 12.45 -21.89 29.31
CA LYS FA 18 12.71 -21.69 27.90
C LYS FA 18 12.57 -20.22 27.54
N PHE FA 19 13.33 -19.80 26.54
CA PHE FA 19 13.19 -18.45 26.00
C PHE FA 19 12.06 -18.47 24.99
N ILE FA 20 10.89 -18.00 25.39
CA ILE FA 20 9.76 -17.95 24.48
C ILE FA 20 9.85 -16.70 23.62
N ARG FA 21 9.31 -16.79 22.42
CA ARG FA 21 9.28 -15.64 21.53
C ARG FA 21 8.33 -14.57 22.08
N HIS FA 22 8.70 -13.32 21.85
CA HIS FA 22 7.86 -12.21 22.25
C HIS FA 22 6.50 -12.28 21.55
N GLN FA 23 5.44 -12.11 22.33
CA GLN FA 23 4.05 -12.15 21.87
C GLN FA 23 3.63 -13.51 21.34
N SER FA 24 4.39 -14.57 21.65
CA SER FA 24 3.94 -15.91 21.27
C SER FA 24 2.76 -16.37 22.11
N ASP FA 25 2.49 -15.70 23.23
CA ASP FA 25 1.32 -16.03 24.04
C ASP FA 25 0.04 -15.48 23.43
N ARG FA 26 0.12 -14.36 22.72
CA ARG FA 26 -1.08 -13.70 22.22
C ARG FA 26 -1.56 -14.27 20.90
N TYR FA 27 -0.74 -15.02 20.18
CA TYR FA 27 -1.11 -15.50 18.85
C TYR FA 27 -0.77 -16.98 18.72
N VAL FA 28 -1.63 -17.70 18.01
CA VAL FA 28 -1.31 -19.07 17.64
C VAL FA 28 -0.37 -19.08 16.44
N LYS FA 29 -0.47 -18.08 15.57
CA LYS FA 29 0.40 -17.99 14.42
C LYS FA 29 1.85 -17.74 14.80
N ILE FA 30 2.11 -17.30 16.02
CA ILE FA 30 3.46 -17.03 16.50
C ILE FA 30 3.89 -18.21 17.36
N LYS FA 31 4.80 -19.02 16.84
CA LYS FA 31 5.31 -20.14 17.60
C LYS FA 31 6.30 -19.67 18.66
N ARG FA 32 6.49 -20.49 19.68
CA ARG FA 32 7.34 -20.10 20.79
C ARG FA 32 8.83 -20.15 20.48
N ASN FA 33 9.20 -20.63 19.29
CA ASN FA 33 10.60 -20.64 18.89
C ASN FA 33 11.16 -19.22 18.93
N TRP FA 34 12.37 -19.10 19.48
CA TRP FA 34 12.93 -17.77 19.71
C TRP FA 34 13.24 -17.07 18.40
N ARG FA 35 12.75 -15.84 18.27
CA ARG FA 35 13.13 -14.95 17.18
C ARG FA 35 13.55 -13.64 17.81
N LYS FA 36 14.66 -13.08 17.33
CA LYS FA 36 15.17 -11.84 17.90
C LYS FA 36 14.25 -10.69 17.50
N PRO FA 37 13.75 -9.91 18.45
CA PRO FA 37 12.88 -8.78 18.10
C PRO FA 37 13.69 -7.67 17.43
N ARG FA 38 13.20 -7.19 16.30
CA ARG FA 38 13.93 -6.18 15.55
C ARG FA 38 13.08 -4.95 15.25
N GLY FA 39 11.95 -4.80 15.93
CA GLY FA 39 11.15 -3.62 15.75
C GLY FA 39 11.80 -2.39 16.35
N ILE FA 40 11.47 -1.23 15.79
CA ILE FA 40 12.10 0.01 16.22
C ILE FA 40 11.65 0.37 17.63
N ASP FA 41 10.39 0.13 17.97
CA ASP FA 41 9.85 0.47 19.28
C ASP FA 41 9.75 -0.72 20.21
N ASN FA 42 10.34 -1.85 19.85
CA ASN FA 42 10.14 -3.08 20.61
C ASN FA 42 10.75 -2.96 22.00
N ARG FA 43 9.92 -3.09 23.03
CA ARG FA 43 10.42 -2.94 24.39
C ARG FA 43 11.18 -4.17 24.88
N VAL FA 44 10.92 -5.34 24.27
CA VAL FA 44 11.70 -6.52 24.62
C VAL FA 44 13.11 -6.40 24.07
N ARG FA 45 13.25 -5.96 22.82
CA ARG FA 45 14.57 -5.72 22.26
C ARG FA 45 15.32 -4.66 23.04
N ARG FA 46 14.62 -3.60 23.44
CA ARG FA 46 15.23 -2.53 24.22
C ARG FA 46 15.55 -2.93 25.65
N ARG FA 47 15.10 -4.09 26.10
CA ARG FA 47 15.44 -4.66 27.41
C ARG FA 47 14.86 -3.83 28.56
N PHE FA 48 13.58 -3.48 28.44
CA PHE FA 48 12.88 -2.84 29.54
C PHE FA 48 12.64 -3.84 30.66
N LYS FA 49 12.50 -3.33 31.86
CA LYS FA 49 12.31 -4.19 33.02
C LYS FA 49 10.94 -4.87 32.97
N GLY FA 50 10.90 -6.09 33.48
CA GLY FA 50 9.66 -6.84 33.54
C GLY FA 50 9.23 -7.47 32.24
N GLN FA 51 10.08 -7.49 31.22
CA GLN FA 51 9.72 -7.99 29.91
C GLN FA 51 10.29 -9.38 29.68
N ILE FA 52 10.00 -9.93 28.51
CA ILE FA 52 10.54 -11.20 28.10
C ILE FA 52 12.05 -11.08 27.91
N LEU FA 53 12.79 -12.02 28.49
CA LEU FA 53 14.25 -11.97 28.43
C LEU FA 53 14.76 -12.44 27.08
N MET FA 54 15.88 -11.87 26.66
CA MET FA 54 16.46 -12.34 25.41
C MET FA 54 17.65 -13.25 25.69
N PRO FA 55 17.78 -14.33 24.94
CA PRO FA 55 18.97 -15.17 25.06
C PRO FA 55 20.24 -14.42 24.69
N ASN FA 56 21.30 -14.69 25.44
CA ASN FA 56 22.62 -14.18 25.12
C ASN FA 56 23.64 -15.17 25.63
N ILE FA 57 24.91 -14.93 25.29
CA ILE FA 57 25.96 -15.90 25.56
C ILE FA 57 26.26 -16.06 27.04
N GLY FA 58 25.85 -15.12 27.88
CA GLY FA 58 26.13 -15.24 29.30
C GLY FA 58 25.38 -16.36 29.98
N TYR FA 59 24.29 -16.83 29.38
CA TYR FA 59 23.53 -17.95 29.90
C TYR FA 59 24.18 -19.29 29.59
N GLY FA 60 25.33 -19.29 28.92
CA GLY FA 60 25.92 -20.53 28.48
C GLY FA 60 26.31 -21.42 29.64
N SER FA 61 26.15 -22.72 29.42
CA SER FA 61 26.42 -23.71 30.45
C SER FA 61 27.92 -23.88 30.64
N ASN FA 62 28.28 -24.34 31.83
CA ASN FA 62 29.66 -24.70 32.13
C ASN FA 62 30.15 -25.75 31.13
N LYS FA 63 31.35 -25.55 30.61
CA LYS FA 63 31.89 -26.45 29.60
C LYS FA 63 32.12 -27.86 30.14
N LYS FA 64 32.32 -28.00 31.44
CA LYS FA 64 32.53 -29.32 32.00
C LYS FA 64 31.26 -30.15 32.01
N THR FA 65 30.12 -29.54 32.28
CA THR FA 65 28.86 -30.26 32.42
C THR FA 65 27.93 -30.03 31.24
N LYS FA 66 28.40 -29.40 30.17
CA LYS FA 66 27.55 -29.13 29.03
C LYS FA 66 27.19 -30.43 28.31
N HIS FA 67 25.92 -30.56 27.93
CA HIS FA 67 25.31 -31.71 27.28
C HIS FA 67 25.26 -32.95 28.16
N MET FA 68 25.51 -32.82 29.45
CA MET FA 68 25.39 -33.94 30.36
C MET FA 68 23.93 -34.23 30.66
N LEU FA 69 23.55 -35.49 30.58
CA LEU FA 69 22.23 -35.92 31.03
C LEU FA 69 22.17 -35.85 32.55
N PRO FA 70 20.95 -35.86 33.12
CA PRO FA 70 20.84 -35.89 34.58
C PRO FA 70 21.57 -37.05 35.24
N SER FA 71 21.70 -38.19 34.54
CA SER FA 71 22.43 -39.31 35.07
C SER FA 71 23.94 -39.07 35.10
N GLY FA 72 24.43 -38.03 34.45
CA GLY FA 72 25.84 -37.74 34.40
C GLY FA 72 26.53 -38.20 33.14
N PHE FA 73 25.85 -38.98 32.30
CA PHE FA 73 26.41 -39.44 31.05
C PHE FA 73 26.18 -38.41 29.96
N ARG FA 74 26.78 -38.63 28.80
CA ARG FA 74 26.52 -37.86 27.60
C ARG FA 74 25.96 -38.78 26.52
N LYS FA 75 25.00 -38.26 25.78
CA LYS FA 75 24.20 -39.08 24.88
C LYS FA 75 24.88 -39.27 23.54
N PHE FA 76 24.76 -40.47 22.98
CA PHE FA 76 25.24 -40.75 21.64
C PHE FA 76 24.23 -41.63 20.93
N LEU FA 77 23.81 -41.23 19.74
CA LEU FA 77 22.76 -41.93 19.02
C LEU FA 77 23.35 -43.07 18.20
N VAL FA 78 22.73 -44.25 18.31
CA VAL FA 78 23.20 -45.42 17.58
C VAL FA 78 22.03 -45.97 16.77
N HIS FA 79 22.34 -46.54 15.60
CA HIS FA 79 21.33 -47.10 14.71
C HIS FA 79 21.41 -48.60 14.57
N ASN FA 80 22.55 -49.21 14.90
CA ASN FA 80 22.68 -50.65 14.83
C ASN FA 80 23.77 -51.09 15.80
N VAL FA 81 24.05 -52.39 15.81
CA VAL FA 81 25.01 -52.94 16.75
C VAL FA 81 26.41 -52.44 16.44
N LYS FA 82 26.76 -52.28 15.16
CA LYS FA 82 28.11 -51.88 14.78
C LYS FA 82 28.47 -50.50 15.34
N GLU FA 83 27.52 -49.56 15.31
CA GLU FA 83 27.76 -48.25 15.88
C GLU FA 83 27.77 -48.26 17.41
N LEU FA 84 27.54 -49.41 18.04
CA LEU FA 84 27.56 -49.47 19.49
C LEU FA 84 28.95 -49.76 20.04
N GLU FA 85 29.84 -50.36 19.25
CA GLU FA 85 31.18 -50.66 19.74
C GLU FA 85 32.11 -49.46 19.69
N VAL FA 86 31.67 -48.32 19.14
CA VAL FA 86 32.50 -47.13 19.25
C VAL FA 86 32.52 -46.62 20.68
N LEU FA 87 31.54 -47.01 21.49
CA LEU FA 87 31.45 -46.60 22.87
C LEU FA 87 32.07 -47.60 23.83
N LEU FA 88 32.78 -48.61 23.31
CA LEU FA 88 33.41 -49.60 24.17
C LEU FA 88 34.43 -48.96 25.10
N MET FA 89 35.23 -48.04 24.58
CA MET FA 89 36.27 -47.37 25.35
C MET FA 89 35.82 -46.04 25.93
N CYS FA 90 34.67 -45.52 25.52
CA CYS FA 90 34.05 -44.34 26.11
C CYS FA 90 32.97 -44.74 27.10
N ASN FA 91 33.18 -45.88 27.75
CA ASN FA 91 32.10 -46.58 28.44
C ASN FA 91 31.56 -45.78 29.63
N LYS FA 92 32.45 -45.21 30.42
CA LYS FA 92 32.10 -44.58 31.68
C LYS FA 92 31.64 -43.15 31.53
N SER FA 93 31.63 -42.60 30.33
CA SER FA 93 31.24 -41.21 30.13
C SER FA 93 30.20 -40.99 29.07
N TYR FA 94 29.88 -41.98 28.24
CA TYR FA 94 28.93 -41.83 27.16
C TYR FA 94 27.93 -42.98 27.19
N CYS FA 95 26.68 -42.65 26.93
CA CYS FA 95 25.60 -43.62 26.88
C CYS FA 95 25.06 -43.69 25.46
N ALA FA 96 24.23 -44.69 25.21
CA ALA FA 96 23.70 -44.93 23.87
C ALA FA 96 22.21 -44.70 23.83
N GLU FA 97 21.75 -44.05 22.76
CA GLU FA 97 20.34 -44.01 22.40
C GLU FA 97 20.13 -44.78 21.11
N ILE FA 98 19.20 -45.75 21.15
CA ILE FA 98 18.75 -46.37 19.92
C ILE FA 98 17.83 -45.42 19.18
N ALA FA 99 18.04 -45.30 17.86
CA ALA FA 99 17.27 -44.36 17.07
C ALA FA 99 15.79 -44.74 17.06
N HIS FA 100 14.95 -43.73 16.83
CA HIS FA 100 13.51 -43.94 16.94
C HIS FA 100 12.98 -44.88 15.87
N ASN FA 101 13.63 -44.96 14.73
CA ASN FA 101 13.13 -45.75 13.62
C ASN FA 101 13.72 -47.16 13.57
N VAL FA 102 14.53 -47.54 14.55
CA VAL FA 102 15.05 -48.89 14.61
C VAL FA 102 13.96 -49.85 15.05
N SER FA 103 13.87 -51.01 14.39
CA SER FA 103 12.78 -51.93 14.62
C SER FA 103 12.91 -52.61 15.98
N SER FA 104 11.84 -53.32 16.36
CA SER FA 104 11.78 -53.91 17.68
C SER FA 104 12.70 -55.12 17.81
N LYS FA 105 12.83 -55.92 16.76
CA LYS FA 105 13.72 -57.07 16.85
C LYS FA 105 15.18 -56.64 16.83
N ASN FA 106 15.50 -55.57 16.11
CA ASN FA 106 16.89 -55.14 16.03
C ASN FA 106 17.34 -54.44 17.30
N ARG FA 107 16.46 -53.65 17.92
CA ARG FA 107 16.84 -52.98 19.15
C ARG FA 107 16.88 -53.95 20.33
N LYS FA 108 16.36 -55.16 20.16
CA LYS FA 108 16.56 -56.18 21.16
C LYS FA 108 18.01 -56.66 21.17
N ALA FA 109 18.63 -56.76 19.99
CA ALA FA 109 20.02 -57.19 19.91
C ALA FA 109 20.96 -56.08 20.36
N ILE FA 110 20.60 -54.83 20.11
CA ILE FA 110 21.41 -53.70 20.57
C ILE FA 110 21.45 -53.66 22.09
N VAL FA 111 20.30 -53.84 22.73
CA VAL FA 111 20.22 -53.79 24.18
C VAL FA 111 21.03 -54.91 24.81
N GLU FA 112 20.93 -56.11 24.24
CA GLU FA 112 21.72 -57.24 24.75
C GLU FA 112 23.21 -57.00 24.60
N ARG FA 113 23.65 -56.47 23.47
CA ARG FA 113 25.07 -56.23 23.26
C ARG FA 113 25.59 -55.16 24.20
N ALA FA 114 24.79 -54.14 24.48
CA ALA FA 114 25.23 -53.07 25.37
C ALA FA 114 25.33 -53.55 26.81
N ALA FA 115 24.52 -54.53 27.19
CA ALA FA 115 24.68 -55.14 28.50
C ALA FA 115 26.01 -55.87 28.61
N GLN FA 116 26.40 -56.56 27.53
CA GLN FA 116 27.68 -57.25 27.51
C GLN FA 116 28.84 -56.26 27.60
N LEU FA 117 28.74 -55.14 26.89
CA LEU FA 117 29.81 -54.15 26.83
C LEU FA 117 29.74 -53.14 27.96
N ALA FA 118 28.81 -53.32 28.90
CA ALA FA 118 28.63 -52.41 30.03
C ALA FA 118 28.31 -50.99 29.58
N ILE FA 119 27.65 -50.85 28.43
CA ILE FA 119 27.26 -49.56 27.91
C ILE FA 119 25.85 -49.25 28.39
N ARG FA 120 25.64 -48.03 28.88
CA ARG FA 120 24.33 -47.64 29.36
C ARG FA 120 23.45 -47.20 28.20
N VAL FA 121 22.21 -47.68 28.20
CA VAL FA 121 21.21 -47.31 27.21
C VAL FA 121 20.12 -46.53 27.92
N THR FA 122 19.75 -45.38 27.37
CA THR FA 122 18.76 -44.54 28.02
C THR FA 122 17.32 -44.94 27.68
N ASN FA 123 17.11 -45.73 26.63
CA ASN FA 123 15.80 -46.28 26.30
C ASN FA 123 15.93 -47.78 26.08
N PRO FA 124 16.28 -48.55 27.12
CA PRO FA 124 16.52 -49.97 26.91
C PRO FA 124 15.25 -50.78 26.77
N ASN FA 125 14.13 -50.29 27.29
CA ASN FA 125 12.84 -50.97 27.18
C ASN FA 125 11.91 -50.04 26.41
N ALA FA 126 12.00 -50.10 25.08
CA ALA FA 126 11.40 -49.08 24.23
C ALA FA 126 10.53 -49.62 23.11
N ARG FA 127 10.64 -50.88 22.72
CA ARG FA 127 9.67 -51.48 21.80
C ARG FA 127 9.43 -52.91 22.30
N LEU FA 128 8.48 -53.04 23.22
CA LEU FA 128 8.19 -54.31 23.87
C LEU FA 128 6.97 -54.18 24.78
N SER GA 1 6.55 -29.07 75.97
CA SER GA 1 6.31 -28.47 77.28
C SER GA 1 6.48 -26.96 77.26
N GLY GA 2 6.97 -26.43 76.14
CA GLY GA 2 7.18 -25.00 76.04
C GLY GA 2 7.48 -24.57 74.62
N ARG GA 3 7.41 -23.26 74.40
CA ARG GA 3 7.48 -22.74 73.04
C ARG GA 3 8.87 -22.87 72.44
N LEU GA 4 9.91 -22.52 73.19
CA LEU GA 4 11.30 -22.75 72.77
C LEU GA 4 11.72 -22.08 71.47
N TRP GA 5 10.85 -21.29 70.84
CA TRP GA 5 11.24 -20.50 69.69
C TRP GA 5 10.64 -19.11 69.81
N SER GA 6 11.36 -18.13 69.27
CA SER GA 6 10.89 -16.75 69.29
C SER GA 6 9.89 -16.51 68.18
N LYS GA 7 8.84 -15.77 68.48
CA LYS GA 7 7.86 -15.42 67.47
C LYS GA 7 8.39 -14.31 66.57
N ALA GA 8 8.28 -14.52 65.27
CA ALA GA 8 8.74 -13.55 64.27
C ALA GA 8 7.69 -13.46 63.18
N ILE GA 9 7.75 -12.38 62.41
CA ILE GA 9 6.80 -12.10 61.34
C ILE GA 9 7.57 -11.92 60.05
N PHE GA 10 7.16 -12.63 59.01
CA PHE GA 10 7.68 -12.42 57.66
C PHE GA 10 7.07 -11.12 57.13
N ALA GA 11 7.83 -10.03 57.25
CA ALA GA 11 7.32 -8.73 56.82
C ALA GA 11 7.36 -8.57 55.31
N GLY GA 12 8.39 -9.08 54.65
CA GLY GA 12 8.49 -8.96 53.22
C GLY GA 12 9.88 -9.31 52.75
N TYR GA 13 10.10 -9.11 51.46
CA TYR GA 13 11.38 -9.36 50.84
C TYR GA 13 12.26 -8.13 50.92
N LYS GA 14 13.57 -8.35 50.81
CA LYS GA 14 14.48 -7.22 50.60
C LYS GA 14 14.16 -6.58 49.27
N ARG GA 15 14.05 -5.25 49.27
CA ARG GA 15 13.50 -4.59 48.10
C ARG GA 15 13.93 -3.14 48.08
N GLY GA 16 13.91 -2.56 46.89
CA GLY GA 16 13.82 -1.13 46.74
C GLY GA 16 12.38 -0.71 46.74
N LEU GA 17 12.10 0.43 46.13
CA LEU GA 17 10.71 0.77 45.95
C LEU GA 17 10.08 -0.06 44.83
N ARG GA 18 10.80 -0.24 43.72
CA ARG GA 18 10.23 -0.86 42.53
C ARG GA 18 11.01 -2.09 42.09
N ASN GA 19 11.87 -2.63 42.94
CA ASN GA 19 12.57 -3.87 42.63
C ASN GA 19 12.56 -4.75 43.87
N GLN GA 20 12.38 -6.04 43.67
CA GLN GA 20 12.19 -6.98 44.78
C GLN GA 20 13.19 -8.10 44.65
N ARG GA 21 13.93 -8.35 45.72
CA ARG GA 21 14.94 -9.41 45.75
C ARG GA 21 14.42 -10.53 46.64
N GLU GA 22 13.76 -11.51 46.02
CA GLU GA 22 13.06 -12.54 46.76
C GLU GA 22 13.97 -13.53 47.45
N HIS GA 23 15.27 -13.54 47.13
CA HIS GA 23 16.14 -14.55 47.72
C HIS GA 23 16.39 -14.33 49.19
N THR GA 24 16.12 -13.13 49.71
CA THR GA 24 16.27 -12.85 51.13
C THR GA 24 15.04 -12.14 51.66
N ALA GA 25 14.70 -12.47 52.91
CA ALA GA 25 13.46 -12.05 53.54
C ALA GA 25 13.75 -11.20 54.77
N LEU GA 26 12.82 -10.29 55.06
CA LEU GA 26 12.94 -9.40 56.21
C LEU GA 26 12.00 -9.87 57.29
N LEU GA 27 12.53 -10.16 58.47
CA LEU GA 27 11.77 -10.71 59.57
C LEU GA 27 11.64 -9.69 60.68
N LYS GA 28 10.50 -9.71 61.36
CA LYS GA 28 10.24 -8.85 62.50
C LYS GA 28 10.13 -9.73 63.74
N ILE GA 29 11.21 -9.85 64.47
CA ILE GA 29 11.20 -10.62 65.70
C ILE GA 29 10.48 -9.83 66.78
N GLU GA 30 9.63 -10.52 67.53
CA GLU GA 30 8.82 -9.86 68.54
C GLU GA 30 9.67 -9.49 69.75
N GLY GA 31 9.50 -8.27 70.23
CA GLY GA 31 10.27 -7.76 71.35
C GLY GA 31 11.61 -7.15 70.98
N VAL GA 32 11.98 -7.17 69.71
CA VAL GA 32 13.26 -6.67 69.24
C VAL GA 32 12.95 -5.44 68.38
N TYR GA 33 13.14 -4.26 68.95
CA TYR GA 33 12.77 -3.02 68.27
C TYR GA 33 13.93 -2.05 68.18
N ALA GA 34 15.16 -2.53 68.32
CA ALA GA 34 16.33 -1.70 68.11
C ALA GA 34 17.40 -2.55 67.44
N ARG GA 35 18.26 -1.91 66.67
CA ARG GA 35 19.28 -2.63 65.93
C ARG GA 35 20.29 -3.28 66.84
N ASP GA 36 20.61 -2.66 67.98
CA ASP GA 36 21.59 -3.23 68.89
C ASP GA 36 21.10 -4.48 69.61
N GLU GA 37 19.78 -4.71 69.63
CA GLU GA 37 19.23 -5.90 70.26
C GLU GA 37 19.22 -7.09 69.33
N THR GA 38 19.57 -6.91 68.06
CA THR GA 38 19.50 -7.99 67.08
C THR GA 38 20.71 -8.89 67.11
N GLU GA 39 21.76 -8.54 67.86
CA GLU GA 39 22.98 -9.33 67.82
C GLU GA 39 22.75 -10.72 68.39
N PHE GA 40 21.78 -10.90 69.27
CA PHE GA 40 21.50 -12.21 69.81
C PHE GA 40 21.04 -13.17 68.72
N TYR GA 41 20.24 -12.68 67.78
CA TYR GA 41 19.55 -13.53 66.82
C TYR GA 41 20.35 -13.77 65.55
N LEU GA 42 21.51 -13.16 65.40
CA LEU GA 42 22.30 -13.37 64.18
C LEU GA 42 22.79 -14.81 64.12
N GLY GA 43 22.55 -15.45 62.98
CA GLY GA 43 22.97 -16.81 62.77
C GLY GA 43 22.02 -17.86 63.30
N LYS GA 44 20.94 -17.46 63.97
CA LYS GA 44 19.99 -18.43 64.49
C LYS GA 44 19.19 -19.05 63.36
N ARG GA 45 18.87 -20.33 63.52
CA ARG GA 45 18.02 -21.02 62.57
C ARG GA 45 16.60 -20.47 62.63
N CYS GA 46 15.99 -20.27 61.48
CA CYS GA 46 14.59 -19.86 61.42
C CYS GA 46 13.82 -20.79 60.50
N ALA GA 47 12.54 -20.99 60.81
CA ALA GA 47 11.70 -21.95 60.11
C ALA GA 47 10.37 -21.32 59.76
N TYR GA 48 9.90 -21.57 58.54
CA TYR GA 48 8.54 -21.24 58.15
C TYR GA 48 7.77 -22.55 58.12
N VAL GA 49 6.93 -22.74 59.13
CA VAL GA 49 6.20 -24.00 59.32
C VAL GA 49 4.76 -23.79 58.86
N TYR GA 50 4.29 -24.68 57.99
CA TYR GA 50 2.96 -24.57 57.41
C TYR GA 50 2.40 -25.97 57.20
N LYS GA 51 1.13 -26.04 56.82
CA LYS GA 51 0.43 -27.28 56.54
C LYS GA 51 0.03 -27.34 55.08
N ALA GA 52 -0.02 -28.55 54.55
CA ALA GA 52 -0.45 -28.76 53.17
C ALA GA 52 -1.45 -29.91 53.10
N LYS GA 53 -1.77 -30.35 51.89
CA LYS GA 53 -2.78 -31.37 51.69
C LYS GA 53 -2.22 -32.79 51.82
N ASN GA 54 -1.12 -33.08 51.14
CA ASN GA 54 -0.57 -34.42 51.17
C ASN GA 54 0.35 -34.61 52.37
N ASN GA 55 0.40 -35.82 52.88
CA ASN GA 55 1.30 -36.14 53.97
C ASN GA 55 2.74 -36.17 53.48
N THR GA 56 3.65 -35.70 54.32
CA THR GA 56 5.07 -35.78 54.07
C THR GA 56 5.74 -36.42 55.28
N VAL GA 57 6.90 -37.05 55.04
CA VAL GA 57 7.60 -37.71 56.12
C VAL GA 57 8.06 -36.71 57.16
N THR GA 58 7.91 -37.07 58.42
CA THR GA 58 8.33 -36.25 59.54
C THR GA 58 9.54 -36.89 60.20
N PRO GA 59 10.67 -36.19 60.30
CA PRO GA 59 11.85 -36.77 60.95
C PRO GA 59 11.56 -37.12 62.39
N GLY GA 60 11.77 -38.39 62.73
CA GLY GA 60 11.44 -38.89 64.06
C GLY GA 60 9.96 -38.90 64.36
N GLY GA 61 9.13 -39.32 63.42
CA GLY GA 61 7.70 -39.35 63.66
C GLY GA 61 6.96 -39.85 62.45
N LYS GA 62 5.64 -39.96 62.60
CA LYS GA 62 4.75 -40.40 61.55
C LYS GA 62 4.50 -39.26 60.55
N PRO GA 63 4.21 -39.59 59.30
CA PRO GA 63 3.90 -38.56 58.32
C PRO GA 63 2.67 -37.76 58.70
N ASN GA 64 2.70 -36.46 58.40
CA ASN GA 64 1.59 -35.57 58.71
C ASN GA 64 1.56 -34.47 57.65
N LYS GA 65 0.75 -33.44 57.90
CA LYS GA 65 0.56 -32.36 56.96
C LYS GA 65 1.61 -31.27 57.08
N THR GA 66 2.45 -31.31 58.11
CA THR GA 66 3.38 -30.23 58.39
C THR GA 66 4.54 -30.22 57.41
N ARG GA 67 4.86 -29.03 56.90
CA ARG GA 67 6.01 -28.82 56.06
C ARG GA 67 6.79 -27.62 56.57
N VAL GA 68 8.11 -27.63 56.36
CA VAL GA 68 8.98 -26.58 56.83
C VAL GA 68 9.89 -26.14 55.70
N ILE GA 69 10.06 -24.83 55.56
CA ILE GA 69 11.15 -24.25 54.79
C ILE GA 69 12.14 -23.70 55.81
N TRP GA 70 13.36 -24.20 55.77
CA TRP GA 70 14.36 -23.80 56.75
C TRP GA 70 15.15 -22.59 56.27
N GLY GA 71 15.69 -21.85 57.22
CA GLY GA 71 16.51 -20.71 56.91
C GLY GA 71 17.32 -20.30 58.12
N LYS GA 72 17.96 -19.15 58.01
CA LYS GA 72 18.70 -18.60 59.15
C LYS GA 72 18.82 -17.10 59.01
N VAL GA 73 18.92 -16.44 60.16
CA VAL GA 73 19.10 -14.99 60.20
C VAL GA 73 20.53 -14.66 59.80
N THR GA 74 20.68 -13.72 58.87
CA THR GA 74 21.98 -13.37 58.33
C THR GA 74 22.54 -12.07 58.91
N ARG GA 75 21.73 -11.02 58.99
CA ARG GA 75 22.22 -9.72 59.44
C ARG GA 75 21.03 -8.87 59.86
N ALA GA 76 21.33 -7.79 60.56
CA ALA GA 76 20.31 -6.85 60.95
C ALA GA 76 19.91 -5.98 59.76
N HIS GA 77 18.67 -5.50 59.80
CA HIS GA 77 18.13 -4.65 58.75
C HIS GA 77 17.59 -3.38 59.38
N GLY GA 78 17.95 -2.24 58.82
CA GLY GA 78 17.45 -0.99 59.34
C GLY GA 78 17.95 -0.68 60.75
N ASN GA 79 17.17 0.14 61.45
CA ASN GA 79 17.48 0.56 62.81
C ASN GA 79 16.50 0.07 63.84
N SER GA 80 15.44 -0.64 63.45
CA SER GA 80 14.32 -0.92 64.33
C SER GA 80 14.11 -2.39 64.61
N GLY GA 81 15.17 -3.19 64.61
CA GLY GA 81 15.05 -4.58 64.95
C GLY GA 81 14.66 -5.50 63.82
N MET GA 82 14.56 -5.00 62.59
CA MET GA 82 14.43 -5.88 61.44
C MET GA 82 15.68 -6.74 61.30
N VAL GA 83 15.51 -7.94 60.78
CA VAL GA 83 16.62 -8.80 60.43
C VAL GA 83 16.39 -9.35 59.03
N ARG GA 84 17.48 -9.73 58.39
CA ARG GA 84 17.43 -10.39 57.10
C ARG GA 84 17.66 -11.88 57.27
N ALA GA 85 16.95 -12.67 56.48
CA ALA GA 85 17.02 -14.12 56.58
C ALA GA 85 17.15 -14.72 55.19
N LYS GA 86 17.98 -15.76 55.08
CA LYS GA 86 18.12 -16.54 53.86
C LYS GA 86 17.55 -17.92 54.11
N PHE GA 87 16.58 -18.32 53.29
CA PHE GA 87 15.95 -19.62 53.41
C PHE GA 87 16.46 -20.54 52.30
N ARG GA 88 16.25 -21.84 52.50
CA ARG GA 88 16.71 -22.81 51.51
C ARG GA 88 16.00 -22.61 50.18
N SER GA 89 14.73 -22.21 50.23
CA SER GA 89 14.02 -21.75 49.05
C SER GA 89 13.34 -20.43 49.40
N ASN GA 90 13.16 -19.58 48.39
CA ASN GA 90 12.57 -18.28 48.63
C ASN GA 90 11.17 -18.43 49.23
N LEU GA 91 10.88 -17.63 50.23
CA LEU GA 91 9.62 -17.77 50.94
C LEU GA 91 8.46 -17.46 50.03
N PRO GA 92 7.37 -18.22 50.10
CA PRO GA 92 6.19 -17.90 49.30
C PRO GA 92 5.57 -16.59 49.76
N ALA GA 93 5.02 -15.86 48.80
CA ALA GA 93 4.47 -14.55 49.11
C ALA GA 93 3.20 -14.64 49.93
N LYS GA 94 2.57 -15.82 50.02
CA LYS GA 94 1.42 -15.99 50.88
C LYS GA 94 1.78 -15.97 52.35
N ALA GA 95 3.06 -16.11 52.70
CA ALA GA 95 3.50 -16.14 54.08
C ALA GA 95 3.74 -14.76 54.67
N ILE GA 96 3.55 -13.70 53.88
CA ILE GA 96 3.77 -12.36 54.38
C ILE GA 96 2.75 -12.04 55.46
N GLY GA 97 3.22 -11.61 56.62
CA GLY GA 97 2.35 -11.38 57.75
C GLY GA 97 2.05 -12.60 58.58
N HIS GA 98 2.77 -13.70 58.37
CA HIS GA 98 2.53 -14.94 59.08
C HIS GA 98 3.74 -15.30 59.94
N ARG GA 99 3.60 -16.37 60.70
CA ARG GA 99 4.56 -16.71 61.74
C ARG GA 99 5.82 -17.33 61.17
N ILE GA 100 6.96 -16.84 61.63
CA ILE GA 100 8.26 -17.47 61.42
C ILE GA 100 8.83 -17.78 62.80
N ARG GA 101 9.34 -18.99 62.96
CA ARG GA 101 9.94 -19.40 64.23
C ARG GA 101 11.44 -19.20 64.18
N VAL GA 102 12.00 -18.55 65.19
CA VAL GA 102 13.44 -18.41 65.36
C VAL GA 102 13.87 -19.35 66.47
N MET GA 103 14.73 -20.31 66.14
CA MET GA 103 14.78 -21.57 66.88
C MET GA 103 15.80 -21.62 68.00
N LEU GA 104 16.64 -20.60 68.17
CA LEU GA 104 17.70 -20.58 69.19
C LEU GA 104 18.79 -21.61 68.98
N TYR GA 105 18.72 -22.43 67.91
CA TYR GA 105 19.55 -23.63 67.83
C TYR GA 105 21.05 -23.32 67.84
N PRO GA 106 21.58 -22.48 66.94
CA PRO GA 106 23.05 -22.29 67.03
C PRO GA 106 23.37 -21.28 68.14
N SER GA 107 23.35 -21.77 69.38
CA SER GA 107 23.50 -20.90 70.53
C SER GA 107 24.95 -20.47 70.68
N ARG GA 108 25.13 -19.19 71.00
CA ARG GA 108 26.43 -18.64 71.33
C ARG GA 108 26.52 -18.24 72.80
N ILE GA 109 25.52 -18.61 73.59
CA ILE GA 109 25.47 -18.22 74.99
C ILE GA 109 25.44 -19.46 75.88
N VAL HA 1 -70.32 -8.74 -20.84
CA VAL HA 1 -70.62 -9.21 -22.18
C VAL HA 1 -69.44 -9.98 -22.74
N GLN HA 2 -69.64 -10.62 -23.89
CA GLN HA 2 -68.56 -11.40 -24.49
C GLN HA 2 -67.54 -10.47 -25.12
N ARG HA 3 -66.27 -10.67 -24.76
CA ARG HA 3 -65.18 -9.88 -25.29
C ARG HA 3 -64.42 -10.71 -26.31
N LEU HA 4 -63.79 -10.04 -27.27
CA LEU HA 4 -63.29 -10.70 -28.46
C LEU HA 4 -61.77 -10.70 -28.49
N THR HA 5 -61.23 -11.69 -29.19
CA THR HA 5 -59.79 -11.81 -29.41
C THR HA 5 -59.53 -11.89 -30.90
N TYR HA 6 -58.35 -11.46 -31.31
CA TYR HA 6 -57.91 -11.65 -32.67
C TYR HA 6 -57.75 -13.14 -32.97
N ARG HA 7 -58.01 -13.52 -34.21
CA ARG HA 7 -57.88 -14.90 -34.63
C ARG HA 7 -56.57 -15.19 -35.35
N ARG HA 8 -55.72 -14.19 -35.52
CA ARG HA 8 -54.43 -14.36 -36.17
C ARG HA 8 -53.35 -13.81 -35.25
N ARG HA 9 -52.10 -13.94 -35.66
CA ARG HA 9 -50.98 -13.52 -34.84
C ARG HA 9 -50.58 -12.06 -35.04
N LEU HA 10 -51.26 -11.36 -35.94
CA LEU HA 10 -51.04 -9.92 -36.07
C LEU HA 10 -51.90 -9.23 -35.01
N SER HA 11 -51.25 -8.59 -34.05
CA SER HA 11 -51.93 -8.05 -32.89
C SER HA 11 -52.10 -6.54 -32.93
N TYR HA 12 -51.80 -5.91 -34.06
CA TYR HA 12 -51.82 -4.46 -34.15
C TYR HA 12 -52.93 -4.02 -35.09
N ASN HA 13 -53.48 -2.84 -34.80
CA ASN HA 13 -54.60 -2.29 -35.56
C ASN HA 13 -54.10 -1.62 -36.84
N THR HA 14 -53.41 -2.41 -37.65
CA THR HA 14 -52.89 -1.93 -38.91
C THR HA 14 -53.98 -1.97 -39.99
N ALA HA 15 -53.64 -1.47 -41.18
CA ALA HA 15 -54.63 -1.39 -42.25
C ALA HA 15 -55.02 -2.75 -42.78
N SER HA 16 -54.15 -3.75 -42.64
CA SER HA 16 -54.42 -5.10 -43.11
C SER HA 16 -55.04 -5.98 -42.03
N ASN HA 17 -55.31 -5.44 -40.86
CA ASN HA 17 -55.79 -6.20 -39.73
C ASN HA 17 -57.17 -5.71 -39.31
N LYS HA 18 -58.03 -5.45 -40.28
CA LYS HA 18 -59.34 -4.88 -40.05
C LYS HA 18 -60.37 -6.00 -39.99
N THR HA 19 -61.29 -5.89 -39.03
CA THR HA 19 -62.22 -6.96 -38.71
C THR HA 19 -63.64 -6.43 -38.68
N ARG HA 20 -64.59 -7.35 -38.73
CA ARG HA 20 -65.99 -7.05 -38.47
C ARG HA 20 -66.57 -8.15 -37.59
N LEU HA 21 -67.62 -7.80 -36.87
CA LEU HA 21 -68.24 -8.73 -35.93
C LEU HA 21 -69.27 -9.59 -36.64
N SER HA 22 -69.25 -10.88 -36.34
CA SER HA 22 -70.14 -11.85 -36.96
C SER HA 22 -70.71 -12.77 -35.89
N ARG HA 23 -71.98 -13.10 -36.01
CA ARG HA 23 -72.63 -14.05 -35.11
C ARG HA 23 -72.72 -15.40 -35.81
N THR HA 24 -72.08 -16.41 -35.22
CA THR HA 24 -72.03 -17.73 -35.81
C THR HA 24 -73.29 -18.52 -35.49
N PRO HA 25 -73.55 -19.61 -36.21
CA PRO HA 25 -74.67 -20.49 -35.84
C PRO HA 25 -74.53 -21.08 -34.45
N GLY HA 26 -73.35 -21.11 -33.88
CA GLY HA 26 -73.16 -21.51 -32.50
C GLY HA 26 -73.46 -20.44 -31.49
N ASN HA 27 -74.03 -19.31 -31.93
CA ASN HA 27 -74.45 -18.20 -31.08
C ASN HA 27 -73.29 -17.63 -30.29
N ARG HA 28 -72.24 -17.25 -31.02
CA ARG HA 28 -71.13 -16.52 -30.45
C ARG HA 28 -70.67 -15.49 -31.46
N ILE HA 29 -70.05 -14.44 -30.96
CA ILE HA 29 -69.56 -13.33 -31.79
C ILE HA 29 -68.09 -13.56 -32.05
N VAL HA 30 -67.69 -13.45 -33.32
CA VAL HA 30 -66.30 -13.64 -33.72
C VAL HA 30 -65.92 -12.53 -34.67
N TYR HA 31 -64.62 -12.29 -34.79
CA TYR HA 31 -64.06 -11.47 -35.85
C TYR HA 31 -64.09 -12.19 -37.19
N LEU HA 32 -64.54 -11.47 -38.19
CA LEU HA 32 -64.32 -11.83 -39.59
C LEU HA 32 -63.40 -10.80 -40.18
N TYR HA 33 -62.29 -11.25 -40.77
CA TYR HA 33 -61.31 -10.33 -41.32
C TYR HA 33 -61.77 -9.87 -42.69
N THR HA 34 -62.04 -8.58 -42.81
CA THR HA 34 -62.61 -8.02 -44.02
C THR HA 34 -61.52 -7.76 -45.07
N LYS HA 35 -61.96 -7.56 -46.30
CA LYS HA 35 -61.10 -7.15 -47.39
C LYS HA 35 -61.13 -5.63 -47.51
N LYS HA 36 -60.08 -5.08 -48.10
CA LYS HA 36 -60.01 -3.64 -48.27
C LYS HA 36 -61.07 -3.18 -49.26
N VAL HA 37 -61.49 -1.93 -49.10
CA VAL HA 37 -62.52 -1.35 -49.95
C VAL HA 37 -61.91 -1.00 -51.30
N GLY HA 38 -62.46 -1.55 -52.36
CA GLY HA 38 -61.97 -1.26 -53.70
C GLY HA 38 -62.45 0.06 -54.24
N LYS HA 39 -61.78 0.52 -55.28
CA LYS HA 39 -62.09 1.80 -55.92
C LYS HA 39 -62.39 1.58 -57.39
N ALA HA 40 -63.40 2.28 -57.89
CA ALA HA 40 -63.67 2.30 -59.31
C ALA HA 40 -62.56 3.05 -60.02
N PRO HA 41 -62.38 2.83 -61.32
CA PRO HA 41 -61.36 3.58 -62.04
C PRO HA 41 -61.67 5.07 -62.10
N LYS HA 42 -60.61 5.87 -62.16
CA LYS HA 42 -60.74 7.28 -62.50
C LYS HA 42 -60.58 7.45 -64.00
N SER HA 43 -61.21 8.49 -64.53
CA SER HA 43 -61.24 8.70 -65.96
C SER HA 43 -59.85 9.06 -66.48
N ALA HA 44 -59.52 8.54 -67.67
CA ALA HA 44 -58.24 8.81 -68.28
C ALA HA 44 -58.08 10.25 -68.73
N CYS HA 45 -59.17 11.03 -68.75
CA CYS HA 45 -59.05 12.45 -69.06
C CYS HA 45 -58.21 13.16 -68.01
N GLY HA 46 -58.30 12.71 -66.77
CA GLY HA 46 -57.55 13.34 -65.70
C GLY HA 46 -58.09 14.68 -65.24
N VAL HA 47 -59.32 15.02 -65.62
CA VAL HA 47 -59.90 16.32 -65.32
C VAL HA 47 -61.06 16.20 -64.35
N CYS HA 48 -62.12 15.51 -64.74
CA CYS HA 48 -63.28 15.45 -63.86
C CYS HA 48 -63.06 14.41 -62.76
N PRO HA 49 -63.46 14.74 -61.52
CA PRO HA 49 -63.00 13.95 -60.37
C PRO HA 49 -63.82 12.71 -60.07
N GLY HA 50 -65.01 12.57 -60.63
CA GLY HA 50 -65.80 11.39 -60.35
C GLY HA 50 -65.21 10.14 -60.97
N ARG HA 51 -65.51 9.00 -60.34
CA ARG HA 51 -65.05 7.72 -60.83
C ARG HA 51 -66.05 7.16 -61.83
N LEU HA 52 -65.59 6.21 -62.63
CA LEU HA 52 -66.39 5.70 -63.72
C LEU HA 52 -67.57 4.88 -63.20
N ARG HA 53 -68.62 4.83 -64.00
CA ARG HA 53 -69.81 4.07 -63.70
C ARG HA 53 -69.82 2.77 -64.50
N GLY HA 54 -70.63 1.83 -64.03
CA GLY HA 54 -70.76 0.55 -64.71
C GLY HA 54 -69.60 -0.40 -64.52
N VAL HA 55 -68.65 -0.07 -63.66
CA VAL HA 55 -67.47 -0.90 -63.42
C VAL HA 55 -67.47 -1.29 -61.96
N ARG HA 56 -67.33 -2.58 -61.70
CA ARG HA 56 -67.34 -3.08 -60.34
C ARG HA 56 -66.08 -2.64 -59.60
N ALA HA 57 -66.25 -2.12 -58.39
CA ALA HA 57 -65.14 -1.58 -57.61
C ALA HA 57 -64.58 -2.68 -56.71
N VAL HA 58 -63.41 -3.20 -57.07
CA VAL HA 58 -62.77 -4.30 -56.36
C VAL HA 58 -61.29 -4.00 -56.23
N ARG HA 59 -60.60 -4.85 -55.48
CA ARG HA 59 -59.15 -4.79 -55.40
C ARG HA 59 -58.57 -5.22 -56.74
N PRO HA 60 -57.37 -4.73 -57.09
CA PRO HA 60 -56.85 -4.96 -58.45
C PRO HA 60 -56.69 -6.42 -58.84
N LYS HA 61 -56.31 -7.29 -57.91
CA LYS HA 61 -56.11 -8.69 -58.27
C LYS HA 61 -57.42 -9.46 -58.37
N VAL HA 62 -58.54 -8.89 -57.89
CA VAL HA 62 -59.83 -9.51 -58.09
C VAL HA 62 -60.30 -9.35 -59.52
N LEU HA 63 -59.82 -8.32 -60.22
CA LEU HA 63 -60.23 -8.08 -61.60
C LEU HA 63 -59.80 -9.19 -62.54
N MET HA 64 -58.85 -10.02 -62.12
CA MET HA 64 -58.38 -11.11 -62.98
C MET HA 64 -59.44 -12.20 -63.12
N ARG HA 65 -60.27 -12.41 -62.11
CA ARG HA 65 -61.30 -13.44 -62.15
C ARG HA 65 -62.68 -12.89 -62.46
N LEU HA 66 -62.79 -11.61 -62.80
CA LEU HA 66 -64.06 -11.06 -63.26
C LEU HA 66 -64.18 -11.22 -64.76
N SER HA 67 -65.43 -11.29 -65.23
CA SER HA 67 -65.65 -11.37 -66.67
C SER HA 67 -65.42 -10.01 -67.30
N LYS HA 68 -65.30 -10.01 -68.63
CA LYS HA 68 -64.96 -8.78 -69.34
C LYS HA 68 -66.02 -7.71 -69.18
N THR HA 69 -67.30 -8.10 -69.23
CA THR HA 69 -68.38 -7.13 -69.18
C THR HA 69 -68.38 -6.35 -67.87
N LYS HA 70 -67.99 -7.00 -66.78
CA LYS HA 70 -68.01 -6.33 -65.48
C LYS HA 70 -66.91 -5.28 -65.33
N LYS HA 71 -65.99 -5.18 -66.29
CA LYS HA 71 -64.84 -4.29 -66.14
C LYS HA 71 -64.82 -3.16 -67.15
N HIS HA 72 -65.83 -3.04 -68.00
CA HIS HA 72 -65.85 -1.97 -68.99
C HIS HA 72 -67.29 -1.60 -69.31
N VAL HA 73 -67.44 -0.62 -70.19
CA VAL HA 73 -68.72 -0.11 -70.64
C VAL HA 73 -68.74 -0.19 -72.16
N SER HA 74 -69.88 -0.57 -72.73
CA SER HA 74 -70.00 -0.78 -74.18
C SER HA 74 -70.00 0.58 -74.88
N ARG HA 75 -68.80 1.14 -75.04
CA ARG HA 75 -68.61 2.41 -75.72
C ARG HA 75 -67.12 2.54 -75.98
N ALA HA 76 -66.77 3.39 -76.96
CA ALA HA 76 -65.38 3.73 -77.19
C ALA HA 76 -64.77 4.31 -75.93
N TYR HA 77 -63.58 3.86 -75.59
CA TYR HA 77 -62.88 4.17 -74.34
C TYR HA 77 -63.65 3.74 -73.11
N GLY HA 78 -64.68 2.92 -73.28
CA GLY HA 78 -65.52 2.51 -72.17
C GLY HA 78 -64.78 1.72 -71.12
N GLY HA 79 -64.94 2.10 -69.86
CA GLY HA 79 -64.16 1.52 -68.79
C GLY HA 79 -62.81 2.15 -68.58
N SER HA 80 -62.44 3.12 -69.41
CA SER HA 80 -61.21 3.86 -69.28
C SER HA 80 -61.42 5.36 -69.24
N MET HA 81 -62.41 5.87 -69.97
CA MET HA 81 -62.74 7.28 -69.99
C MET HA 81 -64.22 7.46 -69.77
N CYS HA 82 -64.58 8.57 -69.12
CA CYS HA 82 -65.96 8.89 -68.84
C CYS HA 82 -66.69 9.28 -70.12
N ALA HA 83 -68.02 9.21 -70.06
CA ALA HA 83 -68.83 9.52 -71.23
C ALA HA 83 -68.69 10.99 -71.63
N LYS HA 84 -68.58 11.88 -70.65
CA LYS HA 84 -68.55 13.32 -70.94
C LYS HA 84 -67.31 13.69 -71.72
N CYS HA 85 -66.15 13.17 -71.34
CA CYS HA 85 -64.91 13.57 -71.99
C CYS HA 85 -64.67 12.79 -73.27
N VAL HA 86 -65.40 11.71 -73.52
CA VAL HA 86 -65.39 11.10 -74.84
C VAL HA 86 -66.16 11.97 -75.83
N ARG HA 87 -67.30 12.51 -75.43
CA ARG HA 87 -68.06 13.40 -76.31
C ARG HA 87 -67.26 14.65 -76.64
N ASP HA 88 -66.53 15.19 -75.66
CA ASP HA 88 -65.71 16.36 -75.91
C ASP HA 88 -64.56 16.03 -76.86
N ARG HA 89 -63.98 14.85 -76.74
CA ARG HA 89 -62.89 14.47 -77.64
C ARG HA 89 -63.39 14.24 -79.06
N ILE HA 90 -64.58 13.65 -79.20
CA ILE HA 90 -65.15 13.47 -80.53
C ILE HA 90 -65.39 14.82 -81.19
N LYS HA 91 -65.93 15.77 -80.43
CA LYS HA 91 -66.17 17.10 -80.97
C LYS HA 91 -64.86 17.82 -81.22
N ARG HA 92 -63.91 17.71 -80.28
CA ARG HA 92 -62.63 18.39 -80.45
C ARG HA 92 -61.85 17.83 -81.64
N ALA HA 93 -61.88 16.52 -81.81
CA ALA HA 93 -61.19 15.91 -82.95
C ALA HA 93 -61.79 16.38 -84.26
N PHE HA 94 -63.12 16.39 -84.35
CA PHE HA 94 -63.77 16.73 -85.61
C PHE HA 94 -63.59 18.20 -85.95
N LEU HA 95 -63.68 19.07 -84.95
CA LEU HA 95 -63.67 20.50 -85.23
C LEU HA 95 -62.27 20.99 -85.58
N ILE HA 96 -61.24 20.41 -84.98
CA ILE HA 96 -59.88 20.81 -85.31
C ILE HA 96 -59.51 20.35 -86.70
N GLU HA 97 -59.94 19.14 -87.09
CA GLU HA 97 -59.69 18.68 -88.45
C GLU HA 97 -60.46 19.51 -89.47
N GLU HA 98 -61.65 19.98 -89.09
CA GLU HA 98 -62.38 20.90 -89.96
C GLU HA 98 -61.64 22.22 -90.11
N GLN HA 99 -61.02 22.68 -89.03
CA GLN HA 99 -60.22 23.91 -89.07
C GLN HA 99 -59.00 23.74 -89.97
N LYS HA 100 -58.39 22.55 -89.95
CA LYS HA 100 -57.25 22.31 -90.82
C LYS HA 100 -57.63 22.41 -92.29
N ILE HA 101 -58.83 21.96 -92.64
CA ILE HA 101 -59.31 22.11 -93.99
C ILE HA 101 -59.48 23.58 -94.35
N VAL HA 102 -59.96 24.38 -93.40
CA VAL HA 102 -60.16 25.80 -93.64
C VAL HA 102 -58.84 26.50 -93.90
N VAL HA 103 -57.83 26.27 -93.05
CA VAL HA 103 -56.56 26.96 -93.21
C VAL HA 103 -55.83 26.47 -94.46
N LYS HA 104 -56.02 25.20 -94.83
CA LYS HA 104 -55.43 24.70 -96.06
C LYS HA 104 -56.06 25.36 -97.28
N VAL HA 105 -57.39 25.49 -97.27
CA VAL HA 105 -58.08 26.17 -98.36
C VAL HA 105 -57.76 27.66 -98.35
N LEU HA 106 -57.65 28.25 -97.16
CA LEU HA 106 -57.41 29.68 -97.06
C LEU HA 106 -56.07 30.07 -97.65
N LYS HA 107 -55.01 29.29 -97.38
CA LYS HA 107 -53.72 29.60 -97.98
C LYS HA 107 -53.69 29.19 -99.45
N ALA HA 108 -54.51 28.21 -99.85
CA ALA HA 108 -54.54 27.81 -101.25
C ALA HA 108 -55.15 28.90 -102.12
N GLN HA 109 -56.17 29.59 -101.62
CA GLN HA 109 -56.72 30.73 -102.34
C GLN HA 109 -55.92 32.01 -102.13
N ALA HA 110 -55.03 32.01 -101.12
CA ALA HA 110 -54.15 33.16 -100.92
C ALA HA 110 -52.99 33.17 -101.90
N GLN HA 111 -52.55 32.00 -102.36
CA GLN HA 111 -51.42 31.91 -103.26
C GLN HA 111 -51.80 32.07 -104.72
N SER HA 112 -53.07 32.36 -105.02
CA SER HA 112 -53.47 32.61 -106.40
C SER HA 112 -52.86 33.89 -106.96
N GLN HA 113 -52.45 34.82 -106.10
CA GLN HA 113 -51.84 36.07 -106.52
C GLN HA 113 -50.34 36.00 -106.29
N LYS HA 114 -49.57 36.33 -107.33
CA LYS HA 114 -48.12 36.35 -107.25
C LYS HA 114 -47.63 37.48 -106.33
N ALA IA 1 -25.75 -66.67 -38.59
CA ALA IA 1 -25.69 -66.88 -40.03
C ALA IA 1 -25.33 -65.58 -40.75
N LYS IA 2 -24.17 -65.04 -40.42
CA LYS IA 2 -23.75 -63.75 -40.93
C LYS IA 2 -23.33 -63.86 -42.39
N ILE IA 3 -23.29 -62.72 -43.06
CA ILE IA 3 -22.83 -62.62 -44.45
C ILE IA 3 -21.44 -62.02 -44.46
N LYS IA 4 -20.57 -62.60 -45.27
CA LYS IA 4 -19.17 -62.20 -45.34
C LYS IA 4 -18.92 -61.47 -46.65
N ALA IA 5 -17.86 -60.68 -46.65
CA ALA IA 5 -17.52 -59.95 -47.87
C ALA IA 5 -16.91 -60.84 -48.94
N ARG IA 6 -16.29 -61.95 -48.55
CA ARG IA 6 -15.62 -62.81 -49.51
C ARG IA 6 -16.61 -63.45 -50.48
N ASP IA 7 -17.65 -64.06 -49.95
CA ASP IA 7 -18.61 -64.77 -50.80
C ASP IA 7 -19.64 -63.84 -51.42
N LEU IA 8 -19.63 -62.56 -51.08
CA LEU IA 8 -20.43 -61.58 -51.80
C LEU IA 8 -19.81 -61.17 -53.12
N ARG IA 9 -18.50 -61.34 -53.26
CA ARG IA 9 -17.81 -60.81 -54.45
C ARG IA 9 -18.08 -61.64 -55.69
N GLY IA 10 -18.38 -62.93 -55.52
CA GLY IA 10 -18.68 -63.76 -56.67
C GLY IA 10 -20.03 -63.46 -57.28
N LYS IA 11 -20.94 -62.87 -56.50
CA LYS IA 11 -22.28 -62.59 -56.97
C LYS IA 11 -22.26 -61.40 -57.93
N LYS IA 12 -23.33 -61.29 -58.72
CA LYS IA 12 -23.46 -60.22 -59.70
C LYS IA 12 -24.41 -59.15 -59.17
N LYS IA 13 -24.68 -58.16 -60.02
CA LYS IA 13 -25.33 -56.93 -59.57
C LYS IA 13 -26.74 -57.17 -59.08
N GLU IA 14 -27.47 -58.10 -59.70
CA GLU IA 14 -28.89 -58.25 -59.41
C GLU IA 14 -29.13 -58.83 -58.02
N GLU IA 15 -28.43 -59.91 -57.67
CA GLU IA 15 -28.66 -60.49 -56.35
C GLU IA 15 -27.92 -59.74 -55.25
N LEU IA 16 -26.88 -58.99 -55.58
CA LEU IA 16 -26.30 -58.08 -54.59
C LEU IA 16 -27.31 -57.02 -54.18
N LEU IA 17 -28.03 -56.47 -55.16
CA LEU IA 17 -29.10 -55.52 -54.86
C LEU IA 17 -30.28 -56.22 -54.19
N LYS IA 18 -30.55 -57.46 -54.59
CA LYS IA 18 -31.63 -58.22 -53.96
C LYS IA 18 -31.33 -58.50 -52.50
N GLN IA 19 -30.11 -58.88 -52.18
CA GLN IA 19 -29.75 -59.17 -50.80
C GLN IA 19 -29.71 -57.88 -49.98
N LEU IA 20 -29.31 -56.77 -50.59
CA LEU IA 20 -29.35 -55.49 -49.91
C LEU IA 20 -30.78 -55.10 -49.57
N ASP IA 21 -31.71 -55.34 -50.49
CA ASP IA 21 -33.11 -55.00 -50.26
C ASP IA 21 -33.70 -55.86 -49.15
N ASP IA 22 -33.34 -57.14 -49.10
CA ASP IA 22 -33.83 -58.01 -48.03
C ASP IA 22 -33.33 -57.54 -46.67
N LEU IA 23 -32.07 -57.12 -46.60
CA LEU IA 23 -31.53 -56.60 -45.35
C LEU IA 23 -32.23 -55.33 -44.94
N LYS IA 24 -32.49 -54.44 -45.89
CA LYS IA 24 -33.15 -53.17 -45.57
C LYS IA 24 -34.57 -53.40 -45.08
N VAL IA 25 -35.27 -54.38 -45.66
CA VAL IA 25 -36.59 -54.74 -45.17
C VAL IA 25 -36.52 -55.26 -43.74
N GLU IA 26 -35.52 -56.09 -43.47
CA GLU IA 26 -35.38 -56.65 -42.12
C GLU IA 26 -35.01 -55.58 -41.11
N LEU IA 27 -34.19 -54.61 -41.52
CA LEU IA 27 -33.81 -53.54 -40.59
C LEU IA 27 -35.02 -52.70 -40.20
N SER IA 28 -35.90 -52.40 -41.16
CA SER IA 28 -37.07 -51.59 -40.85
C SER IA 28 -38.02 -52.34 -39.92
N GLN IA 29 -38.12 -53.67 -40.07
CA GLN IA 29 -38.91 -54.45 -39.13
C GLN IA 29 -38.30 -54.42 -37.74
N LEU IA 30 -36.97 -54.46 -37.66
CA LEU IA 30 -36.31 -54.42 -36.35
C LEU IA 30 -36.54 -53.09 -35.66
N ARG IA 31 -36.59 -52.00 -36.43
CA ARG IA 31 -36.87 -50.69 -35.84
C ARG IA 31 -38.31 -50.61 -35.36
N VAL IA 32 -39.22 -51.29 -36.06
CA VAL IA 32 -40.60 -51.38 -35.58
C VAL IA 32 -40.65 -52.13 -34.25
N ALA IA 33 -39.90 -53.23 -34.15
CA ALA IA 33 -39.83 -53.97 -32.90
C ALA IA 33 -39.19 -53.14 -31.80
N LYS IA 34 -38.24 -52.27 -32.16
CA LYS IA 34 -37.56 -51.46 -31.16
C LYS IA 34 -38.50 -50.49 -30.47
N VAL IA 35 -39.40 -49.88 -31.23
CA VAL IA 35 -40.31 -48.89 -30.66
C VAL IA 35 -41.52 -49.54 -30.01
N THR IA 36 -41.86 -50.78 -30.37
CA THR IA 36 -43.00 -51.48 -29.80
C THR IA 36 -42.60 -52.43 -28.69
N GLY IA 37 -41.55 -52.11 -27.94
CA GLY IA 37 -41.10 -52.99 -26.88
C GLY IA 37 -40.10 -54.02 -27.36
N GLY IA 38 -40.57 -55.00 -28.12
CA GLY IA 38 -39.67 -55.96 -28.72
C GLY IA 38 -38.97 -56.84 -27.69
N ALA IA 39 -37.93 -57.53 -28.16
CA ALA IA 39 -37.15 -58.41 -27.32
C ALA IA 39 -35.68 -58.03 -27.41
N ALA IA 40 -34.93 -58.34 -26.36
CA ALA IA 40 -33.51 -58.01 -26.33
C ALA IA 40 -32.75 -58.72 -27.44
N SER IA 41 -33.21 -59.91 -27.84
CA SER IA 41 -32.58 -60.60 -28.95
C SER IA 41 -32.77 -59.83 -30.25
N LYS IA 42 -33.96 -59.27 -30.46
CA LYS IA 42 -34.23 -58.54 -31.70
C LYS IA 42 -33.57 -57.17 -31.68
N LEU IA 43 -33.38 -56.58 -30.50
CA LEU IA 43 -32.68 -55.30 -30.43
C LEU IA 43 -31.21 -55.47 -30.77
N SER IA 44 -30.60 -56.58 -30.36
CA SER IA 44 -29.19 -56.79 -30.63
C SER IA 44 -28.95 -57.11 -32.10
N LYS IA 45 -29.98 -57.52 -32.82
CA LYS IA 45 -29.83 -57.80 -34.24
C LYS IA 45 -29.80 -56.55 -35.09
N ILE IA 46 -30.12 -55.39 -34.52
CA ILE IA 46 -30.11 -54.15 -35.29
C ILE IA 46 -28.70 -53.84 -35.77
N ARG IA 47 -27.71 -54.00 -34.89
CA ARG IA 47 -26.32 -53.76 -35.26
C ARG IA 47 -25.87 -54.76 -36.33
N VAL IA 48 -26.28 -56.03 -36.19
CA VAL IA 48 -25.83 -57.06 -37.12
C VAL IA 48 -26.33 -56.76 -38.53
N VAL IA 49 -27.60 -56.38 -38.65
CA VAL IA 49 -28.17 -56.06 -39.95
C VAL IA 49 -27.56 -54.78 -40.50
N ARG IA 50 -27.30 -53.80 -39.64
CA ARG IA 50 -26.73 -52.54 -40.11
C ARG IA 50 -25.34 -52.74 -40.68
N LYS IA 51 -24.54 -53.62 -40.07
CA LYS IA 51 -23.20 -53.88 -40.61
C LYS IA 51 -23.27 -54.77 -41.85
N SER IA 52 -24.29 -55.61 -41.95
CA SER IA 52 -24.48 -56.39 -43.17
C SER IA 52 -24.84 -55.49 -44.34
N ILE IA 53 -25.66 -54.47 -44.09
CA ILE IA 53 -26.00 -53.49 -45.11
C ILE IA 53 -24.76 -52.75 -45.56
N ALA IA 54 -23.92 -52.36 -44.61
CA ALA IA 54 -22.65 -51.70 -44.95
C ALA IA 54 -21.75 -52.64 -45.74
N ARG IA 55 -21.75 -53.92 -45.39
CA ARG IA 55 -20.91 -54.89 -46.08
C ARG IA 55 -21.32 -55.05 -47.53
N VAL IA 56 -22.62 -55.18 -47.79
CA VAL IA 56 -23.10 -55.34 -49.16
C VAL IA 56 -22.80 -54.08 -49.96
N LEU IA 57 -23.03 -52.92 -49.38
CA LEU IA 57 -22.86 -51.67 -50.10
C LEU IA 57 -21.40 -51.43 -50.46
N THR IA 58 -20.48 -51.76 -49.56
CA THR IA 58 -19.07 -51.55 -49.89
C THR IA 58 -18.59 -52.50 -50.96
N VAL IA 59 -19.17 -53.70 -51.04
CA VAL IA 59 -18.82 -54.61 -52.12
C VAL IA 59 -19.37 -54.09 -53.44
N ILE IA 60 -20.58 -53.53 -53.42
CA ILE IA 60 -21.16 -52.94 -54.62
C ILE IA 60 -20.31 -51.76 -55.09
N ASN IA 61 -19.90 -50.91 -54.16
CA ASN IA 61 -19.15 -49.71 -54.53
C ASN IA 61 -17.73 -50.07 -54.97
N GLN IA 62 -17.10 -51.05 -54.32
CA GLN IA 62 -15.77 -51.46 -54.74
C GLN IA 62 -15.79 -52.13 -56.10
N THR IA 63 -16.79 -52.96 -56.37
CA THR IA 63 -16.91 -53.59 -57.68
C THR IA 63 -17.14 -52.56 -58.77
N GLN IA 64 -17.98 -51.57 -58.50
CA GLN IA 64 -18.25 -50.53 -59.49
C GLN IA 64 -17.03 -49.65 -59.72
N LYS IA 65 -16.30 -49.34 -58.65
CA LYS IA 65 -15.13 -48.48 -58.80
C LYS IA 65 -14.03 -49.16 -59.59
N GLU IA 66 -13.78 -50.45 -59.34
CA GLU IA 66 -12.70 -51.13 -60.03
C GLU IA 66 -13.04 -51.38 -61.50
N ASN IA 67 -14.31 -51.56 -61.82
CA ASN IA 67 -14.70 -51.69 -63.22
C ASN IA 67 -14.47 -50.39 -63.98
N LEU IA 68 -14.74 -49.26 -63.32
CA LEU IA 68 -14.47 -47.97 -63.93
C LEU IA 68 -12.98 -47.73 -64.09
N ARG IA 69 -12.18 -48.21 -63.14
CA ARG IA 69 -10.73 -48.06 -63.24
C ARG IA 69 -10.20 -48.86 -64.43
N LYS IA 70 -10.75 -50.05 -64.66
CA LYS IA 70 -10.35 -50.84 -65.83
C LYS IA 70 -10.83 -50.18 -67.11
N PHE IA 71 -12.02 -49.59 -67.09
CA PHE IA 71 -12.56 -48.97 -68.29
C PHE IA 71 -11.75 -47.75 -68.70
N TYR IA 72 -11.33 -46.95 -67.74
CA TYR IA 72 -10.62 -45.71 -68.01
C TYR IA 72 -9.11 -45.89 -68.08
N LYS IA 73 -8.63 -47.12 -67.93
CA LYS IA 73 -7.19 -47.37 -67.98
C LYS IA 73 -6.70 -47.22 -69.41
N GLY IA 74 -5.61 -46.47 -69.58
CA GLY IA 74 -5.10 -46.20 -70.90
C GLY IA 74 -5.77 -45.08 -71.65
N LYS IA 75 -6.61 -44.30 -70.98
CA LYS IA 75 -7.27 -43.16 -71.60
C LYS IA 75 -6.60 -41.88 -71.15
N LYS IA 76 -6.55 -40.90 -72.07
CA LYS IA 76 -5.83 -39.67 -71.79
C LYS IA 76 -6.47 -38.90 -70.64
N TYR IA 77 -7.79 -38.83 -70.61
CA TYR IA 77 -8.52 -38.09 -69.58
C TYR IA 77 -9.34 -39.06 -68.74
N LYS IA 78 -9.20 -38.93 -67.42
CA LYS IA 78 -9.88 -39.78 -66.47
C LYS IA 78 -10.62 -38.92 -65.47
N PRO IA 79 -11.73 -39.43 -64.91
CA PRO IA 79 -12.45 -38.67 -63.90
C PRO IA 79 -11.58 -38.38 -62.68
N LEU IA 80 -11.86 -37.25 -62.03
CA LEU IA 80 -10.99 -36.76 -60.98
C LEU IA 80 -10.91 -37.73 -59.81
N ASP IA 81 -12.00 -38.45 -59.52
CA ASP IA 81 -11.95 -39.44 -58.46
C ASP IA 81 -11.13 -40.66 -58.84
N LEU IA 82 -10.84 -40.84 -60.12
CA LEU IA 82 -9.99 -41.93 -60.57
C LEU IA 82 -8.53 -41.52 -60.71
N ARG IA 83 -8.23 -40.24 -60.66
CA ARG IA 83 -6.87 -39.77 -60.67
C ARG IA 83 -6.26 -39.93 -59.28
N PRO IA 84 -4.94 -40.06 -59.18
CA PRO IA 84 -4.30 -40.16 -57.86
C PRO IA 84 -4.52 -38.90 -57.04
N LYS IA 85 -4.52 -39.08 -55.72
CA LYS IA 85 -4.79 -37.99 -54.79
C LYS IA 85 -3.64 -37.89 -53.79
N LYS IA 86 -2.42 -37.81 -54.28
CA LYS IA 86 -1.24 -37.73 -53.42
C LYS IA 86 -1.36 -36.56 -52.46
N THR IA 87 -1.34 -35.35 -53.00
CA THR IA 87 -1.35 -34.09 -52.29
C THR IA 87 -1.48 -33.02 -53.35
N ARG IA 88 -2.18 -31.93 -53.01
CA ARG IA 88 -2.32 -30.84 -53.98
C ARG IA 88 -0.97 -30.36 -54.46
N ALA IA 89 -0.02 -30.18 -53.54
CA ALA IA 89 1.33 -29.78 -53.93
C ALA IA 89 2.03 -30.85 -54.73
N MET IA 90 1.85 -32.12 -54.36
CA MET IA 90 2.49 -33.21 -55.09
C MET IA 90 1.93 -33.36 -56.51
N ARG IA 91 0.67 -32.99 -56.72
CA ARG IA 91 0.09 -33.08 -58.05
C ARG IA 91 0.51 -31.92 -58.94
N ARG IA 92 1.01 -30.84 -58.36
CA ARG IA 92 1.47 -29.70 -59.14
C ARG IA 92 2.90 -29.85 -59.62
N ARG IA 93 3.68 -30.75 -59.03
CA ARG IA 93 5.09 -30.81 -59.35
C ARG IA 93 5.32 -31.53 -60.67
N LEU IA 94 6.54 -31.38 -61.20
CA LEU IA 94 6.89 -31.94 -62.50
C LEU IA 94 6.88 -33.46 -62.45
N ASN IA 95 6.50 -34.08 -63.56
CA ASN IA 95 6.50 -35.52 -63.62
C ASN IA 95 7.93 -36.03 -63.79
N LYS IA 96 8.10 -37.35 -63.75
CA LYS IA 96 9.44 -37.93 -63.83
C LYS IA 96 10.10 -37.65 -65.17
N HIS IA 97 9.31 -37.63 -66.25
CA HIS IA 97 9.88 -37.37 -67.57
C HIS IA 97 10.46 -35.97 -67.65
N GLU IA 98 9.67 -34.95 -67.32
CA GLU IA 98 10.14 -33.59 -67.47
C GLU IA 98 11.00 -33.12 -66.30
N GLU IA 99 11.13 -33.94 -65.26
CA GLU IA 99 12.06 -33.61 -64.19
C GLU IA 99 13.50 -33.85 -64.60
N ASN IA 100 13.78 -34.92 -65.34
CA ASN IA 100 15.15 -35.35 -65.59
C ASN IA 100 15.66 -35.01 -66.98
N LEU IA 101 14.82 -34.50 -67.88
CA LEU IA 101 15.31 -34.15 -69.21
C LEU IA 101 16.16 -32.88 -69.14
N LYS IA 102 17.21 -32.86 -69.96
CA LYS IA 102 18.22 -31.81 -69.93
C LYS IA 102 18.30 -31.11 -71.28
N THR IA 103 19.01 -29.98 -71.29
CA THR IA 103 19.30 -29.30 -72.54
C THR IA 103 20.46 -29.95 -73.25
N LYS IA 104 20.58 -29.68 -74.54
CA LYS IA 104 21.69 -30.22 -75.31
C LYS IA 104 23.03 -29.66 -74.83
N LYS IA 105 23.03 -28.42 -74.38
CA LYS IA 105 24.25 -27.85 -73.79
C LYS IA 105 24.64 -28.62 -72.54
N GLN IA 106 23.66 -29.00 -71.73
CA GLN IA 106 23.96 -29.70 -70.48
C GLN IA 106 24.49 -31.10 -70.75
N GLN IA 107 23.86 -31.83 -71.66
CA GLN IA 107 24.28 -33.21 -71.90
C GLN IA 107 25.57 -33.27 -72.71
N ARG IA 108 25.91 -32.19 -73.41
CA ARG IA 108 27.22 -32.12 -74.05
C ARG IA 108 28.33 -31.98 -73.01
N LYS IA 109 28.07 -31.22 -71.94
CA LYS IA 109 29.06 -31.07 -70.88
C LYS IA 109 29.30 -32.40 -70.17
N GLU IA 110 28.24 -33.15 -69.90
CA GLU IA 110 28.39 -34.43 -69.23
C GLU IA 110 29.14 -35.43 -70.08
N ARG IA 111 28.91 -35.40 -71.40
CA ARG IA 111 29.64 -36.30 -72.28
C ARG IA 111 31.11 -35.91 -72.38
N LEU IA 112 31.39 -34.62 -72.52
CA LEU IA 112 32.76 -34.18 -72.76
C LEU IA 112 33.60 -34.19 -71.50
N TYR IA 113 33.02 -33.82 -70.36
CA TYR IA 113 33.76 -33.68 -69.10
C TYR IA 113 33.04 -34.42 -68.00
N PRO IA 114 33.04 -35.75 -68.04
CA PRO IA 114 32.41 -36.51 -66.97
C PRO IA 114 33.28 -36.57 -65.73
N LEU IA 115 32.64 -36.72 -64.59
CA LEU IA 115 33.38 -36.83 -63.33
C LEU IA 115 34.18 -38.13 -63.32
N ARG IA 116 35.42 -38.03 -62.84
CA ARG IA 116 36.32 -39.17 -62.85
C ARG IA 116 36.46 -39.75 -61.45
N LYS IA 117 36.77 -41.04 -61.40
CA LYS IA 117 37.10 -41.71 -60.15
C LYS IA 117 38.61 -41.70 -60.00
N TYR IA 118 39.11 -41.15 -58.90
CA TYR IA 118 40.54 -40.96 -58.76
C TYR IA 118 40.91 -41.07 -57.29
N ALA IA 119 42.18 -41.35 -57.05
CA ALA IA 119 42.73 -41.38 -55.70
C ALA IA 119 44.06 -40.66 -55.72
N VAL IA 120 44.45 -40.13 -54.56
CA VAL IA 120 45.67 -39.33 -54.44
C VAL IA 120 46.61 -40.05 -53.49
N LYS IA 121 47.82 -40.32 -53.95
CA LYS IA 121 48.85 -40.91 -53.09
C LYS IA 121 49.30 -39.90 -52.04
N ALA IA 122 49.70 -40.42 -50.89
CA ALA IA 122 50.17 -39.57 -49.80
C ALA IA 122 51.63 -39.18 -50.01
N ALA JA 1 74.81 -3.88 -47.11
CA ALA JA 1 74.98 -3.45 -48.50
C ALA JA 1 74.62 -1.99 -48.65
N LEU JA 2 74.75 -1.48 -49.87
CA LEU JA 2 74.46 -0.07 -50.12
C LEU JA 2 72.97 0.23 -49.95
N ARG JA 3 72.11 -0.57 -50.58
CA ARG JA 3 70.68 -0.36 -50.52
C ARG JA 3 69.98 -1.68 -50.24
N TYR JA 4 68.93 -1.61 -49.44
CA TYR JA 4 68.13 -2.77 -49.02
C TYR JA 4 66.69 -2.52 -49.38
N PRO JA 5 65.91 -3.57 -49.58
CA PRO JA 5 64.46 -3.39 -49.70
C PRO JA 5 63.89 -2.80 -48.42
N MET JA 6 62.92 -1.92 -48.57
CA MET JA 6 62.39 -1.19 -47.44
C MET JA 6 60.86 -1.23 -47.46
N ALA JA 7 60.27 -1.11 -46.28
CA ALA JA 7 58.83 -0.99 -46.17
C ALA JA 7 58.35 0.43 -46.43
N VAL JA 8 59.26 1.38 -46.57
CA VAL JA 8 58.93 2.78 -46.78
C VAL JA 8 59.80 3.33 -47.90
N GLY JA 9 59.39 4.47 -48.42
CA GLY JA 9 60.13 5.16 -49.45
C GLY JA 9 59.45 5.09 -50.80
N LEU JA 10 60.11 5.69 -51.80
CA LEU JA 10 59.55 5.69 -53.14
C LEU JA 10 59.57 4.30 -53.76
N ASN JA 11 60.55 3.48 -53.42
CA ASN JA 11 60.69 2.13 -53.97
C ASN JA 11 60.40 1.07 -52.92
N LYS JA 12 59.40 1.32 -52.08
CA LYS JA 12 59.06 0.40 -51.02
C LYS JA 12 58.41 -0.86 -51.59
N GLY JA 13 58.47 -1.93 -50.81
CA GLY JA 13 57.83 -3.17 -51.19
C GLY JA 13 58.77 -4.34 -51.34
N HIS JA 14 58.25 -5.53 -51.09
CA HIS JA 14 58.98 -6.76 -51.36
C HIS JA 14 59.20 -6.91 -52.85
N LYS JA 15 60.37 -7.38 -53.24
CA LYS JA 15 60.74 -7.42 -54.65
C LYS JA 15 60.33 -8.76 -55.25
N VAL JA 16 59.45 -8.70 -56.25
CA VAL JA 16 59.03 -9.86 -57.02
C VAL JA 16 59.14 -9.51 -58.49
N THR JA 17 59.32 -10.53 -59.32
CA THR JA 17 59.38 -10.33 -60.75
C THR JA 17 57.96 -10.26 -61.30
N LYS JA 18 57.63 -9.15 -61.95
CA LYS JA 18 56.27 -8.95 -62.43
C LYS JA 18 55.95 -9.89 -63.58
N ASN JA 19 54.79 -10.52 -63.50
CA ASN JA 19 54.34 -11.44 -64.54
C ASN JA 19 53.51 -10.65 -65.55
N VAL JA 20 54.09 -10.40 -66.72
CA VAL JA 20 53.39 -9.68 -67.76
C VAL JA 20 52.51 -10.65 -68.53
N SER JA 21 51.29 -10.21 -68.84
CA SER JA 21 50.32 -11.06 -69.52
C SER JA 21 49.31 -10.17 -70.23
N LYS JA 22 48.54 -10.79 -71.12
CA LYS JA 22 47.46 -10.07 -71.78
C LYS JA 22 46.41 -9.69 -70.74
N PRO JA 23 45.79 -8.52 -70.87
CA PRO JA 23 44.72 -8.15 -69.95
C PRO JA 23 43.50 -9.04 -70.14
N ARG JA 24 42.72 -9.16 -69.07
CA ARG JA 24 41.52 -9.98 -69.11
C ARG JA 24 40.52 -9.38 -70.09
N HIS JA 25 39.65 -10.24 -70.64
CA HIS JA 25 38.72 -9.77 -71.65
C HIS JA 25 37.66 -8.83 -71.07
N SER JA 26 37.38 -8.89 -69.78
CA SER JA 26 36.42 -7.96 -69.20
C SER JA 26 36.95 -6.53 -69.24
N ARG JA 27 38.27 -6.37 -69.17
CA ARG JA 27 38.87 -5.03 -69.25
C ARG JA 27 38.66 -4.39 -70.61
N ARG JA 28 38.34 -5.20 -71.62
CA ARG JA 28 38.03 -4.70 -72.95
C ARG JA 28 36.70 -3.96 -73.01
N ARG JA 29 35.85 -4.11 -71.99
CA ARG JA 29 34.49 -3.55 -72.00
C ARG JA 29 34.52 -2.05 -72.25
N GLY JA 30 33.54 -1.57 -73.03
CA GLY JA 30 33.41 -0.17 -73.33
C GLY JA 30 34.11 0.30 -74.58
N ARG JA 31 34.94 -0.53 -75.19
CA ARG JA 31 35.60 -0.14 -76.43
C ARG JA 31 34.60 -0.05 -77.57
N LEU JA 32 34.81 0.92 -78.44
CA LEU JA 32 33.91 1.15 -79.56
C LEU JA 32 34.35 0.29 -80.74
N THR JA 33 33.42 -0.49 -81.28
CA THR JA 33 33.70 -1.31 -82.44
C THR JA 33 33.26 -0.61 -83.71
N LYS JA 34 33.74 -1.13 -84.84
CA LYS JA 34 33.39 -0.55 -86.13
C LYS JA 34 31.91 -0.67 -86.40
N HIS JA 35 31.30 -1.80 -86.06
CA HIS JA 35 29.88 -1.99 -86.32
C HIS JA 35 29.03 -1.18 -85.37
N THR JA 36 29.40 -1.14 -84.08
CA THR JA 36 28.64 -0.36 -83.12
C THR JA 36 28.73 1.13 -83.42
N LYS JA 37 29.89 1.60 -83.89
CA LYS JA 37 30.00 2.98 -84.32
C LYS JA 37 29.09 3.25 -85.50
N PHE JA 38 29.02 2.30 -86.44
CA PHE JA 38 28.15 2.47 -87.60
C PHE JA 38 26.69 2.54 -87.20
N VAL JA 39 26.27 1.71 -86.25
CA VAL JA 39 24.89 1.72 -85.80
C VAL JA 39 24.55 3.05 -85.13
N ARG JA 40 25.44 3.53 -84.26
CA ARG JA 40 25.17 4.76 -83.53
C ARG JA 40 25.14 5.97 -84.46
N ASP JA 41 25.95 5.95 -85.52
CA ASP JA 41 25.88 7.01 -86.51
C ASP JA 41 24.58 6.95 -87.30
N MET JA 42 24.09 5.74 -87.55
CA MET JA 42 22.80 5.59 -88.23
C MET JA 42 21.68 6.18 -87.42
N ILE JA 43 21.64 5.86 -86.12
CA ILE JA 43 20.56 6.32 -85.27
C ILE JA 43 20.64 7.84 -85.10
N ARG JA 44 21.85 8.38 -85.04
CA ARG JA 44 22.00 9.82 -84.86
C ARG JA 44 21.39 10.60 -86.01
N GLU JA 45 21.63 10.18 -87.24
CA GLU JA 45 21.04 10.91 -88.36
C GLU JA 45 19.57 10.56 -88.58
N VAL JA 46 19.11 9.41 -88.12
CA VAL JA 46 17.67 9.14 -88.11
C VAL JA 46 16.97 10.00 -87.07
N CYS JA 47 17.52 10.05 -85.86
CA CYS JA 47 16.85 10.73 -84.76
C CYS JA 47 17.09 12.23 -84.81
N GLY JA 48 18.35 12.65 -84.72
CA GLY JA 48 18.70 14.05 -84.60
C GLY JA 48 19.41 14.32 -83.28
N PHE JA 49 19.05 15.42 -82.63
CA PHE JA 49 19.65 15.81 -81.37
C PHE JA 49 18.56 16.16 -80.37
N ALA JA 50 18.89 16.00 -79.10
CA ALA JA 50 18.00 16.40 -78.03
C ALA JA 50 17.91 17.92 -77.97
N PRO JA 51 16.81 18.47 -77.47
CA PRO JA 51 16.67 19.94 -77.42
C PRO JA 51 17.75 20.65 -76.63
N TYR JA 52 18.28 20.04 -75.57
CA TYR JA 52 19.36 20.69 -74.84
C TYR JA 52 20.67 20.63 -75.62
N GLU JA 53 20.85 19.59 -76.42
CA GLU JA 53 22.05 19.50 -77.25
C GLU JA 53 22.03 20.54 -78.35
N ARG JA 54 20.85 20.81 -78.92
CA ARG JA 54 20.74 21.87 -79.92
C ARG JA 54 21.02 23.23 -79.31
N ARG JA 55 20.51 23.48 -78.10
CA ARG JA 55 20.75 24.75 -77.44
C ARG JA 55 22.23 24.95 -77.14
N ALA JA 56 22.91 23.90 -76.70
CA ALA JA 56 24.34 24.00 -76.43
C ALA JA 56 25.13 24.25 -77.70
N MET JA 57 24.61 23.81 -78.85
CA MET JA 57 25.28 24.08 -80.10
C MET JA 57 25.14 25.54 -80.51
N GLU JA 58 24.02 26.17 -80.16
CA GLU JA 58 23.88 27.60 -80.40
C GLU JA 58 24.90 28.40 -79.59
N LEU JA 59 25.13 27.98 -78.35
CA LEU JA 59 26.15 28.64 -77.53
C LEU JA 59 27.53 28.44 -78.12
N LEU JA 60 27.81 27.25 -78.65
CA LEU JA 60 29.11 26.99 -79.24
C LEU JA 60 29.26 27.68 -80.59
N LYS JA 61 28.15 27.94 -81.28
CA LYS JA 61 28.22 28.63 -82.56
C LYS JA 61 28.66 30.07 -82.39
N VAL JA 62 28.20 30.73 -81.34
CA VAL JA 62 28.55 32.12 -81.07
C VAL JA 62 29.79 32.14 -80.17
N SER JA 63 30.42 30.97 -80.00
CA SER JA 63 31.66 30.82 -79.26
C SER JA 63 31.53 31.28 -77.81
N LYS JA 64 30.42 30.91 -77.16
CA LYS JA 64 30.30 31.04 -75.71
C LYS JA 64 30.55 29.66 -75.11
N ASP JA 65 31.83 29.29 -75.07
CA ASP JA 65 32.17 27.92 -74.70
C ASP JA 65 32.07 27.69 -73.20
N LYS JA 66 32.44 28.69 -72.39
CA LYS JA 66 32.29 28.54 -70.95
C LYS JA 66 30.81 28.46 -70.57
N ARG JA 67 29.98 29.29 -71.19
CA ARG JA 67 28.54 29.23 -70.93
C ARG JA 67 27.95 27.93 -71.44
N ALA JA 68 28.46 27.42 -72.57
CA ALA JA 68 28.01 26.12 -73.07
C ALA JA 68 28.34 25.02 -72.08
N LEU JA 69 29.55 25.05 -71.52
CA LEU JA 69 29.92 24.02 -70.56
C LEU JA 69 29.12 24.12 -69.28
N LYS JA 70 28.84 25.34 -68.83
CA LYS JA 70 27.96 25.53 -67.66
C LYS JA 70 26.57 24.95 -67.93
N PHE JA 71 26.06 25.16 -69.14
CA PHE JA 71 24.74 24.65 -69.48
C PHE JA 71 24.73 23.13 -69.57
N ILE JA 72 25.73 22.56 -70.23
CA ILE JA 72 25.79 21.11 -70.38
C ILE JA 72 25.97 20.43 -69.03
N LYS JA 73 26.86 20.97 -68.19
CA LYS JA 73 27.07 20.40 -66.86
C LYS JA 73 25.81 20.48 -66.01
N LYS JA 74 25.05 21.56 -66.15
CA LYS JA 74 23.78 21.65 -65.45
C LYS JA 74 22.81 20.60 -65.94
N ARG JA 75 22.85 20.28 -67.23
CA ARG JA 75 21.94 19.29 -67.79
C ARG JA 75 22.43 17.88 -67.52
N VAL JA 76 23.63 17.53 -67.99
CA VAL JA 76 24.12 16.17 -67.87
C VAL JA 76 24.43 15.84 -66.42
N GLY JA 77 25.14 16.72 -65.72
CA GLY JA 77 25.31 16.54 -64.30
C GLY JA 77 26.70 16.65 -63.73
N THR JA 78 27.72 16.17 -64.44
CA THR JA 78 29.08 16.19 -63.94
C THR JA 78 30.02 16.88 -64.93
N HIS JA 79 31.15 17.33 -64.40
CA HIS JA 79 32.12 18.05 -65.21
C HIS JA 79 32.77 17.15 -66.24
N ILE JA 80 33.10 15.91 -65.87
CA ILE JA 80 33.75 14.99 -66.80
C ILE JA 80 32.81 14.64 -67.94
N ARG JA 81 31.56 14.35 -67.63
CA ARG JA 81 30.59 14.01 -68.66
C ARG JA 81 30.28 15.21 -69.54
N ALA JA 82 30.27 16.41 -68.97
CA ALA JA 82 30.00 17.60 -69.75
C ALA JA 82 31.13 17.90 -70.73
N LYS JA 83 32.37 17.70 -70.30
CA LYS JA 83 33.51 17.97 -71.17
C LYS JA 83 33.51 17.05 -72.38
N ARG JA 84 33.18 15.77 -72.17
CA ARG JA 84 33.08 14.84 -73.29
C ARG JA 84 31.93 15.23 -74.22
N LYS JA 85 30.80 15.63 -73.65
CA LYS JA 85 29.65 16.01 -74.47
C LYS JA 85 29.92 17.29 -75.24
N ARG JA 86 30.64 18.23 -74.64
CA ARG JA 86 30.94 19.48 -75.34
C ARG JA 86 31.90 19.25 -76.50
N GLU JA 87 32.88 18.35 -76.34
CA GLU JA 87 33.77 18.03 -77.46
C GLU JA 87 33.02 17.42 -78.61
N GLU JA 88 32.08 16.51 -78.32
CA GLU JA 88 31.31 15.89 -79.39
C GLU JA 88 30.42 16.91 -80.08
N LEU JA 89 29.79 17.79 -79.32
CA LEU JA 89 28.95 18.82 -79.92
C LEU JA 89 29.78 19.81 -80.72
N SER JA 90 31.01 20.09 -80.27
CA SER JA 90 31.91 20.92 -81.07
C SER JA 90 32.33 20.19 -82.34
N ASN JA 91 32.49 18.88 -82.26
CA ASN JA 91 32.91 18.11 -83.42
C ASN JA 91 31.83 18.10 -84.50
N VAL JA 92 30.57 17.95 -84.12
CA VAL JA 92 29.52 17.92 -85.13
C VAL JA 92 29.32 19.29 -85.75
N LEU JA 93 29.53 20.35 -84.98
CA LEU JA 93 29.47 21.70 -85.56
C LEU JA 93 30.60 21.89 -86.57
N ALA JA 94 31.81 21.44 -86.24
CA ALA JA 94 32.93 21.54 -87.16
C ALA JA 94 32.71 20.64 -88.37
N ALA JA 95 32.09 19.48 -88.16
CA ALA JA 95 31.83 18.56 -89.27
C ALA JA 95 30.86 19.16 -90.27
N MET JA 96 29.78 19.79 -89.79
CA MET JA 96 28.82 20.38 -90.71
C MET JA 96 29.31 21.70 -91.28
N ARG JA 97 30.30 22.32 -90.63
CA ARG JA 97 30.91 23.50 -91.22
C ARG JA 97 31.70 23.16 -92.47
N LYS JA 98 32.53 22.12 -92.40
CA LYS JA 98 33.31 21.72 -93.56
C LYS JA 98 32.47 21.01 -94.60
N ALA JA 99 31.34 20.42 -94.19
CA ALA JA 99 30.42 19.86 -95.19
C ALA JA 99 29.77 20.96 -96.02
N ALA JA 100 29.40 22.06 -95.38
CA ALA JA 100 28.80 23.18 -96.10
C ALA JA 100 29.83 24.01 -96.85
N ALA JA 101 31.11 23.86 -96.53
CA ALA JA 101 32.14 24.59 -97.25
C ALA JA 101 32.25 24.13 -98.70
N LYS JA 102 32.15 22.82 -98.93
CA LYS JA 102 32.19 22.29 -100.29
C LYS JA 102 30.77 22.08 -100.82
N THR KA 1 -33.69 6.56 -16.11
CA THR KA 1 -32.81 5.77 -15.27
C THR KA 1 -31.88 4.89 -16.10
N LYS KA 2 -30.58 5.13 -15.95
CA LYS KA 2 -29.59 4.44 -16.75
C LYS KA 2 -29.37 2.99 -16.31
N GLY KA 3 -29.83 2.61 -15.14
CA GLY KA 3 -29.55 1.29 -14.61
C GLY KA 3 -30.65 0.28 -14.82
N THR KA 4 -31.35 -0.07 -13.74
CA THR KA 4 -32.29 -1.19 -13.76
C THR KA 4 -33.42 -0.97 -14.74
N SER KA 5 -33.97 0.25 -14.78
CA SER KA 5 -35.11 0.52 -15.65
C SER KA 5 -34.75 0.37 -17.12
N SER KA 6 -33.56 0.81 -17.50
CA SER KA 6 -33.16 0.75 -18.90
C SER KA 6 -32.82 -0.67 -19.33
N PHE KA 7 -32.49 -1.54 -18.38
CA PHE KA 7 -32.23 -2.94 -18.71
C PHE KA 7 -33.50 -3.69 -19.10
N GLY KA 8 -34.67 -3.13 -18.85
CA GLY KA 8 -35.88 -3.78 -19.26
C GLY KA 8 -36.22 -3.63 -20.72
N LYS KA 9 -35.56 -2.71 -21.41
CA LYS KA 9 -35.92 -2.36 -22.77
C LYS KA 9 -35.12 -3.14 -23.80
N ARG KA 10 -34.25 -4.05 -23.39
CA ARG KA 10 -33.41 -4.78 -24.35
C ARG KA 10 -34.14 -6.05 -24.77
N ARG KA 11 -34.67 -6.01 -25.99
CA ARG KA 11 -35.42 -7.10 -26.60
C ARG KA 11 -35.12 -7.25 -28.09
N ASN KA 12 -34.00 -6.71 -28.57
CA ASN KA 12 -33.65 -6.74 -29.98
C ASN KA 12 -32.19 -7.18 -30.11
N LYS KA 13 -31.97 -8.34 -30.70
CA LYS KA 13 -30.62 -8.90 -30.76
C LYS KA 13 -29.76 -8.17 -31.77
N THR KA 14 -28.56 -7.76 -31.34
CA THR KA 14 -27.56 -7.22 -32.25
C THR KA 14 -26.88 -8.31 -33.07
N HIS KA 15 -26.57 -9.43 -32.44
CA HIS KA 15 -25.78 -10.49 -33.05
C HIS KA 15 -26.60 -11.77 -33.13
N THR KA 16 -26.27 -12.59 -34.12
CA THR KA 16 -26.84 -13.92 -34.27
C THR KA 16 -25.73 -14.90 -34.59
N LEU KA 17 -26.10 -16.16 -34.77
CA LEU KA 17 -25.13 -17.19 -35.09
C LEU KA 17 -24.54 -16.97 -36.47
N CYS KA 18 -23.25 -17.24 -36.59
CA CYS KA 18 -22.51 -17.04 -37.83
C CYS KA 18 -22.39 -18.36 -38.57
N ARG KA 19 -22.71 -18.36 -39.86
CA ARG KA 19 -22.69 -19.60 -40.63
C ARG KA 19 -21.27 -20.12 -40.82
N ARG KA 20 -20.27 -19.27 -40.72
CA ARG KA 20 -18.89 -19.65 -40.53
C ARG KA 20 -18.58 -19.55 -39.04
N CYS KA 21 -17.73 -20.42 -38.55
CA CYS KA 21 -17.20 -20.44 -37.17
C CYS KA 21 -18.27 -20.63 -36.09
N GLY KA 22 -19.54 -20.60 -36.46
CA GLY KA 22 -20.62 -20.89 -35.53
C GLY KA 22 -20.69 -20.07 -34.26
N SER KA 23 -20.18 -18.85 -34.29
CA SER KA 23 -20.17 -18.02 -33.09
C SER KA 23 -21.29 -16.99 -33.16
N LYS KA 24 -21.78 -16.60 -31.99
CA LYS KA 24 -22.88 -15.64 -31.87
C LYS KA 24 -22.35 -14.20 -31.95
N ALA KA 25 -21.71 -13.91 -33.08
CA ALA KA 25 -21.13 -12.58 -33.27
C ALA KA 25 -21.40 -12.04 -34.67
N TYR KA 26 -22.35 -12.61 -35.38
CA TYR KA 26 -22.73 -12.12 -36.69
C TYR KA 26 -23.61 -10.90 -36.51
N HIS KA 27 -23.04 -9.73 -36.71
CA HIS KA 27 -23.81 -8.49 -36.62
C HIS KA 27 -24.86 -8.46 -37.71
N LEU KA 28 -26.13 -8.48 -37.29
CA LEU KA 28 -27.23 -8.55 -38.24
C LEU KA 28 -27.29 -7.30 -39.11
N GLN KA 29 -27.05 -6.14 -38.51
CA GLN KA 29 -27.25 -4.89 -39.22
C GLN KA 29 -26.03 -4.52 -40.06
N LYS KA 30 -24.85 -5.02 -39.70
CA LYS KA 30 -23.65 -4.83 -40.51
C LYS KA 30 -23.37 -6.02 -41.42
N SER KA 31 -24.03 -7.16 -41.19
CA SER KA 31 -23.85 -8.38 -41.98
C SER KA 31 -22.39 -8.82 -41.99
N THR KA 32 -21.76 -8.75 -40.82
CA THR KA 32 -20.37 -9.16 -40.66
C THR KA 32 -20.23 -9.84 -39.32
N CYS KA 33 -19.47 -10.93 -39.28
CA CYS KA 33 -19.18 -11.58 -38.01
C CYS KA 33 -18.09 -10.82 -37.28
N GLY KA 34 -18.32 -10.55 -36.00
CA GLY KA 34 -17.32 -9.86 -35.21
C GLY KA 34 -16.13 -10.70 -34.82
N LYS KA 35 -16.18 -12.01 -35.03
CA LYS KA 35 -15.07 -12.89 -34.67
C LYS KA 35 -14.27 -13.37 -35.86
N CYS KA 36 -14.93 -13.82 -36.92
CA CYS KA 36 -14.24 -14.30 -38.11
C CYS KA 36 -14.34 -13.35 -39.29
N GLY KA 37 -15.27 -12.39 -39.26
CA GLY KA 37 -15.53 -11.56 -40.41
C GLY KA 37 -16.00 -12.39 -41.59
N TYR KA 38 -17.17 -13.02 -41.48
CA TYR KA 38 -17.54 -14.07 -42.44
C TYR KA 38 -17.61 -13.62 -43.89
N PRO KA 39 -18.29 -12.53 -44.26
CA PRO KA 39 -18.37 -12.21 -45.69
C PRO KA 39 -17.02 -11.93 -46.31
N ALA KA 40 -16.02 -11.59 -45.51
CA ALA KA 40 -14.65 -11.51 -45.98
C ALA KA 40 -14.13 -12.92 -46.27
N LYS KA 41 -13.37 -13.06 -47.35
CA LYS KA 41 -12.82 -14.36 -47.71
C LYS KA 41 -11.86 -14.86 -46.65
N ARG KA 42 -11.03 -13.99 -46.12
CA ARG KA 42 -10.00 -14.37 -45.17
C ARG KA 42 -10.51 -14.32 -43.74
N LYS KA 43 -9.95 -15.17 -42.90
CA LYS KA 43 -10.35 -15.25 -41.51
C LYS KA 43 -9.80 -14.06 -40.72
N ARG KA 44 -10.61 -13.54 -39.82
CA ARG KA 44 -10.18 -12.45 -38.94
C ARG KA 44 -9.27 -13.04 -37.87
N LYS KA 45 -8.03 -12.56 -37.82
CA LYS KA 45 -7.04 -13.07 -36.90
C LYS KA 45 -6.06 -11.95 -36.57
N TYR KA 46 -5.70 -11.85 -35.30
CA TYR KA 46 -4.85 -10.75 -34.85
C TYR KA 46 -3.79 -11.27 -33.89
N ASN KA 47 -2.59 -10.70 -34.00
CA ASN KA 47 -1.49 -11.11 -33.15
C ASN KA 47 -1.51 -10.47 -31.78
N TRP KA 48 -2.38 -9.49 -31.55
CA TRP KA 48 -2.50 -8.93 -30.21
C TRP KA 48 -3.37 -9.78 -29.31
N SER KA 49 -3.90 -10.89 -29.80
CA SER KA 49 -4.62 -11.86 -28.97
C SER KA 49 -4.08 -13.24 -29.30
N ALA KA 50 -3.10 -13.70 -28.54
CA ALA KA 50 -2.60 -15.05 -28.71
C ALA KA 50 -3.55 -16.07 -28.12
N LYS KA 51 -4.29 -15.68 -27.08
CA LYS KA 51 -5.30 -16.57 -26.51
C LYS KA 51 -6.43 -16.83 -27.50
N ALA KA 52 -6.82 -15.81 -28.25
CA ALA KA 52 -7.91 -15.98 -29.20
C ALA KA 52 -7.49 -16.84 -30.38
N LYS KA 53 -6.21 -16.75 -30.78
CA LYS KA 53 -5.74 -17.59 -31.88
C LYS KA 53 -5.79 -19.06 -31.51
N ARG KA 54 -5.35 -19.42 -30.30
CA ARG KA 54 -5.30 -20.82 -29.91
C ARG KA 54 -6.67 -21.38 -29.57
N ARG KA 55 -7.70 -20.54 -29.48
CA ARG KA 55 -9.04 -21.04 -29.25
C ARG KA 55 -9.63 -21.66 -30.52
N ASN KA 56 -9.17 -21.23 -31.69
CA ASN KA 56 -9.75 -21.66 -32.96
C ASN KA 56 -8.69 -22.05 -33.98
N THR KA 57 -7.49 -22.37 -33.54
CA THR KA 57 -6.43 -22.72 -34.47
C THR KA 57 -6.62 -24.15 -34.99
N THR KA 58 -5.74 -24.55 -35.90
CA THR KA 58 -5.75 -25.92 -36.39
C THR KA 58 -5.42 -26.90 -35.28
N GLY KA 59 -6.23 -27.94 -35.16
CA GLY KA 59 -6.09 -28.90 -34.10
C GLY KA 59 -7.09 -28.74 -32.98
N THR KA 60 -7.72 -27.58 -32.87
CA THR KA 60 -8.77 -27.39 -31.88
C THR KA 60 -10.08 -28.05 -32.28
N GLY KA 61 -10.20 -28.47 -33.52
CA GLY KA 61 -11.41 -29.13 -33.98
C GLY KA 61 -11.17 -30.58 -34.34
N ARG KA 62 -11.74 -31.01 -35.46
CA ARG KA 62 -11.76 -32.42 -35.80
C ARG KA 62 -10.54 -32.86 -36.59
N MET KA 63 -10.08 -32.02 -37.52
CA MET KA 63 -8.98 -32.35 -38.44
C MET KA 63 -9.28 -33.64 -39.19
N ARG KA 64 -10.46 -33.70 -39.79
CA ARG KA 64 -10.91 -34.92 -40.47
C ARG KA 64 -9.95 -35.32 -41.59
N HIS KA 65 -9.44 -34.34 -42.32
CA HIS KA 65 -8.55 -34.63 -43.44
C HIS KA 65 -7.09 -34.62 -43.03
N LEU KA 66 -6.70 -33.78 -42.07
CA LEU KA 66 -5.30 -33.70 -41.70
C LEU KA 66 -4.83 -34.93 -40.93
N LYS KA 67 -5.71 -35.54 -40.13
CA LYS KA 67 -5.34 -36.77 -39.43
C LYS KA 67 -4.96 -37.86 -40.43
N ILE KA 68 -5.72 -37.98 -41.51
CA ILE KA 68 -5.43 -38.98 -42.52
C ILE KA 68 -4.14 -38.63 -43.25
N VAL KA 69 -3.92 -37.34 -43.49
CA VAL KA 69 -2.69 -36.91 -44.16
C VAL KA 69 -1.48 -37.26 -43.30
N TYR KA 70 -1.57 -37.03 -41.99
CA TYR KA 70 -0.46 -37.35 -41.10
C TYR KA 70 -0.18 -38.84 -41.10
N ARG KA 71 -1.22 -39.67 -41.14
CA ARG KA 71 -1.03 -41.11 -41.24
C ARG KA 71 -0.49 -41.49 -42.61
N ARG KA 72 -1.03 -40.91 -43.67
CA ARG KA 72 -0.63 -41.30 -45.03
C ARG KA 72 0.79 -40.87 -45.35
N PHE KA 73 1.29 -39.85 -44.65
CA PHE KA 73 2.65 -39.37 -44.91
C PHE KA 73 3.68 -40.42 -44.52
N ARG KA 74 3.38 -41.23 -43.50
CA ARG KA 74 4.35 -42.19 -43.00
C ARG KA 74 4.62 -43.33 -43.96
N HIS KA 75 3.83 -43.46 -45.02
CA HIS KA 75 4.04 -44.50 -46.02
C HIS KA 75 4.23 -43.93 -47.42
N GLY KA 76 4.62 -42.66 -47.51
CA GLY KA 76 4.90 -42.06 -48.79
C GLY KA 76 3.71 -41.71 -49.63
N PHE KA 77 2.53 -41.55 -49.01
CA PHE KA 77 1.30 -41.23 -49.72
C PHE KA 77 0.99 -42.25 -50.81
N ARG KA 78 1.18 -43.53 -50.49
CA ARG KA 78 0.94 -44.58 -51.47
C ARG KA 78 -0.54 -44.69 -51.80
N GLU KA 79 -0.82 -45.07 -53.04
CA GLU KA 79 -2.19 -45.18 -53.53
C GLU KA 79 -2.26 -46.28 -54.57
N GLY KA 80 -3.46 -46.79 -54.77
CA GLY KA 80 -3.69 -47.80 -55.79
C GLY KA 80 -3.18 -49.17 -55.46
N THR KA 81 -2.77 -49.42 -54.22
CA THR KA 81 -2.21 -50.70 -53.82
C THR KA 81 -3.00 -51.24 -52.64
N THR KA 82 -2.87 -52.54 -52.43
CA THR KA 82 -3.49 -53.25 -51.32
C THR KA 82 -2.43 -54.13 -50.68
N PRO KA 83 -2.62 -54.50 -49.42
CA PRO KA 83 -1.74 -55.50 -48.82
C PRO KA 83 -1.85 -56.82 -49.57
N LYS KA 84 -0.78 -57.60 -49.52
CA LYS KA 84 -0.73 -58.87 -50.24
C LYS KA 84 -1.81 -59.80 -49.70
N PRO KA 85 -2.71 -60.29 -50.55
CA PRO KA 85 -3.86 -61.05 -50.05
C PRO KA 85 -3.44 -62.35 -49.39
N LYS KA 86 -4.24 -62.77 -48.42
CA LYS KA 86 -3.96 -63.99 -47.67
C LYS KA 86 -4.43 -65.21 -48.44
N PRO LA 1 -73.50 -23.24 -52.05
CA PRO LA 1 -74.74 -23.93 -52.41
C PRO LA 1 -75.52 -23.19 -53.48
N ARG LA 2 -76.30 -23.94 -54.26
CA ARG LA 2 -77.15 -23.38 -55.29
C ARG LA 2 -78.56 -23.88 -55.10
N LYS LA 3 -79.53 -23.01 -55.36
CA LYS LA 3 -80.94 -23.34 -55.20
C LYS LA 3 -81.55 -23.57 -56.57
N ILE LA 4 -81.98 -24.80 -56.83
CA ILE LA 4 -82.64 -25.12 -58.09
C ILE LA 4 -84.10 -24.70 -58.00
N GLU LA 5 -84.56 -23.96 -59.00
CA GLU LA 5 -85.89 -23.35 -58.90
C GLU LA 5 -87.00 -24.32 -59.31
N GLU LA 6 -86.99 -24.79 -60.55
CA GLU LA 6 -88.07 -25.63 -61.03
C GLU LA 6 -87.62 -27.09 -61.06
N ILE LA 7 -88.61 -27.97 -61.27
CA ILE LA 7 -88.41 -29.39 -61.09
C ILE LA 7 -87.47 -29.96 -62.15
N LYS LA 8 -87.59 -29.49 -63.40
CA LYS LA 8 -86.86 -30.11 -64.50
C LYS LA 8 -85.35 -29.95 -64.35
N ASP LA 9 -84.90 -28.78 -63.90
CA ASP LA 9 -83.46 -28.56 -63.74
C ASP LA 9 -82.85 -29.51 -62.72
N PHE LA 10 -83.65 -29.96 -61.75
CA PHE LA 10 -83.12 -30.89 -60.76
C PHE LA 10 -82.88 -32.26 -61.35
N LEU LA 11 -83.70 -32.67 -62.32
CA LEU LA 11 -83.59 -34.01 -62.87
C LEU LA 11 -82.26 -34.22 -63.59
N LEU LA 12 -81.92 -33.32 -64.53
CA LEU LA 12 -80.66 -33.49 -65.23
C LEU LA 12 -79.47 -33.06 -64.37
N THR LA 13 -79.71 -32.36 -63.26
CA THR LA 13 -78.65 -32.16 -62.28
C THR LA 13 -78.34 -33.46 -61.57
N ALA LA 14 -79.38 -34.21 -61.18
CA ALA LA 14 -79.17 -35.50 -60.51
C ALA LA 14 -78.63 -36.54 -61.49
N ARG LA 15 -78.86 -36.37 -62.78
CA ARG LA 15 -78.35 -37.28 -63.79
C ARG LA 15 -76.96 -36.90 -64.27
N ARG LA 16 -76.28 -35.99 -63.58
CA ARG LA 16 -74.91 -35.66 -63.93
C ARG LA 16 -73.96 -36.76 -63.47
N LYS LA 17 -72.77 -36.78 -64.06
CA LYS LA 17 -71.81 -37.81 -63.73
C LYS LA 17 -71.18 -37.58 -62.37
N ASP LA 18 -71.06 -36.33 -61.95
CA ASP LA 18 -70.43 -36.00 -60.68
C ASP LA 18 -71.41 -35.97 -59.52
N ALA LA 19 -72.68 -36.26 -59.75
CA ALA LA 19 -73.66 -36.31 -58.67
C ALA LA 19 -73.36 -37.49 -57.77
N LYS LA 20 -72.94 -37.20 -56.54
CA LYS LA 20 -72.54 -38.27 -55.62
C LYS LA 20 -73.75 -38.90 -54.95
N SER LA 21 -74.65 -38.08 -54.42
CA SER LA 21 -75.79 -38.59 -53.69
C SER LA 21 -76.87 -37.51 -53.68
N VAL LA 22 -78.09 -37.93 -53.38
CA VAL LA 22 -79.20 -37.01 -53.15
C VAL LA 22 -79.77 -37.26 -51.76
N LYS LA 23 -79.94 -36.19 -51.00
CA LYS LA 23 -80.52 -36.25 -49.66
C LYS LA 23 -81.89 -35.62 -49.69
N ILE LA 24 -82.83 -36.22 -48.98
CA ILE LA 24 -84.20 -35.72 -48.89
C ILE LA 24 -84.47 -35.36 -47.44
N LYS LA 25 -84.73 -34.09 -47.19
CA LYS LA 25 -85.01 -33.59 -45.85
C LYS LA 25 -86.47 -33.15 -45.81
N LYS LA 26 -87.24 -33.76 -44.93
CA LYS LA 26 -88.66 -33.45 -44.78
C LYS LA 26 -88.83 -32.50 -43.61
N ASN LA 27 -89.12 -31.24 -43.91
CA ASN LA 27 -89.40 -30.26 -42.88
C ASN LA 27 -90.89 -30.25 -42.57
N LYS LA 28 -91.30 -29.34 -41.69
CA LYS LA 28 -92.71 -29.19 -41.40
C LYS LA 28 -93.45 -28.57 -42.59
N ASP LA 29 -92.78 -27.67 -43.32
CA ASP LA 29 -93.44 -26.88 -44.34
C ASP LA 29 -93.07 -27.28 -45.77
N ASN LA 30 -91.92 -27.92 -45.97
CA ASN LA 30 -91.49 -28.26 -47.32
C ASN LA 30 -90.65 -29.52 -47.27
N VAL LA 31 -90.33 -30.03 -48.46
CA VAL LA 31 -89.40 -31.14 -48.64
C VAL LA 31 -88.27 -30.66 -49.52
N LYS LA 32 -87.04 -30.84 -49.05
CA LYS LA 32 -85.84 -30.36 -49.74
C LYS LA 32 -85.09 -31.54 -50.34
N PHE LA 33 -84.77 -31.45 -51.62
CA PHE LA 33 -83.97 -32.44 -52.31
C PHE LA 33 -82.60 -31.83 -52.55
N LYS LA 34 -81.58 -32.39 -51.90
CA LYS LA 34 -80.22 -31.86 -51.98
C LYS LA 34 -79.34 -32.88 -52.67
N VAL LA 35 -78.88 -32.56 -53.88
CA VAL LA 35 -77.98 -33.43 -54.62
C VAL LA 35 -76.56 -32.87 -54.51
N ARG LA 36 -75.61 -33.73 -54.19
CA ARG LA 36 -74.23 -33.34 -53.91
C ARG LA 36 -73.42 -33.52 -55.18
N CYS LA 37 -73.18 -32.42 -55.89
CA CYS LA 37 -72.36 -32.44 -57.08
C CYS LA 37 -70.92 -32.11 -56.69
N SER LA 38 -70.05 -31.94 -57.69
CA SER LA 38 -68.64 -31.76 -57.41
C SER LA 38 -68.38 -30.40 -56.76
N ARG LA 39 -68.97 -29.35 -57.30
CA ARG LA 39 -68.73 -28.01 -56.79
C ARG LA 39 -69.81 -27.51 -55.84
N TYR LA 40 -71.08 -27.75 -56.15
CA TYR LA 40 -72.17 -27.19 -55.38
C TYR LA 40 -73.10 -28.26 -54.85
N LEU LA 41 -73.80 -27.91 -53.78
CA LEU LA 41 -74.91 -28.69 -53.25
C LEU LA 41 -76.21 -28.06 -53.74
N TYR LA 42 -76.87 -28.71 -54.69
CA TYR LA 42 -78.06 -28.17 -55.32
C TYR LA 42 -79.29 -28.57 -54.51
N THR LA 43 -80.03 -27.58 -54.04
CA THR LA 43 -81.21 -27.82 -53.23
C THR LA 43 -82.47 -27.42 -53.99
N LEU LA 44 -83.41 -28.33 -54.08
CA LEU LA 44 -84.72 -28.08 -54.67
C LEU LA 44 -85.77 -28.16 -53.56
N VAL LA 45 -86.57 -27.10 -53.43
CA VAL LA 45 -87.55 -27.00 -52.36
C VAL LA 45 -88.92 -27.27 -52.94
N ILE LA 46 -89.61 -28.27 -52.42
CA ILE LA 46 -90.95 -28.64 -52.85
C ILE LA 46 -91.91 -28.31 -51.72
N THR LA 47 -92.88 -27.43 -52.01
CA THR LA 47 -93.81 -27.00 -50.97
C THR LA 47 -94.76 -28.12 -50.57
N ASP LA 48 -95.40 -28.78 -51.53
CA ASP LA 48 -96.40 -29.79 -51.22
C ASP LA 48 -95.73 -31.15 -51.06
N LYS LA 49 -96.54 -32.20 -50.93
CA LYS LA 49 -96.03 -33.53 -50.64
C LYS LA 49 -96.24 -34.53 -51.76
N GLU LA 50 -97.32 -34.39 -52.53
CA GLU LA 50 -97.54 -35.32 -53.64
C GLU LA 50 -96.49 -35.17 -54.71
N LYS LA 51 -96.07 -33.93 -55.00
CA LYS LA 51 -94.99 -33.71 -55.95
C LYS LA 51 -93.67 -34.20 -55.40
N ALA LA 52 -93.47 -34.04 -54.09
CA ALA LA 52 -92.26 -34.57 -53.46
C ALA LA 52 -92.21 -36.08 -53.54
N GLU LA 53 -93.34 -36.75 -53.28
CA GLU LA 53 -93.38 -38.20 -53.39
C GLU LA 53 -93.17 -38.64 -54.84
N LYS LA 54 -93.79 -37.93 -55.78
CA LYS LA 54 -93.60 -38.24 -57.20
C LYS LA 54 -92.14 -38.12 -57.59
N LEU LA 55 -91.47 -37.07 -57.11
CA LEU LA 55 -90.07 -36.88 -57.44
C LEU LA 55 -89.21 -37.99 -56.84
N LYS LA 56 -89.63 -38.54 -55.70
CA LYS LA 56 -88.86 -39.58 -55.04
C LYS LA 56 -88.72 -40.81 -55.91
N GLN LA 57 -89.81 -41.23 -56.56
CA GLN LA 57 -89.74 -42.41 -57.41
C GLN LA 57 -89.17 -42.13 -58.78
N SER LA 58 -89.06 -40.87 -59.18
CA SER LA 58 -88.54 -40.51 -60.49
C SER LA 58 -87.04 -40.26 -60.49
N LEU LA 59 -86.39 -40.43 -59.34
CA LEU LA 59 -84.96 -40.20 -59.25
C LEU LA 59 -84.19 -41.22 -60.07
N PRO LA 60 -83.04 -40.84 -60.63
CA PRO LA 60 -82.27 -41.79 -61.43
C PRO LA 60 -81.75 -42.92 -60.56
N PRO LA 61 -81.65 -44.13 -61.10
CA PRO LA 61 -81.14 -45.26 -60.33
C PRO LA 61 -79.64 -45.17 -60.14
N GLY LA 62 -79.14 -45.99 -59.21
CA GLY LA 62 -77.72 -46.03 -58.95
C GLY LA 62 -77.18 -44.83 -58.22
N LEU LA 63 -78.04 -44.03 -57.61
CA LEU LA 63 -77.64 -42.84 -56.87
C LEU LA 63 -78.15 -42.98 -55.44
N ALA LA 64 -77.34 -42.56 -54.48
CA ALA LA 64 -77.72 -42.71 -53.09
C ALA LA 64 -78.88 -41.78 -52.75
N VAL LA 65 -79.91 -42.33 -52.12
CA VAL LA 65 -81.18 -41.63 -51.89
C VAL LA 65 -81.35 -41.49 -50.38
N LYS LA 66 -80.24 -41.23 -49.68
CA LYS LA 66 -80.25 -41.06 -48.23
C LYS LA 66 -81.36 -40.14 -47.76
N GLU LA 67 -82.15 -40.63 -46.81
CA GLU LA 67 -83.22 -39.88 -46.17
C GLU LA 67 -82.71 -39.37 -44.83
N LEU LA 68 -82.96 -38.09 -44.55
CA LEU LA 68 -82.40 -37.44 -43.38
C LEU LA 68 -83.26 -37.59 -42.14
N LYS LA 69 -84.34 -38.36 -42.20
CA LYS LA 69 -85.13 -38.65 -41.02
C LYS LA 69 -85.03 -40.13 -40.65
N SER MA 1 -39.39 -17.18 -29.40
CA SER MA 1 -40.75 -16.79 -29.75
C SER MA 1 -41.44 -17.93 -30.44
N SER MA 2 -42.71 -17.72 -30.80
CA SER MA 2 -43.43 -18.72 -31.58
C SER MA 2 -42.95 -18.72 -33.02
N HIS MA 3 -42.71 -17.54 -33.59
CA HIS MA 3 -42.08 -17.42 -34.90
C HIS MA 3 -40.60 -17.69 -34.76
N LYS MA 4 -40.13 -18.76 -35.39
CA LYS MA 4 -38.71 -19.09 -35.32
C LYS MA 4 -38.27 -19.66 -36.66
N THR MA 5 -36.98 -19.56 -36.92
CA THR MA 5 -36.40 -20.12 -38.12
C THR MA 5 -36.05 -21.60 -37.89
N PHE MA 6 -35.85 -22.31 -38.99
CA PHE MA 6 -35.50 -23.72 -38.90
C PHE MA 6 -34.16 -23.92 -38.23
N ARG MA 7 -33.20 -23.03 -38.50
CA ARG MA 7 -31.89 -23.16 -37.88
C ARG MA 7 -31.95 -22.94 -36.38
N ILE MA 8 -32.78 -22.00 -35.93
CA ILE MA 8 -32.93 -21.79 -34.50
C ILE MA 8 -33.66 -22.96 -33.86
N LYS MA 9 -34.70 -23.47 -34.51
CA LYS MA 9 -35.44 -24.60 -33.97
C LYS MA 9 -34.57 -25.84 -33.87
N ARG MA 10 -33.72 -26.07 -34.87
CA ARG MA 10 -32.79 -27.19 -34.81
C ARG MA 10 -31.79 -27.00 -33.68
N PHE MA 11 -31.32 -25.77 -33.48
CA PHE MA 11 -30.40 -25.50 -32.39
C PHE MA 11 -31.04 -25.81 -31.04
N LEU MA 12 -32.28 -25.39 -30.85
CA LEU MA 12 -32.97 -25.64 -29.59
C LEU MA 12 -33.27 -27.11 -29.40
N ALA MA 13 -33.44 -27.86 -30.49
CA ALA MA 13 -33.71 -29.28 -30.39
C ALA MA 13 -32.53 -30.04 -29.80
N LYS MA 14 -31.31 -29.68 -30.23
CA LYS MA 14 -30.13 -30.33 -29.70
C LYS MA 14 -29.94 -30.03 -28.21
N LYS MA 15 -30.24 -28.81 -27.81
CA LYS MA 15 -30.08 -28.42 -26.41
C LYS MA 15 -31.03 -29.19 -25.51
N GLN MA 16 -32.26 -29.45 -25.98
CA GLN MA 16 -33.19 -30.27 -25.23
C GLN MA 16 -32.67 -31.68 -25.06
N LYS MA 17 -32.11 -32.25 -26.13
CA LYS MA 17 -31.76 -33.67 -26.14
C LYS MA 17 -30.58 -33.97 -25.24
N GLN MA 18 -29.63 -33.05 -25.14
CA GLN MA 18 -28.45 -33.27 -24.33
C GLN MA 18 -28.60 -32.76 -22.91
N ASN MA 19 -29.77 -32.25 -22.55
CA ASN MA 19 -30.04 -31.82 -21.17
C ASN MA 19 -30.85 -32.91 -20.48
N ARG MA 20 -30.16 -33.97 -20.12
CA ARG MA 20 -30.78 -35.13 -19.47
C ARG MA 20 -29.80 -35.73 -18.49
N PRO MA 21 -30.28 -36.53 -17.54
CA PRO MA 21 -29.35 -37.20 -16.62
C PRO MA 21 -28.50 -38.23 -17.32
N ILE MA 22 -27.38 -38.58 -16.69
CA ILE MA 22 -26.56 -39.67 -17.16
C ILE MA 22 -27.30 -40.97 -16.89
N PRO MA 23 -27.12 -42.00 -17.71
CA PRO MA 23 -27.72 -43.30 -17.42
C PRO MA 23 -27.11 -43.92 -16.17
N GLN MA 24 -27.92 -44.71 -15.47
CA GLN MA 24 -27.50 -45.27 -14.19
C GLN MA 24 -26.37 -46.27 -14.35
N TRP MA 25 -26.29 -46.94 -15.50
CA TRP MA 25 -25.28 -47.96 -15.71
C TRP MA 25 -23.91 -47.39 -16.03
N ILE MA 26 -23.82 -46.08 -16.27
CA ILE MA 26 -22.52 -45.45 -16.49
C ILE MA 26 -21.66 -45.57 -15.25
N ARG MA 27 -22.26 -45.37 -14.08
CA ARG MA 27 -21.50 -45.41 -12.83
C ARG MA 27 -20.94 -46.78 -12.51
N MET MA 28 -21.45 -47.83 -13.15
CA MET MA 28 -20.94 -49.18 -12.91
C MET MA 28 -19.79 -49.56 -13.83
N LYS MA 29 -19.44 -48.70 -14.78
CA LYS MA 29 -18.36 -49.01 -15.70
C LYS MA 29 -17.01 -49.00 -14.98
N THR MA 30 -16.04 -49.67 -15.58
CA THR MA 30 -14.72 -49.78 -14.97
C THR MA 30 -13.98 -48.45 -15.10
N GLY MA 31 -13.60 -47.88 -13.95
CA GLY MA 31 -12.88 -46.62 -13.93
C GLY MA 31 -13.70 -45.46 -14.44
N ASN MA 32 -14.93 -45.30 -13.94
CA ASN MA 32 -15.86 -44.33 -14.48
C ASN MA 32 -15.43 -42.90 -14.20
N LYS MA 33 -15.35 -42.52 -12.93
CA LYS MA 33 -15.03 -41.18 -12.45
C LYS MA 33 -16.06 -40.13 -12.82
N ILE MA 34 -17.26 -40.53 -13.22
CA ILE MA 34 -18.35 -39.60 -13.52
C ILE MA 34 -19.46 -39.83 -12.51
N ARG MA 35 -19.86 -38.76 -11.83
CA ARG MA 35 -20.91 -38.84 -10.82
C ARG MA 35 -22.27 -38.39 -11.34
N TYR MA 36 -22.30 -37.31 -12.12
CA TYR MA 36 -23.54 -36.73 -12.59
C TYR MA 36 -23.24 -35.90 -13.84
N ASN MA 37 -24.28 -35.58 -14.58
CA ASN MA 37 -24.14 -34.70 -15.73
C ASN MA 37 -23.89 -33.28 -15.22
N SER MA 38 -22.66 -32.83 -15.31
CA SER MA 38 -22.31 -31.50 -14.83
C SER MA 38 -22.68 -30.40 -15.81
N LYS MA 39 -23.12 -30.75 -17.01
CA LYS MA 39 -23.53 -29.78 -18.02
C LYS MA 39 -25.03 -29.62 -18.08
N ARG MA 40 -25.75 -29.97 -17.02
CA ARG MA 40 -27.19 -29.79 -16.98
C ARG MA 40 -27.52 -28.30 -17.00
N ARG MA 41 -28.56 -27.95 -17.75
CA ARG MA 41 -28.98 -26.58 -17.90
C ARG MA 41 -30.44 -26.45 -17.55
N HIS MA 42 -30.77 -25.45 -16.74
CA HIS MA 42 -32.16 -25.12 -16.44
C HIS MA 42 -32.54 -23.84 -17.15
N TRP MA 43 -33.75 -23.83 -17.71
CA TRP MA 43 -34.19 -22.73 -18.55
C TRP MA 43 -34.23 -21.40 -17.80
N ARG MA 44 -34.46 -21.43 -16.50
CA ARG MA 44 -34.59 -20.20 -15.73
C ARG MA 44 -33.28 -19.75 -15.10
N ARG MA 45 -32.39 -20.68 -14.78
CA ARG MA 45 -31.14 -20.33 -14.10
C ARG MA 45 -30.14 -19.70 -15.06
N THR MA 46 -29.75 -20.44 -16.08
CA THR MA 46 -28.83 -19.94 -17.09
C THR MA 46 -29.50 -19.96 -18.46
N LYS MA 47 -29.21 -18.96 -19.27
CA LYS MA 47 -29.83 -18.78 -20.57
C LYS MA 47 -28.92 -19.32 -21.66
N LEU MA 48 -29.53 -19.66 -22.79
CA LEU MA 48 -28.78 -20.19 -23.90
C LEU MA 48 -27.98 -19.10 -24.60
N GLY MA 49 -27.05 -19.52 -25.46
CA GLY MA 49 -26.16 -18.57 -26.09
C GLY MA 49 -26.86 -17.59 -26.99
N LEU MA 50 -27.80 -18.07 -27.79
CA LEU MA 50 -28.48 -17.22 -28.76
C LEU MA 50 -29.30 -16.16 -28.03
N ILE NA 1 -37.73 65.15 68.03
CA ILE NA 1 -36.43 65.76 68.27
C ILE NA 1 -35.67 64.98 69.32
N ILE NA 2 -34.35 65.07 69.27
CA ILE NA 2 -33.48 64.40 70.23
C ILE NA 2 -32.64 65.46 70.93
N GLU NA 3 -32.67 65.47 72.25
CA GLU NA 3 -31.88 66.43 73.00
C GLU NA 3 -30.40 66.11 72.85
N PRO NA 4 -29.52 67.12 72.89
CA PRO NA 4 -28.15 66.93 72.39
C PRO NA 4 -27.34 65.84 73.08
N SER NA 5 -27.51 65.62 74.39
CA SER NA 5 -26.72 64.59 75.04
C SER NA 5 -27.14 63.20 74.60
N LEU NA 6 -28.44 62.99 74.38
CA LEU NA 6 -28.89 61.71 73.83
C LEU NA 6 -28.45 61.54 72.38
N ARG NA 7 -28.35 62.64 71.64
CA ARG NA 7 -27.83 62.57 70.27
C ARG NA 7 -26.37 62.15 70.27
N GLN NA 8 -25.58 62.66 71.22
CA GLN NA 8 -24.18 62.30 71.31
C GLN NA 8 -24.01 60.84 71.64
N LEU NA 9 -24.85 60.30 72.52
CA LEU NA 9 -24.79 58.89 72.85
C LEU NA 9 -25.11 58.03 71.64
N ALA NA 10 -26.12 58.42 70.86
CA ALA NA 10 -26.45 57.71 69.64
C ALA NA 10 -25.34 57.83 68.60
N GLN NA 11 -24.74 59.02 68.50
CA GLN NA 11 -23.68 59.22 67.53
C GLN NA 11 -22.39 58.49 67.90
N LYS NA 12 -22.21 58.14 69.17
CA LYS NA 12 -21.01 57.42 69.57
C LYS NA 12 -20.98 56.04 68.92
N TYR NA 13 -22.13 55.40 68.76
CA TYR NA 13 -22.20 54.08 68.18
C TYR NA 13 -22.46 54.09 66.69
N ASN NA 14 -22.92 55.21 66.14
CA ASN NA 14 -23.34 55.27 64.75
C ASN NA 14 -22.46 56.13 63.87
N CYS NA 15 -21.84 57.18 64.41
CA CYS NA 15 -21.19 58.18 63.56
C CYS NA 15 -19.71 58.34 63.87
N ASP NA 16 -19.34 58.35 65.15
CA ASP NA 16 -17.97 58.64 65.55
C ASP NA 16 -17.11 57.40 65.37
N LYS NA 17 -16.75 57.12 64.12
CA LYS NA 17 -16.05 55.89 63.78
C LYS NA 17 -15.16 56.14 62.58
N MET NA 18 -14.22 55.21 62.38
CA MET NA 18 -13.31 55.23 61.25
C MET NA 18 -13.78 54.22 60.20
N ILE NA 19 -13.50 54.51 58.95
CA ILE NA 19 -13.83 53.62 57.84
C ILE NA 19 -12.55 53.24 57.13
N CYS NA 20 -12.34 51.94 56.92
CA CYS NA 20 -11.23 51.48 56.12
C CYS NA 20 -11.46 51.85 54.66
N ARG NA 21 -10.44 52.40 54.02
CA ARG NA 21 -10.59 52.78 52.62
C ARG NA 21 -10.64 51.59 51.70
N LYS NA 22 -10.07 50.45 52.10
CA LYS NA 22 -10.00 49.31 51.22
C LYS NA 22 -11.20 48.38 51.33
N CYS NA 23 -11.71 48.16 52.54
CA CYS NA 23 -12.78 47.19 52.73
C CYS NA 23 -13.98 47.76 53.49
N TYR NA 24 -14.02 49.07 53.71
CA TYR NA 24 -15.18 49.78 54.24
C TYR NA 24 -15.56 49.34 55.65
N ALA NA 25 -14.65 48.71 56.38
CA ALA NA 25 -14.96 48.21 57.71
C ALA NA 25 -15.17 49.36 58.67
N ARG NA 26 -16.14 49.18 59.58
CA ARG NA 26 -16.48 50.17 60.58
C ARG NA 26 -15.60 49.94 61.80
N LEU NA 27 -14.67 50.86 62.04
CA LEU NA 27 -13.67 50.71 63.09
C LEU NA 27 -13.87 51.77 64.16
N HIS NA 28 -13.30 51.49 65.34
CA HIS NA 28 -13.39 52.42 66.44
C HIS NA 28 -12.64 53.72 66.12
N PRO NA 29 -13.02 54.84 66.73
CA PRO NA 29 -12.48 56.13 66.29
C PRO NA 29 -10.97 56.29 66.46
N ARG NA 30 -10.34 55.52 67.33
CA ARG NA 30 -8.90 55.61 67.55
C ARG NA 30 -8.13 54.56 66.77
N ALA NA 31 -8.76 53.94 65.77
CA ALA NA 31 -8.11 52.89 65.01
C ALA NA 31 -6.99 53.45 64.15
N VAL NA 32 -5.93 52.66 64.00
CA VAL NA 32 -4.80 53.02 63.17
C VAL NA 32 -4.73 52.03 62.01
N ASN NA 33 -5.06 50.78 62.29
CA ASN NA 33 -5.08 49.71 61.31
C ASN NA 33 -6.45 49.06 61.28
N CYS NA 34 -6.85 48.59 60.12
CA CYS NA 34 -8.09 47.84 60.01
C CYS NA 34 -7.92 46.46 60.66
N ARG NA 35 -9.00 45.97 61.24
CA ARG NA 35 -8.96 44.73 61.98
C ARG NA 35 -9.23 43.50 61.12
N LYS NA 36 -9.40 43.68 59.81
CA LYS NA 36 -9.88 42.61 58.95
C LYS NA 36 -8.77 42.14 58.01
N LYS NA 37 -8.65 40.82 57.87
CA LYS NA 37 -7.55 40.26 57.10
C LYS NA 37 -7.72 40.50 55.61
N LYS NA 38 -8.95 40.63 55.12
CA LYS NA 38 -9.18 40.67 53.69
C LYS NA 38 -8.63 41.93 53.04
N CYS NA 39 -8.38 42.98 53.81
CA CYS NA 39 -7.67 44.15 53.32
C CYS NA 39 -6.21 44.14 53.73
N GLY NA 40 -5.76 43.13 54.46
CA GLY NA 40 -4.38 43.06 54.88
C GLY NA 40 -4.03 43.93 56.06
N HIS NA 41 -5.01 44.22 56.92
CA HIS NA 41 -4.81 45.09 58.09
C HIS NA 41 -4.24 46.44 57.68
N THR NA 42 -4.77 47.01 56.61
CA THR NA 42 -4.23 48.25 56.08
C THR NA 42 -4.44 49.40 57.05
N ASN NA 43 -3.55 50.38 56.95
CA ASN NA 43 -3.63 51.59 57.76
C ASN NA 43 -4.13 52.78 56.96
N ASN NA 44 -4.76 52.52 55.82
CA ASN NA 44 -5.40 53.56 55.01
C ASN NA 44 -6.83 53.72 55.52
N LEU NA 45 -7.00 54.60 56.51
CA LEU NA 45 -8.28 54.81 57.15
C LEU NA 45 -8.73 56.25 56.95
N ARG NA 46 -10.04 56.44 56.92
CA ARG NA 46 -10.65 57.76 56.82
C ARG NA 46 -11.75 57.84 57.87
N PRO NA 47 -12.10 59.05 58.31
CA PRO NA 47 -13.25 59.19 59.20
C PRO NA 47 -14.55 58.85 58.48
N LYS NA 48 -15.53 58.41 59.26
CA LYS NA 48 -16.88 58.27 58.72
C LYS NA 48 -17.46 59.65 58.46
N LYS NA 49 -18.02 59.83 57.27
CA LYS NA 49 -18.46 61.15 56.85
C LYS NA 49 -19.69 61.58 57.65
N LYS NA 50 -19.71 62.86 58.02
CA LYS NA 50 -20.78 63.41 58.83
C LYS NA 50 -21.92 63.90 57.97
N VAL NA 51 -23.09 64.03 58.57
CA VAL NA 51 -24.27 64.55 57.87
C VAL NA 51 -24.26 66.06 57.74
N LYS NA 52 -23.30 66.74 58.36
CA LYS NA 52 -23.19 68.18 58.23
C LYS NA 52 -22.83 68.59 56.81
N VAL OA 1 36.03 53.35 -23.28
CA VAL OA 1 37.46 53.52 -23.12
C VAL OA 1 38.05 54.06 -24.41
N ASN OA 2 39.28 54.53 -24.33
CA ASN OA 2 40.01 55.06 -25.47
C ASN OA 2 41.36 54.38 -25.56
N VAL OA 3 41.72 53.89 -26.74
CA VAL OA 3 43.04 53.32 -26.96
C VAL OA 3 43.61 53.92 -28.25
N PRO OA 4 44.90 54.20 -28.31
CA PRO OA 4 45.47 54.77 -29.53
C PRO OA 4 45.50 53.76 -30.66
N LYS OA 5 45.50 54.30 -31.88
CA LYS OA 5 45.50 53.46 -33.08
C LYS OA 5 46.83 52.77 -33.33
N THR OA 6 47.87 53.11 -32.58
CA THR OA 6 49.17 52.47 -32.73
C THR OA 6 49.80 52.26 -31.36
N ARG OA 7 50.51 51.16 -31.21
CA ARG OA 7 51.24 50.91 -29.98
C ARG OA 7 52.49 50.10 -30.30
N ARG OA 8 53.50 50.24 -29.45
CA ARG OA 8 54.75 49.51 -29.58
C ARG OA 8 54.73 48.38 -28.56
N THR OA 9 54.44 47.17 -29.03
CA THR OA 9 54.37 46.01 -28.15
C THR OA 9 55.11 44.86 -28.79
N PHE OA 10 55.17 43.74 -28.06
CA PHE OA 10 55.96 42.59 -28.50
C PHE OA 10 55.37 41.96 -29.74
N CYS OA 11 56.23 41.59 -30.68
CA CYS OA 11 55.84 40.84 -31.86
C CYS OA 11 56.46 39.46 -31.77
N LYS OA 12 55.63 38.42 -31.81
CA LYS OA 12 56.13 37.06 -31.64
C LYS OA 12 56.97 36.62 -32.84
N LYS OA 13 56.59 37.03 -34.04
CA LYS OA 13 57.35 36.63 -35.23
C LYS OA 13 58.68 37.37 -35.29
N CYS OA 14 58.68 38.67 -35.04
CA CYS OA 14 59.93 39.41 -34.97
C CYS OA 14 60.73 39.01 -33.75
N GLY OA 15 60.06 38.64 -32.66
CA GLY OA 15 60.73 38.30 -31.42
C GLY OA 15 61.15 39.50 -30.61
N LYS OA 16 60.65 40.69 -30.91
CA LYS OA 16 61.08 41.93 -30.29
C LYS OA 16 59.91 42.90 -30.31
N HIS OA 17 60.06 44.00 -29.58
CA HIS OA 17 59.02 45.01 -29.54
C HIS OA 17 58.99 45.77 -30.85
N GLN OA 18 57.81 45.89 -31.43
CA GLN OA 18 57.64 46.53 -32.73
C GLN OA 18 56.39 47.39 -32.71
N PRO OA 19 56.34 48.45 -33.51
CA PRO OA 19 55.10 49.20 -33.64
C PRO OA 19 54.01 48.37 -34.28
N HIS OA 20 52.79 48.54 -33.78
CA HIS OA 20 51.64 47.76 -34.23
C HIS OA 20 50.51 48.72 -34.55
N LYS OA 21 49.76 48.42 -35.60
CA LYS OA 21 48.52 49.13 -35.87
C LYS OA 21 47.36 48.42 -35.18
N VAL OA 22 46.54 49.18 -34.48
CA VAL OA 22 45.48 48.64 -33.64
C VAL OA 22 44.14 48.93 -34.30
N THR OA 23 43.38 47.87 -34.56
CA THR OA 23 42.00 47.96 -35.03
C THR OA 23 41.15 47.07 -34.14
N GLN OA 24 39.83 47.21 -34.28
CA GLN OA 24 38.89 46.41 -33.50
C GLN OA 24 38.50 45.17 -34.29
N TYR OA 25 38.53 44.02 -33.63
CA TYR OA 25 38.22 42.76 -34.27
C TYR OA 25 36.72 42.58 -34.36
N LYS OA 26 36.24 42.15 -35.52
CA LYS OA 26 34.84 41.80 -35.73
C LYS OA 26 34.74 40.35 -36.17
N LYS OA 27 33.75 39.65 -35.63
CA LYS OA 27 33.53 38.25 -35.99
C LYS OA 27 33.22 38.14 -37.47
N GLY OA 28 33.88 37.20 -38.14
CA GLY OA 28 33.68 37.00 -39.55
C GLY OA 28 32.37 36.30 -39.86
N LYS OA 29 32.07 36.23 -41.15
CA LYS OA 29 30.86 35.56 -41.60
C LYS OA 29 31.02 34.04 -41.48
N ASP OA 30 29.94 33.37 -41.11
CA ASP OA 30 29.96 31.92 -40.97
C ASP OA 30 30.19 31.24 -42.32
N SER OA 31 30.90 30.11 -42.27
CA SER OA 31 31.39 29.50 -43.50
C SER OA 31 30.31 28.80 -44.30
N LEU OA 32 29.31 28.23 -43.62
CA LEU OA 32 28.25 27.39 -44.21
C LEU OA 32 28.81 26.03 -44.61
N TYR OA 33 30.13 25.87 -44.53
CA TYR OA 33 30.79 24.60 -44.78
C TYR OA 33 31.66 24.19 -43.61
N ALA OA 34 31.54 24.85 -42.47
CA ALA OA 34 32.13 24.37 -41.25
C ALA OA 34 31.45 23.07 -40.82
N GLN OA 35 32.22 22.19 -40.19
CA GLN OA 35 31.72 20.85 -39.90
C GLN OA 35 30.51 20.88 -38.98
N GLY OA 36 30.50 21.78 -38.00
CA GLY OA 36 29.35 21.90 -37.13
C GLY OA 36 28.15 22.49 -37.84
N LYS OA 37 28.40 23.35 -38.83
CA LYS OA 37 27.30 23.87 -39.64
C LYS OA 37 26.77 22.80 -40.58
N ARG OA 38 27.67 21.99 -41.16
CA ARG OA 38 27.23 20.89 -42.00
C ARG OA 38 26.44 19.87 -41.19
N ARG OA 39 26.89 19.58 -39.96
CA ARG OA 39 26.15 18.66 -39.10
C ARG OA 39 24.80 19.24 -38.71
N TYR OA 40 24.75 20.54 -38.43
CA TYR OA 40 23.51 21.17 -38.02
C TYR OA 40 22.49 21.18 -39.16
N ASP OA 41 22.92 21.48 -40.37
CA ASP OA 41 22.00 21.52 -41.50
C ASP OA 41 21.43 20.15 -41.82
N ARG OA 42 22.26 19.11 -41.72
CA ARG OA 42 21.77 17.76 -41.89
C ARG OA 42 20.77 17.39 -40.80
N LYS OA 43 21.06 17.79 -39.56
CA LYS OA 43 20.17 17.48 -38.45
C LYS OA 43 18.83 18.19 -38.60
N GLN OA 44 18.83 19.42 -39.10
CA GLN OA 44 17.62 20.21 -39.17
C GLN OA 44 16.71 19.81 -40.32
N SER OA 45 17.25 19.20 -41.36
CA SER OA 45 16.45 18.84 -42.52
C SER OA 45 15.49 17.71 -42.17
N GLY OA 46 14.31 17.74 -42.79
CA GLY OA 46 13.32 16.72 -42.54
C GLY OA 46 12.30 17.14 -41.51
N TYR OA 47 11.77 16.17 -40.77
CA TYR OA 47 10.79 16.44 -39.74
C TYR OA 47 11.40 16.29 -38.35
N GLY OA 48 10.86 17.04 -37.40
CA GLY OA 48 11.36 17.01 -36.05
C GLY OA 48 11.45 18.38 -35.45
N GLY OA 49 11.43 19.41 -36.30
CA GLY OA 49 11.47 20.76 -35.80
C GLY OA 49 12.89 21.19 -35.44
N GLN OA 50 12.97 22.12 -34.49
CA GLN OA 50 14.25 22.60 -34.00
C GLN OA 50 14.93 21.49 -33.22
N THR OA 51 16.18 21.22 -33.54
CA THR OA 51 16.90 20.10 -32.96
C THR OA 51 18.02 20.52 -32.02
N LYS OA 52 18.32 21.81 -31.93
CA LYS OA 52 19.35 22.32 -31.05
C LYS OA 52 18.79 23.48 -30.24
N PRO OA 53 19.33 23.76 -29.07
CA PRO OA 53 18.79 24.84 -28.24
C PRO OA 53 18.98 26.21 -28.87
N ILE OA 54 18.05 27.11 -28.55
CA ILE OA 54 18.13 28.51 -28.96
C ILE OA 54 18.14 29.35 -27.68
N PHE OA 55 19.23 30.07 -27.45
CA PHE OA 55 19.56 30.62 -26.14
C PHE OA 55 18.49 31.52 -25.52
N ARG OA 56 18.24 32.68 -26.13
CA ARG OA 56 17.17 33.62 -25.76
C ARG OA 56 17.06 33.90 -24.25
N LYS OA 57 18.20 33.90 -23.55
CA LYS OA 57 18.21 34.32 -22.15
C LYS OA 57 19.39 35.25 -21.89
N LYS OA 58 19.55 36.24 -22.77
CA LYS OA 58 20.69 37.14 -22.70
C LYS OA 58 20.70 37.91 -21.39
N ALA OA 59 21.87 37.98 -20.77
CA ALA OA 59 22.06 38.72 -19.53
C ALA OA 59 23.18 39.74 -19.62
N LYS OA 60 24.25 39.45 -20.36
CA LYS OA 60 25.32 40.41 -20.54
C LYS OA 60 24.85 41.58 -21.38
N THR OA 61 25.38 42.75 -21.09
CA THR OA 61 25.09 43.95 -21.84
C THR OA 61 26.29 44.46 -22.63
N THR OA 62 27.47 43.92 -22.39
CA THR OA 62 28.68 44.32 -23.08
C THR OA 62 29.38 43.09 -23.63
N LYS OA 63 30.46 43.34 -24.37
CA LYS OA 63 31.36 42.29 -24.83
C LYS OA 63 32.78 42.68 -24.46
N LYS OA 64 33.65 41.68 -24.38
CA LYS OA 64 35.08 41.96 -24.24
C LYS OA 64 35.60 42.45 -25.58
N ILE OA 65 36.16 43.66 -25.60
CA ILE OA 65 36.69 44.22 -26.83
C ILE OA 65 37.97 43.52 -27.19
N VAL OA 66 38.09 43.10 -28.45
CA VAL OA 66 39.28 42.42 -28.95
C VAL OA 66 40.00 43.35 -29.89
N LEU OA 67 41.28 43.60 -29.61
CA LEU OA 67 42.10 44.46 -30.43
C LEU OA 67 42.91 43.60 -31.40
N ARG OA 68 42.89 43.97 -32.66
CA ARG OA 68 43.65 43.30 -33.70
C ARG OA 68 44.93 44.08 -33.94
N LEU OA 69 46.04 43.59 -33.41
CA LEU OA 69 47.34 44.21 -33.61
C LEU OA 69 47.96 43.67 -34.88
N GLU OA 70 48.58 44.56 -35.66
CA GLU OA 70 49.28 44.16 -36.86
C GLU OA 70 50.66 44.79 -36.86
N CYS OA 71 51.70 43.96 -36.90
CA CYS OA 71 53.06 44.46 -36.91
C CYS OA 71 53.31 45.26 -38.18
N VAL OA 72 53.85 46.47 -38.02
CA VAL OA 72 54.06 47.37 -39.16
C VAL OA 72 55.33 47.07 -39.92
N GLU OA 73 56.09 46.07 -39.51
CA GLU OA 73 57.27 45.66 -40.25
C GLU OA 73 56.85 45.17 -41.64
N PRO OA 74 57.43 45.67 -42.72
CA PRO OA 74 56.99 45.26 -44.06
C PRO OA 74 57.12 43.77 -44.32
N ASN OA 75 58.15 43.13 -43.80
CA ASN OA 75 58.34 41.70 -44.00
C ASN OA 75 57.62 40.85 -42.95
N CYS OA 76 57.09 41.48 -41.91
CA CYS OA 76 56.36 40.78 -40.84
C CYS OA 76 55.04 41.50 -40.62
N ARG OA 77 54.00 41.04 -41.29
CA ARG OA 77 52.66 41.58 -41.08
C ARG OA 77 51.86 40.71 -40.15
N SER OA 78 52.55 40.14 -39.15
CA SER OA 78 51.94 39.21 -38.22
C SER OA 78 50.85 39.89 -37.40
N LYS OA 79 49.79 39.15 -37.12
CA LYS OA 79 48.63 39.68 -36.42
C LYS OA 79 48.45 38.94 -35.11
N ARG OA 80 47.89 39.63 -34.12
CA ARG OA 80 47.66 39.07 -32.81
C ARG OA 80 46.36 39.66 -32.26
N MET OA 81 45.74 38.93 -31.35
CA MET OA 81 44.49 39.35 -30.72
C MET OA 81 44.74 39.63 -29.25
N LEU OA 82 44.45 40.85 -28.82
CA LEU OA 82 44.39 41.20 -27.40
C LEU OA 82 42.96 41.51 -27.01
N ALA OA 83 42.53 40.92 -25.90
CA ALA OA 83 41.25 41.24 -25.31
C ALA OA 83 41.45 42.19 -24.14
N ILE OA 84 40.62 43.20 -24.07
CA ILE OA 84 40.61 44.09 -22.91
C ILE OA 84 39.32 43.84 -22.16
N LYS OA 85 39.14 44.50 -21.01
CA LYS OA 85 38.00 44.21 -20.17
C LYS OA 85 36.71 44.67 -20.83
N ARG OA 86 35.59 44.26 -20.23
CA ARG OA 86 34.28 44.64 -20.73
C ARG OA 86 34.08 46.14 -20.60
N CYS OA 87 33.57 46.76 -21.66
CA CYS OA 87 33.26 48.18 -21.62
C CYS OA 87 32.04 48.44 -22.49
N LYS OA 88 31.28 49.46 -22.12
CA LYS OA 88 30.09 49.83 -22.86
C LYS OA 88 30.40 50.69 -24.08
N HIS OA 89 31.36 51.60 -23.95
CA HIS OA 89 31.72 52.51 -25.03
C HIS OA 89 33.21 52.36 -25.31
N PHE OA 90 33.54 52.10 -26.57
CA PHE OA 90 34.91 51.88 -27.00
C PHE OA 90 35.19 52.77 -28.20
N GLU OA 91 36.39 53.35 -28.24
CA GLU OA 91 36.81 54.15 -29.38
C GLU OA 91 38.29 53.96 -29.61
N LEU OA 92 38.70 54.16 -30.86
CA LEU OA 92 40.08 53.98 -31.29
C LEU OA 92 40.67 55.34 -31.64
N GLY OA 93 41.72 55.74 -30.92
CA GLY OA 93 42.41 56.97 -31.25
C GLY OA 93 41.56 58.22 -31.11
N GLY OA 94 40.74 58.29 -30.07
CA GLY OA 94 39.93 59.46 -29.83
C GLY OA 94 40.75 60.61 -29.27
N ASP OA 95 40.06 61.73 -29.08
CA ASP OA 95 40.71 62.94 -28.58
C ASP OA 95 41.20 62.70 -27.15
N LYS OA 96 42.50 62.84 -26.95
CA LYS OA 96 43.08 62.59 -25.64
C LYS OA 96 42.73 63.72 -24.67
N LYS OA 97 42.48 63.34 -23.42
CA LYS OA 97 42.00 64.27 -22.43
C LYS OA 97 43.11 65.22 -21.96
N ARG OA 98 42.69 66.40 -21.52
CA ARG OA 98 43.57 67.36 -20.87
C ARG OA 98 43.12 67.57 -19.43
N LYS OA 99 43.98 68.20 -18.64
CA LYS OA 99 43.74 68.35 -17.22
C LYS OA 99 43.32 69.76 -16.83
N GLY OA 100 44.11 70.77 -17.17
CA GLY OA 100 43.81 72.12 -16.74
C GLY OA 100 43.00 72.93 -17.73
N GLN OA 101 41.78 72.49 -18.02
CA GLN OA 101 40.93 73.15 -19.00
C GLN OA 101 39.56 73.45 -18.40
N VAL OA 102 38.84 74.33 -19.06
CA VAL OA 102 37.51 74.76 -18.62
C VAL OA 102 36.47 73.83 -19.21
N ILE OA 103 35.51 73.45 -18.38
CA ILE OA 103 34.38 72.65 -18.84
C ILE OA 103 33.36 73.58 -19.49
N GLN OA 104 32.69 73.08 -20.54
CA GLN OA 104 31.69 73.87 -21.23
C GLN OA 104 30.56 74.26 -20.27
N PHE OA 105 30.20 75.54 -20.29
CA PHE OA 105 29.26 76.08 -19.33
C PHE OA 105 27.81 75.94 -19.81
N ALA PA 1 -73.70 39.17 -34.21
CA ALA PA 1 -73.05 40.35 -33.65
C ALA PA 1 -71.56 40.32 -33.98
N LYS PA 2 -70.97 41.51 -34.13
CA LYS PA 2 -69.53 41.59 -34.34
C LYS PA 2 -68.81 41.11 -33.08
N ARG PA 3 -67.97 40.10 -33.23
CA ARG PA 3 -67.41 39.41 -32.09
C ARG PA 3 -66.11 40.01 -31.60
N THR PA 4 -65.30 40.55 -32.49
CA THR PA 4 -64.04 41.17 -32.13
C THR PA 4 -63.97 42.57 -32.73
N LYS PA 5 -63.27 43.46 -32.05
CA LYS PA 5 -63.15 44.83 -32.52
C LYS PA 5 -62.18 44.95 -33.68
N LYS PA 6 -60.97 44.42 -33.55
CA LYS PA 6 -59.97 44.62 -34.58
C LYS PA 6 -59.18 43.38 -34.99
N VAL PA 7 -59.09 42.33 -34.17
CA VAL PA 7 -58.22 41.22 -34.53
C VAL PA 7 -58.79 40.45 -35.72
N GLY PA 8 -60.08 40.23 -35.75
CA GLY PA 8 -60.67 39.51 -36.86
C GLY PA 8 -60.16 38.08 -36.92
N ILE PA 9 -59.58 37.71 -38.06
CA ILE PA 9 -59.19 36.32 -38.29
C ILE PA 9 -58.04 35.88 -37.40
N VAL PA 10 -57.24 36.81 -36.88
CA VAL PA 10 -56.08 36.42 -36.10
C VAL PA 10 -56.44 36.36 -34.63
N GLY PA 11 -57.74 36.32 -34.34
CA GLY PA 11 -58.17 36.04 -32.98
C GLY PA 11 -57.82 34.66 -32.51
N LYS PA 12 -57.54 33.74 -33.44
CA LYS PA 12 -57.12 32.40 -33.08
C LYS PA 12 -55.74 32.36 -32.44
N TYR PA 13 -54.95 33.41 -32.63
CA TYR PA 13 -53.60 33.46 -32.08
C TYR PA 13 -53.56 33.99 -30.66
N GLY PA 14 -54.70 34.41 -30.11
CA GLY PA 14 -54.74 34.83 -28.73
C GLY PA 14 -53.94 36.10 -28.50
N THR PA 15 -53.21 36.13 -27.40
CA THR PA 15 -52.36 37.24 -27.04
C THR PA 15 -50.93 37.07 -27.54
N ARG PA 16 -50.67 36.01 -28.29
CA ARG PA 16 -49.31 35.63 -28.63
C ARG PA 16 -48.78 36.37 -29.85
N TYR PA 17 -47.46 36.36 -29.98
CA TYR PA 17 -46.65 36.72 -31.13
C TYR PA 17 -46.52 38.22 -31.37
N GLY PA 18 -47.22 39.06 -30.63
CA GLY PA 18 -47.07 40.49 -30.83
C GLY PA 18 -48.13 41.08 -31.73
N ALA PA 19 -48.58 42.29 -31.39
CA ALA PA 19 -49.69 42.89 -32.11
C ALA PA 19 -49.32 43.20 -33.56
N SER PA 20 -48.11 43.68 -33.80
CA SER PA 20 -47.74 44.05 -35.16
C SER PA 20 -47.48 42.81 -36.01
N LEU PA 21 -47.01 41.73 -35.41
CA LEU PA 21 -46.85 40.50 -36.17
C LEU PA 21 -48.20 39.87 -36.49
N ARG PA 22 -49.15 39.97 -35.57
CA ARG PA 22 -50.50 39.48 -35.85
C ARG PA 22 -51.19 40.36 -36.89
N LYS PA 23 -50.98 41.67 -36.82
CA LYS PA 23 -51.54 42.56 -37.83
C LYS PA 23 -50.92 42.30 -39.19
N MET PA 24 -49.61 42.02 -39.22
CA MET PA 24 -48.94 41.73 -40.48
C MET PA 24 -49.49 40.46 -41.12
N VAL PA 25 -49.66 39.40 -40.32
CA VAL PA 25 -50.14 38.13 -40.84
C VAL PA 25 -51.64 38.15 -41.09
N LYS PA 26 -52.34 39.18 -40.62
CA LYS PA 26 -53.79 39.22 -40.78
C LYS PA 26 -54.18 39.40 -42.24
N LYS PA 27 -53.56 40.36 -42.93
CA LYS PA 27 -53.95 40.58 -44.33
C LYS PA 27 -53.49 39.45 -45.23
N ILE PA 28 -52.38 38.79 -44.88
CA ILE PA 28 -51.94 37.65 -45.66
C ILE PA 28 -52.87 36.47 -45.47
N GLU PA 29 -53.29 36.22 -44.23
CA GLU PA 29 -54.17 35.08 -43.96
C GLU PA 29 -55.55 35.29 -44.57
N ILE PA 30 -55.99 36.53 -44.68
CA ILE PA 30 -57.28 36.80 -45.32
C ILE PA 30 -57.21 36.48 -46.81
N SER PA 31 -56.14 36.95 -47.48
CA SER PA 31 -56.00 36.67 -48.90
C SER PA 31 -55.63 35.21 -49.15
N GLN PA 32 -54.92 34.58 -48.22
CA GLN PA 32 -54.55 33.18 -48.36
C GLN PA 32 -55.77 32.29 -48.40
N HIS PA 33 -56.77 32.59 -47.57
CA HIS PA 33 -57.95 31.74 -47.41
C HIS PA 33 -59.16 32.25 -48.18
N ALA PA 34 -59.02 33.34 -48.93
CA ALA PA 34 -60.13 33.87 -49.69
C ALA PA 34 -60.43 32.99 -50.90
N LYS PA 35 -61.65 33.08 -51.38
CA LYS PA 35 -62.06 32.42 -52.61
C LYS PA 35 -62.17 33.45 -53.72
N TYR PA 36 -61.44 33.24 -54.79
CA TYR PA 36 -61.39 34.19 -55.88
C TYR PA 36 -62.32 33.76 -56.99
N THR PA 37 -62.74 34.72 -57.79
CA THR PA 37 -63.54 34.41 -58.97
C THR PA 37 -62.64 33.80 -60.04
N CYS PA 38 -62.98 32.59 -60.47
CA CYS PA 38 -62.20 31.93 -61.50
C CYS PA 38 -62.36 32.66 -62.81
N SER PA 39 -61.25 32.95 -63.48
CA SER PA 39 -61.28 33.66 -64.75
C SER PA 39 -61.53 32.73 -65.93
N PHE PA 40 -61.72 31.44 -65.69
CA PHE PA 40 -61.99 30.46 -66.73
C PHE PA 40 -63.46 30.07 -66.78
N CYS PA 41 -64.06 29.82 -65.63
CA CYS PA 41 -65.46 29.42 -65.56
C CYS PA 41 -66.37 30.50 -65.02
N GLY PA 42 -65.83 31.53 -64.39
CA GLY PA 42 -66.62 32.62 -63.85
C GLY PA 42 -67.14 32.41 -62.46
N LYS PA 43 -66.89 31.26 -61.85
CA LYS PA 43 -67.38 30.99 -60.50
C LYS PA 43 -66.36 31.41 -59.46
N THR PA 44 -66.87 31.77 -58.28
CA THR PA 44 -66.02 32.19 -57.18
C THR PA 44 -65.62 30.98 -56.34
N LYS PA 45 -64.76 30.15 -56.94
CA LYS PA 45 -64.38 28.87 -56.35
C LYS PA 45 -62.89 28.61 -56.47
N MET PA 46 -62.11 29.58 -56.93
CA MET PA 46 -60.67 29.42 -57.07
C MET PA 46 -60.03 29.67 -55.71
N LYS PA 47 -59.56 28.61 -55.08
CA LYS PA 47 -59.00 28.69 -53.74
C LYS PA 47 -57.64 28.03 -53.71
N ARG PA 48 -56.82 28.44 -52.75
CA ARG PA 48 -55.47 27.94 -52.66
C ARG PA 48 -55.45 26.48 -52.23
N ARG PA 49 -54.68 25.67 -52.96
CA ARG PA 49 -54.46 24.28 -52.61
C ARG PA 49 -53.20 24.12 -51.78
N ALA PA 50 -52.05 24.55 -52.32
CA ALA PA 50 -50.81 24.65 -51.60
C ALA PA 50 -50.21 26.02 -51.89
N VAL PA 51 -49.01 26.27 -51.39
CA VAL PA 51 -48.38 27.56 -51.61
C VAL PA 51 -48.04 27.72 -53.08
N GLY PA 52 -48.59 28.75 -53.71
CA GLY PA 52 -48.38 29.00 -55.11
C GLY PA 52 -49.31 28.25 -56.05
N ILE PA 53 -50.15 27.36 -55.54
CA ILE PA 53 -51.04 26.55 -56.37
C ILE PA 53 -52.46 26.95 -56.07
N TRP PA 54 -53.18 27.37 -57.10
CA TRP PA 54 -54.57 27.79 -56.98
C TRP PA 54 -55.43 26.90 -57.86
N HIS PA 55 -56.48 26.33 -57.28
CA HIS PA 55 -57.31 25.35 -57.93
C HIS PA 55 -58.78 25.76 -57.88
N CYS PA 56 -59.49 25.55 -58.98
CA CYS PA 56 -60.91 25.83 -59.04
C CYS PA 56 -61.69 24.53 -58.88
N GLY PA 57 -62.72 24.56 -58.02
CA GLY PA 57 -63.50 23.37 -57.79
C GLY PA 57 -64.44 23.03 -58.93
N SER PA 58 -64.86 24.02 -59.71
CA SER PA 58 -65.86 23.76 -60.74
C SER PA 58 -65.22 23.20 -62.01
N CYS PA 59 -64.38 23.99 -62.67
CA CYS PA 59 -63.79 23.55 -63.92
C CYS PA 59 -62.53 22.73 -63.72
N MET PA 60 -62.13 22.52 -62.47
CA MET PA 60 -60.97 21.69 -62.12
C MET PA 60 -59.70 22.21 -62.79
N LYS PA 61 -59.62 23.52 -62.94
CA LYS PA 61 -58.46 24.18 -63.52
C LYS PA 61 -57.51 24.57 -62.40
N THR PA 62 -56.26 24.18 -62.53
CA THR PA 62 -55.22 24.51 -61.55
C THR PA 62 -54.30 25.56 -62.15
N VAL PA 63 -54.04 26.61 -61.39
CA VAL PA 63 -53.22 27.72 -61.84
C VAL PA 63 -52.05 27.91 -60.87
N ALA PA 64 -50.89 28.24 -61.43
CA ALA PA 64 -49.74 28.62 -60.62
C ALA PA 64 -49.80 30.12 -60.35
N GLY PA 65 -49.88 30.49 -59.08
CA GLY PA 65 -50.03 31.87 -58.69
C GLY PA 65 -49.05 32.24 -57.61
N GLY PA 66 -49.42 33.25 -56.84
CA GLY PA 66 -48.60 33.69 -55.73
C GLY PA 66 -48.75 32.83 -54.51
N ALA PA 67 -47.92 33.10 -53.51
CA ALA PA 67 -47.97 32.32 -52.28
C ALA PA 67 -49.25 32.55 -51.51
N TRP PA 68 -49.67 33.81 -51.37
CA TRP PA 68 -50.83 34.15 -50.56
C TRP PA 68 -51.96 34.77 -51.36
N THR PA 69 -51.69 35.34 -52.52
CA THR PA 69 -52.72 35.88 -53.39
C THR PA 69 -52.74 35.10 -54.68
N TYR PA 70 -53.86 35.18 -55.38
CA TYR PA 70 -54.02 34.41 -56.62
C TYR PA 70 -52.99 34.84 -57.66
N ASN PA 71 -52.74 36.13 -57.77
CA ASN PA 71 -51.65 36.63 -58.58
C ASN PA 71 -50.93 37.74 -57.84
N THR PA 72 -49.63 37.86 -58.09
CA THR PA 72 -48.80 38.88 -57.47
C THR PA 72 -48.71 40.09 -58.38
N THR PA 73 -48.53 41.27 -57.76
CA THR PA 73 -48.37 42.49 -58.55
C THR PA 73 -47.11 42.44 -59.39
N SER PA 74 -46.11 41.67 -58.95
CA SER PA 74 -44.92 41.48 -59.75
C SER PA 74 -45.24 40.79 -61.07
N ALA PA 75 -45.98 39.68 -61.02
CA ALA PA 75 -46.25 38.90 -62.21
C ALA PA 75 -47.19 39.61 -63.18
N VAL PA 76 -48.07 40.48 -62.65
CA VAL PA 76 -49.03 41.16 -63.52
C VAL PA 76 -48.32 42.17 -64.40
N THR PA 77 -47.37 42.92 -63.83
CA THR PA 77 -46.59 43.87 -64.64
C THR PA 77 -45.71 43.12 -65.62
N VAL PA 78 -45.24 41.94 -65.25
CA VAL PA 78 -44.39 41.14 -66.12
C VAL PA 78 -45.17 40.67 -67.33
N LYS PA 79 -46.40 40.19 -67.12
CA LYS PA 79 -47.23 39.76 -68.22
C LYS PA 79 -47.52 40.91 -69.18
N SER PA 80 -47.77 42.09 -68.62
CA SER PA 80 -47.97 43.26 -69.47
C SER PA 80 -46.70 43.62 -70.23
N ALA PA 81 -45.55 43.51 -69.57
CA ALA PA 81 -44.29 43.83 -70.23
C ALA PA 81 -43.97 42.84 -71.33
N ILE PA 82 -44.18 41.54 -71.08
CA ILE PA 82 -43.89 40.53 -72.09
C ILE PA 82 -44.80 40.71 -73.29
N ARG PA 83 -46.06 41.06 -73.06
CA ARG PA 83 -46.96 41.33 -74.17
C ARG PA 83 -46.48 42.53 -74.98
N ARG PA 84 -46.02 43.57 -74.30
CA ARG PA 84 -45.52 44.75 -74.99
C ARG PA 84 -44.27 44.44 -75.80
N LEU PA 85 -43.37 43.64 -75.22
CA LEU PA 85 -42.14 43.31 -75.94
C LEU PA 85 -42.40 42.34 -77.08
N LYS PA 86 -43.41 41.47 -76.95
CA LYS PA 86 -43.73 40.57 -78.04
C LYS PA 86 -44.28 41.33 -79.24
N GLU PA 87 -45.21 42.26 -79.01
CA GLU PA 87 -45.76 43.05 -80.10
C GLU PA 87 -44.75 44.03 -80.67
N LEU PA 88 -43.72 44.38 -79.91
CA LEU PA 88 -42.59 45.13 -80.45
C LEU PA 88 -41.67 44.23 -81.26
N LYS PA 89 -41.53 42.97 -80.84
CA LYS PA 89 -40.62 42.05 -81.52
C LYS PA 89 -41.09 41.73 -82.93
N ASP PA 90 -42.37 41.44 -83.10
CA ASP PA 90 -42.93 41.24 -84.42
C ASP PA 90 -43.56 42.52 -84.93
N GLN PA 91 -43.86 42.55 -86.22
CA GLN PA 91 -44.42 43.74 -86.85
C GLN PA 91 -45.42 43.38 -87.94
N SER QA 1 53.02 -40.74 3.36
CA SER QA 1 53.38 -40.56 4.76
C SER QA 1 52.17 -40.49 5.65
N ALA QA 2 52.36 -40.73 6.95
CA ALA QA 2 51.24 -40.70 7.88
C ALA QA 2 50.66 -39.30 8.01
N HIS QA 3 51.53 -38.29 8.06
CA HIS QA 3 51.04 -36.92 8.22
C HIS QA 3 50.32 -36.44 6.98
N LEU QA 4 50.76 -36.87 5.80
CA LEU QA 4 50.06 -36.49 4.58
C LEU QA 4 48.72 -37.20 4.47
N GLN QA 5 48.70 -38.51 4.75
CA GLN QA 5 47.45 -39.25 4.68
C GLN QA 5 46.46 -38.76 5.72
N TRP QA 6 46.96 -38.30 6.87
CA TRP QA 6 46.06 -37.77 7.89
C TRP QA 6 45.37 -36.50 7.40
N MET QA 7 46.09 -35.63 6.69
CA MET QA 7 45.48 -34.40 6.22
C MET QA 7 44.39 -34.68 5.17
N VAL QA 8 44.39 -35.87 4.60
CA VAL QA 8 43.38 -36.23 3.62
C VAL QA 8 42.13 -36.77 4.31
N VAL QA 9 42.30 -37.58 5.35
CA VAL QA 9 41.19 -38.33 5.94
C VAL QA 9 40.79 -37.78 7.30
N ARG QA 10 41.37 -36.67 7.74
CA ARG QA 10 41.01 -36.14 9.06
C ARG QA 10 39.57 -35.68 9.12
N ASN QA 11 38.99 -35.29 7.99
CA ASN QA 11 37.60 -34.87 7.95
C ASN QA 11 36.79 -35.53 6.84
N CYS QA 12 37.42 -36.26 5.93
CA CYS QA 12 36.74 -36.93 4.84
C CYS QA 12 37.11 -38.41 4.89
N SER QA 13 36.27 -39.21 5.54
CA SER QA 13 36.54 -40.63 5.68
C SER QA 13 35.23 -41.37 5.84
N SER QA 14 35.18 -42.59 5.30
CA SER QA 14 34.00 -43.41 5.47
C SER QA 14 33.87 -43.96 6.88
N PHE QA 15 34.96 -43.99 7.63
CA PHE QA 15 34.94 -44.42 9.02
C PHE QA 15 34.61 -43.32 10.00
N LEU QA 16 34.48 -42.08 9.53
CA LEU QA 16 34.29 -40.94 10.40
C LEU QA 16 32.82 -40.81 10.76
N ILE QA 17 32.53 -40.75 12.06
CA ILE QA 17 31.18 -40.51 12.57
C ILE QA 17 31.21 -39.20 13.34
N LYS QA 18 30.34 -38.28 12.97
CA LYS QA 18 30.23 -36.98 13.63
C LYS QA 18 28.79 -36.82 14.10
N ARG QA 19 28.56 -37.03 15.40
CA ARG QA 19 27.22 -37.01 15.95
C ARG QA 19 27.27 -36.52 17.38
N ASN QA 20 26.22 -35.78 17.78
CA ASN QA 20 26.00 -35.41 19.17
C ASN QA 20 27.20 -34.69 19.77
N LYS QA 21 27.78 -33.77 19.01
CA LYS QA 21 28.97 -33.00 19.38
C LYS QA 21 30.18 -33.90 19.64
N GLN QA 22 30.13 -35.14 19.18
CA GLN QA 22 31.20 -36.11 19.34
C GLN QA 22 31.70 -36.53 17.98
N THR QA 23 32.84 -37.21 17.97
CA THR QA 23 33.39 -37.75 16.75
C THR QA 23 34.07 -39.08 17.03
N TYR QA 24 33.92 -40.02 16.10
CA TYR QA 24 34.43 -41.37 16.28
C TYR QA 24 34.95 -41.89 14.95
N SER QA 25 35.83 -42.88 15.03
CA SER QA 25 36.42 -43.50 13.86
C SER QA 25 36.25 -45.02 13.98
N THR QA 26 35.77 -45.65 12.92
CA THR QA 26 35.44 -47.07 12.96
C THR QA 26 36.37 -47.93 12.10
N GLU QA 27 37.58 -47.47 11.84
CA GLU QA 27 38.53 -48.31 11.14
C GLU QA 27 39.00 -49.45 12.04
N PRO QA 28 39.39 -50.58 11.46
CA PRO QA 28 39.58 -51.81 12.27
C PRO QA 28 40.63 -51.71 13.37
N ASN QA 29 41.74 -51.01 13.15
CA ASN QA 29 42.86 -51.07 14.08
C ASN QA 29 42.95 -49.81 14.94
N ASN QA 30 41.81 -49.25 15.30
CA ASN QA 30 41.74 -48.02 16.07
C ASN QA 30 41.38 -48.38 17.50
N LEU QA 31 42.37 -48.34 18.38
CA LEU QA 31 42.10 -48.38 19.80
C LEU QA 31 41.46 -47.06 20.21
N LYS QA 32 40.49 -47.14 21.12
CA LYS QA 32 39.71 -46.00 21.63
C LYS QA 32 38.72 -45.47 20.60
N ALA QA 33 38.81 -45.96 19.36
CA ALA QA 33 37.86 -45.66 18.28
C ALA QA 33 37.62 -44.17 18.10
N ARG QA 34 38.69 -43.38 18.20
CA ARG QA 34 38.57 -41.94 18.08
C ARG QA 34 39.26 -41.44 16.83
N ASN QA 35 38.75 -40.33 16.30
CA ASN QA 35 39.33 -39.70 15.13
C ASN QA 35 40.53 -38.89 15.59
N SER QA 36 41.71 -39.47 15.47
CA SER QA 36 42.92 -38.79 15.89
C SER QA 36 44.10 -39.34 15.10
N PHE QA 37 45.13 -38.51 14.96
CA PHE QA 37 46.32 -38.93 14.23
C PHE QA 37 47.03 -40.06 14.95
N ARG QA 38 47.05 -40.01 16.29
CA ARG QA 38 47.76 -41.03 17.06
C ARG QA 38 47.07 -42.38 16.97
N TYR QA 39 45.74 -42.39 16.99
CA TYR QA 39 45.00 -43.63 17.09
C TYR QA 39 44.45 -44.13 15.77
N ASN QA 40 44.66 -43.41 14.68
CA ASN QA 40 44.20 -43.89 13.38
C ASN QA 40 44.90 -45.19 13.03
N GLY QA 41 44.12 -46.17 12.59
CA GLY QA 41 44.64 -47.50 12.36
C GLY QA 41 44.95 -47.81 10.91
N LEU QA 42 45.11 -46.77 10.09
CA LEU QA 42 45.35 -47.00 8.67
C LEU QA 42 46.55 -46.22 8.17
N ILE QA 43 46.83 -45.06 8.76
CA ILE QA 43 47.80 -44.15 8.19
C ILE QA 43 49.22 -44.38 8.68
N HIS QA 44 49.40 -45.20 9.71
CA HIS QA 44 50.72 -45.36 10.31
C HIS QA 44 51.44 -46.56 9.74
N ARG QA 45 52.77 -46.45 9.71
CA ARG QA 45 53.60 -47.53 9.21
C ARG QA 45 53.53 -48.75 10.10
N LYS QA 46 53.29 -48.55 11.39
CA LYS QA 46 53.04 -49.65 12.31
C LYS QA 46 51.90 -49.28 13.23
N THR QA 47 50.98 -50.23 13.44
CA THR QA 47 49.81 -50.03 14.28
C THR QA 47 49.57 -51.29 15.08
N VAL QA 48 48.79 -51.17 16.14
CA VAL QA 48 48.36 -52.31 16.94
C VAL QA 48 46.85 -52.25 17.09
N GLY QA 49 46.22 -53.41 17.05
CA GLY QA 49 44.78 -53.50 17.27
C GLY QA 49 44.44 -54.69 18.13
N VAL QA 50 43.44 -54.51 18.97
CA VAL QA 50 42.98 -55.55 19.88
C VAL QA 50 41.52 -55.83 19.57
N GLU QA 51 41.22 -57.08 19.25
CA GLU QA 51 39.89 -57.50 18.84
C GLU QA 51 39.47 -58.72 19.63
N PRO QA 52 38.19 -58.92 19.84
CA PRO QA 52 37.72 -60.18 20.43
C PRO QA 52 37.94 -61.33 19.46
N ALA QA 53 38.14 -62.51 20.02
CA ALA QA 53 38.37 -63.69 19.20
C ALA QA 53 37.10 -64.09 18.46
N ALA QA 54 37.26 -64.93 17.44
CA ALA QA 54 36.11 -65.37 16.65
C ALA QA 54 35.10 -66.11 17.51
N ASP QA 55 35.58 -67.04 18.33
CA ASP QA 55 34.76 -67.56 19.42
C ASP QA 55 34.75 -66.56 20.55
N GLY QA 56 33.74 -66.65 21.40
CA GLY QA 56 33.58 -65.69 22.47
C GLY QA 56 34.51 -65.90 23.65
N LYS QA 57 35.80 -66.12 23.38
CA LYS QA 57 36.77 -66.30 24.45
C LYS QA 57 38.16 -65.96 23.94
N GLY QA 58 38.88 -65.14 24.70
CA GLY QA 58 40.18 -64.67 24.30
C GLY QA 58 40.12 -63.38 23.52
N VAL QA 59 41.31 -62.87 23.18
CA VAL QA 59 41.46 -61.68 22.37
C VAL QA 59 42.36 -62.01 21.20
N VAL QA 60 42.28 -61.18 20.16
CA VAL QA 60 43.16 -61.26 19.00
C VAL QA 60 43.96 -59.98 18.95
N VAL QA 61 45.28 -60.10 19.01
CA VAL QA 61 46.17 -58.96 18.91
C VAL QA 61 46.75 -58.94 17.50
N VAL QA 62 46.47 -57.87 16.77
CA VAL QA 62 46.94 -57.71 15.40
C VAL QA 62 47.95 -56.56 15.37
N ILE QA 63 49.10 -56.81 14.74
CA ILE QA 63 50.12 -55.80 14.57
C ILE QA 63 50.46 -55.72 13.08
N LYS QA 64 50.99 -54.59 12.67
CA LYS QA 64 51.32 -54.35 11.27
C LYS QA 64 52.80 -54.61 11.06
N ARG QA 65 53.11 -55.49 10.10
CA ARG QA 65 54.51 -55.77 9.79
C ARG QA 65 55.12 -54.58 9.05
N ARG QA 66 56.44 -54.53 9.04
CA ARG QA 66 57.16 -53.40 8.48
C ARG QA 66 57.24 -53.40 6.97
N SER QA 67 57.30 -54.57 6.34
CA SER QA 67 57.68 -54.65 4.93
C SER QA 67 56.54 -54.30 3.98
N GLY QA 68 55.48 -55.09 3.98
CA GLY QA 68 54.46 -54.94 2.95
C GLY QA 68 53.46 -53.85 3.22
N GLN QA 69 53.88 -52.59 3.14
CA GLN QA 69 52.98 -51.49 3.44
C GLN QA 69 51.90 -51.33 2.38
N ARG QA 70 52.24 -51.57 1.11
CA ARG QA 70 51.28 -51.44 0.03
C ARG QA 70 50.56 -52.74 -0.28
N LYS QA 71 50.79 -53.79 0.50
CA LYS QA 71 50.25 -55.13 0.26
C LYS QA 71 49.30 -55.48 1.39
N PRO QA 72 48.04 -55.05 1.35
CA PRO QA 72 47.16 -55.23 2.51
C PRO QA 72 46.84 -56.67 2.84
N ALA QA 73 47.06 -57.62 1.93
CA ALA QA 73 46.70 -59.00 2.20
C ALA QA 73 47.62 -59.63 3.24
N THR QA 74 48.89 -59.21 3.27
CA THR QA 74 49.87 -59.81 4.17
C THR QA 74 50.45 -58.79 5.16
N SER QA 75 49.80 -57.64 5.31
CA SER QA 75 50.39 -56.56 6.10
C SER QA 75 50.15 -56.72 7.59
N TYR QA 76 49.22 -57.57 8.01
CA TYR QA 76 48.83 -57.68 9.40
C TYR QA 76 49.08 -59.08 9.93
N VAL QA 77 49.67 -59.16 11.11
CA VAL QA 77 49.95 -60.43 11.77
C VAL QA 77 49.04 -60.51 13.00
N ARG QA 78 48.24 -61.56 13.05
CA ARG QA 78 47.25 -61.72 14.10
C ARG QA 78 47.62 -62.91 14.98
N THR QA 79 47.66 -62.68 16.29
CA THR QA 79 47.84 -63.73 17.27
C THR QA 79 46.67 -63.73 18.23
N THR QA 80 46.21 -64.93 18.59
CA THR QA 80 45.10 -65.09 19.52
C THR QA 80 45.67 -65.47 20.88
N ILE QA 81 45.32 -64.70 21.90
CA ILE QA 81 45.71 -64.98 23.27
C ILE QA 81 44.45 -65.37 24.04
N ASN QA 82 44.45 -66.58 24.59
CA ASN QA 82 43.30 -67.06 25.35
C ASN QA 82 43.75 -67.52 26.72
N LYS QA 83 44.54 -66.70 27.40
CA LYS QA 83 45.03 -66.99 28.74
C LYS QA 83 44.11 -66.34 29.77
N ASN QA 84 44.52 -66.36 31.03
CA ASN QA 84 43.80 -65.64 32.05
C ASN QA 84 44.01 -64.14 31.87
N ALA QA 85 43.21 -63.36 32.59
CA ALA QA 85 43.18 -61.91 32.37
C ALA QA 85 44.53 -61.26 32.68
N ARG QA 86 45.16 -61.66 33.79
CA ARG QA 86 46.45 -61.07 34.14
C ARG QA 86 47.53 -61.49 33.14
N ALA QA 87 47.53 -62.75 32.73
CA ALA QA 87 48.53 -63.21 31.77
C ALA QA 87 48.32 -62.58 30.40
N THR QA 88 47.07 -62.37 30.00
CA THR QA 88 46.78 -61.76 28.72
C THR QA 88 47.32 -60.34 28.66
N LEU QA 89 47.12 -59.57 29.72
CA LEU QA 89 47.61 -58.20 29.75
C LEU QA 89 49.12 -58.14 29.73
N SER QA 90 49.77 -59.14 30.33
CA SER QA 90 51.23 -59.17 30.36
C SER QA 90 51.80 -59.40 28.96
N SER QA 91 51.20 -60.30 28.19
CA SER QA 91 51.68 -60.57 26.85
C SER QA 91 51.50 -59.35 25.95
N ILE QA 92 50.37 -58.67 26.07
CA ILE QA 92 50.12 -57.46 25.30
C ILE QA 92 51.10 -56.36 25.71
N ARG QA 93 51.38 -56.25 27.01
CA ARG QA 93 52.35 -55.28 27.48
C ARG QA 93 53.73 -55.56 26.94
N HIS QA 94 54.09 -56.84 26.82
CA HIS QA 94 55.40 -57.19 26.32
C HIS QA 94 55.50 -56.99 24.81
N MET QA 95 54.42 -57.22 24.08
CA MET QA 95 54.46 -57.03 22.64
C MET QA 95 54.64 -55.57 22.27
N ILE QA 96 54.23 -54.66 23.14
CA ILE QA 96 54.37 -53.24 22.87
C ILE QA 96 55.62 -52.66 23.52
N ARG QA 97 55.85 -52.96 24.79
CA ARG QA 97 56.96 -52.33 25.50
C ARG QA 97 58.29 -52.96 25.14
N LYS QA 98 58.38 -54.29 25.19
CA LYS QA 98 59.65 -54.96 24.94
C LYS QA 98 60.10 -54.78 23.50
N ASN QA 99 59.16 -54.87 22.56
CA ASN QA 99 59.48 -54.65 21.15
C ASN QA 99 59.65 -53.18 20.81
N LYS QA 100 59.25 -52.28 21.70
CA LYS QA 100 59.19 -50.84 21.42
C LYS QA 100 58.34 -50.57 20.18
N TYR QA 101 57.28 -51.33 20.05
CA TYR QA 101 56.36 -51.24 18.92
C TYR QA 101 55.22 -50.31 19.33
N ARG QA 102 55.36 -49.04 19.00
CA ARG QA 102 54.38 -48.00 19.33
C ARG QA 102 54.09 -47.97 20.82
N PRO QA 103 55.05 -47.59 21.66
CA PRO QA 103 54.83 -47.62 23.11
C PRO QA 103 53.78 -46.61 23.59
N ASP QA 104 53.41 -45.65 22.76
CA ASP QA 104 52.37 -44.69 23.08
C ASP QA 104 50.97 -45.30 23.02
N LEU QA 105 50.84 -46.53 22.54
CA LEU QA 105 49.56 -47.23 22.49
C LEU QA 105 49.48 -48.34 23.52
N ARG QA 106 50.38 -48.37 24.49
CA ARG QA 106 50.45 -49.50 25.42
C ARG QA 106 49.23 -49.57 26.32
N MET QA 107 48.87 -48.46 26.96
CA MET QA 107 47.74 -48.50 27.88
C MET QA 107 46.41 -48.50 27.13
N ALA QA 108 46.37 -47.96 25.92
CA ALA QA 108 45.16 -48.05 25.12
C ALA QA 108 44.85 -49.51 24.78
N ALA QA 109 45.88 -50.28 24.45
CA ALA QA 109 45.69 -51.68 24.13
C ALA QA 109 45.38 -52.50 25.38
N ILE QA 110 46.00 -52.15 26.51
CA ILE QA 110 45.75 -52.89 27.74
C ILE QA 110 44.34 -52.62 28.25
N ARG QA 111 43.90 -51.36 28.19
CA ARG QA 111 42.54 -51.04 28.62
C ARG QA 111 41.52 -51.65 27.69
N ARG QA 112 41.83 -51.76 26.41
CA ARG QA 112 40.89 -52.37 25.47
C ARG QA 112 40.81 -53.87 25.67
N ALA QA 113 41.95 -54.52 25.94
CA ALA QA 113 41.93 -55.95 26.21
C ALA QA 113 41.14 -56.25 27.47
N SER QA 114 41.26 -55.39 28.49
CA SER QA 114 40.46 -55.58 29.69
C SER QA 114 38.97 -55.44 29.40
N ALA QA 115 38.61 -54.47 28.57
CA ALA QA 115 37.21 -54.27 28.22
C ALA QA 115 36.66 -55.46 27.45
N ILE QA 116 37.45 -56.03 26.55
CA ILE QA 116 37.00 -57.18 25.77
C ILE QA 116 36.84 -58.40 26.65
N LEU QA 117 37.82 -58.67 27.52
CA LEU QA 117 37.75 -59.84 28.38
C LEU QA 117 36.62 -59.72 29.40
N ARG QA 118 36.38 -58.51 29.90
CA ARG QA 118 35.28 -58.30 30.84
C ARG QA 118 33.95 -58.54 30.15
N SER QA 119 33.84 -58.20 28.88
CA SER QA 119 32.60 -58.43 28.14
C SER QA 119 32.41 -59.90 27.81
N GLN QA 120 33.50 -60.68 27.84
CA GLN QA 120 33.40 -62.09 27.49
C GLN QA 120 32.98 -62.95 28.65
N LYS QA 121 33.24 -62.52 29.88
CA LYS QA 121 32.88 -63.34 31.03
C LYS QA 121 31.36 -63.37 31.21
N PRO QA 122 30.82 -64.45 31.78
CA PRO QA 122 29.37 -64.60 31.86
C PRO QA 122 28.73 -63.51 32.72
N VAL QA 123 27.53 -63.11 32.34
CA VAL QA 123 26.79 -62.12 33.12
C VAL QA 123 26.34 -62.73 34.44
N MET QA 124 26.01 -61.86 35.39
CA MET QA 124 25.57 -62.27 36.71
C MET QA 124 24.05 -62.21 36.78
N VAL QA 125 23.53 -62.40 37.99
CA VAL QA 125 22.08 -62.31 38.22
C VAL QA 125 21.81 -61.36 39.40
N GLN RA 1 -66.04 -61.57 4.27
CA GLN RA 1 -66.82 -62.43 5.14
C GLN RA 1 -67.73 -63.35 4.34
N GLN RA 2 -68.12 -62.91 3.14
CA GLN RA 2 -69.08 -63.64 2.33
C GLN RA 2 -68.43 -64.65 1.40
N GLU RA 3 -67.13 -64.88 1.53
CA GLU RA 3 -66.44 -65.83 0.66
C GLU RA 3 -66.96 -67.24 0.89
N GLN RA 4 -66.87 -68.07 -0.14
CA GLN RA 4 -67.30 -69.46 -0.06
C GLN RA 4 -66.08 -70.36 -0.04
N THR RA 5 -66.00 -71.20 0.98
CA THR RA 5 -64.92 -72.16 1.15
C THR RA 5 -65.46 -73.57 0.95
N ILE RA 6 -64.61 -74.57 1.23
CA ILE RA 6 -65.00 -75.97 1.02
C ILE RA 6 -65.88 -76.50 2.13
N ALA RA 7 -66.33 -75.66 3.06
CA ALA RA 7 -67.21 -76.12 4.12
C ALA RA 7 -68.55 -76.61 3.60
N GLU RA 8 -68.88 -76.35 2.33
CA GLU RA 8 -70.18 -76.73 1.79
C GLU RA 8 -70.08 -77.85 0.77
N ASP RA 9 -71.04 -78.78 0.87
CA ASP RA 9 -71.04 -79.96 0.00
C ASP RA 9 -71.26 -79.59 -1.46
N LEU RA 10 -72.01 -78.52 -1.73
CA LEU RA 10 -72.16 -78.05 -3.10
C LEU RA 10 -70.84 -77.57 -3.67
N VAL RA 11 -70.05 -76.85 -2.85
CA VAL RA 11 -68.70 -76.46 -3.26
C VAL RA 11 -67.86 -77.69 -3.56
N VAL RA 12 -67.95 -78.71 -2.69
CA VAL RA 12 -67.21 -79.95 -2.91
C VAL RA 12 -67.59 -80.57 -4.25
N THR RA 13 -68.89 -80.67 -4.53
CA THR RA 13 -69.34 -81.38 -5.72
C THR RA 13 -68.94 -80.63 -6.99
N LYS RA 14 -69.03 -79.29 -6.98
CA LYS RA 14 -68.63 -78.58 -8.19
C LYS RA 14 -67.12 -78.49 -8.35
N TYR RA 15 -66.33 -78.56 -7.26
CA TYR RA 15 -64.90 -78.82 -7.43
C TYR RA 15 -64.64 -80.15 -8.10
N LYS RA 16 -65.34 -81.19 -7.68
CA LYS RA 16 -65.17 -82.49 -8.32
C LYS RA 16 -65.57 -82.42 -9.79
N MET RA 17 -66.61 -81.64 -10.10
CA MET RA 17 -67.02 -81.44 -11.47
C MET RA 17 -65.93 -80.76 -12.29
N GLY RA 18 -65.32 -79.71 -11.73
CA GLY RA 18 -64.24 -79.03 -12.42
C GLY RA 18 -63.06 -79.96 -12.67
N GLY RA 19 -62.70 -80.77 -11.67
CA GLY RA 19 -61.63 -81.73 -11.86
C GLY RA 19 -61.93 -82.73 -12.96
N ASP RA 20 -63.15 -83.29 -12.95
CA ASP RA 20 -63.54 -84.26 -13.96
C ASP RA 20 -63.54 -83.64 -15.36
N ILE RA 21 -64.04 -82.41 -15.47
CA ILE RA 21 -64.14 -81.78 -16.79
C ILE RA 21 -62.76 -81.44 -17.34
N ALA RA 22 -61.86 -80.94 -16.48
CA ALA RA 22 -60.50 -80.68 -16.93
C ALA RA 22 -59.81 -81.97 -17.33
N ASN RA 23 -60.03 -83.04 -16.56
CA ASN RA 23 -59.43 -84.33 -16.88
C ASN RA 23 -59.91 -84.85 -18.23
N ARG RA 24 -61.21 -84.74 -18.51
CA ARG RA 24 -61.70 -85.27 -19.78
C ARG RA 24 -61.22 -84.45 -20.96
N VAL RA 25 -61.11 -83.12 -20.81
CA VAL RA 25 -60.57 -82.32 -21.91
C VAL RA 25 -59.12 -82.68 -22.18
N LEU RA 26 -58.31 -82.81 -21.13
CA LEU RA 26 -56.92 -83.16 -21.33
C LEU RA 26 -56.77 -84.55 -21.92
N ARG RA 27 -57.62 -85.49 -21.49
CA ARG RA 27 -57.59 -86.84 -22.05
C ARG RA 27 -57.94 -86.83 -23.53
N SER RA 28 -58.89 -86.00 -23.94
CA SER RA 28 -59.16 -85.87 -25.36
C SER RA 28 -57.99 -85.26 -26.10
N LEU RA 29 -57.35 -84.25 -25.51
CA LEU RA 29 -56.28 -83.53 -26.19
C LEU RA 29 -55.04 -84.40 -26.40
N VAL RA 30 -54.67 -85.20 -25.40
CA VAL RA 30 -53.45 -86.00 -25.51
C VAL RA 30 -53.59 -87.03 -26.62
N GLU RA 31 -54.80 -87.57 -26.82
CA GLU RA 31 -55.05 -88.47 -27.93
C GLU RA 31 -55.12 -87.72 -29.26
N ALA RA 32 -55.81 -86.57 -29.27
CA ALA RA 32 -56.05 -85.85 -30.52
C ALA RA 32 -54.75 -85.33 -31.13
N SER RA 33 -53.80 -84.91 -30.30
CA SER RA 33 -52.52 -84.45 -30.82
C SER RA 33 -51.76 -85.62 -31.43
N SER RA 34 -51.29 -85.45 -32.66
CA SER RA 34 -50.54 -86.50 -33.36
C SER RA 34 -49.55 -85.83 -34.31
N SER RA 35 -48.93 -86.63 -35.16
CA SER RA 35 -47.94 -86.11 -36.10
C SER RA 35 -48.63 -85.37 -37.24
N GLY RA 36 -48.11 -84.20 -37.59
CA GLY RA 36 -48.67 -83.41 -38.66
C GLY RA 36 -49.91 -82.61 -38.30
N VAL RA 37 -50.05 -82.20 -37.06
CA VAL RA 37 -51.18 -81.41 -36.62
C VAL RA 37 -50.71 -79.98 -36.37
N SER RA 38 -51.67 -79.09 -36.09
CA SER RA 38 -51.40 -77.68 -35.89
C SER RA 38 -51.81 -77.25 -34.48
N VAL RA 39 -50.92 -76.50 -33.82
CA VAL RA 39 -51.20 -76.04 -32.47
C VAL RA 39 -52.38 -75.07 -32.44
N LEU RA 40 -52.60 -74.31 -33.53
CA LEU RA 40 -53.80 -73.49 -33.60
C LEU RA 40 -55.05 -74.34 -33.56
N SER RA 41 -55.07 -75.45 -34.32
CA SER RA 41 -56.19 -76.36 -34.29
C SER RA 41 -56.37 -76.97 -32.90
N LEU RA 42 -55.26 -77.34 -32.26
CA LEU RA 42 -55.34 -77.92 -30.92
C LEU RA 42 -55.92 -76.93 -29.92
N CYS RA 43 -55.48 -75.67 -29.97
CA CYS RA 43 -55.98 -74.66 -29.05
C CYS RA 43 -57.45 -74.36 -29.29
N GLU RA 44 -57.84 -74.20 -30.56
CA GLU RA 44 -59.24 -74.00 -30.90
C GLU RA 44 -60.11 -75.15 -30.43
N LYS RA 45 -59.64 -76.38 -30.63
CA LYS RA 45 -60.40 -77.57 -30.22
C LYS RA 45 -60.52 -77.67 -28.69
N GLY RA 46 -59.43 -77.38 -27.98
CA GLY RA 46 -59.47 -77.41 -26.54
C GLY RA 46 -60.45 -76.41 -25.96
N ASP RA 47 -60.51 -75.21 -26.54
CA ASP RA 47 -61.53 -74.27 -26.11
C ASP RA 47 -62.93 -74.71 -26.56
N ALA RA 48 -63.03 -75.33 -27.74
CA ALA RA 48 -64.32 -75.63 -28.32
C ALA RA 48 -65.08 -76.66 -27.49
N MET RA 49 -64.39 -77.71 -27.05
CA MET RA 49 -65.06 -78.68 -26.18
C MET RA 49 -65.49 -78.05 -24.86
N ILE RA 50 -64.60 -77.26 -24.25
CA ILE RA 50 -64.85 -76.72 -22.92
C ILE RA 50 -66.06 -75.81 -22.94
N MET RA 51 -66.21 -75.00 -24.00
CA MET RA 51 -67.34 -74.08 -24.07
C MET RA 51 -68.67 -74.83 -24.06
N GLU RA 52 -68.82 -75.83 -24.94
CA GLU RA 52 -70.08 -76.56 -25.00
C GLU RA 52 -70.37 -77.30 -23.71
N GLU RA 53 -69.36 -77.95 -23.13
CA GLU RA 53 -69.66 -78.73 -21.93
C GLU RA 53 -69.99 -77.86 -20.74
N THR RA 54 -69.30 -76.72 -20.57
CA THR RA 54 -69.67 -75.81 -19.49
C THR RA 54 -71.03 -75.19 -19.73
N GLY RA 55 -71.39 -74.94 -20.99
CA GLY RA 55 -72.72 -74.43 -21.27
C GLY RA 55 -73.81 -75.43 -20.92
N LYS RA 56 -73.60 -76.70 -21.24
CA LYS RA 56 -74.62 -77.71 -20.97
C LYS RA 56 -74.71 -78.04 -19.48
N ILE RA 57 -73.60 -77.96 -18.75
CA ILE RA 57 -73.61 -78.21 -17.31
C ILE RA 57 -74.21 -76.99 -16.61
N PHE RA 58 -74.97 -77.23 -15.53
CA PHE RA 58 -75.67 -76.19 -14.79
C PHE RA 58 -76.63 -75.41 -15.70
N LYS RA 59 -77.33 -76.16 -16.56
CA LYS RA 59 -78.32 -75.55 -17.44
C LYS RA 59 -79.49 -74.97 -16.66
N LYS RA 60 -79.72 -75.41 -15.43
CA LYS RA 60 -80.79 -74.89 -14.59
C LYS RA 60 -80.43 -73.56 -13.92
N GLU RA 61 -79.16 -73.16 -13.96
CA GLU RA 61 -78.74 -71.86 -13.43
C GLU RA 61 -78.05 -71.09 -14.55
N LYS RA 62 -78.69 -70.02 -15.01
CA LYS RA 62 -78.12 -69.19 -16.07
C LYS RA 62 -77.84 -67.79 -15.56
N GLU RA 63 -77.31 -67.69 -14.34
CA GLU RA 63 -76.90 -66.43 -13.75
C GLU RA 63 -75.42 -66.38 -13.43
N MET RA 64 -74.75 -67.52 -13.31
CA MET RA 64 -73.34 -67.57 -12.93
C MET RA 64 -72.45 -67.63 -14.16
N LYS RA 65 -71.26 -67.03 -14.03
CA LYS RA 65 -70.24 -67.06 -15.07
C LYS RA 65 -69.34 -68.28 -14.87
N LYS RA 66 -69.34 -69.18 -15.84
CA LYS RA 66 -68.54 -70.39 -15.80
C LYS RA 66 -67.95 -70.66 -17.18
N GLY RA 67 -66.77 -71.28 -17.20
CA GLY RA 67 -66.09 -71.56 -18.44
C GLY RA 67 -64.59 -71.72 -18.29
N ILE RA 68 -63.83 -70.99 -19.11
CA ILE RA 68 -62.38 -71.08 -19.11
C ILE RA 68 -61.82 -70.30 -17.94
N ALA RA 69 -61.01 -70.96 -17.10
CA ALA RA 69 -60.23 -70.27 -16.08
C ALA RA 69 -58.80 -70.02 -16.51
N PHE RA 70 -58.30 -70.79 -17.47
CA PHE RA 70 -56.99 -70.58 -18.08
C PHE RA 70 -57.05 -71.11 -19.50
N PRO RA 71 -56.65 -70.31 -20.49
CA PRO RA 71 -56.77 -70.74 -21.88
C PRO RA 71 -55.82 -71.89 -22.18
N THR RA 72 -56.17 -72.63 -23.24
CA THR RA 72 -55.34 -73.75 -23.67
C THR RA 72 -53.97 -73.24 -24.12
N SER RA 73 -52.92 -73.79 -23.52
CA SER RA 73 -51.55 -73.33 -23.77
C SER RA 73 -50.69 -74.55 -24.11
N ILE RA 74 -49.99 -74.47 -25.23
CA ILE RA 74 -49.15 -75.55 -25.72
C ILE RA 74 -47.71 -75.06 -25.76
N SER RA 75 -46.78 -75.87 -25.26
CA SER RA 75 -45.37 -75.51 -25.26
C SER RA 75 -44.56 -76.72 -25.71
N VAL RA 76 -43.94 -76.63 -26.87
CA VAL RA 76 -43.34 -77.79 -27.53
C VAL RA 76 -41.84 -77.58 -27.76
N ASN RA 77 -41.03 -78.07 -26.82
CA ASN RA 77 -39.59 -78.28 -26.96
C ASN RA 77 -38.78 -76.98 -26.98
N ASN RA 78 -39.44 -75.84 -27.03
CA ASN RA 78 -38.71 -74.58 -27.02
C ASN RA 78 -39.39 -73.50 -26.18
N CYS RA 79 -40.64 -73.67 -25.80
CA CYS RA 79 -41.39 -72.68 -25.04
C CYS RA 79 -41.63 -73.20 -23.63
N VAL RA 80 -41.70 -72.27 -22.68
CA VAL RA 80 -41.94 -72.62 -21.28
C VAL RA 80 -43.43 -72.82 -21.08
N CYS RA 81 -44.21 -71.75 -21.23
CA CYS RA 81 -45.66 -71.78 -21.04
C CYS RA 81 -46.21 -70.42 -21.45
N HIS RA 82 -47.53 -70.27 -21.26
CA HIS RA 82 -48.28 -69.09 -21.70
C HIS RA 82 -48.15 -68.88 -23.20
N PHE RA 83 -48.23 -69.96 -23.95
CA PHE RA 83 -48.12 -69.93 -25.41
C PHE RA 83 -49.45 -70.33 -26.02
N SER RA 84 -50.01 -69.45 -26.84
CA SER RA 84 -51.29 -69.72 -27.51
C SER RA 84 -51.42 -68.82 -28.74
N PRO RA 85 -50.91 -69.25 -29.89
CA PRO RA 85 -50.82 -68.33 -31.04
C PRO RA 85 -52.17 -68.07 -31.66
N LEU RA 86 -52.28 -66.90 -32.30
CA LEU RA 86 -53.50 -66.51 -32.98
C LEU RA 86 -53.51 -67.13 -34.38
N LYS RA 87 -54.55 -66.82 -35.15
CA LYS RA 87 -54.61 -67.31 -36.53
C LYS RA 87 -53.56 -66.64 -37.41
N SER RA 88 -53.30 -65.35 -37.15
CA SER RA 88 -52.35 -64.62 -37.98
C SER RA 88 -50.91 -65.09 -37.75
N ASP RA 89 -50.61 -65.52 -36.52
CA ASP RA 89 -49.25 -65.97 -36.21
C ASP RA 89 -48.93 -67.25 -36.97
N GLN RA 90 -47.65 -67.42 -37.28
CA GLN RA 90 -47.16 -68.67 -37.86
C GLN RA 90 -47.42 -69.82 -36.90
N ASP RA 91 -48.01 -70.89 -37.41
CA ASP RA 91 -48.37 -72.02 -36.58
C ASP RA 91 -47.17 -72.95 -36.39
N TYR RA 92 -47.30 -73.85 -35.41
CA TYR RA 92 -46.28 -74.85 -35.13
C TYR RA 92 -46.84 -76.22 -35.45
N ILE RA 93 -46.14 -76.95 -36.32
CA ILE RA 93 -46.57 -78.27 -36.77
C ILE RA 93 -45.86 -79.32 -35.93
N LEU RA 94 -46.62 -80.28 -35.40
CA LEU RA 94 -46.05 -81.31 -34.55
C LEU RA 94 -45.28 -82.32 -35.39
N LYS RA 95 -44.00 -82.49 -35.07
CA LYS RA 95 -43.15 -83.49 -35.70
C LYS RA 95 -43.26 -84.80 -34.94
N GLU RA 96 -42.36 -85.73 -35.24
CA GLU RA 96 -42.30 -87.01 -34.57
C GLU RA 96 -41.38 -86.92 -33.35
N GLY RA 97 -41.85 -87.43 -32.22
CA GLY RA 97 -41.01 -87.49 -31.04
C GLY RA 97 -40.94 -86.23 -30.21
N ASP RA 98 -41.83 -85.27 -30.45
CA ASP RA 98 -41.86 -84.05 -29.66
C ASP RA 98 -42.52 -84.31 -28.30
N LEU RA 99 -41.99 -83.65 -27.28
CA LEU RA 99 -42.66 -83.60 -25.98
C LEU RA 99 -43.35 -82.25 -25.86
N VAL RA 100 -44.64 -82.28 -25.56
CA VAL RA 100 -45.45 -81.07 -25.51
C VAL RA 100 -45.98 -80.88 -24.10
N LYS RA 101 -46.23 -79.62 -23.76
CA LYS RA 101 -46.70 -79.20 -22.46
C LYS RA 101 -48.07 -78.57 -22.64
N ILE RA 102 -49.07 -79.10 -21.95
CA ILE RA 102 -50.45 -78.65 -22.07
C ILE RA 102 -50.84 -77.96 -20.77
N ASP RA 103 -51.44 -76.79 -20.88
CA ASP RA 103 -52.01 -76.09 -19.74
C ASP RA 103 -53.44 -75.71 -20.06
N LEU RA 104 -54.34 -75.93 -19.11
CA LEU RA 104 -55.75 -75.63 -19.32
C LEU RA 104 -56.46 -75.58 -17.98
N GLY RA 105 -57.38 -74.63 -17.85
CA GLY RA 105 -58.09 -74.44 -16.60
C GLY RA 105 -59.56 -74.18 -16.86
N VAL RA 106 -60.38 -74.62 -15.91
CA VAL RA 106 -61.82 -74.39 -15.96
C VAL RA 106 -62.23 -73.75 -14.64
N HIS RA 107 -63.35 -73.02 -14.68
CA HIS RA 107 -63.87 -72.39 -13.47
C HIS RA 107 -65.37 -72.59 -13.40
N VAL RA 108 -65.84 -72.89 -12.19
CA VAL RA 108 -67.25 -72.96 -11.88
C VAL RA 108 -67.50 -72.09 -10.66
N ASP RA 109 -68.42 -71.13 -10.79
CA ASP RA 109 -68.77 -70.19 -9.74
C ASP RA 109 -67.56 -69.40 -9.25
N GLY RA 110 -66.63 -69.10 -10.16
CA GLY RA 110 -65.41 -68.40 -9.83
C GLY RA 110 -64.32 -69.28 -9.28
N PHE RA 111 -64.61 -70.54 -8.99
CA PHE RA 111 -63.62 -71.44 -8.43
C PHE RA 111 -62.86 -72.15 -9.55
N ILE RA 112 -61.58 -72.40 -9.31
CA ILE RA 112 -60.62 -72.73 -10.37
C ILE RA 112 -60.17 -74.17 -10.20
N ALA RA 113 -60.15 -74.92 -11.30
CA ALA RA 113 -59.47 -76.20 -11.43
C ALA RA 113 -58.58 -76.09 -12.65
N ASN RA 114 -57.28 -75.95 -12.42
CA ASN RA 114 -56.31 -75.64 -13.48
C ASN RA 114 -55.22 -76.68 -13.47
N VAL RA 115 -54.97 -77.30 -14.64
CA VAL RA 115 -54.10 -78.45 -14.75
C VAL RA 115 -53.16 -78.29 -15.93
N ALA RA 116 -51.91 -78.72 -15.74
CA ALA RA 116 -50.89 -78.75 -16.77
C ALA RA 116 -50.19 -80.10 -16.74
N HIS RA 117 -49.89 -80.63 -17.92
CA HIS RA 117 -49.31 -81.96 -18.07
C HIS RA 117 -48.37 -81.95 -19.26
N THR RA 118 -47.18 -82.53 -19.10
CA THR RA 118 -46.26 -82.74 -20.21
C THR RA 118 -46.30 -84.20 -20.64
N PHE RA 119 -46.39 -84.43 -21.96
CA PHE RA 119 -46.38 -85.78 -22.51
C PHE RA 119 -45.75 -85.75 -23.89
N VAL RA 120 -45.26 -86.91 -24.32
CA VAL RA 120 -44.66 -87.07 -25.64
C VAL RA 120 -45.72 -87.54 -26.62
N VAL RA 121 -45.67 -87.00 -27.83
CA VAL RA 121 -46.67 -87.30 -28.86
C VAL RA 121 -46.15 -88.43 -29.75
N ASP RA 122 -47.09 -89.23 -30.26
CA ASP RA 122 -46.82 -90.29 -31.23
C ASP RA 122 -45.81 -91.32 -30.68
N VAL RA 123 -46.22 -92.00 -29.61
CA VAL RA 123 -45.41 -93.05 -29.01
C VAL RA 123 -45.84 -94.38 -29.59
N ALA RA 124 -44.89 -95.12 -30.17
CA ALA RA 124 -45.19 -96.40 -30.77
C ALA RA 124 -45.53 -97.43 -29.68
N GLN RA 125 -46.15 -98.52 -30.11
CA GLN RA 125 -46.61 -99.56 -29.21
C GLN RA 125 -45.47 -100.54 -28.91
N GLY RA 126 -44.99 -100.53 -27.67
CA GLY RA 126 -43.92 -101.38 -27.24
C GLY RA 126 -42.55 -100.72 -27.19
N THR RA 127 -42.45 -99.45 -27.55
CA THR RA 127 -41.17 -98.76 -27.57
C THR RA 127 -40.89 -98.06 -26.23
N GLN RA 128 -39.63 -97.69 -26.04
CA GLN RA 128 -39.15 -97.01 -24.84
C GLN RA 128 -38.61 -95.64 -25.21
N VAL RA 129 -39.02 -94.62 -24.46
CA VAL RA 129 -38.53 -93.26 -24.66
C VAL RA 129 -37.23 -93.12 -23.87
N THR RA 130 -36.15 -92.78 -24.56
CA THR RA 130 -34.83 -92.73 -23.97
C THR RA 130 -34.11 -91.45 -24.38
N GLY RA 131 -33.41 -90.85 -23.44
CA GLY RA 131 -32.60 -89.67 -23.70
C GLY RA 131 -32.46 -88.85 -22.44
N ARG RA 132 -31.84 -87.67 -22.59
CA ARG RA 132 -31.73 -86.74 -21.48
C ARG RA 132 -33.09 -86.19 -21.10
N LYS RA 133 -34.03 -86.15 -22.04
CA LYS RA 133 -35.38 -85.70 -21.72
C LYS RA 133 -36.15 -86.72 -20.90
N ALA RA 134 -35.70 -87.97 -20.85
CA ALA RA 134 -36.43 -89.00 -20.14
C ALA RA 134 -36.40 -88.82 -18.62
N ASP RA 135 -35.49 -87.97 -18.11
CA ASP RA 135 -35.41 -87.78 -16.67
C ASP RA 135 -36.18 -86.56 -16.17
N VAL RA 136 -36.35 -85.53 -17.00
CA VAL RA 136 -36.94 -84.29 -16.54
C VAL RA 136 -38.45 -84.45 -16.34
N ILE RA 137 -39.13 -85.15 -17.26
CA ILE RA 137 -40.55 -85.44 -17.08
C ILE RA 137 -40.77 -86.32 -15.85
N LYS RA 138 -39.92 -87.34 -15.67
CA LYS RA 138 -40.07 -88.22 -14.52
C LYS RA 138 -39.81 -87.48 -13.21
N ALA RA 139 -38.84 -86.58 -13.20
CA ALA RA 139 -38.58 -85.76 -12.02
C ALA RA 139 -39.75 -84.82 -11.74
N ALA RA 140 -40.38 -84.28 -12.79
CA ALA RA 140 -41.56 -83.44 -12.60
C ALA RA 140 -42.71 -84.24 -11.99
N HIS RA 141 -42.91 -85.48 -12.44
CA HIS RA 141 -43.96 -86.30 -11.83
C HIS RA 141 -43.62 -86.70 -10.41
N LEU RA 142 -42.33 -86.91 -10.12
CA LEU RA 142 -41.92 -87.15 -8.74
C LEU RA 142 -42.15 -85.91 -7.88
N CYS RA 143 -41.93 -84.72 -8.42
CA CYS RA 143 -42.33 -83.49 -7.74
C CYS RA 143 -43.82 -83.45 -7.50
N ALA RA 144 -44.61 -83.93 -8.46
CA ALA RA 144 -46.06 -83.98 -8.29
C ALA RA 144 -46.43 -84.86 -7.11
N GLU RA 145 -45.85 -86.06 -7.03
CA GLU RA 145 -46.11 -86.94 -5.90
C GLU RA 145 -45.61 -86.34 -4.59
N ALA RA 146 -44.45 -85.68 -4.62
CA ALA RA 146 -43.90 -85.03 -3.42
C ALA RA 146 -44.84 -83.95 -2.91
N ALA RA 147 -45.31 -83.08 -3.81
CA ALA RA 147 -46.22 -82.02 -3.43
C ALA RA 147 -47.53 -82.57 -2.91
N LEU RA 148 -48.06 -83.62 -3.56
CA LEU RA 148 -49.29 -84.24 -3.08
C LEU RA 148 -49.13 -84.79 -1.67
N ARG RA 149 -48.01 -85.47 -1.41
CA ARG RA 149 -47.81 -86.07 -0.10
C ARG RA 149 -47.58 -85.01 0.97
N LEU RA 150 -46.87 -83.93 0.63
CA LEU RA 150 -46.40 -82.99 1.64
C LEU RA 150 -47.34 -81.81 1.83
N VAL RA 151 -48.30 -81.60 0.96
CA VAL RA 151 -49.26 -80.51 1.13
C VAL RA 151 -50.16 -80.87 2.32
N LYS RA 152 -50.05 -80.07 3.39
CA LYS RA 152 -50.70 -80.36 4.67
C LYS RA 152 -50.56 -79.17 5.59
N PRO RA 153 -51.55 -78.87 6.42
CA PRO RA 153 -51.41 -77.79 7.41
C PRO RA 153 -50.29 -78.09 8.40
N GLY RA 154 -49.37 -77.14 8.53
CA GLY RA 154 -48.20 -77.27 9.38
C GLY RA 154 -46.90 -77.46 8.62
N ASN RA 155 -46.97 -77.81 7.34
CA ASN RA 155 -45.78 -77.94 6.50
C ASN RA 155 -45.58 -76.65 5.73
N GLN RA 156 -44.42 -76.03 5.91
CA GLN RA 156 -44.18 -74.69 5.41
C GLN RA 156 -44.01 -74.67 3.90
N ASN RA 157 -44.27 -73.51 3.31
CA ASN RA 157 -44.13 -73.30 1.88
C ASN RA 157 -42.67 -73.23 1.43
N THR RA 158 -41.73 -73.09 2.36
CA THR RA 158 -40.31 -73.14 2.03
C THR RA 158 -39.75 -74.55 2.06
N GLN RA 159 -40.60 -75.56 2.26
CA GLN RA 159 -40.15 -76.95 2.24
C GLN RA 159 -40.36 -77.59 0.88
N VAL RA 160 -41.47 -77.25 0.20
CA VAL RA 160 -41.74 -77.80 -1.12
C VAL RA 160 -40.71 -77.32 -2.13
N THR RA 161 -40.28 -76.07 -2.01
CA THR RA 161 -39.26 -75.55 -2.92
C THR RA 161 -37.94 -76.30 -2.76
N GLU RA 162 -37.54 -76.60 -1.52
CA GLU RA 162 -36.29 -77.31 -1.31
C GLU RA 162 -36.41 -78.77 -1.71
N ALA RA 163 -37.59 -79.38 -1.52
CA ALA RA 163 -37.80 -80.74 -2.00
C ALA RA 163 -37.69 -80.80 -3.52
N TRP RA 164 -38.28 -79.83 -4.21
CA TRP RA 164 -38.21 -79.81 -5.68
C TRP RA 164 -36.79 -79.56 -6.16
N ASN RA 165 -36.07 -78.66 -5.50
CA ASN RA 165 -34.66 -78.46 -5.85
C ASN RA 165 -33.85 -79.73 -5.61
N LYS RA 166 -34.15 -80.43 -4.52
CA LYS RA 166 -33.41 -81.64 -4.18
C LYS RA 166 -33.63 -82.72 -5.22
N VAL RA 167 -34.89 -82.95 -5.63
CA VAL RA 167 -35.15 -83.97 -6.64
C VAL RA 167 -34.61 -83.53 -8.01
N ALA RA 168 -34.66 -82.23 -8.31
CA ALA RA 168 -34.09 -81.76 -9.57
C ALA RA 168 -32.59 -82.01 -9.62
N HIS RA 169 -31.89 -81.70 -8.53
CA HIS RA 169 -30.46 -81.97 -8.48
C HIS RA 169 -30.17 -83.47 -8.47
N SER RA 170 -31.04 -84.26 -7.86
CA SER RA 170 -30.94 -85.71 -7.94
C SER RA 170 -31.11 -86.21 -9.37
N PHE RA 171 -31.85 -85.49 -10.20
CA PHE RA 171 -31.97 -85.81 -11.62
C PHE RA 171 -31.03 -84.98 -12.49
N ASN RA 172 -30.12 -84.22 -11.87
CA ASN RA 172 -29.10 -83.45 -12.59
C ASN RA 172 -29.71 -82.44 -13.55
N CYS RA 173 -30.81 -81.82 -13.13
CA CYS RA 173 -31.44 -80.73 -13.85
C CYS RA 173 -31.87 -79.67 -12.85
N THR RA 174 -32.45 -78.60 -13.35
CA THR RA 174 -32.90 -77.50 -12.51
C THR RA 174 -34.18 -76.90 -13.07
N PRO RA 175 -35.07 -76.41 -12.21
CA PRO RA 175 -36.27 -75.73 -12.70
C PRO RA 175 -35.93 -74.36 -13.26
N ILE RA 176 -36.89 -73.80 -14.00
CA ILE RA 176 -36.76 -72.43 -14.47
C ILE RA 176 -36.79 -71.49 -13.29
N GLU RA 177 -35.86 -70.54 -13.26
CA GLU RA 177 -35.76 -69.59 -12.16
C GLU RA 177 -36.99 -68.71 -12.08
N GLY RA 178 -37.53 -68.57 -10.87
CA GLY RA 178 -38.60 -67.61 -10.62
C GLY RA 178 -39.94 -67.96 -11.23
N MET RA 179 -40.55 -69.04 -10.78
CA MET RA 179 -41.91 -69.39 -11.16
C MET RA 179 -42.75 -69.53 -9.89
N LEU RA 180 -44.01 -69.14 -9.98
CA LEU RA 180 -44.87 -69.01 -8.81
C LEU RA 180 -46.09 -69.92 -8.94
N SER RA 181 -46.36 -70.66 -7.88
CA SER RA 181 -47.63 -71.31 -7.61
C SER RA 181 -48.45 -70.42 -6.68
N HIS RA 182 -49.76 -70.63 -6.65
CA HIS RA 182 -50.62 -69.74 -5.88
C HIS RA 182 -51.68 -70.51 -5.10
N GLN RA 183 -52.23 -69.83 -4.09
CA GLN RA 183 -53.41 -70.30 -3.41
C GLN RA 183 -54.64 -69.77 -4.14
N LEU RA 184 -55.54 -70.67 -4.50
CA LEU RA 184 -56.65 -70.38 -5.39
C LEU RA 184 -57.93 -70.28 -4.56
N LYS RA 185 -58.60 -69.13 -4.65
CA LYS RA 185 -59.89 -68.92 -4.00
C LYS RA 185 -60.87 -68.41 -5.03
N GLN RA 186 -62.08 -68.07 -4.59
CA GLN RA 186 -63.14 -67.70 -5.51
C GLN RA 186 -62.78 -66.41 -6.24
N HIS RA 187 -62.89 -66.44 -7.57
CA HIS RA 187 -62.63 -65.29 -8.44
C HIS RA 187 -61.22 -64.73 -8.24
N VAL RA 188 -60.28 -65.61 -7.92
CA VAL RA 188 -58.89 -65.22 -7.75
C VAL RA 188 -58.01 -66.33 -8.34
N ILE RA 189 -57.02 -65.93 -9.14
CA ILE RA 189 -56.06 -66.87 -9.70
C ILE RA 189 -54.64 -66.47 -9.30
N ASP RA 190 -54.51 -65.29 -8.69
CA ASP RA 190 -53.22 -64.72 -8.34
C ASP RA 190 -53.19 -64.34 -6.87
N GLY RA 191 -53.57 -65.29 -6.02
CA GLY RA 191 -53.76 -65.00 -4.62
C GLY RA 191 -52.48 -64.59 -3.91
N GLU RA 192 -52.68 -63.96 -2.75
CA GLU RA 192 -51.55 -63.42 -2.00
C GLU RA 192 -50.61 -64.52 -1.53
N LYS RA 193 -51.16 -65.68 -1.14
CA LYS RA 193 -50.33 -66.78 -0.67
C LYS RA 193 -49.66 -67.44 -1.87
N THR RA 194 -48.34 -67.27 -1.95
CA THR RA 194 -47.58 -67.73 -3.10
C THR RA 194 -46.54 -68.76 -2.68
N ILE RA 195 -46.34 -69.73 -3.56
CA ILE RA 195 -45.30 -70.74 -3.43
C ILE RA 195 -44.32 -70.50 -4.55
N ILE RA 196 -43.03 -70.69 -4.28
CA ILE RA 196 -42.00 -70.28 -5.23
C ILE RA 196 -41.17 -71.50 -5.62
N GLN RA 197 -40.73 -71.52 -6.89
CA GLN RA 197 -40.00 -72.65 -7.45
C GLN RA 197 -38.64 -72.17 -7.94
N ASN RA 198 -37.58 -72.84 -7.47
CA ASN RA 198 -36.19 -72.53 -7.78
C ASN RA 198 -35.91 -71.03 -7.63
N PRO RA 199 -35.86 -70.50 -6.41
CA PRO RA 199 -35.71 -69.06 -6.23
C PRO RA 199 -34.24 -68.65 -6.21
N THR RA 200 -34.03 -67.33 -6.27
CA THR RA 200 -32.73 -66.73 -5.99
C THR RA 200 -32.90 -65.69 -4.90
N ASP RA 201 -31.86 -64.88 -4.68
CA ASP RA 201 -31.87 -63.95 -3.54
C ASP RA 201 -33.01 -62.94 -3.63
N GLN RA 202 -33.22 -62.37 -4.81
CA GLN RA 202 -34.22 -61.31 -4.95
C GLN RA 202 -35.62 -61.85 -4.72
N GLN RA 203 -35.95 -62.97 -5.35
CA GLN RA 203 -37.26 -63.57 -5.19
C GLN RA 203 -37.46 -64.14 -3.79
N LYS RA 204 -36.39 -64.61 -3.14
CA LYS RA 204 -36.50 -65.10 -1.78
C LYS RA 204 -36.74 -63.96 -0.79
N LYS RA 205 -36.07 -62.82 -0.98
CA LYS RA 205 -36.30 -61.69 -0.10
C LYS RA 205 -37.63 -61.00 -0.39
N ASP RA 206 -38.15 -61.14 -1.61
CA ASP RA 206 -39.49 -60.64 -1.90
C ASP RA 206 -40.59 -61.65 -1.60
N HIS RA 207 -40.23 -62.89 -1.30
CA HIS RA 207 -41.20 -63.93 -0.99
C HIS RA 207 -41.60 -63.87 0.48
N GLU RA 208 -42.77 -64.43 0.78
CA GLU RA 208 -43.29 -64.47 2.12
C GLU RA 208 -43.19 -65.87 2.70
N LYS RA 209 -43.27 -65.93 4.03
CA LYS RA 209 -43.31 -67.19 4.77
C LYS RA 209 -44.71 -67.41 5.29
N ALA RA 210 -45.27 -68.59 5.04
CA ALA RA 210 -46.63 -68.87 5.46
C ALA RA 210 -46.78 -70.34 5.78
N GLU RA 211 -47.83 -70.64 6.54
CA GLU RA 211 -48.15 -71.99 6.99
C GLU RA 211 -49.44 -72.44 6.31
N PHE RA 212 -49.42 -73.66 5.79
CA PHE RA 212 -50.56 -74.16 5.02
C PHE RA 212 -51.81 -74.22 5.89
N GLU RA 213 -52.94 -73.80 5.33
CA GLU RA 213 -54.17 -73.66 6.10
C GLU RA 213 -55.22 -74.64 5.58
N VAL RA 214 -56.25 -74.84 6.39
CA VAL RA 214 -57.33 -75.77 6.08
C VAL RA 214 -58.36 -75.06 5.22
N HIS RA 215 -59.12 -75.85 4.45
CA HIS RA 215 -60.18 -75.35 3.57
C HIS RA 215 -59.66 -74.33 2.57
N GLU RA 216 -58.72 -74.77 1.73
CA GLU RA 216 -58.21 -73.92 0.68
C GLU RA 216 -57.65 -74.78 -0.45
N VAL RA 217 -57.61 -74.20 -1.64
CA VAL RA 217 -57.12 -74.86 -2.84
C VAL RA 217 -55.74 -74.31 -3.18
N TYR RA 218 -54.84 -75.18 -3.62
CA TYR RA 218 -53.54 -74.77 -4.13
C TYR RA 218 -53.42 -75.19 -5.58
N ALA RA 219 -52.68 -74.40 -6.36
CA ALA RA 219 -52.26 -74.84 -7.70
C ALA RA 219 -50.75 -75.01 -7.64
N VAL RA 220 -50.30 -76.18 -7.20
CA VAL RA 220 -48.88 -76.46 -7.08
C VAL RA 220 -48.32 -76.81 -8.44
N ASP RA 221 -47.26 -76.12 -8.84
CA ASP RA 221 -46.69 -76.20 -10.18
C ASP RA 221 -45.24 -76.65 -10.12
N VAL RA 222 -44.92 -77.69 -10.88
CA VAL RA 222 -43.54 -78.06 -11.16
C VAL RA 222 -43.27 -77.77 -12.63
N LEU RA 223 -42.15 -77.12 -12.90
CA LEU RA 223 -41.81 -76.65 -14.24
C LEU RA 223 -40.29 -76.67 -14.32
N VAL RA 224 -39.75 -77.70 -14.97
CA VAL RA 224 -38.33 -78.02 -14.87
C VAL RA 224 -37.73 -78.15 -16.26
N SER RA 225 -36.60 -77.49 -16.47
CA SER RA 225 -35.84 -77.62 -17.72
C SER RA 225 -34.65 -78.55 -17.49
N SER RA 226 -34.06 -79.00 -18.60
CA SER RA 226 -32.92 -79.89 -18.54
C SER RA 226 -31.60 -79.18 -18.83
N GLY RA 227 -31.62 -77.85 -18.94
CA GLY RA 227 -30.42 -77.12 -19.28
C GLY RA 227 -29.84 -76.32 -18.13
N GLU RA 228 -30.06 -75.01 -18.15
CA GLU RA 228 -29.54 -74.12 -17.13
C GLU RA 228 -30.62 -73.53 -16.24
N GLY RA 229 -31.86 -73.47 -16.70
CA GLY RA 229 -32.95 -72.91 -15.91
C GLY RA 229 -33.23 -71.45 -16.18
N LYS RA 230 -32.68 -70.87 -17.24
CA LYS RA 230 -32.88 -69.47 -17.54
C LYS RA 230 -33.69 -69.32 -18.82
N ALA RA 231 -34.52 -68.27 -18.86
CA ALA RA 231 -35.39 -68.05 -20.00
C ALA RA 231 -35.50 -66.56 -20.28
N LYS RA 232 -35.84 -66.24 -21.53
CA LYS RA 232 -36.01 -64.87 -21.97
C LYS RA 232 -37.09 -64.85 -23.05
N ASP RA 233 -37.15 -63.77 -23.81
CA ASP RA 233 -38.10 -63.65 -24.91
C ASP RA 233 -37.37 -63.52 -26.23
N ALA RA 234 -38.01 -63.99 -27.30
CA ALA RA 234 -37.42 -64.03 -28.63
C ALA RA 234 -38.23 -63.20 -29.61
N GLY RA 235 -38.81 -62.11 -29.13
CA GLY RA 235 -39.56 -61.21 -29.98
C GLY RA 235 -40.84 -61.79 -30.55
N GLN RA 236 -41.60 -62.53 -29.74
CA GLN RA 236 -42.86 -63.10 -30.18
C GLN RA 236 -43.99 -62.46 -29.38
N ARG RA 237 -45.16 -62.37 -30.02
CA ARG RA 237 -46.31 -61.70 -29.45
C ARG RA 237 -46.79 -62.40 -28.17
N THR RA 238 -47.11 -61.58 -27.17
CA THR RA 238 -47.76 -62.09 -25.96
C THR RA 238 -49.25 -62.27 -26.23
N THR RA 239 -49.78 -63.41 -25.85
CA THR RA 239 -51.16 -63.77 -26.19
C THR RA 239 -52.08 -63.93 -25.00
N ILE RA 240 -51.55 -64.03 -23.79
CA ILE RA 240 -52.37 -64.27 -22.60
C ILE RA 240 -52.33 -63.03 -21.72
N TYR RA 241 -53.50 -62.52 -21.36
CA TYR RA 241 -53.62 -61.40 -20.46
C TYR RA 241 -54.71 -61.70 -19.45
N LYS RA 242 -54.61 -61.09 -18.27
CA LYS RA 242 -55.66 -61.23 -17.26
C LYS RA 242 -56.01 -59.87 -16.70
N ARG RA 243 -57.30 -59.60 -16.56
CA ARG RA 243 -57.76 -58.31 -16.06
C ARG RA 243 -57.44 -58.21 -14.58
N ASP RA 244 -56.79 -57.12 -14.19
CA ASP RA 244 -56.49 -56.88 -12.78
C ASP RA 244 -57.61 -56.03 -12.19
N PRO RA 245 -58.42 -56.56 -11.27
CA PRO RA 245 -59.52 -55.78 -10.71
C PRO RA 245 -59.11 -54.78 -9.63
N SER RA 246 -57.81 -54.66 -9.35
CA SER RA 246 -57.36 -53.73 -8.32
C SER RA 246 -57.40 -52.29 -8.84
N LYS RA 247 -56.65 -52.00 -9.88
CA LYS RA 247 -56.45 -50.64 -10.33
C LYS RA 247 -57.30 -50.31 -11.54
N GLN RA 248 -57.53 -49.01 -11.74
CA GLN RA 248 -58.44 -48.49 -12.76
C GLN RA 248 -57.79 -47.32 -13.46
N TYR RA 249 -58.05 -47.21 -14.77
CA TYR RA 249 -57.61 -46.04 -15.52
C TYR RA 249 -58.65 -45.73 -16.59
N GLY RA 250 -58.82 -44.45 -16.90
CA GLY RA 250 -59.75 -44.06 -17.92
C GLY RA 250 -59.24 -44.22 -19.34
N LEU RA 251 -59.73 -45.24 -20.05
CA LEU RA 251 -59.25 -45.53 -21.39
C LEU RA 251 -59.82 -44.51 -22.39
N LYS RA 252 -58.93 -43.89 -23.16
CA LYS RA 252 -59.31 -42.80 -24.04
C LYS RA 252 -59.59 -43.23 -25.47
N MET RA 253 -59.56 -44.53 -25.77
CA MET RA 253 -59.83 -45.01 -27.11
C MET RA 253 -61.07 -45.89 -27.13
N LYS RA 254 -61.87 -45.73 -28.17
CA LYS RA 254 -63.09 -46.51 -28.30
C LYS RA 254 -62.80 -47.99 -28.46
N THR RA 255 -61.78 -48.34 -29.25
CA THR RA 255 -61.45 -49.74 -29.46
C THR RA 255 -60.98 -50.39 -28.17
N SER RA 256 -60.10 -49.71 -27.43
CA SER RA 256 -59.63 -50.24 -26.14
C SER RA 256 -60.78 -50.35 -25.16
N ARG RA 257 -61.70 -49.39 -25.18
CA ARG RA 257 -62.80 -49.39 -24.24
C ARG RA 257 -63.76 -50.54 -24.52
N ALA RA 258 -64.08 -50.77 -25.79
CA ALA RA 258 -64.92 -51.90 -26.16
C ALA RA 258 -64.23 -53.22 -25.85
N PHE RA 259 -62.93 -53.31 -26.12
CA PHE RA 259 -62.19 -54.52 -25.82
C PHE RA 259 -62.18 -54.82 -24.33
N PHE RA 260 -61.96 -53.79 -23.50
CA PHE RA 260 -61.95 -53.98 -22.06
C PHE RA 260 -63.32 -54.36 -21.54
N SER RA 261 -64.39 -53.77 -22.08
CA SER RA 261 -65.72 -54.17 -21.66
C SER RA 261 -66.03 -55.61 -22.04
N GLU RA 262 -65.62 -56.04 -23.24
CA GLU RA 262 -65.82 -57.43 -23.63
C GLU RA 262 -65.03 -58.36 -22.73
N VAL RA 263 -63.81 -57.97 -22.35
CA VAL RA 263 -63.01 -58.74 -21.41
C VAL RA 263 -63.74 -58.86 -20.07
N GLU RA 264 -64.32 -57.77 -19.60
CA GLU RA 264 -65.07 -57.82 -18.34
C GLU RA 264 -66.28 -58.74 -18.46
N ARG RA 265 -66.95 -58.72 -19.61
CA ARG RA 265 -68.13 -59.55 -19.79
C ARG RA 265 -67.80 -61.03 -19.84
N ARG RA 266 -66.73 -61.41 -20.52
CA ARG RA 266 -66.43 -62.82 -20.75
C ARG RA 266 -65.40 -63.42 -19.80
N PHE RA 267 -64.31 -62.71 -19.55
CA PHE RA 267 -63.18 -63.22 -18.77
C PHE RA 267 -62.85 -62.26 -17.64
N ASP RA 268 -63.89 -61.90 -16.88
CA ASP RA 268 -63.87 -60.79 -15.92
C ASP RA 268 -62.57 -60.65 -15.14
N ALA RA 269 -62.11 -61.71 -14.50
CA ALA RA 269 -60.82 -61.69 -13.81
C ALA RA 269 -59.91 -62.84 -14.20
N MET RA 270 -60.42 -63.83 -14.93
CA MET RA 270 -59.63 -64.98 -15.29
C MET RA 270 -58.77 -64.68 -16.52
N PRO RA 271 -57.61 -65.33 -16.63
CA PRO RA 271 -56.78 -65.14 -17.83
C PRO RA 271 -57.51 -65.59 -19.09
N PHE RA 272 -57.25 -64.89 -20.19
CA PHE RA 272 -57.85 -65.19 -21.46
C PHE RA 272 -56.76 -65.19 -22.54
N THR RA 273 -57.18 -65.40 -23.77
CA THR RA 273 -56.31 -65.33 -24.93
C THR RA 273 -56.91 -64.38 -25.95
N LEU RA 274 -56.04 -63.76 -26.74
CA LEU RA 274 -56.51 -62.85 -27.79
C LEU RA 274 -57.16 -63.60 -28.95
N ARG RA 275 -57.07 -64.93 -28.97
CA ARG RA 275 -57.77 -65.74 -29.96
C ARG RA 275 -59.27 -65.65 -29.82
N ALA RA 276 -59.78 -65.30 -28.64
CA ALA RA 276 -61.21 -65.30 -28.36
C ALA RA 276 -61.92 -64.06 -28.90
N PHE RA 277 -61.29 -63.31 -29.80
CA PHE RA 277 -61.90 -62.11 -30.33
C PHE RA 277 -61.94 -62.14 -31.86
N GLU RA 280 -60.05 -59.71 -33.08
CA GLU RA 280 -58.63 -59.88 -33.33
C GLU RA 280 -58.04 -58.60 -33.87
N LYS RA 281 -58.64 -58.11 -34.95
CA LYS RA 281 -58.19 -56.88 -35.59
C LYS RA 281 -58.19 -55.72 -34.59
N LYS RA 282 -59.30 -55.54 -33.88
CA LYS RA 282 -59.39 -54.49 -32.88
C LYS RA 282 -58.89 -54.93 -31.52
N ALA RA 283 -58.87 -56.23 -31.25
CA ALA RA 283 -58.35 -56.72 -29.97
C ALA RA 283 -56.86 -56.43 -29.84
N ARG RA 284 -56.11 -56.66 -30.91
CA ARG RA 284 -54.67 -56.42 -30.86
C ARG RA 284 -54.35 -54.95 -30.65
N MET RA 285 -55.28 -54.07 -31.01
CA MET RA 285 -55.05 -52.65 -30.77
C MET RA 285 -55.53 -52.23 -29.39
N GLY RA 286 -56.66 -52.75 -28.93
CA GLY RA 286 -57.12 -52.41 -27.60
C GLY RA 286 -56.21 -52.89 -26.50
N VAL RA 287 -55.57 -54.04 -26.70
CA VAL RA 287 -54.78 -54.63 -25.63
C VAL RA 287 -53.57 -53.78 -25.29
N VAL RA 288 -53.01 -53.05 -26.26
CA VAL RA 288 -51.80 -52.29 -25.97
C VAL RA 288 -52.11 -51.12 -25.04
N GLU RA 289 -53.20 -50.39 -25.30
CA GLU RA 289 -53.63 -49.33 -24.40
C GLU RA 289 -54.07 -49.88 -23.05
N CYS RA 290 -54.73 -51.04 -23.04
CA CYS RA 290 -55.16 -51.59 -21.75
C CYS RA 290 -53.96 -52.01 -20.91
N ALA RA 291 -52.96 -52.66 -21.52
CA ALA RA 291 -51.82 -53.15 -20.76
C ALA RA 291 -50.79 -52.06 -20.49
N LYS RA 292 -50.87 -50.92 -21.18
CA LYS RA 292 -49.97 -49.82 -20.87
C LYS RA 292 -50.19 -49.31 -19.46
N HIS RA 293 -51.45 -49.23 -19.03
CA HIS RA 293 -51.79 -48.70 -17.71
C HIS RA 293 -52.04 -49.78 -16.67
N GLU RA 294 -51.46 -50.97 -16.87
CA GLU RA 294 -51.53 -52.08 -15.92
C GLU RA 294 -52.97 -52.49 -15.62
N LEU RA 295 -53.84 -52.39 -16.61
CA LEU RA 295 -55.18 -52.94 -16.48
C LEU RA 295 -55.21 -54.44 -16.75
N LEU RA 296 -54.29 -54.95 -17.56
CA LEU RA 296 -54.15 -56.38 -17.81
C LEU RA 296 -52.72 -56.82 -17.52
N GLN RA 297 -52.58 -57.78 -16.61
CA GLN RA 297 -51.30 -58.42 -16.40
C GLN RA 297 -51.00 -59.34 -17.57
N PRO RA 298 -49.85 -59.21 -18.22
CA PRO RA 298 -49.53 -60.11 -19.33
C PRO RA 298 -48.86 -61.38 -18.83
N PHE RA 299 -48.93 -62.41 -19.67
CA PHE RA 299 -48.25 -63.68 -19.43
C PHE RA 299 -47.35 -63.92 -20.64
N ASN RA 300 -46.12 -63.42 -20.56
CA ASN RA 300 -45.21 -63.46 -21.69
C ASN RA 300 -44.76 -64.88 -22.00
N VAL RA 301 -44.43 -65.12 -23.25
CA VAL RA 301 -43.82 -66.38 -23.66
C VAL RA 301 -42.35 -66.36 -23.27
N LEU RA 302 -41.91 -67.41 -22.60
CA LEU RA 302 -40.52 -67.56 -22.18
C LEU RA 302 -39.89 -68.69 -22.97
N TYR RA 303 -38.70 -68.46 -23.50
CA TYR RA 303 -37.99 -69.44 -24.29
C TYR RA 303 -36.72 -69.89 -23.59
N GLU RA 304 -36.48 -71.19 -23.60
CA GLU RA 304 -35.20 -71.75 -23.19
C GLU RA 304 -34.24 -71.72 -24.38
N LYS RA 305 -33.03 -72.23 -24.17
CA LYS RA 305 -32.05 -72.26 -25.24
C LYS RA 305 -32.47 -73.27 -26.30
N GLU RA 306 -32.01 -73.04 -27.53
CA GLU RA 306 -32.41 -73.87 -28.66
C GLU RA 306 -31.89 -75.29 -28.48
N GLY RA 307 -32.78 -76.27 -28.67
CA GLY RA 307 -32.43 -77.66 -28.49
C GLY RA 307 -32.61 -78.19 -27.09
N GLU RA 308 -33.06 -77.37 -26.15
CA GLU RA 308 -33.29 -77.82 -24.78
C GLU RA 308 -34.69 -78.41 -24.63
N PHE RA 309 -34.89 -79.07 -23.49
CA PHE RA 309 -36.14 -79.77 -23.21
C PHE RA 309 -36.63 -79.42 -21.82
N VAL RA 310 -37.90 -79.06 -21.73
CA VAL RA 310 -38.51 -78.59 -20.49
C VAL RA 310 -39.86 -79.28 -20.32
N ALA RA 311 -40.19 -79.62 -19.08
CA ALA RA 311 -41.41 -80.33 -18.73
C ALA RA 311 -42.16 -79.58 -17.65
N GLN RA 312 -43.42 -79.98 -17.43
CA GLN RA 312 -44.31 -79.27 -16.53
C GLN RA 312 -45.44 -80.19 -16.09
N PHE RA 313 -45.79 -80.09 -14.81
CA PHE RA 313 -47.03 -80.64 -14.25
C PHE RA 313 -47.60 -79.62 -13.28
N LYS RA 314 -48.91 -79.63 -13.15
CA LYS RA 314 -49.60 -78.72 -12.23
C LYS RA 314 -51.04 -79.19 -12.09
N PHE RA 315 -51.58 -79.05 -10.89
CA PHE RA 315 -52.90 -79.59 -10.58
C PHE RA 315 -53.40 -78.97 -9.29
N THR RA 316 -54.69 -78.64 -9.27
CA THR RA 316 -55.31 -78.03 -8.11
C THR RA 316 -55.58 -79.09 -7.05
N VAL RA 317 -55.01 -78.89 -5.86
CA VAL RA 317 -55.15 -79.80 -4.74
C VAL RA 317 -55.89 -79.05 -3.64
N LEU RA 318 -57.00 -79.63 -3.20
CA LEU RA 318 -57.73 -79.09 -2.06
C LEU RA 318 -57.08 -79.62 -0.79
N LEU RA 319 -57.13 -78.83 0.28
CA LEU RA 319 -56.53 -79.23 1.55
C LEU RA 319 -57.63 -79.40 2.59
N MET RA 320 -58.01 -80.65 2.84
CA MET RA 320 -59.02 -80.99 3.84
C MET RA 320 -58.34 -81.51 5.11
N PRO RA 321 -59.01 -81.44 6.26
CA PRO RA 321 -58.32 -81.75 7.53
C PRO RA 321 -57.70 -83.13 7.62
N ASN RA 322 -58.26 -84.14 6.95
CA ASN RA 322 -57.77 -85.51 7.06
C ASN RA 322 -57.22 -86.03 5.73
N GLY RA 323 -56.42 -85.22 5.04
CA GLY RA 323 -55.68 -85.71 3.89
C GLY RA 323 -56.11 -85.09 2.57
N PRO RA 324 -55.18 -84.39 1.93
CA PRO RA 324 -55.50 -83.73 0.65
C PRO RA 324 -55.79 -84.73 -0.45
N MET RA 325 -56.61 -84.31 -1.41
CA MET RA 325 -56.96 -85.13 -2.54
C MET RA 325 -56.65 -84.39 -3.83
N ARG RA 326 -56.42 -85.15 -4.90
CA ARG RA 326 -56.13 -84.61 -6.22
C ARG RA 326 -57.38 -84.70 -7.08
N ILE RA 327 -57.75 -83.59 -7.70
CA ILE RA 327 -58.95 -83.57 -8.54
C ILE RA 327 -58.62 -83.59 -10.03
N THR RA 328 -57.42 -83.17 -10.43
CA THR RA 328 -56.99 -83.20 -11.82
C THR RA 328 -55.68 -83.97 -11.92
N SER RA 329 -55.66 -84.99 -12.77
CA SER RA 329 -54.50 -85.86 -12.90
C SER RA 329 -54.16 -86.04 -14.38
N GLY RA 330 -52.86 -86.13 -14.67
CA GLY RA 330 -52.40 -86.33 -16.03
C GLY RA 330 -52.06 -87.77 -16.30
N PRO RA 331 -52.17 -88.18 -17.57
CA PRO RA 331 -51.89 -89.58 -17.96
C PRO RA 331 -50.42 -89.89 -18.19
N PHE RA 332 -49.70 -90.09 -17.09
CA PHE RA 332 -48.28 -90.45 -17.13
C PHE RA 332 -48.10 -91.86 -16.59
N GLU RA 333 -47.42 -92.71 -17.38
CA GLU RA 333 -47.24 -94.11 -17.04
C GLU RA 333 -45.77 -94.44 -16.88
N PRO RA 334 -45.40 -95.17 -15.83
CA PRO RA 334 -43.98 -95.54 -15.68
C PRO RA 334 -43.54 -96.68 -16.58
N ASP RA 335 -44.47 -97.45 -17.15
CA ASP RA 335 -44.07 -98.55 -18.02
C ASP RA 335 -43.46 -98.04 -19.32
N LEU RA 336 -44.06 -97.02 -19.90
CA LEU RA 336 -43.63 -96.45 -21.17
C LEU RA 336 -42.63 -95.32 -21.01
N TYR RA 337 -42.12 -95.10 -19.81
CA TYR RA 337 -41.23 -93.97 -19.56
C TYR RA 337 -40.32 -94.32 -18.40
N LYS RA 338 -39.03 -94.45 -18.66
CA LYS RA 338 -38.05 -94.74 -17.64
C LYS RA 338 -36.89 -93.75 -17.75
N SER RA 339 -36.02 -93.76 -16.75
CA SER RA 339 -34.85 -92.90 -16.70
C SER RA 339 -33.63 -93.73 -16.40
N GLU RA 340 -32.45 -93.18 -16.73
CA GLU RA 340 -31.18 -93.83 -16.44
C GLU RA 340 -30.67 -93.52 -15.04
N MET RA 341 -31.40 -92.72 -14.27
CA MET RA 341 -30.99 -92.37 -12.91
C MET RA 341 -32.25 -92.28 -12.05
N GLU RA 342 -32.13 -92.69 -10.79
CA GLU RA 342 -33.25 -92.73 -9.86
C GLU RA 342 -32.97 -91.82 -8.67
N VAL RA 343 -33.84 -91.91 -7.67
CA VAL RA 343 -33.74 -91.09 -6.46
C VAL RA 343 -32.69 -91.67 -5.53
N GLN RA 344 -31.74 -90.84 -5.11
CA GLN RA 344 -30.71 -91.25 -4.17
C GLN RA 344 -30.91 -90.69 -2.77
N ASP RA 345 -32.10 -90.16 -2.47
CA ASP RA 345 -32.37 -89.56 -1.18
C ASP RA 345 -33.37 -90.42 -0.41
N ALA RA 346 -33.03 -90.76 0.83
CA ALA RA 346 -33.89 -91.61 1.64
C ALA RA 346 -35.21 -90.92 1.97
N GLU RA 347 -35.16 -89.64 2.32
CA GLU RA 347 -36.38 -88.90 2.62
C GLU RA 347 -37.26 -88.76 1.38
N LEU RA 348 -36.64 -88.52 0.22
CA LEU RA 348 -37.39 -88.44 -1.02
C LEU RA 348 -38.04 -89.77 -1.36
N LYS RA 349 -37.34 -90.88 -1.15
CA LYS RA 349 -37.97 -92.19 -1.33
C LYS RA 349 -39.15 -92.37 -0.38
N ALA RA 350 -38.98 -91.93 0.87
CA ALA RA 350 -40.06 -92.06 1.85
C ALA RA 350 -41.29 -91.28 1.42
N LEU RA 351 -41.11 -90.07 0.89
CA LEU RA 351 -42.27 -89.28 0.49
C LEU RA 351 -42.87 -89.78 -0.82
N LEU RA 352 -42.07 -90.33 -1.74
CA LEU RA 352 -42.65 -90.78 -3.00
C LEU RA 352 -43.35 -92.13 -2.86
N GLN RA 353 -42.89 -93.00 -1.97
CA GLN RA 353 -43.52 -94.30 -1.81
C GLN RA 353 -44.82 -94.24 -1.01
N SER RA 354 -45.12 -93.11 -0.37
CA SER RA 354 -46.34 -92.95 0.40
C SER RA 354 -47.37 -92.24 -0.46
N SER RA 355 -48.42 -92.96 -0.85
CA SER RA 355 -49.48 -92.38 -1.66
C SER RA 355 -50.52 -91.70 -0.78
N ALA RA 356 -51.17 -90.68 -1.33
CA ALA RA 356 -52.19 -89.93 -0.60
C ALA RA 356 -53.58 -90.47 -0.91
#